data_8SRF
#
_entry.id   8SRF
#
_cell.length_a   1.00
_cell.length_b   1.00
_cell.length_c   1.00
_cell.angle_alpha   90.00
_cell.angle_beta   90.00
_cell.angle_gamma   90.00
#
_symmetry.space_group_name_H-M   'P 1'
#
loop_
_entity.id
_entity.type
_entity.pdbx_description
1 polymer 'TRPM2 chanzyme'
2 non-polymer 5-O-phosphono-beta-D-ribofuranose
3 non-polymer 'ADENOSINE MONOPHOSPHATE'
4 non-polymer ADENOSINE-5-DIPHOSPHORIBOSE
5 non-polymer 'MAGNESIUM ION'
6 non-polymer CHOLESTEROL
7 water water
#
_entity_poly.entity_id   1
_entity_poly.type   'polypeptide(L)'
_entity_poly.pdbx_seq_one_letter_code
;MQRARPGELVEVIMFRPTGKARVSNLDESMAMEFTDLRTRAMSSAAMIRQSVAAKTLLIENEDGKGSTRMEVQDFMKRFH
MHASEDDKTGSPSTAWGTLRFPTKEATAPYLRLSVNDDPEDALLFVKAMLAQKYGETYDRPSLILSVTGGARNFTLPPRL
ETAIAKGLRLAAQRTNAWVVTGGTNTGVMKLTGQIMEALSKTQSHFIPPTIGIATYGVIIGGDDMTRGEPPKIGLEYEMH
KKDPPKTTPLDDNHNLFLLVDDGSTNKFGKEIKFRAAFENAAGQAFAAPVVTIVVQGGPGTLGTALQAVRQGTPIVVVDG
SGLAADVLAYAYNFMHNPLTRFKSYTIDDLRQKVAQTFNPKSSQQLTNLLDSALECVQDPNLVVVYSLQESGIDEFDDCI
LKAIFSSQGKLGNKLKQAMYFDQLDVAKRALSEASKNGQHNEIAACINDNLMAAMMHNKPHFVELYLGFDAKIYELKPSE
EVAKTNITALDELPSFALAIEELYKREAKKPHSHVQRLVSLSNTDVLGRHYRVSTQRGDGTTRRIGRDLANTRAYNVLRM
DQIFARLVSKDFSVNRDFTIYDSKYDKVPGIQFRRTAQASHMLFLWAICLDRFRMARHFWLIGDQSIINALVASRILERL
STHRALQGPHLAEERAKMQHNAKKFEELAVGVLGECHGSDSHMASEMLHSKNDMFNKKNAINIAYDAKSLAFLSHPATQS
VINADWYGHLKSVTSFWAVLFAFFFPFFVLPFINFSEDHAEQQVEAPRDFFTDAPRSSHSANSTTSGAHRLRRKFAKFYS
APYTRFISDLLSHFVLCVVTSYFVLDKLEDTISAIEWILLVWFVALLLEELRQMIFCDGIAEYISDTWNRLDLIMITLFF
VGFFTHASDPSNQDSKVVSKGIHAFLVVVLWLRFMRYYALSKNLGPKLIMMMEMMKDVSTFVFLLLIFLIGYGVAAQSLL
SPDEDFSSRTFIGVLFRPYFQIYGELFLDDLNSEANCLGDTPFTECSRETVRMVPFFLAVYILGSNVLLVNLLIAMFNDT
YMKVQEAAEDLWRKQNYELCAEYKDRPFLPAPFILLAHVHMLFMRLLRLCGVHTQEHEKIQDDETKRKITTFEELNTDKF
LRRWERERQEMLEARVKMTNDNVVQAMGMMDQLLEHMISFRFSLDQQATKIKQEIRDDGLPSTEPTGLVSRTPSQPINRL
NSAVAVHGHTAEAAEWYVPPEEYPKSGGVKRYLIDASMVPLSIMCPSYDPVEYTHPSVAAQPVWADPADPRKIKFNVKDE
VNGKVVDRTSCHPSGISIDSNTGRPINPWGRTGMTGRGLLGKWGVNQAADTVVTRWKRSPDGSILERDGKKVLEFVAIQR
QDNKMWAIPGGFVDNGEDVALTSGREFMEEALGMGTSADLMSAESKDSLAALFSSGTIVARIYCEDPRNTDNAWVETTCV
NFHDESGRHAARLKLQGGDDAEHARWMMVHGGLNLFASHRTLLQHVTSALNAYF
;
_entity_poly.pdbx_strand_id   A,B,C,D
#
# COMPACT_ATOMS: atom_id res chain seq x y z
N SER A 51 6.65 -64.64 -19.88
CA SER A 51 6.22 -64.80 -18.49
C SER A 51 5.26 -65.97 -18.35
N VAL A 52 5.24 -66.58 -17.17
CA VAL A 52 4.37 -67.71 -16.88
C VAL A 52 2.95 -67.20 -16.64
N ALA A 53 1.99 -67.79 -17.35
CA ALA A 53 0.58 -67.45 -17.26
C ALA A 53 -0.01 -67.83 -15.91
N ALA A 54 -0.83 -66.93 -15.38
CA ALA A 54 -1.53 -67.10 -14.11
C ALA A 54 -2.58 -68.19 -14.22
N LYS A 55 -2.69 -69.03 -13.19
CA LYS A 55 -3.69 -70.09 -13.18
C LYS A 55 -4.77 -69.86 -12.14
N THR A 56 -4.47 -69.10 -11.09
CA THR A 56 -5.38 -68.77 -10.00
C THR A 56 -5.28 -67.27 -9.76
N LEU A 57 -6.38 -66.66 -9.30
CA LEU A 57 -6.46 -65.22 -9.06
C LEU A 57 -7.12 -64.94 -7.72
N LEU A 58 -6.76 -63.81 -7.11
CA LEU A 58 -7.29 -63.45 -5.76
C LEU A 58 -8.39 -62.38 -5.89
N ILE A 59 -9.66 -62.77 -5.76
CA ILE A 59 -10.79 -61.81 -5.79
C ILE A 59 -11.25 -61.44 -4.38
N GLU A 60 -11.37 -60.13 -4.14
CA GLU A 60 -11.83 -59.64 -2.84
C GLU A 60 -13.28 -60.05 -2.66
N ASN A 61 -13.62 -60.51 -1.45
CA ASN A 61 -14.97 -60.96 -1.11
C ASN A 61 -15.98 -59.80 -1.07
N GLU A 62 -17.27 -60.16 -1.25
CA GLU A 62 -18.38 -59.21 -1.18
C GLU A 62 -18.57 -58.59 0.21
N ASP A 63 -18.13 -59.28 1.28
CA ASP A 63 -18.14 -58.78 2.65
C ASP A 63 -17.14 -57.63 2.88
N GLY A 64 -16.11 -57.51 2.03
CA GLY A 64 -15.06 -56.53 2.14
C GLY A 64 -14.05 -56.82 3.23
N LYS A 65 -13.99 -58.06 3.70
CA LYS A 65 -13.06 -58.48 4.75
C LYS A 65 -12.19 -59.60 4.20
N GLY A 66 -11.11 -59.23 3.51
CA GLY A 66 -10.19 -60.19 2.94
C GLY A 66 -10.52 -60.59 1.51
N SER A 67 -9.56 -61.28 0.90
CA SER A 67 -9.63 -61.75 -0.47
C SER A 67 -9.39 -63.25 -0.54
N THR A 68 -10.22 -63.97 -1.29
CA THR A 68 -10.06 -65.41 -1.45
C THR A 68 -9.50 -65.73 -2.83
N ARG A 69 -8.60 -66.73 -2.90
CA ARG A 69 -7.96 -67.22 -4.12
C ARG A 69 -8.77 -68.33 -4.79
N MET A 70 -9.10 -68.17 -6.09
CA MET A 70 -9.84 -69.18 -6.88
C MET A 70 -9.31 -69.15 -8.30
N GLU A 71 -9.56 -70.26 -9.04
CA GLU A 71 -9.11 -70.44 -10.43
C GLU A 71 -9.76 -69.39 -11.35
N VAL A 72 -8.97 -68.94 -12.35
CA VAL A 72 -9.31 -67.87 -13.30
C VAL A 72 -10.53 -68.20 -14.17
N GLN A 73 -10.64 -69.45 -14.66
CA GLN A 73 -11.76 -69.89 -15.50
C GLN A 73 -13.09 -69.95 -14.73
N ASP A 74 -13.02 -70.22 -13.41
CA ASP A 74 -14.19 -70.24 -12.53
C ASP A 74 -14.74 -68.85 -12.31
N PHE A 75 -13.84 -67.90 -12.02
CA PHE A 75 -14.23 -66.50 -11.85
C PHE A 75 -14.70 -65.91 -13.17
N MET A 76 -13.95 -66.17 -14.24
CA MET A 76 -14.13 -65.62 -15.57
C MET A 76 -15.36 -66.20 -16.34
N LYS A 77 -16.04 -67.23 -15.79
CA LYS A 77 -17.26 -67.84 -16.37
C LYS A 77 -18.45 -66.86 -16.43
N ARG A 78 -18.52 -65.89 -15.51
CA ARG A 78 -19.61 -64.92 -15.36
C ARG A 78 -19.67 -63.84 -16.46
N PHE A 79 -18.72 -63.80 -17.39
CA PHE A 79 -18.68 -62.82 -18.47
C PHE A 79 -19.17 -63.49 -19.74
N HIS A 80 -20.06 -62.80 -20.46
CA HIS A 80 -20.75 -63.29 -21.64
C HIS A 80 -20.45 -62.51 -22.91
N MET A 81 -20.72 -63.19 -24.02
CA MET A 81 -20.62 -62.52 -25.33
C MET A 81 -21.84 -62.95 -26.14
N HIS A 82 -22.18 -62.23 -27.20
CA HIS A 82 -23.32 -62.37 -28.08
C HIS A 82 -22.75 -62.74 -29.44
N ALA A 83 -23.23 -63.85 -30.02
CA ALA A 83 -22.77 -64.23 -31.35
C ALA A 83 -23.44 -63.35 -32.41
N SER A 84 -24.65 -62.88 -32.11
CA SER A 84 -25.50 -62.05 -32.93
C SER A 84 -26.35 -61.23 -31.96
N GLU A 85 -27.02 -60.19 -32.51
CA GLU A 85 -27.88 -59.27 -31.76
C GLU A 85 -29.07 -59.99 -31.09
N ASP A 86 -29.63 -60.99 -31.79
CA ASP A 86 -30.78 -61.80 -31.37
C ASP A 86 -30.55 -62.55 -30.05
N ASP A 87 -29.32 -63.06 -29.83
CA ASP A 87 -28.90 -63.79 -28.64
C ASP A 87 -29.01 -62.94 -27.36
N LYS A 88 -29.58 -63.53 -26.31
CA LYS A 88 -29.78 -62.90 -25.02
C LYS A 88 -29.06 -63.60 -23.87
N THR A 89 -29.19 -64.93 -23.77
CA THR A 89 -28.54 -65.77 -22.76
C THR A 89 -27.02 -65.75 -22.92
N GLY A 90 -26.56 -65.81 -24.16
CA GLY A 90 -25.14 -65.78 -24.46
C GLY A 90 -24.36 -67.07 -24.33
N SER A 91 -23.06 -66.91 -24.59
CA SER A 91 -21.99 -67.89 -24.60
C SER A 91 -20.80 -67.40 -23.75
N PRO A 92 -19.91 -68.33 -23.29
CA PRO A 92 -18.68 -67.95 -22.55
C PRO A 92 -17.80 -66.99 -23.35
N SER A 93 -17.25 -65.98 -22.66
CA SER A 93 -16.51 -64.86 -23.34
C SER A 93 -15.30 -65.34 -24.12
N THR A 94 -14.20 -65.78 -23.47
CA THR A 94 -12.99 -66.33 -24.17
C THR A 94 -12.10 -65.25 -24.80
N ALA A 95 -12.34 -63.98 -24.49
CA ALA A 95 -11.57 -62.84 -25.00
C ALA A 95 -11.08 -62.05 -23.81
N TRP A 96 -9.96 -62.46 -23.22
CA TRP A 96 -9.34 -61.71 -22.15
C TRP A 96 -7.85 -62.00 -22.11
N GLY A 97 -7.09 -61.01 -21.68
CA GLY A 97 -5.66 -61.20 -21.62
C GLY A 97 -4.86 -59.93 -21.53
N THR A 98 -3.72 -59.86 -22.22
CA THR A 98 -2.90 -58.67 -22.24
C THR A 98 -2.53 -58.35 -23.69
N LEU A 99 -2.51 -57.06 -23.99
CA LEU A 99 -2.10 -56.53 -25.28
C LEU A 99 -0.77 -55.82 -25.18
N ARG A 100 0.10 -56.10 -26.14
CA ARG A 100 1.38 -55.45 -26.29
C ARG A 100 1.26 -54.49 -27.46
N PHE A 101 1.54 -53.22 -27.20
CA PHE A 101 1.54 -52.10 -28.13
C PHE A 101 2.97 -51.73 -28.50
N PRO A 102 3.22 -51.28 -29.75
CA PRO A 102 4.56 -50.79 -30.12
C PRO A 102 4.94 -49.56 -29.29
N THR A 103 6.24 -49.48 -28.94
CA THR A 103 6.95 -48.47 -28.12
C THR A 103 6.45 -48.37 -26.67
N LYS A 104 5.70 -49.35 -26.16
CA LYS A 104 5.22 -49.41 -24.79
C LYS A 104 5.79 -50.65 -24.11
N GLU A 105 6.45 -50.45 -22.97
CA GLU A 105 7.09 -51.53 -22.24
C GLU A 105 6.08 -52.46 -21.56
N ALA A 106 5.05 -51.89 -20.93
CA ALA A 106 4.10 -52.71 -20.19
C ALA A 106 2.94 -53.14 -21.09
N THR A 107 2.32 -54.26 -20.71
CA THR A 107 1.16 -54.76 -21.44
C THR A 107 -0.13 -54.35 -20.72
N ALA A 108 -1.20 -54.18 -21.49
CA ALA A 108 -2.48 -53.75 -20.95
C ALA A 108 -3.52 -54.87 -21.01
N PRO A 109 -4.11 -55.28 -19.86
CA PRO A 109 -5.21 -56.29 -19.86
C PRO A 109 -6.47 -55.83 -20.59
N TYR A 110 -7.14 -56.80 -21.21
CA TYR A 110 -8.42 -56.57 -21.89
C TYR A 110 -9.43 -57.65 -21.54
N LEU A 111 -10.70 -57.24 -21.39
CA LEU A 111 -11.79 -58.17 -21.16
C LEU A 111 -12.99 -57.74 -21.97
N ARG A 112 -13.51 -58.64 -22.82
CA ARG A 112 -14.74 -58.42 -23.56
C ARG A 112 -15.93 -59.02 -22.81
N LEU A 113 -16.86 -58.14 -22.46
CA LEU A 113 -18.00 -58.58 -21.64
C LEU A 113 -19.29 -58.09 -22.27
N SER A 114 -20.41 -58.59 -21.76
CA SER A 114 -21.71 -58.24 -22.36
C SER A 114 -22.38 -57.10 -21.62
N VAL A 115 -23.39 -56.53 -22.25
CA VAL A 115 -24.14 -55.41 -21.66
C VAL A 115 -24.92 -55.80 -20.39
N ASN A 116 -25.37 -57.05 -20.26
CA ASN A 116 -26.17 -57.47 -19.11
C ASN A 116 -25.33 -57.86 -17.89
N ASP A 117 -24.01 -57.91 -18.04
CA ASP A 117 -23.09 -58.29 -16.97
C ASP A 117 -23.06 -57.27 -15.83
N ASP A 118 -22.82 -57.77 -14.63
CA ASP A 118 -22.77 -56.95 -13.42
C ASP A 118 -21.49 -56.10 -13.42
N PRO A 119 -21.59 -54.76 -13.30
CA PRO A 119 -20.38 -53.90 -13.18
C PRO A 119 -19.48 -54.14 -11.97
N GLU A 120 -20.04 -54.67 -10.87
CA GLU A 120 -19.28 -55.10 -9.68
C GLU A 120 -18.28 -56.21 -10.00
N ASP A 121 -18.66 -57.13 -10.90
CA ASP A 121 -17.80 -58.22 -11.35
C ASP A 121 -16.60 -57.72 -12.15
N ALA A 122 -16.84 -56.73 -13.03
CA ALA A 122 -15.78 -56.06 -13.80
C ALA A 122 -14.87 -55.27 -12.89
N LEU A 123 -15.45 -54.65 -11.85
CA LEU A 123 -14.70 -53.94 -10.81
C LEU A 123 -13.80 -54.90 -10.03
N LEU A 124 -14.31 -56.11 -9.73
CA LEU A 124 -13.57 -57.19 -9.09
C LEU A 124 -12.42 -57.69 -9.95
N PHE A 125 -12.66 -57.74 -11.28
CA PHE A 125 -11.63 -58.10 -12.27
C PHE A 125 -10.45 -57.12 -12.26
N VAL A 126 -10.75 -55.80 -12.26
CA VAL A 126 -9.73 -54.73 -12.23
C VAL A 126 -8.95 -54.76 -10.91
N LYS A 127 -9.67 -54.91 -9.79
CA LYS A 127 -9.10 -55.04 -8.44
C LYS A 127 -8.24 -56.29 -8.28
N ALA A 128 -8.69 -57.41 -8.88
CA ALA A 128 -7.96 -58.67 -8.85
C ALA A 128 -6.64 -58.62 -9.61
N MET A 129 -6.62 -58.00 -10.82
CA MET A 129 -5.36 -57.79 -11.55
C MET A 129 -4.38 -56.86 -10.85
N LEU A 130 -4.86 -55.69 -10.34
CA LEU A 130 -3.99 -54.76 -9.60
C LEU A 130 -3.47 -55.40 -8.31
N ALA A 131 -4.34 -56.16 -7.62
CA ALA A 131 -3.99 -56.89 -6.40
C ALA A 131 -2.95 -57.98 -6.70
N GLN A 132 -3.10 -58.64 -7.85
CA GLN A 132 -2.13 -59.64 -8.29
C GLN A 132 -0.76 -59.01 -8.61
N LYS A 133 -0.76 -57.89 -9.34
CA LYS A 133 0.48 -57.27 -9.81
C LYS A 133 1.24 -56.54 -8.69
N TYR A 134 0.54 -55.77 -7.84
CA TYR A 134 1.20 -54.91 -6.86
C TYR A 134 1.03 -55.38 -5.42
N GLY A 135 0.51 -56.58 -5.19
CA GLY A 135 0.27 -57.06 -3.84
C GLY A 135 -1.09 -56.60 -3.35
N GLU A 136 -1.48 -57.15 -2.19
CA GLU A 136 -2.77 -56.86 -1.55
C GLU A 136 -2.92 -55.41 -1.09
N THR A 137 -1.85 -54.81 -0.55
CA THR A 137 -1.90 -53.44 -0.05
C THR A 137 -1.49 -52.42 -1.13
N TYR A 138 -2.11 -52.47 -2.30
CA TYR A 138 -1.88 -51.47 -3.33
C TYR A 138 -2.62 -50.18 -2.99
N ASP A 139 -2.12 -49.06 -3.56
CA ASP A 139 -2.65 -47.72 -3.32
C ASP A 139 -4.04 -47.57 -3.94
N ARG A 140 -5.05 -47.52 -3.08
CA ARG A 140 -6.47 -47.34 -3.42
C ARG A 140 -6.73 -45.92 -3.94
N PRO A 141 -7.63 -45.75 -4.92
CA PRO A 141 -7.92 -44.40 -5.43
C PRO A 141 -8.80 -43.57 -4.51
N SER A 142 -8.42 -42.31 -4.34
CA SER A 142 -9.32 -41.40 -3.65
C SER A 142 -10.13 -40.52 -4.59
N LEU A 143 -10.03 -40.72 -5.91
CA LEU A 143 -10.76 -39.93 -6.90
C LEU A 143 -10.81 -40.74 -8.20
N ILE A 144 -11.98 -40.80 -8.82
CA ILE A 144 -12.17 -41.42 -10.13
C ILE A 144 -12.54 -40.30 -11.09
N LEU A 145 -11.67 -40.02 -12.04
CA LEU A 145 -11.85 -38.94 -13.00
C LEU A 145 -12.24 -39.52 -14.35
N SER A 146 -13.50 -39.36 -14.75
CA SER A 146 -13.96 -39.82 -16.05
C SER A 146 -13.89 -38.72 -17.11
N VAL A 147 -13.11 -38.93 -18.16
CA VAL A 147 -13.00 -37.91 -19.21
C VAL A 147 -13.76 -38.41 -20.43
N THR A 148 -14.82 -37.69 -20.80
CA THR A 148 -15.61 -38.04 -21.97
C THR A 148 -15.74 -36.86 -22.93
N GLY A 149 -16.11 -37.16 -24.17
CA GLY A 149 -16.33 -36.11 -25.14
C GLY A 149 -16.13 -36.53 -26.58
N GLY A 150 -15.70 -35.53 -27.35
CA GLY A 150 -15.58 -35.65 -28.80
C GLY A 150 -14.45 -36.57 -29.22
N ALA A 151 -14.75 -37.53 -30.12
CA ALA A 151 -13.64 -38.32 -30.62
C ALA A 151 -13.26 -38.09 -32.08
N ARG A 152 -14.22 -38.06 -33.02
CA ARG A 152 -13.85 -37.80 -34.41
C ARG A 152 -13.60 -36.33 -34.70
N ASN A 153 -14.68 -35.54 -34.69
CA ASN A 153 -14.79 -34.10 -34.92
C ASN A 153 -14.47 -33.46 -33.54
N PHE A 154 -13.24 -33.70 -33.07
CA PHE A 154 -12.75 -33.04 -31.83
C PHE A 154 -11.59 -32.16 -32.29
N THR A 155 -11.91 -30.95 -32.72
CA THR A 155 -10.92 -30.03 -33.22
C THR A 155 -10.98 -28.91 -32.20
N LEU A 156 -9.83 -28.50 -31.68
CA LEU A 156 -9.84 -27.41 -30.74
C LEU A 156 -8.60 -26.55 -30.86
N PRO A 157 -8.68 -25.26 -30.50
CA PRO A 157 -7.47 -24.45 -30.39
C PRO A 157 -6.51 -24.98 -29.36
N PRO A 158 -5.16 -24.91 -29.62
CA PRO A 158 -4.10 -25.47 -28.72
C PRO A 158 -4.04 -24.98 -27.27
N ARG A 159 -4.35 -23.69 -27.04
CA ARG A 159 -4.38 -23.07 -25.72
C ARG A 159 -5.43 -23.69 -24.80
N LEU A 160 -6.64 -24.00 -25.32
CA LEU A 160 -7.72 -24.65 -24.55
C LEU A 160 -7.33 -26.06 -24.09
N GLU A 161 -6.65 -26.78 -24.98
CA GLU A 161 -6.20 -28.14 -24.64
C GLU A 161 -5.20 -28.00 -23.51
N THR A 162 -4.15 -27.25 -23.73
CA THR A 162 -3.07 -27.09 -22.73
C THR A 162 -3.60 -26.69 -21.36
N ALA A 163 -4.58 -25.74 -21.32
CA ALA A 163 -5.19 -25.31 -20.05
C ALA A 163 -5.96 -26.43 -19.33
N ILE A 164 -6.79 -27.19 -20.08
CA ILE A 164 -7.55 -28.36 -19.55
C ILE A 164 -6.57 -29.45 -19.13
N ALA A 165 -5.50 -29.65 -19.95
CA ALA A 165 -4.42 -30.63 -19.74
C ALA A 165 -3.67 -30.34 -18.45
N LYS A 166 -3.35 -29.05 -18.22
CA LYS A 166 -2.65 -28.58 -17.02
C LYS A 166 -3.48 -28.85 -15.77
N GLY A 167 -4.78 -28.51 -15.84
CA GLY A 167 -5.71 -28.74 -14.73
C GLY A 167 -5.93 -30.22 -14.44
N LEU A 168 -6.09 -31.02 -15.51
CA LEU A 168 -6.29 -32.47 -15.44
C LEU A 168 -5.06 -33.19 -14.91
N ARG A 169 -3.87 -32.77 -15.38
CA ARG A 169 -2.58 -33.30 -14.93
C ARG A 169 -2.32 -33.00 -13.46
N LEU A 170 -2.70 -31.81 -13.03
CA LEU A 170 -2.44 -31.43 -11.62
C LEU A 170 -3.38 -32.24 -10.74
N ALA A 171 -4.66 -32.22 -11.08
CA ALA A 171 -5.67 -32.96 -10.29
C ALA A 171 -5.32 -34.44 -10.18
N ALA A 172 -4.91 -35.05 -11.31
CA ALA A 172 -4.55 -36.46 -11.41
C ALA A 172 -3.29 -36.77 -10.59
N GLN A 173 -2.29 -35.88 -10.66
CA GLN A 173 -1.04 -36.12 -9.94
C GLN A 173 -1.20 -35.87 -8.45
N ARG A 174 -2.10 -34.95 -8.06
CA ARG A 174 -2.29 -34.72 -6.63
C ARG A 174 -3.20 -35.74 -5.97
N THR A 175 -4.21 -36.27 -6.66
CA THR A 175 -5.14 -37.17 -6.01
C THR A 175 -4.94 -38.66 -6.25
N ASN A 176 -3.92 -39.06 -7.07
CA ASN A 176 -3.66 -40.43 -7.58
C ASN A 176 -4.88 -41.09 -8.25
N ALA A 177 -5.62 -40.28 -9.01
CA ALA A 177 -6.93 -40.58 -9.57
C ALA A 177 -6.90 -41.68 -10.64
N TRP A 178 -7.98 -42.45 -10.71
CA TRP A 178 -8.15 -43.39 -11.80
C TRP A 178 -8.92 -42.66 -12.89
N VAL A 179 -8.30 -42.49 -14.04
CA VAL A 179 -8.93 -41.79 -15.15
C VAL A 179 -9.55 -42.80 -16.10
N VAL A 180 -10.88 -42.71 -16.24
CA VAL A 180 -11.61 -43.61 -17.10
C VAL A 180 -12.10 -42.81 -18.29
N THR A 181 -11.63 -43.18 -19.48
CA THR A 181 -12.03 -42.59 -20.75
C THR A 181 -12.45 -43.75 -21.64
N GLY A 182 -12.69 -43.46 -22.91
CA GLY A 182 -12.96 -44.52 -23.85
C GLY A 182 -11.66 -45.23 -24.20
N GLY A 183 -11.77 -46.40 -24.75
CA GLY A 183 -10.63 -47.14 -25.23
C GLY A 183 -10.05 -46.81 -26.59
N THR A 184 -10.63 -45.88 -27.34
CA THR A 184 -10.10 -45.61 -28.67
C THR A 184 -9.08 -44.47 -28.79
N ASN A 185 -8.36 -44.49 -29.92
CA ASN A 185 -7.22 -43.62 -30.25
C ASN A 185 -7.69 -42.37 -31.02
N THR A 186 -8.67 -41.68 -30.46
CA THR A 186 -9.22 -40.48 -31.08
C THR A 186 -9.61 -39.46 -30.03
N GLY A 187 -9.47 -38.18 -30.39
CA GLY A 187 -9.96 -36.98 -29.72
C GLY A 187 -9.42 -36.75 -28.32
N VAL A 188 -10.35 -36.39 -27.41
CA VAL A 188 -10.06 -35.98 -26.03
C VAL A 188 -9.52 -37.16 -25.20
N MET A 189 -9.97 -38.39 -25.53
CA MET A 189 -9.49 -39.62 -24.90
C MET A 189 -8.02 -39.87 -25.23
N LYS A 190 -7.65 -39.67 -26.51
CA LYS A 190 -6.26 -39.76 -26.99
C LYS A 190 -5.39 -38.69 -26.33
N LEU A 191 -5.95 -37.47 -26.19
CA LEU A 191 -5.30 -36.33 -25.52
C LEU A 191 -5.04 -36.62 -24.04
N THR A 192 -6.04 -37.21 -23.37
CA THR A 192 -6.02 -37.64 -21.97
C THR A 192 -4.99 -38.77 -21.78
N GLY A 193 -4.92 -39.67 -22.79
CA GLY A 193 -3.93 -40.73 -22.85
C GLY A 193 -2.50 -40.20 -22.90
N GLN A 194 -2.28 -39.12 -23.68
CA GLN A 194 -0.98 -38.43 -23.75
C GLN A 194 -0.62 -37.78 -22.40
N ILE A 195 -1.64 -37.22 -21.70
CA ILE A 195 -1.49 -36.61 -20.37
C ILE A 195 -1.08 -37.67 -19.34
N MET A 196 -1.74 -38.84 -19.37
CA MET A 196 -1.40 -39.89 -18.42
C MET A 196 -0.13 -40.63 -18.83
N GLU A 197 0.26 -40.53 -20.13
CA GLU A 197 1.52 -41.09 -20.62
C GLU A 197 2.68 -40.32 -19.99
N ALA A 198 2.56 -38.98 -19.98
CA ALA A 198 3.56 -38.13 -19.34
C ALA A 198 3.56 -38.30 -17.82
N LEU A 199 2.38 -38.59 -17.24
CA LEU A 199 2.18 -38.83 -15.81
C LEU A 199 2.84 -40.14 -15.36
N SER A 200 2.79 -41.16 -16.22
CA SER A 200 3.34 -42.52 -16.07
C SER A 200 4.87 -42.61 -16.01
N LYS A 201 5.59 -41.55 -16.36
CA LYS A 201 7.04 -41.54 -16.33
C LYS A 201 7.58 -41.09 -14.96
N THR A 202 6.99 -40.07 -14.32
CA THR A 202 7.55 -39.60 -13.05
C THR A 202 7.17 -40.50 -11.85
N GLN A 203 6.23 -41.42 -12.01
CA GLN A 203 5.78 -42.34 -10.96
C GLN A 203 6.82 -43.44 -10.81
N SER A 204 7.05 -43.90 -9.58
CA SER A 204 8.05 -44.95 -9.40
C SER A 204 7.45 -46.34 -9.18
N HIS A 205 6.62 -46.53 -8.16
CA HIS A 205 6.05 -47.87 -7.97
C HIS A 205 4.66 -48.14 -8.51
N PHE A 206 3.66 -47.36 -8.08
CA PHE A 206 2.24 -47.60 -8.32
C PHE A 206 1.95 -46.80 -9.58
N ILE A 207 1.33 -47.41 -10.58
CA ILE A 207 0.90 -46.62 -11.73
C ILE A 207 -0.62 -46.66 -11.77
N PRO A 208 -1.31 -45.50 -11.67
CA PRO A 208 -2.79 -45.44 -11.77
C PRO A 208 -3.32 -45.92 -13.12
N PRO A 209 -4.31 -46.84 -13.14
CA PRO A 209 -4.83 -47.36 -14.40
C PRO A 209 -5.57 -46.31 -15.22
N THR A 210 -5.42 -46.41 -16.52
CA THR A 210 -6.15 -45.57 -17.46
C THR A 210 -7.08 -46.55 -18.17
N ILE A 211 -8.25 -46.75 -17.56
CA ILE A 211 -9.19 -47.73 -18.03
C ILE A 211 -9.93 -47.17 -19.24
N GLY A 212 -9.94 -47.93 -20.33
CA GLY A 212 -10.67 -47.56 -21.50
C GLY A 212 -11.85 -48.48 -21.73
N ILE A 213 -13.05 -47.92 -21.65
CA ILE A 213 -14.28 -48.66 -21.85
C ILE A 213 -14.81 -48.33 -23.24
N ALA A 214 -14.81 -49.30 -24.14
CA ALA A 214 -15.20 -49.04 -25.52
C ALA A 214 -16.18 -50.11 -25.95
N THR A 215 -17.08 -49.76 -26.87
CA THR A 215 -17.95 -50.77 -27.46
C THR A 215 -17.19 -51.71 -28.38
N TYR A 216 -17.34 -53.02 -28.15
CA TYR A 216 -16.65 -54.00 -28.98
C TYR A 216 -17.44 -53.99 -30.31
N GLY A 217 -16.77 -54.27 -31.41
CA GLY A 217 -17.41 -54.19 -32.71
C GLY A 217 -16.93 -53.07 -33.56
N VAL A 218 -16.13 -52.16 -33.02
CA VAL A 218 -15.61 -51.04 -33.79
C VAL A 218 -14.09 -51.16 -33.85
N ILE A 219 -13.53 -52.18 -33.18
CA ILE A 219 -12.10 -52.30 -33.00
C ILE A 219 -11.54 -53.13 -34.14
N ILE A 220 -10.51 -52.60 -34.83
CA ILE A 220 -9.82 -53.31 -35.91
C ILE A 220 -9.02 -54.55 -35.45
N GLY A 221 -8.69 -54.67 -34.17
CA GLY A 221 -7.98 -55.87 -33.77
C GLY A 221 -8.87 -56.77 -32.94
N GLY A 222 -10.18 -56.50 -33.03
CA GLY A 222 -11.17 -57.28 -32.32
C GLY A 222 -11.33 -58.74 -32.74
N ASP A 223 -11.24 -59.01 -34.04
CA ASP A 223 -11.35 -60.37 -34.55
C ASP A 223 -10.21 -61.29 -34.14
N ASP A 224 -9.01 -60.73 -34.05
CA ASP A 224 -7.80 -61.55 -33.73
C ASP A 224 -7.82 -61.97 -32.27
N MET A 225 -8.18 -61.05 -31.38
CA MET A 225 -8.18 -61.33 -29.94
C MET A 225 -9.20 -62.36 -29.43
N THR A 226 -10.42 -62.43 -29.97
CA THR A 226 -11.42 -63.37 -29.45
C THR A 226 -11.18 -64.86 -29.74
N ARG A 227 -10.82 -65.26 -30.96
CA ARG A 227 -10.61 -66.66 -31.33
C ARG A 227 -9.35 -67.23 -30.67
N GLY A 228 -9.45 -68.42 -30.07
CA GLY A 228 -8.22 -68.99 -29.53
C GLY A 228 -8.28 -69.41 -28.06
N GLU A 229 -7.08 -69.75 -27.60
CA GLU A 229 -6.75 -70.13 -26.22
C GLU A 229 -7.03 -68.93 -25.30
N PRO A 230 -7.96 -69.10 -24.32
CA PRO A 230 -8.38 -68.02 -23.45
C PRO A 230 -7.25 -67.27 -22.76
N PRO A 231 -6.29 -67.87 -22.01
CA PRO A 231 -5.22 -67.00 -21.48
C PRO A 231 -4.24 -66.47 -22.52
N LYS A 232 -4.54 -65.36 -23.21
CA LYS A 232 -3.58 -64.79 -24.16
C LYS A 232 -2.66 -63.77 -23.52
N ILE A 233 -1.44 -64.21 -23.22
CA ILE A 233 -0.42 -63.38 -22.56
C ILE A 233 0.34 -62.62 -23.64
N GLY A 234 0.34 -61.29 -23.55
CA GLY A 234 1.08 -60.44 -24.46
C GLY A 234 0.79 -60.42 -25.96
N LEU A 235 -0.49 -60.48 -26.35
CA LEU A 235 -0.90 -60.48 -27.76
C LEU A 235 -0.58 -59.13 -28.40
N GLU A 236 0.07 -59.17 -29.57
CA GLU A 236 0.45 -57.97 -30.30
C GLU A 236 -0.75 -57.28 -30.94
N TYR A 237 -0.87 -55.97 -30.73
CA TYR A 237 -1.95 -55.18 -31.31
C TYR A 237 -1.39 -54.36 -32.47
N GLU A 238 -2.03 -54.50 -33.64
CA GLU A 238 -1.61 -53.85 -34.89
C GLU A 238 -2.61 -52.76 -35.26
N MET A 239 -2.29 -51.51 -34.88
CA MET A 239 -3.12 -50.36 -35.19
C MET A 239 -3.15 -50.02 -36.68
N HIS A 240 -2.13 -50.35 -37.45
CA HIS A 240 -2.12 -50.04 -38.87
C HIS A 240 -2.72 -51.12 -39.78
N LYS A 241 -3.07 -52.31 -39.25
CA LYS A 241 -3.65 -53.37 -40.08
C LYS A 241 -5.06 -53.08 -40.58
N LYS A 242 -5.29 -53.39 -41.87
CA LYS A 242 -6.53 -53.05 -42.55
C LYS A 242 -7.66 -54.07 -42.42
N ASP A 243 -8.54 -53.88 -41.45
CA ASP A 243 -9.80 -54.61 -41.38
C ASP A 243 -10.86 -53.84 -42.15
N PRO A 244 -11.52 -54.45 -43.16
CA PRO A 244 -12.48 -53.70 -44.07
C PRO A 244 -13.70 -53.08 -43.37
N PRO A 245 -14.47 -53.72 -42.45
CA PRO A 245 -15.72 -53.13 -41.93
C PRO A 245 -15.58 -52.12 -40.79
N LYS A 246 -14.57 -52.28 -39.94
CA LYS A 246 -14.34 -51.49 -38.76
C LYS A 246 -13.14 -50.59 -39.04
N THR A 247 -13.11 -49.40 -38.43
CA THR A 247 -12.03 -48.46 -38.74
C THR A 247 -11.49 -47.72 -37.52
N THR A 248 -11.88 -48.09 -36.31
CA THR A 248 -11.47 -47.35 -35.13
C THR A 248 -10.47 -48.13 -34.25
N PRO A 249 -9.20 -47.70 -34.13
CA PRO A 249 -8.23 -48.43 -33.31
C PRO A 249 -8.20 -48.03 -31.84
N LEU A 250 -7.62 -48.92 -31.04
CA LEU A 250 -7.43 -48.68 -29.61
C LEU A 250 -6.27 -47.74 -29.32
N ASP A 251 -6.42 -46.96 -28.26
CA ASP A 251 -5.36 -46.06 -27.80
C ASP A 251 -4.25 -46.83 -27.12
N ASP A 252 -3.00 -46.57 -27.52
CA ASP A 252 -1.87 -47.32 -26.99
C ASP A 252 -1.43 -46.87 -25.60
N ASN A 253 -1.92 -45.76 -25.08
CA ASN A 253 -1.53 -45.25 -23.77
C ASN A 253 -2.46 -45.66 -22.65
N HIS A 254 -3.52 -46.42 -22.92
CA HIS A 254 -4.44 -46.87 -21.89
C HIS A 254 -3.96 -48.17 -21.26
N ASN A 255 -4.06 -48.24 -19.94
CA ASN A 255 -3.51 -49.34 -19.16
C ASN A 255 -4.42 -50.56 -19.01
N LEU A 256 -5.72 -50.46 -19.36
CA LEU A 256 -6.66 -51.57 -19.22
C LEU A 256 -7.84 -51.28 -20.14
N PHE A 257 -8.48 -52.35 -20.65
CA PHE A 257 -9.54 -52.24 -21.65
C PHE A 257 -10.74 -53.08 -21.29
N LEU A 258 -11.92 -52.47 -21.31
CA LEU A 258 -13.20 -53.17 -21.15
C LEU A 258 -13.99 -53.00 -22.46
N LEU A 259 -14.11 -54.09 -23.21
CA LEU A 259 -14.84 -54.09 -24.48
C LEU A 259 -16.26 -54.59 -24.24
N VAL A 260 -17.21 -53.66 -24.24
CA VAL A 260 -18.63 -53.94 -24.01
C VAL A 260 -19.29 -54.40 -25.31
N ASP A 261 -19.93 -55.57 -25.26
CA ASP A 261 -20.50 -56.21 -26.44
C ASP A 261 -22.01 -56.39 -26.34
N ASP A 262 -22.66 -56.21 -27.49
CA ASP A 262 -24.14 -56.30 -27.55
C ASP A 262 -24.56 -57.00 -28.85
N GLY A 263 -23.65 -57.67 -29.54
CA GLY A 263 -24.01 -58.39 -30.75
C GLY A 263 -24.21 -57.48 -31.94
N SER A 264 -23.51 -56.35 -31.97
CA SER A 264 -23.64 -55.44 -33.10
C SER A 264 -22.26 -55.14 -33.66
N THR A 265 -22.25 -54.58 -34.86
CA THR A 265 -21.02 -54.21 -35.55
C THR A 265 -21.21 -52.78 -36.04
N ASN A 266 -20.16 -51.95 -35.83
CA ASN A 266 -20.03 -50.53 -36.22
C ASN A 266 -21.16 -49.66 -35.65
N LYS A 267 -21.56 -49.93 -34.42
CA LYS A 267 -22.53 -49.11 -33.71
C LYS A 267 -21.88 -48.59 -32.43
N PHE A 268 -22.02 -47.30 -32.20
CA PHE A 268 -21.41 -46.60 -31.08
C PHE A 268 -22.45 -46.31 -29.99
N GLY A 269 -21.94 -45.94 -28.83
CA GLY A 269 -22.75 -45.54 -27.70
C GLY A 269 -23.40 -46.65 -26.91
N LYS A 270 -23.00 -47.89 -27.14
CA LYS A 270 -23.55 -49.05 -26.44
C LYS A 270 -22.92 -49.28 -25.07
N GLU A 271 -21.82 -48.59 -24.75
CA GLU A 271 -21.07 -48.82 -23.52
C GLU A 271 -21.34 -47.77 -22.45
N ILE A 272 -22.23 -46.81 -22.74
CA ILE A 272 -22.53 -45.61 -21.91
C ILE A 272 -23.12 -45.96 -20.53
N LYS A 273 -24.16 -46.81 -20.51
CA LYS A 273 -24.85 -47.26 -19.29
C LYS A 273 -23.94 -48.06 -18.37
N PHE A 274 -23.15 -48.97 -18.96
CA PHE A 274 -22.15 -49.75 -18.21
C PHE A 274 -21.03 -48.88 -17.65
N ARG A 275 -20.59 -47.86 -18.43
CA ARG A 275 -19.52 -46.93 -18.00
C ARG A 275 -19.95 -46.12 -16.78
N ALA A 276 -21.18 -45.56 -16.81
CA ALA A 276 -21.75 -44.82 -15.68
C ALA A 276 -21.96 -45.71 -14.45
N ALA A 277 -22.51 -46.92 -14.68
CA ALA A 277 -22.75 -47.92 -13.64
C ALA A 277 -21.45 -48.45 -13.02
N PHE A 278 -20.41 -48.69 -13.86
CA PHE A 278 -19.10 -49.17 -13.41
C PHE A 278 -18.38 -48.13 -12.56
N GLU A 279 -18.42 -46.85 -12.99
CA GLU A 279 -17.85 -45.74 -12.22
C GLU A 279 -18.57 -45.56 -10.90
N ASN A 280 -19.92 -45.65 -10.90
CA ASN A 280 -20.74 -45.56 -9.68
C ASN A 280 -20.45 -46.72 -8.72
N ALA A 281 -20.28 -47.95 -9.25
CA ALA A 281 -19.96 -49.15 -8.49
C ALA A 281 -18.57 -49.05 -7.85
N ALA A 282 -17.61 -48.54 -8.64
CA ALA A 282 -16.23 -48.28 -8.21
C ALA A 282 -16.20 -47.21 -7.12
N GLY A 283 -17.02 -46.15 -7.31
CA GLY A 283 -17.17 -45.07 -6.35
C GLY A 283 -17.72 -45.53 -5.02
N GLN A 284 -18.72 -46.43 -5.04
CA GLN A 284 -19.23 -47.01 -3.80
C GLN A 284 -18.21 -47.94 -3.12
N ALA A 285 -17.49 -48.74 -3.93
CA ALA A 285 -16.51 -49.71 -3.40
C ALA A 285 -15.31 -49.05 -2.73
N PHE A 286 -14.73 -48.00 -3.34
CA PHE A 286 -13.54 -47.40 -2.74
C PHE A 286 -13.87 -46.19 -1.87
N ALA A 287 -15.17 -45.87 -1.71
CA ALA A 287 -15.75 -44.71 -1.01
C ALA A 287 -15.17 -43.37 -1.48
N ALA A 288 -14.92 -43.25 -2.79
CA ALA A 288 -14.28 -42.13 -3.47
C ALA A 288 -15.26 -41.43 -4.40
N PRO A 289 -15.28 -40.08 -4.46
CA PRO A 289 -16.15 -39.39 -5.42
C PRO A 289 -15.71 -39.60 -6.86
N VAL A 290 -16.71 -39.70 -7.74
CA VAL A 290 -16.51 -39.84 -9.18
C VAL A 290 -16.81 -38.51 -9.86
N VAL A 291 -15.85 -37.96 -10.61
CA VAL A 291 -16.08 -36.68 -11.28
C VAL A 291 -15.96 -36.90 -12.78
N THR A 292 -17.04 -36.65 -13.51
CA THR A 292 -17.06 -36.71 -14.96
C THR A 292 -16.68 -35.33 -15.49
N ILE A 293 -15.87 -35.28 -16.55
CA ILE A 293 -15.46 -34.03 -17.21
C ILE A 293 -15.91 -34.10 -18.67
N VAL A 294 -16.62 -33.07 -19.12
CA VAL A 294 -17.22 -33.03 -20.47
C VAL A 294 -16.53 -31.93 -21.28
N VAL A 295 -15.77 -32.35 -22.31
CA VAL A 295 -15.10 -31.44 -23.25
C VAL A 295 -15.60 -31.77 -24.65
N GLN A 296 -16.18 -30.77 -25.34
CA GLN A 296 -16.87 -30.77 -26.67
C GLN A 296 -17.97 -31.84 -26.66
N GLY A 297 -17.86 -32.86 -27.50
CA GLY A 297 -18.78 -33.97 -27.49
C GLY A 297 -19.91 -33.88 -28.51
N GLY A 298 -20.36 -35.08 -28.86
CA GLY A 298 -21.47 -35.35 -29.75
C GLY A 298 -22.69 -35.84 -28.97
N PRO A 299 -23.65 -36.51 -29.66
CA PRO A 299 -24.85 -37.06 -28.98
C PRO A 299 -24.62 -38.11 -27.88
N GLY A 300 -23.58 -38.95 -28.04
CA GLY A 300 -23.30 -39.95 -27.03
C GLY A 300 -22.69 -39.37 -25.76
N THR A 301 -22.01 -38.22 -25.88
CA THR A 301 -21.49 -37.50 -24.72
C THR A 301 -22.63 -36.94 -23.86
N LEU A 302 -23.72 -36.51 -24.54
CA LEU A 302 -24.97 -36.06 -23.94
C LEU A 302 -25.62 -37.21 -23.19
N GLY A 303 -25.62 -38.40 -23.82
CA GLY A 303 -26.11 -39.61 -23.19
C GLY A 303 -25.27 -40.07 -22.00
N THR A 304 -23.93 -39.88 -22.11
CA THR A 304 -22.96 -40.16 -21.04
C THR A 304 -23.20 -39.28 -19.81
N ALA A 305 -23.41 -37.98 -20.05
CA ALA A 305 -23.76 -37.00 -19.02
C ALA A 305 -25.12 -37.29 -18.40
N LEU A 306 -26.10 -37.71 -19.23
CA LEU A 306 -27.44 -38.10 -18.76
C LEU A 306 -27.43 -39.30 -17.83
N GLN A 307 -26.69 -40.36 -18.20
CA GLN A 307 -26.49 -41.55 -17.37
C GLN A 307 -25.74 -41.23 -16.09
N ALA A 308 -24.71 -40.36 -16.20
CA ALA A 308 -23.91 -39.93 -15.07
C ALA A 308 -24.76 -39.17 -14.04
N VAL A 309 -25.65 -38.28 -14.52
CA VAL A 309 -26.49 -37.50 -13.61
C VAL A 309 -27.62 -38.37 -13.03
N ARG A 310 -28.05 -39.41 -13.79
CA ARG A 310 -29.05 -40.36 -13.30
C ARG A 310 -28.48 -41.31 -12.24
N GLN A 311 -27.20 -41.69 -12.35
CA GLN A 311 -26.54 -42.55 -11.37
C GLN A 311 -25.97 -41.78 -10.17
N GLY A 312 -26.23 -40.48 -10.04
CA GLY A 312 -25.77 -39.68 -8.93
C GLY A 312 -24.37 -39.11 -9.06
N THR A 313 -23.69 -39.39 -10.16
CA THR A 313 -22.33 -38.92 -10.37
C THR A 313 -22.32 -37.46 -10.85
N PRO A 314 -21.61 -36.55 -10.14
CA PRO A 314 -21.51 -35.15 -10.62
C PRO A 314 -20.70 -35.02 -11.90
N ILE A 315 -21.01 -33.99 -12.70
CA ILE A 315 -20.33 -33.70 -13.96
C ILE A 315 -19.76 -32.28 -13.92
N VAL A 316 -18.63 -32.09 -14.61
CA VAL A 316 -17.98 -30.79 -14.77
C VAL A 316 -17.96 -30.49 -16.26
N VAL A 317 -18.73 -29.51 -16.68
CA VAL A 317 -18.87 -29.15 -18.08
C VAL A 317 -17.95 -27.97 -18.39
N VAL A 318 -17.02 -28.16 -19.35
CA VAL A 318 -16.08 -27.11 -19.74
C VAL A 318 -16.75 -26.23 -20.81
N ASP A 319 -17.25 -25.07 -20.37
CA ASP A 319 -17.85 -24.05 -21.22
C ASP A 319 -16.78 -23.36 -22.09
N GLY A 320 -17.18 -22.96 -23.29
CA GLY A 320 -16.30 -22.32 -24.24
C GLY A 320 -15.53 -23.25 -25.15
N SER A 321 -15.65 -24.56 -24.94
CA SER A 321 -14.99 -25.51 -25.82
C SER A 321 -15.85 -25.85 -27.02
N GLY A 322 -17.09 -25.40 -27.06
CA GLY A 322 -17.92 -25.61 -28.23
C GLY A 322 -18.70 -26.90 -28.11
N LEU A 323 -19.66 -27.04 -29.04
CA LEU A 323 -20.52 -28.21 -29.34
C LEU A 323 -21.40 -28.54 -28.13
N ALA A 324 -21.44 -29.81 -27.66
CA ALA A 324 -22.40 -30.28 -26.64
C ALA A 324 -22.17 -29.64 -25.28
N ALA A 325 -20.91 -29.32 -24.97
CA ALA A 325 -20.53 -28.63 -23.73
C ALA A 325 -21.14 -27.24 -23.64
N ASP A 326 -21.17 -26.50 -24.77
CA ASP A 326 -21.81 -25.18 -24.85
C ASP A 326 -23.32 -25.29 -24.65
N VAL A 327 -23.92 -26.36 -25.19
CA VAL A 327 -25.35 -26.66 -25.06
C VAL A 327 -25.73 -26.95 -23.60
N LEU A 328 -24.92 -27.80 -22.93
CA LEU A 328 -25.10 -28.16 -21.51
C LEU A 328 -24.89 -26.96 -20.57
N ALA A 329 -23.84 -26.17 -20.84
CA ALA A 329 -23.53 -24.94 -20.10
C ALA A 329 -24.63 -23.88 -20.24
N TYR A 330 -25.15 -23.72 -21.48
CA TYR A 330 -26.24 -22.79 -21.80
C TYR A 330 -27.51 -23.19 -21.07
N ALA A 331 -27.81 -24.50 -21.06
CA ALA A 331 -28.98 -25.06 -20.39
C ALA A 331 -28.91 -24.87 -18.86
N TYR A 332 -27.73 -25.13 -18.26
CA TYR A 332 -27.50 -24.95 -16.82
C TYR A 332 -27.61 -23.48 -16.43
N ASN A 333 -27.01 -22.58 -17.24
CA ASN A 333 -27.05 -21.14 -16.98
C ASN A 333 -28.46 -20.59 -17.13
N PHE A 334 -29.23 -21.13 -18.09
CA PHE A 334 -30.62 -20.74 -18.25
C PHE A 334 -31.47 -21.19 -17.06
N MET A 335 -31.25 -22.43 -16.58
CA MET A 335 -32.12 -22.92 -15.52
C MET A 335 -31.72 -22.52 -14.11
N HIS A 336 -30.45 -22.21 -13.83
CA HIS A 336 -30.06 -22.07 -12.42
C HIS A 336 -29.32 -20.80 -12.05
N ASN A 337 -28.56 -20.26 -12.99
CA ASN A 337 -27.65 -19.13 -12.71
C ASN A 337 -28.36 -17.81 -12.49
N PRO A 338 -28.30 -17.15 -11.32
CA PRO A 338 -29.07 -15.90 -11.17
C PRO A 338 -28.34 -14.65 -11.62
N LEU A 339 -27.12 -14.80 -12.11
CA LEU A 339 -26.31 -13.64 -12.54
C LEU A 339 -27.06 -12.97 -13.67
N THR A 340 -26.78 -11.69 -13.88
CA THR A 340 -27.56 -10.95 -14.94
C THR A 340 -27.39 -11.29 -16.41
N ARG A 341 -26.20 -11.69 -16.86
CA ARG A 341 -26.01 -11.92 -18.31
C ARG A 341 -27.02 -12.95 -18.79
N PHE A 342 -27.51 -13.83 -17.92
CA PHE A 342 -28.38 -14.94 -18.36
C PHE A 342 -29.88 -14.71 -18.19
N LYS A 343 -30.40 -13.49 -18.28
CA LYS A 343 -31.83 -13.22 -18.23
C LYS A 343 -32.49 -13.26 -19.62
N SER A 344 -31.72 -13.10 -20.69
CA SER A 344 -32.18 -13.19 -22.06
C SER A 344 -32.14 -14.61 -22.63
N TYR A 345 -31.73 -15.56 -21.80
CA TYR A 345 -31.66 -16.96 -22.25
C TYR A 345 -33.07 -17.50 -22.42
N THR A 346 -33.32 -18.28 -23.46
CA THR A 346 -34.62 -18.84 -23.78
C THR A 346 -34.49 -20.29 -24.25
N ILE A 347 -35.61 -21.01 -24.14
CA ILE A 347 -35.76 -22.38 -24.61
C ILE A 347 -35.62 -22.49 -26.13
N ASP A 348 -36.10 -21.46 -26.86
CA ASP A 348 -36.00 -21.36 -28.32
C ASP A 348 -34.57 -21.27 -28.84
N ASP A 349 -33.74 -20.43 -28.20
CA ASP A 349 -32.31 -20.31 -28.55
C ASP A 349 -31.53 -21.58 -28.20
N LEU A 350 -31.93 -22.24 -27.09
CA LEU A 350 -31.38 -23.54 -26.68
C LEU A 350 -31.71 -24.62 -27.70
N ARG A 351 -32.96 -24.62 -28.21
CA ARG A 351 -33.46 -25.53 -29.24
C ARG A 351 -32.71 -25.31 -30.55
N GLN A 352 -32.43 -24.03 -30.87
CA GLN A 352 -31.63 -23.62 -32.03
C GLN A 352 -30.20 -24.13 -31.92
N LYS A 353 -29.62 -24.04 -30.71
CA LYS A 353 -28.27 -24.56 -30.43
C LYS A 353 -28.19 -26.08 -30.57
N VAL A 354 -29.21 -26.82 -30.06
CA VAL A 354 -29.29 -28.29 -30.17
C VAL A 354 -29.41 -28.71 -31.64
N ALA A 355 -30.26 -27.99 -32.41
CA ALA A 355 -30.47 -28.22 -33.84
C ALA A 355 -29.22 -27.93 -34.67
N GLN A 356 -28.50 -26.84 -34.32
CA GLN A 356 -27.30 -26.47 -35.05
C GLN A 356 -26.12 -27.39 -34.71
N THR A 357 -26.08 -27.91 -33.48
CA THR A 357 -24.96 -28.76 -33.09
C THR A 357 -25.14 -30.24 -33.47
N PHE A 358 -26.20 -30.87 -32.98
CA PHE A 358 -26.43 -32.30 -33.13
C PHE A 358 -27.02 -32.75 -34.45
N ASN A 359 -27.78 -31.88 -35.12
CA ASN A 359 -28.42 -32.18 -36.41
C ASN A 359 -29.49 -33.27 -36.20
N PRO A 360 -30.57 -33.10 -35.41
CA PRO A 360 -31.52 -34.22 -35.17
C PRO A 360 -32.39 -34.69 -36.34
N LYS A 361 -32.52 -33.89 -37.41
CA LYS A 361 -33.28 -34.06 -38.68
C LYS A 361 -34.81 -34.25 -38.53
N SER A 362 -35.41 -34.18 -37.34
CA SER A 362 -36.83 -34.40 -37.12
C SER A 362 -37.21 -33.69 -35.83
N SER A 363 -38.48 -33.29 -35.71
CA SER A 363 -38.97 -32.61 -34.52
C SER A 363 -39.00 -33.48 -33.24
N GLN A 364 -39.39 -34.76 -33.38
CA GLN A 364 -39.44 -35.69 -32.25
C GLN A 364 -38.06 -36.02 -31.67
N GLN A 365 -37.07 -36.17 -32.56
CA GLN A 365 -35.67 -36.40 -32.20
C GLN A 365 -35.09 -35.18 -31.47
N LEU A 366 -35.42 -33.97 -31.98
CA LEU A 366 -35.03 -32.67 -31.40
C LEU A 366 -35.63 -32.50 -30.02
N THR A 367 -36.89 -32.92 -29.87
CA THR A 367 -37.61 -32.90 -28.59
C THR A 367 -36.95 -33.85 -27.57
N ASN A 368 -36.54 -35.06 -28.02
CA ASN A 368 -35.87 -36.03 -27.14
C ASN A 368 -34.47 -35.59 -26.69
N LEU A 369 -33.71 -34.99 -27.60
CA LEU A 369 -32.35 -34.47 -27.27
C LEU A 369 -32.48 -33.25 -26.35
N LEU A 370 -33.35 -32.32 -26.70
CA LEU A 370 -33.58 -31.11 -25.89
C LEU A 370 -34.05 -31.46 -24.49
N ASP A 371 -34.97 -32.46 -24.39
CA ASP A 371 -35.51 -32.97 -23.14
C ASP A 371 -34.42 -33.64 -22.31
N SER A 372 -33.54 -34.41 -22.98
CA SER A 372 -32.40 -35.05 -22.33
C SER A 372 -31.39 -34.05 -21.79
N ALA A 373 -31.12 -32.98 -22.58
CA ALA A 373 -30.22 -31.87 -22.19
C ALA A 373 -30.76 -31.11 -20.98
N LEU A 374 -32.08 -30.87 -20.97
CA LEU A 374 -32.73 -30.23 -19.83
C LEU A 374 -32.81 -31.16 -18.63
N GLU A 375 -32.86 -32.48 -18.87
CA GLU A 375 -32.90 -33.46 -17.80
C GLU A 375 -31.51 -33.58 -17.12
N CYS A 376 -30.42 -33.32 -17.89
CA CYS A 376 -29.05 -33.34 -17.33
C CYS A 376 -28.83 -32.25 -16.27
N VAL A 377 -29.35 -31.06 -16.52
CA VAL A 377 -29.06 -29.93 -15.66
C VAL A 377 -30.24 -29.62 -14.72
N GLN A 378 -31.11 -30.62 -14.48
CA GLN A 378 -32.25 -30.52 -13.57
C GLN A 378 -31.82 -30.32 -12.12
N ASP A 379 -30.81 -31.06 -11.70
CA ASP A 379 -30.30 -30.99 -10.34
C ASP A 379 -29.10 -30.07 -10.40
N PRO A 380 -29.15 -28.86 -9.80
CA PRO A 380 -28.02 -27.91 -9.88
C PRO A 380 -26.73 -28.36 -9.20
N ASN A 381 -26.80 -29.28 -8.22
CA ASN A 381 -25.63 -29.75 -7.50
C ASN A 381 -24.77 -30.65 -8.38
N LEU A 382 -25.41 -31.45 -9.24
CA LEU A 382 -24.70 -32.45 -10.02
C LEU A 382 -24.02 -31.90 -11.26
N VAL A 383 -24.18 -30.62 -11.60
CA VAL A 383 -23.53 -30.03 -12.77
C VAL A 383 -22.71 -28.86 -12.24
N VAL A 384 -21.45 -28.81 -12.62
CA VAL A 384 -20.54 -27.71 -12.28
C VAL A 384 -19.96 -27.20 -13.59
N VAL A 385 -20.16 -25.92 -13.90
CA VAL A 385 -19.72 -25.35 -15.16
C VAL A 385 -18.43 -24.56 -14.93
N TYR A 386 -17.40 -24.98 -15.65
CA TYR A 386 -16.06 -24.38 -15.71
C TYR A 386 -16.01 -23.52 -16.96
N SER A 387 -15.53 -22.27 -16.86
CA SER A 387 -15.35 -21.42 -18.06
C SER A 387 -13.87 -21.19 -18.40
N LEU A 388 -13.40 -21.58 -19.59
CA LEU A 388 -11.95 -21.46 -19.96
C LEU A 388 -11.67 -20.11 -20.62
N GLN A 389 -12.65 -19.23 -20.69
CA GLN A 389 -12.57 -17.92 -21.33
C GLN A 389 -13.14 -16.77 -20.51
N GLU A 390 -13.80 -17.04 -19.38
CA GLU A 390 -14.33 -15.96 -18.55
C GLU A 390 -13.61 -15.92 -17.21
N SER A 391 -13.53 -17.05 -16.51
CA SER A 391 -12.93 -17.13 -15.18
C SER A 391 -11.41 -17.30 -15.29
N GLY A 392 -10.79 -17.55 -14.14
CA GLY A 392 -9.35 -17.65 -14.07
C GLY A 392 -8.81 -19.01 -14.51
N ILE A 393 -7.49 -18.99 -14.74
CA ILE A 393 -6.71 -20.14 -15.21
C ILE A 393 -6.58 -21.26 -14.20
N ASP A 394 -6.46 -20.93 -12.91
CA ASP A 394 -6.21 -21.89 -11.85
C ASP A 394 -7.43 -22.20 -11.00
N GLU A 395 -8.62 -22.30 -11.59
CA GLU A 395 -9.86 -22.52 -10.85
C GLU A 395 -10.58 -23.78 -11.32
N PHE A 396 -9.92 -24.60 -12.15
CA PHE A 396 -10.49 -25.84 -12.66
C PHE A 396 -10.56 -26.88 -11.56
N ASP A 397 -9.50 -26.93 -10.73
CA ASP A 397 -9.44 -27.78 -9.54
C ASP A 397 -10.49 -27.41 -8.49
N ASP A 398 -10.83 -26.11 -8.40
CA ASP A 398 -11.92 -25.62 -7.56
C ASP A 398 -13.27 -26.14 -8.04
N CYS A 399 -13.46 -26.19 -9.37
CA CYS A 399 -14.66 -26.78 -9.98
C CYS A 399 -14.78 -28.28 -9.71
N ILE A 400 -13.64 -29.01 -9.81
CA ILE A 400 -13.57 -30.44 -9.51
C ILE A 400 -13.87 -30.71 -8.03
N LEU A 401 -13.31 -29.87 -7.14
CA LEU A 401 -13.52 -29.94 -5.69
C LEU A 401 -14.97 -29.60 -5.30
N LYS A 402 -15.58 -28.64 -6.02
CA LYS A 402 -16.99 -28.25 -5.85
C LYS A 402 -17.90 -29.41 -6.25
N ALA A 403 -17.55 -30.11 -7.34
CA ALA A 403 -18.26 -31.33 -7.77
C ALA A 403 -18.15 -32.44 -6.72
N ILE A 404 -16.95 -32.59 -6.11
CA ILE A 404 -16.70 -33.57 -5.03
C ILE A 404 -17.54 -33.26 -3.79
N PHE A 405 -17.56 -31.98 -3.41
CA PHE A 405 -18.28 -31.40 -2.29
C PHE A 405 -19.80 -31.41 -2.48
N SER A 406 -20.27 -31.42 -3.72
CA SER A 406 -21.68 -31.48 -4.06
C SER A 406 -22.35 -32.84 -3.81
N SER A 407 -21.59 -33.92 -3.53
CA SER A 407 -22.18 -35.23 -3.29
C SER A 407 -22.80 -35.30 -1.88
N GLN A 408 -23.43 -36.44 -1.57
CA GLN A 408 -24.08 -36.56 -0.26
C GLN A 408 -23.16 -37.15 0.82
N GLY A 409 -22.76 -38.41 0.67
CA GLY A 409 -21.91 -39.01 1.67
C GLY A 409 -20.42 -38.85 1.44
N LYS A 410 -19.65 -39.81 2.00
CA LYS A 410 -18.17 -39.95 1.96
C LYS A 410 -17.47 -38.71 2.50
N LEU A 411 -17.93 -38.22 3.67
CA LEU A 411 -17.49 -36.96 4.31
C LEU A 411 -16.00 -36.95 4.70
N GLY A 412 -15.49 -38.08 5.22
CA GLY A 412 -14.06 -38.21 5.55
C GLY A 412 -13.20 -38.10 4.30
N ASN A 413 -13.64 -38.77 3.23
CA ASN A 413 -13.03 -38.72 1.89
C ASN A 413 -13.13 -37.33 1.28
N LYS A 414 -14.25 -36.62 1.51
CA LYS A 414 -14.44 -35.25 1.03
C LYS A 414 -13.46 -34.29 1.71
N LEU A 415 -13.25 -34.47 3.03
CA LEU A 415 -12.22 -33.73 3.77
C LEU A 415 -10.81 -34.07 3.29
N LYS A 416 -10.56 -35.37 2.98
CA LYS A 416 -9.30 -35.85 2.40
C LYS A 416 -9.04 -35.23 1.03
N GLN A 417 -10.10 -35.15 0.19
CA GLN A 417 -10.06 -34.55 -1.14
C GLN A 417 -9.76 -33.07 -1.07
N ALA A 418 -10.36 -32.36 -0.10
CA ALA A 418 -10.07 -30.96 0.17
C ALA A 418 -8.62 -30.78 0.62
N MET A 419 -8.10 -31.75 1.40
CA MET A 419 -6.70 -31.73 1.84
C MET A 419 -5.72 -31.97 0.69
N TYR A 420 -6.07 -32.85 -0.28
CA TYR A 420 -5.23 -33.08 -1.47
C TYR A 420 -5.08 -31.86 -2.37
N PHE A 421 -6.18 -31.12 -2.62
CA PHE A 421 -6.13 -29.96 -3.50
C PHE A 421 -5.58 -28.68 -2.85
N ASP A 422 -5.24 -28.71 -1.54
CA ASP A 422 -4.68 -27.61 -0.73
C ASP A 422 -5.61 -26.38 -0.68
N GLN A 423 -6.85 -26.64 -0.31
CA GLN A 423 -7.91 -25.64 -0.18
C GLN A 423 -8.39 -25.68 1.28
N LEU A 424 -7.73 -24.91 2.13
CA LEU A 424 -8.13 -24.97 3.56
C LEU A 424 -9.49 -24.33 3.72
N ASP A 425 -9.71 -23.17 3.09
CA ASP A 425 -10.98 -22.45 3.27
C ASP A 425 -12.22 -23.32 3.06
N VAL A 426 -12.18 -24.21 2.06
CA VAL A 426 -13.28 -25.15 1.74
C VAL A 426 -13.52 -26.14 2.89
N ALA A 427 -12.43 -26.69 3.45
CA ALA A 427 -12.44 -27.60 4.59
C ALA A 427 -12.93 -26.90 5.85
N LYS A 428 -12.47 -25.65 6.05
CA LYS A 428 -12.88 -24.78 7.17
C LYS A 428 -14.37 -24.46 7.13
N ARG A 429 -14.90 -24.12 5.93
CA ARG A 429 -16.33 -23.84 5.74
C ARG A 429 -17.20 -25.07 5.98
N ALA A 430 -16.75 -26.26 5.50
CA ALA A 430 -17.46 -27.54 5.70
C ALA A 430 -17.53 -27.90 7.19
N LEU A 431 -16.40 -27.73 7.91
CA LEU A 431 -16.31 -27.95 9.35
C LEU A 431 -17.17 -26.97 10.14
N SER A 432 -17.17 -25.68 9.74
CA SER A 432 -17.97 -24.63 10.37
C SER A 432 -19.47 -24.89 10.20
N GLU A 433 -19.87 -25.34 9.00
CA GLU A 433 -21.27 -25.71 8.71
C GLU A 433 -21.71 -26.92 9.53
N ALA A 434 -20.80 -27.91 9.65
CA ALA A 434 -21.02 -29.11 10.48
C ALA A 434 -21.12 -28.74 11.96
N SER A 435 -20.28 -27.79 12.40
CA SER A 435 -20.30 -27.24 13.76
C SER A 435 -21.60 -26.51 14.07
N LYS A 436 -22.13 -25.75 13.09
CA LYS A 436 -23.38 -25.03 13.29
C LYS A 436 -24.57 -25.99 13.28
N ASN A 437 -24.49 -27.04 12.46
CA ASN A 437 -25.55 -28.04 12.25
C ASN A 437 -25.52 -29.18 13.27
N GLY A 438 -24.84 -29.02 14.40
CA GLY A 438 -24.70 -29.98 15.49
C GLY A 438 -23.73 -31.03 14.99
N GLN A 439 -24.25 -32.07 14.28
CA GLN A 439 -23.54 -33.20 13.59
C GLN A 439 -22.33 -33.81 14.29
N HIS A 440 -22.41 -33.93 15.65
CA HIS A 440 -21.25 -34.36 16.46
C HIS A 440 -20.81 -35.80 16.22
N ASN A 441 -21.77 -36.71 15.91
CA ASN A 441 -21.46 -38.12 15.67
C ASN A 441 -20.64 -38.34 14.40
N GLU A 442 -21.03 -37.70 13.27
CA GLU A 442 -20.30 -37.87 12.02
C GLU A 442 -18.91 -37.21 12.05
N ILE A 443 -18.80 -36.05 12.72
CA ILE A 443 -17.52 -35.35 12.88
C ILE A 443 -16.51 -36.14 13.72
N ALA A 444 -16.94 -36.68 14.90
CA ALA A 444 -16.05 -37.45 15.78
C ALA A 444 -15.56 -38.76 15.18
N ALA A 445 -16.37 -39.44 14.38
CA ALA A 445 -15.95 -40.68 13.74
C ALA A 445 -14.87 -40.51 12.66
N CYS A 446 -14.83 -39.37 11.95
CA CYS A 446 -13.89 -39.22 10.85
C CYS A 446 -12.70 -38.27 11.07
N ILE A 447 -12.67 -37.49 12.16
CA ILE A 447 -11.61 -36.50 12.43
C ILE A 447 -10.21 -37.12 12.64
N ASN A 448 -10.12 -38.30 13.29
CA ASN A 448 -8.89 -39.02 13.60
C ASN A 448 -8.16 -39.50 12.36
N ASP A 449 -8.90 -40.16 11.44
CA ASP A 449 -8.35 -40.69 10.19
C ASP A 449 -7.91 -39.57 9.26
N ASN A 450 -8.64 -38.44 9.27
CA ASN A 450 -8.32 -37.27 8.46
C ASN A 450 -7.04 -36.58 8.91
N LEU A 451 -6.84 -36.49 10.24
CA LEU A 451 -5.62 -35.95 10.84
C LEU A 451 -4.41 -36.82 10.51
N MET A 452 -4.62 -38.15 10.56
CA MET A 452 -3.65 -39.18 10.21
C MET A 452 -3.23 -39.08 8.76
N ALA A 453 -4.23 -38.91 7.87
CA ALA A 453 -4.07 -38.75 6.43
C ALA A 453 -3.33 -37.47 6.08
N ALA A 454 -3.63 -36.38 6.81
CA ALA A 454 -2.97 -35.10 6.67
C ALA A 454 -1.48 -35.21 7.04
N MET A 455 -1.16 -35.99 8.09
CA MET A 455 0.24 -36.26 8.44
C MET A 455 0.96 -37.08 7.35
N MET A 456 0.26 -38.03 6.72
CA MET A 456 0.92 -38.94 5.74
C MET A 456 1.20 -38.20 4.44
N HIS A 457 0.34 -37.26 4.06
CA HIS A 457 0.49 -36.55 2.79
C HIS A 457 1.21 -35.21 2.91
N ASN A 458 1.75 -34.89 4.11
CA ASN A 458 2.57 -33.70 4.47
C ASN A 458 1.82 -32.38 4.24
N LYS A 459 0.74 -32.19 4.99
CA LYS A 459 -0.05 -30.96 4.97
C LYS A 459 -0.22 -30.41 6.40
N PRO A 460 0.80 -29.68 6.93
CA PRO A 460 0.79 -29.18 8.33
C PRO A 460 -0.35 -28.22 8.71
N HIS A 461 -0.79 -27.38 7.75
CA HIS A 461 -1.90 -26.44 7.95
C HIS A 461 -3.19 -27.21 8.19
N PHE A 462 -3.38 -28.28 7.42
CA PHE A 462 -4.50 -29.18 7.65
C PHE A 462 -4.40 -29.93 8.98
N VAL A 463 -3.17 -30.28 9.42
CA VAL A 463 -2.91 -30.92 10.72
C VAL A 463 -3.32 -30.01 11.89
N GLU A 464 -2.91 -28.72 11.86
CA GLU A 464 -3.31 -27.70 12.86
C GLU A 464 -4.82 -27.45 12.83
N LEU A 465 -5.39 -27.47 11.62
CA LEU A 465 -6.85 -27.21 11.46
C LEU A 465 -7.60 -28.38 12.08
N TYR A 466 -7.21 -29.59 11.72
CA TYR A 466 -7.93 -30.75 12.26
C TYR A 466 -7.76 -30.88 13.76
N LEU A 467 -6.56 -30.55 14.28
CA LEU A 467 -6.31 -30.55 15.73
C LEU A 467 -7.12 -29.48 16.45
N GLY A 468 -7.39 -28.34 15.77
CA GLY A 468 -8.23 -27.31 16.38
C GLY A 468 -9.70 -27.71 16.47
N PHE A 469 -10.16 -28.62 15.61
CA PHE A 469 -11.54 -29.10 15.57
C PHE A 469 -11.74 -30.41 16.33
N ASP A 470 -11.35 -30.34 17.61
CA ASP A 470 -11.58 -31.32 18.69
C ASP A 470 -11.12 -32.75 18.42
N ALA A 471 -9.97 -32.88 17.77
CA ALA A 471 -9.37 -34.19 17.52
C ALA A 471 -8.29 -34.46 18.54
N LYS A 472 -8.57 -35.40 19.45
CA LYS A 472 -7.61 -35.77 20.49
C LYS A 472 -6.45 -36.50 19.82
N ILE A 473 -5.22 -36.09 20.14
CA ILE A 473 -4.01 -36.60 19.50
C ILE A 473 -3.75 -38.07 19.87
N TYR A 474 -4.05 -38.50 21.09
CA TYR A 474 -3.77 -39.87 21.46
C TYR A 474 -4.91 -40.85 21.15
N GLU A 475 -5.95 -40.45 20.42
CA GLU A 475 -6.99 -41.43 20.08
C GLU A 475 -7.04 -41.76 18.60
N LEU A 476 -5.84 -41.56 18.01
CA LEU A 476 -5.57 -41.80 16.58
C LEU A 476 -5.39 -43.30 16.41
N LYS A 477 -5.95 -43.84 15.32
CA LYS A 477 -5.92 -45.30 15.09
C LYS A 477 -5.27 -45.64 13.75
N PRO A 478 -4.46 -46.74 13.62
CA PRO A 478 -3.89 -47.18 12.34
C PRO A 478 -4.91 -47.93 11.48
N SER A 479 -4.70 -47.82 10.16
CA SER A 479 -5.56 -48.46 9.17
C SER A 479 -5.51 -49.99 9.21
N GLU A 480 -4.34 -50.60 9.34
CA GLU A 480 -4.26 -52.06 9.38
C GLU A 480 -4.15 -52.57 10.81
N GLU A 481 -4.21 -53.90 10.97
CA GLU A 481 -4.11 -54.52 12.28
C GLU A 481 -2.77 -55.23 12.45
N VAL A 482 -2.07 -54.93 13.53
CA VAL A 482 -0.77 -55.53 13.82
C VAL A 482 -0.99 -56.93 14.42
N ALA A 483 -0.18 -57.89 13.98
CA ALA A 483 -0.19 -59.24 14.55
C ALA A 483 0.40 -59.25 15.95
N LYS A 484 -0.04 -60.20 16.77
CA LYS A 484 0.44 -60.39 18.14
C LYS A 484 1.91 -60.81 18.19
N THR A 485 2.62 -60.26 19.17
CA THR A 485 4.04 -60.47 19.37
C THR A 485 4.35 -61.02 20.78
N ASN A 486 5.32 -61.93 20.83
CA ASN A 486 5.80 -62.56 22.06
C ASN A 486 6.49 -61.59 23.03
N ILE A 487 7.05 -60.47 22.55
CA ILE A 487 7.71 -59.47 23.38
C ILE A 487 6.65 -58.72 24.19
N THR A 488 6.86 -58.62 25.50
CA THR A 488 5.89 -57.97 26.38
C THR A 488 5.94 -56.44 26.23
N ALA A 489 7.13 -55.90 25.90
CA ALA A 489 7.31 -54.46 25.67
C ALA A 489 6.62 -53.95 24.41
N LEU A 490 6.71 -54.71 23.32
CA LEU A 490 6.06 -54.34 22.06
C LEU A 490 4.55 -54.50 22.13
N ASP A 491 4.06 -55.51 22.85
CA ASP A 491 2.64 -55.77 23.00
C ASP A 491 1.93 -54.77 23.90
N GLU A 492 2.67 -54.10 24.80
CA GLU A 492 2.14 -53.09 25.71
C GLU A 492 1.83 -51.76 25.00
N LEU A 493 2.36 -51.56 23.77
CA LEU A 493 2.31 -50.32 22.99
C LEU A 493 0.87 -49.99 22.54
N PRO A 494 0.44 -48.73 22.66
CA PRO A 494 -0.90 -48.34 22.17
C PRO A 494 -0.98 -48.26 20.65
N SER A 495 -2.19 -47.93 20.18
CA SER A 495 -2.54 -47.86 18.76
C SER A 495 -1.83 -46.73 17.99
N PHE A 496 -1.71 -45.55 18.62
CA PHE A 496 -1.08 -44.40 17.97
C PHE A 496 0.41 -44.57 17.71
N ALA A 497 1.11 -45.36 18.55
CA ALA A 497 2.51 -45.75 18.32
C ALA A 497 2.66 -46.59 17.04
N LEU A 498 1.71 -47.51 16.82
CA LEU A 498 1.64 -48.31 15.58
C LEU A 498 1.31 -47.43 14.38
N ALA A 499 0.50 -46.38 14.59
CA ALA A 499 0.21 -45.41 13.54
C ALA A 499 1.45 -44.58 13.14
N ILE A 500 2.27 -44.14 14.13
CA ILE A 500 3.55 -43.44 13.89
C ILE A 500 4.54 -44.37 13.15
N GLU A 501 4.51 -45.68 13.51
CA GLU A 501 5.28 -46.73 12.82
C GLU A 501 4.84 -46.86 11.35
N GLU A 502 3.51 -46.73 11.09
CA GLU A 502 2.93 -46.72 9.74
C GLU A 502 3.38 -45.48 8.93
N LEU A 503 3.56 -44.34 9.63
CA LEU A 503 4.01 -43.08 8.98
C LEU A 503 5.47 -43.24 8.58
N TYR A 504 6.28 -43.81 9.45
CA TYR A 504 7.68 -44.14 9.17
C TYR A 504 7.81 -45.12 8.01
N LYS A 505 6.95 -46.17 7.98
CA LYS A 505 6.93 -47.16 6.90
C LYS A 505 6.58 -46.57 5.53
N ARG A 506 5.52 -45.70 5.47
CA ARG A 506 5.10 -45.06 4.21
C ARG A 506 6.18 -44.15 3.65
N GLU A 507 6.84 -43.36 4.54
CA GLU A 507 7.95 -42.51 4.11
C GLU A 507 9.18 -43.37 3.75
N ALA A 508 9.36 -44.53 4.42
CA ALA A 508 10.54 -45.38 4.22
C ALA A 508 10.47 -46.12 2.89
N LYS A 509 9.25 -46.50 2.43
CA LYS A 509 9.11 -47.24 1.15
C LYS A 509 9.42 -46.40 -0.10
N LYS A 510 9.50 -45.06 0.02
CA LYS A 510 9.85 -44.13 -1.04
C LYS A 510 11.32 -44.33 -1.43
N PRO A 511 11.69 -44.15 -2.73
CA PRO A 511 13.09 -44.30 -3.15
C PRO A 511 14.05 -43.26 -2.56
N HIS A 512 15.25 -43.75 -2.21
CA HIS A 512 16.42 -43.03 -1.67
C HIS A 512 16.07 -42.26 -0.37
N SER A 513 15.24 -42.88 0.46
CA SER A 513 14.83 -42.28 1.74
C SER A 513 15.92 -42.48 2.79
N HIS A 514 16.30 -41.38 3.44
CA HIS A 514 17.35 -41.36 4.45
C HIS A 514 16.99 -42.06 5.77
N VAL A 515 15.70 -42.22 6.06
CA VAL A 515 15.20 -42.90 7.26
C VAL A 515 15.56 -44.39 7.27
N GLN A 516 15.34 -45.09 6.13
CA GLN A 516 15.66 -46.50 5.94
C GLN A 516 17.16 -46.76 6.04
N ARG A 517 17.96 -45.84 5.45
CA ARG A 517 19.42 -45.86 5.52
C ARG A 517 19.91 -45.68 6.95
N LEU A 518 19.26 -44.76 7.71
CA LEU A 518 19.56 -44.49 9.12
C LEU A 518 19.29 -45.71 10.00
N VAL A 519 18.13 -46.37 9.78
CA VAL A 519 17.72 -47.59 10.51
C VAL A 519 18.68 -48.74 10.22
N SER A 520 19.07 -48.92 8.92
CA SER A 520 20.01 -49.98 8.53
C SER A 520 21.42 -49.75 9.08
N LEU A 521 21.92 -48.50 9.03
CA LEU A 521 23.24 -48.18 9.55
C LEU A 521 23.30 -48.03 11.07
N SER A 522 22.13 -47.97 11.75
CA SER A 522 22.06 -47.88 13.21
C SER A 522 22.66 -49.09 13.94
N ASN A 523 22.54 -50.30 13.34
CA ASN A 523 23.00 -51.62 13.84
C ASN A 523 22.40 -51.96 15.21
N THR A 524 21.06 -52.00 15.27
CA THR A 524 20.31 -52.27 16.49
C THR A 524 19.29 -53.39 16.26
N ASP A 525 18.79 -53.92 17.37
CA ASP A 525 17.75 -54.95 17.38
C ASP A 525 16.35 -54.34 17.30
N VAL A 526 15.33 -55.19 17.54
CA VAL A 526 13.91 -54.80 17.46
C VAL A 526 13.54 -53.80 18.56
N LEU A 527 14.23 -53.84 19.70
CA LEU A 527 13.99 -52.96 20.84
C LEU A 527 14.95 -51.79 20.84
N GLY A 528 15.76 -51.69 19.80
CA GLY A 528 16.70 -50.59 19.63
C GLY A 528 18.02 -50.74 20.34
N ARG A 529 18.22 -51.82 21.10
CA ARG A 529 19.48 -52.08 21.79
C ARG A 529 20.61 -52.39 20.80
N HIS A 530 21.79 -51.84 21.08
CA HIS A 530 22.98 -51.92 20.22
C HIS A 530 23.64 -53.30 20.33
N TYR A 531 23.01 -54.30 19.72
CA TYR A 531 23.53 -55.66 19.74
C TYR A 531 23.70 -56.29 18.37
N ARG A 532 23.20 -55.63 17.31
CA ARG A 532 23.24 -56.03 15.87
C ARG A 532 22.67 -57.41 15.50
N GLY A 546 12.61 -63.36 15.32
CA GLY A 546 13.84 -63.49 14.56
C GLY A 546 14.01 -62.43 13.50
N ARG A 547 14.39 -62.85 12.30
CA ARG A 547 14.60 -61.98 11.14
C ARG A 547 13.32 -61.32 10.64
N ASP A 548 12.21 -62.09 10.63
CA ASP A 548 10.90 -61.61 10.20
C ASP A 548 10.37 -60.48 11.07
N LEU A 549 10.52 -60.63 12.40
CA LEU A 549 10.16 -59.61 13.38
C LEU A 549 11.06 -58.38 13.27
N ALA A 550 12.33 -58.58 12.90
CA ALA A 550 13.28 -57.48 12.78
C ALA A 550 13.09 -56.65 11.53
N ASN A 551 12.34 -57.14 10.54
CA ASN A 551 12.06 -56.41 9.32
C ASN A 551 10.62 -55.91 9.24
N THR A 552 9.67 -56.71 9.74
CA THR A 552 8.25 -56.36 9.74
C THR A 552 7.96 -55.22 10.73
N ARG A 553 8.73 -55.16 11.82
CA ARG A 553 8.55 -54.12 12.84
C ARG A 553 9.85 -53.35 13.05
N ALA A 554 10.53 -53.04 11.95
CA ALA A 554 11.80 -52.30 11.98
C ALA A 554 11.68 -50.81 12.29
N TYR A 555 10.49 -50.24 12.26
CA TYR A 555 10.29 -48.81 12.48
C TYR A 555 9.43 -48.51 13.69
N ASN A 556 9.50 -49.34 14.73
CA ASN A 556 8.82 -49.09 15.99
C ASN A 556 9.44 -47.88 16.70
N VAL A 557 8.62 -47.24 17.56
CA VAL A 557 8.93 -45.95 18.20
C VAL A 557 10.07 -46.06 19.22
N LEU A 558 10.20 -47.22 19.88
CA LEU A 558 11.24 -47.49 20.88
C LEU A 558 12.62 -47.54 20.23
N ARG A 559 12.70 -48.23 19.08
CA ARG A 559 13.94 -48.35 18.29
C ARG A 559 14.40 -47.01 17.75
N MET A 560 13.44 -46.19 17.25
CA MET A 560 13.69 -44.83 16.77
C MET A 560 14.14 -43.90 17.88
N ASP A 561 13.56 -44.08 19.09
CA ASP A 561 13.93 -43.38 20.32
C ASP A 561 15.38 -43.66 20.71
N GLN A 562 15.80 -44.95 20.60
CA GLN A 562 17.19 -45.35 20.83
C GLN A 562 18.16 -44.71 19.83
N ILE A 563 17.78 -44.66 18.53
CA ILE A 563 18.58 -44.05 17.45
C ILE A 563 18.77 -42.55 17.71
N PHE A 564 17.66 -41.86 18.08
CA PHE A 564 17.66 -40.45 18.46
C PHE A 564 18.46 -40.21 19.74
N ALA A 565 18.38 -41.18 20.68
CA ALA A 565 19.13 -41.15 21.93
C ALA A 565 20.64 -41.14 21.72
N ARG A 566 21.15 -42.03 20.85
CA ARG A 566 22.56 -41.95 20.47
C ARG A 566 22.89 -40.69 19.67
N LEU A 567 21.93 -40.17 18.87
CA LEU A 567 22.14 -38.93 18.13
C LEU A 567 22.28 -37.67 19.00
N VAL A 568 21.54 -37.54 20.13
CA VAL A 568 21.62 -36.31 20.94
C VAL A 568 22.94 -36.21 21.71
N SER A 569 23.18 -37.13 22.64
CA SER A 569 24.34 -37.14 23.53
C SER A 569 24.50 -38.54 24.09
N LYS A 570 25.39 -38.67 25.06
CA LYS A 570 25.66 -39.96 25.66
C LYS A 570 24.67 -40.32 26.76
N ASP A 571 23.80 -39.38 27.18
CA ASP A 571 22.87 -39.60 28.30
C ASP A 571 21.42 -39.24 28.00
N PHE A 572 20.97 -39.27 26.74
CA PHE A 572 19.55 -39.16 26.44
C PHE A 572 18.83 -40.45 26.78
N SER A 573 17.77 -40.34 27.58
CA SER A 573 16.93 -41.50 27.88
C SER A 573 15.49 -41.07 28.17
N VAL A 574 14.62 -41.08 27.15
CA VAL A 574 13.22 -40.72 27.39
C VAL A 574 12.48 -41.86 28.09
N ASN A 575 11.80 -41.49 29.16
CA ASN A 575 11.09 -42.43 30.00
C ASN A 575 9.68 -42.43 29.46
N ARG A 576 9.22 -43.57 28.95
CA ARG A 576 7.87 -43.66 28.41
C ARG A 576 7.02 -44.42 29.41
N ASP A 577 5.75 -44.03 29.52
CA ASP A 577 4.80 -44.68 30.41
C ASP A 577 3.51 -44.81 29.61
N PHE A 578 3.35 -45.96 28.93
CA PHE A 578 2.14 -46.19 28.14
C PHE A 578 0.99 -46.75 28.97
N THR A 579 1.20 -47.02 30.27
CA THR A 579 0.20 -47.53 31.20
C THR A 579 -0.83 -46.48 31.56
N ILE A 580 -0.50 -45.19 31.40
CA ILE A 580 -1.41 -44.09 31.67
C ILE A 580 -2.51 -43.96 30.62
N TYR A 581 -2.43 -44.65 29.45
CA TYR A 581 -3.47 -44.55 28.43
C TYR A 581 -4.63 -45.52 28.67
N ASP A 582 -4.57 -46.33 29.73
CA ASP A 582 -5.65 -47.21 30.14
C ASP A 582 -6.76 -46.37 30.77
N SER A 583 -8.00 -46.90 30.71
CA SER A 583 -9.19 -46.20 31.22
C SER A 583 -9.22 -46.03 32.75
N LYS A 584 -8.43 -46.79 33.51
CA LYS A 584 -8.38 -46.71 34.98
C LYS A 584 -7.73 -45.42 35.52
N TYR A 585 -7.01 -44.64 34.70
CA TYR A 585 -6.32 -43.42 35.12
C TYR A 585 -7.10 -42.16 34.74
N ASP A 586 -8.36 -42.31 34.31
CA ASP A 586 -9.21 -41.21 33.85
C ASP A 586 -9.55 -40.22 34.99
N LYS A 587 -9.60 -40.69 36.25
CA LYS A 587 -9.94 -39.84 37.40
C LYS A 587 -8.83 -38.87 37.81
N VAL A 588 -7.59 -39.10 37.36
CA VAL A 588 -6.43 -38.24 37.62
C VAL A 588 -6.64 -36.88 36.94
N PRO A 589 -6.40 -35.75 37.63
CA PRO A 589 -6.71 -34.42 37.05
C PRO A 589 -5.89 -34.01 35.82
N GLY A 590 -4.56 -34.04 35.92
CA GLY A 590 -3.66 -33.55 34.91
C GLY A 590 -3.26 -34.50 33.79
N ILE A 591 -3.86 -35.70 33.78
CA ILE A 591 -3.53 -36.82 32.87
C ILE A 591 -3.72 -36.48 31.38
N GLN A 592 -4.74 -35.65 31.03
CA GLN A 592 -5.07 -35.23 29.66
C GLN A 592 -3.93 -34.43 29.00
N PHE A 593 -3.24 -33.63 29.83
CA PHE A 593 -2.04 -32.90 29.46
C PHE A 593 -0.87 -33.84 29.21
N ARG A 594 -0.62 -34.79 30.14
CA ARG A 594 0.49 -35.75 30.07
C ARG A 594 0.41 -36.65 28.83
N ARG A 595 -0.78 -37.27 28.61
CA ARG A 595 -1.12 -38.07 27.42
C ARG A 595 -0.92 -37.29 26.11
N THR A 596 -1.31 -35.99 26.12
CA THR A 596 -1.14 -35.04 25.01
C THR A 596 0.35 -34.81 24.77
N ALA A 597 1.09 -34.47 25.85
CA ALA A 597 2.49 -34.05 25.86
C ALA A 597 3.40 -35.14 25.31
N GLN A 598 3.27 -36.36 25.90
CA GLN A 598 3.95 -37.60 25.46
C GLN A 598 3.71 -37.92 23.98
N ALA A 599 2.40 -37.92 23.56
CA ALA A 599 1.98 -38.17 22.16
C ALA A 599 2.60 -37.19 21.17
N SER A 600 2.47 -35.89 21.48
CA SER A 600 3.03 -34.75 20.73
C SER A 600 4.53 -34.87 20.59
N HIS A 601 5.22 -35.19 21.72
CA HIS A 601 6.67 -35.41 21.80
C HIS A 601 7.13 -36.47 20.80
N MET A 602 6.44 -37.62 20.78
CA MET A 602 6.76 -38.74 19.89
C MET A 602 6.59 -38.34 18.42
N LEU A 603 5.44 -37.68 18.11
CA LEU A 603 5.17 -37.12 16.79
C LEU A 603 6.16 -36.00 16.40
N PHE A 604 6.52 -35.13 17.37
CA PHE A 604 7.56 -34.11 17.26
C PHE A 604 8.89 -34.68 16.78
N LEU A 605 9.36 -35.78 17.43
CA LEU A 605 10.60 -36.48 17.08
C LEU A 605 10.55 -37.04 15.66
N TRP A 606 9.37 -37.61 15.28
CA TRP A 606 9.13 -38.11 13.92
C TRP A 606 9.22 -36.98 12.88
N ALA A 607 8.61 -35.82 13.19
CA ALA A 607 8.66 -34.64 12.33
C ALA A 607 10.07 -34.03 12.23
N ILE A 608 10.89 -34.19 13.29
CA ILE A 608 12.29 -33.77 13.24
C ILE A 608 13.09 -34.68 12.32
N CYS A 609 12.78 -36.00 12.40
CA CYS A 609 13.44 -37.04 11.59
C CYS A 609 13.14 -36.87 10.11
N LEU A 610 11.94 -36.44 9.72
CA LEU A 610 11.61 -36.32 8.28
C LEU A 610 11.97 -34.90 7.81
N ASP A 611 12.34 -34.01 8.72
CA ASP A 611 12.76 -32.61 8.46
C ASP A 611 11.58 -31.76 7.93
N ARG A 612 10.42 -31.96 8.55
CA ARG A 612 9.21 -31.18 8.28
C ARG A 612 9.05 -30.15 9.39
N PHE A 613 9.55 -28.91 9.17
CA PHE A 613 9.69 -27.87 10.20
C PHE A 613 8.36 -27.36 10.78
N ARG A 614 7.33 -27.23 9.92
CA ARG A 614 6.03 -26.66 10.27
C ARG A 614 5.25 -27.59 11.20
N MET A 615 5.26 -28.88 10.84
CA MET A 615 4.67 -29.95 11.62
C MET A 615 5.38 -30.12 12.96
N ALA A 616 6.73 -29.98 12.94
CA ALA A 616 7.60 -29.98 14.11
C ALA A 616 7.29 -28.85 15.09
N ARG A 617 7.11 -27.63 14.56
CA ARG A 617 6.79 -26.44 15.34
C ARG A 617 5.42 -26.55 15.99
N HIS A 618 4.43 -27.10 15.26
CA HIS A 618 3.07 -27.29 15.80
C HIS A 618 3.03 -28.32 16.93
N PHE A 619 3.73 -29.48 16.74
CA PHE A 619 3.80 -30.50 17.79
C PHE A 619 4.65 -30.05 18.97
N TRP A 620 5.67 -29.22 18.70
CA TRP A 620 6.48 -28.58 19.72
C TRP A 620 5.64 -27.61 20.56
N LEU A 621 4.74 -26.84 19.90
CA LEU A 621 3.87 -25.91 20.63
C LEU A 621 2.80 -26.57 21.50
N ILE A 622 2.16 -27.66 21.03
CA ILE A 622 1.13 -28.34 21.85
C ILE A 622 1.68 -29.03 23.11
N GLY A 623 2.82 -29.72 23.01
CA GLY A 623 3.42 -30.42 24.13
C GLY A 623 4.16 -29.52 25.10
N ASP A 624 4.93 -30.16 25.98
CA ASP A 624 5.68 -29.39 26.96
C ASP A 624 7.18 -29.53 26.76
N GLN A 625 7.91 -28.91 27.72
CA GLN A 625 9.38 -28.81 27.80
C GLN A 625 9.95 -28.19 26.52
N SER A 626 9.44 -26.98 26.20
CA SER A 626 9.61 -26.28 24.91
C SER A 626 11.06 -25.94 24.58
N ILE A 627 11.79 -25.42 25.58
CA ILE A 627 13.16 -24.95 25.45
C ILE A 627 14.09 -26.13 25.17
N ILE A 628 13.89 -27.19 25.97
CA ILE A 628 14.66 -28.42 25.95
C ILE A 628 14.45 -29.18 24.65
N ASN A 629 13.19 -29.21 24.16
CA ASN A 629 12.80 -29.85 22.89
C ASN A 629 13.36 -29.11 21.68
N ALA A 630 13.41 -27.77 21.77
CA ALA A 630 14.02 -26.96 20.72
C ALA A 630 15.52 -27.22 20.61
N LEU A 631 16.20 -27.35 21.77
CA LEU A 631 17.62 -27.73 21.83
C LEU A 631 17.86 -29.13 21.24
N VAL A 632 16.94 -30.07 21.56
CA VAL A 632 16.96 -31.46 21.08
C VAL A 632 16.79 -31.50 19.56
N ALA A 633 15.86 -30.66 19.04
CA ALA A 633 15.57 -30.51 17.62
C ALA A 633 16.77 -29.97 16.84
N SER A 634 17.44 -28.95 17.41
CA SER A 634 18.66 -28.35 16.86
C SER A 634 19.83 -29.35 16.81
N ARG A 635 20.02 -30.10 17.92
CA ARG A 635 21.07 -31.12 18.03
C ARG A 635 20.89 -32.29 17.06
N ILE A 636 19.63 -32.82 16.94
CA ILE A 636 19.31 -33.96 16.04
C ILE A 636 19.50 -33.56 14.57
N LEU A 637 19.01 -32.34 14.17
CA LEU A 637 19.19 -31.85 12.80
C LEU A 637 20.65 -31.57 12.44
N GLU A 638 21.43 -30.98 13.39
CA GLU A 638 22.86 -30.75 13.19
C GLU A 638 23.66 -32.06 13.07
N ARG A 639 23.34 -33.05 13.92
CA ARG A 639 24.04 -34.34 13.84
C ARG A 639 23.63 -35.16 12.61
N LEU A 640 22.35 -35.09 12.23
CA LEU A 640 21.84 -35.81 11.06
C LEU A 640 22.40 -35.23 9.76
N SER A 641 22.55 -33.90 9.68
CA SER A 641 23.08 -33.21 8.50
C SER A 641 24.54 -33.59 8.14
N THR A 642 25.34 -34.03 9.11
CA THR A 642 26.71 -34.49 8.87
C THR A 642 26.85 -36.00 9.08
N HIS A 643 25.74 -36.72 9.18
CA HIS A 643 25.72 -38.16 9.40
C HIS A 643 25.99 -38.88 8.08
N ARG A 644 26.40 -40.15 8.18
CA ARG A 644 26.66 -41.01 7.01
C ARG A 644 25.41 -41.35 6.20
N ALA A 645 24.23 -41.33 6.81
CA ALA A 645 22.97 -41.68 6.16
C ALA A 645 22.44 -40.57 5.24
N LEU A 646 22.93 -39.35 5.38
CA LEU A 646 22.46 -38.20 4.62
C LEU A 646 23.43 -37.82 3.50
N GLN A 647 24.53 -38.56 3.35
CA GLN A 647 25.45 -38.28 2.26
C GLN A 647 24.85 -38.96 1.04
N GLY A 648 24.86 -38.25 -0.08
CA GLY A 648 24.25 -38.74 -1.29
C GLY A 648 23.95 -37.56 -2.19
N PRO A 649 23.92 -37.76 -3.56
CA PRO A 649 23.65 -36.66 -4.50
C PRO A 649 22.29 -35.98 -4.38
N HIS A 650 21.28 -36.75 -3.98
CA HIS A 650 19.91 -36.26 -3.91
C HIS A 650 19.56 -35.63 -2.57
N LEU A 651 20.42 -35.77 -1.56
CA LEU A 651 20.08 -35.32 -0.22
C LEU A 651 20.65 -33.95 0.15
N ALA A 652 21.36 -33.28 -0.79
CA ALA A 652 22.10 -32.02 -0.56
C ALA A 652 21.19 -30.90 -0.05
N GLU A 653 20.10 -30.63 -0.79
CA GLU A 653 19.07 -29.64 -0.46
C GLU A 653 18.42 -29.95 0.89
N GLU A 654 18.11 -31.24 1.12
CA GLU A 654 17.61 -31.78 2.38
C GLU A 654 18.53 -31.45 3.56
N ARG A 655 19.85 -31.71 3.40
CA ARG A 655 20.93 -31.40 4.37
C ARG A 655 20.94 -29.91 4.74
N ALA A 656 20.89 -29.05 3.68
CA ALA A 656 20.82 -27.59 3.77
C ALA A 656 19.61 -27.16 4.61
N LYS A 657 18.43 -27.75 4.28
CA LYS A 657 17.15 -27.56 4.97
C LYS A 657 17.27 -27.88 6.46
N MET A 658 17.92 -29.05 6.78
CA MET A 658 18.22 -29.50 8.17
C MET A 658 18.98 -28.44 8.96
N GLN A 659 20.09 -27.94 8.37
CA GLN A 659 20.92 -26.87 8.95
C GLN A 659 20.11 -25.60 9.24
N HIS A 660 19.31 -25.16 8.23
CA HIS A 660 18.39 -24.02 8.30
C HIS A 660 17.37 -24.16 9.45
N ASN A 661 16.70 -25.33 9.51
CA ASN A 661 15.73 -25.70 10.55
C ASN A 661 16.36 -25.72 11.94
N ALA A 662 17.59 -26.27 12.04
CA ALA A 662 18.40 -26.32 13.27
C ALA A 662 18.58 -24.92 13.86
N LYS A 663 19.05 -23.96 12.99
CA LYS A 663 19.22 -22.54 13.38
C LYS A 663 17.90 -21.92 13.85
N LYS A 664 16.80 -22.19 13.11
CA LYS A 664 15.44 -21.71 13.44
C LYS A 664 14.97 -22.20 14.82
N PHE A 665 15.15 -23.52 15.10
CA PHE A 665 14.81 -24.10 16.41
C PHE A 665 15.65 -23.52 17.55
N GLU A 666 16.96 -23.32 17.27
CA GLU A 666 17.91 -22.65 18.18
C GLU A 666 17.40 -21.25 18.55
N GLU A 667 16.95 -20.48 17.51
CA GLU A 667 16.35 -19.14 17.63
C GLU A 667 15.10 -19.17 18.52
N LEU A 668 14.22 -20.18 18.32
CA LEU A 668 13.04 -20.44 19.15
C LEU A 668 13.40 -20.63 20.63
N ALA A 669 14.43 -21.48 20.91
CA ALA A 669 14.95 -21.78 22.27
C ALA A 669 15.44 -20.51 22.98
N VAL A 670 16.10 -19.63 22.20
CA VAL A 670 16.59 -18.31 22.64
C VAL A 670 15.40 -17.41 22.94
N GLY A 671 14.40 -17.39 22.03
CA GLY A 671 13.24 -16.51 22.09
C GLY A 671 12.36 -16.74 23.32
N VAL A 672 11.95 -18.02 23.54
CA VAL A 672 11.18 -18.49 24.71
C VAL A 672 11.94 -18.14 26.01
N LEU A 673 13.28 -18.42 26.03
CA LEU A 673 14.22 -18.10 27.14
C LEU A 673 14.20 -16.60 27.47
N GLY A 674 14.30 -15.77 26.41
CA GLY A 674 14.20 -14.30 26.49
C GLY A 674 12.91 -13.82 27.11
N GLU A 675 11.77 -14.41 26.67
CA GLU A 675 10.43 -14.14 27.22
C GLU A 675 10.35 -14.44 28.72
N CYS A 676 10.92 -15.61 29.12
CA CYS A 676 11.03 -16.03 30.52
C CYS A 676 11.81 -15.02 31.35
N HIS A 677 12.97 -14.58 30.82
CA HIS A 677 13.80 -13.57 31.49
C HIS A 677 13.12 -12.20 31.54
N GLY A 678 12.27 -11.90 30.54
CA GLY A 678 11.48 -10.69 30.56
C GLY A 678 10.39 -10.70 31.62
N SER A 679 9.80 -11.87 31.86
CA SER A 679 8.65 -11.91 32.77
C SER A 679 9.11 -11.95 34.23
N ASP A 680 9.99 -12.90 34.56
CA ASP A 680 10.49 -13.06 35.93
C ASP A 680 11.85 -13.74 35.80
N SER A 681 12.92 -12.96 36.02
CA SER A 681 14.32 -13.42 35.89
C SER A 681 14.69 -14.51 36.89
N HIS A 682 14.24 -14.38 38.15
CA HIS A 682 14.51 -15.35 39.21
C HIS A 682 13.86 -16.71 38.92
N MET A 683 12.61 -16.68 38.45
CA MET A 683 11.87 -17.89 38.08
C MET A 683 12.48 -18.54 36.84
N ALA A 684 13.00 -17.70 35.92
CA ALA A 684 13.75 -18.15 34.72
C ALA A 684 15.06 -18.83 35.12
N SER A 685 15.74 -18.28 36.14
CA SER A 685 16.96 -18.86 36.71
C SER A 685 16.67 -20.21 37.35
N GLU A 686 15.54 -20.30 38.07
CA GLU A 686 15.04 -21.55 38.67
C GLU A 686 14.73 -22.59 37.59
N MET A 687 14.14 -22.15 36.47
CA MET A 687 13.87 -22.98 35.30
C MET A 687 15.15 -23.52 34.67
N LEU A 688 16.17 -22.64 34.53
CA LEU A 688 17.47 -23.05 33.96
C LEU A 688 18.26 -23.95 34.90
N HIS A 689 18.00 -23.88 36.21
CA HIS A 689 18.67 -24.73 37.18
C HIS A 689 17.96 -26.05 37.42
N SER A 690 16.74 -26.21 36.88
CA SER A 690 15.92 -27.38 37.11
C SER A 690 16.48 -28.62 36.42
N LYS A 691 16.59 -29.71 37.18
CA LYS A 691 17.04 -30.97 36.62
C LYS A 691 15.91 -31.71 35.95
N ASN A 692 16.16 -32.12 34.72
CA ASN A 692 15.18 -32.79 33.87
C ASN A 692 15.54 -34.27 33.77
N ASP A 693 14.52 -35.14 33.92
CA ASP A 693 14.68 -36.59 33.90
C ASP A 693 15.16 -37.15 32.56
N MET A 694 14.87 -36.47 31.43
CA MET A 694 15.20 -36.94 30.08
C MET A 694 16.70 -37.00 29.77
N PHE A 695 17.53 -36.27 30.54
CA PHE A 695 19.00 -36.25 30.41
C PHE A 695 19.79 -36.61 31.67
N ASN A 696 19.38 -37.68 32.37
CA ASN A 696 20.04 -38.33 33.54
C ASN A 696 20.32 -37.31 34.68
N LYS A 697 19.30 -36.46 34.96
CA LYS A 697 19.18 -35.53 36.12
C LYS A 697 20.31 -34.47 36.14
N LYS A 698 20.29 -33.59 35.12
CA LYS A 698 21.14 -32.41 35.02
C LYS A 698 20.45 -31.31 34.22
N ASN A 699 20.92 -30.07 34.39
CA ASN A 699 20.13 -28.88 34.05
C ASN A 699 20.21 -28.53 32.56
N ALA A 700 19.51 -27.44 32.20
CA ALA A 700 19.31 -27.02 30.80
C ALA A 700 20.54 -26.41 30.12
N ILE A 701 21.40 -25.74 30.90
CA ILE A 701 22.63 -25.14 30.38
C ILE A 701 23.62 -26.24 29.93
N ASN A 702 23.68 -27.34 30.70
CA ASN A 702 24.46 -28.54 30.38
C ASN A 702 23.98 -29.19 29.08
N ILE A 703 22.64 -29.22 28.90
CA ILE A 703 21.97 -29.72 27.69
C ILE A 703 22.33 -28.86 26.48
N ALA A 704 22.29 -27.52 26.65
CA ALA A 704 22.60 -26.52 25.62
C ALA A 704 24.06 -26.59 25.18
N TYR A 705 24.96 -26.77 26.16
CA TYR A 705 26.39 -26.95 25.88
C TYR A 705 26.64 -28.25 25.15
N ASP A 706 25.94 -29.32 25.56
CA ASP A 706 26.03 -30.62 24.88
C ASP A 706 25.44 -30.58 23.48
N ALA A 707 24.43 -29.72 23.25
CA ALA A 707 23.86 -29.52 21.92
C ALA A 707 24.64 -28.53 21.06
N LYS A 708 25.71 -27.92 21.61
CA LYS A 708 26.62 -26.93 20.99
C LYS A 708 25.86 -25.71 20.47
N SER A 709 24.88 -25.26 21.26
CA SER A 709 24.06 -24.10 20.95
C SER A 709 24.76 -22.85 21.48
N LEU A 710 25.56 -22.23 20.61
CA LEU A 710 26.34 -21.02 20.93
C LEU A 710 25.44 -19.82 21.22
N ALA A 711 24.33 -19.70 20.48
CA ALA A 711 23.36 -18.62 20.61
C ALA A 711 22.65 -18.63 21.97
N PHE A 712 22.30 -19.83 22.47
CA PHE A 712 21.66 -19.98 23.79
C PHE A 712 22.64 -19.61 24.89
N LEU A 713 23.89 -20.07 24.76
CA LEU A 713 24.94 -19.81 25.75
C LEU A 713 25.36 -18.34 25.77
N SER A 714 25.29 -17.66 24.62
CA SER A 714 25.66 -16.26 24.55
C SER A 714 24.55 -15.30 24.98
N HIS A 715 23.35 -15.80 25.27
CA HIS A 715 22.21 -14.99 25.69
C HIS A 715 22.45 -14.40 27.08
N PRO A 716 22.00 -13.15 27.35
CA PRO A 716 22.19 -12.50 28.67
C PRO A 716 21.60 -13.20 29.89
N ALA A 717 20.46 -13.89 29.73
CA ALA A 717 19.80 -14.63 30.81
C ALA A 717 20.66 -15.81 31.28
N THR A 718 21.16 -16.60 30.31
CA THR A 718 22.04 -17.75 30.56
C THR A 718 23.35 -17.30 31.19
N GLN A 719 23.92 -16.18 30.70
CA GLN A 719 25.16 -15.58 31.21
C GLN A 719 24.98 -15.05 32.62
N SER A 720 23.80 -14.49 32.93
CA SER A 720 23.46 -14.02 34.28
C SER A 720 23.39 -15.18 35.27
N VAL A 721 22.81 -16.32 34.87
CA VAL A 721 22.76 -17.55 35.69
C VAL A 721 24.18 -18.11 35.93
N ILE A 722 25.03 -18.10 34.87
CA ILE A 722 26.43 -18.57 34.91
C ILE A 722 27.29 -17.67 35.81
N ASN A 723 27.08 -16.34 35.76
CA ASN A 723 27.77 -15.39 36.64
C ASN A 723 27.35 -15.54 38.10
N ALA A 724 26.03 -15.77 38.33
CA ALA A 724 25.51 -16.09 39.66
C ALA A 724 26.12 -17.39 40.21
N ASP A 725 26.28 -18.38 39.34
CA ASP A 725 26.99 -19.62 39.68
C ASP A 725 28.47 -19.39 39.96
N TRP A 726 29.12 -18.50 39.18
CA TRP A 726 30.51 -18.10 39.40
C TRP A 726 30.73 -17.52 40.78
N TYR A 727 29.88 -16.58 41.19
CA TYR A 727 30.10 -15.96 42.48
C TYR A 727 29.55 -16.78 43.64
N GLY A 728 28.76 -17.83 43.35
CA GLY A 728 28.18 -18.69 44.37
C GLY A 728 27.26 -17.93 45.29
N HIS A 729 27.41 -18.11 46.60
CA HIS A 729 26.61 -17.39 47.58
C HIS A 729 27.27 -16.07 47.98
N LEU A 730 27.75 -15.29 47.01
CA LEU A 730 28.30 -13.93 47.29
C LEU A 730 27.66 -12.89 46.38
N LYS A 731 27.63 -11.62 46.79
CA LYS A 731 27.09 -10.50 46.02
C LYS A 731 27.84 -10.31 44.72
N SER A 732 27.11 -10.00 43.64
CA SER A 732 27.68 -9.79 42.30
C SER A 732 28.54 -8.54 42.14
N VAL A 733 28.48 -7.57 43.07
CA VAL A 733 29.28 -6.34 42.95
C VAL A 733 30.72 -6.47 43.41
N THR A 734 31.16 -7.64 43.89
CA THR A 734 32.53 -7.89 44.32
C THR A 734 33.52 -7.85 43.16
N SER A 735 34.62 -7.14 43.35
CA SER A 735 35.65 -6.97 42.36
C SER A 735 36.77 -7.96 42.62
N PHE A 736 37.73 -8.02 41.68
CA PHE A 736 38.92 -8.89 41.75
C PHE A 736 39.79 -8.60 42.97
N TRP A 737 40.05 -7.30 43.23
CA TRP A 737 40.90 -6.85 44.32
C TRP A 737 40.30 -7.11 45.71
N ALA A 738 38.97 -6.95 45.85
CA ALA A 738 38.25 -7.19 47.11
C ALA A 738 38.31 -8.66 47.54
N VAL A 739 38.03 -9.57 46.59
CA VAL A 739 38.07 -11.03 46.83
C VAL A 739 39.52 -11.48 47.06
N LEU A 740 40.48 -10.86 46.33
CA LEU A 740 41.92 -11.13 46.48
C LEU A 740 42.44 -10.69 47.86
N PHE A 741 42.00 -9.51 48.32
CA PHE A 741 42.34 -8.96 49.63
C PHE A 741 41.75 -9.79 50.76
N ALA A 742 40.48 -10.21 50.59
CA ALA A 742 39.79 -11.10 51.52
C ALA A 742 40.45 -12.48 51.59
N PHE A 743 40.96 -12.97 50.44
CA PHE A 743 41.74 -14.19 50.38
C PHE A 743 43.04 -14.02 51.17
N PHE A 744 43.66 -12.83 51.08
CA PHE A 744 44.95 -12.64 51.77
C PHE A 744 44.73 -12.34 53.24
N PHE A 745 43.60 -11.70 53.58
CA PHE A 745 43.26 -11.34 54.94
C PHE A 745 41.91 -11.96 55.29
N PRO A 746 41.88 -13.25 55.69
CA PRO A 746 40.59 -13.91 55.96
C PRO A 746 39.89 -13.40 57.21
N PHE A 747 40.61 -13.19 58.30
CA PHE A 747 39.99 -12.77 59.55
C PHE A 747 39.83 -11.27 59.67
N PHE A 748 40.27 -10.49 58.68
CA PHE A 748 40.20 -9.04 58.74
C PHE A 748 39.35 -8.39 57.65
N VAL A 749 38.89 -9.12 56.64
CA VAL A 749 38.14 -8.47 55.57
C VAL A 749 36.77 -9.10 55.38
N LEU A 750 36.64 -10.39 55.73
CA LEU A 750 35.38 -11.14 55.65
C LEU A 750 34.25 -10.64 56.59
N PRO A 751 34.44 -10.27 57.88
CA PRO A 751 33.30 -9.78 58.67
C PRO A 751 32.74 -8.49 58.07
N PHE A 752 33.60 -7.58 57.60
CA PHE A 752 33.11 -6.28 57.15
C PHE A 752 32.64 -6.28 55.70
N ILE A 753 32.14 -7.41 55.21
CA ILE A 753 31.63 -7.55 53.85
C ILE A 753 30.26 -8.20 53.99
N ASN A 754 29.24 -7.59 53.40
CA ASN A 754 27.88 -8.13 53.48
C ASN A 754 27.46 -8.79 52.18
N PHE A 755 26.96 -10.02 52.31
CA PHE A 755 26.54 -10.89 51.22
C PHE A 755 25.66 -12.02 51.75
N SER A 756 24.92 -12.64 50.81
CA SER A 756 23.96 -13.75 50.98
C SER A 756 22.87 -13.56 52.03
N GLY A 787 30.56 -16.54 67.97
CA GLY A 787 29.71 -16.94 66.85
C GLY A 787 30.36 -17.94 65.91
N ALA A 788 30.53 -19.19 66.37
CA ALA A 788 31.03 -20.22 65.44
C ALA A 788 29.87 -20.48 64.49
N HIS A 789 28.67 -20.05 64.91
CA HIS A 789 27.46 -20.22 64.08
C HIS A 789 27.57 -19.41 62.79
N ARG A 790 28.10 -18.20 62.87
CA ARG A 790 28.13 -17.30 61.68
C ARG A 790 29.52 -17.27 61.04
N LEU A 791 30.57 -17.27 61.84
CA LEU A 791 31.92 -17.09 61.25
C LEU A 791 32.23 -18.29 60.37
N ARG A 792 31.89 -19.51 60.86
CA ARG A 792 32.07 -20.78 60.14
C ARG A 792 31.21 -20.80 58.87
N ARG A 793 29.97 -20.27 58.96
CA ARG A 793 29.05 -20.14 57.82
C ARG A 793 29.64 -19.20 56.76
N LYS A 794 30.22 -18.04 57.19
CA LYS A 794 30.85 -17.06 56.29
C LYS A 794 32.07 -17.66 55.59
N PHE A 795 32.87 -18.45 56.30
CA PHE A 795 34.02 -19.11 55.64
C PHE A 795 33.49 -20.12 54.64
N ALA A 796 32.59 -20.99 55.08
CA ALA A 796 32.12 -22.05 54.17
C ALA A 796 31.43 -21.50 52.92
N LYS A 797 30.86 -20.29 53.01
CA LYS A 797 30.20 -19.71 51.85
C LYS A 797 31.20 -19.03 50.95
N PHE A 798 32.15 -18.27 51.54
CA PHE A 798 33.15 -17.56 50.76
C PHE A 798 34.11 -18.55 50.07
N TYR A 799 34.53 -19.59 50.78
CA TYR A 799 35.51 -20.52 50.24
C TYR A 799 34.87 -21.68 49.47
N SER A 800 33.53 -21.78 49.40
CA SER A 800 32.93 -22.77 48.51
C SER A 800 32.64 -22.23 47.12
N ALA A 801 32.77 -20.91 46.91
CA ALA A 801 32.53 -20.26 45.63
C ALA A 801 33.57 -20.65 44.56
N PRO A 802 33.12 -20.92 43.31
CA PRO A 802 34.07 -21.20 42.19
C PRO A 802 35.05 -20.09 41.84
N TYR A 803 34.65 -18.82 42.06
CA TYR A 803 35.48 -17.64 41.82
C TYR A 803 36.70 -17.62 42.72
N THR A 804 36.51 -17.96 44.00
CA THR A 804 37.58 -18.04 45.01
C THR A 804 38.58 -19.14 44.65
N ARG A 805 38.07 -20.29 44.17
CA ARG A 805 38.90 -21.41 43.71
C ARG A 805 39.70 -21.07 42.46
N PHE A 806 39.10 -20.30 41.52
CA PHE A 806 39.78 -19.81 40.32
C PHE A 806 40.91 -18.85 40.69
N ILE A 807 40.65 -17.96 41.66
CA ILE A 807 41.63 -16.99 42.15
C ILE A 807 42.79 -17.68 42.87
N SER A 808 42.48 -18.74 43.66
CA SER A 808 43.47 -19.56 44.36
C SER A 808 44.37 -20.33 43.39
N ASP A 809 43.77 -20.89 42.32
CA ASP A 809 44.52 -21.56 41.24
C ASP A 809 45.42 -20.60 40.47
N LEU A 810 44.94 -19.38 40.19
CA LEU A 810 45.72 -18.35 39.50
C LEU A 810 46.93 -18.01 40.35
N LEU A 811 46.70 -17.63 41.60
CA LEU A 811 47.79 -17.26 42.51
C LEU A 811 48.81 -18.37 42.66
N SER A 812 48.32 -19.62 42.78
CA SER A 812 49.16 -20.83 42.89
C SER A 812 50.02 -21.04 41.65
N HIS A 813 49.44 -20.86 40.46
CA HIS A 813 50.16 -21.03 39.20
C HIS A 813 51.16 -19.89 39.01
N PHE A 814 50.82 -18.66 39.47
CA PHE A 814 51.72 -17.51 39.44
C PHE A 814 52.94 -17.72 40.34
N VAL A 815 52.73 -18.29 41.52
CA VAL A 815 53.88 -18.59 42.42
C VAL A 815 54.69 -19.69 41.76
N LEU A 816 54.04 -20.71 41.24
CA LEU A 816 54.73 -21.80 40.54
C LEU A 816 55.65 -21.30 39.43
N CYS A 817 55.15 -20.35 38.61
CA CYS A 817 55.92 -19.69 37.55
C CYS A 817 57.11 -18.90 38.08
N VAL A 818 56.90 -18.09 39.14
CA VAL A 818 57.96 -17.26 39.76
C VAL A 818 59.04 -18.12 40.43
N VAL A 819 58.62 -19.14 41.22
CA VAL A 819 59.53 -20.05 41.95
C VAL A 819 60.33 -20.94 40.99
N THR A 820 59.66 -21.49 39.95
CA THR A 820 60.30 -22.31 38.93
C THR A 820 61.25 -21.50 38.06
N SER A 821 60.88 -20.23 37.75
CA SER A 821 61.71 -19.26 37.03
C SER A 821 62.99 -18.91 37.80
N TYR A 822 62.84 -18.71 39.12
CA TYR A 822 63.96 -18.49 40.04
C TYR A 822 64.88 -19.71 40.08
N PHE A 823 64.29 -20.92 40.13
CA PHE A 823 65.00 -22.20 40.18
C PHE A 823 65.85 -22.41 38.93
N VAL A 824 65.29 -22.09 37.75
CA VAL A 824 66.01 -22.25 36.49
C VAL A 824 67.12 -21.19 36.35
N LEU A 825 66.87 -19.94 36.82
CA LEU A 825 67.90 -18.88 36.75
C LEU A 825 69.07 -19.08 37.73
N ASP A 826 68.78 -19.46 38.97
CA ASP A 826 69.81 -19.72 39.99
C ASP A 826 70.53 -21.03 39.66
N LYS A 827 71.81 -21.10 40.06
CA LYS A 827 72.67 -22.25 39.78
C LYS A 827 72.23 -23.51 40.54
N LEU A 828 72.43 -24.64 39.89
CA LEU A 828 72.13 -25.92 40.50
C LEU A 828 73.23 -26.29 41.48
N GLU A 829 72.85 -26.94 42.57
CA GLU A 829 73.80 -27.39 43.56
C GLU A 829 74.25 -28.80 43.18
N ASP A 830 75.27 -29.29 43.91
CA ASP A 830 75.83 -30.63 43.70
C ASP A 830 74.93 -31.78 44.19
N THR A 831 73.86 -31.49 44.93
CA THR A 831 72.83 -32.43 45.36
C THR A 831 71.49 -31.82 45.00
N ILE A 832 70.42 -32.57 45.24
CA ILE A 832 69.06 -32.10 44.99
C ILE A 832 68.68 -31.10 46.07
N SER A 833 68.38 -29.87 45.65
CA SER A 833 68.11 -28.77 46.58
C SER A 833 66.68 -28.86 47.11
N ALA A 834 66.41 -28.04 48.14
CA ALA A 834 65.11 -27.95 48.81
C ALA A 834 63.99 -27.46 47.90
N ILE A 835 64.29 -26.45 47.06
CA ILE A 835 63.35 -25.87 46.08
C ILE A 835 62.98 -26.89 45.00
N GLU A 836 63.94 -27.76 44.62
CA GLU A 836 63.73 -28.88 43.69
C GLU A 836 62.75 -29.91 44.26
N TRP A 837 62.88 -30.22 45.57
CA TRP A 837 61.97 -31.13 46.26
C TRP A 837 60.55 -30.57 46.35
N ILE A 838 60.42 -29.25 46.63
CA ILE A 838 59.14 -28.52 46.69
C ILE A 838 58.44 -28.54 45.33
N LEU A 839 59.20 -28.30 44.24
CA LEU A 839 58.70 -28.36 42.87
C LEU A 839 58.32 -29.78 42.45
N LEU A 840 59.08 -30.80 42.94
CA LEU A 840 58.76 -32.21 42.70
C LEU A 840 57.42 -32.62 43.30
N VAL A 841 57.16 -32.21 44.57
CA VAL A 841 55.90 -32.44 45.29
C VAL A 841 54.73 -31.72 44.59
N TRP A 842 55.03 -30.51 44.08
CA TRP A 842 54.04 -29.64 43.39
C TRP A 842 53.63 -30.21 42.04
N PHE A 843 54.59 -30.74 41.29
CA PHE A 843 54.25 -31.34 39.99
C PHE A 843 53.66 -32.74 40.09
N VAL A 844 53.95 -33.49 41.16
CA VAL A 844 53.27 -34.81 41.35
C VAL A 844 51.81 -34.48 41.68
N ALA A 845 51.59 -33.49 42.55
CA ALA A 845 50.25 -33.02 42.90
C ALA A 845 49.47 -32.53 41.66
N LEU A 846 50.15 -31.80 40.76
CA LEU A 846 49.57 -31.35 39.49
C LEU A 846 49.22 -32.54 38.59
N LEU A 847 50.10 -33.55 38.55
CA LEU A 847 49.88 -34.79 37.78
C LEU A 847 48.68 -35.58 38.31
N LEU A 848 48.54 -35.66 39.65
CA LEU A 848 47.39 -36.30 40.31
C LEU A 848 46.09 -35.54 40.03
N GLU A 849 46.18 -34.20 40.00
CA GLU A 849 45.05 -33.34 39.65
C GLU A 849 44.63 -33.56 38.19
N GLU A 850 45.60 -33.74 37.28
CA GLU A 850 45.34 -34.07 35.87
C GLU A 850 44.66 -35.43 35.72
N LEU A 851 45.11 -36.43 36.51
CA LEU A 851 44.49 -37.76 36.55
C LEU A 851 43.06 -37.71 37.10
N ARG A 852 42.84 -36.89 38.15
CA ARG A 852 41.52 -36.68 38.76
C ARG A 852 40.53 -36.03 37.77
N GLN A 853 41.02 -35.12 36.94
CA GLN A 853 40.12 -34.45 35.96
C GLN A 853 39.92 -35.37 34.76
N MET A 854 40.90 -36.20 34.42
CA MET A 854 40.71 -37.22 33.38
C MET A 854 39.66 -38.28 33.74
N ILE A 855 39.70 -38.78 34.98
CA ILE A 855 38.73 -39.82 35.43
C ILE A 855 37.29 -39.28 35.53
N PHE A 856 37.08 -38.06 36.05
CA PHE A 856 35.72 -37.61 36.35
C PHE A 856 35.08 -36.79 35.23
N CYS A 857 35.75 -36.64 34.08
CA CYS A 857 35.16 -35.90 32.97
C CYS A 857 34.28 -36.80 32.11
N ASP A 858 33.76 -36.22 31.03
CA ASP A 858 32.95 -36.93 30.02
C ASP A 858 33.81 -37.53 28.90
N GLY A 859 34.83 -38.30 29.28
CA GLY A 859 35.72 -39.01 28.38
C GLY A 859 37.08 -38.35 28.14
N ILE A 860 38.01 -39.16 27.64
CA ILE A 860 39.39 -38.80 27.29
C ILE A 860 39.44 -37.76 26.18
N ALA A 861 38.51 -37.86 25.21
CA ALA A 861 38.36 -36.95 24.06
C ALA A 861 38.02 -35.51 24.46
N GLU A 862 37.11 -35.34 25.45
CA GLU A 862 36.74 -34.02 25.99
C GLU A 862 37.93 -33.35 26.66
N TYR A 863 38.73 -34.14 27.42
CA TYR A 863 39.94 -33.67 28.08
C TYR A 863 41.00 -33.26 27.06
N ILE A 864 41.26 -34.12 26.07
CA ILE A 864 42.32 -33.86 25.09
C ILE A 864 41.91 -32.80 24.05
N SER A 865 40.61 -32.45 23.94
CA SER A 865 40.14 -31.37 23.09
C SER A 865 40.66 -30.01 23.56
N ASP A 866 40.69 -29.80 24.88
CA ASP A 866 41.16 -28.56 25.50
C ASP A 866 42.65 -28.37 25.27
N THR A 867 43.06 -27.16 24.89
CA THR A 867 44.46 -26.86 24.61
C THR A 867 45.27 -26.75 25.91
N TRP A 868 44.62 -26.30 26.99
CA TRP A 868 45.25 -26.13 28.30
C TRP A 868 45.62 -27.44 29.00
N ASN A 869 44.82 -28.50 28.80
CA ASN A 869 45.16 -29.85 29.28
C ASN A 869 46.38 -30.43 28.57
N ARG A 870 46.49 -30.17 27.25
CA ARG A 870 47.65 -30.55 26.44
C ARG A 870 48.91 -29.84 26.92
N LEU A 871 48.76 -28.53 27.23
CA LEU A 871 49.84 -27.69 27.81
C LEU A 871 50.27 -28.21 29.18
N ASP A 872 49.30 -28.68 30.00
CA ASP A 872 49.54 -29.28 31.32
C ASP A 872 50.37 -30.56 31.21
N LEU A 873 50.05 -31.40 30.22
CA LEU A 873 50.78 -32.65 29.94
C LEU A 873 52.22 -32.35 29.50
N ILE A 874 52.41 -31.32 28.65
CA ILE A 874 53.73 -30.85 28.21
C ILE A 874 54.57 -30.33 29.40
N MET A 875 53.94 -29.56 30.33
CA MET A 875 54.53 -29.04 31.60
C MET A 875 55.09 -30.15 32.51
N ILE A 876 54.23 -31.15 32.81
CA ILE A 876 54.56 -32.28 33.68
C ILE A 876 55.67 -33.14 33.05
N THR A 877 55.56 -33.43 31.72
CA THR A 877 56.52 -34.22 30.95
C THR A 877 57.92 -33.58 30.88
N LEU A 878 57.98 -32.26 30.58
CA LEU A 878 59.23 -31.48 30.51
C LEU A 878 59.96 -31.40 31.85
N PHE A 879 59.19 -31.12 32.96
CA PHE A 879 59.76 -31.04 34.31
C PHE A 879 60.35 -32.39 34.75
N PHE A 880 59.62 -33.50 34.50
CA PHE A 880 60.10 -34.82 34.94
C PHE A 880 61.32 -35.30 34.15
N VAL A 881 61.36 -34.96 32.86
CA VAL A 881 62.55 -35.32 32.05
C VAL A 881 63.72 -34.54 32.62
N GLY A 882 63.60 -33.23 32.72
CA GLY A 882 64.67 -32.38 33.26
C GLY A 882 65.14 -32.77 34.65
N PHE A 883 64.18 -33.09 35.55
CA PHE A 883 64.46 -33.49 36.94
C PHE A 883 65.21 -34.82 37.00
N PHE A 884 64.79 -35.82 36.20
CA PHE A 884 65.48 -37.11 36.19
C PHE A 884 66.85 -37.00 35.52
N THR A 885 66.97 -36.11 34.50
CA THR A 885 68.26 -35.80 33.87
C THR A 885 69.25 -35.22 34.89
N HIS A 886 68.76 -34.30 35.75
CA HIS A 886 69.61 -33.76 36.83
C HIS A 886 69.87 -34.79 37.92
N ALA A 887 68.85 -35.57 38.30
CA ALA A 887 68.92 -36.48 39.43
C ALA A 887 69.71 -37.74 39.13
N SER A 888 69.90 -38.07 37.85
CA SER A 888 70.71 -39.22 37.42
C SER A 888 72.17 -39.07 37.84
N ASP A 889 72.72 -37.86 37.73
CA ASP A 889 74.09 -37.56 38.15
C ASP A 889 74.13 -36.13 38.66
N PRO A 890 73.77 -35.89 39.95
CA PRO A 890 73.69 -34.50 40.49
C PRO A 890 74.99 -33.72 40.56
N SER A 891 76.14 -34.39 40.66
CA SER A 891 77.42 -33.71 40.71
C SER A 891 78.01 -33.44 39.33
N ASN A 892 77.39 -33.98 38.28
CA ASN A 892 77.89 -33.79 36.93
C ASN A 892 77.46 -32.44 36.41
N GLN A 893 78.45 -31.65 35.95
CA GLN A 893 78.23 -30.29 35.43
C GLN A 893 77.42 -30.31 34.13
N ASP A 894 77.74 -31.29 33.26
CA ASP A 894 77.09 -31.50 31.95
C ASP A 894 75.61 -31.84 32.11
N SER A 895 75.28 -32.67 33.13
CA SER A 895 73.91 -33.04 33.49
C SER A 895 73.09 -31.83 33.92
N LYS A 896 73.71 -30.92 34.70
CA LYS A 896 73.09 -29.66 35.12
C LYS A 896 72.78 -28.75 33.92
N VAL A 897 73.73 -28.69 32.97
CA VAL A 897 73.60 -27.87 31.75
C VAL A 897 72.46 -28.40 30.84
N VAL A 898 72.40 -29.74 30.66
CA VAL A 898 71.35 -30.41 29.86
C VAL A 898 69.97 -30.27 30.54
N SER A 899 69.94 -30.39 31.89
CA SER A 899 68.73 -30.22 32.72
C SER A 899 68.15 -28.81 32.64
N LYS A 900 69.03 -27.79 32.69
CA LYS A 900 68.60 -26.40 32.52
C LYS A 900 68.14 -26.13 31.09
N GLY A 901 68.76 -26.82 30.11
CA GLY A 901 68.33 -26.76 28.71
C GLY A 901 66.92 -27.31 28.48
N ILE A 902 66.60 -28.41 29.16
CA ILE A 902 65.23 -28.97 29.11
C ILE A 902 64.25 -28.05 29.84
N HIS A 903 64.67 -27.51 31.00
CA HIS A 903 63.85 -26.64 31.84
C HIS A 903 63.61 -25.23 31.27
N ALA A 904 64.41 -24.83 30.26
CA ALA A 904 64.18 -23.63 29.46
C ALA A 904 62.85 -23.70 28.71
N PHE A 905 62.60 -24.82 28.04
CA PHE A 905 61.28 -25.09 27.44
C PHE A 905 60.15 -25.09 28.47
N LEU A 906 60.38 -25.67 29.67
CA LEU A 906 59.43 -25.74 30.81
C LEU A 906 58.92 -24.37 31.27
N VAL A 907 59.84 -23.39 31.44
CA VAL A 907 59.46 -22.03 31.91
C VAL A 907 58.59 -21.31 30.86
N VAL A 908 58.92 -21.47 29.56
CA VAL A 908 58.16 -20.92 28.43
C VAL A 908 56.73 -21.48 28.41
N VAL A 909 56.59 -22.80 28.54
CA VAL A 909 55.23 -23.43 28.56
C VAL A 909 54.47 -22.95 29.81
N LEU A 910 55.14 -22.84 30.95
CA LEU A 910 54.50 -22.41 32.21
C LEU A 910 53.93 -21.01 32.08
N TRP A 911 54.67 -20.07 31.52
CA TRP A 911 54.15 -18.71 31.31
C TRP A 911 53.06 -18.67 30.25
N LEU A 912 53.16 -19.53 29.20
CA LEU A 912 52.08 -19.71 28.21
C LEU A 912 50.80 -20.25 28.85
N ARG A 913 50.95 -21.26 29.74
CA ARG A 913 49.83 -21.83 30.50
C ARG A 913 49.17 -20.83 31.44
N PHE A 914 49.94 -19.82 31.95
CA PHE A 914 49.41 -18.71 32.77
C PHE A 914 48.39 -17.80 32.04
N MET A 915 48.35 -17.79 30.68
CA MET A 915 47.36 -17.02 29.92
C MET A 915 45.93 -17.54 30.02
N ARG A 916 45.71 -18.78 30.52
CA ARG A 916 44.39 -19.37 30.77
C ARG A 916 43.53 -18.53 31.73
N TYR A 917 44.15 -17.87 32.70
CA TYR A 917 43.48 -17.06 33.71
C TYR A 917 43.19 -15.65 33.23
N TYR A 918 43.66 -15.28 32.03
CA TYR A 918 43.27 -14.03 31.37
C TYR A 918 41.84 -14.07 30.84
N ALA A 919 41.29 -15.28 30.60
CA ALA A 919 39.97 -15.52 30.01
C ALA A 919 38.79 -15.01 30.85
N LEU A 920 38.98 -14.82 32.17
CA LEU A 920 37.94 -14.27 33.04
C LEU A 920 37.63 -12.82 32.70
N SER A 921 38.69 -12.07 32.34
CA SER A 921 38.61 -10.66 32.00
C SER A 921 37.84 -10.43 30.71
N LYS A 922 37.00 -9.39 30.70
CA LYS A 922 36.23 -9.02 29.51
C LYS A 922 37.08 -8.42 28.38
N ASN A 923 38.31 -8.04 28.68
CA ASN A 923 39.19 -7.47 27.64
C ASN A 923 40.15 -8.53 27.12
N LEU A 924 40.85 -9.23 28.01
CA LEU A 924 41.90 -10.15 27.57
C LEU A 924 41.35 -11.46 27.03
N GLY A 925 40.27 -12.01 27.57
CA GLY A 925 39.82 -13.34 27.09
C GLY A 925 39.38 -13.36 25.64
N PRO A 926 38.56 -12.40 25.18
CA PRO A 926 38.22 -12.35 23.77
C PRO A 926 39.47 -12.15 22.91
N LYS A 927 40.45 -11.36 23.38
CA LYS A 927 41.69 -11.09 22.60
C LYS A 927 42.50 -12.38 22.52
N LEU A 928 42.50 -13.17 23.60
CA LEU A 928 43.18 -14.49 23.57
C LEU A 928 42.52 -15.30 22.46
N ILE A 929 41.19 -15.35 22.46
CA ILE A 929 40.48 -16.15 21.41
C ILE A 929 40.83 -15.64 20.01
N MET A 930 40.92 -14.32 19.82
CA MET A 930 41.31 -13.76 18.51
C MET A 930 42.74 -14.17 18.14
N MET A 931 43.65 -14.18 19.09
CA MET A 931 45.05 -14.58 18.85
C MET A 931 45.10 -15.99 18.24
N MET A 932 44.38 -16.94 18.84
CA MET A 932 44.33 -18.34 18.32
C MET A 932 43.76 -18.35 16.90
N GLU A 933 42.78 -17.49 16.62
CA GLU A 933 42.23 -17.40 15.27
C GLU A 933 43.25 -16.81 14.28
N MET A 934 44.01 -15.77 14.68
CA MET A 934 45.06 -15.15 13.85
C MET A 934 46.28 -16.05 13.59
N MET A 935 46.46 -17.13 14.39
CA MET A 935 47.52 -18.15 14.19
C MET A 935 47.49 -18.81 12.81
N LYS A 936 46.29 -18.97 12.21
CA LYS A 936 46.13 -19.51 10.86
C LYS A 936 46.69 -18.56 9.81
N ASP A 937 46.43 -17.25 9.98
CA ASP A 937 47.01 -16.20 9.13
C ASP A 937 48.53 -16.14 9.26
N VAL A 938 49.03 -16.35 10.50
CA VAL A 938 50.47 -16.42 10.79
C VAL A 938 51.11 -17.61 10.06
N SER A 939 50.40 -18.76 10.07
CA SER A 939 50.81 -19.99 9.38
C SER A 939 50.83 -19.83 7.86
N THR A 940 49.81 -19.12 7.33
CA THR A 940 49.71 -18.75 5.90
C THR A 940 50.90 -17.88 5.47
N PHE A 941 51.25 -16.89 6.32
CA PHE A 941 52.41 -16.00 6.14
C PHE A 941 53.72 -16.78 6.15
N VAL A 942 53.83 -17.78 7.06
CA VAL A 942 55.01 -18.66 7.20
C VAL A 942 55.20 -19.51 5.93
N PHE A 943 54.08 -20.07 5.40
CA PHE A 943 54.10 -20.86 4.16
C PHE A 943 54.49 -20.03 2.93
N LEU A 944 53.95 -18.79 2.84
CA LEU A 944 54.37 -17.88 1.76
C LEU A 944 55.81 -17.40 1.93
N LEU A 945 56.23 -17.18 3.18
CA LEU A 945 57.55 -16.62 3.49
C LEU A 945 58.66 -17.63 3.29
N LEU A 946 58.31 -18.93 3.46
CA LEU A 946 59.22 -20.08 3.36
C LEU A 946 59.84 -20.21 1.98
N ILE A 947 59.04 -19.89 0.94
CA ILE A 947 59.43 -19.89 -0.48
C ILE A 947 60.58 -18.91 -0.75
N PHE A 948 60.38 -17.68 -0.31
CA PHE A 948 61.39 -16.63 -0.52
C PHE A 948 62.59 -16.90 0.38
N LEU A 949 62.40 -17.31 1.62
CA LEU A 949 63.48 -17.55 2.59
C LEU A 949 64.44 -18.66 2.13
N ILE A 950 63.89 -19.82 1.72
CA ILE A 950 64.69 -20.96 1.24
C ILE A 950 65.39 -20.62 -0.08
N GLY A 951 64.65 -19.99 -1.04
CA GLY A 951 65.19 -19.60 -2.36
C GLY A 951 66.36 -18.61 -2.27
N TYR A 952 66.13 -17.49 -1.54
CA TYR A 952 67.14 -16.47 -1.29
C TYR A 952 68.31 -17.02 -0.46
N GLY A 953 68.00 -17.87 0.54
CA GLY A 953 69.03 -18.44 1.42
C GLY A 953 70.00 -19.38 0.74
N VAL A 954 69.48 -20.29 -0.11
CA VAL A 954 70.31 -21.20 -0.93
C VAL A 954 71.15 -20.41 -1.93
N ALA A 955 70.51 -19.43 -2.63
CA ALA A 955 71.17 -18.56 -3.63
C ALA A 955 72.26 -17.69 -3.02
N ALA A 956 71.94 -17.04 -1.88
CA ALA A 956 72.85 -16.13 -1.18
C ALA A 956 74.02 -16.86 -0.52
N GLN A 957 73.74 -18.02 0.11
CA GLN A 957 74.77 -18.85 0.74
C GLN A 957 75.74 -19.43 -0.29
N SER A 958 75.22 -19.82 -1.47
CA SER A 958 76.06 -20.28 -2.57
C SER A 958 76.93 -19.17 -3.15
N LEU A 959 76.36 -17.95 -3.29
CA LEU A 959 77.14 -16.81 -3.81
C LEU A 959 78.20 -16.33 -2.83
N LEU A 960 77.93 -16.36 -1.51
CA LEU A 960 78.89 -15.86 -0.52
C LEU A 960 80.06 -16.81 -0.33
N SER A 961 79.81 -18.12 -0.30
CA SER A 961 80.89 -19.07 -0.09
C SER A 961 80.91 -20.17 -1.15
N PRO A 962 81.48 -19.92 -2.35
CA PRO A 962 81.48 -20.95 -3.37
C PRO A 962 82.70 -21.83 -3.15
N ASP A 963 82.72 -22.94 -3.92
CA ASP A 963 83.72 -24.02 -3.93
C ASP A 963 83.96 -24.61 -2.52
N GLU A 964 82.85 -24.88 -1.81
CA GLU A 964 82.90 -25.36 -0.44
C GLU A 964 82.03 -26.62 -0.33
N ASP A 965 82.52 -27.63 0.41
CA ASP A 965 81.74 -28.82 0.73
C ASP A 965 80.54 -28.52 1.60
N PHE A 966 79.44 -29.23 1.32
CA PHE A 966 78.20 -29.12 2.07
C PHE A 966 78.42 -29.66 3.48
N SER A 967 77.90 -28.94 4.47
CA SER A 967 78.00 -29.34 5.86
C SER A 967 76.78 -28.77 6.58
N SER A 968 76.74 -28.99 7.90
CA SER A 968 75.69 -28.43 8.74
C SER A 968 75.72 -26.90 8.81
N ARG A 969 76.93 -26.31 8.72
CA ARG A 969 77.16 -24.86 8.70
C ARG A 969 76.55 -24.18 7.48
N THR A 970 76.52 -24.90 6.33
CA THR A 970 75.87 -24.46 5.10
C THR A 970 74.35 -24.31 5.31
N PHE A 971 73.74 -25.29 5.99
CA PHE A 971 72.31 -25.29 6.32
C PHE A 971 71.94 -24.18 7.29
N ILE A 972 72.80 -23.97 8.32
CA ILE A 972 72.65 -22.88 9.30
C ILE A 972 72.82 -21.51 8.61
N GLY A 973 73.74 -21.43 7.63
CA GLY A 973 73.90 -20.22 6.83
C GLY A 973 72.72 -19.92 5.92
N VAL A 974 72.07 -20.98 5.39
CA VAL A 974 70.83 -20.86 4.62
C VAL A 974 69.69 -20.33 5.51
N LEU A 975 69.63 -20.80 6.77
CA LEU A 975 68.48 -20.45 7.59
C LEU A 975 68.65 -19.20 8.46
N PHE A 976 69.88 -18.84 8.89
CA PHE A 976 70.08 -17.89 9.98
C PHE A 976 69.82 -16.45 9.56
N ARG A 977 70.64 -15.89 8.68
CA ARG A 977 70.48 -14.47 8.32
C ARG A 977 69.17 -14.23 7.56
N PRO A 978 68.78 -15.00 6.51
CA PRO A 978 67.52 -14.73 5.82
C PRO A 978 66.29 -14.50 6.69
N TYR A 979 66.07 -15.30 7.71
CA TYR A 979 64.95 -15.20 8.65
C TYR A 979 65.06 -13.92 9.47
N PHE A 980 66.25 -13.61 10.01
CA PHE A 980 66.36 -12.42 10.85
C PHE A 980 66.46 -11.11 10.05
N GLN A 981 66.65 -11.17 8.72
CA GLN A 981 66.67 -9.93 7.92
C GLN A 981 65.28 -9.37 7.65
N ILE A 982 64.21 -10.16 7.82
CA ILE A 982 62.85 -9.61 7.65
C ILE A 982 62.37 -8.78 8.83
N TYR A 983 63.08 -8.78 9.95
CA TYR A 983 62.74 -7.99 11.12
C TYR A 983 63.54 -6.70 11.17
N GLY A 984 64.20 -6.35 10.08
CA GLY A 984 64.93 -5.11 9.97
C GLY A 984 66.38 -5.17 10.35
N GLU A 985 66.84 -6.25 10.97
CA GLU A 985 68.26 -6.38 11.30
C GLU A 985 69.04 -6.88 10.09
N LEU A 986 69.72 -5.95 9.42
CA LEU A 986 70.40 -6.28 8.18
C LEU A 986 71.81 -6.65 8.61
N PHE A 987 72.31 -7.76 8.09
CA PHE A 987 73.67 -8.26 8.32
C PHE A 987 74.67 -7.79 7.27
N LEU A 988 74.46 -6.58 6.70
CA LEU A 988 75.26 -6.01 5.59
C LEU A 988 76.73 -5.80 5.91
N ASP A 989 77.05 -5.36 7.13
CA ASP A 989 78.46 -5.31 7.57
C ASP A 989 79.06 -6.71 7.64
N ASP A 990 78.31 -7.66 8.22
CA ASP A 990 78.72 -9.07 8.32
C ASP A 990 78.78 -9.74 6.94
N LEU A 991 77.87 -9.41 6.04
CA LEU A 991 77.82 -10.00 4.68
C LEU A 991 78.96 -9.39 3.88
N ASN A 992 79.24 -8.12 4.11
CA ASN A 992 80.36 -7.44 3.47
C ASN A 992 81.69 -8.05 3.90
N SER A 993 81.81 -8.39 5.20
CA SER A 993 83.00 -9.06 5.73
C SER A 993 83.17 -10.46 5.14
N GLU A 994 82.07 -11.23 5.04
CA GLU A 994 82.12 -12.58 4.46
C GLU A 994 82.40 -12.57 2.95
N ALA A 995 81.98 -11.53 2.23
CA ALA A 995 82.21 -11.42 0.79
C ALA A 995 83.65 -11.12 0.36
N ASN A 996 84.55 -10.77 1.30
CA ASN A 996 85.98 -10.41 1.10
C ASN A 996 86.16 -9.23 0.15
N CYS A 997 85.30 -8.23 0.27
CA CYS A 997 85.38 -7.00 -0.50
C CYS A 997 86.06 -5.92 0.32
N LEU A 998 87.17 -5.39 -0.20
CA LEU A 998 88.04 -4.49 0.55
C LEU A 998 87.85 -3.01 0.26
N GLY A 999 86.92 -2.65 -0.64
CA GLY A 999 86.71 -1.25 -1.00
C GLY A 999 85.99 -0.45 0.08
N ASP A 1000 86.18 0.88 0.01
CA ASP A 1000 85.47 1.82 0.88
C ASP A 1000 83.97 1.76 0.62
N THR A 1001 83.58 1.71 -0.64
CA THR A 1001 82.21 1.41 -1.02
C THR A 1001 82.09 -0.09 -0.72
N PRO A 1002 81.01 -0.57 0.00
CA PRO A 1002 80.93 -1.98 0.44
C PRO A 1002 80.99 -3.17 -0.52
N PHE A 1003 80.10 -3.37 -1.47
CA PHE A 1003 80.18 -4.53 -2.38
C PHE A 1003 80.91 -4.20 -3.69
N THR A 1004 82.05 -3.51 -3.58
CA THR A 1004 82.97 -3.22 -4.67
C THR A 1004 84.37 -3.65 -4.26
N GLU A 1005 85.19 -3.89 -5.30
CA GLU A 1005 86.59 -4.38 -5.28
C GLU A 1005 86.72 -5.72 -4.57
N CYS A 1006 85.90 -6.67 -5.02
CA CYS A 1006 85.83 -8.03 -4.52
C CYS A 1006 86.67 -8.96 -5.41
N SER A 1007 87.05 -10.10 -4.81
CA SER A 1007 87.82 -11.13 -5.50
C SER A 1007 87.05 -11.77 -6.66
N ARG A 1008 85.75 -12.03 -6.44
CA ARG A 1008 84.87 -12.61 -7.44
C ARG A 1008 83.77 -11.61 -7.77
N GLU A 1009 83.42 -11.50 -9.05
CA GLU A 1009 82.38 -10.57 -9.47
C GLU A 1009 80.97 -11.08 -9.17
N THR A 1010 80.79 -12.38 -8.95
CA THR A 1010 79.48 -12.96 -8.68
C THR A 1010 78.91 -12.57 -7.32
N VAL A 1011 79.76 -12.40 -6.30
CA VAL A 1011 79.33 -12.08 -4.93
C VAL A 1011 78.74 -10.66 -4.79
N ARG A 1012 79.03 -9.75 -5.76
CA ARG A 1012 78.45 -8.39 -5.85
C ARG A 1012 76.94 -8.38 -6.12
N MET A 1013 76.34 -9.49 -6.57
CA MET A 1013 74.91 -9.70 -6.71
C MET A 1013 74.22 -9.99 -5.38
N VAL A 1014 74.95 -10.22 -4.30
CA VAL A 1014 74.30 -10.45 -2.97
C VAL A 1014 73.40 -9.28 -2.58
N PRO A 1015 73.83 -8.00 -2.54
CA PRO A 1015 72.92 -6.91 -2.14
C PRO A 1015 71.66 -6.76 -3.00
N PHE A 1016 71.68 -7.18 -4.24
CA PHE A 1016 70.59 -7.17 -5.25
C PHE A 1016 69.50 -8.20 -4.97
N PHE A 1017 69.92 -9.49 -4.78
CA PHE A 1017 69.08 -10.62 -4.32
C PHE A 1017 68.34 -10.26 -3.05
N LEU A 1018 69.12 -9.69 -2.08
CA LEU A 1018 68.64 -9.18 -0.79
C LEU A 1018 67.62 -8.08 -1.02
N ALA A 1019 67.93 -7.18 -2.00
CA ALA A 1019 67.08 -6.07 -2.44
C ALA A 1019 65.73 -6.55 -2.95
N VAL A 1020 65.73 -7.68 -3.66
CA VAL A 1020 64.47 -8.26 -4.10
C VAL A 1020 63.73 -8.87 -2.91
N TYR A 1021 64.49 -9.62 -2.06
CA TYR A 1021 64.01 -10.49 -0.97
C TYR A 1021 63.23 -9.74 0.11
N ILE A 1022 63.83 -8.66 0.67
CA ILE A 1022 63.16 -7.86 1.69
C ILE A 1022 62.00 -7.04 1.11
N LEU A 1023 62.02 -6.77 -0.23
CA LEU A 1023 60.90 -6.21 -0.99
C LEU A 1023 59.79 -7.24 -1.04
N GLY A 1024 60.18 -8.50 -1.22
CA GLY A 1024 59.21 -9.57 -1.16
C GLY A 1024 58.71 -9.76 0.26
N SER A 1025 59.59 -9.69 1.28
CA SER A 1025 59.14 -10.06 2.62
C SER A 1025 58.52 -8.92 3.43
N ASN A 1026 59.17 -7.76 3.49
CA ASN A 1026 58.71 -6.67 4.35
C ASN A 1026 57.69 -5.79 3.66
N VAL A 1027 57.97 -5.39 2.42
CA VAL A 1027 57.09 -4.52 1.66
C VAL A 1027 55.82 -5.26 1.24
N LEU A 1028 55.96 -6.51 0.78
CA LEU A 1028 54.82 -7.20 0.22
C LEU A 1028 54.10 -8.09 1.25
N LEU A 1029 54.82 -9.05 1.86
CA LEU A 1029 54.19 -10.09 2.68
C LEU A 1029 53.69 -9.60 4.05
N VAL A 1030 54.49 -8.73 4.73
CA VAL A 1030 54.16 -8.19 6.05
C VAL A 1030 52.92 -7.29 5.98
N ASN A 1031 52.83 -6.45 4.95
CA ASN A 1031 51.70 -5.54 4.74
C ASN A 1031 50.42 -6.31 4.35
N LEU A 1032 50.60 -7.40 3.58
CA LEU A 1032 49.54 -8.36 3.25
C LEU A 1032 49.01 -9.05 4.49
N LEU A 1033 49.92 -9.40 5.43
CA LEU A 1033 49.59 -10.00 6.73
C LEU A 1033 48.76 -9.03 7.59
N ILE A 1034 49.11 -7.72 7.55
CA ILE A 1034 48.38 -6.64 8.23
C ILE A 1034 46.93 -6.55 7.70
N ALA A 1035 46.78 -6.65 6.35
CA ALA A 1035 45.48 -6.66 5.68
C ALA A 1035 44.62 -7.89 6.05
N MET A 1036 45.26 -9.08 6.10
CA MET A 1036 44.60 -10.33 6.52
C MET A 1036 44.17 -10.29 7.98
N PHE A 1037 45.00 -9.71 8.85
CA PHE A 1037 44.70 -9.52 10.28
C PHE A 1037 43.51 -8.59 10.50
N ASN A 1038 43.46 -7.46 9.76
CA ASN A 1038 42.36 -6.50 9.87
C ASN A 1038 41.02 -7.07 9.41
N ASP A 1039 41.06 -7.80 8.27
CA ASP A 1039 39.89 -8.46 7.69
C ASP A 1039 39.37 -9.58 8.59
N THR A 1040 40.32 -10.41 9.10
CA THR A 1040 40.05 -11.54 9.98
C THR A 1040 39.43 -11.08 11.29
N TYR A 1041 39.97 -9.96 11.86
CA TYR A 1041 39.51 -9.32 13.11
C TYR A 1041 38.05 -8.86 12.99
N MET A 1042 37.74 -8.11 11.90
CA MET A 1042 36.38 -7.65 11.60
C MET A 1042 35.41 -8.81 11.37
N LYS A 1043 35.90 -9.93 10.80
CA LYS A 1043 35.04 -11.09 10.53
C LYS A 1043 34.69 -11.85 11.80
N VAL A 1044 35.65 -12.05 12.73
CA VAL A 1044 35.44 -13.06 13.78
C VAL A 1044 35.39 -12.45 15.20
N GLN A 1045 35.26 -11.10 15.32
CA GLN A 1045 35.13 -10.42 16.62
C GLN A 1045 33.87 -10.82 17.42
N GLU A 1046 32.71 -10.91 16.75
CA GLU A 1046 31.44 -11.29 17.39
C GLU A 1046 31.44 -12.78 17.79
N ALA A 1047 32.03 -13.61 16.92
CA ALA A 1047 32.24 -15.04 17.17
C ALA A 1047 33.18 -15.28 18.34
N ALA A 1048 34.23 -14.43 18.47
CA ALA A 1048 35.14 -14.47 19.60
C ALA A 1048 34.44 -14.13 20.92
N GLU A 1049 33.53 -13.13 20.89
CA GLU A 1049 32.71 -12.77 22.06
C GLU A 1049 31.78 -13.92 22.47
N ASP A 1050 31.15 -14.58 21.47
CA ASP A 1050 30.28 -15.75 21.67
C ASP A 1050 31.05 -16.94 22.24
N LEU A 1051 32.26 -17.17 21.69
CA LEU A 1051 33.17 -18.23 22.13
C LEU A 1051 33.67 -17.97 23.55
N TRP A 1052 33.90 -16.70 23.90
CA TRP A 1052 34.27 -16.29 25.27
C TRP A 1052 33.15 -16.55 26.25
N ARG A 1053 31.90 -16.28 25.82
CA ARG A 1053 30.73 -16.58 26.64
C ARG A 1053 30.52 -18.08 26.84
N LYS A 1054 30.87 -18.91 25.85
CA LYS A 1054 30.82 -20.36 26.06
C LYS A 1054 31.95 -20.84 27.00
N GLN A 1055 33.19 -20.31 26.82
CA GLN A 1055 34.33 -20.60 27.69
C GLN A 1055 34.19 -20.10 29.14
N ASN A 1056 33.35 -19.07 29.34
CA ASN A 1056 32.95 -18.59 30.66
C ASN A 1056 32.25 -19.70 31.44
N TYR A 1057 31.28 -20.37 30.77
CA TYR A 1057 30.58 -21.52 31.33
C TYR A 1057 31.54 -22.70 31.57
N GLU A 1058 32.46 -22.95 30.61
CA GLU A 1058 33.45 -24.05 30.68
C GLU A 1058 34.36 -23.91 31.89
N LEU A 1059 34.84 -22.68 32.13
CA LEU A 1059 35.68 -22.38 33.29
C LEU A 1059 34.86 -22.47 34.58
N CYS A 1060 33.60 -21.98 34.57
CA CYS A 1060 32.68 -22.08 35.73
C CYS A 1060 32.33 -23.52 36.12
N ALA A 1061 32.04 -24.36 35.11
CA ALA A 1061 31.75 -25.79 35.30
C ALA A 1061 32.96 -26.57 35.81
N GLU A 1062 34.16 -26.27 35.25
CA GLU A 1062 35.39 -26.94 35.67
C GLU A 1062 35.75 -26.58 37.12
N TYR A 1063 35.63 -25.29 37.50
CA TYR A 1063 36.01 -24.88 38.85
C TYR A 1063 34.91 -25.08 39.88
N LYS A 1064 33.68 -25.45 39.48
CA LYS A 1064 32.71 -25.97 40.47
C LYS A 1064 33.17 -27.29 41.09
N ASP A 1065 33.69 -28.23 40.30
CA ASP A 1065 34.02 -29.55 40.80
C ASP A 1065 35.44 -29.69 41.36
N ARG A 1066 36.30 -28.72 41.08
CA ARG A 1066 37.69 -28.76 41.53
C ARG A 1066 37.78 -28.49 43.03
N PRO A 1067 38.64 -29.22 43.79
CA PRO A 1067 38.88 -28.90 45.22
C PRO A 1067 39.45 -27.50 45.41
N PHE A 1068 39.11 -26.90 46.56
CA PHE A 1068 39.48 -25.52 46.90
C PHE A 1068 40.98 -25.31 47.06
N LEU A 1069 41.69 -26.27 47.70
CA LEU A 1069 43.10 -26.14 48.11
C LEU A 1069 44.05 -25.99 46.92
N PRO A 1070 44.98 -25.01 46.96
CA PRO A 1070 45.93 -24.80 45.85
C PRO A 1070 46.92 -25.96 45.68
N ALA A 1071 47.72 -25.85 44.59
CA ALA A 1071 48.58 -26.92 44.06
C ALA A 1071 49.64 -27.53 45.00
N PRO A 1072 50.48 -26.79 45.80
CA PRO A 1072 51.36 -27.51 46.76
C PRO A 1072 50.59 -28.29 47.83
N PHE A 1073 49.42 -27.78 48.24
CA PHE A 1073 48.57 -28.35 49.27
C PHE A 1073 47.37 -29.15 48.75
N ILE A 1074 47.18 -29.30 47.42
CA ILE A 1074 46.06 -30.08 46.84
C ILE A 1074 46.20 -31.62 47.07
N LEU A 1075 47.39 -32.11 47.50
CA LEU A 1075 47.65 -33.51 47.87
C LEU A 1075 46.80 -33.94 49.06
N LEU A 1076 46.59 -33.03 50.03
CA LEU A 1076 45.73 -33.26 51.19
C LEU A 1076 44.27 -33.47 50.77
N ALA A 1077 43.80 -32.66 49.81
CA ALA A 1077 42.48 -32.79 49.22
C ALA A 1077 42.33 -34.09 48.45
N HIS A 1078 43.39 -34.49 47.71
CA HIS A 1078 43.43 -35.74 46.94
C HIS A 1078 43.35 -36.98 47.83
N VAL A 1079 44.15 -36.99 48.92
CA VAL A 1079 44.12 -38.12 49.87
C VAL A 1079 42.83 -38.13 50.67
N HIS A 1080 42.23 -36.93 50.92
CA HIS A 1080 40.92 -36.84 51.59
C HIS A 1080 39.81 -37.43 50.73
N MET A 1081 39.80 -37.14 49.41
CA MET A 1081 38.83 -37.73 48.47
C MET A 1081 39.05 -39.23 48.28
N LEU A 1082 40.33 -39.66 48.23
CA LEU A 1082 40.69 -41.07 48.16
C LEU A 1082 40.25 -41.82 49.42
N PHE A 1083 40.39 -41.15 50.59
CA PHE A 1083 39.93 -41.68 51.87
C PHE A 1083 38.41 -41.84 51.90
N MET A 1084 37.67 -40.83 51.36
CA MET A 1084 36.20 -40.90 51.24
C MET A 1084 35.75 -42.02 50.29
N ARG A 1085 36.46 -42.18 49.17
CA ARG A 1085 36.21 -43.25 48.18
C ARG A 1085 36.46 -44.63 48.79
N LEU A 1086 37.54 -44.76 49.60
CA LEU A 1086 37.84 -45.99 50.32
C LEU A 1086 36.79 -46.31 51.38
N LEU A 1087 36.31 -45.28 52.12
CA LEU A 1087 35.25 -45.49 53.11
C LEU A 1087 33.90 -45.80 52.46
N ARG A 1088 33.65 -45.35 51.23
CA ARG A 1088 32.39 -45.65 50.56
C ARG A 1088 32.38 -46.98 49.83
N LEU A 1089 33.50 -47.36 49.18
CA LEU A 1089 33.51 -48.58 48.39
C LEU A 1089 33.66 -49.85 49.24
N CYS A 1090 34.65 -49.92 50.12
CA CYS A 1090 34.86 -51.13 50.92
C CYS A 1090 34.09 -51.13 52.24
N GLY A 1091 34.32 -50.13 53.08
CA GLY A 1091 33.65 -50.03 54.38
C GLY A 1091 32.14 -49.80 54.33
N VAL A 1092 31.69 -48.92 53.39
CA VAL A 1092 30.34 -48.41 53.11
C VAL A 1092 29.73 -47.84 54.38
N HIS A 1093 30.52 -47.05 55.11
CA HIS A 1093 30.12 -46.40 56.35
C HIS A 1093 29.76 -44.94 56.15
N THR A 1094 29.79 -44.44 54.92
CA THR A 1094 29.47 -43.04 54.65
C THR A 1094 28.12 -42.91 53.97
N GLN A 1095 27.25 -42.08 54.56
CA GLN A 1095 25.93 -41.85 54.02
C GLN A 1095 25.95 -40.55 53.23
N GLU A 1096 25.23 -40.53 52.10
CA GLU A 1096 25.19 -39.35 51.25
C GLU A 1096 23.79 -38.75 51.30
N HIS A 1097 23.73 -37.43 51.35
CA HIS A 1097 22.48 -36.70 51.40
C HIS A 1097 22.40 -35.69 50.26
N GLU A 1098 21.21 -35.54 49.71
CA GLU A 1098 20.95 -34.63 48.61
C GLU A 1098 19.55 -34.07 48.77
N LYS A 1099 19.18 -33.17 47.86
CA LYS A 1099 17.86 -32.54 47.89
C LYS A 1099 17.12 -32.80 46.60
N ILE A 1100 15.83 -33.14 46.71
CA ILE A 1100 14.99 -33.42 45.55
C ILE A 1100 13.91 -32.34 45.51
N GLN A 1101 13.73 -31.74 44.33
CA GLN A 1101 12.73 -30.70 44.11
C GLN A 1101 11.31 -31.23 44.24
N ASP A 1102 10.43 -30.44 44.87
CA ASP A 1102 9.03 -30.79 45.03
C ASP A 1102 8.27 -30.73 43.71
N ASP A 1103 7.16 -31.49 43.64
CA ASP A 1103 6.28 -31.53 42.47
C ASP A 1103 5.57 -30.20 42.21
N GLU A 1104 5.29 -29.45 43.29
CA GLU A 1104 4.61 -28.14 43.25
C GLU A 1104 5.44 -27.08 42.52
N THR A 1105 6.73 -26.96 42.88
CA THR A 1105 7.65 -26.02 42.25
C THR A 1105 7.97 -26.43 40.82
N LYS A 1106 7.97 -27.75 40.54
CA LYS A 1106 8.15 -28.33 39.21
C LYS A 1106 6.99 -27.99 38.27
N ARG A 1107 5.75 -28.14 38.77
CA ARG A 1107 4.55 -27.79 38.02
C ARG A 1107 4.42 -26.27 37.84
N LYS A 1108 4.93 -25.49 38.82
CA LYS A 1108 5.03 -24.02 38.72
C LYS A 1108 5.97 -23.56 37.60
N ILE A 1109 7.16 -24.19 37.52
CA ILE A 1109 8.16 -23.95 36.46
C ILE A 1109 7.61 -24.35 35.08
N THR A 1110 6.90 -25.50 35.03
CA THR A 1110 6.26 -26.03 33.81
C THR A 1110 5.15 -25.08 33.28
N THR A 1111 4.31 -24.57 34.20
CA THR A 1111 3.23 -23.62 33.92
C THR A 1111 3.79 -22.28 33.41
N PHE A 1112 4.88 -21.81 34.07
CA PHE A 1112 5.62 -20.59 33.72
C PHE A 1112 6.21 -20.67 32.32
N GLU A 1113 6.83 -21.83 32.00
CA GLU A 1113 7.48 -22.08 30.71
C GLU A 1113 6.46 -22.15 29.57
N GLU A 1114 5.30 -22.80 29.81
CA GLU A 1114 4.21 -22.88 28.82
C GLU A 1114 3.58 -21.52 28.54
N LEU A 1115 3.34 -20.73 29.61
CA LEU A 1115 2.79 -19.39 29.53
C LEU A 1115 3.71 -18.45 28.75
N ASN A 1116 5.02 -18.53 29.03
CA ASN A 1116 6.02 -17.74 28.32
C ASN A 1116 6.23 -18.19 26.88
N THR A 1117 6.04 -19.50 26.60
CA THR A 1117 6.07 -20.04 25.23
C THR A 1117 4.95 -19.45 24.39
N ASP A 1118 3.71 -19.42 24.96
CA ASP A 1118 2.54 -18.80 24.31
C ASP A 1118 2.73 -17.29 24.12
N LYS A 1119 3.29 -16.61 25.15
CA LYS A 1119 3.58 -15.17 25.08
C LYS A 1119 4.61 -14.80 24.02
N PHE A 1120 5.72 -15.58 23.91
CA PHE A 1120 6.73 -15.32 22.87
C PHE A 1120 6.19 -15.57 21.47
N LEU A 1121 5.42 -16.67 21.28
CA LEU A 1121 4.82 -16.97 19.97
C LEU A 1121 3.76 -15.96 19.55
N ARG A 1122 2.92 -15.51 20.51
CA ARG A 1122 1.93 -14.45 20.27
C ARG A 1122 2.62 -13.13 19.92
N ARG A 1123 3.70 -12.78 20.66
CA ARG A 1123 4.50 -11.58 20.44
C ARG A 1123 5.22 -11.64 19.08
N TRP A 1124 5.74 -12.83 18.73
CA TRP A 1124 6.44 -13.12 17.48
C TRP A 1124 5.53 -12.98 16.26
N GLU A 1125 4.29 -13.52 16.36
CA GLU A 1125 3.28 -13.35 15.32
C GLU A 1125 2.87 -11.90 15.16
N ARG A 1126 2.68 -11.19 16.29
CA ARG A 1126 2.32 -9.76 16.30
C ARG A 1126 3.43 -8.89 15.69
N GLU A 1127 4.70 -9.19 16.02
CA GLU A 1127 5.89 -8.52 15.48
C GLU A 1127 6.05 -8.79 13.99
N ARG A 1128 5.77 -10.04 13.55
CA ARG A 1128 5.89 -10.38 12.14
C ARG A 1128 4.78 -9.71 11.32
N GLN A 1129 3.60 -9.50 11.92
CA GLN A 1129 2.54 -8.74 11.23
C GLN A 1129 2.80 -7.23 11.17
N GLU A 1130 3.73 -6.69 11.97
CA GLU A 1130 4.04 -5.27 11.92
C GLU A 1130 5.19 -4.97 10.97
N MET A 1131 5.75 -6.01 10.33
CA MET A 1131 6.78 -5.84 9.32
C MET A 1131 6.17 -5.23 8.06
N LEU A 1132 7.02 -4.51 7.32
CA LEU A 1132 6.62 -3.79 6.10
C LEU A 1132 6.15 -4.70 4.97
N GLU A 1133 6.86 -5.82 4.74
CA GLU A 1133 6.53 -6.81 3.69
C GLU A 1133 5.18 -7.49 3.93
N ALA A 1134 4.93 -7.91 5.18
CA ALA A 1134 3.68 -8.56 5.59
C ALA A 1134 2.49 -7.63 5.49
N ARG A 1135 2.68 -6.36 5.92
CA ARG A 1135 1.62 -5.34 5.85
C ARG A 1135 1.26 -4.98 4.43
N VAL A 1136 2.27 -4.88 3.53
CA VAL A 1136 2.05 -4.60 2.10
C VAL A 1136 1.33 -5.77 1.42
N LYS A 1137 1.75 -7.02 1.74
CA LYS A 1137 1.10 -8.25 1.25
C LYS A 1137 -0.35 -8.41 1.72
N MET A 1138 -0.61 -8.16 3.01
CA MET A 1138 -1.95 -8.22 3.62
C MET A 1138 -2.87 -7.14 3.04
N THR A 1139 -2.31 -5.92 2.83
CA THR A 1139 -3.00 -4.78 2.23
C THR A 1139 -3.40 -5.09 0.78
N ASN A 1140 -2.49 -5.78 0.05
CA ASN A 1140 -2.67 -6.22 -1.33
C ASN A 1140 -3.81 -7.23 -1.46
N ASP A 1141 -3.81 -8.26 -0.58
CA ASP A 1141 -4.87 -9.29 -0.53
C ASP A 1141 -6.24 -8.69 -0.18
N ASN A 1142 -6.24 -7.70 0.75
CA ASN A 1142 -7.45 -6.99 1.15
C ASN A 1142 -8.04 -6.18 -0.02
N VAL A 1143 -7.16 -5.53 -0.81
CA VAL A 1143 -7.58 -4.75 -1.99
C VAL A 1143 -8.13 -5.67 -3.10
N VAL A 1144 -7.53 -6.87 -3.26
CA VAL A 1144 -8.01 -7.92 -4.20
C VAL A 1144 -9.41 -8.44 -3.82
N GLN A 1145 -9.60 -8.75 -2.52
CA GLN A 1145 -10.90 -9.16 -1.96
C GLN A 1145 -11.96 -8.06 -2.06
N ALA A 1146 -11.51 -6.79 -1.90
CA ALA A 1146 -12.35 -5.60 -2.08
C ALA A 1146 -12.85 -5.46 -3.51
N MET A 1147 -11.97 -5.69 -4.52
CA MET A 1147 -12.34 -5.72 -5.95
C MET A 1147 -13.35 -6.82 -6.29
N GLY A 1148 -13.18 -8.02 -5.70
CA GLY A 1148 -14.14 -9.12 -5.84
C GLY A 1148 -15.54 -8.74 -5.35
N MET A 1149 -15.57 -8.08 -4.18
CA MET A 1149 -16.83 -7.58 -3.61
C MET A 1149 -17.43 -6.45 -4.47
N MET A 1150 -16.58 -5.66 -5.13
CA MET A 1150 -17.07 -4.59 -6.05
C MET A 1150 -17.71 -5.25 -7.27
N ASP A 1151 -17.11 -6.33 -7.78
CA ASP A 1151 -17.68 -7.09 -8.90
C ASP A 1151 -19.11 -7.54 -8.56
N GLN A 1152 -19.30 -8.04 -7.31
CA GLN A 1152 -20.62 -8.41 -6.78
C GLN A 1152 -21.57 -7.20 -6.73
N LEU A 1153 -21.06 -6.04 -6.27
CA LEU A 1153 -21.81 -4.76 -6.20
C LEU A 1153 -22.26 -4.28 -7.57
N LEU A 1154 -21.36 -4.38 -8.58
CA LEU A 1154 -21.62 -3.96 -9.96
C LEU A 1154 -22.66 -4.87 -10.62
N GLU A 1155 -22.61 -6.18 -10.27
CA GLU A 1155 -23.61 -7.18 -10.68
C GLU A 1155 -25.00 -6.80 -10.14
N HIS A 1156 -25.01 -6.31 -8.90
CA HIS A 1156 -26.29 -5.95 -8.25
C HIS A 1156 -26.83 -4.67 -8.87
N MET A 1157 -25.97 -3.76 -9.32
CA MET A 1157 -26.55 -2.55 -9.96
C MET A 1157 -27.09 -2.89 -11.36
N ILE A 1158 -26.39 -3.76 -12.10
CA ILE A 1158 -26.91 -4.18 -13.41
C ILE A 1158 -28.27 -4.89 -13.24
N SER A 1159 -28.39 -5.68 -12.14
CA SER A 1159 -29.64 -6.36 -11.75
C SER A 1159 -30.78 -5.39 -11.41
N PHE A 1160 -30.48 -4.30 -10.71
CA PHE A 1160 -31.56 -3.33 -10.34
C PHE A 1160 -31.94 -2.57 -11.61
N ARG A 1161 -30.94 -2.16 -12.38
CA ARG A 1161 -31.21 -1.41 -13.61
C ARG A 1161 -32.13 -2.16 -14.55
N PHE A 1162 -31.87 -3.49 -14.73
CA PHE A 1162 -32.71 -4.38 -15.54
C PHE A 1162 -34.11 -4.53 -14.91
N SER A 1163 -34.16 -4.72 -13.56
CA SER A 1163 -35.42 -4.89 -12.83
C SER A 1163 -36.30 -3.65 -12.86
N LEU A 1164 -35.71 -2.45 -12.68
CA LEU A 1164 -36.45 -1.19 -12.75
C LEU A 1164 -36.89 -0.88 -14.17
N ASP A 1165 -36.04 -1.23 -15.16
CA ASP A 1165 -36.31 -1.08 -16.58
C ASP A 1165 -37.47 -1.96 -17.03
N GLN A 1166 -37.50 -3.23 -16.58
CA GLN A 1166 -38.64 -4.08 -16.91
C GLN A 1166 -39.85 -3.75 -16.04
N GLN A 1167 -39.65 -3.04 -14.89
CA GLN A 1167 -40.81 -2.61 -14.11
C GLN A 1167 -41.50 -1.40 -14.74
N ALA A 1168 -40.84 -0.81 -15.73
CA ALA A 1168 -41.39 0.38 -16.41
C ALA A 1168 -42.16 0.01 -17.68
N THR A 1169 -41.45 -0.33 -18.76
CA THR A 1169 -42.12 -0.61 -20.05
C THR A 1169 -42.62 -2.06 -20.09
N LYS A 1170 -43.34 -2.48 -19.05
CA LYS A 1170 -43.88 -3.86 -18.96
C LYS A 1170 -44.92 -4.08 -20.06
N ILE A 1171 -45.77 -3.07 -20.30
CA ILE A 1171 -46.86 -3.22 -21.32
C ILE A 1171 -47.34 -1.83 -21.73
N PRO A 1196 -58.55 -8.48 -27.78
CA PRO A 1196 -59.06 -8.89 -29.10
C PRO A 1196 -59.42 -7.70 -29.99
N ILE A 1197 -59.56 -6.53 -29.37
CA ILE A 1197 -59.84 -5.29 -30.11
C ILE A 1197 -58.53 -4.52 -30.23
N ASN A 1198 -58.33 -3.88 -31.40
CA ASN A 1198 -57.06 -3.39 -31.95
C ASN A 1198 -55.94 -4.43 -31.87
N ARG A 1199 -56.13 -5.54 -32.58
CA ARG A 1199 -55.18 -6.65 -32.60
C ARG A 1199 -55.15 -7.25 -34.00
N LEU A 1200 -53.95 -7.35 -34.57
CA LEU A 1200 -53.82 -7.79 -35.95
C LEU A 1200 -52.75 -8.87 -35.99
N ASN A 1201 -53.02 -9.92 -36.77
CA ASN A 1201 -52.15 -11.06 -36.93
C ASN A 1201 -51.64 -11.11 -38.36
N SER A 1202 -50.33 -10.90 -38.50
CA SER A 1202 -49.66 -10.85 -39.81
C SER A 1202 -48.85 -12.11 -40.07
N ALA A 1203 -49.13 -13.20 -39.33
CA ALA A 1203 -48.45 -14.48 -39.51
C ALA A 1203 -48.79 -15.18 -40.83
N VAL A 1204 -49.95 -14.84 -41.45
CA VAL A 1204 -50.41 -15.37 -42.74
C VAL A 1204 -49.44 -15.00 -43.89
N ALA A 1205 -48.75 -13.84 -43.79
CA ALA A 1205 -47.71 -13.41 -44.73
C ALA A 1205 -46.46 -14.29 -44.67
N VAL A 1206 -46.22 -14.93 -43.53
CA VAL A 1206 -45.04 -15.72 -43.29
C VAL A 1206 -45.33 -17.19 -43.65
N HIS A 1207 -46.39 -17.75 -43.07
CA HIS A 1207 -46.68 -19.17 -43.29
C HIS A 1207 -47.41 -19.40 -44.61
N GLY A 1208 -48.58 -18.79 -44.78
CA GLY A 1208 -49.34 -18.97 -46.00
C GLY A 1208 -50.64 -19.74 -45.83
N HIS A 1209 -50.78 -20.89 -46.50
CA HIS A 1209 -51.94 -21.73 -46.26
C HIS A 1209 -51.77 -22.63 -45.03
N THR A 1210 -50.57 -22.74 -44.49
CA THR A 1210 -50.33 -23.52 -43.27
C THR A 1210 -50.20 -22.57 -42.09
N ALA A 1211 -51.24 -21.74 -41.91
CA ALA A 1211 -51.31 -20.85 -40.76
C ALA A 1211 -51.77 -21.60 -39.51
N GLU A 1212 -52.99 -22.14 -39.56
CA GLU A 1212 -53.51 -22.92 -38.44
C GLU A 1212 -54.18 -24.18 -38.96
N ALA A 1213 -54.05 -25.25 -38.17
CA ALA A 1213 -54.64 -26.54 -38.48
C ALA A 1213 -55.27 -27.05 -37.20
N ALA A 1214 -56.22 -27.98 -37.34
CA ALA A 1214 -56.90 -28.55 -36.17
C ALA A 1214 -55.99 -29.66 -35.65
N GLU A 1215 -55.03 -29.33 -34.78
CA GLU A 1215 -54.01 -30.25 -34.23
C GLU A 1215 -54.53 -31.00 -32.99
N TRP A 1216 -55.62 -31.78 -33.13
CA TRP A 1216 -56.31 -32.46 -32.03
C TRP A 1216 -55.48 -33.61 -31.44
N TYR A 1217 -56.04 -34.25 -30.42
CA TYR A 1217 -55.29 -35.29 -29.72
C TYR A 1217 -55.71 -36.66 -30.23
N VAL A 1218 -54.70 -37.47 -30.57
CA VAL A 1218 -54.90 -38.86 -30.95
C VAL A 1218 -54.05 -39.70 -30.00
N PRO A 1219 -54.65 -40.61 -29.21
CA PRO A 1219 -53.86 -41.46 -28.26
C PRO A 1219 -52.97 -42.46 -28.98
N PRO A 1220 -51.87 -42.92 -28.34
CA PRO A 1220 -51.00 -43.96 -28.94
C PRO A 1220 -51.70 -45.31 -29.15
N GLU A 1221 -51.20 -46.05 -30.16
CA GLU A 1221 -51.79 -47.30 -30.66
C GLU A 1221 -51.88 -48.40 -29.61
N GLU A 1222 -50.81 -48.58 -28.83
CA GLU A 1222 -50.83 -49.63 -27.82
C GLU A 1222 -51.40 -49.02 -26.54
N TYR A 1223 -52.49 -49.59 -26.05
CA TYR A 1223 -53.10 -49.17 -24.79
C TYR A 1223 -52.16 -49.52 -23.64
N PRO A 1224 -51.88 -48.59 -22.69
CA PRO A 1224 -50.97 -48.88 -21.58
C PRO A 1224 -51.51 -49.97 -20.66
N LYS A 1225 -50.58 -50.84 -20.19
CA LYS A 1225 -50.79 -51.96 -19.22
C LYS A 1225 -51.84 -53.00 -19.65
N SER A 1226 -52.07 -53.13 -20.96
CA SER A 1226 -53.09 -54.01 -21.53
C SER A 1226 -52.55 -55.28 -22.15
N GLY A 1227 -51.24 -55.52 -22.09
CA GLY A 1227 -50.65 -56.68 -22.72
C GLY A 1227 -50.67 -56.72 -24.24
N GLY A 1228 -50.37 -55.59 -24.90
CA GLY A 1228 -50.27 -55.59 -26.34
C GLY A 1228 -51.54 -55.41 -27.15
N VAL A 1229 -52.65 -55.04 -26.51
CA VAL A 1229 -53.93 -54.81 -27.20
C VAL A 1229 -53.82 -53.49 -27.99
N LYS A 1230 -54.17 -53.52 -29.29
CA LYS A 1230 -53.99 -52.37 -30.15
C LYS A 1230 -55.35 -51.78 -30.54
N ARG A 1231 -55.41 -50.45 -30.58
CA ARG A 1231 -56.60 -49.71 -31.01
C ARG A 1231 -56.82 -49.75 -32.52
N TYR A 1232 -57.87 -49.08 -32.96
CA TYR A 1232 -58.12 -48.89 -34.38
C TYR A 1232 -57.59 -47.51 -34.79
N LEU A 1233 -56.48 -47.49 -35.54
CA LEU A 1233 -55.75 -46.27 -35.91
C LEU A 1233 -56.57 -45.31 -36.77
N ILE A 1234 -56.60 -44.03 -36.37
CA ILE A 1234 -57.28 -42.96 -37.11
C ILE A 1234 -56.38 -41.73 -37.16
N ASP A 1235 -56.50 -40.99 -38.27
CA ASP A 1235 -55.77 -39.74 -38.47
C ASP A 1235 -56.35 -38.63 -37.58
N ALA A 1236 -55.50 -37.64 -37.26
CA ALA A 1236 -55.89 -36.50 -36.44
C ALA A 1236 -56.87 -35.52 -37.12
N SER A 1237 -57.03 -35.59 -38.45
CA SER A 1237 -57.97 -34.76 -39.18
C SER A 1237 -59.32 -35.42 -39.36
N MET A 1238 -59.53 -36.59 -38.77
CA MET A 1238 -60.81 -37.28 -38.93
C MET A 1238 -61.53 -37.46 -37.58
N VAL A 1239 -60.96 -36.92 -36.51
CA VAL A 1239 -61.48 -37.13 -35.12
C VAL A 1239 -62.81 -36.48 -34.70
N PRO A 1240 -63.20 -35.22 -34.98
CA PRO A 1240 -64.41 -34.62 -34.34
C PRO A 1240 -65.76 -35.26 -34.69
N LEU A 1241 -66.69 -35.21 -33.73
CA LEU A 1241 -68.00 -35.86 -33.83
C LEU A 1241 -68.95 -35.21 -34.83
N SER A 1242 -68.67 -33.96 -35.27
CA SER A 1242 -69.47 -33.31 -36.30
C SER A 1242 -69.26 -33.99 -37.65
N ILE A 1243 -68.04 -34.48 -37.89
CA ILE A 1243 -67.66 -35.17 -39.10
C ILE A 1243 -68.26 -36.57 -39.03
N MET A 1244 -68.72 -37.09 -40.18
CA MET A 1244 -69.48 -38.35 -40.25
C MET A 1244 -68.63 -39.58 -39.93
N CYS A 1245 -67.57 -39.84 -40.74
CA CYS A 1245 -66.64 -40.98 -40.72
C CYS A 1245 -67.26 -42.38 -40.72
N PRO A 1246 -67.84 -42.87 -41.85
CA PRO A 1246 -68.50 -44.19 -41.84
C PRO A 1246 -67.58 -45.40 -41.62
N SER A 1247 -66.28 -45.27 -41.87
CA SER A 1247 -65.31 -46.35 -41.75
C SER A 1247 -64.75 -46.31 -40.33
N TYR A 1248 -65.56 -46.73 -39.36
CA TYR A 1248 -65.14 -46.65 -37.96
C TYR A 1248 -65.48 -47.98 -37.30
N ASP A 1249 -64.45 -48.75 -36.93
CA ASP A 1249 -64.64 -50.05 -36.28
C ASP A 1249 -63.76 -50.08 -35.03
N PRO A 1250 -64.20 -49.47 -33.91
CA PRO A 1250 -63.39 -49.48 -32.69
C PRO A 1250 -63.38 -50.84 -32.01
N VAL A 1251 -62.39 -51.04 -31.15
CA VAL A 1251 -62.23 -52.28 -30.41
C VAL A 1251 -62.79 -52.13 -29.00
N GLU A 1252 -63.49 -53.17 -28.55
CA GLU A 1252 -64.09 -53.17 -27.22
C GLU A 1252 -63.10 -53.82 -26.25
N TYR A 1253 -62.58 -53.05 -25.30
CA TYR A 1253 -61.63 -53.59 -24.35
C TYR A 1253 -61.91 -53.05 -22.95
N THR A 1254 -61.95 -53.96 -21.98
CA THR A 1254 -62.05 -53.62 -20.58
C THR A 1254 -60.94 -54.35 -19.83
N HIS A 1255 -60.18 -53.62 -19.00
CA HIS A 1255 -59.07 -54.17 -18.21
C HIS A 1255 -59.59 -55.17 -17.18
N PRO A 1256 -58.80 -56.25 -16.88
CA PRO A 1256 -59.20 -57.23 -15.83
C PRO A 1256 -59.37 -56.67 -14.42
N SER A 1257 -58.58 -55.65 -14.05
CA SER A 1257 -58.70 -54.97 -12.76
C SER A 1257 -60.05 -54.26 -12.63
N VAL A 1258 -60.47 -53.58 -13.70
CA VAL A 1258 -61.76 -52.90 -13.75
C VAL A 1258 -62.91 -53.91 -13.78
N ALA A 1259 -62.73 -55.01 -14.55
CA ALA A 1259 -63.73 -56.08 -14.66
C ALA A 1259 -63.92 -56.95 -13.41
N ALA A 1260 -63.02 -56.86 -12.43
CA ALA A 1260 -63.11 -57.58 -11.16
C ALA A 1260 -64.06 -56.93 -10.15
N GLN A 1261 -64.64 -55.76 -10.48
CA GLN A 1261 -65.59 -54.91 -9.75
C GLN A 1261 -65.13 -54.38 -8.38
N PRO A 1262 -64.11 -53.45 -8.26
CA PRO A 1262 -63.85 -52.81 -6.96
C PRO A 1262 -64.88 -51.75 -6.54
N VAL A 1263 -64.58 -51.08 -5.41
CA VAL A 1263 -65.48 -50.07 -4.83
C VAL A 1263 -65.54 -48.81 -5.70
N TRP A 1264 -64.45 -48.49 -6.41
CA TRP A 1264 -64.44 -47.25 -7.18
C TRP A 1264 -64.86 -47.45 -8.63
N ALA A 1265 -65.34 -48.63 -9.00
CA ALA A 1265 -65.72 -48.93 -10.36
C ALA A 1265 -67.23 -49.02 -10.52
N ASP A 1266 -67.76 -48.35 -11.56
CA ASP A 1266 -69.17 -48.44 -11.89
C ASP A 1266 -69.54 -49.82 -12.46
N PRO A 1267 -70.83 -50.25 -12.35
CA PRO A 1267 -71.28 -51.52 -12.99
C PRO A 1267 -71.16 -51.55 -14.52
N ALA A 1268 -70.91 -52.77 -15.04
CA ALA A 1268 -70.68 -53.06 -16.47
C ALA A 1268 -71.88 -52.75 -17.39
N ASP A 1269 -73.08 -52.71 -16.84
CA ASP A 1269 -74.33 -52.39 -17.51
C ASP A 1269 -74.60 -50.96 -17.08
N PRO A 1270 -74.47 -49.95 -17.96
CA PRO A 1270 -74.63 -48.56 -17.50
C PRO A 1270 -76.06 -48.04 -17.37
N ARG A 1271 -77.09 -48.89 -17.44
CA ARG A 1271 -78.47 -48.48 -17.32
C ARG A 1271 -78.75 -48.08 -15.87
N LYS A 1272 -79.71 -47.15 -15.71
CA LYS A 1272 -80.27 -46.49 -14.51
C LYS A 1272 -79.35 -45.40 -13.95
N ILE A 1273 -78.22 -45.14 -14.61
CA ILE A 1273 -77.23 -44.16 -14.19
C ILE A 1273 -77.60 -42.88 -14.91
N LYS A 1274 -77.66 -41.77 -14.17
CA LYS A 1274 -77.97 -40.46 -14.72
C LYS A 1274 -76.70 -39.65 -14.94
N PHE A 1275 -76.49 -39.21 -16.17
CA PHE A 1275 -75.29 -38.44 -16.49
C PHE A 1275 -75.70 -36.97 -16.50
N ASN A 1276 -74.68 -36.09 -16.56
CA ASN A 1276 -74.69 -34.60 -16.57
C ASN A 1276 -75.18 -33.93 -15.26
N VAL A 1277 -75.53 -34.70 -14.22
CA VAL A 1277 -75.99 -34.23 -12.91
C VAL A 1277 -75.28 -35.08 -11.86
N LYS A 1278 -75.31 -34.58 -10.63
CA LYS A 1278 -74.76 -35.30 -9.48
C LYS A 1278 -75.59 -36.54 -9.15
N ASP A 1279 -74.95 -37.70 -9.28
CA ASP A 1279 -75.62 -38.99 -9.12
C ASP A 1279 -75.13 -39.65 -7.84
N GLU A 1280 -76.05 -40.29 -7.14
CA GLU A 1280 -75.76 -40.93 -5.86
C GLU A 1280 -75.56 -42.43 -6.08
N VAL A 1281 -74.35 -42.91 -5.84
CA VAL A 1281 -74.04 -44.33 -5.88
C VAL A 1281 -73.67 -44.71 -4.44
N ASN A 1282 -74.45 -45.65 -3.86
CA ASN A 1282 -74.39 -46.16 -2.46
C ASN A 1282 -74.46 -45.03 -1.43
N GLY A 1283 -75.27 -44.01 -1.71
CA GLY A 1283 -75.41 -42.84 -0.87
C GLY A 1283 -74.29 -41.83 -0.99
N LYS A 1284 -73.34 -42.03 -1.91
CA LYS A 1284 -72.18 -41.17 -2.12
C LYS A 1284 -72.38 -40.37 -3.40
N VAL A 1285 -72.03 -39.08 -3.35
CA VAL A 1285 -72.25 -38.19 -4.48
C VAL A 1285 -71.10 -38.36 -5.47
N VAL A 1286 -71.42 -38.43 -6.78
CA VAL A 1286 -70.47 -38.49 -7.88
C VAL A 1286 -70.90 -37.36 -8.82
N ASP A 1287 -69.91 -36.62 -9.36
CA ASP A 1287 -70.13 -35.41 -10.18
C ASP A 1287 -70.88 -35.68 -11.48
N ARG A 1288 -70.27 -36.48 -12.39
CA ARG A 1288 -70.78 -36.93 -13.71
C ARG A 1288 -71.07 -35.81 -14.73
N THR A 1289 -70.62 -34.58 -14.51
CA THR A 1289 -70.85 -33.46 -15.41
C THR A 1289 -69.56 -33.12 -16.14
N SER A 1290 -69.66 -32.98 -17.46
CA SER A 1290 -68.52 -32.66 -18.31
C SER A 1290 -68.42 -31.17 -18.55
N CYS A 1291 -67.18 -30.69 -18.72
CA CYS A 1291 -66.91 -29.30 -19.02
C CYS A 1291 -67.15 -28.91 -20.49
N HIS A 1292 -67.47 -29.87 -21.36
CA HIS A 1292 -67.83 -29.62 -22.75
C HIS A 1292 -69.14 -28.85 -22.82
N PRO A 1293 -69.23 -27.75 -23.61
CA PRO A 1293 -70.48 -26.96 -23.72
C PRO A 1293 -71.71 -27.70 -24.25
N SER A 1294 -71.53 -28.65 -25.16
CA SER A 1294 -72.64 -29.42 -25.71
C SER A 1294 -73.21 -30.41 -24.71
N GLY A 1295 -72.37 -30.99 -23.85
CA GLY A 1295 -72.79 -32.00 -22.90
C GLY A 1295 -72.53 -33.40 -23.41
N ILE A 1296 -72.91 -34.37 -22.59
CA ILE A 1296 -72.71 -35.78 -22.90
C ILE A 1296 -74.00 -36.31 -23.52
N SER A 1297 -73.88 -36.99 -24.65
CA SER A 1297 -75.02 -37.61 -25.33
C SER A 1297 -75.04 -39.10 -25.02
N ILE A 1298 -76.23 -39.64 -24.83
CA ILE A 1298 -76.43 -41.03 -24.44
C ILE A 1298 -76.85 -41.83 -25.67
N ASP A 1299 -76.12 -42.91 -25.96
CA ASP A 1299 -76.46 -43.84 -27.03
C ASP A 1299 -77.74 -44.59 -26.72
N SER A 1300 -78.64 -44.68 -27.71
CA SER A 1300 -79.93 -45.30 -27.45
C SER A 1300 -79.85 -46.83 -27.39
N ASN A 1301 -78.92 -47.43 -28.14
CA ASN A 1301 -78.82 -48.90 -28.25
C ASN A 1301 -78.33 -49.56 -26.96
N THR A 1302 -77.23 -49.06 -26.37
CA THR A 1302 -76.61 -49.71 -25.22
C THR A 1302 -76.67 -48.91 -23.93
N GLY A 1303 -77.03 -47.63 -23.99
CA GLY A 1303 -77.07 -46.72 -22.86
C GLY A 1303 -75.74 -46.12 -22.44
N ARG A 1304 -74.65 -46.48 -23.11
CA ARG A 1304 -73.31 -45.99 -22.83
C ARG A 1304 -73.10 -44.55 -23.34
N PRO A 1305 -72.34 -43.73 -22.62
CA PRO A 1305 -71.99 -42.38 -23.12
C PRO A 1305 -71.01 -42.35 -24.28
N ILE A 1306 -71.10 -41.27 -25.08
CA ILE A 1306 -70.21 -41.03 -26.21
C ILE A 1306 -69.40 -39.78 -25.87
N ASN A 1307 -68.06 -39.87 -26.00
CA ASN A 1307 -67.13 -38.77 -25.71
C ASN A 1307 -67.31 -37.58 -26.66
N PRO A 1308 -67.59 -36.37 -26.15
CA PRO A 1308 -67.78 -35.22 -27.05
C PRO A 1308 -66.48 -34.64 -27.60
N TRP A 1309 -65.33 -35.01 -27.06
CA TRP A 1309 -64.04 -34.44 -27.45
C TRP A 1309 -63.39 -35.12 -28.65
N GLY A 1310 -64.07 -36.07 -29.29
CA GLY A 1310 -63.62 -36.68 -30.52
C GLY A 1310 -63.60 -38.19 -30.41
N ARG A 1311 -63.20 -38.85 -31.49
CA ARG A 1311 -63.10 -40.31 -31.53
C ARG A 1311 -61.74 -40.74 -31.01
N THR A 1312 -61.69 -41.89 -30.33
CA THR A 1312 -60.41 -42.44 -29.86
C THR A 1312 -60.09 -43.85 -30.33
N GLY A 1313 -60.91 -44.44 -31.20
CA GLY A 1313 -60.66 -45.78 -31.72
C GLY A 1313 -60.81 -46.95 -30.76
N MET A 1314 -61.59 -46.81 -29.68
CA MET A 1314 -61.71 -47.82 -28.64
C MET A 1314 -62.96 -47.55 -27.82
N THR A 1315 -63.86 -48.54 -27.72
CA THR A 1315 -65.02 -48.49 -26.84
C THR A 1315 -64.72 -49.25 -25.55
N GLY A 1316 -65.69 -49.25 -24.63
CA GLY A 1316 -65.49 -49.87 -23.34
C GLY A 1316 -64.83 -48.92 -22.36
N ARG A 1317 -64.62 -49.42 -21.14
CA ARG A 1317 -64.09 -48.55 -20.09
C ARG A 1317 -62.57 -48.55 -20.04
N GLY A 1318 -61.94 -49.65 -20.46
CA GLY A 1318 -60.48 -49.78 -20.41
C GLY A 1318 -59.95 -49.80 -18.98
N LEU A 1319 -58.94 -48.97 -18.70
CA LEU A 1319 -58.37 -48.89 -17.36
C LEU A 1319 -59.14 -47.95 -16.44
N LEU A 1320 -60.12 -47.23 -16.96
CA LEU A 1320 -60.86 -46.25 -16.18
C LEU A 1320 -62.07 -46.92 -15.55
N GLY A 1321 -62.32 -46.61 -14.27
CA GLY A 1321 -63.33 -47.34 -13.53
C GLY A 1321 -64.73 -46.82 -13.71
N LYS A 1322 -64.89 -45.58 -14.12
CA LYS A 1322 -66.20 -44.95 -14.20
C LYS A 1322 -66.57 -44.68 -15.66
N TRP A 1323 -67.82 -45.03 -16.01
CA TRP A 1323 -68.39 -44.69 -17.30
C TRP A 1323 -68.52 -43.18 -17.47
N GLY A 1324 -68.11 -42.70 -18.62
CA GLY A 1324 -68.21 -41.29 -18.90
C GLY A 1324 -67.04 -40.53 -18.36
N VAL A 1325 -67.35 -39.47 -17.62
CA VAL A 1325 -66.32 -38.56 -17.17
C VAL A 1325 -65.69 -39.10 -15.89
N ASN A 1326 -64.40 -39.37 -15.93
CA ASN A 1326 -63.61 -39.64 -14.75
C ASN A 1326 -63.02 -38.32 -14.28
N GLN A 1327 -63.50 -37.85 -13.13
CA GLN A 1327 -63.06 -36.56 -12.59
C GLN A 1327 -61.71 -36.74 -11.94
N ALA A 1328 -60.73 -35.99 -12.40
CA ALA A 1328 -59.43 -36.00 -11.78
C ALA A 1328 -59.19 -34.63 -11.18
N ALA A 1329 -58.43 -34.62 -10.10
CA ALA A 1329 -58.01 -33.40 -9.46
C ALA A 1329 -56.50 -33.37 -9.49
N ASP A 1330 -55.95 -32.26 -9.98
CA ASP A 1330 -54.51 -32.05 -10.00
C ASP A 1330 -54.13 -30.92 -9.06
N THR A 1331 -53.02 -31.12 -8.37
CA THR A 1331 -52.53 -30.19 -7.37
C THR A 1331 -51.21 -29.61 -7.85
N VAL A 1332 -51.21 -28.34 -8.22
CA VAL A 1332 -49.98 -27.68 -8.64
C VAL A 1332 -49.55 -26.81 -7.48
N VAL A 1333 -48.60 -27.30 -6.69
CA VAL A 1333 -48.05 -26.53 -5.58
C VAL A 1333 -46.82 -25.81 -6.12
N THR A 1334 -46.87 -24.48 -6.12
CA THR A 1334 -45.86 -23.66 -6.75
C THR A 1334 -45.18 -22.74 -5.77
N ARG A 1335 -43.96 -22.38 -6.14
CA ARG A 1335 -43.19 -21.40 -5.42
C ARG A 1335 -42.31 -20.73 -6.46
N TRP A 1336 -41.87 -19.53 -6.14
CA TRP A 1336 -40.97 -18.81 -7.02
C TRP A 1336 -39.59 -19.45 -6.94
N LYS A 1337 -38.95 -19.64 -8.11
CA LYS A 1337 -37.61 -20.22 -8.15
C LYS A 1337 -36.62 -19.18 -7.66
N ARG A 1338 -36.00 -19.46 -6.52
CA ARG A 1338 -35.13 -18.53 -5.84
C ARG A 1338 -33.70 -19.05 -5.77
N SER A 1339 -32.77 -18.11 -5.91
CA SER A 1339 -31.34 -18.28 -5.67
C SER A 1339 -31.04 -18.32 -4.15
N PRO A 1340 -29.83 -18.84 -3.73
CA PRO A 1340 -29.41 -18.80 -2.28
C PRO A 1340 -29.44 -17.42 -1.60
N ASP A 1341 -29.15 -16.33 -2.35
CA ASP A 1341 -29.27 -14.95 -1.86
C ASP A 1341 -30.75 -14.51 -1.63
N GLY A 1342 -31.73 -15.25 -2.16
CA GLY A 1342 -33.15 -14.99 -2.00
C GLY A 1342 -33.85 -14.32 -3.17
N SER A 1343 -33.09 -13.82 -4.14
CA SER A 1343 -33.69 -13.18 -5.30
C SER A 1343 -34.30 -14.20 -6.27
N ILE A 1344 -35.48 -13.86 -6.79
CA ILE A 1344 -36.21 -14.73 -7.73
C ILE A 1344 -35.53 -14.68 -9.09
N LEU A 1345 -35.34 -15.87 -9.68
CA LEU A 1345 -34.76 -16.02 -11.02
C LEU A 1345 -35.71 -15.46 -12.08
N GLU A 1346 -35.15 -14.76 -13.07
CA GLU A 1346 -35.94 -14.06 -14.07
C GLU A 1346 -35.52 -14.47 -15.48
N ARG A 1347 -36.47 -14.94 -16.28
CA ARG A 1347 -36.22 -15.30 -17.67
C ARG A 1347 -37.31 -14.71 -18.55
N ASP A 1348 -36.90 -14.12 -19.69
CA ASP A 1348 -37.73 -13.47 -20.74
C ASP A 1348 -38.61 -12.32 -20.15
N GLY A 1349 -38.08 -11.60 -19.16
CA GLY A 1349 -38.79 -10.51 -18.52
C GLY A 1349 -39.91 -10.90 -17.57
N LYS A 1350 -40.03 -12.18 -17.22
CA LYS A 1350 -41.06 -12.70 -16.34
C LYS A 1350 -40.39 -13.53 -15.25
N LYS A 1351 -41.07 -13.59 -14.10
CA LYS A 1351 -40.59 -14.37 -12.97
C LYS A 1351 -40.76 -15.86 -13.24
N VAL A 1352 -39.82 -16.66 -12.76
CA VAL A 1352 -39.76 -18.09 -13.06
C VAL A 1352 -40.42 -18.86 -11.92
N LEU A 1353 -41.33 -19.77 -12.25
CA LEU A 1353 -42.02 -20.59 -11.27
C LEU A 1353 -41.28 -21.91 -11.05
N GLU A 1354 -41.75 -22.66 -10.05
CA GLU A 1354 -41.21 -23.97 -9.71
C GLU A 1354 -42.32 -24.79 -9.08
N PHE A 1355 -42.53 -26.01 -9.58
CA PHE A 1355 -43.64 -26.85 -9.14
C PHE A 1355 -43.15 -28.22 -8.70
N VAL A 1356 -43.94 -28.86 -7.85
CA VAL A 1356 -43.65 -30.20 -7.36
C VAL A 1356 -44.06 -31.20 -8.43
N ALA A 1357 -43.13 -32.02 -8.89
CA ALA A 1357 -43.39 -33.00 -9.93
C ALA A 1357 -43.05 -34.40 -9.44
N ILE A 1358 -43.92 -35.35 -9.78
CA ILE A 1358 -43.75 -36.74 -9.40
C ILE A 1358 -43.47 -37.61 -10.63
N GLN A 1359 -42.68 -38.65 -10.41
CA GLN A 1359 -42.40 -39.65 -11.43
C GLN A 1359 -43.41 -40.78 -11.22
N ARG A 1360 -44.29 -40.98 -12.20
CA ARG A 1360 -45.37 -41.97 -12.12
C ARG A 1360 -44.83 -43.39 -12.08
N GLN A 1361 -45.51 -44.26 -11.33
CA GLN A 1361 -45.09 -45.65 -11.20
C GLN A 1361 -45.34 -46.46 -12.46
N ASP A 1362 -46.43 -46.18 -13.17
CA ASP A 1362 -46.83 -47.03 -14.29
C ASP A 1362 -46.03 -46.78 -15.57
N ASN A 1363 -45.78 -45.53 -15.94
CA ASN A 1363 -45.15 -45.25 -17.23
C ASN A 1363 -43.84 -44.45 -17.17
N LYS A 1364 -43.34 -44.12 -15.95
CA LYS A 1364 -42.09 -43.41 -15.64
C LYS A 1364 -41.93 -42.06 -16.36
N MET A 1365 -43.02 -41.31 -16.50
CA MET A 1365 -42.98 -39.94 -17.00
C MET A 1365 -43.36 -39.00 -15.86
N TRP A 1366 -42.67 -37.87 -15.81
CA TRP A 1366 -42.92 -36.85 -14.79
C TRP A 1366 -44.28 -36.19 -15.02
N ALA A 1367 -44.93 -35.82 -13.92
CA ALA A 1367 -46.32 -35.36 -13.96
C ALA A 1367 -46.63 -34.54 -12.72
N ILE A 1368 -47.78 -33.87 -12.81
CA ILE A 1368 -48.36 -33.13 -11.68
C ILE A 1368 -49.05 -34.15 -10.76
N PRO A 1369 -48.86 -34.08 -9.42
CA PRO A 1369 -49.59 -34.95 -8.49
C PRO A 1369 -51.10 -34.76 -8.58
N GLY A 1370 -51.82 -35.86 -8.50
CA GLY A 1370 -53.25 -35.80 -8.61
C GLY A 1370 -53.81 -37.18 -8.78
N GLY A 1371 -55.13 -37.24 -8.79
CA GLY A 1371 -55.76 -38.53 -8.90
C GLY A 1371 -57.25 -38.40 -9.09
N PHE A 1372 -57.89 -39.56 -9.30
CA PHE A 1372 -59.31 -39.62 -9.58
C PHE A 1372 -60.13 -39.26 -8.34
N VAL A 1373 -61.24 -38.56 -8.57
CA VAL A 1373 -62.14 -38.16 -7.49
C VAL A 1373 -62.95 -39.34 -6.99
N ASP A 1374 -62.81 -39.65 -5.70
CA ASP A 1374 -63.51 -40.75 -5.05
C ASP A 1374 -65.00 -40.40 -4.87
N ASN A 1375 -65.80 -41.45 -4.61
CA ASN A 1375 -67.24 -41.31 -4.41
C ASN A 1375 -67.52 -40.58 -3.08
N GLY A 1376 -68.44 -39.61 -3.10
CA GLY A 1376 -68.74 -38.94 -1.86
C GLY A 1376 -67.77 -37.87 -1.42
N GLU A 1377 -66.81 -37.49 -2.27
CA GLU A 1377 -65.81 -36.51 -1.91
C GLU A 1377 -65.78 -35.36 -2.91
N ASP A 1378 -65.22 -34.23 -2.48
CA ASP A 1378 -65.19 -33.01 -3.27
C ASP A 1378 -63.77 -32.85 -3.83
N VAL A 1379 -63.54 -31.80 -4.62
CA VAL A 1379 -62.24 -31.53 -5.25
C VAL A 1379 -61.18 -31.13 -4.22
N ALA A 1380 -61.61 -30.42 -3.14
CA ALA A 1380 -60.77 -29.93 -2.03
C ALA A 1380 -60.04 -31.03 -1.29
N LEU A 1381 -60.82 -32.04 -0.85
CA LEU A 1381 -60.33 -33.22 -0.14
C LEU A 1381 -59.48 -34.09 -1.04
N THR A 1382 -59.90 -34.24 -2.32
CA THR A 1382 -59.24 -35.12 -3.29
C THR A 1382 -57.85 -34.58 -3.61
N SER A 1383 -57.77 -33.25 -3.85
CA SER A 1383 -56.55 -32.51 -4.20
C SER A 1383 -55.53 -32.59 -3.06
N GLY A 1384 -56.01 -32.28 -1.83
CA GLY A 1384 -55.17 -32.34 -0.63
C GLY A 1384 -54.70 -33.76 -0.30
N ARG A 1385 -55.63 -34.74 -0.37
CA ARG A 1385 -55.37 -36.15 -0.08
C ARG A 1385 -54.38 -36.79 -1.05
N GLU A 1386 -54.55 -36.53 -2.36
CA GLU A 1386 -53.63 -37.03 -3.40
C GLU A 1386 -52.25 -36.40 -3.30
N PHE A 1387 -52.17 -35.09 -2.98
CA PHE A 1387 -50.87 -34.43 -2.81
C PHE A 1387 -50.15 -35.01 -1.58
N MET A 1388 -50.88 -35.24 -0.48
CA MET A 1388 -50.31 -35.86 0.72
C MET A 1388 -49.86 -37.30 0.47
N GLU A 1389 -50.67 -38.09 -0.25
CA GLU A 1389 -50.35 -39.48 -0.56
C GLU A 1389 -49.19 -39.63 -1.54
N GLU A 1390 -49.16 -38.81 -2.60
CA GLU A 1390 -48.18 -39.00 -3.67
C GLU A 1390 -46.88 -38.22 -3.46
N ALA A 1391 -46.97 -36.90 -3.29
CA ALA A 1391 -45.79 -36.06 -3.16
C ALA A 1391 -45.09 -36.20 -1.81
N LEU A 1392 -45.84 -36.34 -0.71
CA LEU A 1392 -45.27 -36.41 0.61
C LEU A 1392 -45.16 -37.83 1.15
N GLY A 1393 -45.94 -38.77 0.62
CA GLY A 1393 -46.03 -40.14 1.08
C GLY A 1393 -46.64 -40.43 2.43
N MET A 1394 -47.45 -39.51 2.95
CA MET A 1394 -48.06 -39.61 4.27
C MET A 1394 -49.24 -40.58 4.40
N GLY A 1395 -49.61 -41.29 3.34
CA GLY A 1395 -50.74 -42.20 3.38
C GLY A 1395 -50.52 -43.56 4.02
N THR A 1396 -50.42 -43.55 5.36
CA THR A 1396 -50.21 -44.70 6.27
C THR A 1396 -48.91 -45.48 6.00
N SER A 1397 -47.89 -44.82 5.49
CA SER A 1397 -46.68 -45.52 5.10
C SER A 1397 -45.37 -44.88 5.53
N ALA A 1398 -45.32 -43.56 5.80
CA ALA A 1398 -44.05 -42.98 6.21
C ALA A 1398 -43.83 -42.79 7.71
N ASP A 1399 -44.59 -41.87 8.34
CA ASP A 1399 -44.61 -41.52 9.77
C ASP A 1399 -45.61 -40.37 9.92
N LEU A 1400 -45.86 -40.00 11.17
CA LEU A 1400 -46.75 -38.92 11.59
C LEU A 1400 -45.91 -37.65 11.58
N MET A 1401 -46.54 -36.56 11.11
CA MET A 1401 -45.85 -35.24 11.00
C MET A 1401 -45.80 -34.57 12.36
N SER A 1402 -44.76 -33.79 12.61
CA SER A 1402 -44.50 -33.17 13.94
C SER A 1402 -45.61 -32.35 14.62
N ALA A 1403 -46.65 -31.92 13.88
CA ALA A 1403 -47.81 -31.18 14.44
C ALA A 1403 -47.59 -29.66 14.63
N GLU A 1404 -46.50 -29.09 14.10
CA GLU A 1404 -46.28 -27.65 14.15
C GLU A 1404 -46.13 -27.34 12.68
N SER A 1405 -45.57 -28.31 11.97
CA SER A 1405 -45.40 -28.44 10.54
C SER A 1405 -46.75 -28.62 9.85
N LYS A 1406 -47.69 -29.32 10.52
CA LYS A 1406 -49.08 -29.53 10.10
C LYS A 1406 -49.86 -28.22 9.96
N ASP A 1407 -49.64 -27.28 10.88
CA ASP A 1407 -50.25 -25.95 10.83
C ASP A 1407 -49.78 -25.15 9.60
N SER A 1408 -48.48 -25.29 9.26
CA SER A 1408 -47.89 -24.68 8.06
C SER A 1408 -48.49 -25.24 6.77
N LEU A 1409 -48.68 -26.57 6.72
CA LEU A 1409 -49.27 -27.25 5.57
C LEU A 1409 -50.75 -26.87 5.41
N ALA A 1410 -51.45 -26.72 6.54
CA ALA A 1410 -52.84 -26.24 6.56
C ALA A 1410 -52.95 -24.80 6.09
N ALA A 1411 -51.98 -23.96 6.49
CA ALA A 1411 -51.88 -22.56 6.05
C ALA A 1411 -51.63 -22.46 4.54
N LEU A 1412 -50.76 -23.34 4.01
CA LEU A 1412 -50.49 -23.44 2.58
C LEU A 1412 -51.73 -23.82 1.77
N PHE A 1413 -52.53 -24.75 2.30
CA PHE A 1413 -53.69 -25.31 1.60
C PHE A 1413 -54.96 -24.47 1.75
N SER A 1414 -54.91 -23.40 2.54
CA SER A 1414 -56.11 -22.59 2.75
C SER A 1414 -56.36 -21.59 1.63
N SER A 1415 -55.39 -21.33 0.77
CA SER A 1415 -55.54 -20.36 -0.31
C SER A 1415 -55.24 -21.02 -1.65
N GLY A 1416 -56.26 -21.61 -2.26
CA GLY A 1416 -56.11 -22.25 -3.55
C GLY A 1416 -57.09 -21.68 -4.55
N THR A 1417 -56.62 -21.55 -5.80
CA THR A 1417 -57.42 -21.01 -6.88
C THR A 1417 -57.55 -22.07 -7.96
N ILE A 1418 -58.79 -22.36 -8.37
CA ILE A 1418 -59.06 -23.30 -9.46
C ILE A 1418 -58.72 -22.57 -10.76
N VAL A 1419 -57.63 -22.98 -11.42
CA VAL A 1419 -57.18 -22.27 -12.60
C VAL A 1419 -57.79 -22.78 -13.90
N ALA A 1420 -58.11 -24.07 -13.99
CA ALA A 1420 -58.64 -24.65 -15.23
C ALA A 1420 -59.47 -25.89 -14.91
N ARG A 1421 -60.39 -26.19 -15.81
CA ARG A 1421 -61.17 -27.44 -15.79
C ARG A 1421 -61.25 -27.91 -17.24
N ILE A 1422 -60.31 -28.77 -17.63
CA ILE A 1422 -60.11 -29.07 -19.06
C ILE A 1422 -60.21 -30.57 -19.29
N TYR A 1423 -60.15 -30.94 -20.56
CA TYR A 1423 -60.13 -32.33 -20.96
C TYR A 1423 -58.70 -32.83 -21.08
N CYS A 1424 -58.42 -33.97 -20.45
CA CYS A 1424 -57.09 -34.54 -20.43
C CYS A 1424 -56.78 -35.23 -21.73
N GLU A 1425 -55.55 -35.04 -22.21
CA GLU A 1425 -54.98 -35.84 -23.31
C GLU A 1425 -54.28 -37.12 -22.80
N ASP A 1426 -55.00 -37.89 -21.99
CA ASP A 1426 -54.57 -39.09 -21.31
C ASP A 1426 -54.65 -40.28 -22.26
N PRO A 1427 -53.55 -41.05 -22.42
CA PRO A 1427 -53.58 -42.24 -23.32
C PRO A 1427 -54.55 -43.39 -22.94
N ARG A 1428 -55.07 -43.44 -21.70
CA ARG A 1428 -56.03 -44.45 -21.27
C ARG A 1428 -57.47 -44.12 -21.65
N ASN A 1429 -57.72 -42.94 -22.25
CA ASN A 1429 -59.06 -42.50 -22.63
C ASN A 1429 -59.66 -43.38 -23.72
N THR A 1430 -60.96 -43.67 -23.58
CA THR A 1430 -61.71 -44.40 -24.59
C THR A 1430 -62.95 -43.62 -25.01
N ASP A 1431 -63.81 -44.25 -25.80
CA ASP A 1431 -65.07 -43.62 -26.24
C ASP A 1431 -66.13 -43.62 -25.15
N ASN A 1432 -66.01 -44.44 -24.14
CA ASN A 1432 -67.01 -44.52 -23.09
C ASN A 1432 -66.49 -44.14 -21.72
N ALA A 1433 -65.22 -43.75 -21.62
CA ALA A 1433 -64.61 -43.33 -20.37
C ALA A 1433 -63.42 -42.43 -20.70
N TRP A 1434 -63.46 -41.19 -20.21
CA TRP A 1434 -62.40 -40.24 -20.48
C TRP A 1434 -62.12 -39.45 -19.22
N VAL A 1435 -60.88 -38.99 -19.07
CA VAL A 1435 -60.46 -38.26 -17.88
C VAL A 1435 -60.61 -36.77 -18.14
N GLU A 1436 -61.27 -36.06 -17.24
CA GLU A 1436 -61.34 -34.60 -17.27
C GLU A 1436 -60.85 -34.04 -15.95
N THR A 1437 -59.97 -33.03 -16.00
CA THR A 1437 -59.29 -32.60 -14.79
C THR A 1437 -59.74 -31.22 -14.34
N THR A 1438 -59.79 -31.07 -13.03
CA THR A 1438 -59.90 -29.77 -12.37
C THR A 1438 -58.53 -29.53 -11.75
N CYS A 1439 -57.94 -28.39 -12.06
CA CYS A 1439 -56.60 -28.05 -11.60
C CYS A 1439 -56.68 -27.03 -10.49
N VAL A 1440 -56.05 -27.33 -9.35
CA VAL A 1440 -56.03 -26.43 -8.18
C VAL A 1440 -54.59 -26.01 -7.95
N ASN A 1441 -54.36 -24.71 -7.93
CA ASN A 1441 -53.02 -24.15 -7.75
C ASN A 1441 -52.88 -23.63 -6.33
N PHE A 1442 -51.86 -24.11 -5.62
CA PHE A 1442 -51.50 -23.62 -4.29
C PHE A 1442 -50.17 -22.90 -4.43
N HIS A 1443 -50.21 -21.57 -4.41
CA HIS A 1443 -49.02 -20.77 -4.66
C HIS A 1443 -48.49 -20.26 -3.33
N ASP A 1444 -47.17 -20.40 -3.14
CA ASP A 1444 -46.48 -19.91 -1.97
C ASP A 1444 -45.72 -18.65 -2.35
N GLU A 1445 -46.30 -17.49 -2.03
CA GLU A 1445 -45.71 -16.18 -2.35
C GLU A 1445 -44.40 -15.95 -1.59
N SER A 1446 -44.39 -16.20 -0.28
CA SER A 1446 -43.17 -16.02 0.51
C SER A 1446 -42.18 -17.16 0.33
N GLY A 1447 -42.66 -18.39 0.14
CA GLY A 1447 -41.79 -19.55 0.04
C GLY A 1447 -41.47 -20.25 1.34
N ARG A 1448 -42.01 -19.77 2.47
CA ARG A 1448 -41.71 -20.35 3.78
C ARG A 1448 -42.34 -21.74 3.98
N HIS A 1449 -43.64 -21.89 3.65
CA HIS A 1449 -44.35 -23.17 3.83
C HIS A 1449 -43.86 -24.26 2.88
N ALA A 1450 -43.50 -23.88 1.64
CA ALA A 1450 -43.01 -24.84 0.64
C ALA A 1450 -41.66 -25.42 1.02
N ALA A 1451 -40.79 -24.60 1.65
CA ALA A 1451 -39.46 -25.03 2.08
C ALA A 1451 -39.47 -26.04 3.23
N ARG A 1452 -40.56 -26.13 4.01
CA ARG A 1452 -40.69 -27.07 5.11
C ARG A 1452 -41.22 -28.43 4.66
N LEU A 1453 -41.51 -28.60 3.37
CA LEU A 1453 -42.03 -29.86 2.86
C LEU A 1453 -40.89 -30.84 2.63
N LYS A 1454 -41.04 -32.06 3.15
CA LYS A 1454 -40.06 -33.12 2.96
C LYS A 1454 -40.57 -34.04 1.86
N LEU A 1455 -40.15 -33.77 0.62
CA LEU A 1455 -40.63 -34.50 -0.55
C LEU A 1455 -40.07 -35.91 -0.61
N GLN A 1456 -40.96 -36.90 -0.71
CA GLN A 1456 -40.63 -38.32 -0.74
C GLN A 1456 -41.81 -39.03 -1.40
N GLY A 1457 -41.54 -39.61 -2.57
CA GLY A 1457 -42.55 -40.34 -3.34
C GLY A 1457 -43.16 -41.54 -2.63
N GLY A 1458 -44.49 -41.54 -2.64
CA GLY A 1458 -45.25 -42.60 -2.02
C GLY A 1458 -46.43 -42.92 -2.90
N ASP A 1459 -47.18 -43.97 -2.49
CA ASP A 1459 -48.39 -44.57 -3.13
C ASP A 1459 -48.06 -44.86 -4.59
N ASP A 1460 -48.72 -44.23 -5.57
CA ASP A 1460 -48.48 -44.51 -6.98
C ASP A 1460 -47.51 -43.51 -7.62
N ALA A 1461 -46.55 -43.01 -6.84
CA ALA A 1461 -45.50 -42.13 -7.31
C ALA A 1461 -44.15 -42.67 -6.86
N GLU A 1462 -43.16 -42.61 -7.74
CA GLU A 1462 -41.84 -43.14 -7.41
C GLU A 1462 -40.93 -42.10 -6.76
N HIS A 1463 -40.75 -40.94 -7.37
CA HIS A 1463 -39.88 -39.90 -6.86
C HIS A 1463 -40.58 -38.56 -7.00
N ALA A 1464 -40.31 -37.65 -6.08
CA ALA A 1464 -40.91 -36.31 -6.15
C ALA A 1464 -39.82 -35.27 -5.99
N ARG A 1465 -39.90 -34.19 -6.79
CA ARG A 1465 -38.86 -33.16 -6.77
C ARG A 1465 -39.43 -31.83 -7.25
N TRP A 1466 -38.74 -30.76 -6.87
CA TRP A 1466 -39.00 -29.42 -7.38
C TRP A 1466 -38.42 -29.23 -8.77
N MET A 1467 -39.28 -28.82 -9.72
CA MET A 1467 -38.96 -28.79 -11.14
C MET A 1467 -39.37 -27.45 -11.72
N MET A 1468 -38.48 -26.88 -12.54
CA MET A 1468 -38.66 -25.54 -13.10
C MET A 1468 -39.76 -25.56 -14.16
N VAL A 1469 -40.60 -24.52 -14.19
CA VAL A 1469 -41.71 -24.47 -15.14
C VAL A 1469 -41.23 -23.72 -16.37
N HIS A 1470 -41.30 -24.37 -17.53
CA HIS A 1470 -41.01 -23.75 -18.82
C HIS A 1470 -41.79 -24.49 -19.89
N GLY A 1471 -41.79 -23.91 -21.10
CA GLY A 1471 -42.57 -24.43 -22.19
C GLY A 1471 -42.02 -25.68 -22.86
N GLY A 1472 -40.77 -26.05 -22.58
CA GLY A 1472 -40.18 -27.22 -23.20
C GLY A 1472 -40.25 -28.49 -22.36
N LEU A 1473 -41.14 -28.50 -21.37
CA LEU A 1473 -41.28 -29.62 -20.46
C LEU A 1473 -41.99 -30.79 -21.14
N ASN A 1474 -41.50 -32.00 -20.86
CA ASN A 1474 -42.10 -33.21 -21.41
C ASN A 1474 -42.81 -33.94 -20.28
N LEU A 1475 -44.09 -33.67 -20.14
CA LEU A 1475 -44.86 -34.25 -19.06
C LEU A 1475 -45.98 -35.15 -19.58
N PHE A 1476 -46.53 -35.95 -18.66
CA PHE A 1476 -47.59 -36.90 -18.96
C PHE A 1476 -48.88 -36.13 -19.24
N ALA A 1477 -49.64 -36.60 -20.24
CA ALA A 1477 -51.00 -36.18 -20.68
C ALA A 1477 -50.98 -34.69 -21.06
N SER A 1478 -51.95 -33.89 -20.64
CA SER A 1478 -52.04 -32.47 -20.99
C SER A 1478 -51.62 -31.58 -19.82
N HIS A 1479 -50.64 -32.01 -19.04
CA HIS A 1479 -50.16 -31.24 -17.89
C HIS A 1479 -49.38 -29.98 -18.26
N ARG A 1480 -48.83 -29.92 -19.47
CA ARG A 1480 -48.19 -28.71 -20.00
C ARG A 1480 -49.19 -27.57 -20.19
N THR A 1481 -50.42 -27.91 -20.63
CA THR A 1481 -51.55 -26.98 -20.75
C THR A 1481 -51.97 -26.45 -19.38
N LEU A 1482 -51.97 -27.33 -18.36
CA LEU A 1482 -52.28 -26.98 -16.98
C LEU A 1482 -51.25 -26.02 -16.38
N LEU A 1483 -49.96 -26.29 -16.66
CA LEU A 1483 -48.86 -25.41 -16.23
C LEU A 1483 -48.89 -24.06 -16.94
N GLN A 1484 -49.31 -24.07 -18.22
CA GLN A 1484 -49.55 -22.85 -19.01
C GLN A 1484 -50.64 -21.99 -18.38
N HIS A 1485 -51.74 -22.63 -17.93
CA HIS A 1485 -52.83 -21.96 -17.22
C HIS A 1485 -52.39 -21.37 -15.88
N VAL A 1486 -51.54 -22.11 -15.13
CA VAL A 1486 -50.97 -21.64 -13.84
C VAL A 1486 -50.09 -20.41 -14.05
N THR A 1487 -49.21 -20.45 -15.07
CA THR A 1487 -48.32 -19.33 -15.38
C THR A 1487 -49.09 -18.15 -15.98
N SER A 1488 -50.16 -18.42 -16.72
CA SER A 1488 -51.03 -17.37 -17.24
C SER A 1488 -51.72 -16.62 -16.11
N ALA A 1489 -52.20 -17.37 -15.10
CA ALA A 1489 -52.87 -16.78 -13.94
C ALA A 1489 -51.90 -16.00 -13.05
N LEU A 1490 -50.66 -16.48 -12.91
CA LEU A 1490 -49.69 -15.84 -12.03
C LEU A 1490 -48.74 -14.87 -12.70
N ASN A 1491 -48.88 -14.67 -14.04
CA ASN A 1491 -48.05 -13.83 -14.93
C ASN A 1491 -46.57 -14.24 -14.84
N ALA A 1492 -46.34 -15.55 -14.91
CA ALA A 1492 -45.03 -16.17 -14.83
C ALA A 1492 -44.53 -16.57 -16.21
N TYR A 1493 -43.25 -16.94 -16.26
CA TYR A 1493 -42.58 -17.37 -17.49
C TYR A 1493 -43.09 -18.73 -17.96
N PHE A 1494 -43.28 -18.84 -19.28
CA PHE A 1494 -43.69 -20.07 -19.96
C PHE A 1494 -43.36 -19.93 -21.44
N SER B 51 17.51 20.64 -62.33
CA SER B 51 17.35 19.20 -62.53
C SER B 51 16.71 18.91 -63.88
N VAL B 52 17.00 17.73 -64.43
CA VAL B 52 16.46 17.30 -65.72
C VAL B 52 15.02 16.84 -65.52
N ALA B 53 14.12 17.39 -66.33
CA ALA B 53 12.70 17.07 -66.29
C ALA B 53 12.42 15.64 -66.75
N ALA B 54 11.51 14.98 -66.03
CA ALA B 54 11.08 13.62 -66.30
C ALA B 54 10.28 13.56 -67.60
N LYS B 55 10.53 12.53 -68.40
CA LYS B 55 9.81 12.35 -69.66
C LYS B 55 8.88 11.16 -69.62
N THR B 56 9.16 10.16 -68.78
CA THR B 56 8.38 8.94 -68.61
C THR B 56 8.19 8.72 -67.12
N LEU B 57 7.07 8.08 -66.75
CA LEU B 57 6.72 7.85 -65.35
C LEU B 57 6.23 6.41 -65.18
N LEU B 58 6.42 5.87 -63.97
CA LEU B 58 6.03 4.46 -63.68
C LEU B 58 4.73 4.41 -62.89
N ILE B 59 3.61 4.07 -63.54
CA ILE B 59 2.31 3.93 -62.84
C ILE B 59 2.01 2.46 -62.54
N GLU B 60 1.65 2.20 -61.28
CA GLU B 60 1.30 0.85 -60.85
C GLU B 60 0.00 0.43 -61.56
N ASN B 61 -0.02 -0.82 -62.04
CA ASN B 61 -1.17 -1.37 -62.76
C ASN B 61 -2.39 -1.57 -61.84
N GLU B 62 -3.58 -1.59 -62.48
CA GLU B 62 -4.85 -1.85 -61.79
C GLU B 62 -4.95 -3.26 -61.18
N ASP B 63 -4.21 -4.24 -61.72
CA ASP B 63 -4.11 -5.59 -61.18
C ASP B 63 -3.37 -5.66 -59.84
N GLY B 64 -2.53 -4.65 -59.53
CA GLY B 64 -1.72 -4.59 -58.34
C GLY B 64 -0.51 -5.50 -58.36
N LYS B 65 -0.10 -5.96 -59.54
CA LYS B 65 1.03 -6.84 -59.71
C LYS B 65 2.05 -6.17 -60.64
N GLY B 66 2.88 -5.31 -60.06
CA GLY B 66 3.90 -4.59 -60.82
C GLY B 66 3.45 -3.24 -61.33
N SER B 67 4.43 -2.48 -61.81
CA SER B 67 4.24 -1.14 -62.34
C SER B 67 4.80 -1.03 -63.76
N THR B 68 4.04 -0.43 -64.67
CA THR B 68 4.48 -0.25 -66.05
C THR B 68 4.88 1.22 -66.28
N ARG B 69 5.95 1.42 -67.06
CA ARG B 69 6.49 2.73 -67.45
C ARG B 69 5.84 3.26 -68.73
N MET B 70 5.29 4.48 -68.70
CA MET B 70 4.68 5.14 -69.87
C MET B 70 4.95 6.64 -69.78
N GLU B 71 4.84 7.33 -70.94
CA GLU B 71 5.09 8.77 -71.08
C GLU B 71 4.10 9.57 -70.22
N VAL B 72 4.60 10.68 -69.65
CA VAL B 72 3.89 11.56 -68.71
C VAL B 72 2.65 12.22 -69.33
N GLN B 73 2.75 12.69 -70.59
CA GLN B 73 1.63 13.34 -71.29
C GLN B 73 0.48 12.37 -71.61
N ASP B 74 0.81 11.08 -71.81
CA ASP B 74 -0.17 10.02 -72.06
C ASP B 74 -0.97 9.71 -70.81
N PHE B 75 -0.27 9.57 -69.67
CA PHE B 75 -0.92 9.35 -68.38
C PHE B 75 -1.71 10.57 -67.97
N MET B 76 -1.10 11.75 -68.10
CA MET B 76 -1.61 13.03 -67.65
C MET B 76 -2.78 13.60 -68.50
N LYS B 77 -3.13 12.94 -69.64
CA LYS B 77 -4.25 13.31 -70.51
C LYS B 77 -5.62 13.19 -69.82
N ARG B 78 -5.76 12.26 -68.86
CA ARG B 78 -7.00 11.95 -68.14
C ARG B 78 -7.47 13.02 -67.14
N PHE B 79 -6.72 14.10 -66.93
CA PHE B 79 -7.06 15.17 -66.00
C PHE B 79 -7.58 16.34 -66.81
N HIS B 80 -8.70 16.90 -66.36
CA HIS B 80 -9.44 17.96 -67.03
C HIS B 80 -9.53 19.27 -66.25
N MET B 81 -9.81 20.32 -67.01
CA MET B 81 -10.07 21.62 -66.38
C MET B 81 -11.28 22.22 -67.09
N HIS B 82 -11.92 23.21 -66.51
CA HIS B 82 -13.13 23.90 -66.93
C HIS B 82 -12.72 25.33 -67.21
N ALA B 83 -13.03 25.83 -68.42
CA ALA B 83 -12.71 27.22 -68.74
C ALA B 83 -13.71 28.16 -68.07
N SER B 84 -14.93 27.67 -67.86
CA SER B 84 -16.06 28.33 -67.26
C SER B 84 -16.92 27.25 -66.61
N GLU B 85 -17.87 27.68 -65.77
CA GLU B 85 -18.80 26.81 -65.03
C GLU B 85 -19.66 25.96 -65.96
N ASP B 86 -20.10 26.54 -67.08
CA ASP B 86 -20.95 25.94 -68.11
C ASP B 86 -20.36 24.68 -68.74
N ASP B 87 -19.03 24.67 -68.96
CA ASP B 87 -18.28 23.55 -69.55
C ASP B 87 -18.38 22.28 -68.68
N LYS B 88 -18.63 21.15 -69.35
CA LYS B 88 -18.77 19.83 -68.74
C LYS B 88 -17.73 18.82 -69.22
N THR B 89 -17.55 18.69 -70.54
CA THR B 89 -16.57 17.80 -71.18
C THR B 89 -15.14 18.20 -70.84
N GLY B 90 -14.87 19.50 -70.84
CA GLY B 90 -13.57 20.03 -70.51
C GLY B 90 -12.51 20.02 -71.60
N SER B 91 -11.34 20.49 -71.18
CA SER B 91 -10.09 20.68 -71.89
C SER B 91 -8.92 20.04 -71.13
N PRO B 92 -7.79 19.71 -71.82
CA PRO B 92 -6.57 19.18 -71.16
C PRO B 92 -6.06 20.13 -70.06
N SER B 93 -5.64 19.53 -68.94
CA SER B 93 -5.30 20.32 -67.71
C SER B 93 -4.13 21.28 -67.93
N THR B 94 -2.88 20.82 -68.10
CA THR B 94 -1.70 21.70 -68.41
C THR B 94 -1.19 22.47 -67.17
N ALA B 95 -1.64 22.14 -65.98
CA ALA B 95 -1.24 22.75 -64.72
C ALA B 95 -0.74 21.66 -63.80
N TRP B 96 0.51 21.27 -63.94
CA TRP B 96 1.11 20.31 -63.03
C TRP B 96 2.62 20.50 -62.99
N GLY B 97 3.20 20.20 -61.84
CA GLY B 97 4.63 20.37 -61.72
C GLY B 97 5.13 20.41 -60.30
N THR B 98 6.10 21.27 -60.01
CA THR B 98 6.62 21.44 -58.67
C THR B 98 6.69 22.92 -58.33
N LEU B 99 6.36 23.22 -57.08
CA LEU B 99 6.45 24.56 -56.52
C LEU B 99 7.59 24.68 -55.54
N ARG B 100 8.33 25.77 -55.66
CA ARG B 100 9.40 26.12 -54.75
C ARG B 100 8.88 27.26 -53.88
N PHE B 101 8.93 27.05 -52.57
CA PHE B 101 8.54 27.96 -51.51
C PHE B 101 9.77 28.56 -50.86
N PRO B 102 9.71 29.84 -50.40
CA PRO B 102 10.84 30.42 -49.64
C PRO B 102 11.07 29.67 -48.33
N THR B 103 12.36 29.53 -47.96
CA THR B 103 12.94 28.83 -46.80
C THR B 103 12.67 27.32 -46.76
N LYS B 104 12.23 26.70 -47.85
CA LYS B 104 12.01 25.26 -47.97
C LYS B 104 12.94 24.69 -49.03
N GLU B 105 13.71 23.67 -48.64
CA GLU B 105 14.68 23.05 -49.54
C GLU B 105 14.01 22.22 -50.64
N ALA B 106 13.00 21.43 -50.28
CA ALA B 106 12.38 20.54 -51.26
C ALA B 106 11.22 21.24 -51.97
N THR B 107 10.92 20.77 -53.18
CA THR B 107 9.80 21.30 -53.94
C THR B 107 8.59 20.38 -53.80
N ALA B 108 7.40 20.98 -53.89
CA ALA B 108 6.14 20.24 -53.74
C ALA B 108 5.39 20.12 -55.05
N PRO B 109 5.09 18.89 -55.54
CA PRO B 109 4.26 18.72 -56.76
C PRO B 109 2.82 19.23 -56.62
N TYR B 110 2.29 19.73 -57.73
CA TYR B 110 0.91 20.19 -57.81
C TYR B 110 0.22 19.69 -59.07
N LEU B 111 -1.06 19.35 -58.93
CA LEU B 111 -1.87 18.93 -60.08
C LEU B 111 -3.26 19.54 -59.94
N ARG B 112 -3.68 20.29 -60.96
CA ARG B 112 -5.04 20.84 -61.04
C ARG B 112 -5.93 19.89 -61.86
N LEU B 113 -6.96 19.39 -61.19
CA LEU B 113 -7.83 18.41 -61.84
C LEU B 113 -9.28 18.81 -61.66
N SER B 114 -10.17 18.13 -62.38
CA SER B 114 -11.59 18.52 -62.34
C SER B 114 -12.37 17.68 -61.35
N VAL B 115 -13.57 18.14 -61.03
CA VAL B 115 -14.45 17.43 -60.08
C VAL B 115 -14.91 16.05 -60.58
N ASN B 116 -15.06 15.86 -61.90
CA ASN B 116 -15.54 14.59 -62.44
C ASN B 116 -14.47 13.53 -62.60
N ASP B 117 -13.20 13.88 -62.36
CA ASP B 117 -12.07 12.98 -62.49
C ASP B 117 -12.08 11.87 -61.44
N ASP B 118 -11.55 10.71 -61.84
CA ASP B 118 -11.49 9.53 -60.98
C ASP B 118 -10.44 9.74 -59.88
N PRO B 119 -10.82 9.59 -58.59
CA PRO B 119 -9.83 9.68 -57.48
C PRO B 119 -8.72 8.62 -57.48
N GLU B 120 -8.97 7.44 -58.08
CA GLU B 120 -7.95 6.41 -58.28
C GLU B 120 -6.80 6.88 -59.16
N ASP B 121 -7.10 7.70 -60.18
CA ASP B 121 -6.11 8.28 -61.08
C ASP B 121 -5.19 9.27 -60.35
N ALA B 122 -5.77 10.09 -59.47
CA ALA B 122 -5.03 11.03 -58.62
C ALA B 122 -4.17 10.28 -57.61
N LEU B 123 -4.70 9.17 -57.09
CA LEU B 123 -3.98 8.26 -56.20
C LEU B 123 -2.78 7.64 -56.91
N LEU B 124 -2.96 7.25 -58.19
CA LEU B 124 -1.91 6.73 -59.07
C LEU B 124 -0.84 7.78 -59.33
N PHE B 125 -1.25 9.05 -59.48
CA PHE B 125 -0.33 10.19 -59.65
C PHE B 125 0.59 10.37 -58.43
N VAL B 126 -0.01 10.32 -57.22
CA VAL B 126 0.76 10.46 -55.95
C VAL B 126 1.73 9.29 -55.75
N LYS B 127 1.24 8.05 -56.02
CA LYS B 127 2.03 6.81 -55.97
C LYS B 127 3.16 6.80 -57.00
N ALA B 128 2.88 7.31 -58.22
CA ALA B 128 3.86 7.39 -59.29
C ALA B 128 5.00 8.37 -58.97
N MET B 129 4.69 9.56 -58.42
CA MET B 129 5.75 10.49 -57.96
C MET B 129 6.60 9.95 -56.81
N LEU B 130 5.96 9.37 -55.76
CA LEU B 130 6.70 8.79 -54.63
C LEU B 130 7.55 7.59 -55.10
N ALA B 131 6.99 6.77 -56.00
CA ALA B 131 7.68 5.62 -56.59
C ALA B 131 8.86 6.08 -57.45
N GLN B 132 8.69 7.20 -58.16
CA GLN B 132 9.78 7.79 -58.94
C GLN B 132 10.91 8.32 -58.05
N LYS B 133 10.55 9.05 -56.97
CA LYS B 133 11.53 9.71 -56.12
C LYS B 133 12.27 8.73 -55.20
N TYR B 134 11.56 7.78 -54.57
CA TYR B 134 12.15 6.91 -53.55
C TYR B 134 12.34 5.47 -54.00
N GLY B 135 12.13 5.17 -55.27
CA GLY B 135 12.22 3.80 -55.74
C GLY B 135 10.89 3.08 -55.57
N GLU B 136 10.81 1.87 -56.15
CA GLU B 136 9.61 1.03 -56.12
C GLU B 136 9.22 0.56 -54.73
N THR B 137 10.20 0.19 -53.89
CA THR B 137 9.93 -0.29 -52.54
C THR B 137 9.93 0.84 -51.50
N TYR B 138 9.16 1.90 -51.73
CA TYR B 138 9.00 2.94 -50.74
C TYR B 138 8.04 2.50 -49.62
N ASP B 139 8.20 3.12 -48.45
CA ASP B 139 7.44 2.81 -47.25
C ASP B 139 5.96 3.19 -47.42
N ARG B 140 5.11 2.19 -47.56
CA ARG B 140 3.66 2.30 -47.70
C ARG B 140 3.01 2.76 -46.40
N PRO B 141 1.95 3.60 -46.46
CA PRO B 141 1.29 4.06 -45.23
C PRO B 141 0.40 3.00 -44.58
N SER B 142 0.52 2.89 -43.26
CA SER B 142 -0.44 2.07 -42.55
C SER B 142 -1.55 2.87 -41.89
N LEU B 143 -1.63 4.18 -42.12
CA LEU B 143 -2.65 5.04 -41.54
C LEU B 143 -2.72 6.31 -42.39
N ILE B 144 -3.95 6.74 -42.72
CA ILE B 144 -4.19 8.00 -43.42
C ILE B 144 -4.95 8.89 -42.44
N LEU B 145 -4.32 9.97 -42.01
CA LEU B 145 -4.88 10.89 -41.03
C LEU B 145 -5.33 12.17 -41.72
N SER B 146 -6.65 12.34 -41.86
CA SER B 146 -7.20 13.56 -42.45
C SER B 146 -7.54 14.61 -41.41
N VAL B 147 -6.90 15.78 -41.48
CA VAL B 147 -7.18 16.83 -40.50
C VAL B 147 -8.00 17.91 -41.20
N THR B 148 -9.24 18.11 -40.74
CA THR B 148 -10.11 19.14 -41.29
C THR B 148 -10.65 20.06 -40.21
N GLY B 149 -11.12 21.23 -40.63
CA GLY B 149 -11.72 22.14 -39.68
C GLY B 149 -11.66 23.60 -40.10
N GLY B 150 -11.60 24.43 -39.06
CA GLY B 150 -11.67 25.89 -39.21
C GLY B 150 -10.46 26.48 -39.88
N ALA B 151 -10.68 27.33 -40.91
CA ALA B 151 -9.51 27.99 -41.45
C ALA B 151 -9.43 29.50 -41.20
N ARG B 152 -10.50 30.27 -41.41
CA ARG B 152 -10.42 31.71 -41.13
C ARG B 152 -10.55 32.03 -39.65
N ASN B 153 -11.76 31.84 -39.11
CA ASN B 153 -12.22 32.06 -37.74
C ASN B 153 -11.83 30.74 -37.01
N PHE B 154 -10.52 30.47 -36.95
CA PHE B 154 -10.00 29.33 -36.15
C PHE B 154 -9.16 29.98 -35.06
N THR B 155 -9.79 30.35 -33.96
CA THR B 155 -9.12 31.01 -32.87
C THR B 155 -9.26 29.99 -31.75
N LEU B 156 -8.16 29.66 -31.08
CA LEU B 156 -8.27 28.72 -29.99
C LEU B 156 -7.28 29.05 -28.89
N PRO B 157 -7.59 28.67 -27.64
CA PRO B 157 -6.59 28.77 -26.57
C PRO B 157 -5.38 27.90 -26.85
N PRO B 158 -4.14 28.38 -26.50
CA PRO B 158 -2.85 27.67 -26.77
C PRO B 158 -2.67 26.24 -26.24
N ARG B 159 -3.22 25.97 -25.04
CA ARG B 159 -3.17 24.66 -24.39
C ARG B 159 -3.91 23.58 -25.19
N LEU B 160 -5.10 23.90 -25.78
CA LEU B 160 -5.86 22.97 -26.61
C LEU B 160 -5.11 22.58 -27.89
N GLU B 161 -4.43 23.56 -28.48
CA GLU B 161 -3.65 23.30 -29.69
C GLU B 161 -2.54 22.33 -29.30
N THR B 162 -1.72 22.73 -28.34
CA THR B 162 -0.56 21.93 -27.92
C THR B 162 -0.96 20.48 -27.59
N ALA B 163 -2.09 20.28 -26.88
CA ALA B 163 -2.57 18.93 -26.54
C ALA B 163 -2.95 18.09 -27.78
N ILE B 164 -3.70 18.71 -28.73
CA ILE B 164 -4.10 18.06 -30.01
C ILE B 164 -2.84 17.80 -30.85
N ALA B 165 -1.90 18.78 -30.85
CA ALA B 165 -0.62 18.74 -31.56
C ALA B 165 0.25 17.59 -31.07
N LYS B 166 0.31 17.41 -29.73
CA LYS B 166 1.07 16.35 -29.07
C LYS B 166 0.52 14.98 -29.47
N GLY B 167 -0.81 14.84 -29.43
CA GLY B 167 -1.49 13.59 -29.81
C GLY B 167 -1.32 13.27 -31.30
N LEU B 168 -1.47 14.30 -32.14
CA LEU B 168 -1.34 14.20 -33.60
C LEU B 168 0.08 13.87 -34.02
N ARG B 169 1.07 14.52 -33.37
CA ARG B 169 2.49 14.29 -33.58
C ARG B 169 2.91 12.88 -33.19
N LEU B 170 2.36 12.40 -32.09
CA LEU B 170 2.75 11.05 -31.61
C LEU B 170 2.15 10.03 -32.58
N ALA B 171 0.87 10.15 -32.85
CA ALA B 171 0.18 9.23 -33.75
C ALA B 171 0.85 9.16 -35.12
N ALA B 172 1.21 10.34 -35.67
CA ALA B 172 1.85 10.49 -36.97
C ALA B 172 3.25 9.89 -36.97
N GLN B 173 4.02 10.12 -35.89
CA GLN B 173 5.39 9.61 -35.82
C GLN B 173 5.41 8.11 -35.56
N ARG B 174 4.41 7.58 -34.85
CA ARG B 174 4.40 6.15 -34.61
C ARG B 174 3.85 5.34 -35.78
N THR B 175 2.88 5.87 -36.53
CA THR B 175 2.29 5.07 -37.60
C THR B 175 2.78 5.35 -39.01
N ASN B 176 3.71 6.31 -39.22
CA ASN B 176 4.18 6.85 -40.51
C ASN B 176 3.05 7.32 -41.44
N ALA B 177 2.04 7.95 -40.84
CA ALA B 177 0.76 8.30 -41.44
C ALA B 177 0.86 9.35 -42.54
N TRP B 178 -0.02 9.24 -43.53
CA TRP B 178 -0.15 10.30 -44.53
C TRP B 178 -1.22 11.24 -44.02
N VAL B 179 -0.84 12.49 -43.76
CA VAL B 179 -1.78 13.48 -43.26
C VAL B 179 -2.31 14.31 -44.41
N VAL B 180 -3.62 14.25 -44.61
CA VAL B 180 -4.27 14.97 -45.69
C VAL B 180 -5.11 16.07 -45.06
N THR B 181 -4.75 17.32 -45.35
CA THR B 181 -5.47 18.50 -44.92
C THR B 181 -5.75 19.32 -46.16
N GLY B 182 -6.25 20.53 -45.98
CA GLY B 182 -6.43 21.42 -47.11
C GLY B 182 -5.07 21.98 -47.52
N GLY B 183 -5.01 22.49 -48.72
CA GLY B 183 -3.82 23.15 -49.21
C GLY B 183 -3.56 24.58 -48.81
N THR B 184 -4.43 25.23 -48.06
CA THR B 184 -4.18 26.64 -47.72
C THR B 184 -3.48 26.91 -46.40
N ASN B 185 -2.96 28.14 -46.31
CA ASN B 185 -2.11 28.65 -45.22
C ASN B 185 -2.94 29.34 -44.13
N THR B 186 -3.96 28.64 -43.64
CA THR B 186 -4.84 29.15 -42.62
C THR B 186 -5.28 28.05 -41.67
N GLY B 187 -5.49 28.44 -40.40
CA GLY B 187 -6.11 27.70 -39.31
C GLY B 187 -5.42 26.40 -38.92
N VAL B 188 -6.26 25.37 -38.74
CA VAL B 188 -5.85 24.04 -38.23
C VAL B 188 -4.95 23.31 -39.23
N MET B 189 -5.16 23.55 -40.54
CA MET B 189 -4.32 23.01 -41.62
C MET B 189 -2.91 23.58 -41.55
N LYS B 190 -2.79 24.90 -41.32
CA LYS B 190 -1.51 25.59 -41.13
C LYS B 190 -0.81 25.09 -39.86
N LEU B 191 -1.59 24.85 -38.79
CA LEU B 191 -1.11 24.30 -37.52
C LEU B 191 -0.56 22.89 -37.69
N THR B 192 -1.30 22.06 -38.46
CA THR B 192 -0.96 20.68 -38.83
C THR B 192 0.30 20.67 -39.69
N GLY B 193 0.40 21.66 -40.60
CA GLY B 193 1.60 21.89 -41.42
C GLY B 193 2.84 22.16 -40.59
N GLN B 194 2.70 22.97 -39.52
CA GLN B 194 3.79 23.25 -38.56
C GLN B 194 4.20 21.97 -37.81
N ILE B 195 3.20 21.13 -37.45
CA ILE B 195 3.43 19.83 -36.77
C ILE B 195 4.22 18.88 -37.68
N MET B 196 3.83 18.81 -38.97
CA MET B 196 4.54 17.92 -39.89
C MET B 196 5.86 18.53 -40.34
N GLU B 197 6.01 19.87 -40.22
CA GLU B 197 7.27 20.56 -40.50
C GLU B 197 8.31 20.13 -39.48
N ALA B 198 7.90 20.10 -38.20
CA ALA B 198 8.79 19.62 -37.12
C ALA B 198 9.06 18.12 -37.24
N LEU B 199 8.08 17.38 -37.75
CA LEU B 199 8.17 15.93 -37.98
C LEU B 199 9.16 15.58 -39.10
N SER B 200 9.20 16.42 -40.14
CA SER B 200 10.05 16.36 -41.34
C SER B 200 11.55 16.54 -41.09
N LYS B 201 11.95 17.01 -39.92
CA LYS B 201 13.36 17.21 -39.59
C LYS B 201 13.99 15.96 -38.98
N THR B 202 13.31 15.22 -38.09
CA THR B 202 13.93 14.06 -37.47
C THR B 202 13.96 12.82 -38.38
N GLN B 203 13.23 12.82 -39.49
CA GLN B 203 13.16 11.71 -40.44
C GLN B 203 14.43 11.73 -41.29
N SER B 204 14.94 10.55 -41.65
CA SER B 204 16.17 10.53 -42.44
C SER B 204 15.93 10.22 -43.92
N HIS B 205 15.32 9.07 -44.25
CA HIS B 205 15.11 8.80 -45.67
C HIS B 205 13.75 9.10 -46.26
N PHE B 206 12.68 8.53 -45.69
CA PHE B 206 11.33 8.54 -46.25
C PHE B 206 10.67 9.74 -45.58
N ILE B 207 10.05 10.62 -46.35
CA ILE B 207 9.28 11.68 -45.71
C ILE B 207 7.82 11.49 -46.08
N PRO B 208 6.92 11.27 -45.09
CA PRO B 208 5.46 11.13 -45.36
C PRO B 208 4.86 12.37 -45.99
N PRO B 209 4.10 12.23 -47.10
CA PRO B 209 3.51 13.39 -47.78
C PRO B 209 2.44 14.08 -46.94
N THR B 210 2.40 15.40 -47.04
CA THR B 210 1.37 16.21 -46.42
C THR B 210 0.58 16.75 -47.61
N ILE B 211 -0.41 15.96 -48.03
CA ILE B 211 -1.19 16.28 -49.21
C ILE B 211 -2.21 17.35 -48.87
N GLY B 212 -2.21 18.42 -49.65
CA GLY B 212 -3.19 19.46 -49.50
C GLY B 212 -4.15 19.50 -50.66
N ILE B 213 -5.42 19.22 -50.37
CA ILE B 213 -6.48 19.22 -51.36
C ILE B 213 -7.27 20.51 -51.20
N ALA B 214 -7.20 21.39 -52.19
CA ALA B 214 -7.84 22.69 -52.06
C ALA B 214 -8.62 22.96 -53.34
N THR B 215 -9.71 23.74 -53.22
CA THR B 215 -10.42 24.16 -54.42
C THR B 215 -9.62 25.19 -55.20
N TYR B 216 -9.44 24.94 -56.50
CA TYR B 216 -8.70 25.87 -57.34
C TYR B 216 -9.66 27.06 -57.55
N GLY B 217 -9.13 28.25 -57.73
CA GLY B 217 -9.97 29.42 -57.83
C GLY B 217 -9.89 30.35 -56.66
N VAL B 218 -9.23 29.95 -55.58
CA VAL B 218 -9.10 30.79 -54.41
C VAL B 218 -7.62 31.09 -54.20
N ILE B 219 -6.76 30.52 -55.04
CA ILE B 219 -5.32 30.57 -54.85
C ILE B 219 -4.77 31.79 -55.57
N ILE B 220 -4.01 32.63 -54.86
CA ILE B 220 -3.36 33.81 -55.44
C ILE B 220 -2.26 33.49 -56.46
N GLY B 221 -1.69 32.27 -56.46
CA GLY B 221 -0.68 31.99 -57.46
C GLY B 221 -1.21 31.03 -58.50
N GLY B 222 -2.55 30.91 -58.53
CA GLY B 222 -3.23 30.04 -59.48
C GLY B 222 -3.12 30.44 -60.95
N ASP B 223 -3.18 31.74 -61.24
CA ASP B 223 -3.08 32.23 -62.61
C ASP B 223 -1.70 31.99 -63.25
N ASP B 224 -0.65 32.10 -62.44
CA ASP B 224 0.74 31.99 -62.95
C ASP B 224 1.03 30.54 -63.32
N MET B 225 0.64 29.60 -62.47
CA MET B 225 0.91 28.18 -62.69
C MET B 225 0.25 27.51 -63.90
N THR B 226 -1.01 27.86 -64.25
CA THR B 226 -1.67 27.16 -65.37
C THR B 226 -1.16 27.50 -66.78
N ARG B 227 -0.91 28.76 -67.14
CA ARG B 227 -0.47 29.15 -68.48
C ARG B 227 0.98 28.71 -68.73
N GLY B 228 1.25 28.09 -69.88
CA GLY B 228 2.62 27.75 -70.16
C GLY B 228 2.90 26.30 -70.52
N GLU B 229 4.20 26.03 -70.58
CA GLU B 229 4.81 24.73 -70.83
C GLU B 229 4.42 23.79 -69.69
N PRO B 230 3.72 22.66 -70.02
CA PRO B 230 3.21 21.73 -69.03
C PRO B 230 4.25 21.23 -68.03
N PRO B 231 5.42 20.65 -68.38
CA PRO B 231 6.35 20.29 -67.28
C PRO B 231 7.02 21.48 -66.58
N LYS B 232 6.37 22.12 -65.59
CA LYS B 232 7.02 23.22 -64.85
C LYS B 232 7.79 22.73 -63.63
N ILE B 233 9.10 22.63 -63.79
CA ILE B 233 9.99 22.14 -62.74
C ILE B 233 10.40 23.33 -61.87
N GLY B 234 10.11 23.24 -60.57
CA GLY B 234 10.51 24.27 -59.61
C GLY B 234 9.99 25.70 -59.72
N LEU B 235 8.71 25.88 -60.06
CA LEU B 235 8.09 27.20 -60.20
C LEU B 235 7.99 27.89 -58.84
N GLU B 236 8.44 29.14 -58.78
CA GLU B 236 8.43 29.92 -57.55
C GLU B 236 7.03 30.38 -57.16
N TYR B 237 6.65 30.14 -55.91
CA TYR B 237 5.34 30.54 -55.39
C TYR B 237 5.52 31.77 -54.52
N GLU B 238 4.76 32.82 -54.83
CA GLU B 238 4.82 34.12 -54.15
C GLU B 238 3.57 34.33 -53.31
N MET B 239 3.66 34.01 -52.01
CA MET B 239 2.56 34.19 -51.08
C MET B 239 2.20 35.66 -50.81
N HIS B 240 3.16 36.57 -50.94
CA HIS B 240 2.87 37.98 -50.68
C HIS B 240 2.39 38.77 -51.90
N LYS B 241 2.39 38.20 -53.12
CA LYS B 241 1.94 38.92 -54.32
C LYS B 241 0.43 39.20 -54.35
N LYS B 242 0.08 40.43 -54.76
CA LYS B 242 -1.30 40.90 -54.71
C LYS B 242 -2.14 40.59 -55.95
N ASP B 243 -2.87 39.48 -55.92
CA ASP B 243 -3.92 39.22 -56.91
C ASP B 243 -5.22 39.81 -56.41
N PRO B 244 -5.89 40.70 -57.18
CA PRO B 244 -7.12 41.43 -56.69
C PRO B 244 -8.31 40.54 -56.33
N PRO B 245 -8.77 39.51 -57.09
CA PRO B 245 -10.03 38.80 -56.76
C PRO B 245 -9.93 37.71 -55.70
N LYS B 246 -8.80 37.03 -55.62
CA LYS B 246 -8.56 35.89 -54.75
C LYS B 246 -7.64 36.37 -53.63
N THR B 247 -7.78 35.78 -52.43
CA THR B 247 -7.00 36.25 -51.29
C THR B 247 -6.45 35.15 -50.40
N THR B 248 -6.55 33.88 -50.81
CA THR B 248 -6.13 32.78 -49.95
C THR B 248 -4.87 32.09 -50.47
N PRO B 249 -3.73 32.17 -49.77
CA PRO B 249 -2.51 31.51 -50.24
C PRO B 249 -2.32 30.07 -49.79
N LEU B 250 -1.44 29.36 -50.50
CA LEU B 250 -1.09 27.98 -50.18
C LEU B 250 -0.13 27.90 -48.99
N ASP B 251 -0.28 26.82 -48.22
CA ASP B 251 0.60 26.53 -47.11
C ASP B 251 1.96 26.03 -47.59
N ASP B 252 3.04 26.64 -47.08
CA ASP B 252 4.38 26.30 -47.54
C ASP B 252 4.92 24.99 -46.96
N ASN B 253 4.27 24.41 -45.97
CA ASN B 253 4.75 23.18 -45.34
C ASN B 253 4.11 21.91 -45.90
N HIS B 254 3.22 22.02 -46.88
CA HIS B 254 2.60 20.84 -47.48
C HIS B 254 3.45 20.31 -48.62
N ASN B 255 3.58 18.98 -48.66
CA ASN B 255 4.47 18.31 -49.59
C ASN B 255 3.89 18.02 -50.97
N LEU B 256 2.56 18.15 -51.17
CA LEU B 256 1.92 17.85 -52.45
C LEU B 256 0.57 18.57 -52.46
N PHE B 257 0.12 18.98 -53.66
CA PHE B 257 -1.08 19.78 -53.81
C PHE B 257 -2.00 19.23 -54.89
N LEU B 258 -3.27 19.07 -54.55
CA LEU B 258 -4.32 18.71 -55.50
C LEU B 258 -5.33 19.86 -55.56
N LEU B 259 -5.32 20.59 -56.67
CA LEU B 259 -6.23 21.73 -56.87
C LEU B 259 -7.44 21.26 -57.66
N VAL B 260 -8.56 21.10 -56.96
CA VAL B 260 -9.83 20.66 -57.54
C VAL B 260 -10.57 21.82 -58.17
N ASP B 261 -10.92 21.67 -59.45
CA ASP B 261 -11.51 22.75 -60.24
C ASP B 261 -12.91 22.39 -60.75
N ASP B 262 -13.77 23.43 -60.75
CA ASP B 262 -15.18 23.25 -61.16
C ASP B 262 -15.64 24.46 -61.98
N GLY B 263 -14.71 25.30 -62.46
CA GLY B 263 -15.09 26.43 -63.29
C GLY B 263 -15.67 27.58 -62.49
N SER B 264 -15.25 27.73 -61.23
CA SER B 264 -15.76 28.81 -60.41
C SER B 264 -14.58 29.58 -59.84
N THR B 265 -14.89 30.77 -59.34
CA THR B 265 -13.90 31.66 -58.73
C THR B 265 -14.47 32.11 -57.41
N ASN B 266 -13.61 32.06 -56.36
CA ASN B 266 -13.86 32.47 -54.96
C ASN B 266 -15.04 31.73 -54.33
N LYS B 267 -15.17 30.45 -54.64
CA LYS B 267 -16.17 29.59 -54.02
C LYS B 267 -15.46 28.44 -53.33
N PHE B 268 -15.84 28.19 -52.09
CA PHE B 268 -15.24 27.18 -51.24
C PHE B 268 -16.13 25.95 -51.13
N GLY B 269 -15.54 24.88 -50.62
CA GLY B 269 -16.24 23.64 -50.37
C GLY B 269 -16.48 22.74 -51.56
N LYS B 270 -15.86 23.03 -52.70
CA LYS B 270 -16.03 22.26 -53.92
C LYS B 270 -15.15 21.01 -53.96
N GLU B 271 -14.19 20.87 -53.03
CA GLU B 271 -13.24 19.78 -53.05
C GLU B 271 -13.56 18.67 -52.05
N ILE B 272 -14.68 18.81 -51.31
CA ILE B 272 -15.09 17.96 -50.18
C ILE B 272 -15.37 16.50 -50.60
N LYS B 273 -16.18 16.31 -51.66
CA LYS B 273 -16.55 14.99 -52.20
C LYS B 273 -15.35 14.23 -52.74
N PHE B 274 -14.48 14.93 -53.49
CA PHE B 274 -13.25 14.36 -54.01
C PHE B 274 -12.26 13.99 -52.89
N ARG B 275 -12.18 14.82 -51.83
CA ARG B 275 -11.29 14.57 -50.68
C ARG B 275 -11.69 13.31 -49.93
N ALA B 276 -13.00 13.14 -49.65
CA ALA B 276 -13.54 11.93 -49.01
C ALA B 276 -13.35 10.69 -49.88
N ALA B 277 -13.65 10.83 -51.19
CA ALA B 277 -13.50 9.76 -52.18
C ALA B 277 -12.03 9.35 -52.39
N PHE B 278 -11.12 10.34 -52.43
CA PHE B 278 -9.67 10.12 -52.60
C PHE B 278 -9.07 9.39 -51.40
N GLU B 279 -9.47 9.82 -50.17
CA GLU B 279 -9.04 9.15 -48.94
C GLU B 279 -9.56 7.73 -48.87
N ASN B 280 -10.84 7.51 -49.25
CA ASN B 280 -11.46 6.17 -49.30
C ASN B 280 -10.77 5.27 -50.33
N ALA B 281 -10.44 5.82 -51.51
CA ALA B 281 -9.73 5.12 -52.59
C ALA B 281 -8.31 4.71 -52.16
N ALA B 282 -7.62 5.66 -51.48
CA ALA B 282 -6.29 5.44 -50.92
C ALA B 282 -6.32 4.38 -49.83
N GLY B 283 -7.37 4.43 -48.98
CA GLY B 283 -7.61 3.46 -47.92
C GLY B 283 -7.82 2.06 -48.45
N GLN B 284 -8.59 1.92 -49.54
CA GLN B 284 -8.77 0.61 -50.18
C GLN B 284 -7.48 0.12 -50.83
N ALA B 285 -6.73 1.02 -51.48
CA ALA B 285 -5.50 0.65 -52.20
C ALA B 285 -4.37 0.19 -51.27
N PHE B 286 -4.14 0.88 -50.14
CA PHE B 286 -3.03 0.48 -49.27
C PHE B 286 -3.48 -0.43 -48.14
N ALA B 287 -4.78 -0.79 -48.10
CA ALA B 287 -5.48 -1.58 -47.07
C ALA B 287 -5.29 -1.03 -45.66
N ALA B 288 -5.29 0.32 -45.52
CA ALA B 288 -5.03 1.09 -44.32
C ALA B 288 -6.26 1.86 -43.88
N PRO B 289 -6.58 1.90 -42.58
CA PRO B 289 -7.73 2.72 -42.13
C PRO B 289 -7.49 4.21 -42.29
N VAL B 290 -8.56 4.92 -42.63
CA VAL B 290 -8.57 6.36 -42.78
C VAL B 290 -9.25 7.00 -41.57
N VAL B 291 -8.57 7.89 -40.86
CA VAL B 291 -9.18 8.52 -39.68
C VAL B 291 -9.25 10.01 -39.92
N THR B 292 -10.47 10.56 -39.94
CA THR B 292 -10.69 11.98 -40.06
C THR B 292 -10.71 12.57 -38.65
N ILE B 293 -10.11 13.76 -38.46
CA ILE B 293 -10.09 14.46 -37.18
C ILE B 293 -10.74 15.83 -37.40
N VAL B 294 -11.73 16.16 -36.56
CA VAL B 294 -12.52 17.39 -36.70
C VAL B 294 -12.23 18.31 -35.51
N VAL B 295 -11.56 19.44 -35.79
CA VAL B 295 -11.27 20.48 -34.80
C VAL B 295 -11.91 21.79 -35.28
N GLN B 296 -12.78 22.37 -34.45
CA GLN B 296 -13.66 23.59 -34.64
C GLN B 296 -14.48 23.38 -35.93
N GLY B 297 -14.27 24.24 -36.93
CA GLY B 297 -14.93 24.08 -38.22
C GLY B 297 -16.19 24.90 -38.41
N GLY B 298 -16.41 25.17 -39.69
CA GLY B 298 -17.56 25.87 -40.23
C GLY B 298 -18.51 24.91 -40.94
N PRO B 299 -19.39 25.43 -41.83
CA PRO B 299 -20.33 24.56 -42.61
C PRO B 299 -19.69 23.53 -43.53
N GLY B 300 -18.53 23.85 -44.13
CA GLY B 300 -17.88 22.88 -45.01
C GLY B 300 -17.23 21.73 -44.27
N THR B 301 -16.85 21.96 -43.00
CA THR B 301 -16.32 20.91 -42.14
C THR B 301 -17.41 19.87 -41.82
N LEU B 302 -18.65 20.38 -41.65
CA LEU B 302 -19.86 19.57 -41.47
C LEU B 302 -20.12 18.72 -42.71
N GLY B 303 -19.95 19.35 -43.89
CA GLY B 303 -20.06 18.64 -45.15
C GLY B 303 -18.96 17.61 -45.37
N THR B 304 -17.73 17.93 -44.90
CA THR B 304 -16.57 17.03 -44.93
C THR B 304 -16.80 15.78 -44.08
N ALA B 305 -17.33 15.98 -42.86
CA ALA B 305 -17.71 14.91 -41.95
C ALA B 305 -18.86 14.07 -42.50
N LEU B 306 -19.85 14.74 -43.15
CA LEU B 306 -20.99 14.06 -43.80
C LEU B 306 -20.56 13.14 -44.94
N GLN B 307 -19.67 13.63 -45.83
CA GLN B 307 -19.08 12.84 -46.92
C GLN B 307 -18.23 11.69 -46.39
N ALA B 308 -17.45 11.97 -45.33
CA ALA B 308 -16.60 10.99 -44.68
C ALA B 308 -17.42 9.84 -44.09
N VAL B 309 -18.55 10.16 -43.44
CA VAL B 309 -19.39 9.13 -42.83
C VAL B 309 -20.19 8.37 -43.90
N ARG B 310 -20.50 9.06 -45.03
CA ARG B 310 -21.17 8.41 -46.16
C ARG B 310 -20.24 7.45 -46.93
N GLN B 311 -18.95 7.77 -47.02
CA GLN B 311 -17.97 6.91 -47.68
C GLN B 311 -17.40 5.82 -46.77
N GLY B 312 -17.92 5.65 -45.55
CA GLY B 312 -17.48 4.62 -44.63
C GLY B 312 -16.28 4.98 -43.77
N THR B 313 -15.73 6.18 -43.94
CA THR B 313 -14.56 6.61 -43.18
C THR B 313 -14.95 7.08 -41.78
N PRO B 314 -14.37 6.50 -40.71
CA PRO B 314 -14.64 6.98 -39.35
C PRO B 314 -14.09 8.39 -39.09
N ILE B 315 -14.75 9.11 -38.18
CA ILE B 315 -14.35 10.47 -37.80
C ILE B 315 -14.11 10.52 -36.29
N VAL B 316 -13.17 11.39 -35.88
CA VAL B 316 -12.86 11.66 -34.47
C VAL B 316 -13.13 13.13 -34.23
N VAL B 317 -14.16 13.42 -33.45
CA VAL B 317 -14.59 14.79 -33.19
C VAL B 317 -14.01 15.25 -31.85
N VAL B 318 -13.23 16.33 -31.87
CA VAL B 318 -12.61 16.87 -30.65
C VAL B 318 -13.62 17.81 -29.98
N ASP B 319 -14.29 17.30 -28.94
CA ASP B 319 -15.22 18.06 -28.10
C ASP B 319 -14.48 19.07 -27.23
N GLY B 320 -15.14 20.20 -26.98
CA GLY B 320 -14.59 21.29 -26.19
C GLY B 320 -13.78 22.30 -26.96
N SER B 321 -13.58 22.08 -28.26
CA SER B 321 -12.87 23.04 -29.07
C SER B 321 -13.81 24.10 -29.64
N GLY B 322 -15.11 23.94 -29.47
CA GLY B 322 -16.05 24.95 -29.90
C GLY B 322 -16.50 24.71 -31.33
N LEU B 323 -17.54 25.47 -31.70
CA LEU B 323 -18.16 25.64 -33.04
C LEU B 323 -18.74 24.29 -33.51
N ALA B 324 -18.42 23.83 -34.73
CA ALA B 324 -19.08 22.67 -35.37
C ALA B 324 -18.79 21.35 -34.65
N ALA B 325 -17.60 21.25 -34.05
CA ALA B 325 -17.18 20.08 -33.25
C ALA B 325 -18.07 19.91 -32.02
N ASP B 326 -18.43 21.02 -31.35
CA ASP B 326 -19.36 20.99 -30.20
C ASP B 326 -20.76 20.55 -30.63
N VAL B 327 -21.18 20.98 -31.83
CA VAL B 327 -22.48 20.62 -32.42
C VAL B 327 -22.54 19.13 -32.73
N LEU B 328 -21.47 18.60 -33.36
CA LEU B 328 -21.35 17.17 -33.69
C LEU B 328 -21.26 16.27 -32.45
N ALA B 329 -20.47 16.72 -31.46
CA ALA B 329 -20.32 16.02 -30.17
C ALA B 329 -21.63 15.98 -29.38
N TYR B 330 -22.36 17.12 -29.38
CA TYR B 330 -23.67 17.26 -28.72
C TYR B 330 -24.69 16.34 -29.36
N ALA B 331 -24.70 16.28 -30.71
CA ALA B 331 -25.59 15.43 -31.48
C ALA B 331 -25.32 13.95 -31.22
N TYR B 332 -24.03 13.53 -31.20
CA TYR B 332 -23.63 12.15 -30.92
C TYR B 332 -23.99 11.75 -29.49
N ASN B 333 -23.74 12.64 -28.52
CA ASN B 333 -24.05 12.38 -27.12
C ASN B 333 -25.56 12.31 -26.88
N PHE B 334 -26.33 13.13 -27.62
CA PHE B 334 -27.78 13.06 -27.54
C PHE B 334 -28.31 11.75 -28.13
N MET B 335 -27.76 11.31 -29.27
CA MET B 335 -28.31 10.12 -29.90
C MET B 335 -27.79 8.79 -29.37
N HIS B 336 -26.60 8.73 -28.78
CA HIS B 336 -26.04 7.40 -28.51
C HIS B 336 -25.54 7.15 -27.10
N ASN B 337 -25.08 8.20 -26.43
CA ASN B 337 -24.40 8.08 -25.13
C ASN B 337 -25.34 7.74 -23.99
N PRO B 338 -25.25 6.59 -23.28
CA PRO B 338 -26.24 6.34 -22.23
C PRO B 338 -25.89 6.89 -20.87
N LEU B 339 -24.75 7.56 -20.77
CA LEU B 339 -24.29 8.12 -19.47
C LEU B 339 -25.34 9.13 -19.02
N THR B 340 -25.39 9.38 -17.72
CA THR B 340 -26.47 10.29 -17.21
C THR B 340 -26.46 11.77 -17.56
N ARG B 341 -25.30 12.41 -17.71
CA ARG B 341 -25.29 13.87 -17.94
C ARG B 341 -26.11 14.19 -19.18
N PHE B 342 -26.26 13.24 -20.11
CA PHE B 342 -26.91 13.54 -21.40
C PHE B 342 -28.38 13.14 -21.50
N LYS B 343 -29.16 13.13 -20.43
CA LYS B 343 -30.60 12.85 -20.48
C LYS B 343 -31.45 14.11 -20.70
N SER B 344 -30.90 15.30 -20.42
CA SER B 344 -31.54 16.58 -20.65
C SER B 344 -31.28 17.14 -22.06
N TYR B 345 -30.55 16.38 -22.86
CA TYR B 345 -30.24 16.85 -24.22
C TYR B 345 -31.50 16.78 -25.06
N THR B 346 -31.74 17.78 -25.92
CA THR B 346 -32.92 17.88 -26.76
C THR B 346 -32.55 18.35 -28.15
N ILE B 347 -33.46 18.06 -29.11
CA ILE B 347 -33.36 18.51 -30.49
C ILE B 347 -33.44 20.04 -30.62
N ASP B 348 -34.25 20.68 -29.74
CA ASP B 348 -34.41 22.14 -29.68
C ASP B 348 -33.12 22.88 -29.30
N ASP B 349 -32.41 22.38 -28.28
CA ASP B 349 -31.12 22.95 -27.86
C ASP B 349 -30.04 22.73 -28.92
N LEU B 350 -30.11 21.57 -29.61
CA LEU B 350 -29.23 21.25 -30.74
C LEU B 350 -29.46 22.21 -31.91
N ARG B 351 -30.74 22.51 -32.19
CA ARG B 351 -31.18 23.46 -33.23
C ARG B 351 -30.71 24.87 -32.90
N GLN B 352 -30.78 25.22 -31.60
CA GLN B 352 -30.29 26.49 -31.06
C GLN B 352 -28.78 26.62 -31.26
N LYS B 353 -28.05 25.51 -31.00
CA LYS B 353 -26.59 25.45 -31.20
C LYS B 353 -26.20 25.62 -32.67
N VAL B 354 -26.94 24.94 -33.59
CA VAL B 354 -26.71 25.03 -35.05
C VAL B 354 -26.97 26.46 -35.55
N ALA B 355 -28.06 27.08 -35.05
CA ALA B 355 -28.44 28.46 -35.37
C ALA B 355 -27.43 29.49 -34.84
N GLN B 356 -26.92 29.25 -33.62
CA GLN B 356 -25.96 30.17 -33.02
C GLN B 356 -24.57 30.02 -33.65
N THR B 357 -24.22 28.82 -34.10
CA THR B 357 -22.89 28.61 -34.68
C THR B 357 -22.80 28.95 -36.17
N PHE B 358 -23.60 28.30 -37.00
CA PHE B 358 -23.54 28.42 -38.45
C PHE B 358 -24.21 29.62 -39.07
N ASN B 359 -25.24 30.15 -38.39
CA ASN B 359 -26.01 31.33 -38.89
C ASN B 359 -26.75 30.95 -40.18
N PRO B 360 -27.72 29.99 -40.22
CA PRO B 360 -28.34 29.60 -41.51
C PRO B 360 -29.25 30.61 -42.19
N LYS B 361 -29.73 31.65 -41.48
CA LYS B 361 -30.62 32.79 -41.85
C LYS B 361 -32.03 32.40 -42.37
N SER B 362 -32.44 31.12 -42.39
CA SER B 362 -33.72 30.66 -42.91
C SER B 362 -34.03 29.33 -42.24
N SER B 363 -35.33 29.02 -42.12
CA SER B 363 -35.76 27.76 -41.52
C SER B 363 -35.40 26.51 -42.33
N GLN B 364 -35.52 26.56 -43.66
CA GLN B 364 -35.18 25.44 -44.55
C GLN B 364 -33.69 25.09 -44.55
N GLN B 365 -32.84 26.13 -44.52
CA GLN B 365 -31.39 25.99 -44.41
C GLN B 365 -30.98 25.37 -43.08
N LEU B 366 -31.65 25.83 -41.99
CA LEU B 366 -31.46 25.32 -40.62
C LEU B 366 -31.86 23.85 -40.53
N THR B 367 -32.96 23.50 -41.20
CA THR B 367 -33.45 22.13 -41.30
C THR B 367 -32.45 21.24 -42.04
N ASN B 368 -31.87 21.73 -43.16
CA ASN B 368 -30.86 20.97 -43.92
C ASN B 368 -29.55 20.75 -43.17
N LEU B 369 -29.08 21.79 -42.45
CA LEU B 369 -27.84 21.67 -41.64
C LEU B 369 -28.10 20.74 -40.45
N LEU B 370 -29.19 20.95 -39.74
CA LEU B 370 -29.55 20.11 -38.58
C LEU B 370 -29.70 18.66 -38.98
N ASP B 371 -30.35 18.41 -40.13
CA ASP B 371 -30.56 17.09 -40.71
C ASP B 371 -29.23 16.44 -41.10
N SER B 372 -28.32 17.24 -41.68
CA SER B 372 -26.98 16.78 -42.04
C SER B 372 -26.15 16.42 -40.82
N ALA B 373 -26.24 17.24 -39.74
CA ALA B 373 -25.56 17.01 -38.46
C ALA B 373 -26.06 15.73 -37.79
N LEU B 374 -27.38 15.50 -37.84
CA LEU B 374 -27.97 14.27 -37.31
C LEU B 374 -27.65 13.07 -38.20
N GLU B 375 -27.45 13.30 -39.50
CA GLU B 375 -27.10 12.23 -40.43
C GLU B 375 -25.64 11.80 -40.22
N CYS B 376 -24.76 12.72 -39.76
CA CYS B 376 -23.35 12.39 -39.46
C CYS B 376 -23.22 11.38 -38.31
N VAL B 377 -24.01 11.55 -37.27
CA VAL B 377 -23.85 10.74 -36.08
C VAL B 377 -24.91 9.63 -35.99
N GLN B 378 -25.49 9.26 -37.15
CA GLN B 378 -26.47 8.18 -37.27
C GLN B 378 -25.87 6.80 -36.93
N ASP B 379 -24.66 6.55 -37.41
CA ASP B 379 -23.98 5.29 -37.19
C ASP B 379 -23.03 5.56 -36.03
N PRO B 380 -23.25 4.95 -34.84
CA PRO B 380 -22.38 5.21 -33.67
C PRO B 380 -20.93 4.74 -33.80
N ASN B 381 -20.66 3.77 -34.69
CA ASN B 381 -19.30 3.25 -34.86
C ASN B 381 -18.42 4.25 -35.58
N LEU B 382 -18.99 4.99 -36.53
CA LEU B 382 -18.21 5.88 -37.38
C LEU B 382 -17.87 7.22 -36.74
N VAL B 383 -18.36 7.52 -35.54
CA VAL B 383 -18.05 8.78 -34.87
C VAL B 383 -17.45 8.39 -33.53
N VAL B 384 -16.29 8.98 -33.21
CA VAL B 384 -15.61 8.80 -31.94
C VAL B 384 -15.37 10.18 -31.36
N VAL B 385 -15.89 10.44 -30.17
CA VAL B 385 -15.78 11.76 -29.56
C VAL B 385 -14.68 11.74 -28.50
N TYR B 386 -13.71 12.63 -28.71
CA TYR B 386 -12.57 12.90 -27.85
C TYR B 386 -12.90 14.14 -27.04
N SER B 387 -12.70 14.12 -25.71
CA SER B 387 -12.91 15.34 -24.89
C SER B 387 -11.58 15.91 -24.35
N LEU B 388 -11.23 17.16 -24.67
CA LEU B 388 -9.91 17.76 -24.26
C LEU B 388 -10.04 18.47 -22.90
N GLN B 389 -11.20 18.36 -22.25
CA GLN B 389 -11.51 19.01 -20.99
C GLN B 389 -12.17 18.11 -19.96
N GLU B 390 -12.58 16.89 -20.32
CA GLU B 390 -13.19 15.99 -19.36
C GLU B 390 -12.30 14.78 -19.11
N SER B 391 -11.87 14.10 -20.17
CA SER B 391 -11.06 12.89 -20.07
C SER B 391 -9.58 13.23 -19.91
N GLY B 392 -8.74 12.20 -19.97
CA GLY B 392 -7.32 12.37 -19.76
C GLY B 392 -6.57 12.88 -20.98
N ILE B 393 -5.34 13.32 -20.69
CA ILE B 393 -4.42 13.93 -21.65
C ILE B 393 -3.88 12.93 -22.69
N ASP B 394 -3.64 11.69 -22.29
CA ASP B 394 -3.02 10.67 -23.14
C ASP B 394 -4.00 9.64 -23.67
N GLU B 395 -5.21 10.04 -24.04
CA GLU B 395 -6.24 9.11 -24.50
C GLU B 395 -6.73 9.45 -25.91
N PHE B 396 -6.05 10.37 -26.59
CA PHE B 396 -6.40 10.78 -27.95
C PHE B 396 -6.06 9.68 -28.94
N ASP B 397 -4.91 9.04 -28.73
CA ASP B 397 -4.47 7.87 -29.50
C ASP B 397 -5.40 6.67 -29.32
N ASP B 398 -6.00 6.53 -28.12
CA ASP B 398 -7.02 5.52 -27.85
C ASP B 398 -8.29 5.78 -28.67
N CYS B 399 -8.67 7.06 -28.81
CA CYS B 399 -9.79 7.46 -29.67
C CYS B 399 -9.53 7.18 -31.15
N ILE B 400 -8.29 7.46 -31.61
CA ILE B 400 -7.86 7.17 -32.99
C ILE B 400 -7.85 5.66 -33.26
N LEU B 401 -7.36 4.88 -32.29
CA LEU B 401 -7.33 3.41 -32.35
C LEU B 401 -8.73 2.80 -32.32
N LYS B 402 -9.64 3.41 -31.53
CA LYS B 402 -11.05 3.01 -31.46
C LYS B 402 -11.75 3.26 -32.81
N ALA B 403 -11.42 4.39 -33.45
CA ALA B 403 -11.90 4.70 -34.81
C ALA B 403 -11.39 3.68 -35.83
N ILE B 404 -10.11 3.27 -35.70
CA ILE B 404 -9.48 2.25 -36.55
C ILE B 404 -10.16 0.90 -36.39
N PHE B 405 -10.40 0.50 -35.13
CA PHE B 405 -11.05 -0.71 -34.68
C PHE B 405 -12.53 -0.77 -35.03
N SER B 406 -13.18 0.38 -35.19
CA SER B 406 -14.58 0.49 -35.57
C SER B 406 -14.88 0.12 -37.03
N SER B 407 -13.87 -0.02 -37.90
CA SER B 407 -14.12 -0.36 -39.30
C SER B 407 -14.47 -1.85 -39.45
N GLN B 408 -14.79 -2.26 -40.69
CA GLN B 408 -15.18 -3.66 -40.91
C GLN B 408 -14.00 -4.57 -41.24
N GLY B 409 -13.36 -4.37 -42.39
CA GLY B 409 -12.24 -5.21 -42.75
C GLY B 409 -10.88 -4.74 -42.27
N LYS B 410 -9.84 -5.18 -43.03
CA LYS B 410 -8.40 -4.90 -42.85
C LYS B 410 -7.91 -5.31 -41.46
N LEU B 411 -8.28 -6.55 -41.04
CA LEU B 411 -8.02 -7.10 -39.70
C LEU B 411 -6.54 -7.25 -39.35
N GLY B 412 -5.71 -7.68 -40.32
CA GLY B 412 -4.26 -7.76 -40.12
C GLY B 412 -3.64 -6.40 -39.88
N ASN B 413 -4.10 -5.41 -40.66
CA ASN B 413 -3.74 -4.00 -40.54
C ASN B 413 -4.22 -3.41 -39.22
N LYS B 414 -5.42 -3.82 -38.77
CA LYS B 414 -5.98 -3.37 -37.48
C LYS B 414 -5.15 -3.89 -36.31
N LEU B 415 -4.69 -5.15 -36.39
CA LEU B 415 -3.75 -5.72 -35.42
C LEU B 415 -2.39 -5.02 -35.46
N LYS B 416 -1.92 -4.67 -36.69
CA LYS B 416 -0.69 -3.90 -36.90
C LYS B 416 -0.79 -2.49 -36.29
N GLN B 417 -1.95 -1.85 -36.48
CA GLN B 417 -2.26 -0.52 -35.93
C GLN B 417 -2.28 -0.53 -34.41
N ALA B 418 -2.88 -1.60 -33.83
CA ALA B 418 -2.85 -1.81 -32.38
C ALA B 418 -1.43 -2.03 -31.87
N MET B 419 -0.59 -2.71 -32.68
CA MET B 419 0.82 -2.92 -32.35
C MET B 419 1.63 -1.63 -32.40
N TYR B 420 1.34 -0.73 -33.37
CA TYR B 420 2.02 0.58 -33.46
C TYR B 420 1.75 1.49 -32.27
N PHE B 421 0.49 1.56 -31.80
CA PHE B 421 0.14 2.44 -30.68
C PHE B 421 0.50 1.89 -29.29
N ASP B 422 1.03 0.66 -29.20
CA ASP B 422 1.45 -0.06 -27.97
C ASP B 422 0.30 -0.25 -26.98
N GLN B 423 -0.78 -0.82 -27.49
CA GLN B 423 -2.00 -1.12 -26.74
C GLN B 423 -2.22 -2.63 -26.83
N LEU B 424 -1.64 -3.37 -25.90
CA LEU B 424 -1.77 -4.84 -26.00
C LEU B 424 -3.21 -5.22 -25.66
N ASP B 425 -3.76 -4.63 -24.60
CA ASP B 425 -5.11 -5.01 -24.17
C ASP B 425 -6.15 -5.01 -25.29
N VAL B 426 -6.08 -4.01 -26.19
CA VAL B 426 -6.98 -3.88 -27.36
C VAL B 426 -6.81 -5.06 -28.33
N ALA B 427 -5.55 -5.42 -28.60
CA ALA B 427 -5.18 -6.55 -29.46
C ALA B 427 -5.62 -7.89 -28.84
N LYS B 428 -5.42 -8.00 -27.51
CA LYS B 428 -5.82 -9.17 -26.71
C LYS B 428 -7.33 -9.38 -26.72
N ARG B 429 -8.10 -8.28 -26.55
CA ARG B 429 -9.57 -8.32 -26.59
C ARG B 429 -10.10 -8.70 -27.98
N ALA B 430 -9.48 -8.15 -29.05
CA ALA B 430 -9.85 -8.47 -30.44
C ALA B 430 -9.61 -9.94 -30.76
N LEU B 431 -8.46 -10.46 -30.32
CA LEU B 431 -8.08 -11.88 -30.47
C LEU B 431 -9.00 -12.80 -29.67
N SER B 432 -9.34 -12.40 -28.42
CA SER B 432 -10.26 -13.15 -27.55
C SER B 432 -11.67 -13.23 -28.14
N GLU B 433 -12.15 -12.10 -28.71
CA GLU B 433 -13.46 -12.04 -29.38
C GLU B 433 -13.48 -12.92 -30.62
N ALA B 434 -12.37 -12.90 -31.40
CA ALA B 434 -12.19 -13.75 -32.58
C ALA B 434 -12.13 -15.23 -32.19
N SER B 435 -11.46 -15.52 -31.06
CA SER B 435 -11.39 -16.87 -30.47
C SER B 435 -12.76 -17.38 -30.04
N LYS B 436 -13.58 -16.51 -29.45
CA LYS B 436 -14.91 -16.90 -29.01
C LYS B 436 -15.85 -17.09 -30.20
N ASN B 437 -15.67 -16.27 -31.24
CA ASN B 437 -16.51 -16.23 -32.45
C ASN B 437 -16.07 -17.23 -33.53
N GLY B 438 -15.26 -18.24 -33.18
CA GLY B 438 -14.76 -19.29 -34.04
C GLY B 438 -13.67 -18.64 -34.87
N GLN B 439 -14.04 -18.03 -36.03
CA GLN B 439 -13.23 -17.23 -37.00
C GLN B 439 -11.81 -17.74 -37.31
N HIS B 440 -11.65 -19.07 -37.39
CA HIS B 440 -10.33 -19.70 -37.53
C HIS B 440 -9.61 -19.40 -38.86
N ASN B 441 -10.38 -19.25 -39.96
CA ASN B 441 -9.81 -18.96 -41.27
C ASN B 441 -9.18 -17.56 -41.36
N GLU B 442 -9.88 -16.52 -40.87
CA GLU B 442 -9.33 -15.17 -40.91
C GLU B 442 -8.13 -14.97 -39.96
N ILE B 443 -8.16 -15.61 -38.78
CA ILE B 443 -7.07 -15.57 -37.82
C ILE B 443 -5.79 -16.24 -38.34
N ALA B 444 -5.89 -17.46 -38.91
CA ALA B 444 -4.73 -18.19 -39.44
C ALA B 444 -4.06 -17.53 -40.63
N ALA B 445 -4.82 -16.86 -41.50
CA ALA B 445 -4.24 -16.17 -42.65
C ALA B 445 -3.43 -14.93 -42.29
N CYS B 446 -3.75 -14.22 -41.20
CA CYS B 446 -3.04 -12.97 -40.88
C CYS B 446 -2.08 -13.01 -39.69
N ILE B 447 -2.03 -14.08 -38.88
CA ILE B 447 -1.19 -14.17 -37.67
C ILE B 447 0.33 -14.15 -37.97
N ASN B 448 0.77 -14.77 -39.07
CA ASN B 448 2.16 -14.88 -39.50
C ASN B 448 2.78 -13.54 -39.85
N ASP B 449 2.07 -12.76 -40.69
CA ASP B 449 2.52 -11.44 -41.14
C ASP B 449 2.55 -10.44 -39.98
N ASN B 450 1.60 -10.58 -39.04
CA ASN B 450 1.52 -9.73 -37.86
C ASN B 450 2.67 -9.95 -36.89
N LEU B 451 3.05 -11.24 -36.71
CA LEU B 451 4.21 -11.63 -35.90
C LEU B 451 5.51 -11.11 -36.49
N MET B 452 5.61 -11.20 -37.84
CA MET B 452 6.72 -10.70 -38.64
C MET B 452 6.87 -9.20 -38.51
N ALA B 453 5.73 -8.49 -38.59
CA ALA B 453 5.62 -7.03 -38.45
C ALA B 453 6.00 -6.56 -37.05
N ALA B 454 5.58 -7.34 -36.04
CA ALA B 454 5.92 -7.09 -34.64
C ALA B 454 7.43 -7.21 -34.41
N MET B 455 8.08 -8.21 -35.07
CA MET B 455 9.54 -8.31 -35.01
C MET B 455 10.24 -7.13 -35.69
N MET B 456 9.67 -6.63 -36.80
CA MET B 456 10.36 -5.56 -37.58
C MET B 456 10.27 -4.22 -36.84
N HIS B 457 9.16 -3.98 -36.12
CA HIS B 457 8.95 -2.70 -35.45
C HIS B 457 9.37 -2.71 -33.98
N ASN B 458 10.01 -3.80 -33.51
CA ASN B 458 10.59 -4.03 -32.16
C ASN B 458 9.54 -3.92 -31.03
N LYS B 459 8.58 -4.84 -31.06
CA LYS B 459 7.54 -4.95 -30.03
C LYS B 459 7.49 -6.38 -29.48
N PRO B 460 8.39 -6.73 -28.53
CA PRO B 460 8.49 -8.12 -27.99
C PRO B 460 7.24 -8.68 -27.29
N HIS B 461 6.48 -7.79 -26.59
CA HIS B 461 5.24 -8.17 -25.91
C HIS B 461 4.20 -8.62 -26.94
N PHE B 462 4.13 -7.90 -28.06
CA PHE B 462 3.28 -8.30 -29.17
C PHE B 462 3.76 -9.60 -29.83
N VAL B 463 5.09 -9.83 -29.89
CA VAL B 463 5.69 -11.08 -30.40
C VAL B 463 5.27 -12.30 -29.57
N GLU B 464 5.38 -12.19 -28.22
CA GLU B 464 4.93 -13.25 -27.28
C GLU B 464 3.42 -13.45 -27.36
N LEU B 465 2.68 -12.36 -27.55
CA LEU B 465 1.20 -12.43 -27.61
C LEU B 465 0.82 -13.17 -28.89
N TYR B 466 1.41 -12.75 -30.00
CA TYR B 466 1.04 -13.39 -31.27
C TYR B 466 1.49 -14.85 -31.31
N LEU B 467 2.65 -15.18 -30.71
CA LEU B 467 3.11 -16.57 -30.60
C LEU B 467 2.22 -17.40 -29.70
N GLY B 468 1.60 -16.78 -28.67
CA GLY B 468 0.66 -17.51 -27.83
C GLY B 468 -0.65 -17.84 -28.54
N PHE B 469 -1.03 -17.06 -29.55
CA PHE B 469 -2.26 -17.25 -30.33
C PHE B 469 -2.05 -18.03 -31.62
N ASP B 470 -1.49 -19.23 -31.43
CA ASP B 470 -1.32 -20.34 -32.39
C ASP B 470 -0.60 -20.00 -33.69
N ALA B 471 0.43 -19.18 -33.59
CA ALA B 471 1.25 -18.82 -34.74
C ALA B 471 2.51 -19.66 -34.74
N LYS B 472 2.60 -20.61 -35.68
CA LYS B 472 3.77 -21.48 -35.80
C LYS B 472 4.94 -20.62 -36.28
N ILE B 473 6.07 -20.75 -35.61
CA ILE B 473 7.26 -19.93 -35.87
C ILE B 473 7.89 -20.25 -37.23
N TYR B 474 7.89 -21.50 -37.67
CA TYR B 474 8.51 -21.82 -38.93
C TYR B 474 7.59 -21.70 -40.14
N GLU B 475 6.38 -21.14 -40.01
CA GLU B 475 5.54 -20.97 -41.20
C GLU B 475 5.34 -19.52 -41.59
N LEU B 476 6.36 -18.75 -41.15
CA LEU B 476 6.44 -17.30 -41.39
C LEU B 476 6.92 -17.10 -42.82
N LYS B 477 6.32 -16.11 -43.50
CA LYS B 477 6.63 -15.89 -44.93
C LYS B 477 7.14 -14.45 -45.17
N PRO B 478 8.13 -14.21 -46.07
CA PRO B 478 8.58 -12.85 -46.42
C PRO B 478 7.63 -12.16 -47.40
N SER B 479 7.60 -10.82 -47.30
CA SER B 479 6.75 -9.99 -48.15
C SER B 479 7.14 -10.02 -49.63
N GLU B 480 8.43 -9.95 -49.96
CA GLU B 480 8.83 -9.99 -51.37
C GLU B 480 9.27 -11.39 -51.79
N GLU B 481 9.53 -11.54 -53.09
CA GLU B 481 9.97 -12.83 -53.63
C GLU B 481 11.45 -12.77 -54.02
N VAL B 482 12.21 -13.74 -53.55
CA VAL B 482 13.65 -13.82 -53.83
C VAL B 482 13.84 -14.43 -55.22
N ALA B 483 14.76 -13.88 -56.00
CA ALA B 483 15.13 -14.43 -57.30
C ALA B 483 15.93 -15.73 -57.13
N LYS B 484 15.85 -16.61 -58.13
CA LYS B 484 16.56 -17.88 -58.15
C LYS B 484 18.07 -17.70 -58.24
N THR B 485 18.80 -18.55 -57.52
CA THR B 485 20.24 -18.52 -57.41
C THR B 485 20.88 -19.86 -57.82
N ASN B 486 22.03 -19.75 -58.50
CA ASN B 486 22.82 -20.90 -58.96
C ASN B 486 23.42 -21.74 -57.84
N ILE B 487 23.63 -21.17 -56.64
CA ILE B 487 24.18 -21.89 -55.49
C ILE B 487 23.12 -22.85 -54.96
N THR B 488 23.51 -24.12 -54.77
CA THR B 488 22.57 -25.13 -54.31
C THR B 488 22.26 -24.98 -52.81
N ALA B 489 23.24 -24.46 -52.04
CA ALA B 489 23.06 -24.21 -50.60
C ALA B 489 22.08 -23.08 -50.30
N LEU B 490 22.16 -21.98 -51.07
CA LEU B 490 21.26 -20.85 -50.90
C LEU B 490 19.85 -21.15 -51.37
N ASP B 491 19.71 -21.95 -52.44
CA ASP B 491 18.41 -22.31 -52.99
C ASP B 491 17.67 -23.32 -52.13
N GLU B 492 18.38 -24.10 -51.30
CA GLU B 492 17.78 -25.07 -50.39
C GLU B 492 17.08 -24.42 -49.19
N LEU B 493 17.35 -23.13 -48.92
CA LEU B 493 16.90 -22.36 -47.76
C LEU B 493 15.38 -22.15 -47.76
N PRO B 494 14.71 -22.34 -46.62
CA PRO B 494 13.26 -22.07 -46.55
C PRO B 494 12.92 -20.58 -46.54
N SER B 495 11.61 -20.31 -46.50
CA SER B 495 11.04 -18.97 -46.55
C SER B 495 11.35 -18.09 -45.33
N PHE B 496 11.31 -18.69 -44.12
CA PHE B 496 11.54 -17.94 -42.89
C PHE B 496 12.98 -17.46 -42.74
N ALA B 497 13.96 -18.17 -43.33
CA ALA B 497 15.36 -17.71 -43.42
C ALA B 497 15.49 -16.43 -44.25
N LEU B 498 14.75 -16.36 -45.36
CA LEU B 498 14.65 -15.16 -46.20
C LEU B 498 13.96 -14.02 -45.46
N ALA B 499 12.98 -14.36 -44.61
CA ALA B 499 12.33 -13.36 -43.76
C ALA B 499 13.27 -12.77 -42.70
N ILE B 500 14.12 -13.62 -42.05
CA ILE B 500 15.16 -13.18 -41.10
C ILE B 500 16.19 -12.28 -41.82
N GLU B 501 16.52 -12.65 -43.09
CA GLU B 501 17.38 -11.84 -43.98
C GLU B 501 16.75 -10.46 -44.25
N GLU B 502 15.40 -10.42 -44.42
CA GLU B 502 14.64 -9.17 -44.59
C GLU B 502 14.67 -8.31 -43.31
N LEU B 503 14.70 -8.96 -42.13
CA LEU B 503 14.76 -8.25 -40.82
C LEU B 503 16.13 -7.62 -40.68
N TYR B 504 17.16 -8.35 -41.04
CA TYR B 504 18.55 -7.85 -41.06
C TYR B 504 18.71 -6.68 -42.03
N LYS B 505 18.10 -6.79 -43.23
CA LYS B 505 18.13 -5.73 -44.25
C LYS B 505 17.44 -4.44 -43.80
N ARG B 506 16.24 -4.55 -43.18
CA ARG B 506 15.49 -3.37 -42.70
C ARG B 506 16.24 -2.64 -41.59
N GLU B 507 16.84 -3.41 -40.65
CA GLU B 507 17.66 -2.81 -39.60
C GLU B 507 18.97 -2.26 -40.18
N ALA B 508 19.51 -2.90 -41.24
CA ALA B 508 20.79 -2.51 -41.83
C ALA B 508 20.68 -1.21 -42.61
N LYS B 509 19.51 -0.93 -43.26
CA LYS B 509 19.35 0.29 -44.06
C LYS B 509 19.26 1.58 -43.22
N LYS B 510 19.05 1.47 -41.89
CA LYS B 510 19.03 2.59 -40.95
C LYS B 510 20.43 3.21 -40.83
N PRO B 511 20.53 4.54 -40.63
CA PRO B 511 21.86 5.19 -40.48
C PRO B 511 22.64 4.76 -39.24
N HIS B 512 23.96 4.60 -39.45
CA HIS B 512 25.02 4.25 -38.47
C HIS B 512 24.71 2.92 -37.75
N SER B 513 24.18 1.96 -38.50
CA SER B 513 23.85 0.65 -37.96
C SER B 513 25.10 -0.22 -37.88
N HIS B 514 25.35 -0.81 -36.70
CA HIS B 514 26.51 -1.64 -36.42
C HIS B 514 26.52 -2.99 -37.13
N VAL B 515 25.36 -3.49 -37.56
CA VAL B 515 25.22 -4.75 -38.29
C VAL B 515 25.89 -4.70 -39.66
N GLN B 516 25.66 -3.61 -40.42
CA GLN B 516 26.25 -3.37 -41.75
C GLN B 516 27.76 -3.23 -41.67
N ARG B 517 28.23 -2.53 -40.62
CA ARG B 517 29.66 -2.36 -40.32
C ARG B 517 30.32 -3.69 -39.99
N LEU B 518 29.61 -4.54 -39.20
CA LEU B 518 30.05 -5.88 -38.82
C LEU B 518 30.20 -6.80 -40.04
N VAL B 519 29.20 -6.77 -40.95
CA VAL B 519 29.18 -7.56 -42.19
C VAL B 519 30.31 -7.11 -43.12
N SER B 520 30.53 -5.78 -43.26
CA SER B 520 31.61 -5.24 -44.10
C SER B 520 33.00 -5.55 -43.55
N LEU B 521 33.20 -5.43 -42.23
CA LEU B 521 34.48 -5.72 -41.60
C LEU B 521 34.73 -7.22 -41.39
N SER B 522 33.71 -8.07 -41.56
CA SER B 522 33.85 -9.53 -41.44
C SER B 522 34.80 -10.14 -42.47
N ASN B 523 34.86 -9.57 -43.70
CA ASN B 523 35.68 -10.00 -44.86
C ASN B 523 35.39 -11.45 -45.27
N THR B 524 34.12 -11.71 -45.60
CA THR B 524 33.64 -13.05 -45.99
C THR B 524 32.88 -12.99 -47.30
N ASP B 525 32.68 -14.17 -47.89
CA ASP B 525 31.92 -14.34 -49.12
C ASP B 525 30.42 -14.47 -48.83
N VAL B 526 29.66 -14.89 -49.87
CA VAL B 526 28.20 -15.04 -49.80
C VAL B 526 27.79 -16.18 -48.86
N LEU B 527 28.64 -17.19 -48.72
CA LEU B 527 28.39 -18.36 -47.87
C LEU B 527 29.07 -18.20 -46.53
N GLY B 528 29.66 -17.04 -46.27
CA GLY B 528 30.29 -16.73 -45.01
C GLY B 528 31.71 -17.21 -44.84
N ARG B 529 32.26 -17.93 -45.83
CA ARG B 529 33.64 -18.41 -45.78
C ARG B 529 34.63 -17.25 -45.87
N HIS B 530 35.70 -17.34 -45.07
CA HIS B 530 36.72 -16.30 -44.92
C HIS B 530 37.69 -16.30 -46.12
N TYR B 531 37.20 -15.80 -47.26
CA TYR B 531 38.01 -15.74 -48.47
C TYR B 531 38.09 -14.36 -49.09
N ARG B 532 37.30 -13.40 -48.60
CA ARG B 532 37.20 -11.97 -49.03
C ARG B 532 36.90 -11.70 -50.52
N GLY B 546 28.49 -13.14 -58.52
CA GLY B 546 29.58 -12.20 -58.40
C GLY B 546 29.35 -11.12 -57.36
N ARG B 547 29.62 -9.87 -57.74
CA ARG B 547 29.44 -8.69 -56.89
C ARG B 547 27.99 -8.41 -56.54
N ASP B 548 27.08 -8.58 -57.53
CA ASP B 548 25.64 -8.36 -57.37
C ASP B 548 25.04 -9.30 -56.34
N LEU B 549 25.41 -10.58 -56.41
CA LEU B 549 24.99 -11.62 -55.46
C LEU B 549 25.57 -11.37 -54.07
N ALA B 550 26.79 -10.79 -54.00
CA ALA B 550 27.45 -10.52 -52.72
C ALA B 550 26.88 -9.31 -51.99
N ASN B 551 26.12 -8.45 -52.68
CA ASN B 551 25.48 -7.29 -52.07
C ASN B 551 23.99 -7.46 -51.89
N THR B 552 23.32 -8.10 -52.86
CA THR B 552 21.88 -8.33 -52.83
C THR B 552 21.51 -9.36 -51.75
N ARG B 553 22.40 -10.31 -51.48
CA ARG B 553 22.15 -11.34 -50.48
C ARG B 553 23.28 -11.34 -49.43
N ALA B 554 23.69 -10.14 -49.02
CA ALA B 554 24.76 -9.97 -48.02
C ALA B 554 24.36 -10.29 -46.59
N TYR B 555 23.07 -10.46 -46.29
CA TYR B 555 22.60 -10.70 -44.93
C TYR B 555 21.89 -12.03 -44.78
N ASN B 556 22.31 -13.04 -45.54
CA ASN B 556 21.81 -14.40 -45.39
C ASN B 556 22.25 -15.00 -44.05
N VAL B 557 21.46 -15.98 -43.58
CA VAL B 557 21.57 -16.56 -42.22
C VAL B 557 22.85 -17.39 -42.05
N LEU B 558 23.34 -18.02 -43.13
CA LEU B 558 24.55 -18.83 -43.12
C LEU B 558 25.79 -17.98 -42.90
N ARG B 559 25.84 -16.82 -43.60
CA ARG B 559 26.93 -15.85 -43.47
C ARG B 559 27.00 -15.23 -42.09
N MET B 560 25.82 -14.90 -41.52
CA MET B 560 25.68 -14.37 -40.15
C MET B 560 26.09 -15.41 -39.11
N ASP B 561 25.75 -16.69 -39.36
CA ASP B 561 26.14 -17.85 -38.55
C ASP B 561 27.67 -18.00 -38.50
N GLN B 562 28.33 -17.81 -39.66
CA GLN B 562 29.80 -17.83 -39.75
C GLN B 562 30.44 -16.68 -38.95
N ILE B 563 29.85 -15.46 -39.04
CA ILE B 563 30.33 -14.27 -38.30
C ILE B 563 30.22 -14.49 -36.79
N PHE B 564 29.06 -15.04 -36.35
CA PHE B 564 28.81 -15.40 -34.95
C PHE B 564 29.72 -16.53 -34.50
N ALA B 565 30.01 -17.48 -35.43
CA ALA B 565 30.92 -18.59 -35.19
C ALA B 565 32.34 -18.15 -34.87
N ARG B 566 32.88 -17.21 -35.65
CA ARG B 566 34.17 -16.60 -35.28
C ARG B 566 34.09 -15.76 -34.01
N LEU B 567 32.92 -15.12 -33.74
CA LEU B 567 32.73 -14.36 -32.52
C LEU B 567 32.73 -15.19 -31.23
N VAL B 568 32.16 -16.42 -31.23
CA VAL B 568 32.10 -17.21 -29.98
C VAL B 568 33.46 -17.76 -29.55
N SER B 569 34.05 -18.63 -30.37
CA SER B 569 35.30 -19.33 -30.09
C SER B 569 35.85 -19.86 -31.40
N LYS B 570 36.88 -20.68 -31.30
CA LYS B 570 37.53 -21.22 -32.48
C LYS B 570 36.83 -22.47 -33.01
N ASP B 571 35.85 -23.03 -32.26
CA ASP B 571 35.18 -24.28 -32.64
C ASP B 571 33.65 -24.22 -32.62
N PHE B 572 33.03 -23.05 -32.78
CA PHE B 572 31.59 -22.97 -33.00
C PHE B 572 31.24 -23.43 -34.40
N SER B 573 30.32 -24.39 -34.49
CA SER B 573 29.81 -24.83 -35.79
C SER B 573 28.38 -25.34 -35.68
N VAL B 574 27.38 -24.48 -35.91
CA VAL B 574 25.99 -24.93 -35.86
C VAL B 574 25.64 -25.74 -37.10
N ASN B 575 25.07 -26.92 -36.86
CA ASN B 575 24.73 -27.85 -37.90
C ASN B 575 23.27 -27.55 -38.22
N ARG B 576 23.00 -27.12 -39.45
CA ARG B 576 21.64 -26.81 -39.85
C ARG B 576 21.15 -27.93 -40.74
N ASP B 577 19.87 -28.25 -40.63
CA ASP B 577 19.23 -29.28 -41.43
C ASP B 577 17.89 -28.70 -41.88
N PHE B 578 17.89 -28.06 -43.05
CA PHE B 578 16.65 -27.47 -43.57
C PHE B 578 15.78 -28.46 -44.34
N THR B 579 16.26 -29.73 -44.50
CA THR B 579 15.56 -30.81 -45.18
C THR B 579 14.38 -31.32 -44.38
N ILE B 580 14.40 -31.11 -43.05
CA ILE B 580 13.32 -31.52 -42.16
C ILE B 580 12.06 -30.66 -42.31
N TYR B 581 12.12 -29.49 -43.01
CA TYR B 581 10.93 -28.66 -43.18
C TYR B 581 10.06 -29.08 -44.37
N ASP B 582 10.47 -30.11 -45.11
CA ASP B 582 9.68 -30.70 -46.19
C ASP B 582 8.52 -31.49 -45.58
N SER B 583 7.45 -31.64 -46.37
CA SER B 583 6.23 -32.33 -45.93
C SER B 583 6.39 -33.85 -45.71
N LYS B 584 7.44 -34.48 -46.26
CA LYS B 584 7.69 -35.91 -46.11
C LYS B 584 8.14 -36.34 -44.69
N TYR B 585 8.51 -35.41 -43.81
CA TYR B 585 8.97 -35.71 -42.45
C TYR B 585 7.90 -35.46 -41.40
N ASP B 586 6.65 -35.24 -41.84
CA ASP B 586 5.52 -34.93 -40.97
C ASP B 586 5.15 -36.10 -40.04
N LYS B 587 5.41 -37.35 -40.46
CA LYS B 587 5.07 -38.54 -39.66
C LYS B 587 5.99 -38.77 -38.46
N VAL B 588 7.16 -38.13 -38.43
CA VAL B 588 8.14 -38.19 -37.34
C VAL B 588 7.53 -37.56 -36.08
N PRO B 589 7.60 -38.20 -34.90
CA PRO B 589 6.94 -37.67 -33.68
C PRO B 589 7.44 -36.32 -33.15
N GLY B 590 8.74 -36.22 -32.89
CA GLY B 590 9.35 -35.06 -32.25
C GLY B 590 9.76 -33.90 -33.14
N ILE B 591 9.45 -33.99 -34.44
CA ILE B 591 9.87 -33.05 -35.49
C ILE B 591 9.37 -31.59 -35.25
N GLN B 592 8.16 -31.42 -34.68
CA GLN B 592 7.53 -30.11 -34.38
C GLN B 592 8.34 -29.29 -33.39
N PHE B 593 8.97 -29.99 -32.43
CA PHE B 593 9.91 -29.42 -31.47
C PHE B 593 11.20 -29.00 -32.14
N ARG B 594 11.79 -29.88 -32.98
CA ARG B 594 13.06 -29.62 -33.68
C ARG B 594 12.99 -28.42 -34.62
N ARG B 595 11.94 -28.39 -35.48
CA ARG B 595 11.61 -27.27 -36.38
C ARG B 595 11.42 -25.95 -35.63
N THR B 596 10.75 -26.03 -34.44
CA THR B 596 10.55 -24.90 -33.52
C THR B 596 11.89 -24.42 -32.98
N ALA B 597 12.70 -25.37 -32.45
CA ALA B 597 13.95 -25.15 -31.73
C ALA B 597 14.98 -24.46 -32.62
N GLN B 598 15.22 -25.07 -33.82
CA GLN B 598 16.07 -24.52 -34.89
C GLN B 598 15.68 -23.10 -35.31
N ALA B 599 14.36 -22.89 -35.62
CA ALA B 599 13.79 -21.58 -36.00
C ALA B 599 14.01 -20.49 -34.95
N SER B 600 13.65 -20.83 -33.69
CA SER B 600 13.82 -20.01 -32.49
C SER B 600 15.27 -19.62 -32.29
N HIS B 601 16.18 -20.62 -32.41
CA HIS B 601 17.63 -20.47 -32.30
C HIS B 601 18.16 -19.41 -33.28
N MET B 602 17.73 -19.50 -34.55
CA MET B 602 18.16 -18.58 -35.61
C MET B 602 17.67 -17.15 -35.31
N LEU B 603 16.38 -17.03 -34.92
CA LEU B 603 15.78 -15.77 -34.47
C LEU B 603 16.43 -15.23 -33.19
N PHE B 604 16.74 -16.12 -32.23
CA PHE B 604 17.50 -15.85 -31.01
C PHE B 604 18.83 -15.16 -31.30
N LEU B 605 19.62 -15.73 -32.24
CA LEU B 605 20.92 -15.18 -32.66
C LEU B 605 20.76 -13.79 -33.27
N TRP B 606 19.70 -13.61 -34.10
CA TRP B 606 19.35 -12.30 -34.69
C TRP B 606 19.04 -11.26 -33.60
N ALA B 607 18.23 -11.66 -32.59
CA ALA B 607 17.89 -10.79 -31.46
C ALA B 607 19.10 -10.48 -30.56
N ILE B 608 20.09 -11.39 -30.51
CA ILE B 608 21.34 -11.11 -29.79
C ILE B 608 22.17 -10.08 -30.55
N CYS B 609 22.18 -10.21 -31.89
CA CYS B 609 22.91 -9.30 -32.80
C CYS B 609 22.35 -7.88 -32.74
N LEU B 610 21.04 -7.70 -32.60
CA LEU B 610 20.47 -6.33 -32.61
C LEU B 610 20.43 -5.81 -31.17
N ASP B 611 20.74 -6.63 -30.18
CA ASP B 611 20.78 -6.32 -28.73
C ASP B 611 19.38 -5.99 -28.18
N ARG B 612 18.41 -6.79 -28.60
CA ARG B 612 17.03 -6.71 -28.12
C ARG B 612 16.82 -7.84 -27.11
N PHE B 613 17.00 -7.54 -25.79
CA PHE B 613 17.06 -8.53 -24.71
C PHE B 613 15.75 -9.31 -24.49
N ARG B 614 14.61 -8.63 -24.61
CA ARG B 614 13.28 -9.18 -24.33
C ARG B 614 12.89 -10.23 -25.36
N MET B 615 13.12 -9.87 -26.64
CA MET B 615 12.90 -10.75 -27.78
C MET B 615 13.85 -11.95 -27.75
N ALA B 616 15.09 -11.71 -27.31
CA ALA B 616 16.13 -12.73 -27.08
C ALA B 616 15.74 -13.74 -26.01
N ARG B 617 15.22 -13.24 -24.88
CA ARG B 617 14.77 -14.07 -23.76
C ARG B 617 13.56 -14.93 -24.14
N HIS B 618 12.62 -14.36 -24.92
CA HIS B 618 11.45 -15.12 -25.38
C HIS B 618 11.81 -16.25 -26.36
N PHE B 619 12.70 -15.94 -27.34
CA PHE B 619 13.16 -16.97 -28.29
C PHE B 619 14.07 -18.00 -27.61
N TRP B 620 14.83 -17.56 -26.60
CA TRP B 620 15.63 -18.45 -25.76
C TRP B 620 14.74 -19.40 -24.97
N LEU B 621 13.60 -18.90 -24.43
CA LEU B 621 12.67 -19.75 -23.69
C LEU B 621 11.91 -20.78 -24.53
N ILE B 622 11.47 -20.43 -25.75
CA ILE B 622 10.76 -21.40 -26.61
C ILE B 622 11.64 -22.56 -27.11
N GLY B 623 12.87 -22.29 -27.54
CA GLY B 623 13.77 -23.29 -28.06
C GLY B 623 14.45 -24.12 -26.99
N ASP B 624 15.46 -24.87 -27.41
CA ASP B 624 16.16 -25.72 -26.46
C ASP B 624 17.62 -25.28 -26.28
N GLN B 625 18.33 -26.10 -25.48
CA GLN B 625 19.73 -25.94 -25.06
C GLN B 625 19.95 -24.59 -24.38
N SER B 626 19.14 -24.36 -23.32
CA SER B 626 18.94 -23.05 -22.65
C SER B 626 20.22 -22.50 -22.01
N ILE B 627 20.95 -23.37 -21.31
CA ILE B 627 22.16 -23.02 -20.55
C ILE B 627 23.27 -22.60 -21.52
N ILE B 628 23.43 -23.42 -22.56
CA ILE B 628 24.44 -23.28 -23.59
C ILE B 628 24.21 -22.02 -24.43
N ASN B 629 22.92 -21.74 -24.76
CA ASN B 629 22.48 -20.56 -25.51
C ASN B 629 22.67 -19.27 -24.71
N ALA B 630 22.44 -19.35 -23.39
CA ALA B 630 22.67 -18.21 -22.50
C ALA B 630 24.17 -17.85 -22.43
N LEU B 631 25.03 -18.89 -22.37
CA LEU B 631 26.50 -18.72 -22.43
C LEU B 631 26.94 -18.10 -23.77
N VAL B 632 26.31 -18.57 -24.88
CA VAL B 632 26.56 -18.10 -26.25
C VAL B 632 26.17 -16.63 -26.38
N ALA B 633 25.01 -16.26 -25.78
CA ALA B 633 24.47 -14.90 -25.74
C ALA B 633 25.39 -13.94 -24.98
N SER B 634 25.90 -14.40 -23.82
CA SER B 634 26.85 -13.66 -23.00
C SER B 634 28.18 -13.42 -23.72
N ARG B 635 28.72 -14.49 -24.37
CA ARG B 635 29.97 -14.42 -25.13
C ARG B 635 29.89 -13.50 -26.35
N ILE B 636 28.78 -13.57 -27.13
CA ILE B 636 28.58 -12.74 -28.35
C ILE B 636 28.45 -11.27 -27.98
N LEU B 637 27.65 -10.95 -26.91
CA LEU B 637 27.48 -9.56 -26.43
C LEU B 637 28.79 -8.98 -25.86
N GLU B 638 29.55 -9.79 -25.09
CA GLU B 638 30.85 -9.35 -24.55
C GLU B 638 31.87 -9.11 -25.66
N ARG B 639 31.93 -10.00 -26.68
CA ARG B 639 32.88 -9.81 -27.78
C ARG B 639 32.47 -8.67 -28.71
N LEU B 640 31.15 -8.50 -28.94
CA LEU B 640 30.65 -7.42 -29.79
C LEU B 640 30.85 -6.05 -29.16
N SER B 641 30.69 -5.95 -27.82
CA SER B 641 30.87 -4.70 -27.08
C SER B 641 32.29 -4.11 -27.15
N THR B 642 33.32 -4.94 -27.37
CA THR B 642 34.69 -4.48 -27.54
C THR B 642 35.20 -4.66 -28.96
N HIS B 643 34.29 -4.95 -29.90
CA HIS B 643 34.64 -5.17 -31.30
C HIS B 643 34.83 -3.82 -31.99
N ARG B 644 35.54 -3.85 -33.15
CA ARG B 644 35.79 -2.66 -33.96
C ARG B 644 34.54 -2.06 -34.60
N ALA B 645 33.49 -2.85 -34.81
CA ALA B 645 32.26 -2.41 -35.44
C ALA B 645 31.36 -1.60 -34.52
N LEU B 646 31.58 -1.65 -33.21
CA LEU B 646 30.76 -0.97 -32.22
C LEU B 646 31.44 0.29 -31.68
N GLN B 647 32.62 0.61 -32.18
CA GLN B 647 33.29 1.84 -31.73
C GLN B 647 32.67 2.95 -32.57
N GLY B 648 32.34 4.06 -31.92
CA GLY B 648 31.68 5.15 -32.57
C GLY B 648 30.98 5.99 -31.52
N PRO B 649 30.78 7.34 -31.77
CA PRO B 649 30.13 8.22 -30.79
C PRO B 649 28.69 7.88 -30.42
N HIS B 650 27.94 7.33 -31.37
CA HIS B 650 26.53 7.04 -31.19
C HIS B 650 26.27 5.66 -30.60
N LEU B 651 27.29 4.80 -30.52
CA LEU B 651 27.08 3.42 -30.10
C LEU B 651 27.37 3.15 -28.63
N ALA B 652 27.76 4.20 -27.86
CA ALA B 652 28.23 4.09 -26.46
C ALA B 652 27.20 3.43 -25.54
N GLU B 653 25.97 3.99 -25.54
CA GLU B 653 24.80 3.50 -24.79
C GLU B 653 24.47 2.06 -25.18
N GLU B 654 24.49 1.79 -26.50
CA GLU B 654 24.32 0.46 -27.10
C GLU B 654 25.31 -0.55 -26.52
N ARG B 655 26.62 -0.19 -26.50
CA ARG B 655 27.75 -0.96 -25.92
C ARG B 655 27.49 -1.32 -24.46
N ALA B 656 27.09 -0.29 -23.67
CA ALA B 656 26.71 -0.39 -22.25
C ALA B 656 25.58 -1.41 -22.07
N LYS B 657 24.53 -1.28 -22.92
CA LYS B 657 23.35 -2.16 -22.98
C LYS B 657 23.78 -3.61 -23.22
N MET B 658 24.71 -3.83 -24.20
CA MET B 658 25.30 -5.15 -24.53
C MET B 658 25.93 -5.80 -23.30
N GLN B 659 26.80 -5.04 -22.59
CA GLN B 659 27.46 -5.49 -21.35
C GLN B 659 26.45 -5.90 -20.27
N HIS B 660 25.43 -5.03 -20.06
CA HIS B 660 24.28 -5.25 -19.14
C HIS B 660 23.53 -6.55 -19.45
N ASN B 661 23.14 -6.71 -20.74
CA ASN B 661 22.46 -7.90 -21.27
C ASN B 661 23.28 -9.17 -21.11
N ALA B 662 24.61 -9.07 -21.37
CA ALA B 662 25.58 -10.15 -21.20
C ALA B 662 25.55 -10.69 -19.77
N LYS B 663 25.65 -9.77 -18.77
CA LYS B 663 25.57 -10.13 -17.33
C LYS B 663 24.24 -10.81 -17.00
N LYS B 664 23.11 -10.24 -17.52
CA LYS B 664 21.76 -10.79 -17.34
C LYS B 664 21.63 -12.23 -17.87
N PHE B 665 22.13 -12.48 -19.11
CA PHE B 665 22.13 -13.83 -19.70
C PHE B 665 23.00 -14.82 -18.91
N GLU B 666 24.17 -14.33 -18.44
CA GLU B 666 25.07 -15.07 -17.55
C GLU B 666 24.34 -15.51 -16.27
N GLU B 667 23.58 -14.57 -15.67
CA GLU B 667 22.72 -14.78 -14.49
C GLU B 667 21.67 -15.86 -14.75
N LEU B 668 21.01 -15.80 -15.94
CA LEU B 668 20.06 -16.82 -16.42
C LEU B 668 20.69 -18.22 -16.46
N ALA B 669 21.90 -18.32 -17.06
CA ALA B 669 22.68 -19.58 -17.19
C ALA B 669 22.99 -20.21 -15.83
N VAL B 670 23.30 -19.32 -14.84
CA VAL B 670 23.55 -19.68 -13.44
C VAL B 670 22.26 -20.17 -12.81
N GLY B 671 21.15 -19.43 -13.04
CA GLY B 671 19.85 -19.68 -12.43
C GLY B 671 19.24 -21.04 -12.80
N VAL B 672 19.17 -21.31 -14.13
CA VAL B 672 18.71 -22.60 -14.71
C VAL B 672 19.56 -23.76 -14.16
N LEU B 673 20.93 -23.56 -14.14
CA LEU B 673 21.93 -24.50 -13.59
C LEU B 673 21.64 -24.84 -12.11
N GLY B 674 21.38 -23.77 -11.32
CA GLY B 674 20.98 -23.87 -9.91
C GLY B 674 19.72 -24.69 -9.70
N GLU B 675 18.69 -24.44 -10.53
CA GLU B 675 17.42 -25.19 -10.53
C GLU B 675 17.65 -26.68 -10.79
N CYS B 676 18.52 -26.99 -11.80
CA CYS B 676 18.93 -28.36 -12.14
C CYS B 676 19.60 -29.05 -10.95
N HIS B 677 20.53 -28.34 -10.29
CA HIS B 677 21.21 -28.86 -9.10
C HIS B 677 20.26 -29.02 -7.91
N GLY B 678 19.23 -28.17 -7.84
CA GLY B 678 18.21 -28.32 -6.82
C GLY B 678 17.32 -29.53 -7.03
N SER B 679 17.05 -29.88 -8.30
CA SER B 679 16.10 -30.95 -8.55
C SER B 679 16.78 -32.32 -8.43
N ASP B 680 17.88 -32.51 -9.16
CA ASP B 680 18.61 -33.78 -9.16
C ASP B 680 20.06 -33.43 -9.53
N SER B 681 20.95 -33.47 -8.53
CA SER B 681 22.37 -33.13 -8.68
C SER B 681 23.13 -34.05 -9.62
N HIS B 682 22.86 -35.36 -9.55
CA HIS B 682 23.51 -36.37 -10.40
C HIS B 682 23.14 -36.19 -11.87
N MET B 683 21.84 -35.92 -12.14
CA MET B 683 21.34 -35.68 -13.49
C MET B 683 21.88 -34.35 -14.03
N ALA B 684 22.05 -33.36 -13.14
CA ALA B 684 22.68 -32.07 -13.46
C ALA B 684 24.15 -32.24 -13.83
N SER B 685 24.85 -33.14 -13.10
CA SER B 685 26.25 -33.51 -13.39
C SER B 685 26.37 -34.19 -14.75
N GLU B 686 25.40 -35.08 -15.05
CA GLU B 686 25.30 -35.75 -16.35
C GLU B 686 25.06 -34.74 -17.48
N MET B 687 24.22 -33.73 -17.21
CA MET B 687 23.95 -32.62 -18.12
C MET B 687 25.21 -31.80 -18.39
N LEU B 688 25.97 -31.49 -17.32
CA LEU B 688 27.22 -30.72 -17.46
C LEU B 688 28.33 -31.52 -18.14
N HIS B 689 28.28 -32.85 -18.07
CA HIS B 689 29.26 -33.71 -18.72
C HIS B 689 28.90 -34.06 -20.15
N SER B 690 27.68 -33.72 -20.59
CA SER B 690 27.18 -34.09 -21.91
C SER B 690 27.89 -33.31 -23.02
N LYS B 691 28.35 -34.04 -24.03
CA LYS B 691 28.98 -33.43 -25.18
C LYS B 691 27.94 -32.94 -26.17
N ASN B 692 28.08 -31.69 -26.57
CA ASN B 692 27.15 -31.01 -27.46
C ASN B 692 27.81 -30.85 -28.83
N ASP B 693 27.04 -31.16 -29.89
CA ASP B 693 27.51 -31.12 -31.27
C ASP B 693 27.88 -29.72 -31.76
N MET B 694 27.28 -28.66 -31.21
CA MET B 694 27.49 -27.27 -31.64
C MET B 694 28.90 -26.72 -31.38
N PHE B 695 29.66 -27.34 -30.46
CA PHE B 695 31.04 -26.97 -30.13
C PHE B 695 32.08 -28.09 -30.26
N ASN B 696 32.03 -28.86 -31.37
CA ASN B 696 32.99 -29.90 -31.82
C ASN B 696 33.22 -30.98 -30.72
N LYS B 697 32.09 -31.42 -30.11
CA LYS B 697 31.96 -32.58 -29.18
C LYS B 697 32.82 -32.42 -27.91
N LYS B 698 32.45 -31.42 -27.09
CA LYS B 698 32.99 -31.19 -25.75
C LYS B 698 31.95 -30.50 -24.86
N ASN B 699 32.16 -30.59 -23.54
CA ASN B 699 31.09 -30.39 -22.57
C ASN B 699 30.84 -28.90 -22.26
N ALA B 700 29.87 -28.66 -21.36
CA ALA B 700 29.37 -27.31 -21.05
C ALA B 700 30.31 -26.44 -20.21
N ILE B 701 31.13 -27.06 -19.34
CA ILE B 701 32.10 -26.34 -18.51
C ILE B 701 33.21 -25.76 -19.38
N ASN B 702 33.63 -26.51 -20.41
CA ASN B 702 34.60 -26.07 -21.43
C ASN B 702 34.07 -24.85 -22.21
N ILE B 703 32.77 -24.89 -22.54
CA ILE B 703 32.04 -23.81 -23.21
C ILE B 703 32.01 -22.56 -22.34
N ALA B 704 31.69 -22.74 -21.04
CA ALA B 704 31.62 -21.67 -20.04
C ALA B 704 32.97 -21.00 -19.80
N TYR B 705 34.02 -21.80 -19.74
CA TYR B 705 35.40 -21.32 -19.62
C TYR B 705 35.81 -20.54 -20.87
N ASP B 706 35.44 -21.07 -22.05
CA ASP B 706 35.71 -20.39 -23.33
C ASP B 706 34.91 -19.10 -23.45
N ALA B 707 33.71 -19.03 -22.84
CA ALA B 707 32.91 -17.81 -22.83
C ALA B 707 33.30 -16.83 -21.72
N LYS B 708 34.29 -17.20 -20.87
CA LYS B 708 34.85 -16.45 -19.73
C LYS B 708 33.77 -16.06 -18.72
N SER B 709 32.85 -16.99 -18.48
CA SER B 709 31.76 -16.82 -17.53
C SER B 709 32.24 -17.23 -16.14
N LEU B 710 32.74 -16.24 -15.39
CA LEU B 710 33.27 -16.43 -14.04
C LEU B 710 32.19 -16.86 -13.04
N ALA B 711 30.97 -16.30 -13.19
CA ALA B 711 29.81 -16.59 -12.35
C ALA B 711 29.36 -18.05 -12.46
N PHE B 712 29.36 -18.60 -13.69
CA PHE B 712 28.98 -20.00 -13.92
C PHE B 712 30.02 -20.94 -13.31
N LEU B 713 31.31 -20.60 -13.49
CA LEU B 713 32.42 -21.41 -12.97
C LEU B 713 32.50 -21.35 -11.46
N SER B 714 32.10 -20.24 -10.84
CA SER B 714 32.14 -20.11 -9.40
C SER B 714 30.93 -20.71 -8.69
N HIS B 715 29.92 -21.19 -9.44
CA HIS B 715 28.71 -21.79 -8.87
C HIS B 715 29.04 -23.12 -8.19
N PRO B 716 28.36 -23.45 -7.06
CA PRO B 716 28.62 -24.72 -6.33
C PRO B 716 28.39 -26.03 -7.10
N ALA B 717 27.41 -26.06 -8.03
CA ALA B 717 27.13 -27.23 -8.86
C ALA B 717 28.28 -27.56 -9.80
N THR B 718 28.78 -26.52 -10.50
CA THR B 718 29.92 -26.61 -11.41
C THR B 718 31.19 -27.04 -10.68
N GLN B 719 31.41 -26.46 -9.48
CA GLN B 719 32.54 -26.76 -8.61
C GLN B 719 32.49 -28.18 -8.08
N SER B 720 31.27 -28.68 -7.77
CA SER B 720 31.05 -30.06 -7.34
C SER B 720 31.40 -31.05 -8.45
N VAL B 721 31.02 -30.75 -9.71
CA VAL B 721 31.38 -31.57 -10.88
C VAL B 721 32.90 -31.57 -11.11
N ILE B 722 33.55 -30.39 -10.96
CA ILE B 722 35.02 -30.21 -11.11
C ILE B 722 35.79 -30.96 -10.03
N ASN B 723 35.28 -30.94 -8.77
CA ASN B 723 35.88 -31.70 -7.65
C ASN B 723 35.73 -33.21 -7.84
N ALA B 724 34.55 -33.65 -8.34
CA ALA B 724 34.33 -35.04 -8.71
C ALA B 724 35.29 -35.49 -9.83
N ASP B 725 35.52 -34.60 -10.80
CA ASP B 725 36.53 -34.83 -11.84
C ASP B 725 37.95 -34.87 -11.29
N TRP B 726 38.26 -34.00 -10.30
CA TRP B 726 39.55 -33.98 -9.61
C TRP B 726 39.85 -35.31 -8.94
N TYR B 727 38.88 -35.85 -8.19
CA TYR B 727 39.17 -37.09 -7.49
C TYR B 727 38.99 -38.31 -8.36
N GLY B 728 38.42 -38.17 -9.58
CA GLY B 728 38.22 -39.26 -10.52
C GLY B 728 37.29 -40.32 -9.93
N HIS B 729 37.70 -41.57 -10.02
CA HIS B 729 36.92 -42.69 -9.46
C HIS B 729 37.32 -42.98 -8.01
N LEU B 730 37.45 -41.94 -7.18
CA LEU B 730 37.74 -42.13 -5.73
C LEU B 730 36.74 -41.33 -4.88
N LYS B 731 36.50 -41.74 -3.64
CA LYS B 731 35.61 -41.06 -2.70
C LYS B 731 36.10 -39.65 -2.39
N SER B 732 35.15 -38.71 -2.28
CA SER B 732 35.44 -37.29 -2.01
C SER B 732 35.98 -37.00 -0.60
N VAL B 733 35.85 -37.92 0.36
CA VAL B 733 36.32 -37.68 1.73
C VAL B 733 37.82 -37.89 1.94
N THR B 734 38.57 -38.29 0.89
CA THR B 734 40.02 -38.50 0.97
C THR B 734 40.77 -37.20 1.18
N SER B 735 41.71 -37.21 2.13
CA SER B 735 42.51 -36.05 2.49
C SER B 735 43.85 -36.15 1.76
N PHE B 736 44.63 -35.06 1.87
CA PHE B 736 45.97 -34.94 1.29
C PHE B 736 46.95 -36.00 1.81
N TRP B 737 46.95 -36.22 3.14
CA TRP B 737 47.84 -37.16 3.81
C TRP B 737 47.54 -38.62 3.46
N ALA B 738 46.24 -38.97 3.35
CA ALA B 738 45.80 -40.34 3.00
C ALA B 738 46.25 -40.74 1.60
N VAL B 739 46.04 -39.86 0.61
CA VAL B 739 46.44 -40.09 -0.79
C VAL B 739 47.96 -40.08 -0.91
N LEU B 740 48.64 -39.21 -0.13
CA LEU B 740 50.11 -39.13 -0.08
C LEU B 740 50.72 -40.40 0.53
N PHE B 741 50.11 -40.93 1.60
CA PHE B 741 50.53 -42.16 2.25
C PHE B 741 50.31 -43.38 1.34
N ALA B 742 49.16 -43.41 0.66
CA ALA B 742 48.84 -44.44 -0.32
C ALA B 742 49.78 -44.40 -1.53
N PHE B 743 50.20 -43.19 -1.93
CA PHE B 743 51.22 -43.01 -2.95
C PHE B 743 52.56 -43.57 -2.48
N PHE B 744 52.88 -43.38 -1.19
CA PHE B 744 54.18 -43.86 -0.69
C PHE B 744 54.14 -45.35 -0.39
N PHE B 745 52.96 -45.85 0.00
CA PHE B 745 52.78 -47.26 0.32
C PHE B 745 51.67 -47.82 -0.56
N PRO B 746 51.98 -48.22 -1.82
CA PRO B 746 50.93 -48.70 -2.73
C PRO B 746 50.33 -50.04 -2.34
N PHE B 747 51.15 -51.00 -1.94
CA PHE B 747 50.67 -52.33 -1.62
C PHE B 747 50.20 -52.48 -0.18
N PHE B 748 50.29 -51.43 0.64
CA PHE B 748 49.92 -51.50 2.04
C PHE B 748 48.79 -50.57 2.45
N VAL B 749 48.34 -49.64 1.59
CA VAL B 749 47.31 -48.70 2.03
C VAL B 749 46.10 -48.74 1.11
N LEU B 750 46.31 -49.10 -0.16
CA LEU B 750 45.25 -49.22 -1.17
C LEU B 750 44.20 -50.34 -0.89
N PRO B 751 44.51 -51.58 -0.44
CA PRO B 751 43.43 -52.54 -0.18
C PRO B 751 42.50 -52.04 0.94
N PHE B 752 43.06 -51.44 1.99
CA PHE B 752 42.24 -51.07 3.13
C PHE B 752 41.55 -49.72 2.98
N ILE B 753 41.25 -49.30 1.75
CA ILE B 753 40.57 -48.05 1.45
C ILE B 753 39.41 -48.42 0.53
N ASN B 754 38.19 -47.99 0.88
CA ASN B 754 37.03 -48.30 0.06
C ASN B 754 36.56 -47.08 -0.72
N PHE B 755 36.37 -47.28 -2.02
CA PHE B 755 35.99 -46.28 -3.00
C PHE B 755 35.48 -46.94 -4.27
N SER B 756 34.75 -46.14 -5.07
CA SER B 756 34.11 -46.46 -6.37
C SER B 756 33.17 -47.67 -6.37
N GLY B 787 43.73 -62.16 -7.03
CA GLY B 787 42.83 -61.21 -7.65
C GLY B 787 43.53 -60.17 -8.51
N ALA B 788 44.04 -60.59 -9.68
CA ALA B 788 44.60 -59.60 -10.61
C ALA B 788 43.38 -58.85 -11.15
N HIS B 789 42.21 -59.46 -10.98
CA HIS B 789 40.95 -58.83 -11.44
C HIS B 789 40.67 -57.54 -10.68
N ARG B 790 40.93 -57.53 -9.37
CA ARG B 790 40.57 -56.35 -8.53
C ARG B 790 41.79 -55.50 -8.22
N LEU B 791 42.94 -56.12 -7.96
CA LEU B 791 44.11 -55.32 -7.52
C LEU B 791 44.54 -54.40 -8.65
N ARG B 792 44.55 -54.94 -9.90
CA ARG B 792 44.89 -54.21 -11.12
C ARG B 792 43.88 -53.09 -11.38
N ARG B 793 42.56 -53.38 -11.13
CA ARG B 793 41.48 -52.39 -11.24
C ARG B 793 41.67 -51.25 -10.23
N LYS B 794 42.04 -51.59 -8.98
CA LYS B 794 42.30 -50.60 -7.90
C LYS B 794 43.49 -49.71 -8.24
N PHE B 795 44.54 -50.28 -8.82
CA PHE B 795 45.70 -49.45 -9.23
C PHE B 795 45.26 -48.54 -10.37
N ALA B 796 44.64 -49.11 -11.41
CA ALA B 796 44.28 -48.30 -12.57
C ALA B 796 43.30 -47.18 -12.23
N LYS B 797 42.50 -47.36 -11.17
CA LYS B 797 41.54 -46.33 -10.79
C LYS B 797 42.22 -45.27 -9.94
N PHE B 798 43.06 -45.70 -8.97
CA PHE B 798 43.76 -44.76 -8.09
C PHE B 798 44.78 -43.93 -8.87
N TYR B 799 45.53 -44.57 -9.77
CA TYR B 799 46.58 -43.88 -10.49
C TYR B 799 46.11 -43.23 -11.78
N SER B 800 44.84 -43.37 -12.17
CA SER B 800 44.34 -42.59 -13.30
C SER B 800 43.71 -41.26 -12.89
N ALA B 801 43.52 -41.03 -11.59
CA ALA B 801 42.94 -39.81 -11.04
C ALA B 801 43.85 -38.59 -11.24
N PRO B 802 43.29 -37.42 -11.64
CA PRO B 802 44.09 -36.16 -11.76
C PRO B 802 44.74 -35.66 -10.46
N TYR B 803 44.11 -35.94 -9.32
CA TYR B 803 44.61 -35.57 -7.99
C TYR B 803 45.92 -36.25 -7.66
N THR B 804 46.02 -37.56 -8.00
CA THR B 804 47.22 -38.38 -7.80
C THR B 804 48.37 -37.86 -8.68
N ARG B 805 48.06 -37.48 -9.93
CA ARG B 805 49.03 -36.89 -10.85
C ARG B 805 49.53 -35.52 -10.39
N PHE B 806 48.63 -34.69 -9.81
CA PHE B 806 48.98 -33.40 -9.22
C PHE B 806 49.93 -33.58 -8.03
N ILE B 807 49.63 -34.58 -7.18
CA ILE B 807 50.43 -34.90 -6.00
C ILE B 807 51.81 -35.43 -6.40
N SER B 808 51.87 -36.26 -7.47
CA SER B 808 53.12 -36.79 -8.04
C SER B 808 54.00 -35.68 -8.62
N ASP B 809 53.39 -34.73 -9.34
CA ASP B 809 54.09 -33.55 -9.87
C ASP B 809 54.61 -32.64 -8.76
N LEU B 810 53.83 -32.44 -7.69
CA LEU B 810 54.26 -31.63 -6.54
C LEU B 810 55.49 -32.28 -5.92
N LEU B 811 55.38 -33.54 -5.54
CA LEU B 811 56.49 -34.26 -4.92
C LEU B 811 57.73 -34.25 -5.77
N SER B 812 57.56 -34.45 -7.09
CA SER B 812 58.64 -34.42 -8.09
C SER B 812 59.33 -33.06 -8.16
N HIS B 813 58.53 -31.98 -8.16
CA HIS B 813 59.08 -30.63 -8.20
C HIS B 813 59.76 -30.27 -6.88
N PHE B 814 59.23 -30.78 -5.74
CA PHE B 814 59.84 -30.60 -4.42
C PHE B 814 61.20 -31.29 -4.33
N VAL B 815 61.32 -32.48 -4.89
CA VAL B 815 62.62 -33.19 -4.90
C VAL B 815 63.55 -32.41 -5.83
N LEU B 816 63.06 -32.01 -6.97
CA LEU B 816 63.86 -31.21 -7.92
C LEU B 816 64.45 -29.96 -7.26
N CYS B 817 63.64 -29.24 -6.47
CA CYS B 817 64.06 -28.06 -5.71
C CYS B 817 65.12 -28.39 -4.66
N VAL B 818 64.91 -29.47 -3.88
CA VAL B 818 65.83 -29.91 -2.82
C VAL B 818 67.18 -30.40 -3.39
N VAL B 819 67.13 -31.24 -4.45
CA VAL B 819 68.31 -31.83 -5.11
C VAL B 819 69.13 -30.75 -5.84
N THR B 820 68.44 -29.83 -6.56
CA THR B 820 69.08 -28.72 -7.27
C THR B 820 69.67 -27.70 -6.29
N SER B 821 68.99 -27.46 -5.15
CA SER B 821 69.46 -26.61 -4.05
C SER B 821 70.73 -27.16 -3.41
N TYR B 822 70.76 -28.50 -3.19
CA TYR B 822 71.94 -29.22 -2.70
C TYR B 822 73.09 -29.11 -3.68
N PHE B 823 72.80 -29.26 -4.99
CA PHE B 823 73.78 -29.20 -6.09
C PHE B 823 74.44 -27.81 -6.16
N VAL B 824 73.65 -26.75 -6.00
CA VAL B 824 74.18 -25.39 -6.05
C VAL B 824 74.99 -25.08 -4.78
N LEU B 825 74.56 -25.58 -3.60
CA LEU B 825 75.30 -25.34 -2.34
C LEU B 825 76.62 -26.11 -2.24
N ASP B 826 76.63 -27.39 -2.63
CA ASP B 826 77.83 -28.22 -2.62
C ASP B 826 78.76 -27.79 -3.76
N LYS B 827 80.07 -27.98 -3.55
CA LYS B 827 81.11 -27.57 -4.49
C LYS B 827 81.07 -28.39 -5.78
N LEU B 828 81.42 -27.72 -6.87
CA LEU B 828 81.51 -28.37 -8.15
C LEU B 828 82.81 -29.16 -8.24
N GLU B 829 82.74 -30.29 -8.92
CA GLU B 829 83.92 -31.12 -9.13
C GLU B 829 84.61 -30.68 -10.41
N ASP B 830 85.81 -31.23 -10.64
CA ASP B 830 86.60 -30.93 -11.84
C ASP B 830 86.07 -31.55 -13.13
N THR B 831 85.09 -32.46 -13.05
CA THR B 831 84.38 -33.05 -14.18
C THR B 831 82.89 -32.91 -13.88
N ILE B 832 82.07 -33.33 -14.84
CA ILE B 832 80.62 -33.30 -14.69
C ILE B 832 80.20 -34.43 -13.75
N SER B 833 79.58 -34.06 -12.63
CA SER B 833 79.22 -35.02 -11.59
C SER B 833 77.95 -35.78 -11.97
N ALA B 834 77.67 -36.83 -11.18
CA ALA B 834 76.50 -37.71 -11.36
C ALA B 834 75.17 -36.98 -11.15
N ILE B 835 75.10 -36.10 -10.13
CA ILE B 835 73.92 -35.29 -9.81
C ILE B 835 73.61 -34.29 -10.92
N GLU B 836 74.67 -33.76 -11.58
CA GLU B 836 74.57 -32.88 -12.75
C GLU B 836 73.95 -33.59 -13.95
N TRP B 837 74.35 -34.86 -14.17
CA TRP B 837 73.77 -35.70 -15.23
C TRP B 837 72.30 -36.01 -14.99
N ILE B 838 71.93 -36.30 -13.72
CA ILE B 838 70.55 -36.57 -13.29
C ILE B 838 69.66 -35.34 -13.51
N LEU B 839 70.17 -34.15 -13.14
CA LEU B 839 69.48 -32.88 -13.36
C LEU B 839 69.37 -32.52 -14.85
N LEU B 840 70.40 -32.88 -15.66
CA LEU B 840 70.37 -32.70 -17.12
C LEU B 840 69.25 -33.51 -17.78
N VAL B 841 69.12 -34.80 -17.39
CA VAL B 841 68.06 -35.71 -17.87
C VAL B 841 66.68 -35.21 -17.43
N TRP B 842 66.62 -34.66 -16.22
CA TRP B 842 65.37 -34.14 -15.61
C TRP B 842 64.89 -32.88 -16.30
N PHE B 843 65.80 -31.98 -16.63
CA PHE B 843 65.41 -30.75 -17.35
C PHE B 843 65.16 -30.94 -18.84
N VAL B 844 65.77 -31.96 -19.47
CA VAL B 844 65.44 -32.26 -20.89
C VAL B 844 64.01 -32.82 -20.87
N ALA B 845 63.72 -33.71 -19.92
CA ALA B 845 62.37 -34.27 -19.74
C ALA B 845 61.33 -33.18 -19.48
N LEU B 846 61.68 -32.17 -18.66
CA LEU B 846 60.82 -31.01 -18.38
C LEU B 846 60.61 -30.18 -19.66
N LEU B 847 61.68 -30.00 -20.46
CA LEU B 847 61.61 -29.28 -21.74
C LEU B 847 60.71 -29.99 -22.75
N LEU B 848 60.81 -31.34 -22.81
CA LEU B 848 59.94 -32.17 -23.66
C LEU B 848 58.49 -32.11 -23.21
N GLU B 849 58.27 -32.07 -21.89
CA GLU B 849 56.94 -31.90 -21.30
C GLU B 849 56.34 -30.53 -21.67
N GLU B 850 57.18 -29.47 -21.66
CA GLU B 850 56.78 -28.12 -22.09
C GLU B 850 56.41 -28.08 -23.57
N LEU B 851 57.18 -28.79 -24.43
CA LEU B 851 56.87 -28.93 -25.85
C LEU B 851 55.57 -29.70 -26.10
N ARG B 852 55.36 -30.78 -25.30
CA ARG B 852 54.13 -31.58 -25.36
C ARG B 852 52.89 -30.78 -24.97
N GLN B 853 53.02 -29.88 -24.01
CA GLN B 853 51.86 -29.05 -23.59
C GLN B 853 51.67 -27.90 -24.57
N MET B 854 52.74 -27.41 -25.18
CA MET B 854 52.62 -26.41 -26.26
C MET B 854 51.91 -26.94 -27.50
N ILE B 855 52.24 -28.16 -27.95
CA ILE B 855 51.62 -28.75 -29.14
C ILE B 855 50.13 -29.09 -28.93
N PHE B 856 49.74 -29.64 -27.77
CA PHE B 856 48.37 -30.14 -27.61
C PHE B 856 47.41 -29.15 -26.99
N CYS B 857 47.83 -27.90 -26.74
CA CYS B 857 46.93 -26.90 -26.19
C CYS B 857 46.15 -26.20 -27.30
N ASP B 858 45.34 -25.21 -26.88
CA ASP B 858 44.57 -24.34 -27.78
C ASP B 858 45.35 -23.10 -28.22
N GLY B 859 46.56 -23.32 -28.73
CA GLY B 859 47.44 -22.29 -29.26
C GLY B 859 48.55 -21.83 -28.34
N ILE B 860 49.55 -21.17 -28.94
CA ILE B 860 50.75 -20.62 -28.31
C ILE B 860 50.38 -19.50 -27.32
N ALA B 861 49.36 -18.71 -27.66
CA ALA B 861 48.83 -17.60 -26.84
C ALA B 861 48.26 -18.04 -25.50
N GLU B 862 47.50 -19.16 -25.49
CA GLU B 862 46.94 -19.75 -24.26
C GLU B 862 48.05 -20.23 -23.32
N TYR B 863 49.11 -20.85 -23.89
CA TYR B 863 50.27 -21.31 -23.15
C TYR B 863 51.04 -20.12 -22.56
N ILE B 864 51.32 -19.11 -23.38
CA ILE B 864 52.14 -17.97 -22.94
C ILE B 864 51.35 -17.01 -22.02
N SER B 865 50.00 -17.11 -21.97
CA SER B 865 49.17 -16.34 -21.05
C SER B 865 49.45 -16.73 -19.59
N ASP B 866 49.64 -18.02 -19.33
CA ASP B 866 49.92 -18.56 -18.00
C ASP B 866 51.27 -18.09 -17.50
N THR B 867 51.33 -17.64 -16.24
CA THR B 867 52.57 -17.15 -15.66
C THR B 867 53.54 -18.29 -15.32
N TRP B 868 52.98 -19.47 -14.99
CA TRP B 868 53.76 -20.66 -14.64
C TRP B 868 54.52 -21.29 -15.81
N ASN B 869 53.94 -21.22 -17.03
CA ASN B 869 54.63 -21.65 -18.25
C ASN B 869 55.83 -20.75 -18.58
N ARG B 870 55.68 -19.42 -18.35
CA ARG B 870 56.76 -18.44 -18.50
C ARG B 870 57.88 -18.70 -17.51
N LEU B 871 57.50 -19.04 -16.25
CA LEU B 871 58.44 -19.44 -15.19
C LEU B 871 59.19 -20.71 -15.54
N ASP B 872 58.49 -21.68 -16.18
CA ASP B 872 59.05 -22.95 -16.67
C ASP B 872 60.13 -22.71 -17.74
N LEU B 873 59.85 -21.77 -18.67
CA LEU B 873 60.78 -21.39 -19.73
C LEU B 873 62.03 -20.73 -19.15
N ILE B 874 61.85 -19.86 -18.13
CA ILE B 874 62.95 -19.21 -17.41
C ILE B 874 63.83 -20.25 -16.67
N MET B 875 63.19 -21.27 -16.03
CA MET B 875 63.85 -22.42 -15.35
C MET B 875 64.77 -23.24 -16.27
N ILE B 876 64.20 -23.67 -17.42
CA ILE B 876 64.91 -24.47 -18.42
C ILE B 876 66.08 -23.67 -19.04
N THR B 877 65.82 -22.38 -19.39
CA THR B 877 66.81 -21.47 -19.99
C THR B 877 68.00 -21.17 -19.06
N LEU B 878 67.72 -20.87 -17.77
CA LEU B 878 68.74 -20.60 -16.75
C LEU B 878 69.63 -21.80 -16.46
N PHE B 879 69.01 -23.01 -16.32
CA PHE B 879 69.75 -24.25 -16.06
C PHE B 879 70.68 -24.59 -17.23
N PHE B 880 70.18 -24.47 -18.49
CA PHE B 880 71.01 -24.83 -19.65
C PHE B 880 72.17 -23.85 -19.88
N VAL B 881 71.93 -22.57 -19.59
CA VAL B 881 73.02 -21.58 -19.72
C VAL B 881 74.07 -21.95 -18.67
N GLY B 882 73.68 -22.07 -17.42
CA GLY B 882 74.61 -22.43 -16.34
C GLY B 882 75.37 -23.73 -16.57
N PHE B 883 74.65 -24.77 -17.05
CA PHE B 883 75.23 -26.10 -17.33
C PHE B 883 76.26 -26.04 -18.46
N PHE B 884 75.94 -25.31 -19.57
CA PHE B 884 76.90 -25.19 -20.67
C PHE B 884 78.08 -24.31 -20.29
N THR B 885 77.84 -23.29 -19.43
CA THR B 885 78.91 -22.46 -18.87
C THR B 885 79.89 -23.30 -18.05
N HIS B 886 79.36 -24.23 -17.23
CA HIS B 886 80.22 -25.15 -16.48
C HIS B 886 80.87 -26.20 -17.39
N ALA B 887 80.13 -26.73 -18.36
CA ALA B 887 80.57 -27.84 -19.19
C ALA B 887 81.56 -27.42 -20.26
N SER B 888 81.62 -26.12 -20.59
CA SER B 888 82.59 -25.57 -21.55
C SER B 888 84.03 -25.75 -21.07
N ASP B 889 84.27 -25.54 -19.77
CA ASP B 889 85.59 -25.73 -19.17
C ASP B 889 85.40 -26.24 -17.74
N PRO B 890 85.19 -27.57 -17.54
CA PRO B 890 84.89 -28.12 -16.19
C PRO B 890 85.99 -27.97 -15.14
N SER B 891 87.25 -27.88 -15.54
CA SER B 891 88.35 -27.72 -14.59
C SER B 891 88.63 -26.27 -14.26
N ASN B 892 88.00 -25.33 -14.96
CA ASN B 892 88.22 -23.91 -14.72
C ASN B 892 87.43 -23.48 -13.50
N GLN B 893 88.13 -22.87 -12.54
CA GLN B 893 87.54 -22.37 -11.28
C GLN B 893 86.57 -21.23 -11.52
N ASP B 894 86.94 -20.31 -12.44
CA ASP B 894 86.16 -19.14 -12.83
C ASP B 894 84.84 -19.53 -13.48
N SER B 895 84.87 -20.59 -14.32
CA SER B 895 83.69 -21.17 -14.98
C SER B 895 82.69 -21.72 -13.95
N LYS B 896 83.21 -22.40 -12.90
CA LYS B 896 82.40 -22.91 -11.79
C LYS B 896 81.73 -21.78 -11.02
N VAL B 897 82.48 -20.68 -10.78
CA VAL B 897 81.98 -19.49 -10.06
C VAL B 897 80.86 -18.79 -10.85
N VAL B 898 81.05 -18.61 -12.18
CA VAL B 898 80.08 -18.00 -13.09
C VAL B 898 78.82 -18.89 -13.23
N SER B 899 79.03 -20.23 -13.30
CA SER B 899 77.96 -21.24 -13.37
C SER B 899 77.08 -21.25 -12.13
N LYS B 900 77.71 -21.16 -10.94
CA LYS B 900 76.96 -21.06 -9.67
C LYS B 900 76.23 -19.72 -9.57
N GLY B 901 76.83 -18.66 -10.14
CA GLY B 901 76.19 -17.34 -10.23
C GLY B 901 74.91 -17.34 -11.07
N ILE B 902 74.94 -18.07 -12.20
CA ILE B 902 73.75 -18.23 -13.03
C ILE B 902 72.72 -19.12 -12.33
N HIS B 903 73.18 -20.19 -11.68
CA HIS B 903 72.33 -21.16 -10.97
C HIS B 903 71.71 -20.63 -9.67
N ALA B 904 72.23 -19.51 -9.14
CA ALA B 904 71.61 -18.75 -8.05
C ALA B 904 70.24 -18.21 -8.43
N PHE B 905 70.13 -17.60 -9.61
CA PHE B 905 68.83 -17.22 -10.17
C PHE B 905 67.89 -18.42 -10.38
N LEU B 906 68.44 -19.58 -10.85
CA LEU B 906 67.72 -20.85 -11.09
C LEU B 906 67.00 -21.39 -9.85
N VAL B 907 67.69 -21.41 -8.68
CA VAL B 907 67.10 -21.93 -7.42
C VAL B 907 65.95 -21.03 -6.94
N VAL B 908 66.10 -19.70 -7.07
CA VAL B 908 65.06 -18.70 -6.75
C VAL B 908 63.81 -18.91 -7.61
N VAL B 909 63.99 -19.07 -8.92
CA VAL B 909 62.82 -19.31 -9.83
C VAL B 909 62.17 -20.65 -9.49
N LEU B 910 62.97 -21.68 -9.19
CA LEU B 910 62.46 -23.02 -8.86
C LEU B 910 61.58 -22.99 -7.62
N TRP B 911 61.99 -22.31 -6.56
CA TRP B 911 61.17 -22.19 -5.35
C TRP B 911 59.94 -21.31 -5.59
N LEU B 912 60.07 -20.27 -6.45
CA LEU B 912 58.90 -19.46 -6.90
C LEU B 912 57.90 -20.31 -7.68
N ARG B 913 58.41 -21.16 -8.59
CA ARG B 913 57.57 -22.09 -9.37
C ARG B 913 56.86 -23.13 -8.50
N PHE B 914 57.46 -23.50 -7.33
CA PHE B 914 56.84 -24.40 -6.33
C PHE B 914 55.54 -23.84 -5.69
N MET B 915 55.28 -22.50 -5.74
CA MET B 915 54.04 -21.91 -5.23
C MET B 915 52.79 -22.24 -6.05
N ARG B 916 52.94 -22.77 -7.29
CA ARG B 916 51.82 -23.23 -8.14
C ARG B 916 50.96 -24.31 -7.48
N TYR B 917 51.57 -25.18 -6.66
CA TYR B 917 50.91 -26.27 -5.98
C TYR B 917 50.25 -25.85 -4.68
N TYR B 918 50.43 -24.59 -4.26
CA TYR B 918 49.67 -24.00 -3.15
C TYR B 918 48.22 -23.70 -3.52
N ALA B 919 47.92 -23.56 -4.83
CA ALA B 919 46.60 -23.19 -5.37
C ALA B 919 45.49 -24.21 -5.11
N LEU B 920 45.83 -25.48 -4.83
CA LEU B 920 44.86 -26.51 -4.48
C LEU B 920 44.19 -26.21 -3.14
N SER B 921 44.98 -25.69 -2.21
CA SER B 921 44.54 -25.37 -0.86
C SER B 921 43.55 -24.22 -0.86
N LYS B 922 42.51 -24.35 -0.01
CA LYS B 922 41.50 -23.29 0.13
C LYS B 922 42.00 -22.04 0.86
N ASN B 923 43.15 -22.13 1.52
CA ASN B 923 43.71 -20.96 2.23
C ASN B 923 44.80 -20.30 1.38
N LEU B 924 45.75 -21.07 0.89
CA LEU B 924 46.91 -20.47 0.19
C LEU B 924 46.57 -20.02 -1.23
N GLY B 925 45.74 -20.73 -1.98
CA GLY B 925 45.52 -20.33 -3.38
C GLY B 925 44.88 -18.97 -3.55
N PRO B 926 43.81 -18.64 -2.82
CA PRO B 926 43.25 -17.31 -2.89
C PRO B 926 44.28 -16.25 -2.44
N LYS B 927 45.11 -16.56 -1.45
CA LYS B 927 46.12 -15.60 -0.95
C LYS B 927 47.18 -15.38 -2.03
N LEU B 928 47.52 -16.45 -2.76
CA LEU B 928 48.46 -16.31 -3.90
C LEU B 928 47.82 -15.31 -4.87
N ILE B 929 46.56 -15.54 -5.22
CA ILE B 929 45.89 -14.62 -6.19
C ILE B 929 45.89 -13.18 -5.66
N MET B 930 45.66 -12.97 -4.37
CA MET B 930 45.71 -11.62 -3.78
C MET B 930 47.11 -11.03 -3.89
N MET B 931 48.14 -11.82 -3.66
CA MET B 931 49.54 -11.35 -3.76
C MET B 931 49.80 -10.75 -5.15
N MET B 932 49.41 -11.46 -6.21
CA MET B 932 49.60 -10.96 -7.60
C MET B 932 48.83 -9.65 -7.78
N GLU B 933 47.64 -9.52 -7.17
CA GLU B 933 46.87 -8.28 -7.25
C GLU B 933 47.59 -7.13 -6.50
N MET B 934 48.15 -7.40 -5.30
CA MET B 934 48.89 -6.41 -4.49
C MET B 934 50.23 -5.97 -5.11
N MET B 935 50.76 -6.73 -6.11
CA MET B 935 51.97 -6.36 -6.87
C MET B 935 51.88 -5.00 -7.58
N LYS B 936 50.66 -4.61 -8.01
CA LYS B 936 50.41 -3.30 -8.63
C LYS B 936 50.57 -2.17 -7.62
N ASP B 937 50.06 -2.37 -6.39
CA ASP B 937 50.26 -1.45 -5.27
C ASP B 937 51.73 -1.33 -4.87
N VAL B 938 52.46 -2.47 -4.92
CA VAL B 938 53.90 -2.53 -4.67
C VAL B 938 54.66 -1.71 -5.72
N SER B 939 54.23 -1.83 -7.00
CA SER B 939 54.79 -1.09 -8.13
C SER B 939 54.53 0.41 -8.03
N THR B 940 53.31 0.79 -7.57
CA THR B 940 52.91 2.17 -7.29
C THR B 940 53.79 2.79 -6.20
N PHE B 941 54.05 2.00 -5.12
CA PHE B 941 54.94 2.38 -4.01
C PHE B 941 56.38 2.57 -4.49
N VAL B 942 56.85 1.69 -5.41
CA VAL B 942 58.20 1.74 -6.00
C VAL B 942 58.37 3.03 -6.83
N PHE B 943 57.33 3.37 -7.64
CA PHE B 943 57.32 4.60 -8.45
C PHE B 943 57.33 5.87 -7.60
N LEU B 944 56.53 5.88 -6.51
CA LEU B 944 56.55 7.01 -5.58
C LEU B 944 57.86 7.08 -4.79
N LEU B 945 58.42 5.91 -4.43
CA LEU B 945 59.62 5.82 -3.59
C LEU B 945 60.87 6.20 -4.35
N LEU B 946 60.85 5.96 -5.68
CA LEU B 946 61.96 6.21 -6.61
C LEU B 946 62.37 7.67 -6.66
N ILE B 947 61.37 8.57 -6.56
CA ILE B 947 61.52 10.04 -6.52
C ILE B 947 62.37 10.48 -5.33
N PHE B 948 61.97 10.02 -4.15
CA PHE B 948 62.68 10.39 -2.91
C PHE B 948 64.04 9.70 -2.89
N LEU B 949 64.14 8.44 -3.28
CA LEU B 949 65.38 7.66 -3.24
C LEU B 949 66.48 8.26 -4.13
N ILE B 950 66.14 8.59 -5.41
CA ILE B 950 67.09 9.19 -6.36
C ILE B 950 67.47 10.60 -5.94
N GLY B 951 66.48 11.44 -5.51
CA GLY B 951 66.71 12.82 -5.06
C GLY B 951 67.62 12.92 -3.84
N TYR B 952 67.27 12.16 -2.77
CA TYR B 952 68.06 12.08 -1.54
C TYR B 952 69.44 11.45 -1.79
N GLY B 953 69.49 10.41 -2.65
CA GLY B 953 70.74 9.71 -2.96
C GLY B 953 71.77 10.54 -3.68
N VAL B 954 71.35 11.30 -4.71
CA VAL B 954 72.21 12.23 -5.46
C VAL B 954 72.69 13.36 -4.54
N ALA B 955 71.75 13.94 -3.75
CA ALA B 955 72.04 15.03 -2.80
C ALA B 955 72.99 14.61 -1.68
N ALA B 956 72.72 13.44 -1.07
CA ALA B 956 73.50 12.89 0.04
C ALA B 956 74.88 12.43 -0.40
N GLN B 957 74.98 11.77 -1.57
CA GLN B 957 76.26 11.31 -2.13
C GLN B 957 77.15 12.49 -2.51
N SER B 958 76.55 13.56 -3.06
CA SER B 958 77.29 14.78 -3.37
C SER B 958 77.79 15.49 -2.11
N LEU B 959 76.95 15.54 -1.05
CA LEU B 959 77.36 16.18 0.21
C LEU B 959 78.44 15.38 0.94
N LEU B 960 78.39 14.04 0.90
CA LEU B 960 79.36 13.22 1.63
C LEU B 960 80.73 13.21 0.97
N SER B 961 80.78 13.14 -0.36
CA SER B 961 82.06 13.11 -1.05
C SER B 961 82.16 14.16 -2.16
N PRO B 962 82.46 15.43 -1.83
CA PRO B 962 82.53 16.44 -2.87
C PRO B 962 83.93 16.42 -3.46
N ASP B 963 84.07 17.18 -4.56
CA ASP B 963 85.27 17.35 -5.41
C ASP B 963 85.85 16.00 -5.88
N GLU B 964 84.96 15.12 -6.36
CA GLU B 964 85.32 13.77 -6.76
C GLU B 964 84.78 13.52 -8.17
N ASP B 965 85.59 12.87 -9.02
CA ASP B 965 85.15 12.43 -10.34
C ASP B 965 84.07 11.38 -10.28
N PHE B 966 83.12 11.47 -11.22
CA PHE B 966 82.02 10.53 -11.35
C PHE B 966 82.57 9.18 -11.79
N SER B 967 82.07 8.12 -11.16
CA SER B 967 82.47 6.76 -11.48
C SER B 967 81.29 5.86 -11.17
N SER B 968 81.50 4.55 -11.33
CA SER B 968 80.50 3.54 -10.98
C SER B 968 80.21 3.49 -9.49
N ARG B 969 81.22 3.77 -8.65
CA ARG B 969 81.13 3.83 -7.18
C ARG B 969 80.19 4.94 -6.70
N THR B 970 80.14 6.06 -7.45
CA THR B 970 79.22 7.17 -7.20
C THR B 970 77.77 6.72 -7.38
N PHE B 971 77.50 5.96 -8.44
CA PHE B 971 76.18 5.40 -8.76
C PHE B 971 75.73 4.38 -7.70
N ILE B 972 76.67 3.50 -7.28
CA ILE B 972 76.44 2.51 -6.21
C ILE B 972 76.19 3.22 -4.87
N GLY B 973 76.90 4.33 -4.62
CA GLY B 973 76.67 5.16 -3.43
C GLY B 973 75.32 5.86 -3.43
N VAL B 974 74.85 6.27 -4.62
CA VAL B 974 73.51 6.84 -4.80
C VAL B 974 72.44 5.78 -4.50
N LEU B 975 72.68 4.52 -4.93
CA LEU B 975 71.62 3.53 -4.80
C LEU B 975 71.64 2.70 -3.52
N PHE B 976 72.81 2.48 -2.89
CA PHE B 976 72.98 1.43 -1.87
C PHE B 976 72.34 1.80 -0.55
N ARG B 977 72.87 2.81 0.15
CA ARG B 977 72.34 3.14 1.49
C ARG B 977 70.91 3.68 1.40
N PRO B 978 70.54 4.64 0.53
CA PRO B 978 69.16 5.13 0.50
C PRO B 978 68.06 4.07 0.49
N TYR B 979 68.19 3.02 -0.30
CA TYR B 979 67.24 1.92 -0.41
C TYR B 979 67.19 1.12 0.89
N PHE B 980 68.35 0.79 1.47
CA PHE B 980 68.33 -0.02 2.68
C PHE B 980 68.01 0.79 3.95
N GLN B 981 68.00 2.12 3.89
CA GLN B 981 67.61 2.92 5.07
C GLN B 981 66.11 2.96 5.30
N ILE B 982 65.27 2.63 4.31
CA ILE B 982 63.83 2.58 4.55
C ILE B 982 63.36 1.33 5.29
N TYR B 983 64.23 0.34 5.49
CA TYR B 983 63.90 -0.87 6.23
C TYR B 983 64.40 -0.79 7.66
N GLY B 984 64.79 0.39 8.11
CA GLY B 984 65.20 0.62 9.47
C GLY B 984 66.68 0.48 9.74
N GLU B 985 67.45 -0.05 8.81
CA GLU B 985 68.89 -0.15 9.00
C GLU B 985 69.57 1.17 8.65
N LEU B 986 69.92 1.94 9.66
CA LEU B 986 70.45 3.26 9.45
C LEU B 986 71.96 3.07 9.42
N PHE B 987 72.59 3.66 8.42
CA PHE B 987 74.05 3.66 8.23
C PHE B 987 74.74 4.86 8.88
N LEU B 988 74.19 5.39 9.99
CA LEU B 988 74.65 6.61 10.67
C LEU B 988 76.07 6.53 11.21
N ASP B 989 76.48 5.37 11.75
CA ASP B 989 77.89 5.17 12.13
C ASP B 989 78.80 5.20 10.90
N ASP B 990 78.37 4.50 9.82
CA ASP B 990 79.09 4.46 8.54
C ASP B 990 79.08 5.84 7.85
N LEU B 991 77.97 6.58 7.95
CA LEU B 991 77.85 7.92 7.30
C LEU B 991 78.68 8.89 8.12
N ASN B 992 78.72 8.72 9.42
CA ASN B 992 79.55 9.52 10.32
C ASN B 992 81.03 9.31 10.02
N SER B 993 81.43 8.05 9.77
CA SER B 993 82.80 7.73 9.39
C SER B 993 83.19 8.32 8.04
N GLU B 994 82.28 8.25 7.04
CA GLU B 994 82.53 8.83 5.72
C GLU B 994 82.57 10.36 5.74
N ALA B 995 81.81 11.00 6.63
CA ALA B 995 81.78 12.46 6.73
C ALA B 995 83.04 13.12 7.32
N ASN B 996 83.98 12.34 7.90
CA ASN B 996 85.24 12.76 8.55
C ASN B 996 85.01 13.73 9.70
N CYS B 997 83.97 13.47 10.50
CA CYS B 997 83.65 14.25 11.68
C CYS B 997 84.21 13.55 12.92
N LEU B 998 85.08 14.24 13.66
CA LEU B 998 85.84 13.65 14.75
C LEU B 998 85.28 13.91 16.15
N GLY B 999 84.17 14.63 16.26
CA GLY B 999 83.60 14.96 17.55
C GLY B 999 82.90 13.78 18.23
N ASP B 1000 82.78 13.88 19.56
CA ASP B 1000 82.02 12.91 20.36
C ASP B 1000 80.55 12.92 19.97
N THR B 1001 79.99 14.11 19.79
CA THR B 1001 78.68 14.26 19.18
C THR B 1001 78.94 13.94 17.71
N PRO B 1002 78.12 13.05 17.03
CA PRO B 1002 78.42 12.61 15.66
C PRO B 1002 78.59 13.56 14.47
N PHE B 1003 77.63 14.36 14.05
CA PHE B 1003 77.82 15.27 12.90
C PHE B 1003 78.25 16.68 13.33
N THR B 1004 79.21 16.75 14.26
CA THR B 1004 79.85 17.98 14.70
C THR B 1004 81.36 17.80 14.59
N GLU B 1005 82.04 18.96 14.51
CA GLU B 1005 83.50 19.17 14.33
C GLU B 1005 84.03 18.49 13.07
N CYS B 1006 83.38 18.79 11.96
CA CYS B 1006 83.69 18.29 10.64
C CYS B 1006 84.56 19.30 9.88
N SER B 1007 85.27 18.77 8.87
CA SER B 1007 86.14 19.58 8.01
C SER B 1007 85.35 20.59 7.17
N ARG B 1008 84.20 20.17 6.64
CA ARG B 1008 83.32 21.01 5.85
C ARG B 1008 81.99 21.16 6.57
N GLU B 1009 81.43 22.37 6.56
CA GLU B 1009 80.15 22.61 7.22
C GLU B 1009 78.96 22.09 6.44
N THR B 1010 79.10 21.85 5.14
CA THR B 1010 78.01 21.36 4.29
C THR B 1010 77.59 19.93 4.59
N VAL B 1011 78.53 19.06 4.99
CA VAL B 1011 78.26 17.64 5.26
C VAL B 1011 77.40 17.41 6.52
N ARG B 1012 77.33 18.41 7.43
CA ARG B 1012 76.46 18.41 8.63
C ARG B 1012 74.95 18.43 8.31
N MET B 1013 74.55 18.78 7.07
CA MET B 1013 73.19 18.69 6.56
C MET B 1013 72.81 17.26 6.17
N VAL B 1014 73.73 16.31 6.14
CA VAL B 1014 73.36 14.90 5.83
C VAL B 1014 72.30 14.37 6.79
N PRO B 1015 72.44 14.40 8.13
CA PRO B 1015 71.39 13.86 9.01
C PRO B 1015 70.01 14.50 8.85
N PHE B 1016 69.92 15.74 8.41
CA PHE B 1016 68.71 16.55 8.14
C PHE B 1016 67.94 16.10 6.91
N PHE B 1017 68.65 15.98 5.74
CA PHE B 1017 68.17 15.39 4.48
C PHE B 1017 67.58 14.02 4.72
N LEU B 1018 68.35 13.19 5.47
CA LEU B 1018 67.98 11.84 5.91
C LEU B 1018 66.72 11.90 6.76
N ALA B 1019 66.66 12.91 7.67
CA ALA B 1019 65.53 13.21 8.55
C ALA B 1019 64.26 13.50 7.77
N VAL B 1020 64.40 14.20 6.63
CA VAL B 1020 63.24 14.43 5.78
C VAL B 1020 62.85 13.14 5.07
N TYR B 1021 63.88 12.42 4.55
CA TYR B 1021 63.78 11.27 3.63
C TYR B 1021 63.04 10.08 4.23
N ILE B 1022 63.46 9.62 5.43
CA ILE B 1022 62.80 8.51 6.10
C ILE B 1022 61.40 8.89 6.63
N LEU B 1023 61.17 10.22 6.85
CA LEU B 1023 59.85 10.79 7.12
C LEU B 1023 58.99 10.66 5.88
N GLY B 1024 59.62 10.89 4.73
CA GLY B 1024 58.93 10.68 3.48
C GLY B 1024 58.71 9.19 3.23
N SER B 1025 59.70 8.35 3.54
CA SER B 1025 59.56 6.94 3.12
C SER B 1025 58.85 6.04 4.12
N ASN B 1026 59.21 6.08 5.40
CA ASN B 1026 58.68 5.16 6.39
C ASN B 1026 57.39 5.68 7.01
N VAL B 1027 57.38 6.95 7.41
CA VAL B 1027 56.22 7.56 8.04
C VAL B 1027 55.10 7.76 7.03
N LEU B 1028 55.43 8.25 5.83
CA LEU B 1028 54.39 8.61 4.88
C LEU B 1028 54.07 7.48 3.88
N LEU B 1029 55.06 6.99 3.14
CA LEU B 1029 54.81 6.08 2.02
C LEU B 1029 54.44 4.65 2.44
N VAL B 1030 55.12 4.11 3.48
CA VAL B 1030 54.89 2.75 3.99
C VAL B 1030 53.49 2.62 4.59
N ASN B 1031 53.06 3.63 5.36
CA ASN B 1031 51.74 3.65 5.99
C ASN B 1031 50.62 3.83 4.94
N LEU B 1032 50.91 4.62 3.89
CA LEU B 1032 50.04 4.77 2.72
C LEU B 1032 49.88 3.46 1.98
N LEU B 1033 50.98 2.68 1.87
CA LEU B 1033 50.99 1.35 1.25
C LEU B 1033 50.13 0.36 2.05
N ILE B 1034 50.16 0.46 3.41
CA ILE B 1034 49.32 -0.33 4.32
C ILE B 1034 47.84 -0.04 4.07
N ALA B 1035 47.50 1.26 3.90
CA ALA B 1035 46.14 1.72 3.58
C ALA B 1035 45.65 1.21 2.21
N MET B 1036 46.52 1.27 1.19
CA MET B 1036 46.24 0.75 -0.16
C MET B 1036 46.04 -0.76 -0.16
N PHE B 1037 46.85 -1.49 0.62
CA PHE B 1037 46.75 -2.94 0.78
C PHE B 1037 45.43 -3.36 1.44
N ASN B 1038 45.01 -2.64 2.51
CA ASN B 1038 43.76 -2.92 3.21
C ASN B 1038 42.53 -2.67 2.35
N ASP B 1039 42.54 -1.54 1.61
CA ASP B 1039 41.47 -1.17 0.68
C ASP B 1039 41.36 -2.14 -0.49
N THR B 1040 42.53 -2.49 -1.07
CA THR B 1040 42.66 -3.40 -2.20
C THR B 1040 42.18 -4.80 -1.84
N TYR B 1041 42.54 -5.27 -0.62
CA TYR B 1041 42.15 -6.58 -0.04
C TYR B 1041 40.62 -6.69 0.08
N MET B 1042 39.99 -5.67 0.72
CA MET B 1042 38.53 -5.58 0.86
C MET B 1042 37.82 -5.52 -0.51
N LYS B 1043 38.45 -4.88 -1.50
CA LYS B 1043 37.83 -4.74 -2.82
C LYS B 1043 37.86 -6.07 -3.60
N VAL B 1044 38.97 -6.83 -3.56
CA VAL B 1044 39.16 -7.90 -4.55
C VAL B 1044 39.20 -9.30 -3.91
N GLN B 1045 38.80 -9.44 -2.62
CA GLN B 1045 38.73 -10.75 -1.94
C GLN B 1045 37.72 -11.74 -2.57
N GLU B 1046 36.52 -11.27 -2.93
CA GLU B 1046 35.49 -12.10 -3.56
C GLU B 1046 35.88 -12.49 -4.99
N ALA B 1047 36.49 -11.54 -5.71
CA ALA B 1047 37.04 -11.76 -7.05
C ALA B 1047 38.19 -12.76 -7.04
N ALA B 1048 39.03 -12.72 -5.97
CA ALA B 1048 40.10 -13.70 -5.77
C ALA B 1048 39.55 -15.11 -5.54
N GLU B 1049 38.45 -15.22 -4.77
CA GLU B 1049 37.77 -16.50 -4.56
C GLU B 1049 37.19 -17.07 -5.87
N ASP B 1050 36.57 -16.19 -6.68
CA ASP B 1050 36.02 -16.52 -8.00
C ASP B 1050 37.11 -16.95 -8.97
N LEU B 1051 38.25 -16.22 -8.96
CA LEU B 1051 39.42 -16.51 -9.78
C LEU B 1051 40.07 -17.83 -9.37
N TRP B 1052 40.06 -18.14 -8.06
CA TRP B 1052 40.55 -19.42 -7.53
C TRP B 1052 39.68 -20.58 -7.99
N ARG B 1053 38.35 -20.36 -8.02
CA ARG B 1053 37.41 -21.36 -8.53
C ARG B 1053 37.58 -21.59 -10.04
N LYS B 1054 37.94 -20.55 -10.81
CA LYS B 1054 38.25 -20.77 -12.23
C LYS B 1054 39.59 -21.51 -12.41
N GLN B 1055 40.63 -21.14 -11.63
CA GLN B 1055 41.94 -21.82 -11.64
C GLN B 1055 41.92 -23.25 -11.13
N ASN B 1056 40.91 -23.60 -10.30
CA ASN B 1056 40.63 -24.96 -9.87
C ASN B 1056 40.32 -25.85 -11.07
N TYR B 1057 39.43 -25.35 -11.96
CA TYR B 1057 39.10 -25.99 -13.23
C TYR B 1057 40.31 -26.08 -14.15
N GLU B 1058 41.11 -24.99 -14.22
CA GLU B 1058 42.32 -24.91 -15.08
C GLU B 1058 43.35 -25.96 -14.70
N LEU B 1059 43.58 -26.11 -13.39
CA LEU B 1059 44.49 -27.12 -12.88
C LEU B 1059 43.94 -28.53 -13.09
N CYS B 1060 42.61 -28.73 -12.89
CA CYS B 1060 41.93 -30.00 -13.14
C CYS B 1060 41.97 -30.45 -14.61
N ALA B 1061 41.71 -29.51 -15.53
CA ALA B 1061 41.78 -29.75 -16.98
C ALA B 1061 43.20 -30.04 -17.46
N GLU B 1062 44.20 -29.31 -16.93
CA GLU B 1062 45.60 -29.53 -17.30
C GLU B 1062 46.10 -30.90 -16.82
N TYR B 1063 45.76 -31.28 -15.58
CA TYR B 1063 46.24 -32.56 -15.04
C TYR B 1063 45.38 -33.76 -15.44
N LYS B 1064 44.21 -33.56 -16.08
CA LYS B 1064 43.57 -34.69 -16.76
C LYS B 1064 44.39 -35.24 -17.93
N ASP B 1065 44.97 -34.36 -18.76
CA ASP B 1065 45.66 -34.80 -19.96
C ASP B 1065 47.15 -35.12 -19.77
N ARG B 1066 47.72 -34.72 -18.65
CA ARG B 1066 49.14 -34.93 -18.37
C ARG B 1066 49.39 -36.41 -18.03
N PRO B 1067 50.50 -37.02 -18.52
CA PRO B 1067 50.88 -38.38 -18.11
C PRO B 1067 51.17 -38.48 -16.61
N PHE B 1068 50.88 -39.67 -16.06
CA PHE B 1068 50.99 -39.94 -14.62
C PHE B 1068 52.42 -39.87 -14.08
N LEU B 1069 53.41 -40.39 -14.84
CA LEU B 1069 54.79 -40.56 -14.40
C LEU B 1069 55.50 -39.23 -14.09
N PRO B 1070 56.18 -39.12 -12.93
CA PRO B 1070 56.88 -37.87 -12.56
C PRO B 1070 58.06 -37.55 -13.48
N ALA B 1071 58.63 -36.34 -13.23
CA ALA B 1071 59.62 -35.68 -14.11
C ALA B 1071 60.92 -36.43 -14.45
N PRO B 1072 61.68 -37.09 -13.51
CA PRO B 1072 62.84 -37.89 -13.99
C PRO B 1072 62.44 -39.08 -14.88
N PHE B 1073 61.27 -39.67 -14.62
CA PHE B 1073 60.73 -40.82 -15.32
C PHE B 1073 59.67 -40.50 -16.38
N ILE B 1074 59.32 -39.23 -16.62
CA ILE B 1074 58.32 -38.83 -17.64
C ILE B 1074 58.83 -39.04 -19.11
N LEU B 1075 60.15 -39.27 -19.31
CA LEU B 1075 60.77 -39.60 -20.61
C LEU B 1075 60.24 -40.90 -21.17
N LEU B 1076 59.98 -41.89 -20.29
CA LEU B 1076 59.38 -43.18 -20.66
C LEU B 1076 57.96 -43.00 -21.20
N ALA B 1077 57.18 -42.12 -20.54
CA ALA B 1077 55.84 -41.75 -20.97
C ALA B 1077 55.86 -41.03 -22.31
N HIS B 1078 56.86 -40.13 -22.49
CA HIS B 1078 57.05 -39.36 -23.73
C HIS B 1078 57.39 -40.25 -24.92
N VAL B 1079 58.33 -41.20 -24.72
CA VAL B 1079 58.70 -42.14 -25.79
C VAL B 1079 57.58 -43.14 -26.05
N HIS B 1080 56.78 -43.48 -25.01
CA HIS B 1080 55.61 -44.35 -25.18
C HIS B 1080 54.53 -43.68 -26.03
N MET B 1081 54.25 -42.39 -25.79
CA MET B 1081 53.30 -41.61 -26.61
C MET B 1081 53.81 -41.39 -28.03
N LEU B 1082 55.12 -41.14 -28.18
CA LEU B 1082 55.78 -41.01 -29.48
C LEU B 1082 55.71 -42.32 -30.26
N PHE B 1083 55.88 -43.45 -29.55
CA PHE B 1083 55.75 -44.79 -30.11
C PHE B 1083 54.32 -45.07 -30.59
N MET B 1084 53.32 -44.65 -29.79
CA MET B 1084 51.89 -44.77 -30.18
C MET B 1084 51.56 -43.91 -31.40
N ARG B 1085 52.11 -42.68 -31.45
CA ARG B 1085 51.95 -41.75 -32.58
C ARG B 1085 52.59 -42.32 -33.85
N LEU B 1086 53.77 -42.94 -33.71
CA LEU B 1086 54.46 -43.60 -34.82
C LEU B 1086 53.68 -44.82 -35.32
N LEU B 1087 53.11 -45.62 -34.40
CA LEU B 1087 52.29 -46.76 -34.79
C LEU B 1087 50.95 -46.35 -35.42
N ARG B 1088 50.42 -45.17 -35.07
CA ARG B 1088 49.16 -44.72 -35.66
C ARG B 1088 49.33 -43.99 -36.99
N LEU B 1089 50.40 -43.19 -37.14
CA LEU B 1089 50.55 -42.40 -38.37
C LEU B 1089 51.11 -43.22 -39.53
N CYS B 1090 52.22 -43.93 -39.36
CA CYS B 1090 52.81 -44.67 -40.46
C CYS B 1090 52.28 -46.10 -40.58
N GLY B 1091 52.41 -46.90 -39.52
CA GLY B 1091 51.94 -48.28 -39.52
C GLY B 1091 50.43 -48.47 -39.62
N VAL B 1092 49.66 -47.63 -38.90
CA VAL B 1092 48.20 -47.56 -38.72
C VAL B 1092 47.68 -48.92 -38.24
N HIS B 1093 48.38 -49.52 -37.27
CA HIS B 1093 48.06 -50.80 -36.68
C HIS B 1093 47.36 -50.66 -35.34
N THR B 1094 47.09 -49.44 -34.89
CA THR B 1094 46.43 -49.22 -33.61
C THR B 1094 44.98 -48.77 -33.80
N GLN B 1095 44.07 -49.49 -33.15
CA GLN B 1095 42.66 -49.17 -33.24
C GLN B 1095 42.26 -48.38 -31.99
N GLU B 1096 41.39 -47.39 -32.16
CA GLU B 1096 40.95 -46.56 -31.06
C GLU B 1096 39.49 -46.82 -30.78
N HIS B 1097 39.15 -46.89 -29.49
CA HIS B 1097 37.79 -47.14 -29.05
C HIS B 1097 37.32 -46.02 -28.12
N GLU B 1098 36.04 -45.67 -28.26
CA GLU B 1098 35.43 -44.63 -27.46
C GLU B 1098 33.98 -45.01 -27.22
N LYS B 1099 33.28 -44.17 -26.46
CA LYS B 1099 31.88 -44.42 -26.13
C LYS B 1099 31.01 -43.26 -26.59
N ILE B 1100 29.87 -43.57 -27.19
CA ILE B 1100 28.93 -42.57 -27.69
C ILE B 1100 27.66 -42.70 -26.87
N GLN B 1101 27.17 -41.56 -26.37
CA GLN B 1101 25.94 -41.50 -25.58
C GLN B 1101 24.71 -41.87 -26.40
N ASP B 1102 23.79 -42.62 -25.79
CA ASP B 1102 22.54 -43.01 -26.44
C ASP B 1102 21.59 -41.82 -26.59
N ASP B 1103 20.67 -41.94 -27.58
CA ASP B 1103 19.65 -40.93 -27.85
C ASP B 1103 18.63 -40.79 -26.72
N GLU B 1104 18.36 -41.90 -26.01
CA GLU B 1104 17.43 -41.96 -24.88
C GLU B 1104 17.87 -41.11 -23.69
N THR B 1105 19.14 -41.26 -23.28
CA THR B 1105 19.72 -40.49 -22.19
C THR B 1105 19.89 -39.01 -22.58
N LYS B 1106 20.15 -38.75 -23.87
CA LYS B 1106 20.24 -37.40 -24.45
C LYS B 1106 18.89 -36.66 -24.40
N ARG B 1107 17.81 -37.36 -24.79
CA ARG B 1107 16.47 -36.82 -24.74
C ARG B 1107 15.98 -36.65 -23.29
N LYS B 1108 16.44 -37.54 -22.38
CA LYS B 1108 16.21 -37.43 -20.94
C LYS B 1108 16.84 -36.17 -20.32
N ILE B 1109 18.11 -35.89 -20.68
CA ILE B 1109 18.84 -34.68 -20.26
C ILE B 1109 18.19 -33.41 -20.82
N THR B 1110 17.76 -33.47 -22.10
CA THR B 1110 17.06 -32.39 -22.80
C THR B 1110 15.71 -32.04 -22.14
N THR B 1111 14.93 -33.08 -21.80
CA THR B 1111 13.64 -32.97 -21.11
C THR B 1111 13.80 -32.39 -19.70
N PHE B 1112 14.84 -32.86 -18.98
CA PHE B 1112 15.24 -32.39 -17.64
C PHE B 1112 15.60 -30.91 -17.65
N GLU B 1113 16.40 -30.49 -18.65
CA GLU B 1113 16.88 -29.12 -18.80
C GLU B 1113 15.74 -28.16 -19.13
N GLU B 1114 14.80 -28.58 -20.01
CA GLU B 1114 13.62 -27.77 -20.36
C GLU B 1114 12.66 -27.60 -19.18
N LEU B 1115 12.42 -28.71 -18.43
CA LEU B 1115 11.58 -28.71 -17.24
C LEU B 1115 12.15 -27.79 -16.14
N ASN B 1116 13.47 -27.86 -15.93
CA ASN B 1116 14.14 -27.00 -14.97
C ASN B 1116 14.23 -25.54 -15.42
N THR B 1117 14.29 -25.28 -16.74
CA THR B 1117 14.22 -23.93 -17.32
C THR B 1117 12.87 -23.28 -17.01
N ASP B 1118 11.77 -24.04 -17.23
CA ASP B 1118 10.40 -23.59 -16.90
C ASP B 1118 10.22 -23.38 -15.40
N LYS B 1119 10.78 -24.29 -14.57
CA LYS B 1119 10.72 -24.19 -13.11
C LYS B 1119 11.47 -22.96 -12.56
N PHE B 1120 12.69 -22.68 -13.09
CA PHE B 1120 13.44 -21.50 -12.65
C PHE B 1120 12.76 -20.20 -13.07
N LEU B 1121 12.23 -20.14 -14.32
CA LEU B 1121 11.51 -18.95 -14.79
C LEU B 1121 10.20 -18.70 -14.04
N ARG B 1122 9.44 -19.77 -13.75
CA ARG B 1122 8.22 -19.70 -12.94
C ARG B 1122 8.54 -19.24 -11.51
N ARG B 1123 9.62 -19.81 -10.91
CA ARG B 1123 10.09 -19.46 -9.58
C ARG B 1123 10.58 -18.00 -9.53
N TRP B 1124 11.29 -17.58 -10.59
CA TRP B 1124 11.83 -16.22 -10.77
C TRP B 1124 10.73 -15.17 -10.87
N GLU B 1125 9.68 -15.46 -11.66
CA GLU B 1125 8.50 -14.60 -11.76
C GLU B 1125 7.77 -14.50 -10.43
N ARG B 1126 7.60 -15.65 -9.74
CA ARG B 1126 6.94 -15.72 -8.43
C ARG B 1126 7.72 -14.93 -7.36
N GLU B 1127 9.07 -15.06 -7.37
CA GLU B 1127 9.98 -14.34 -6.47
C GLU B 1127 9.95 -12.83 -6.75
N ARG B 1128 9.89 -12.45 -8.05
CA ARG B 1128 9.86 -11.04 -8.40
C ARG B 1128 8.51 -10.41 -8.03
N GLN B 1129 7.42 -11.19 -8.05
CA GLN B 1129 6.12 -10.68 -7.57
C GLN B 1129 6.04 -10.58 -6.04
N GLU B 1130 6.95 -11.22 -5.29
CA GLU B 1130 6.92 -11.11 -3.83
C GLU B 1130 7.82 -9.99 -3.33
N MET B 1131 8.48 -9.27 -4.24
CA MET B 1131 9.28 -8.10 -3.89
C MET B 1131 8.35 -6.97 -3.47
N LEU B 1132 8.90 -6.10 -2.61
CA LEU B 1132 8.17 -4.96 -2.04
C LEU B 1132 7.73 -3.92 -3.07
N GLU B 1133 8.63 -3.58 -4.02
CA GLU B 1133 8.37 -2.60 -5.09
C GLU B 1133 7.24 -3.05 -6.04
N ALA B 1134 7.29 -4.32 -6.46
CA ALA B 1134 6.31 -4.93 -7.35
C ALA B 1134 4.94 -5.02 -6.70
N ARG B 1135 4.91 -5.41 -5.41
CA ARG B 1135 3.65 -5.52 -4.64
C ARG B 1135 3.00 -4.16 -4.42
N VAL B 1136 3.81 -3.12 -4.14
CA VAL B 1136 3.32 -1.75 -3.97
C VAL B 1136 2.77 -1.19 -5.29
N LYS B 1137 3.50 -1.44 -6.41
CA LYS B 1137 3.06 -1.06 -7.77
C LYS B 1137 1.77 -1.76 -8.22
N MET B 1138 1.69 -3.08 -7.99
CA MET B 1138 0.50 -3.89 -8.31
C MET B 1138 -0.72 -3.47 -7.48
N THR B 1139 -0.48 -3.17 -6.18
CA THR B 1139 -1.49 -2.69 -5.23
C THR B 1139 -2.03 -1.32 -5.68
N ASN B 1140 -1.12 -0.45 -6.17
CA ASN B 1140 -1.41 0.89 -6.70
C ASN B 1140 -2.30 0.82 -7.94
N ASP B 1141 -1.94 -0.05 -8.91
CA ASP B 1141 -2.73 -0.27 -10.15
C ASP B 1141 -4.12 -0.84 -9.84
N ASN B 1142 -4.19 -1.75 -8.84
CA ASN B 1142 -5.47 -2.33 -8.39
C ASN B 1142 -6.38 -1.28 -7.77
N VAL B 1143 -5.80 -0.35 -6.98
CA VAL B 1143 -6.57 0.74 -6.35
C VAL B 1143 -7.06 1.74 -7.41
N VAL B 1144 -6.25 2.00 -8.46
CA VAL B 1144 -6.63 2.85 -9.61
C VAL B 1144 -7.80 2.24 -10.41
N GLN B 1145 -7.72 0.93 -10.71
CA GLN B 1145 -8.79 0.17 -11.37
C GLN B 1145 -10.06 0.10 -10.53
N ALA B 1146 -9.89 0.03 -9.19
CA ALA B 1146 -10.98 0.06 -8.22
C ALA B 1146 -11.72 1.39 -8.24
N MET B 1147 -10.98 2.53 -8.32
CA MET B 1147 -11.56 3.88 -8.47
C MET B 1147 -12.34 4.05 -9.78
N GLY B 1148 -11.82 3.49 -10.89
CA GLY B 1148 -12.52 3.49 -12.18
C GLY B 1148 -13.88 2.77 -12.10
N MET B 1149 -13.88 1.61 -11.41
CA MET B 1149 -15.10 0.85 -11.17
C MET B 1149 -16.07 1.60 -10.24
N MET B 1150 -15.52 2.39 -9.31
CA MET B 1150 -16.37 3.21 -8.40
C MET B 1150 -17.03 4.32 -9.23
N ASP B 1151 -16.30 4.91 -10.18
CA ASP B 1151 -16.86 5.92 -11.08
C ASP B 1151 -18.08 5.36 -11.82
N GLN B 1152 -17.95 4.11 -12.30
CA GLN B 1152 -19.07 3.37 -12.92
C GLN B 1152 -20.24 3.16 -11.95
N LEU B 1153 -19.93 2.80 -10.69
CA LEU B 1153 -20.92 2.60 -9.61
C LEU B 1153 -21.68 3.89 -9.28
N LEU B 1154 -20.95 5.02 -9.22
CA LEU B 1154 -21.51 6.34 -8.92
C LEU B 1154 -22.41 6.82 -10.05
N GLU B 1155 -22.02 6.49 -11.31
CA GLU B 1155 -22.83 6.74 -12.51
C GLU B 1155 -24.16 5.98 -12.43
N HIS B 1156 -24.09 4.75 -11.91
CA HIS B 1156 -25.30 3.90 -11.81
C HIS B 1156 -26.19 4.44 -10.70
N MET B 1157 -25.64 5.02 -9.64
CA MET B 1157 -26.56 5.55 -8.62
C MET B 1157 -27.22 6.84 -9.12
N ILE B 1158 -26.48 7.69 -9.84
CA ILE B 1158 -27.09 8.90 -10.41
C ILE B 1158 -28.22 8.52 -11.39
N SER B 1159 -27.99 7.40 -12.15
CA SER B 1159 -28.98 6.81 -13.07
C SER B 1159 -30.24 6.31 -12.35
N PHE B 1160 -30.09 5.66 -11.20
CA PHE B 1160 -31.27 5.13 -10.47
C PHE B 1160 -32.01 6.31 -9.86
N ARG B 1161 -31.26 7.24 -9.27
CA ARG B 1161 -31.87 8.40 -8.64
C ARG B 1161 -32.75 9.18 -9.62
N PHE B 1162 -32.23 9.40 -10.85
CA PHE B 1162 -32.98 10.06 -11.93
C PHE B 1162 -34.18 9.22 -12.37
N SER B 1163 -33.98 7.89 -12.51
CA SER B 1163 -35.04 6.95 -12.93
C SER B 1163 -36.17 6.85 -11.90
N LEU B 1164 -35.83 6.75 -10.60
CA LEU B 1164 -36.83 6.70 -9.54
C LEU B 1164 -37.55 8.04 -9.38
N ASP B 1165 -36.81 9.15 -9.57
CA ASP B 1165 -37.32 10.52 -9.53
C ASP B 1165 -38.32 10.78 -10.67
N GLN B 1166 -37.99 10.32 -11.89
CA GLN B 1166 -38.96 10.46 -12.98
C GLN B 1166 -40.06 9.40 -12.88
N GLN B 1167 -39.86 8.30 -12.11
CA GLN B 1167 -40.93 7.35 -11.92
C GLN B 1167 -41.96 7.86 -10.92
N ALA B 1168 -41.61 8.95 -10.23
CA ALA B 1168 -42.51 9.52 -9.21
C ALA B 1168 -43.36 10.65 -9.79
N THR B 1169 -42.78 11.84 -10.00
CA THR B 1169 -43.58 13.01 -10.47
C THR B 1169 -43.73 12.95 -11.98
N LYS B 1170 -44.17 11.81 -12.51
CA LYS B 1170 -44.37 11.64 -13.98
C LYS B 1170 -45.50 12.56 -14.46
N ILE B 1171 -46.57 12.66 -13.67
CA ILE B 1171 -47.75 13.48 -14.09
C ILE B 1171 -48.59 13.81 -12.84
N PRO B 1196 -58.87 17.98 -22.00
CA PRO B 1196 -59.48 19.19 -22.56
C PRO B 1196 -60.22 20.01 -21.50
N ILE B 1197 -60.52 19.39 -20.36
CA ILE B 1197 -61.17 20.06 -19.24
C ILE B 1197 -60.10 20.39 -18.22
N ASN B 1198 -60.23 21.58 -17.59
CA ASN B 1198 -59.20 22.34 -16.86
C ASN B 1198 -57.89 22.44 -17.62
N ARG B 1199 -57.93 23.11 -18.77
CA ARG B 1199 -56.78 23.29 -19.64
C ARG B 1199 -56.84 24.66 -20.28
N LEU B 1200 -55.75 25.41 -20.14
CA LEU B 1200 -55.74 26.81 -20.59
C LEU B 1200 -54.48 27.01 -21.41
N ASN B 1201 -54.64 27.73 -22.53
CA ASN B 1201 -53.57 28.03 -23.46
C ASN B 1201 -53.29 29.53 -23.44
N SER B 1202 -52.10 29.88 -22.96
CA SER B 1202 -51.68 31.27 -22.82
C SER B 1202 -50.65 31.67 -23.87
N ALA B 1203 -50.57 30.90 -24.97
CA ALA B 1203 -49.66 31.18 -26.08
C ALA B 1203 -50.06 32.43 -26.89
N VAL B 1204 -51.33 32.84 -26.82
CA VAL B 1204 -51.87 34.05 -27.48
C VAL B 1204 -51.19 35.33 -26.96
N ALA B 1205 -50.76 35.34 -25.67
CA ALA B 1205 -50.00 36.44 -25.06
C ALA B 1205 -48.60 36.59 -25.65
N VAL B 1206 -48.05 35.50 -26.18
CA VAL B 1206 -46.70 35.46 -26.69
C VAL B 1206 -46.71 35.76 -28.19
N HIS B 1207 -47.52 35.02 -28.96
CA HIS B 1207 -47.52 35.18 -30.41
C HIS B 1207 -48.38 36.38 -30.84
N GLY B 1208 -49.66 36.36 -30.50
CA GLY B 1208 -50.56 37.42 -30.88
C GLY B 1208 -51.61 37.05 -31.92
N HIS B 1209 -51.59 37.69 -33.09
CA HIS B 1209 -52.49 37.26 -34.16
C HIS B 1209 -51.93 36.09 -34.95
N THR B 1210 -50.66 35.75 -34.78
CA THR B 1210 -50.07 34.58 -35.44
C THR B 1210 -49.97 33.42 -34.44
N ALA B 1211 -51.13 33.09 -33.86
CA ALA B 1211 -51.20 31.94 -32.96
C ALA B 1211 -51.29 30.64 -33.75
N GLU B 1212 -52.36 30.48 -34.53
CA GLU B 1212 -52.51 29.30 -35.37
C GLU B 1212 -52.96 29.71 -36.77
N ALA B 1213 -52.48 28.94 -37.75
CA ALA B 1213 -52.81 29.15 -39.15
C ALA B 1213 -53.10 27.78 -39.74
N ALA B 1214 -53.83 27.76 -40.85
CA ALA B 1214 -54.17 26.51 -41.51
C ALA B 1214 -52.97 26.14 -42.38
N GLU B 1215 -51.98 25.44 -41.82
CA GLU B 1215 -50.72 25.05 -42.48
C GLU B 1215 -50.86 23.75 -43.28
N TRP B 1216 -51.76 23.70 -44.27
CA TRP B 1216 -52.10 22.51 -45.06
C TRP B 1216 -50.96 22.06 -45.97
N TYR B 1217 -51.19 20.96 -46.68
CA TYR B 1217 -50.13 20.39 -47.51
C TYR B 1217 -50.31 20.83 -48.95
N VAL B 1218 -49.22 21.32 -49.54
CA VAL B 1218 -49.16 21.67 -50.95
C VAL B 1218 -48.01 20.86 -51.55
N PRO B 1219 -48.27 19.99 -52.54
CA PRO B 1219 -47.17 19.18 -53.16
C PRO B 1219 -46.20 20.03 -53.97
N PRO B 1220 -44.94 19.58 -54.16
CA PRO B 1220 -43.97 20.32 -55.01
C PRO B 1220 -44.38 20.40 -56.48
N GLU B 1221 -43.89 21.47 -57.14
CA GLU B 1221 -44.27 21.88 -58.50
C GLU B 1221 -43.94 20.82 -59.55
N GLU B 1222 -42.76 20.22 -59.47
CA GLU B 1222 -42.38 19.22 -60.46
C GLU B 1222 -42.87 17.88 -59.94
N TYR B 1223 -43.72 17.21 -60.72
CA TYR B 1223 -44.20 15.86 -60.39
C TYR B 1223 -43.02 14.88 -60.49
N PRO B 1224 -42.82 14.00 -59.49
CA PRO B 1224 -41.70 13.04 -59.53
C PRO B 1224 -41.83 12.04 -60.68
N LYS B 1225 -40.68 11.73 -61.31
CA LYS B 1225 -40.47 10.73 -62.41
C LYS B 1225 -41.33 10.99 -63.67
N SER B 1226 -41.74 12.26 -63.89
CA SER B 1226 -42.61 12.66 -64.99
C SER B 1226 -41.90 13.34 -66.14
N GLY B 1227 -40.58 13.50 -66.09
CA GLY B 1227 -39.85 14.22 -67.11
C GLY B 1227 -40.11 15.71 -67.21
N GLY B 1228 -40.18 16.41 -66.07
CA GLY B 1228 -40.29 17.86 -66.10
C GLY B 1228 -41.69 18.44 -66.22
N VAL B 1229 -42.74 17.63 -66.08
CA VAL B 1229 -44.13 18.11 -66.16
C VAL B 1229 -44.43 18.91 -64.88
N LYS B 1230 -44.97 20.12 -65.04
CA LYS B 1230 -45.19 21.01 -63.90
C LYS B 1230 -46.69 21.17 -63.63
N ARG B 1231 -47.05 21.21 -62.35
CA ARG B 1231 -48.42 21.44 -61.91
C ARG B 1231 -48.86 22.89 -62.05
N TYR B 1232 -50.09 23.16 -61.63
CA TYR B 1232 -50.59 24.53 -61.55
C TYR B 1232 -50.46 25.01 -60.11
N LEU B 1233 -49.50 25.94 -59.87
CA LEU B 1233 -49.12 26.41 -58.55
C LEU B 1233 -50.26 27.14 -57.81
N ILE B 1234 -50.51 26.73 -56.56
CA ILE B 1234 -51.51 27.35 -55.69
C ILE B 1234 -50.93 27.56 -54.30
N ASP B 1235 -51.38 28.63 -53.64
CA ASP B 1235 -51.00 28.94 -52.28
C ASP B 1235 -51.66 27.99 -51.29
N ALA B 1236 -50.99 27.79 -50.13
CA ALA B 1236 -51.50 26.92 -49.05
C ALA B 1236 -52.76 27.44 -48.35
N SER B 1237 -53.11 28.72 -48.49
CA SER B 1237 -54.31 29.29 -47.91
C SER B 1237 -55.49 29.26 -48.86
N MET B 1238 -55.36 28.64 -50.03
CA MET B 1238 -56.45 28.58 -50.98
C MET B 1238 -56.89 27.15 -51.27
N VAL B 1239 -56.30 26.17 -50.57
CA VAL B 1239 -56.53 24.72 -50.84
C VAL B 1239 -57.88 24.10 -50.48
N PRO B 1240 -58.59 24.32 -49.34
CA PRO B 1240 -59.78 23.49 -48.99
C PRO B 1240 -60.99 23.61 -49.93
N LEU B 1241 -61.75 22.51 -50.06
CA LEU B 1241 -62.88 22.40 -50.98
C LEU B 1241 -64.10 23.24 -50.58
N SER B 1242 -64.18 23.72 -49.32
CA SER B 1242 -65.26 24.61 -48.88
C SER B 1242 -65.11 25.97 -49.56
N ILE B 1243 -63.86 26.39 -49.78
CA ILE B 1243 -63.54 27.66 -50.42
C ILE B 1243 -63.79 27.49 -51.91
N MET B 1244 -64.30 28.55 -52.56
CA MET B 1244 -64.77 28.51 -53.95
C MET B 1244 -63.63 28.32 -54.96
N CYS B 1245 -62.68 29.28 -55.02
CA CYS B 1245 -61.54 29.42 -55.92
C CYS B 1245 -61.82 29.31 -57.42
N PRO B 1246 -62.45 30.33 -58.06
CA PRO B 1246 -62.80 30.21 -59.51
C PRO B 1246 -61.61 30.16 -60.47
N SER B 1247 -60.42 30.61 -60.06
CA SER B 1247 -59.23 30.64 -60.92
C SER B 1247 -58.48 29.33 -60.70
N TYR B 1248 -59.01 28.24 -61.25
CA TYR B 1248 -58.41 26.92 -61.03
C TYR B 1248 -58.33 26.22 -62.37
N ASP B 1249 -57.12 26.03 -62.89
CA ASP B 1249 -56.91 25.36 -64.17
C ASP B 1249 -55.86 24.25 -63.97
N PRO B 1250 -56.25 23.09 -63.42
CA PRO B 1250 -55.27 22.01 -63.21
C PRO B 1250 -54.86 21.33 -64.52
N VAL B 1251 -53.73 20.64 -64.46
CA VAL B 1251 -53.18 19.94 -65.61
C VAL B 1251 -53.53 18.45 -65.54
N GLU B 1252 -53.91 17.89 -66.68
CA GLU B 1252 -54.27 16.48 -66.77
C GLU B 1252 -53.04 15.69 -67.16
N TYR B 1253 -52.55 14.85 -66.25
CA TYR B 1253 -51.36 14.05 -66.54
C TYR B 1253 -51.53 12.63 -66.03
N THR B 1254 -51.22 11.67 -66.89
CA THR B 1254 -51.17 10.27 -66.52
C THR B 1254 -49.82 9.71 -66.96
N HIS B 1255 -49.12 9.01 -66.06
CA HIS B 1255 -47.82 8.41 -66.31
C HIS B 1255 -47.92 7.30 -67.38
N PRO B 1256 -46.89 7.14 -68.25
CA PRO B 1256 -46.88 6.03 -69.25
C PRO B 1256 -46.95 4.62 -68.69
N SER B 1257 -46.35 4.38 -67.52
CA SER B 1257 -46.42 3.08 -66.83
C SER B 1257 -47.85 2.75 -66.42
N VAL B 1258 -48.58 3.73 -65.89
CA VAL B 1258 -49.98 3.57 -65.51
C VAL B 1258 -50.86 3.41 -66.75
N ALA B 1259 -50.57 4.20 -67.81
CA ALA B 1259 -51.33 4.16 -69.07
C ALA B 1259 -51.11 2.90 -69.91
N ALA B 1260 -50.11 2.05 -69.59
CA ALA B 1260 -49.84 0.79 -70.28
C ALA B 1260 -50.74 -0.36 -69.81
N GLN B 1261 -51.60 -0.12 -68.80
CA GLN B 1261 -52.59 -0.99 -68.15
C GLN B 1261 -52.05 -2.26 -67.49
N PRO B 1262 -51.25 -2.21 -66.35
CA PRO B 1262 -50.95 -3.47 -65.63
C PRO B 1262 -52.10 -4.05 -64.80
N VAL B 1263 -51.79 -5.12 -64.05
CA VAL B 1263 -52.78 -5.82 -63.23
C VAL B 1263 -53.26 -4.97 -62.05
N TRP B 1264 -52.39 -4.10 -61.52
CA TRP B 1264 -52.77 -3.34 -60.34
C TRP B 1264 -53.36 -1.98 -60.68
N ALA B 1265 -53.61 -1.70 -61.95
CA ALA B 1265 -54.13 -0.41 -62.37
C ALA B 1265 -55.59 -0.49 -62.79
N ASP B 1266 -56.40 0.45 -62.30
CA ASP B 1266 -57.80 0.54 -62.70
C ASP B 1266 -57.94 1.05 -64.15
N PRO B 1267 -59.07 0.74 -64.84
CA PRO B 1267 -59.32 1.30 -66.20
C PRO B 1267 -59.44 2.81 -66.27
N ALA B 1268 -59.02 3.37 -67.42
CA ALA B 1268 -58.95 4.82 -67.70
C ALA B 1268 -60.32 5.53 -67.69
N ASP B 1269 -61.41 4.80 -67.90
CA ASP B 1269 -62.78 5.26 -67.88
C ASP B 1269 -63.29 4.80 -66.53
N PRO B 1270 -63.52 5.68 -65.55
CA PRO B 1270 -63.91 5.20 -64.21
C PRO B 1270 -65.38 4.85 -64.00
N ARG B 1271 -66.19 4.76 -65.06
CA ARG B 1271 -67.61 4.41 -64.96
C ARG B 1271 -67.73 2.93 -64.58
N LYS B 1272 -68.84 2.62 -63.87
CA LYS B 1272 -69.34 1.34 -63.30
C LYS B 1272 -68.59 0.95 -62.02
N ILE B 1273 -67.66 1.78 -61.54
CA ILE B 1273 -66.86 1.53 -60.36
C ILE B 1273 -67.61 2.17 -59.20
N LYS B 1274 -67.80 1.44 -58.12
CA LYS B 1274 -68.47 1.93 -56.93
C LYS B 1274 -67.46 2.35 -55.88
N PHE B 1275 -67.55 3.60 -55.44
CA PHE B 1275 -66.63 4.11 -54.44
C PHE B 1275 -67.34 4.05 -53.10
N ASN B 1276 -66.57 4.28 -52.02
CA ASN B 1276 -66.89 4.29 -50.57
C ASN B 1276 -67.31 2.93 -49.98
N VAL B 1277 -67.31 1.83 -50.75
CA VAL B 1277 -67.65 0.48 -50.36
C VAL B 1277 -66.63 -0.46 -50.99
N LYS B 1278 -66.57 -1.68 -50.46
CA LYS B 1278 -65.71 -2.73 -51.01
C LYS B 1278 -66.17 -3.18 -52.39
N ASP B 1279 -65.31 -2.95 -53.39
CA ASP B 1279 -65.65 -3.22 -54.78
C ASP B 1279 -64.84 -4.41 -55.27
N GLU B 1280 -65.48 -5.25 -56.07
CA GLU B 1280 -64.85 -6.46 -56.59
C GLU B 1280 -64.37 -6.20 -58.01
N VAL B 1281 -63.05 -6.24 -58.21
CA VAL B 1281 -62.45 -6.18 -59.53
C VAL B 1281 -61.79 -7.52 -59.77
N ASN B 1282 -62.23 -8.23 -60.84
CA ASN B 1282 -61.85 -9.60 -61.26
C ASN B 1282 -61.99 -10.63 -60.15
N GLY B 1283 -63.04 -10.48 -59.33
CA GLY B 1283 -63.32 -11.33 -58.19
C GLY B 1283 -62.47 -11.03 -56.97
N LYS B 1284 -61.66 -9.97 -56.99
CA LYS B 1284 -60.77 -9.58 -55.91
C LYS B 1284 -61.33 -8.34 -55.22
N VAL B 1285 -61.27 -8.33 -53.88
CA VAL B 1285 -61.86 -7.25 -53.10
C VAL B 1285 -60.87 -6.09 -53.06
N VAL B 1286 -61.37 -4.86 -53.24
CA VAL B 1286 -60.61 -3.60 -53.13
C VAL B 1286 -61.42 -2.75 -52.16
N ASP B 1287 -60.72 -2.06 -51.24
CA ASP B 1287 -61.32 -1.29 -50.14
C ASP B 1287 -62.19 -0.12 -50.61
N ARG B 1288 -61.57 0.87 -51.29
CA ARG B 1288 -62.18 2.10 -51.89
C ARG B 1288 -62.86 3.06 -50.90
N THR B 1289 -62.66 2.91 -49.59
CA THR B 1289 -63.27 3.76 -48.58
C THR B 1289 -62.21 4.69 -47.99
N SER B 1290 -62.54 5.98 -47.93
CA SER B 1290 -61.66 7.00 -47.41
C SER B 1290 -61.92 7.25 -45.93
N CYS B 1291 -60.86 7.62 -45.21
CA CYS B 1291 -60.95 7.97 -43.79
C CYS B 1291 -61.50 9.37 -43.52
N HIS B 1292 -61.73 10.18 -44.56
CA HIS B 1292 -62.36 11.50 -44.45
C HIS B 1292 -63.80 11.36 -43.98
N PRO B 1293 -64.25 12.13 -42.96
CA PRO B 1293 -65.64 12.03 -42.46
C PRO B 1293 -66.75 12.36 -43.47
N SER B 1294 -66.51 13.28 -44.39
CA SER B 1294 -67.51 13.65 -45.41
C SER B 1294 -67.67 12.56 -46.45
N GLY B 1295 -66.60 11.85 -46.81
CA GLY B 1295 -66.63 10.85 -47.85
C GLY B 1295 -66.15 11.39 -49.18
N ILE B 1296 -66.18 10.52 -50.17
CA ILE B 1296 -65.73 10.85 -51.52
C ILE B 1296 -66.95 11.25 -52.33
N SER B 1297 -66.86 12.40 -53.01
CA SER B 1297 -67.92 12.87 -53.89
C SER B 1297 -67.57 12.57 -55.34
N ILE B 1298 -68.57 12.19 -56.12
CA ILE B 1298 -68.39 11.76 -57.50
C ILE B 1298 -68.81 12.91 -58.42
N ASP B 1299 -67.92 13.31 -59.33
CA ASP B 1299 -68.20 14.32 -60.34
C ASP B 1299 -69.23 13.80 -61.34
N SER B 1300 -70.23 14.63 -61.66
CA SER B 1300 -71.30 14.18 -62.54
C SER B 1300 -70.87 14.13 -64.01
N ASN B 1301 -69.96 15.01 -64.43
CA ASN B 1301 -69.56 15.14 -65.84
C ASN B 1301 -68.73 13.94 -66.33
N THR B 1302 -67.70 13.54 -65.58
CA THR B 1302 -66.77 12.51 -66.04
C THR B 1302 -66.82 11.22 -65.23
N GLY B 1303 -67.44 11.22 -64.05
CA GLY B 1303 -67.50 10.10 -63.14
C GLY B 1303 -66.31 9.91 -62.25
N ARG B 1304 -65.27 10.73 -62.39
CA ARG B 1304 -64.04 10.69 -61.61
C ARG B 1304 -64.24 11.21 -60.18
N PRO B 1305 -63.58 10.63 -59.18
CA PRO B 1305 -63.62 11.18 -57.81
C PRO B 1305 -62.86 12.49 -57.61
N ILE B 1306 -63.30 13.26 -56.61
CA ILE B 1306 -62.68 14.52 -56.21
C ILE B 1306 -62.12 14.32 -54.81
N ASN B 1307 -60.84 14.66 -54.61
CA ASN B 1307 -60.14 14.52 -53.33
C ASN B 1307 -60.71 15.43 -52.24
N PRO B 1308 -61.18 14.88 -51.10
CA PRO B 1308 -61.76 15.74 -50.05
C PRO B 1308 -60.73 16.50 -49.23
N TRP B 1309 -59.43 16.15 -49.32
CA TRP B 1309 -58.38 16.75 -48.49
C TRP B 1309 -57.80 18.03 -49.06
N GLY B 1310 -58.34 18.55 -50.16
CA GLY B 1310 -57.97 19.84 -50.71
C GLY B 1310 -57.60 19.73 -52.17
N ARG B 1311 -57.23 20.86 -52.76
CA ARG B 1311 -56.83 20.92 -54.16
C ARG B 1311 -55.34 20.62 -54.27
N THR B 1312 -54.93 19.96 -55.36
CA THR B 1312 -53.51 19.69 -55.60
C THR B 1312 -52.96 20.21 -56.91
N GLY B 1313 -53.75 20.93 -57.71
CA GLY B 1313 -53.31 21.49 -58.98
C GLY B 1313 -53.05 20.52 -60.11
N MET B 1314 -53.65 19.33 -60.11
CA MET B 1314 -53.39 18.27 -61.09
C MET B 1314 -54.53 17.27 -61.07
N THR B 1315 -55.16 17.03 -62.22
CA THR B 1315 -56.13 15.97 -62.40
C THR B 1315 -55.48 14.74 -63.02
N GLY B 1316 -56.27 13.69 -63.20
CA GLY B 1316 -55.74 12.44 -63.71
C GLY B 1316 -55.16 11.58 -62.60
N ARG B 1317 -54.66 10.40 -63.00
CA ARG B 1317 -54.17 9.46 -62.00
C ARG B 1317 -52.70 9.66 -61.66
N GLY B 1318 -51.92 10.17 -62.61
CA GLY B 1318 -50.47 10.36 -62.43
C GLY B 1318 -49.73 9.03 -62.29
N LEU B 1319 -48.91 8.91 -61.25
CA LEU B 1319 -48.17 7.68 -61.00
C LEU B 1319 -48.97 6.65 -60.21
N LEU B 1320 -50.15 7.01 -59.74
CA LEU B 1320 -50.96 6.12 -58.92
C LEU B 1320 -51.87 5.30 -59.81
N GLY B 1321 -51.97 4.01 -59.52
CA GLY B 1321 -52.67 3.12 -60.42
C GLY B 1321 -54.17 3.06 -60.23
N LYS B 1322 -54.66 3.45 -59.06
CA LYS B 1322 -56.07 3.31 -58.74
C LYS B 1322 -56.72 4.68 -58.61
N TRP B 1323 -57.90 4.83 -59.23
CA TRP B 1323 -58.74 6.01 -59.07
C TRP B 1323 -59.20 6.16 -57.64
N GLY B 1324 -59.09 7.36 -57.12
CA GLY B 1324 -59.55 7.63 -55.77
C GLY B 1324 -58.51 7.28 -54.76
N VAL B 1325 -58.92 6.50 -53.76
CA VAL B 1325 -58.06 6.22 -52.63
C VAL B 1325 -57.14 5.06 -52.98
N ASN B 1326 -55.84 5.32 -52.96
CA ASN B 1326 -54.84 4.27 -53.02
C ASN B 1326 -54.48 3.90 -51.58
N GLN B 1327 -54.87 2.70 -51.18
CA GLN B 1327 -54.64 2.24 -49.81
C GLN B 1327 -53.20 1.80 -49.67
N ALA B 1328 -52.50 2.42 -48.74
CA ALA B 1328 -51.14 2.03 -48.45
C ALA B 1328 -51.11 1.47 -47.04
N ALA B 1329 -50.22 0.52 -46.82
CA ALA B 1329 -49.99 -0.05 -45.51
C ALA B 1329 -48.54 0.24 -45.16
N ASP B 1330 -48.33 0.80 -43.98
CA ASP B 1330 -47.00 1.06 -43.46
C ASP B 1330 -46.73 0.19 -42.25
N THR B 1331 -45.51 -0.31 -42.17
CA THR B 1331 -45.09 -1.22 -41.12
C THR B 1331 -44.03 -0.52 -40.28
N VAL B 1332 -44.36 -0.16 -39.06
CA VAL B 1332 -43.38 0.46 -38.17
C VAL B 1332 -42.98 -0.62 -37.18
N VAL B 1333 -41.83 -1.26 -37.42
CA VAL B 1333 -41.30 -2.25 -36.51
C VAL B 1333 -40.36 -1.53 -35.56
N THR B 1334 -40.70 -1.54 -34.28
CA THR B 1334 -40.00 -0.74 -33.28
C THR B 1334 -39.39 -1.61 -32.20
N ARG B 1335 -38.36 -1.05 -31.60
CA ARG B 1335 -37.72 -1.63 -30.45
C ARG B 1335 -37.19 -0.46 -29.64
N TRP B 1336 -36.97 -0.70 -28.36
CA TRP B 1336 -36.41 0.31 -27.50
C TRP B 1336 -34.93 0.46 -27.82
N LYS B 1337 -34.45 1.71 -27.91
CA LYS B 1337 -33.04 1.97 -28.18
C LYS B 1337 -32.24 1.64 -26.94
N ARG B 1338 -31.40 0.62 -27.04
CA ARG B 1338 -30.66 0.10 -25.92
C ARG B 1338 -29.16 0.25 -26.11
N SER B 1339 -28.49 0.54 -25.00
CA SER B 1339 -27.04 0.53 -24.84
C SER B 1339 -26.50 -0.93 -24.76
N PRO B 1340 -25.16 -1.14 -24.99
CA PRO B 1340 -24.53 -2.49 -24.80
C PRO B 1340 -24.76 -3.18 -23.44
N ASP B 1341 -24.84 -2.38 -22.34
CA ASP B 1341 -25.18 -2.89 -21.00
C ASP B 1341 -26.66 -3.35 -20.89
N GLY B 1342 -27.53 -2.98 -21.84
CA GLY B 1342 -28.93 -3.37 -21.89
C GLY B 1342 -29.93 -2.34 -21.43
N SER B 1343 -29.47 -1.25 -20.82
CA SER B 1343 -30.37 -0.20 -20.36
C SER B 1343 -30.88 0.65 -21.52
N ILE B 1344 -32.18 0.98 -21.48
CA ILE B 1344 -32.84 1.77 -22.50
C ILE B 1344 -32.40 3.23 -22.37
N LEU B 1345 -32.05 3.86 -23.50
CA LEU B 1345 -31.67 5.26 -23.57
C LEU B 1345 -32.87 6.16 -23.27
N GLU B 1346 -32.64 7.22 -22.50
CA GLU B 1346 -33.72 8.08 -22.03
C GLU B 1346 -33.44 9.54 -22.39
N ARG B 1347 -34.37 10.17 -23.08
CA ARG B 1347 -34.27 11.60 -23.42
C ARG B 1347 -35.60 12.28 -23.12
N ASP B 1348 -35.51 13.47 -22.50
CA ASP B 1348 -36.62 14.38 -22.09
C ASP B 1348 -37.62 13.66 -21.14
N GLY B 1349 -37.11 12.77 -20.28
CA GLY B 1349 -37.95 12.02 -19.35
C GLY B 1349 -38.78 10.90 -19.94
N LYS B 1350 -38.56 10.53 -21.20
CA LYS B 1350 -39.30 9.50 -21.90
C LYS B 1350 -38.32 8.53 -22.52
N LYS B 1351 -38.76 7.28 -22.69
CA LYS B 1351 -37.95 6.25 -23.30
C LYS B 1351 -37.84 6.48 -24.81
N VAL B 1352 -36.67 6.16 -25.37
CA VAL B 1352 -36.34 6.47 -26.76
C VAL B 1352 -36.63 5.23 -27.60
N LEU B 1353 -37.36 5.41 -28.71
CA LEU B 1353 -37.70 4.34 -29.62
C LEU B 1353 -36.66 4.23 -30.74
N GLU B 1354 -36.79 3.17 -31.53
CA GLU B 1354 -35.93 2.92 -32.68
C GLU B 1354 -36.72 2.12 -33.70
N PHE B 1355 -36.72 2.58 -34.95
CA PHE B 1355 -37.55 1.97 -35.99
C PHE B 1355 -36.71 1.62 -37.21
N VAL B 1356 -37.19 0.64 -37.97
CA VAL B 1356 -36.53 0.21 -39.20
C VAL B 1356 -36.89 1.19 -40.31
N ALA B 1357 -35.87 1.80 -40.93
CA ALA B 1357 -36.08 2.78 -41.98
C ALA B 1357 -35.35 2.35 -43.24
N ILE B 1358 -36.04 2.54 -44.37
CA ILE B 1358 -35.51 2.20 -45.68
C ILE B 1358 -35.25 3.45 -46.51
N GLN B 1359 -34.23 3.36 -47.35
CA GLN B 1359 -33.90 4.41 -48.31
C GLN B 1359 -34.58 4.04 -49.61
N ARG B 1360 -35.54 4.87 -50.04
CA ARG B 1360 -36.34 4.61 -51.23
C ARG B 1360 -35.50 4.66 -52.50
N GLN B 1361 -35.85 3.81 -53.47
CA GLN B 1361 -35.12 3.74 -54.73
C GLN B 1361 -35.38 4.95 -55.62
N ASP B 1362 -36.61 5.48 -55.60
CA ASP B 1362 -36.98 6.51 -56.56
C ASP B 1362 -36.46 7.91 -56.20
N ASN B 1363 -36.57 8.33 -54.93
CA ASN B 1363 -36.21 9.69 -54.57
C ASN B 1363 -35.12 9.84 -53.51
N LYS B 1364 -34.52 8.73 -53.03
CA LYS B 1364 -33.42 8.61 -52.04
C LYS B 1364 -33.68 9.35 -50.73
N MET B 1365 -34.91 9.32 -50.24
CA MET B 1365 -35.27 9.81 -48.92
C MET B 1365 -35.66 8.63 -48.04
N TRP B 1366 -35.23 8.70 -46.77
CA TRP B 1366 -35.53 7.66 -45.80
C TRP B 1366 -37.02 7.66 -45.46
N ALA B 1367 -37.56 6.46 -45.20
CA ALA B 1367 -39.00 6.29 -45.06
C ALA B 1367 -39.30 5.02 -44.28
N ILE B 1368 -40.55 4.92 -43.87
CA ILE B 1368 -41.11 3.71 -43.25
C ILE B 1368 -41.40 2.70 -44.35
N PRO B 1369 -41.02 1.40 -44.19
CA PRO B 1369 -41.38 0.35 -45.17
C PRO B 1369 -42.90 0.21 -45.31
N GLY B 1370 -43.33 0.00 -46.54
CA GLY B 1370 -44.75 -0.11 -46.79
C GLY B 1370 -45.01 -0.03 -48.27
N GLY B 1371 -46.26 -0.25 -48.62
CA GLY B 1371 -46.60 -0.24 -50.02
C GLY B 1371 -48.09 -0.29 -50.22
N PHE B 1372 -48.49 -0.17 -51.49
CA PHE B 1372 -49.89 -0.14 -51.87
C PHE B 1372 -50.56 -1.49 -51.66
N VAL B 1373 -51.82 -1.44 -51.22
CA VAL B 1373 -52.60 -2.65 -50.98
C VAL B 1373 -53.04 -3.28 -52.30
N ASP B 1374 -52.64 -4.52 -52.52
CA ASP B 1374 -52.97 -5.29 -53.71
C ASP B 1374 -54.45 -5.70 -53.70
N ASN B 1375 -54.95 -6.09 -54.89
CA ASN B 1375 -56.33 -6.52 -55.06
C ASN B 1375 -56.56 -7.86 -54.36
N GLY B 1376 -57.66 -7.99 -53.61
CA GLY B 1376 -57.91 -9.28 -52.98
C GLY B 1376 -57.13 -9.55 -51.71
N GLU B 1377 -56.43 -8.56 -51.16
CA GLU B 1377 -55.63 -8.75 -49.97
C GLU B 1377 -56.00 -7.75 -48.88
N ASP B 1378 -55.65 -8.09 -47.64
CA ASP B 1378 -56.01 -7.30 -46.47
C ASP B 1378 -54.76 -6.53 -46.03
N VAL B 1379 -54.90 -5.70 -44.98
CA VAL B 1379 -53.81 -4.87 -44.46
C VAL B 1379 -52.71 -5.71 -43.80
N ALA B 1380 -53.11 -6.85 -43.16
CA ALA B 1380 -52.24 -7.81 -42.46
C ALA B 1380 -51.17 -8.43 -43.36
N LEU B 1381 -51.63 -8.99 -44.49
CA LEU B 1381 -50.80 -9.62 -45.51
C LEU B 1381 -49.92 -8.58 -46.20
N THR B 1382 -50.49 -7.39 -46.49
CA THR B 1382 -49.81 -6.33 -47.24
C THR B 1382 -48.65 -5.78 -46.42
N SER B 1383 -48.91 -5.53 -45.12
CA SER B 1383 -47.95 -5.00 -44.14
C SER B 1383 -46.77 -5.95 -43.95
N GLY B 1384 -47.10 -7.24 -43.71
CA GLY B 1384 -46.10 -8.29 -43.55
C GLY B 1384 -45.28 -8.54 -44.82
N ARG B 1385 -45.97 -8.63 -45.98
CA ARG B 1385 -45.36 -8.88 -47.29
C ARG B 1385 -44.42 -7.75 -47.73
N GLU B 1386 -44.85 -6.48 -47.56
CA GLU B 1386 -44.01 -5.32 -47.89
C GLU B 1386 -42.81 -5.19 -46.97
N PHE B 1387 -42.97 -5.49 -45.66
CA PHE B 1387 -41.84 -5.46 -44.73
C PHE B 1387 -40.82 -6.54 -45.09
N MET B 1388 -41.31 -7.76 -45.44
CA MET B 1388 -40.42 -8.84 -45.87
C MET B 1388 -39.72 -8.53 -47.20
N GLU B 1389 -40.44 -7.94 -48.16
CA GLU B 1389 -39.87 -7.59 -49.47
C GLU B 1389 -38.87 -6.43 -49.39
N GLU B 1390 -39.19 -5.39 -48.63
CA GLU B 1390 -38.38 -4.18 -48.64
C GLU B 1390 -37.28 -4.17 -47.59
N ALA B 1391 -37.61 -4.36 -46.31
CA ALA B 1391 -36.64 -4.28 -45.23
C ALA B 1391 -35.73 -5.50 -45.16
N LEU B 1392 -36.26 -6.71 -45.43
CA LEU B 1392 -35.47 -7.93 -45.32
C LEU B 1392 -34.97 -8.45 -46.67
N GLY B 1393 -35.60 -8.05 -47.77
CA GLY B 1393 -35.31 -8.51 -49.11
C GLY B 1393 -35.62 -9.95 -49.47
N MET B 1394 -36.52 -10.58 -48.73
CA MET B 1394 -36.88 -12.00 -48.92
C MET B 1394 -37.78 -12.32 -50.12
N GLY B 1395 -38.15 -11.33 -50.93
CA GLY B 1395 -39.03 -11.55 -52.06
C GLY B 1395 -38.42 -12.14 -53.31
N THR B 1396 -38.12 -13.45 -53.22
CA THR B 1396 -37.51 -14.32 -54.28
C THR B 1396 -36.14 -13.84 -54.77
N SER B 1397 -35.38 -13.18 -53.91
CA SER B 1397 -34.12 -12.60 -54.36
C SER B 1397 -32.93 -12.81 -53.43
N ALA B 1398 -33.13 -13.06 -52.12
CA ALA B 1398 -31.97 -13.27 -51.26
C ALA B 1398 -31.58 -14.71 -50.98
N ASP B 1399 -32.40 -15.45 -50.22
CA ASP B 1399 -32.28 -16.87 -49.83
C ASP B 1399 -33.47 -17.18 -48.92
N LEU B 1400 -33.59 -18.45 -48.57
CA LEU B 1400 -34.62 -19.01 -47.69
C LEU B 1400 -34.09 -18.85 -46.27
N MET B 1401 -35.02 -18.49 -45.36
CA MET B 1401 -34.66 -18.28 -43.93
C MET B 1401 -34.55 -19.60 -43.21
N SER B 1402 -33.67 -19.69 -42.22
CA SER B 1402 -33.36 -20.96 -41.52
C SER B 1402 -34.50 -21.81 -40.92
N ALA B 1403 -35.71 -21.24 -40.76
CA ALA B 1403 -36.91 -21.98 -40.27
C ALA B 1403 -36.99 -22.13 -38.74
N GLU B 1404 -36.16 -21.42 -37.96
CA GLU B 1404 -36.26 -21.45 -36.50
C GLU B 1404 -36.40 -19.97 -36.22
N SER B 1405 -35.77 -19.17 -37.07
CA SER B 1405 -35.80 -17.74 -37.22
C SER B 1405 -37.16 -17.28 -37.71
N LYS B 1406 -37.81 -18.09 -38.57
CA LYS B 1406 -39.17 -17.91 -39.09
C LYS B 1406 -40.23 -17.89 -38.00
N ASP B 1407 -40.08 -18.76 -36.98
CA ASP B 1407 -40.97 -18.81 -35.83
C ASP B 1407 -40.89 -17.52 -34.99
N SER B 1408 -39.65 -16.97 -34.85
CA SER B 1408 -39.41 -15.69 -34.18
C SER B 1408 -40.07 -14.52 -34.90
N LEU B 1409 -39.96 -14.50 -36.24
CA LEU B 1409 -40.57 -13.45 -37.08
C LEU B 1409 -42.09 -13.54 -37.03
N ALA B 1410 -42.63 -14.77 -36.98
CA ALA B 1410 -44.06 -15.01 -36.83
C ALA B 1410 -44.57 -14.56 -35.46
N ALA B 1411 -43.76 -14.81 -34.42
CA ALA B 1411 -44.03 -14.35 -33.05
C ALA B 1411 -44.05 -12.83 -32.95
N LEU B 1412 -43.11 -12.16 -33.65
CA LEU B 1412 -43.05 -10.69 -33.73
C LEU B 1412 -44.29 -10.11 -34.41
N PHE B 1413 -44.77 -10.75 -35.46
CA PHE B 1413 -45.87 -10.25 -36.28
C PHE B 1413 -47.25 -10.60 -35.74
N SER B 1414 -47.33 -11.38 -34.66
CA SER B 1414 -48.62 -11.78 -34.12
C SER B 1414 -49.26 -10.71 -33.23
N SER B 1415 -48.51 -9.69 -32.81
CA SER B 1415 -49.04 -8.66 -31.93
C SER B 1415 -48.81 -7.30 -32.56
N GLY B 1416 -49.77 -6.86 -33.38
CA GLY B 1416 -49.68 -5.55 -34.01
C GLY B 1416 -50.91 -4.72 -33.71
N THR B 1417 -50.68 -3.42 -33.53
CA THR B 1417 -51.74 -2.48 -33.22
C THR B 1417 -51.80 -1.44 -34.31
N ILE B 1418 -53.00 -1.23 -34.88
CA ILE B 1418 -53.22 -0.20 -35.90
C ILE B 1418 -53.26 1.14 -35.16
N VAL B 1419 -52.23 1.96 -35.35
CA VAL B 1419 -52.12 3.21 -34.59
C VAL B 1419 -52.81 4.40 -35.28
N ALA B 1420 -52.86 4.43 -36.60
CA ALA B 1420 -53.42 5.55 -37.33
C ALA B 1420 -53.89 5.11 -38.71
N ARG B 1421 -54.87 5.85 -39.24
CA ARG B 1421 -55.33 5.71 -40.61
C ARG B 1421 -55.53 7.12 -41.15
N ILE B 1422 -54.51 7.67 -41.80
CA ILE B 1422 -54.47 9.09 -42.10
C ILE B 1422 -54.26 9.30 -43.60
N TYR B 1423 -54.32 10.57 -43.98
CA TYR B 1423 -54.07 10.98 -45.35
C TYR B 1423 -52.59 11.31 -45.53
N CYS B 1424 -51.98 10.75 -46.56
CA CYS B 1424 -50.57 10.93 -46.83
C CYS B 1424 -50.32 12.27 -47.48
N GLU B 1425 -49.25 12.95 -47.05
CA GLU B 1425 -48.70 14.11 -47.75
C GLU B 1425 -47.67 13.72 -48.83
N ASP B 1426 -48.07 12.81 -49.71
CA ASP B 1426 -47.28 12.20 -50.75
C ASP B 1426 -47.24 13.12 -51.97
N PRO B 1427 -46.04 13.47 -52.48
CA PRO B 1427 -45.94 14.35 -53.68
C PRO B 1427 -46.57 13.82 -54.99
N ARG B 1428 -46.86 12.51 -55.12
CA ARG B 1428 -47.51 11.93 -56.30
C ARG B 1428 -49.02 12.07 -56.29
N ASN B 1429 -49.61 12.63 -55.23
CA ASN B 1429 -51.06 12.79 -55.10
C ASN B 1429 -51.61 13.76 -56.13
N THR B 1430 -52.78 13.42 -56.68
CA THR B 1430 -53.50 14.29 -57.60
C THR B 1430 -54.93 14.51 -57.12
N ASP B 1431 -55.76 15.14 -57.96
CA ASP B 1431 -57.16 15.37 -57.63
C ASP B 1431 -58.02 14.13 -57.82
N ASN B 1432 -57.56 13.14 -58.56
CA ASN B 1432 -58.34 11.95 -58.82
C ASN B 1432 -57.71 10.69 -58.28
N ALA B 1433 -56.56 10.80 -57.63
CA ALA B 1433 -55.86 9.67 -57.03
C ALA B 1433 -54.97 10.17 -55.91
N TRP B 1434 -55.20 9.69 -54.69
CA TRP B 1434 -54.44 10.13 -53.54
C TRP B 1434 -54.14 8.92 -52.66
N VAL B 1435 -53.03 8.97 -51.95
CA VAL B 1435 -52.59 7.88 -51.10
C VAL B 1435 -53.11 8.11 -49.68
N GLU B 1436 -53.76 7.10 -49.10
CA GLU B 1436 -54.16 7.13 -47.70
C GLU B 1436 -53.60 5.90 -47.00
N THR B 1437 -52.99 6.09 -45.83
CA THR B 1437 -52.23 5.02 -45.21
C THR B 1437 -52.90 4.51 -43.94
N THR B 1438 -52.77 3.20 -43.76
CA THR B 1438 -53.05 2.53 -42.50
C THR B 1438 -51.70 2.13 -41.93
N CYS B 1439 -51.42 2.54 -40.71
CA CYS B 1439 -50.14 2.30 -40.08
C CYS B 1439 -50.27 1.19 -39.05
N VAL B 1440 -49.42 0.16 -39.16
CA VAL B 1440 -49.41 -0.97 -38.25
C VAL B 1440 -48.08 -0.97 -37.52
N ASN B 1441 -48.14 -0.96 -36.19
CA ASN B 1441 -46.94 -0.91 -35.35
C ASN B 1441 -46.71 -2.29 -34.76
N PHE B 1442 -45.50 -2.83 -34.99
CA PHE B 1442 -45.06 -4.08 -34.38
C PHE B 1442 -43.97 -3.73 -33.40
N HIS B 1443 -44.29 -3.76 -32.11
CA HIS B 1443 -43.37 -3.32 -31.08
C HIS B 1443 -42.75 -4.55 -30.41
N ASP B 1444 -41.42 -4.51 -30.25
CA ASP B 1444 -40.68 -5.57 -29.58
C ASP B 1444 -40.28 -5.07 -28.20
N GLU B 1445 -41.05 -5.48 -27.18
CA GLU B 1445 -40.82 -5.06 -25.80
C GLU B 1445 -39.49 -5.60 -25.26
N SER B 1446 -39.22 -6.89 -25.45
CA SER B 1446 -37.96 -7.46 -24.98
C SER B 1446 -36.77 -7.14 -25.89
N GLY B 1447 -37.00 -7.03 -27.19
CA GLY B 1447 -35.94 -6.79 -28.15
C GLY B 1447 -35.26 -8.02 -28.70
N ARG B 1448 -35.70 -9.23 -28.32
CA ARG B 1448 -35.09 -10.47 -28.77
C ARG B 1448 -35.35 -10.76 -30.26
N HIS B 1449 -36.62 -10.66 -30.69
CA HIS B 1449 -37.00 -10.95 -32.09
C HIS B 1449 -36.43 -9.93 -33.08
N ALA B 1450 -36.37 -8.64 -32.68
CA ALA B 1450 -35.84 -7.58 -33.54
C ALA B 1450 -34.35 -7.74 -33.80
N ALA B 1451 -33.60 -8.22 -32.79
CA ALA B 1451 -32.15 -8.43 -32.91
C ALA B 1451 -31.76 -9.57 -33.85
N ARG B 1452 -32.67 -10.50 -34.15
CA ARG B 1452 -32.41 -11.61 -35.06
C ARG B 1452 -32.71 -11.26 -36.52
N LEU B 1453 -33.14 -10.04 -36.79
CA LEU B 1453 -33.45 -9.63 -38.15
C LEU B 1453 -32.17 -9.22 -38.87
N LYS B 1454 -31.97 -9.75 -40.08
CA LYS B 1454 -30.81 -9.40 -40.89
C LYS B 1454 -31.28 -8.40 -41.95
N LEU B 1455 -31.12 -7.11 -41.64
CA LEU B 1455 -31.62 -6.03 -42.50
C LEU B 1455 -30.77 -5.88 -43.75
N GLN B 1456 -31.42 -5.94 -44.91
CA GLN B 1456 -30.80 -5.85 -46.23
C GLN B 1456 -31.89 -5.39 -47.21
N GLY B 1457 -31.68 -4.18 -47.75
CA GLY B 1457 -32.61 -3.59 -48.69
C GLY B 1457 -32.82 -4.39 -49.98
N GLY B 1458 -34.10 -4.61 -50.28
CA GLY B 1458 -34.51 -5.34 -51.46
C GLY B 1458 -35.71 -4.65 -52.05
N ASP B 1459 -36.14 -5.17 -53.23
CA ASP B 1459 -37.27 -4.74 -54.09
C ASP B 1459 -37.13 -3.25 -54.36
N ASP B 1460 -38.04 -2.39 -53.93
CA ASP B 1460 -37.97 -0.97 -54.20
C ASP B 1460 -37.36 -0.18 -53.03
N ALA B 1461 -36.42 -0.78 -52.31
CA ALA B 1461 -35.68 -0.15 -51.24
C ALA B 1461 -34.20 -0.38 -51.46
N GLU B 1462 -33.40 0.66 -51.22
CA GLU B 1462 -31.95 0.53 -51.43
C GLU B 1462 -31.20 0.04 -50.20
N HIS B 1463 -31.38 0.68 -49.05
CA HIS B 1463 -30.68 0.31 -47.83
C HIS B 1463 -31.68 0.34 -46.68
N ALA B 1464 -31.48 -0.53 -45.69
CA ALA B 1464 -32.36 -0.55 -44.53
C ALA B 1464 -31.52 -0.54 -43.26
N ARG B 1465 -31.95 0.24 -42.26
CA ARG B 1465 -31.18 0.39 -41.03
C ARG B 1465 -32.09 0.77 -39.87
N TRP B 1466 -31.61 0.51 -38.67
CA TRP B 1466 -32.24 0.97 -37.44
C TRP B 1466 -31.94 2.44 -37.18
N MET B 1467 -32.99 3.24 -36.99
CA MET B 1467 -32.92 4.69 -36.95
C MET B 1467 -33.71 5.21 -35.75
N MET B 1468 -33.10 6.16 -35.03
CA MET B 1468 -33.66 6.68 -33.78
C MET B 1468 -34.88 7.55 -34.08
N VAL B 1469 -35.92 7.45 -33.25
CA VAL B 1469 -37.14 8.20 -33.48
C VAL B 1469 -37.04 9.49 -32.68
N HIS B 1470 -37.15 10.62 -33.38
CA HIS B 1470 -37.21 11.94 -32.76
C HIS B 1470 -37.97 12.88 -33.69
N GLY B 1471 -38.28 14.06 -33.16
CA GLY B 1471 -39.10 15.03 -33.88
C GLY B 1471 -38.39 15.77 -35.01
N GLY B 1472 -37.06 15.70 -35.09
CA GLY B 1472 -36.33 16.40 -36.12
C GLY B 1472 -35.99 15.56 -37.35
N LEU B 1473 -36.69 14.43 -37.51
CA LEU B 1473 -36.43 13.52 -38.60
C LEU B 1473 -36.97 14.07 -39.92
N ASN B 1474 -36.19 13.87 -40.98
CA ASN B 1474 -36.59 14.31 -42.31
C ASN B 1474 -36.93 13.09 -43.14
N LEU B 1475 -38.21 12.74 -43.15
CA LEU B 1475 -38.65 11.55 -43.84
C LEU B 1475 -39.61 11.89 -44.99
N PHE B 1476 -39.82 10.89 -45.85
CA PHE B 1476 -40.67 11.01 -47.02
C PHE B 1476 -42.13 11.08 -46.56
N ALA B 1477 -42.91 11.95 -47.22
CA ALA B 1477 -44.38 12.17 -47.11
C ALA B 1477 -44.75 12.55 -45.67
N SER B 1478 -45.80 11.97 -45.09
CA SER B 1478 -46.25 12.30 -43.74
C SER B 1478 -45.86 11.21 -42.73
N HIS B 1479 -44.70 10.60 -42.91
CA HIS B 1479 -44.22 9.54 -42.02
C HIS B 1479 -43.82 10.03 -40.63
N ARG B 1480 -43.48 11.32 -40.49
CA ARG B 1480 -43.22 11.94 -39.19
C ARG B 1480 -44.47 11.97 -38.30
N THR B 1481 -45.64 12.21 -38.92
CA THR B 1481 -46.95 12.15 -38.27
C THR B 1481 -47.26 10.73 -37.78
N LEU B 1482 -46.91 9.73 -38.61
CA LEU B 1482 -47.06 8.31 -38.28
C LEU B 1482 -46.18 7.90 -37.10
N LEU B 1483 -44.93 8.38 -37.09
CA LEU B 1483 -44.00 8.13 -35.99
C LEU B 1483 -44.43 8.83 -34.70
N GLN B 1484 -45.05 10.01 -34.84
CA GLN B 1484 -45.66 10.77 -33.74
C GLN B 1484 -46.80 9.96 -33.12
N HIS B 1485 -47.64 9.34 -33.96
CA HIS B 1485 -48.74 8.47 -33.52
C HIS B 1485 -48.24 7.22 -32.80
N VAL B 1486 -47.13 6.61 -33.30
CA VAL B 1486 -46.49 5.43 -32.68
C VAL B 1486 -45.94 5.78 -31.29
N THR B 1487 -45.24 6.93 -31.18
CA THR B 1487 -44.68 7.37 -29.90
C THR B 1487 -45.77 7.84 -28.94
N SER B 1488 -46.86 8.40 -29.47
CA SER B 1488 -48.01 8.78 -28.65
C SER B 1488 -48.67 7.55 -28.03
N ALA B 1489 -48.81 6.48 -28.83
CA ALA B 1489 -49.40 5.23 -28.35
C ALA B 1489 -48.50 4.50 -27.35
N LEU B 1490 -47.18 4.57 -27.54
CA LEU B 1490 -46.24 3.85 -26.68
C LEU B 1490 -45.64 4.68 -25.55
N ASN B 1491 -46.03 5.96 -25.43
CA ASN B 1491 -45.56 6.98 -24.46
C ASN B 1491 -44.03 7.14 -24.54
N ALA B 1492 -43.53 7.23 -25.77
CA ALA B 1492 -42.12 7.38 -26.09
C ALA B 1492 -41.77 8.82 -26.42
N TYR B 1493 -40.46 9.07 -26.50
CA TYR B 1493 -39.92 10.38 -26.83
C TYR B 1493 -40.19 10.77 -28.28
N PHE B 1494 -40.56 12.04 -28.48
CA PHE B 1494 -40.78 12.65 -29.79
C PHE B 1494 -40.72 14.16 -29.64
N SER C 51 2.53 64.36 21.67
CA SER C 51 2.66 64.53 20.22
C SER C 51 1.89 65.75 19.75
N VAL C 52 2.35 66.35 18.64
CA VAL C 52 1.72 67.53 18.06
C VAL C 52 0.47 67.10 17.30
N ALA C 53 -0.65 67.75 17.61
CA ALA C 53 -1.94 67.49 17.00
C ALA C 53 -1.96 67.90 15.52
N ALA C 54 -2.58 67.04 14.71
CA ALA C 54 -2.74 67.23 13.28
C ALA C 54 -3.70 68.39 13.00
N LYS C 55 -3.36 69.22 12.02
CA LYS C 55 -4.21 70.34 11.65
C LYS C 55 -4.84 70.15 10.28
N THR C 56 -4.21 69.36 9.40
CA THR C 56 -4.67 69.08 8.05
C THR C 56 -4.57 67.56 7.84
N LEU C 57 -5.46 67.02 6.99
CA LEU C 57 -5.52 65.59 6.74
C LEU C 57 -5.65 65.33 5.23
N LEU C 58 -5.16 64.17 4.79
CA LEU C 58 -5.17 63.83 3.34
C LEU C 58 -6.29 62.83 3.04
N ILE C 59 -7.40 63.30 2.44
CA ILE C 59 -8.51 62.40 2.05
C ILE C 59 -8.43 62.05 0.56
N GLU C 60 -8.52 60.75 0.27
CA GLU C 60 -8.49 60.26 -1.10
C GLU C 60 -9.76 60.75 -1.82
N ASN C 61 -9.58 61.22 -3.06
CA ASN C 61 -10.68 61.75 -3.87
C ASN C 61 -11.66 60.65 -4.30
N GLU C 62 -12.90 61.08 -4.60
CA GLU C 62 -13.96 60.20 -5.11
C GLU C 62 -13.66 59.58 -6.48
N ASP C 63 -12.81 60.23 -7.29
CA ASP C 63 -12.33 59.72 -8.57
C ASP C 63 -11.39 58.51 -8.43
N GLY C 64 -10.76 58.34 -7.26
CA GLY C 64 -9.81 57.30 -6.97
C GLY C 64 -8.45 57.51 -7.60
N LYS C 65 -8.14 58.74 -8.00
CA LYS C 65 -6.87 59.09 -8.62
C LYS C 65 -6.19 60.17 -7.77
N GLY C 66 -5.49 59.74 -6.74
CA GLY C 66 -4.79 60.65 -5.85
C GLY C 66 -5.60 61.08 -4.64
N SER C 67 -4.90 61.72 -3.70
CA SER C 67 -5.46 62.21 -2.46
C SER C 67 -5.16 63.70 -2.29
N THR C 68 -6.17 64.48 -1.90
CA THR C 68 -6.00 65.90 -1.68
C THR C 68 -5.98 66.21 -0.16
N ARG C 69 -5.11 67.15 0.24
CA ARG C 69 -4.94 67.62 1.62
C ARG C 69 -5.89 68.78 1.95
N MET C 70 -6.68 68.65 3.02
CA MET C 70 -7.60 69.72 3.49
C MET C 70 -7.65 69.68 5.02
N GLU C 71 -8.09 70.80 5.62
CA GLU C 71 -8.18 70.98 7.07
C GLU C 71 -9.19 69.97 7.67
N VAL C 72 -8.86 69.49 8.88
CA VAL C 72 -9.59 68.45 9.62
C VAL C 72 -11.03 68.86 9.98
N GLN C 73 -11.23 70.13 10.41
CA GLN C 73 -12.56 70.63 10.77
C GLN C 73 -13.51 70.76 9.57
N ASP C 74 -12.93 71.02 8.38
CA ASP C 74 -13.68 71.10 7.12
C ASP C 74 -14.19 69.73 6.69
N PHE C 75 -13.30 68.73 6.74
CA PHE C 75 -13.68 67.35 6.43
C PHE C 75 -14.65 66.81 7.47
N MET C 76 -14.34 67.04 8.74
CA MET C 76 -15.04 66.51 9.90
C MET C 76 -16.42 67.17 10.17
N LYS C 77 -16.79 68.24 9.41
CA LYS C 77 -18.10 68.92 9.50
C LYS C 77 -19.28 68.02 9.10
N ARG C 78 -19.05 67.04 8.21
CA ARG C 78 -20.06 66.13 7.66
C ARG C 78 -20.60 65.07 8.64
N PHE C 79 -20.08 64.99 9.86
CA PHE C 79 -20.50 64.02 10.86
C PHE C 79 -21.38 64.73 11.86
N HIS C 80 -22.51 64.11 12.18
CA HIS C 80 -23.57 64.65 13.03
C HIS C 80 -23.82 63.87 14.32
N MET C 81 -24.44 64.57 15.25
CA MET C 81 -24.88 63.91 16.49
C MET C 81 -26.28 64.42 16.79
N HIS C 82 -27.03 63.74 17.64
CA HIS C 82 -28.41 63.96 18.03
C HIS C 82 -28.37 64.31 19.51
N ALA C 83 -28.97 65.45 19.88
CA ALA C 83 -29.02 65.81 21.29
C ALA C 83 -30.09 64.99 22.02
N SER C 84 -31.12 64.59 21.28
CA SER C 84 -32.26 63.82 21.71
C SER C 84 -32.74 63.03 20.49
N GLU C 85 -33.62 62.05 20.73
CA GLU C 85 -34.21 61.17 19.70
C GLU C 85 -35.00 61.95 18.65
N ASP C 86 -35.72 62.99 19.09
CA ASP C 86 -36.58 63.86 18.28
C ASP C 86 -35.83 64.58 17.15
N ASP C 87 -34.58 65.01 17.43
CA ASP C 87 -33.70 65.71 16.47
C ASP C 87 -33.38 64.84 15.25
N LYS C 88 -33.48 65.46 14.07
CA LYS C 88 -33.23 64.83 12.77
C LYS C 88 -32.08 65.47 11.99
N THR C 89 -32.08 66.80 11.86
CA THR C 89 -31.05 67.60 11.18
C THR C 89 -29.70 67.49 11.90
N GLY C 90 -29.73 67.54 13.22
CA GLY C 90 -28.54 67.42 14.03
C GLY C 90 -27.69 68.66 14.21
N SER C 91 -26.61 68.44 14.94
CA SER C 91 -25.55 69.35 15.37
C SER C 91 -24.17 68.78 15.02
N PRO C 92 -23.11 69.65 14.93
CA PRO C 92 -21.72 69.19 14.70
C PRO C 92 -21.26 68.19 15.77
N SER C 93 -20.55 67.13 15.32
CA SER C 93 -20.20 66.00 16.21
C SER C 93 -19.33 66.40 17.39
N THR C 94 -18.05 66.77 17.20
CA THR C 94 -17.16 67.26 18.31
C THR C 94 -16.64 66.13 19.22
N ALA C 95 -16.81 64.88 18.84
CA ALA C 95 -16.36 63.70 19.57
C ALA C 95 -15.50 62.87 18.65
N TRP C 96 -14.23 63.20 18.53
CA TRP C 96 -13.30 62.40 17.76
C TRP C 96 -11.88 62.61 18.28
N GLY C 97 -11.07 61.57 18.15
CA GLY C 97 -9.72 61.68 18.63
C GLY C 97 -9.02 60.35 18.83
N THR C 98 -8.23 60.23 19.89
CA THR C 98 -7.56 58.98 20.22
C THR C 98 -7.76 58.66 21.69
N LEU C 99 -7.95 57.38 21.96
CA LEU C 99 -8.07 56.84 23.30
C LEU C 99 -6.85 56.06 23.70
N ARG C 100 -6.39 56.30 24.92
CA ARG C 100 -5.29 55.57 25.53
C ARG C 100 -5.91 54.63 26.56
N PHE C 101 -5.61 53.34 26.41
CA PHE C 101 -6.02 52.24 27.26
C PHE C 101 -4.86 51.79 28.13
N PRO C 102 -5.13 51.34 29.39
CA PRO C 102 -4.06 50.77 30.22
C PRO C 102 -3.46 49.51 29.58
N THR C 103 -2.13 49.36 29.75
CA THR C 103 -1.24 48.30 29.23
C THR C 103 -1.16 48.21 27.70
N LYS C 104 -1.61 49.23 26.95
CA LYS C 104 -1.53 49.30 25.50
C LYS C 104 -0.68 50.49 25.11
N GLU C 105 0.35 50.24 24.29
CA GLU C 105 1.28 51.28 23.86
C GLU C 105 0.65 52.25 22.88
N ALA C 106 -0.10 51.74 21.89
CA ALA C 106 -0.65 52.60 20.86
C ALA C 106 -2.03 53.12 21.26
N THR C 107 -2.40 54.26 20.69
CA THR C 107 -3.72 54.83 20.95
C THR C 107 -4.67 54.50 19.78
N ALA C 108 -5.96 54.40 20.11
CA ALA C 108 -6.98 54.04 19.12
C ALA C 108 -7.89 55.22 18.79
N PRO C 109 -7.98 55.65 17.51
CA PRO C 109 -8.93 56.71 17.11
C PRO C 109 -10.41 56.35 17.31
N TYR C 110 -11.20 57.36 17.64
CA TYR C 110 -12.65 57.22 17.79
C TYR C 110 -13.39 58.35 17.11
N LEU C 111 -14.53 58.01 16.50
CA LEU C 111 -15.40 59.01 15.87
C LEU C 111 -16.85 58.65 16.17
N ARG C 112 -17.58 59.59 16.77
CA ARG C 112 -19.02 59.45 17.01
C ARG C 112 -19.80 60.11 15.87
N LEU C 113 -20.57 59.29 15.18
CA LEU C 113 -21.30 59.78 14.01
C LEU C 113 -22.76 59.38 14.10
N SER C 114 -23.58 59.94 13.21
CA SER C 114 -25.02 59.68 13.28
C SER C 114 -25.43 58.57 12.33
N VAL C 115 -26.64 58.07 12.53
CA VAL C 115 -27.18 56.99 11.69
C VAL C 115 -27.40 57.40 10.22
N ASN C 116 -27.71 58.68 9.95
CA ASN C 116 -27.98 59.13 8.59
C ASN C 116 -26.73 59.46 7.78
N ASP C 117 -25.55 59.43 8.41
CA ASP C 117 -24.29 59.74 7.77
C ASP C 117 -23.89 58.70 6.72
N ASP C 118 -23.19 59.18 5.69
CA ASP C 118 -22.73 58.34 4.58
C ASP C 118 -21.60 57.42 5.06
N PRO C 119 -21.73 56.09 4.88
CA PRO C 119 -20.62 55.16 5.22
C PRO C 119 -19.32 55.33 4.43
N GLU C 120 -19.39 55.88 3.20
CA GLU C 120 -18.22 56.24 2.41
C GLU C 120 -17.35 57.30 3.09
N ASP C 121 -17.98 58.26 3.78
CA ASP C 121 -17.29 59.30 4.53
C ASP C 121 -16.51 58.74 5.72
N ALA C 122 -17.12 57.77 6.43
CA ALA C 122 -16.48 57.05 7.53
C ALA C 122 -15.32 56.19 7.03
N LEU C 123 -15.51 55.60 5.85
CA LEU C 123 -14.47 54.84 5.16
C LEU C 123 -13.29 55.72 4.78
N LEU C 124 -13.58 56.95 4.31
CA LEU C 124 -12.59 57.99 4.00
C LEU C 124 -11.83 58.43 5.25
N PHE C 125 -12.53 58.51 6.40
CA PHE C 125 -11.93 58.83 7.70
C PHE C 125 -10.89 57.77 8.12
N VAL C 126 -11.26 56.48 7.98
CA VAL C 126 -10.36 55.35 8.33
C VAL C 126 -9.14 55.31 7.41
N LYS C 127 -9.37 55.50 6.09
CA LYS C 127 -8.33 55.58 5.05
C LYS C 127 -7.41 56.77 5.24
N ALA C 128 -7.98 57.93 5.64
CA ALA C 128 -7.22 59.14 5.90
C ALA C 128 -6.28 59.01 7.10
N MET C 129 -6.76 58.42 8.22
CA MET C 129 -5.87 58.14 9.37
C MET C 129 -4.76 57.14 9.07
N LEU C 130 -5.08 56.00 8.41
CA LEU C 130 -4.06 55.01 8.04
C LEU C 130 -3.05 55.60 7.04
N ALA C 131 -3.56 56.40 6.08
CA ALA C 131 -2.73 57.09 5.09
C ALA C 131 -1.83 58.13 5.77
N GLN C 132 -2.35 58.81 6.80
CA GLN C 132 -1.55 59.75 7.57
C GLN C 132 -0.44 59.05 8.37
N LYS C 133 -0.78 57.94 9.04
CA LYS C 133 0.16 57.25 9.93
C LYS C 133 1.23 56.46 9.17
N TYR C 134 0.85 55.73 8.12
CA TYR C 134 1.77 54.82 7.43
C TYR C 134 2.19 55.28 6.05
N GLY C 135 1.86 56.51 5.66
CA GLY C 135 2.17 56.98 4.33
C GLY C 135 1.08 56.60 3.35
N GLU C 136 1.18 57.17 2.13
CA GLU C 136 0.21 56.94 1.05
C GLU C 136 0.16 55.50 0.55
N THR C 137 1.31 54.83 0.44
CA THR C 137 1.37 53.45 -0.04
C THR C 137 1.29 52.43 1.10
N TYR C 138 0.28 52.53 1.96
CA TYR C 138 0.05 51.53 2.98
C TYR C 138 -0.60 50.27 2.37
N ASP C 139 -0.40 49.14 3.07
CA ASP C 139 -0.88 47.83 2.64
C ASP C 139 -2.41 47.77 2.68
N ARG C 140 -3.03 47.77 1.51
CA ARG C 140 -4.47 47.67 1.30
C ARG C 140 -4.99 46.28 1.66
N PRO C 141 -6.21 46.17 2.24
CA PRO C 141 -6.75 44.85 2.59
C PRO C 141 -7.27 44.06 1.40
N SER C 142 -6.93 42.78 1.36
CA SER C 142 -7.56 41.92 0.37
C SER C 142 -8.70 41.09 0.94
N LEU C 143 -9.10 41.31 2.19
CA LEU C 143 -10.19 40.57 2.83
C LEU C 143 -10.67 41.40 4.02
N ILE C 144 -12.00 41.53 4.16
CA ILE C 144 -12.61 42.18 5.32
C ILE C 144 -13.38 41.10 6.05
N LEU C 145 -12.95 40.78 7.26
CA LEU C 145 -13.54 39.72 8.08
C LEU C 145 -14.36 40.33 9.19
N SER C 146 -15.69 40.26 9.08
CA SER C 146 -16.58 40.75 10.12
C SER C 146 -16.98 39.66 11.11
N VAL C 147 -16.63 39.84 12.38
CA VAL C 147 -16.98 38.83 13.39
C VAL C 147 -18.12 39.39 14.23
N THR C 148 -19.28 38.73 14.18
CA THR C 148 -20.43 39.14 14.97
C THR C 148 -20.98 37.99 15.79
N GLY C 149 -21.76 38.33 16.82
CA GLY C 149 -22.39 37.29 17.61
C GLY C 149 -22.72 37.72 19.03
N GLY C 150 -22.68 36.70 19.89
CA GLY C 150 -23.09 36.83 21.29
C GLY C 150 -22.16 37.70 22.11
N ALA C 151 -22.72 38.68 22.85
CA ALA C 151 -21.83 39.40 23.73
C ALA C 151 -22.04 39.17 25.23
N ARG C 152 -23.27 39.20 25.75
CA ARG C 152 -23.47 38.94 27.17
C ARG C 152 -23.43 37.47 27.51
N ASN C 153 -24.47 36.74 27.08
CA ASN C 153 -24.74 35.31 27.24
C ASN C 153 -23.96 34.64 26.07
N PHE C 154 -22.64 34.80 26.09
CA PHE C 154 -21.76 34.10 25.13
C PHE C 154 -20.92 33.16 25.98
N THR C 155 -21.44 31.97 26.24
CA THR C 155 -20.77 31.00 27.08
C THR C 155 -20.51 29.87 26.09
N LEU C 156 -19.27 29.39 26.03
CA LEU C 156 -18.99 28.30 25.13
C LEU C 156 -17.94 27.37 25.70
N PRO C 157 -17.96 26.08 25.32
CA PRO C 157 -16.85 25.19 25.67
C PRO C 157 -15.54 25.66 25.07
N PRO C 158 -14.39 25.51 25.82
CA PRO C 158 -13.04 25.99 25.39
C PRO C 158 -12.47 25.49 24.06
N ARG C 159 -12.75 24.22 23.72
CA ARG C 159 -12.31 23.58 22.48
C ARG C 159 -12.91 24.26 21.24
N LEU C 160 -14.22 24.64 21.27
CA LEU C 160 -14.88 25.34 20.16
C LEU C 160 -14.26 26.72 19.90
N GLU C 161 -13.92 27.41 20.98
CA GLU C 161 -13.31 28.73 20.86
C GLU C 161 -11.97 28.53 20.17
N THR C 162 -11.11 27.71 20.77
CA THR C 162 -9.75 27.48 20.25
C THR C 162 -9.76 27.10 18.77
N ALA C 163 -10.70 26.21 18.35
CA ALA C 163 -10.81 25.80 16.94
C ALA C 163 -11.18 26.96 15.99
N ILE C 164 -12.20 27.77 16.40
CA ILE C 164 -12.63 28.97 15.64
C ILE C 164 -11.50 30.00 15.62
N ALA C 165 -10.80 30.16 16.78
CA ALA C 165 -9.68 31.07 17.00
C ALA C 165 -8.52 30.72 16.08
N LYS C 166 -8.21 29.41 15.97
CA LYS C 166 -7.13 28.88 15.12
C LYS C 166 -7.42 29.18 13.65
N GLY C 167 -8.68 28.92 13.23
CA GLY C 167 -9.11 29.20 11.85
C GLY C 167 -9.11 30.69 11.51
N LEU C 168 -9.61 31.50 12.45
CA LEU C 168 -9.69 32.96 12.34
C LEU C 168 -8.32 33.60 12.31
N ARG C 169 -7.40 33.12 13.19
CA ARG C 169 -6.02 33.56 13.26
C ARG C 169 -5.24 33.24 11.99
N LEU C 170 -5.49 32.07 11.44
CA LEU C 170 -4.75 31.65 10.23
C LEU C 170 -5.25 32.51 9.07
N ALA C 171 -6.56 32.57 8.90
CA ALA C 171 -7.16 33.35 7.81
C ALA C 171 -6.71 34.81 7.84
N ALA C 172 -6.71 35.41 9.05
CA ALA C 172 -6.33 36.79 9.29
C ALA C 172 -4.85 37.02 9.01
N GLN C 173 -3.99 36.08 9.43
CA GLN C 173 -2.56 36.23 9.24
C GLN C 173 -2.16 35.98 7.79
N ARG C 174 -2.89 35.11 7.09
CA ARG C 174 -2.55 34.87 5.69
C ARG C 174 -3.09 35.94 4.75
N THR C 175 -4.25 36.52 5.02
CA THR C 175 -4.82 37.48 4.07
C THR C 175 -4.63 38.95 4.40
N ASN C 176 -3.97 39.31 5.53
CA ASN C 176 -3.84 40.66 6.12
C ASN C 176 -5.18 41.40 6.30
N ALA C 177 -6.20 40.64 6.71
CA ALA C 177 -7.60 41.02 6.76
C ALA C 177 -7.91 42.13 7.76
N TRP C 178 -8.89 42.97 7.43
CA TRP C 178 -9.40 43.93 8.39
C TRP C 178 -10.56 43.26 9.10
N VAL C 179 -10.43 43.07 10.41
CA VAL C 179 -11.47 42.42 11.19
C VAL C 179 -12.35 43.47 11.84
N VAL C 180 -13.63 43.46 11.49
CA VAL C 180 -14.57 44.43 12.02
C VAL C 180 -15.53 43.66 12.93
N THR C 181 -15.50 44.01 14.21
CA THR C 181 -16.39 43.46 15.23
C THR C 181 -17.04 44.65 15.92
N GLY C 182 -17.76 44.40 17.00
CA GLY C 182 -18.30 45.48 17.78
C GLY C 182 -17.18 46.10 18.61
N GLY C 183 -17.43 47.30 19.08
CA GLY C 183 -16.50 47.98 19.96
C GLY C 183 -16.50 47.62 21.43
N THR C 184 -17.36 46.74 21.90
CA THR C 184 -17.39 46.45 23.34
C THR C 184 -16.55 45.26 23.80
N ASN C 185 -16.31 45.25 25.12
CA ASN C 185 -15.44 44.32 25.85
C ASN C 185 -16.22 43.11 26.37
N THR C 186 -16.97 42.46 25.49
CA THR C 186 -17.77 41.31 25.83
C THR C 186 -17.80 40.30 24.70
N GLY C 187 -17.89 39.01 25.08
CA GLY C 187 -18.15 37.84 24.26
C GLY C 187 -17.14 37.56 23.15
N VAL C 188 -17.70 37.25 21.97
CA VAL C 188 -16.93 36.81 20.79
C VAL C 188 -16.05 37.94 20.23
N MET C 189 -16.51 39.20 20.38
CA MET C 189 -15.76 40.40 20.00
C MET C 189 -14.51 40.56 20.85
N LYS C 190 -14.66 40.35 22.18
CA LYS C 190 -13.55 40.37 23.14
C LYS C 190 -12.56 39.24 22.85
N LEU C 191 -13.09 38.05 22.49
CA LEU C 191 -12.31 36.87 22.10
C LEU C 191 -11.50 37.13 20.83
N THR C 192 -12.15 37.77 19.83
CA THR C 192 -11.57 38.18 18.55
C THR C 192 -10.49 39.24 18.78
N GLY C 193 -10.75 40.15 19.74
CA GLY C 193 -9.78 41.15 20.20
C GLY C 193 -8.51 40.53 20.75
N GLN C 194 -8.66 39.46 21.56
CA GLN C 194 -7.53 38.69 22.10
C GLN C 194 -6.73 38.01 20.97
N ILE C 195 -7.45 37.50 19.94
CA ILE C 195 -6.84 36.86 18.75
C ILE C 195 -6.01 37.89 17.96
N MET C 196 -6.57 39.09 17.77
CA MET C 196 -5.83 40.11 17.01
C MET C 196 -4.77 40.78 17.88
N GLU C 197 -4.90 40.68 19.23
CA GLU C 197 -3.88 41.16 20.16
C GLU C 197 -2.63 40.32 20.00
N ALA C 198 -2.82 38.99 19.93
CA ALA C 198 -1.69 38.07 19.70
C ALA C 198 -1.11 38.23 18.29
N LEU C 199 -1.98 38.58 17.33
CA LEU C 199 -1.61 38.81 15.93
C LEU C 199 -0.75 40.08 15.76
N SER C 200 -1.06 41.11 16.56
CA SER C 200 -0.42 42.43 16.64
C SER C 200 1.03 42.43 17.15
N LYS C 201 1.49 41.34 17.74
CA LYS C 201 2.86 41.24 18.25
C LYS C 201 3.83 40.74 17.19
N THR C 202 3.48 39.75 16.35
CA THR C 202 4.44 39.24 15.38
C THR C 202 4.59 40.14 14.14
N GLN C 203 3.71 41.12 13.94
CA GLN C 203 3.75 42.05 12.81
C GLN C 203 4.83 43.08 13.09
N SER C 204 5.52 43.52 12.03
CA SER C 204 6.58 44.50 12.25
C SER C 204 6.19 45.92 11.83
N HIS C 205 5.81 46.15 10.57
CA HIS C 205 5.44 47.52 10.20
C HIS C 205 3.97 47.88 10.18
N PHE C 206 3.16 47.15 9.41
CA PHE C 206 1.77 47.48 9.10
C PHE C 206 0.97 46.71 10.16
N ILE C 207 0.06 47.37 10.85
CA ILE C 207 -0.81 46.62 11.74
C ILE C 207 -2.23 46.75 11.23
N PRO C 208 -2.90 45.63 10.86
CA PRO C 208 -4.31 45.66 10.39
C PRO C 208 -5.27 46.19 11.45
N PRO C 209 -6.14 47.16 11.10
CA PRO C 209 -7.07 47.73 12.09
C PRO C 209 -8.12 46.73 12.56
N THR C 210 -8.46 46.83 13.83
CA THR C 210 -9.54 46.05 14.42
C THR C 210 -10.61 47.09 14.74
N ILE C 211 -11.45 47.35 13.74
CA ILE C 211 -12.45 48.40 13.83
C ILE C 211 -13.62 47.89 14.67
N GLY C 212 -13.97 48.67 15.68
CA GLY C 212 -15.13 48.35 16.49
C GLY C 212 -16.24 49.34 16.28
N ILE C 213 -17.35 48.86 15.74
CA ILE C 213 -18.53 49.67 15.48
C ILE C 213 -19.56 49.38 16.56
N ALA C 214 -19.83 50.36 17.40
CA ALA C 214 -20.72 50.14 18.54
C ALA C 214 -21.73 51.27 18.58
N THR C 215 -22.93 50.99 19.11
CA THR C 215 -23.90 52.05 19.33
C THR C 215 -23.48 52.95 20.47
N TYR C 216 -23.45 54.27 20.22
CA TYR C 216 -23.07 55.22 21.26
C TYR C 216 -24.29 55.27 22.20
N GLY C 217 -24.07 55.53 23.48
CA GLY C 217 -25.16 55.49 24.43
C GLY C 217 -25.10 54.35 25.40
N VAL C 218 -24.21 53.39 25.19
CA VAL C 218 -24.08 52.26 26.08
C VAL C 218 -22.69 52.29 26.70
N ILE C 219 -21.87 53.26 26.30
CA ILE C 219 -20.46 53.29 26.67
C ILE C 219 -20.32 54.11 27.95
N ILE C 220 -19.66 53.53 28.97
CA ILE C 220 -19.39 54.22 30.24
C ILE C 220 -18.41 55.39 30.12
N GLY C 221 -17.60 55.47 29.06
CA GLY C 221 -16.72 56.62 28.97
C GLY C 221 -17.18 57.57 27.88
N GLY C 222 -18.44 57.38 27.47
CA GLY C 222 -19.06 58.21 26.44
C GLY C 222 -19.27 59.68 26.80
N ASP C 223 -19.66 59.95 28.05
CA ASP C 223 -19.89 61.33 28.49
C ASP C 223 -18.61 62.17 28.54
N ASP C 224 -17.49 61.55 28.90
CA ASP C 224 -16.21 62.28 29.07
C ASP C 224 -15.67 62.69 27.71
N MET C 225 -15.71 61.78 26.74
CA MET C 225 -15.17 62.04 25.41
C MET C 225 -15.85 63.13 24.57
N THR C 226 -17.19 63.28 24.62
CA THR C 226 -17.85 64.27 23.76
C THR C 226 -17.65 65.75 24.14
N ARG C 227 -17.75 66.14 25.42
CA ARG C 227 -17.62 67.53 25.84
C ARG C 227 -16.17 68.01 25.72
N GLY C 228 -15.96 69.19 25.13
CA GLY C 228 -14.60 69.69 25.09
C GLY C 228 -14.08 70.09 23.72
N GLU C 229 -12.77 70.36 23.74
CA GLU C 229 -11.93 70.70 22.59
C GLU C 229 -11.92 69.51 21.63
N PRO C 230 -12.40 69.73 20.36
CA PRO C 230 -12.53 68.66 19.38
C PRO C 230 -11.26 67.84 19.16
N PRO C 231 -10.06 68.38 18.84
CA PRO C 231 -8.92 67.44 18.73
C PRO C 231 -8.43 66.86 20.06
N LYS C 232 -9.03 65.77 20.57
CA LYS C 232 -8.54 65.16 21.81
C LYS C 232 -7.50 64.08 21.55
N ILE C 233 -6.24 64.44 21.73
CA ILE C 233 -5.11 63.55 21.49
C ILE C 233 -4.84 62.76 22.76
N GLY C 234 -4.89 61.43 22.67
CA GLY C 234 -4.59 60.54 23.79
C GLY C 234 -5.41 60.57 25.06
N LEU C 235 -6.74 60.71 24.95
CA LEU C 235 -7.65 60.74 26.10
C LEU C 235 -7.68 59.38 26.80
N GLU C 236 -7.52 59.40 28.12
CA GLU C 236 -7.50 58.19 28.92
C GLU C 236 -8.90 57.58 29.08
N TYR C 237 -9.01 56.28 28.81
CA TYR C 237 -10.27 55.56 28.94
C TYR C 237 -10.24 54.72 30.21
N GLU C 238 -11.25 54.91 31.06
CA GLU C 238 -11.37 54.25 32.36
C GLU C 238 -12.49 53.22 32.32
N MET C 239 -12.13 51.95 32.08
CA MET C 239 -13.08 50.85 32.05
C MET C 239 -13.70 50.53 33.41
N HIS C 240 -13.01 50.82 34.51
CA HIS C 240 -13.55 50.52 35.83
C HIS C 240 -14.38 51.64 36.45
N LYS C 241 -14.44 52.85 35.85
CA LYS C 241 -15.23 53.95 36.41
C LYS C 241 -16.75 53.74 36.36
N LYS C 242 -17.42 54.09 37.46
CA LYS C 242 -18.84 53.83 37.62
C LYS C 242 -19.78 54.92 37.09
N ASP C 243 -20.24 54.77 35.86
CA ASP C 243 -21.34 55.57 35.34
C ASP C 243 -22.65 54.85 35.64
N PRO C 244 -23.61 55.52 36.34
CA PRO C 244 -24.87 54.84 36.81
C PRO C 244 -25.77 54.29 35.70
N PRO C 245 -26.10 54.97 34.56
CA PRO C 245 -27.10 54.44 33.60
C PRO C 245 -26.61 53.41 32.60
N LYS C 246 -25.36 53.51 32.19
CA LYS C 246 -24.74 52.68 31.16
C LYS C 246 -23.78 51.73 31.87
N THR C 247 -23.60 50.52 31.31
CA THR C 247 -22.77 49.53 31.98
C THR C 247 -21.86 48.74 31.05
N THR C 248 -21.75 49.12 29.78
CA THR C 248 -20.96 48.34 28.83
C THR C 248 -19.68 49.05 28.41
N PRO C 249 -18.49 48.55 28.76
CA PRO C 249 -17.24 49.21 28.37
C PRO C 249 -16.67 48.79 27.02
N LEU C 250 -15.78 49.64 26.49
CA LEU C 250 -15.09 49.37 25.24
C LEU C 250 -13.96 48.36 25.40
N ASP C 251 -13.75 47.57 24.35
CA ASP C 251 -12.65 46.61 24.30
C ASP C 251 -11.32 47.31 24.09
N ASP C 252 -10.33 46.98 24.93
CA ASP C 252 -9.04 47.65 24.88
C ASP C 252 -8.14 47.17 23.74
N ASN C 253 -8.48 46.08 23.06
CA ASN C 253 -7.64 45.53 22.00
C ASN C 253 -8.07 45.98 20.60
N HIS C 254 -9.10 46.81 20.47
CA HIS C 254 -9.54 47.30 19.17
C HIS C 254 -8.78 48.56 18.79
N ASN C 255 -8.37 48.62 17.52
CA ASN C 255 -7.51 49.68 17.03
C ASN C 255 -8.23 50.94 16.56
N LEU C 256 -9.56 50.93 16.40
CA LEU C 256 -10.32 52.09 15.92
C LEU C 256 -11.78 51.89 16.33
N PHE C 257 -12.49 52.99 16.59
CA PHE C 257 -13.85 52.95 17.11
C PHE C 257 -14.78 53.87 16.33
N LEU C 258 -15.91 53.32 15.91
CA LEU C 258 -16.99 54.10 15.29
C LEU C 258 -18.22 53.99 16.20
N LEU C 259 -18.55 55.09 16.86
CA LEU C 259 -19.71 55.15 17.77
C LEU C 259 -20.90 55.73 17.03
N VAL C 260 -21.83 54.86 16.65
CA VAL C 260 -23.04 55.22 15.92
C VAL C 260 -24.11 55.73 16.88
N ASP C 261 -24.62 56.93 16.60
CA ASP C 261 -25.55 57.62 17.50
C ASP C 261 -26.90 57.89 16.83
N ASP C 262 -27.95 57.75 17.65
CA ASP C 262 -29.34 57.94 17.16
C ASP C 262 -30.17 58.67 18.21
N GLY C 263 -29.54 59.30 19.21
CA GLY C 263 -30.28 60.05 20.21
C GLY C 263 -30.97 59.17 21.23
N SER C 264 -30.40 58.00 21.51
CA SER C 264 -31.00 57.11 22.49
C SER C 264 -29.95 56.74 23.52
N THR C 265 -30.42 56.19 24.63
CA THR C 265 -29.57 55.75 25.73
C THR C 265 -30.01 54.35 26.09
N ASN C 266 -29.01 53.46 26.27
CA ASN C 266 -29.12 52.04 26.66
C ASN C 266 -29.99 51.23 25.71
N LYS C 267 -29.88 51.51 24.42
CA LYS C 267 -30.56 50.74 23.39
C LYS C 267 -29.52 50.17 22.44
N PHE C 268 -29.64 48.88 22.17
CA PHE C 268 -28.70 48.14 21.34
C PHE C 268 -29.27 47.89 19.95
N GLY C 269 -28.38 47.48 19.05
CA GLY C 269 -28.75 47.12 17.71
C GLY C 269 -28.97 48.25 16.73
N LYS C 270 -28.62 49.47 17.11
CA LYS C 270 -28.80 50.65 16.28
C LYS C 270 -27.68 50.83 15.25
N GLU C 271 -26.59 50.07 15.35
CA GLU C 271 -25.42 50.24 14.49
C GLU C 271 -25.33 49.20 13.38
N ILE C 272 -26.33 48.29 13.30
CA ILE C 272 -26.36 47.11 12.42
C ILE C 272 -26.38 47.47 10.92
N LYS C 273 -27.28 48.39 10.52
CA LYS C 273 -27.43 48.87 9.13
C LYS C 273 -26.19 49.58 8.63
N PHE C 274 -25.63 50.47 9.48
CA PHE C 274 -24.39 51.18 9.17
C PHE C 274 -23.19 50.24 9.06
N ARG C 275 -23.12 49.20 9.93
CA ARG C 275 -22.03 48.21 9.92
C ARG C 275 -22.02 47.41 8.63
N ALA C 276 -23.20 46.92 8.19
CA ALA C 276 -23.35 46.20 6.92
C ALA C 276 -23.04 47.09 5.71
N ALA C 277 -23.56 48.33 5.74
CA ALA C 277 -23.33 49.33 4.69
C ALA C 277 -21.87 49.77 4.61
N PHE C 278 -21.21 49.96 5.76
CA PHE C 278 -19.80 50.36 5.86
C PHE C 278 -18.87 49.27 5.32
N GLU C 279 -19.16 48.00 5.70
CA GLU C 279 -18.40 46.85 5.18
C GLU C 279 -18.57 46.70 3.69
N ASN C 280 -19.83 46.87 3.18
CA ASN C 280 -20.13 46.81 1.74
C ASN C 280 -19.43 47.94 0.97
N ALA C 281 -19.42 49.16 1.54
CA ALA C 281 -18.75 50.34 0.97
C ALA C 281 -17.23 50.15 0.90
N ALA C 282 -16.67 49.59 1.99
CA ALA C 282 -15.25 49.25 2.09
C ALA C 282 -14.87 48.16 1.09
N GLY C 283 -15.76 47.16 0.94
CA GLY C 283 -15.61 46.07 -0.02
C GLY C 283 -15.59 46.55 -1.45
N GLN C 284 -16.47 47.51 -1.80
CA GLN C 284 -16.46 48.11 -3.14
C GLN C 284 -15.21 48.96 -3.36
N ALA C 285 -14.78 49.73 -2.34
CA ALA C 285 -13.63 50.63 -2.46
C ALA C 285 -12.30 49.89 -2.63
N PHE C 286 -12.05 48.82 -1.86
CA PHE C 286 -10.76 48.14 -1.99
C PHE C 286 -10.81 46.95 -2.93
N ALA C 287 -11.98 46.70 -3.55
CA ALA C 287 -12.32 45.57 -4.45
C ALA C 287 -12.04 44.20 -3.82
N ALA C 288 -12.31 44.08 -2.49
CA ALA C 288 -12.04 42.93 -1.64
C ALA C 288 -13.33 42.30 -1.14
N PRO C 289 -13.44 40.96 -1.12
CA PRO C 289 -14.65 40.33 -0.56
C PRO C 289 -14.77 40.54 0.94
N VAL C 290 -16.02 40.70 1.39
CA VAL C 290 -16.37 40.85 2.79
C VAL C 290 -16.98 39.55 3.31
N VAL C 291 -16.40 38.95 4.35
CA VAL C 291 -16.94 37.69 4.87
C VAL C 291 -17.37 37.92 6.31
N THR C 292 -18.67 37.74 6.57
CA THR C 292 -19.22 37.83 7.91
C THR C 292 -19.15 36.43 8.53
N ILE C 293 -18.80 36.34 9.83
CA ILE C 293 -18.74 35.08 10.56
C ILE C 293 -19.70 35.20 11.75
N VAL C 294 -20.59 34.21 11.89
CA VAL C 294 -21.65 34.22 12.91
C VAL C 294 -21.38 33.10 13.91
N VAL C 295 -21.03 33.47 15.15
CA VAL C 295 -20.83 32.54 16.27
C VAL C 295 -21.80 32.92 17.38
N GLN C 296 -22.64 31.96 17.79
CA GLN C 296 -23.78 32.01 18.78
C GLN C 296 -24.72 33.14 18.36
N GLY C 297 -24.88 34.17 19.20
CA GLY C 297 -25.67 35.32 18.85
C GLY C 297 -27.10 35.32 19.37
N GLY C 298 -27.57 36.55 19.55
CA GLY C 298 -28.91 36.89 19.96
C GLY C 298 -29.73 37.44 18.79
N PRO C 299 -30.83 38.18 19.07
CA PRO C 299 -31.67 38.80 18.00
C PRO C 299 -30.97 39.81 17.09
N GLY C 300 -30.02 40.59 17.64
CA GLY C 300 -29.32 41.57 16.80
C GLY C 300 -28.32 40.94 15.85
N THR C 301 -27.81 39.75 16.20
CA THR C 301 -26.93 38.98 15.32
C THR C 301 -27.70 38.49 14.08
N LEU C 302 -28.98 38.12 14.31
CA LEU C 302 -29.94 37.75 13.26
C LEU C 302 -30.20 38.92 12.34
N GLY C 303 -30.36 40.12 12.95
CA GLY C 303 -30.51 41.35 12.19
C GLY C 303 -29.26 41.73 11.41
N THR C 304 -28.07 41.47 12.01
CA THR C 304 -26.75 41.69 11.38
C THR C 304 -26.57 40.81 10.14
N ALA C 305 -26.93 39.52 10.27
CA ALA C 305 -26.92 38.56 9.17
C ALA C 305 -27.93 38.91 8.09
N LEU C 306 -29.13 39.40 8.50
CA LEU C 306 -30.18 39.86 7.57
C LEU C 306 -29.74 41.05 6.72
N GLN C 307 -29.13 42.07 7.36
CA GLN C 307 -28.56 43.24 6.67
C GLN C 307 -27.41 42.86 5.76
N ALA C 308 -26.55 41.93 6.24
CA ALA C 308 -25.41 41.44 5.49
C ALA C 308 -25.86 40.72 4.22
N VAL C 309 -26.91 39.89 4.30
CA VAL C 309 -27.40 39.15 3.13
C VAL C 309 -28.18 40.08 2.18
N ARG C 310 -28.80 41.15 2.75
CA ARG C 310 -29.48 42.16 1.93
C ARG C 310 -28.50 43.06 1.17
N GLN C 311 -27.34 43.36 1.75
CA GLN C 311 -26.31 44.17 1.10
C GLN C 311 -25.38 43.36 0.19
N GLY C 312 -25.65 42.07 -0.04
CA GLY C 312 -24.85 41.23 -0.91
C GLY C 312 -23.64 40.58 -0.27
N THR C 313 -23.40 40.84 1.01
CA THR C 313 -22.25 40.28 1.72
C THR C 313 -22.51 38.83 2.14
N PRO C 314 -21.66 37.87 1.74
CA PRO C 314 -21.81 36.49 2.21
C PRO C 314 -21.54 36.32 3.70
N ILE C 315 -22.20 35.31 4.30
CA ILE C 315 -22.06 35.00 5.72
C ILE C 315 -21.59 33.55 5.88
N VAL C 316 -20.82 33.30 6.95
CA VAL C 316 -20.36 31.96 7.32
C VAL C 316 -20.91 31.68 8.71
N VAL C 317 -21.84 30.75 8.80
CA VAL C 317 -22.51 30.41 10.05
C VAL C 317 -21.84 29.19 10.67
N VAL C 318 -21.34 29.33 11.90
CA VAL C 318 -20.67 28.24 12.60
C VAL C 318 -21.74 27.41 13.33
N ASP C 319 -22.11 26.28 12.72
CA ASP C 319 -23.04 25.30 13.29
C ASP C 319 -22.42 24.56 14.47
N GLY C 320 -23.26 24.20 15.44
CA GLY C 320 -22.84 23.51 16.65
C GLY C 320 -22.41 24.41 17.78
N SER C 321 -22.37 25.72 17.56
CA SER C 321 -22.03 26.64 18.63
C SER C 321 -23.25 27.05 19.43
N GLY C 322 -24.44 26.67 19.00
CA GLY C 322 -25.63 26.94 19.76
C GLY C 322 -26.24 28.28 19.38
N LEU C 323 -27.47 28.48 19.88
CA LEU C 323 -28.31 29.71 19.86
C LEU C 323 -28.65 30.08 18.41
N ALA C 324 -28.44 31.33 17.98
CA ALA C 324 -28.91 31.85 16.68
C ALA C 324 -28.23 31.19 15.49
N ALA C 325 -26.96 30.79 15.67
CA ALA C 325 -26.19 30.07 14.65
C ALA C 325 -26.81 28.71 14.33
N ASP C 326 -27.29 27.99 15.36
CA ASP C 326 -28.00 26.71 15.17
C ASP C 326 -29.32 26.90 14.43
N VAL C 327 -30.01 28.02 14.71
CA VAL C 327 -31.27 28.39 14.06
C VAL C 327 -31.05 28.68 12.57
N LEU C 328 -30.00 29.48 12.27
CA LEU C 328 -29.62 29.83 10.89
C LEU C 328 -29.14 28.62 10.08
N ALA C 329 -28.33 27.76 10.72
CA ALA C 329 -27.83 26.52 10.12
C ALA C 329 -28.96 25.53 9.83
N TYR C 330 -29.91 25.41 10.78
CA TYR C 330 -31.09 24.54 10.66
C TYR C 330 -31.98 25.01 9.51
N ALA C 331 -32.18 26.34 9.41
CA ALA C 331 -32.98 26.96 8.35
C ALA C 331 -32.35 26.74 6.97
N TYR C 332 -31.01 26.93 6.85
CA TYR C 332 -30.28 26.72 5.60
C TYR C 332 -30.31 25.25 5.18
N ASN C 333 -30.12 24.33 6.14
CA ASN C 333 -30.14 22.90 5.87
C ASN C 333 -31.54 22.42 5.48
N PHE C 334 -32.58 23.02 6.09
CA PHE C 334 -33.95 22.71 5.71
C PHE C 334 -34.26 23.21 4.29
N MET C 335 -33.81 24.42 3.94
CA MET C 335 -34.18 24.96 2.64
C MET C 335 -33.31 24.51 1.47
N HIS C 336 -32.05 24.12 1.70
CA HIS C 336 -31.17 23.95 0.52
C HIS C 336 -30.42 22.64 0.44
N ASN C 337 -30.10 22.06 1.59
CA ASN C 337 -29.21 20.86 1.67
C ASN C 337 -29.87 19.60 1.18
N PRO C 338 -29.42 18.92 0.10
CA PRO C 338 -30.15 17.71 -0.32
C PRO C 338 -29.71 16.42 0.34
N LEU C 339 -28.76 16.51 1.25
CA LEU C 339 -28.23 15.31 1.94
C LEU C 339 -29.39 14.69 2.71
N THR C 340 -29.29 13.41 2.99
CA THR C 340 -30.45 12.73 3.66
C THR C 340 -30.82 13.08 5.10
N ARG C 341 -29.87 13.40 5.97
CA ARG C 341 -30.22 13.64 7.38
C ARG C 341 -31.27 14.74 7.48
N PHE C 342 -31.35 15.63 6.49
CA PHE C 342 -32.25 16.79 6.58
C PHE C 342 -33.59 16.66 5.87
N LYS C 343 -34.17 15.47 5.73
CA LYS C 343 -35.50 15.29 5.15
C LYS C 343 -36.63 15.37 6.19
N SER C 344 -36.32 15.18 7.47
CA SER C 344 -37.26 15.32 8.57
C SER C 344 -37.35 16.74 9.13
N TYR C 345 -36.61 17.66 8.52
CA TYR C 345 -36.62 19.05 8.99
C TYR C 345 -37.96 19.67 8.62
N THR C 346 -38.54 20.48 9.51
CA THR C 346 -39.84 21.12 9.32
C THR C 346 -39.80 22.55 9.81
N ILE C 347 -40.76 23.35 9.30
CA ILE C 347 -40.98 24.74 9.70
C ILE C 347 -41.42 24.84 11.17
N ASP C 348 -42.19 23.85 11.66
CA ASP C 348 -42.66 23.76 13.05
C ASP C 348 -41.53 23.60 14.06
N ASP C 349 -40.57 22.71 13.76
CA ASP C 349 -39.38 22.50 14.61
C ASP C 349 -38.47 23.72 14.60
N LEU C 350 -38.38 24.39 13.43
CA LEU C 350 -37.64 25.64 13.27
C LEU C 350 -38.26 26.76 14.11
N ARG C 351 -39.60 26.84 14.11
CA ARG C 351 -40.40 27.79 14.90
C ARG C 351 -40.21 27.54 16.39
N GLN C 352 -40.15 26.25 16.77
CA GLN C 352 -39.87 25.80 18.13
C GLN C 352 -38.47 26.24 18.58
N LYS C 353 -37.48 26.10 17.67
CA LYS C 353 -36.10 26.53 17.92
C LYS C 353 -35.99 28.05 18.11
N VAL C 354 -36.70 28.84 17.26
CA VAL C 354 -36.73 30.31 17.34
C VAL C 354 -37.37 30.76 18.67
N ALA C 355 -38.48 30.09 19.05
CA ALA C 355 -39.20 30.35 20.30
C ALA C 355 -38.37 30.00 21.54
N GLN C 356 -37.64 28.87 21.47
CA GLN C 356 -36.82 28.44 22.59
C GLN C 356 -35.55 29.28 22.73
N THR C 357 -35.02 29.78 21.61
CA THR C 357 -33.78 30.56 21.67
C THR C 357 -34.00 32.05 21.98
N PHE C 358 -34.76 32.73 21.14
CA PHE C 358 -34.96 34.18 21.21
C PHE C 358 -35.96 34.68 22.22
N ASN C 359 -36.97 33.85 22.53
CA ASN C 359 -38.04 34.22 23.50
C ASN C 359 -38.87 35.37 22.92
N PRO C 360 -39.60 35.25 21.77
CA PRO C 360 -40.31 36.42 21.21
C PRO C 360 -41.52 36.95 21.98
N LYS C 361 -42.10 36.17 22.91
CA LYS C 361 -43.26 36.40 23.81
C LYS C 361 -44.62 36.68 23.11
N SER C 362 -44.74 36.63 21.78
CA SER C 362 -45.96 36.94 21.03
C SER C 362 -45.85 36.23 19.69
N SER C 363 -47.01 35.91 19.10
CA SER C 363 -47.05 35.24 17.80
C SER C 363 -46.57 36.09 16.63
N GLN C 364 -46.90 37.39 16.61
CA GLN C 364 -46.46 38.32 15.55
C GLN C 364 -44.95 38.56 15.54
N GLN C 365 -44.36 38.67 16.74
CA GLN C 365 -42.91 38.80 16.92
C GLN C 365 -42.18 37.55 16.46
N LEU C 366 -42.75 36.36 16.80
CA LEU C 366 -42.24 35.04 16.39
C LEU C 366 -42.29 34.89 14.88
N THR C 367 -43.38 35.37 14.27
CA THR C 367 -43.57 35.39 12.83
C THR C 367 -42.52 36.28 12.14
N ASN C 368 -42.25 37.48 12.71
CA ASN C 368 -41.22 38.39 12.16
C ASN C 368 -39.79 37.86 12.26
N LEU C 369 -39.46 37.22 13.40
CA LEU C 369 -38.11 36.63 13.58
C LEU C 369 -37.97 35.41 12.66
N LEU C 370 -38.95 34.54 12.65
CA LEU C 370 -38.93 33.33 11.80
C LEU C 370 -38.82 33.70 10.33
N ASP C 371 -39.57 34.74 9.91
CA ASP C 371 -39.58 35.27 8.55
C ASP C 371 -38.22 35.87 8.19
N SER C 372 -37.61 36.59 9.15
CA SER C 372 -36.27 37.16 8.98
C SER C 372 -35.20 36.09 8.86
N ALA C 373 -35.30 35.00 9.68
CA ALA C 373 -34.39 33.85 9.64
C ALA C 373 -34.48 33.11 8.31
N LEU C 374 -35.71 32.95 7.79
CA LEU C 374 -35.93 32.33 6.50
C LEU C 374 -35.49 33.25 5.36
N GLU C 375 -35.56 34.57 5.58
CA GLU C 375 -35.13 35.54 4.58
C GLU C 375 -33.60 35.57 4.48
N CYS C 376 -32.88 35.26 5.59
CA CYS C 376 -31.40 35.19 5.58
C CYS C 376 -30.88 34.08 4.67
N VAL C 377 -31.51 32.92 4.70
CA VAL C 377 -30.99 31.77 3.99
C VAL C 377 -31.75 31.52 2.68
N GLN C 378 -32.41 32.56 2.14
CA GLN C 378 -33.14 32.51 0.87
C GLN C 378 -32.20 32.28 -0.32
N ASP C 379 -31.06 32.95 -0.32
CA ASP C 379 -30.09 32.84 -1.40
C ASP C 379 -29.05 31.85 -0.89
N PRO C 380 -28.94 30.65 -1.49
CA PRO C 380 -27.98 29.63 -1.00
C PRO C 380 -26.50 29.99 -1.15
N ASN C 381 -26.16 30.91 -2.07
CA ASN C 381 -24.77 31.30 -2.29
C ASN C 381 -24.26 32.15 -1.15
N LEU C 382 -25.11 33.00 -0.58
CA LEU C 382 -24.70 33.96 0.42
C LEU C 382 -24.56 33.38 1.83
N VAL C 383 -24.91 32.13 2.06
CA VAL C 383 -24.79 31.51 3.38
C VAL C 383 -23.91 30.29 3.18
N VAL C 384 -22.87 30.16 4.02
CA VAL C 384 -21.97 29.01 4.03
C VAL C 384 -21.96 28.48 5.46
N VAL C 385 -22.33 27.22 5.64
CA VAL C 385 -22.42 26.64 6.97
C VAL C 385 -21.20 25.78 7.23
N TYR C 386 -20.49 26.13 8.30
CA TYR C 386 -19.32 25.47 8.84
C TYR C 386 -19.77 24.62 10.01
N SER C 387 -19.37 23.34 10.08
CA SER C 387 -19.72 22.50 11.26
C SER C 387 -18.48 22.18 12.12
N LEU C 388 -18.46 22.56 13.41
CA LEU C 388 -17.26 22.36 14.29
C LEU C 388 -17.33 21.00 15.00
N GLN C 389 -18.32 20.18 14.67
CA GLN C 389 -18.56 18.87 15.28
C GLN C 389 -18.84 17.75 14.29
N GLU C 390 -19.02 18.04 13.00
CA GLU C 390 -19.26 16.99 12.02
C GLU C 390 -18.09 16.89 11.04
N SER C 391 -17.70 18.01 10.44
CA SER C 391 -16.64 18.04 9.44
C SER C 391 -15.26 18.12 10.10
N GLY C 392 -14.24 18.31 9.28
CA GLY C 392 -12.88 18.33 9.76
C GLY C 392 -12.46 19.66 10.37
N ILE C 393 -11.32 19.57 11.08
CA ILE C 393 -10.72 20.67 11.84
C ILE C 393 -10.15 21.78 10.95
N ASP C 394 -9.58 21.42 9.80
CA ASP C 394 -8.89 22.36 8.91
C ASP C 394 -9.69 22.73 7.67
N GLU C 395 -11.00 22.90 7.79
CA GLU C 395 -11.86 23.18 6.64
C GLU C 395 -12.62 24.49 6.81
N PHE C 396 -12.28 25.28 7.84
CA PHE C 396 -12.93 26.56 8.11
C PHE C 396 -12.51 27.59 7.07
N ASP C 397 -11.22 27.57 6.70
CA ASP C 397 -10.67 28.40 5.63
C ASP C 397 -11.27 28.07 4.26
N ASP C 398 -11.63 26.79 4.05
CA ASP C 398 -12.35 26.36 2.84
C ASP C 398 -13.76 26.96 2.80
N CYS C 399 -14.43 27.05 3.96
CA CYS C 399 -15.72 27.71 4.07
C CYS C 399 -15.65 29.21 3.80
N ILE C 400 -14.59 29.87 4.32
CA ILE C 400 -14.32 31.30 4.08
C ILE C 400 -14.03 31.57 2.61
N LEU C 401 -13.23 30.69 1.98
CA LEU C 401 -12.89 30.75 0.56
C LEU C 401 -14.10 30.49 -0.35
N LYS C 402 -14.98 29.57 0.09
CA LYS C 402 -16.25 29.27 -0.60
C LYS C 402 -17.18 30.49 -0.57
N ALA C 403 -17.21 31.18 0.59
CA ALA C 403 -17.96 32.44 0.73
C ALA C 403 -17.40 33.53 -0.19
N ILE C 404 -16.06 33.60 -0.31
CA ILE C 404 -15.36 34.55 -1.20
C ILE C 404 -15.69 34.27 -2.66
N PHE C 405 -15.64 33.00 -3.04
CA PHE C 405 -15.93 32.45 -4.36
C PHE C 405 -17.40 32.55 -4.75
N SER C 406 -18.30 32.60 -3.77
CA SER C 406 -19.73 32.75 -3.99
C SER C 406 -20.17 34.15 -4.46
N SER C 407 -19.30 35.17 -4.41
CA SER C 407 -19.68 36.52 -4.85
C SER C 407 -19.72 36.61 -6.38
N GLN C 408 -20.13 37.77 -6.90
CA GLN C 408 -20.23 37.92 -8.35
C GLN C 408 -18.95 38.44 -8.99
N GLY C 409 -18.55 39.68 -8.70
CA GLY C 409 -17.35 40.21 -9.30
C GLY C 409 -16.07 39.96 -8.52
N LYS C 410 -15.09 40.88 -8.75
CA LYS C 410 -13.74 40.93 -8.16
C LYS C 410 -12.95 39.64 -8.41
N LEU C 411 -12.98 39.17 -9.68
CA LEU C 411 -12.39 37.88 -10.12
C LEU C 411 -10.88 37.77 -9.92
N GLY C 412 -10.13 38.86 -10.19
CA GLY C 412 -8.69 38.90 -9.96
C GLY C 412 -8.36 38.76 -8.49
N ASN C 413 -9.14 39.46 -7.65
CA ASN C 413 -9.08 39.40 -6.19
C ASN C 413 -9.47 38.02 -5.67
N LYS C 414 -10.46 37.38 -6.31
CA LYS C 414 -10.90 36.03 -5.95
C LYS C 414 -9.80 35.00 -6.23
N LEU C 415 -9.10 35.16 -7.36
CA LEU C 415 -7.92 34.35 -7.69
C LEU C 415 -6.76 34.61 -6.71
N LYS C 416 -6.58 35.90 -6.31
CA LYS C 416 -5.60 36.31 -5.29
C LYS C 416 -5.91 35.69 -3.92
N GLN C 417 -7.20 35.69 -3.55
CA GLN C 417 -7.70 35.10 -2.31
C GLN C 417 -7.48 33.59 -2.27
N ALA C 418 -7.73 32.92 -3.42
CA ALA C 418 -7.43 31.50 -3.56
C ALA C 418 -5.93 31.23 -3.45
N MET C 419 -5.10 32.15 -3.96
CA MET C 419 -3.65 32.05 -3.85
C MET C 419 -3.15 32.24 -2.42
N TYR C 420 -3.79 33.15 -1.64
CA TYR C 420 -3.44 33.35 -0.22
C TYR C 420 -3.71 32.13 0.66
N PHE C 421 -4.86 31.46 0.47
CA PHE C 421 -5.22 30.31 1.29
C PHE C 421 -4.54 28.99 0.89
N ASP C 422 -3.74 28.98 -0.20
CA ASP C 422 -2.98 27.84 -0.76
C ASP C 422 -3.90 26.67 -1.16
N GLN C 423 -4.89 27.00 -1.97
CA GLN C 423 -5.87 26.07 -2.50
C GLN C 423 -5.77 26.12 -4.03
N LEU C 424 -4.90 25.30 -4.59
CA LEU C 424 -4.72 25.37 -6.05
C LEU C 424 -5.97 24.81 -6.72
N ASP C 425 -6.47 23.67 -6.23
CA ASP C 425 -7.62 23.02 -6.88
C ASP C 425 -8.79 23.96 -7.14
N VAL C 426 -9.08 24.87 -6.19
CA VAL C 426 -10.16 25.87 -6.29
C VAL C 426 -9.89 26.86 -7.44
N ALA C 427 -8.64 27.33 -7.53
CA ALA C 427 -8.17 28.23 -8.59
C ALA C 427 -8.20 27.55 -9.96
N LYS C 428 -7.78 26.27 -9.98
CA LYS C 428 -7.78 25.41 -11.18
C LYS C 428 -9.19 25.19 -11.71
N ARG C 429 -10.15 24.89 -10.80
CA ARG C 429 -11.56 24.70 -11.16
C ARG C 429 -12.20 25.98 -11.70
N ALA C 430 -11.89 27.14 -11.07
CA ALA C 430 -12.40 28.45 -11.51
C ALA C 430 -11.89 28.80 -12.90
N LEU C 431 -10.60 28.55 -13.15
CA LEU C 431 -9.95 28.76 -14.46
C LEU C 431 -10.51 27.82 -15.52
N SER C 432 -10.73 26.54 -15.16
CA SER C 432 -11.31 25.53 -16.05
C SER C 432 -12.74 25.88 -16.46
N GLU C 433 -13.55 26.36 -15.48
CA GLU C 433 -14.92 26.81 -15.73
C GLU C 433 -14.94 28.04 -16.64
N ALA C 434 -14.00 28.98 -16.41
CA ALA C 434 -13.82 30.18 -17.24
C ALA C 434 -13.38 29.80 -18.66
N SER C 435 -12.50 28.79 -18.76
CA SER C 435 -12.03 28.22 -20.03
C SER C 435 -13.17 27.58 -20.82
N LYS C 436 -14.07 26.86 -20.12
CA LYS C 436 -15.19 26.21 -20.78
C LYS C 436 -16.24 27.24 -21.21
N ASN C 437 -16.41 28.29 -20.41
CA ASN C 437 -17.41 29.35 -20.60
C ASN C 437 -16.94 30.49 -21.52
N GLY C 438 -15.89 30.27 -22.31
CA GLY C 438 -15.31 31.21 -23.26
C GLY C 438 -14.54 32.20 -22.42
N GLN C 439 -15.21 33.28 -21.94
CA GLN C 439 -14.75 34.37 -21.03
C GLN C 439 -13.32 34.91 -21.22
N HIS C 440 -12.89 35.01 -22.49
CA HIS C 440 -11.50 35.36 -22.83
C HIS C 440 -11.08 36.78 -22.42
N ASN C 441 -12.03 37.74 -22.48
CA ASN C 441 -11.75 39.14 -22.12
C ASN C 441 -11.47 39.33 -20.63
N GLU C 442 -12.29 38.73 -19.75
CA GLU C 442 -12.06 38.86 -18.31
C GLU C 442 -10.80 38.12 -17.82
N ILE C 443 -10.51 36.95 -18.41
CA ILE C 443 -9.31 36.17 -18.10
C ILE C 443 -8.02 36.89 -18.49
N ALA C 444 -7.94 37.44 -19.72
CA ALA C 444 -6.74 38.15 -20.21
C ALA C 444 -6.43 39.43 -19.46
N ALA C 445 -7.45 40.16 -19.00
CA ALA C 445 -7.22 41.39 -18.24
C ALA C 445 -6.65 41.17 -16.84
N CYS C 446 -6.95 40.04 -16.19
CA CYS C 446 -6.49 39.83 -14.80
C CYS C 446 -5.37 38.83 -14.58
N ILE C 447 -4.96 38.04 -15.59
CA ILE C 447 -3.94 36.97 -15.45
C ILE C 447 -2.53 37.52 -15.12
N ASN C 448 -2.15 38.67 -15.67
CA ASN C 448 -0.85 39.31 -15.48
C ASN C 448 -0.60 39.77 -14.05
N ASP C 449 -1.59 40.49 -13.48
CA ASP C 449 -1.51 41.00 -12.11
C ASP C 449 -1.52 39.86 -11.09
N ASN C 450 -2.26 38.78 -11.39
CA ASN C 450 -2.34 37.60 -10.54
C ASN C 450 -1.03 36.83 -10.47
N LEU C 451 -0.35 36.71 -11.64
CA LEU C 451 0.98 36.10 -11.74
C LEU C 451 2.02 36.89 -10.97
N MET C 452 1.92 38.24 -11.09
CA MET C 452 2.76 39.21 -10.39
C MET C 452 2.59 39.10 -8.88
N ALA C 453 1.32 39.00 -8.44
CA ALA C 453 0.92 38.85 -7.04
C ALA C 453 1.40 37.53 -6.45
N ALA C 454 1.33 36.46 -7.26
CA ALA C 454 1.82 35.13 -6.90
C ALA C 454 3.34 35.16 -6.67
N MET C 455 4.08 35.90 -7.53
CA MET C 455 5.52 36.08 -7.31
C MET C 455 5.82 36.87 -6.03
N MET C 456 4.99 37.87 -5.70
CA MET C 456 5.29 38.75 -4.54
C MET C 456 5.03 38.01 -3.23
N HIS C 457 4.03 37.12 -3.20
CA HIS C 457 3.65 36.43 -1.98
C HIS C 457 4.28 35.04 -1.84
N ASN C 458 5.21 34.68 -2.75
CA ASN C 458 6.04 33.44 -2.80
C ASN C 458 5.18 32.16 -2.88
N LYS C 459 4.45 32.03 -3.99
CA LYS C 459 3.64 30.85 -4.28
C LYS C 459 3.98 30.30 -5.67
N PRO C 460 5.08 29.50 -5.78
CA PRO C 460 5.56 28.99 -7.10
C PRO C 460 4.60 28.09 -7.87
N HIS C 461 3.78 27.29 -7.16
CA HIS C 461 2.77 26.41 -7.78
C HIS C 461 1.71 27.26 -8.48
N PHE C 462 1.30 28.35 -7.83
CA PHE C 462 0.40 29.31 -8.44
C PHE C 462 1.05 30.03 -9.63
N VAL C 463 2.38 30.31 -9.57
CA VAL C 463 3.14 30.91 -10.68
C VAL C 463 3.14 30.02 -11.93
N GLU C 464 3.43 28.70 -11.75
CA GLU C 464 3.38 27.70 -12.85
C GLU C 464 1.96 27.54 -13.38
N LEU C 465 0.97 27.61 -12.48
CA LEU C 465 -0.45 27.43 -12.87
C LEU C 465 -0.85 28.63 -13.72
N TYR C 466 -0.55 29.83 -13.22
CA TYR C 466 -0.96 31.02 -13.98
C TYR C 466 -0.22 31.13 -15.30
N LEU C 467 1.07 30.72 -15.35
CA LEU C 467 1.84 30.69 -16.60
C LEU C 467 1.30 29.66 -17.57
N GLY C 468 0.73 28.54 -17.07
CA GLY C 468 0.12 27.56 -17.95
C GLY C 468 -1.18 28.04 -18.59
N PHE C 469 -1.88 28.99 -17.94
CA PHE C 469 -3.14 29.56 -18.43
C PHE C 469 -2.97 30.86 -19.18
N ASP C 470 -2.13 30.76 -20.23
CA ASP C 470 -1.88 31.74 -21.31
C ASP C 470 -1.47 33.14 -20.86
N ALA C 471 -0.64 33.20 -19.83
CA ALA C 471 -0.11 34.48 -19.35
C ALA C 471 1.30 34.67 -19.90
N LYS C 472 1.44 35.62 -20.84
CA LYS C 472 2.73 35.92 -21.43
C LYS C 472 3.59 36.59 -20.37
N ILE C 473 4.82 36.09 -20.22
CA ILE C 473 5.75 36.55 -19.17
C ILE C 473 6.21 38.00 -19.39
N TYR C 474 6.41 38.43 -20.63
CA TYR C 474 6.89 39.78 -20.86
C TYR C 474 5.78 40.82 -20.98
N GLU C 475 4.51 40.50 -20.69
CA GLU C 475 3.49 41.53 -20.75
C GLU C 475 2.91 41.89 -19.40
N LEU C 476 3.79 41.62 -18.40
CA LEU C 476 3.51 41.87 -16.98
C LEU C 476 3.70 43.36 -16.74
N LYS C 477 2.81 43.94 -15.93
CA LYS C 477 2.82 45.40 -15.70
C LYS C 477 2.96 45.71 -14.19
N PRO C 478 3.73 46.76 -13.77
CA PRO C 478 3.80 47.19 -12.36
C PRO C 478 2.58 48.00 -11.93
N SER C 479 2.27 47.89 -10.63
CA SER C 479 1.14 48.60 -10.03
C SER C 479 1.29 50.13 -10.03
N GLU C 480 2.46 50.66 -9.69
CA GLU C 480 2.64 52.11 -9.70
C GLU C 480 3.30 52.59 -10.98
N GLU C 481 3.38 53.92 -11.12
CA GLU C 481 4.00 54.53 -12.30
C GLU C 481 5.35 55.15 -11.94
N VAL C 482 6.37 54.81 -12.70
CA VAL C 482 7.73 55.32 -12.47
C VAL C 482 7.83 56.72 -13.08
N ALA C 483 8.48 57.64 -12.37
CA ALA C 483 8.76 58.97 -12.88
C ALA C 483 9.83 58.93 -13.96
N LYS C 484 9.79 59.91 -14.87
CA LYS C 484 10.74 60.04 -15.96
C LYS C 484 12.14 60.37 -15.46
N THR C 485 13.15 59.78 -16.10
CA THR C 485 14.55 59.91 -15.76
C THR C 485 15.39 60.41 -16.94
N ASN C 486 16.37 61.27 -16.61
CA ASN C 486 17.31 61.85 -17.57
C ASN C 486 18.25 60.83 -18.23
N ILE C 487 18.52 59.69 -17.57
CA ILE C 487 19.39 58.64 -18.12
C ILE C 487 18.66 57.96 -19.27
N THR C 488 19.35 57.83 -20.41
CA THR C 488 18.73 57.22 -21.59
C THR C 488 18.64 55.69 -21.45
N ALA C 489 19.59 55.08 -20.71
CA ALA C 489 19.58 53.64 -20.45
C ALA C 489 18.44 53.19 -19.55
N LEU C 490 18.15 53.96 -18.49
CA LEU C 490 17.07 53.64 -17.56
C LEU C 490 15.70 53.88 -18.19
N ASP C 491 15.58 54.91 -19.04
CA ASP C 491 14.32 55.26 -19.69
C ASP C 491 13.96 54.28 -20.81
N GLU C 492 14.94 53.57 -21.38
CA GLU C 492 14.73 52.57 -22.43
C GLU C 492 14.10 51.27 -21.90
N LEU C 493 14.12 51.06 -20.57
CA LEU C 493 13.69 49.84 -19.88
C LEU C 493 12.19 49.59 -20.01
N PRO C 494 11.76 48.36 -20.28
CA PRO C 494 10.31 48.06 -20.34
C PRO C 494 9.66 47.99 -18.95
N SER C 495 8.35 47.74 -18.99
CA SER C 495 7.49 47.71 -17.80
C SER C 495 7.79 46.55 -16.84
N PHE C 496 8.07 45.35 -17.38
CA PHE C 496 8.32 44.17 -16.55
C PHE C 496 9.63 44.26 -15.76
N ALA C 497 10.64 45.00 -16.26
CA ALA C 497 11.87 45.31 -15.52
C ALA C 497 11.58 46.15 -14.27
N LEU C 498 10.68 47.13 -14.40
CA LEU C 498 10.19 47.95 -13.29
C LEU C 498 9.39 47.10 -12.29
N ALA C 499 8.66 46.10 -12.81
CA ALA C 499 7.94 45.16 -11.95
C ALA C 499 8.89 44.27 -11.13
N ILE C 500 9.99 43.77 -11.75
CA ILE C 500 11.04 42.99 -11.05
C ILE C 500 11.73 43.88 -9.99
N GLU C 501 11.92 45.18 -10.31
CA GLU C 501 12.43 46.19 -9.38
C GLU C 501 11.48 46.37 -8.18
N GLU C 502 10.15 46.31 -8.44
CA GLU C 502 9.11 46.35 -7.39
C GLU C 502 9.15 45.10 -6.49
N LEU C 503 9.50 43.94 -7.08
CA LEU C 503 9.62 42.66 -6.33
C LEU C 503 10.82 42.74 -5.41
N TYR C 504 11.92 43.26 -5.91
CA TYR C 504 13.14 43.50 -5.12
C TYR C 504 12.88 44.49 -3.99
N LYS C 505 12.14 45.58 -4.26
CA LYS C 505 11.77 46.59 -3.27
C LYS C 505 10.89 46.04 -2.14
N ARG C 506 9.85 45.23 -2.49
CA ARG C 506 8.95 44.63 -1.48
C ARG C 506 9.69 43.66 -0.56
N GLU C 507 10.58 42.83 -1.15
CA GLU C 507 11.41 41.92 -0.35
C GLU C 507 12.45 42.71 0.47
N ALA C 508 12.94 43.84 -0.08
CA ALA C 508 14.00 44.63 0.54
C ALA C 508 13.49 45.38 1.76
N LYS C 509 12.20 45.84 1.75
CA LYS C 509 11.65 46.60 2.88
C LYS C 509 11.41 45.76 4.15
N LYS C 510 11.44 44.42 4.05
CA LYS C 510 11.32 43.48 5.17
C LYS C 510 12.55 43.60 6.08
N PRO C 511 12.39 43.41 7.41
CA PRO C 511 13.55 43.48 8.33
C PRO C 511 14.58 42.38 8.12
N HIS C 512 15.87 42.80 8.26
CA HIS C 512 17.11 42.00 8.18
C HIS C 512 17.22 41.24 6.84
N SER C 513 16.80 41.90 5.76
CA SER C 513 16.86 41.30 4.43
C SER C 513 18.27 41.44 3.85
N HIS C 514 18.82 40.31 3.38
CA HIS C 514 20.16 40.21 2.83
C HIS C 514 20.36 40.91 1.49
N VAL C 515 19.28 41.15 0.74
CA VAL C 515 19.31 41.85 -0.55
C VAL C 515 19.74 43.31 -0.41
N GLN C 516 19.15 44.03 0.58
CA GLN C 516 19.46 45.43 0.89
C GLN C 516 20.90 45.59 1.36
N ARG C 517 21.36 44.64 2.19
CA ARG C 517 22.74 44.57 2.67
C ARG C 517 23.72 44.35 1.53
N LEU C 518 23.35 43.46 0.57
CA LEU C 518 24.13 43.15 -0.62
C LEU C 518 24.29 44.38 -1.53
N VAL C 519 23.17 45.11 -1.76
CA VAL C 519 23.13 46.34 -2.57
C VAL C 519 23.98 47.43 -1.92
N SER C 520 23.88 47.61 -0.58
CA SER C 520 24.66 48.61 0.15
C SER C 520 26.16 48.29 0.17
N LEU C 521 26.53 47.02 0.38
CA LEU C 521 27.93 46.61 0.40
C LEU C 521 28.53 46.44 -1.00
N SER C 522 27.70 46.45 -2.06
CA SER C 522 28.18 46.35 -3.45
C SER C 522 29.07 47.51 -3.89
N ASN C 523 28.81 48.73 -3.36
CA ASN C 523 29.51 50.01 -3.64
C ASN C 523 29.48 50.37 -5.13
N THR C 524 28.27 50.49 -5.68
CA THR C 524 28.04 50.80 -7.10
C THR C 524 27.09 51.97 -7.25
N ASP C 525 27.07 52.52 -8.47
CA ASP C 525 26.18 53.61 -8.85
C ASP C 525 24.81 53.08 -9.29
N VAL C 526 24.01 53.99 -9.89
CA VAL C 526 22.64 53.68 -10.36
C VAL C 526 22.64 52.69 -11.53
N LEU C 527 23.70 52.68 -12.33
CA LEU C 527 23.86 51.82 -13.48
C LEU C 527 24.68 50.58 -13.14
N GLY C 528 25.04 50.44 -11.86
CA GLY C 528 25.78 49.29 -11.38
C GLY C 528 27.28 49.35 -11.54
N ARG C 529 27.81 50.41 -12.15
CA ARG C 529 29.25 50.59 -12.32
C ARG C 529 29.94 50.84 -10.98
N HIS C 530 31.11 50.22 -10.81
CA HIS C 530 31.89 50.24 -9.56
C HIS C 530 32.63 51.58 -9.40
N TYR C 531 31.87 52.62 -9.06
CA TYR C 531 32.45 53.95 -8.87
C TYR C 531 32.12 54.58 -7.52
N ARG C 532 31.23 53.97 -6.74
CA ARG C 532 30.75 54.38 -5.38
C ARG C 532 30.17 55.79 -5.24
N GLY C 546 21.14 62.33 -8.76
CA GLY C 546 21.99 62.40 -7.60
C GLY C 546 21.70 61.33 -6.56
N ARG C 547 21.63 61.75 -5.30
CA ARG C 547 21.33 60.89 -4.16
C ARG C 547 19.92 60.31 -4.18
N ASP C 548 18.93 61.14 -4.58
CA ASP C 548 17.52 60.74 -4.68
C ASP C 548 17.31 59.63 -5.69
N LEU C 549 17.94 59.75 -6.86
CA LEU C 549 17.92 58.75 -7.91
C LEU C 549 18.63 57.47 -7.50
N ALA C 550 19.69 57.60 -6.68
CA ALA C 550 20.46 56.45 -6.22
C ALA C 550 19.77 55.64 -5.13
N ASN C 551 18.73 56.19 -4.49
CA ASN C 551 17.96 55.49 -3.48
C ASN C 551 16.59 55.08 -3.95
N THR C 552 15.93 55.92 -4.77
CA THR C 552 14.60 55.66 -5.30
C THR C 552 14.64 54.53 -6.34
N ARG C 553 15.75 54.41 -7.07
CA ARG C 553 15.90 53.38 -8.09
C ARG C 553 17.14 52.53 -7.80
N ALA C 554 17.34 52.19 -6.53
CA ALA C 554 18.49 51.38 -6.09
C ALA C 554 18.40 49.89 -6.45
N TYR C 555 17.24 49.40 -6.88
CA TYR C 555 17.06 47.97 -7.16
C TYR C 555 16.69 47.71 -8.61
N ASN C 556 17.20 48.53 -9.53
CA ASN C 556 17.04 48.30 -10.96
C ASN C 556 17.81 47.05 -11.41
N VAL C 557 17.33 46.45 -12.52
CA VAL C 557 17.79 45.13 -13.01
C VAL C 557 19.22 45.16 -13.53
N LEU C 558 19.66 46.31 -14.08
CA LEU C 558 21.01 46.50 -14.60
C LEU C 558 22.05 46.48 -13.50
N ARG C 559 21.73 47.18 -12.39
CA ARG C 559 22.59 47.23 -11.19
C ARG C 559 22.74 45.88 -10.53
N MET C 560 21.62 45.12 -10.44
CA MET C 560 21.58 43.75 -9.91
C MET C 560 22.37 42.79 -10.79
N ASP C 561 22.29 42.98 -12.12
CA ASP C 561 23.04 42.25 -13.14
C ASP C 561 24.55 42.44 -12.95
N GLN C 562 24.97 43.70 -12.67
CA GLN C 562 26.37 44.02 -12.37
C GLN C 562 26.86 43.33 -11.08
N ILE C 563 26.02 43.32 -10.02
CA ILE C 563 26.33 42.67 -8.73
C ILE C 563 26.51 41.16 -8.92
N PHE C 564 25.58 40.54 -9.68
CA PHE C 564 25.64 39.12 -10.04
C PHE C 564 26.84 38.82 -10.93
N ALA C 565 27.18 39.79 -11.83
CA ALA C 565 28.33 39.70 -12.71
C ALA C 565 29.65 39.61 -11.95
N ARG C 566 29.85 40.47 -10.94
CA ARG C 566 31.01 40.31 -10.06
C ARG C 566 30.95 39.04 -9.21
N LEU C 567 29.73 38.59 -8.83
CA LEU C 567 29.56 37.35 -8.08
C LEU C 567 29.95 36.07 -8.85
N VAL C 568 29.67 35.99 -10.17
CA VAL C 568 29.98 34.73 -10.91
C VAL C 568 31.49 34.54 -11.13
N SER C 569 32.11 35.44 -11.89
CA SER C 569 33.51 35.37 -12.29
C SER C 569 33.96 36.75 -12.73
N LYS C 570 35.15 36.82 -13.30
CA LYS C 570 35.70 38.09 -13.73
C LYS C 570 35.22 38.49 -15.13
N ASP C 571 34.52 37.60 -15.86
CA ASP C 571 34.09 37.86 -17.23
C ASP C 571 32.61 37.59 -17.51
N PHE C 572 31.73 37.66 -16.50
CA PHE C 572 30.29 37.64 -16.75
C PHE C 572 29.83 38.96 -17.33
N SER C 573 29.14 38.90 -18.47
CA SER C 573 28.55 40.11 -19.05
C SER C 573 27.30 39.76 -19.85
N VAL C 574 26.11 39.84 -19.24
CA VAL C 574 24.88 39.56 -19.98
C VAL C 574 24.52 40.73 -20.90
N ASN C 575 24.28 40.39 -22.15
CA ASN C 575 23.99 41.36 -23.18
C ASN C 575 22.47 41.44 -23.22
N ARG C 576 21.92 42.62 -22.90
CA ARG C 576 20.48 42.80 -22.90
C ARG C 576 20.12 43.59 -24.14
N ASP C 577 18.96 43.28 -24.72
CA ASP C 577 18.45 43.97 -25.90
C ASP C 577 16.97 44.20 -25.63
N PHE C 578 16.64 45.35 -25.05
CA PHE C 578 15.24 45.66 -24.77
C PHE C 578 14.50 46.28 -25.95
N THR C 579 15.21 46.52 -27.09
CA THR C 579 14.66 47.07 -28.32
C THR C 579 13.78 46.09 -29.04
N ILE C 580 13.95 44.78 -28.79
CA ILE C 580 13.14 43.73 -29.39
C ILE C 580 11.71 43.68 -28.83
N TYR C 581 11.40 44.38 -27.70
CA TYR C 581 10.05 44.36 -27.15
C TYR C 581 9.12 45.39 -27.79
N ASP C 582 9.62 46.18 -28.74
CA ASP C 582 8.83 47.12 -29.52
C ASP C 582 7.99 46.33 -30.52
N SER C 583 6.85 46.94 -30.94
CA SER C 583 5.90 46.31 -31.86
C SER C 583 6.43 46.12 -33.30
N LYS C 584 7.49 46.82 -33.70
CA LYS C 584 8.07 46.72 -35.04
C LYS C 584 8.82 45.39 -35.30
N TYR C 585 9.12 44.58 -34.29
CA TYR C 585 9.85 43.31 -34.43
C TYR C 585 8.91 42.11 -34.38
N ASP C 586 7.59 42.34 -34.46
CA ASP C 586 6.57 41.29 -34.37
C ASP C 586 6.62 40.31 -35.56
N LYS C 587 7.08 40.77 -36.73
CA LYS C 587 7.14 39.93 -37.93
C LYS C 587 8.26 38.89 -37.92
N VAL C 588 9.25 39.05 -37.03
CA VAL C 588 10.38 38.12 -36.85
C VAL C 588 9.85 36.79 -36.31
N PRO C 589 10.25 35.64 -36.88
CA PRO C 589 9.68 34.33 -36.47
C PRO C 589 9.96 33.89 -35.02
N GLY C 590 11.22 33.84 -34.63
CA GLY C 590 11.65 33.30 -33.35
C GLY C 590 11.65 34.24 -32.16
N ILE C 591 11.17 35.48 -32.36
CA ILE C 591 11.20 36.59 -31.39
C ILE C 591 10.44 36.27 -30.06
N GLN C 592 9.32 35.51 -30.14
CA GLN C 592 8.48 35.11 -28.99
C GLN C 592 9.23 34.27 -27.98
N PHE C 593 10.14 33.42 -28.49
CA PHE C 593 11.07 32.63 -27.70
C PHE C 593 12.12 33.50 -27.02
N ARG C 594 12.75 34.42 -27.78
CA ARG C 594 13.81 35.31 -27.28
C ARG C 594 13.32 36.23 -26.16
N ARG C 595 12.18 36.92 -26.39
CA ARG C 595 11.47 37.76 -25.40
C ARG C 595 11.12 36.98 -24.13
N THR C 596 10.67 35.70 -24.31
CA THR C 596 10.37 34.76 -23.22
C THR C 596 11.65 34.45 -22.44
N ALA C 597 12.71 34.05 -23.17
CA ALA C 597 13.99 33.54 -22.66
C ALA C 597 14.69 34.59 -21.79
N GLN C 598 14.86 35.81 -22.38
CA GLN C 598 15.39 37.01 -21.70
C GLN C 598 14.64 37.36 -20.42
N ALA C 599 13.27 37.44 -20.50
CA ALA C 599 12.37 37.74 -19.37
C ALA C 599 12.51 36.73 -18.22
N SER C 600 12.44 35.43 -18.58
CA SER C 600 12.61 34.27 -17.70
C SER C 600 13.95 34.31 -17.00
N HIS C 601 15.03 34.58 -17.78
CA HIS C 601 16.41 34.71 -17.31
C HIS C 601 16.53 35.75 -16.20
N MET C 602 15.94 36.94 -16.43
CA MET C 602 15.98 38.05 -15.48
C MET C 602 15.25 37.68 -14.18
N LEU C 603 14.04 37.09 -14.33
CA LEU C 603 13.25 36.54 -13.21
C LEU C 603 13.96 35.39 -12.49
N PHE C 604 14.60 34.49 -13.26
CA PHE C 604 15.47 33.41 -12.79
C PHE C 604 16.55 33.91 -11.84
N LEU C 605 17.29 34.97 -12.26
CA LEU C 605 18.35 35.59 -11.45
C LEU C 605 17.80 36.17 -10.15
N TRP C 606 16.61 36.81 -10.24
CA TRP C 606 15.89 37.34 -9.06
C TRP C 606 15.53 36.22 -8.07
N ALA C 607 15.00 35.09 -8.60
CA ALA C 607 14.67 33.92 -7.79
C ALA C 607 15.89 33.23 -7.19
N ILE C 608 17.06 33.34 -7.86
CA ILE C 608 18.32 32.83 -7.28
C ILE C 608 18.77 33.71 -6.13
N CYS C 609 18.59 35.04 -6.30
CA CYS C 609 18.95 36.05 -5.29
C CYS C 609 18.11 35.91 -4.03
N LEU C 610 16.84 35.56 -4.13
CA LEU C 610 15.98 35.48 -2.92
C LEU C 610 16.05 34.05 -2.36
N ASP C 611 16.69 33.12 -3.07
CA ASP C 611 16.89 31.70 -2.70
C ASP C 611 15.55 30.93 -2.66
N ARG C 612 14.73 31.19 -3.67
CA ARG C 612 13.46 30.49 -3.87
C ARG C 612 13.67 29.46 -4.98
N PHE C 613 13.97 28.19 -4.60
CA PHE C 613 14.42 27.13 -5.52
C PHE C 613 13.37 26.70 -6.56
N ARG C 614 12.11 26.64 -6.15
CA ARG C 614 10.98 26.14 -6.96
C ARG C 614 10.67 27.11 -8.10
N MET C 615 10.63 28.40 -7.75
CA MET C 615 10.42 29.49 -8.69
C MET C 615 11.61 29.61 -9.67
N ALA C 616 12.82 29.38 -9.14
CA ALA C 616 14.08 29.32 -9.90
C ALA C 616 14.09 28.20 -10.93
N ARG C 617 13.66 26.99 -10.52
CA ARG C 617 13.59 25.81 -11.39
C ARG C 617 12.56 26.00 -12.50
N HIS C 618 11.40 26.61 -12.17
CA HIS C 618 10.36 26.88 -13.19
C HIS C 618 10.81 27.91 -14.24
N PHE C 619 11.44 29.02 -13.78
CA PHE C 619 11.96 30.02 -14.73
C PHE C 619 13.18 29.51 -15.50
N TRP C 620 13.97 28.62 -14.88
CA TRP C 620 15.06 27.92 -15.54
C TRP C 620 14.54 27.00 -16.64
N LEU C 621 13.42 26.29 -16.38
CA LEU C 621 12.82 25.40 -17.38
C LEU C 621 12.19 26.11 -18.58
N ILE C 622 11.49 27.25 -18.37
CA ILE C 622 10.89 27.98 -19.51
C ILE C 622 11.91 28.61 -20.47
N GLY C 623 12.97 29.23 -19.95
CA GLY C 623 13.98 29.89 -20.75
C GLY C 623 14.98 28.94 -21.38
N ASP C 624 16.06 29.52 -21.90
CA ASP C 624 17.07 28.69 -22.54
C ASP C 624 18.40 28.75 -21.79
N GLN C 625 19.40 28.08 -22.41
CA GLN C 625 20.78 27.89 -21.94
C GLN C 625 20.79 27.25 -20.55
N SER C 626 20.13 26.08 -20.45
CA SER C 626 19.75 25.38 -19.20
C SER C 626 20.96 24.96 -18.36
N ILE C 627 21.97 24.39 -19.02
CA ILE C 627 23.17 23.84 -18.39
C ILE C 627 24.00 24.97 -17.78
N ILE C 628 24.17 26.02 -18.58
CA ILE C 628 24.95 27.20 -18.26
C ILE C 628 24.32 27.99 -17.12
N ASN C 629 22.97 28.11 -17.13
CA ASN C 629 22.17 28.78 -16.10
C ASN C 629 22.19 28.02 -14.78
N ALA C 630 22.20 26.68 -14.85
CA ALA C 630 22.31 25.85 -13.66
C ALA C 630 23.68 26.01 -12.98
N LEU C 631 24.75 26.10 -13.80
CA LEU C 631 26.11 26.39 -13.32
C LEU C 631 26.19 27.78 -12.68
N VAL C 632 25.52 28.78 -13.31
CA VAL C 632 25.44 30.17 -12.84
C VAL C 632 24.71 30.24 -11.50
N ALA C 633 23.61 29.46 -11.37
CA ALA C 633 22.80 29.33 -10.16
C ALA C 633 23.59 28.74 -8.99
N SER C 634 24.37 27.67 -9.29
CA SER C 634 25.25 27.01 -8.33
C SER C 634 26.36 27.94 -7.84
N ARG C 635 27.01 28.66 -8.78
CA ARG C 635 28.08 29.62 -8.48
C ARG C 635 27.61 30.81 -7.64
N ILE C 636 26.44 31.40 -7.98
CA ILE C 636 25.87 32.57 -7.26
C ILE C 636 25.47 32.19 -5.83
N LEU C 637 24.80 31.00 -5.66
CA LEU C 637 24.41 30.51 -4.32
C LEU C 637 25.63 30.15 -3.45
N GLU C 638 26.67 29.51 -4.05
CA GLU C 638 27.90 29.20 -3.32
C GLU C 638 28.66 30.46 -2.90
N ARG C 639 28.76 31.46 -3.80
CA ARG C 639 29.45 32.70 -3.45
C ARG C 639 28.66 33.56 -2.45
N LEU C 640 27.32 33.57 -2.58
CA LEU C 640 26.46 34.33 -1.67
C LEU C 640 26.46 33.74 -0.27
N SER C 641 26.49 32.40 -0.16
CA SER C 641 26.50 31.70 1.13
C SER C 641 27.74 31.99 2.01
N THR C 642 28.87 32.38 1.42
CA THR C 642 30.06 32.75 2.16
C THR C 642 30.37 34.25 2.04
N HIS C 643 29.41 35.03 1.53
CA HIS C 643 29.57 36.47 1.34
C HIS C 643 29.35 37.18 2.67
N ARG C 644 29.86 38.43 2.75
CA ARG C 644 29.71 39.29 3.94
C ARG C 644 28.27 39.71 4.23
N ALA C 645 27.40 39.75 3.22
CA ALA C 645 26.02 40.18 3.36
C ALA C 645 25.12 39.12 4.00
N LEU C 646 25.55 37.87 4.04
CA LEU C 646 24.77 36.75 4.55
C LEU C 646 25.23 36.34 5.95
N GLN C 647 26.22 37.01 6.51
CA GLN C 647 26.66 36.68 7.87
C GLN C 647 25.69 37.42 8.78
N GLY C 648 25.23 36.72 9.82
CA GLY C 648 24.25 37.26 10.71
C GLY C 648 23.56 36.11 11.42
N PRO C 649 23.03 36.33 12.68
CA PRO C 649 22.36 35.25 13.44
C PRO C 649 21.11 34.66 12.81
N HIS C 650 20.36 35.47 12.07
CA HIS C 650 19.10 35.07 11.49
C HIS C 650 19.24 34.44 10.11
N LEU C 651 20.43 34.52 9.50
CA LEU C 651 20.59 34.08 8.12
C LEU C 651 21.16 32.67 7.98
N ALA C 652 21.43 31.97 9.11
CA ALA C 652 22.13 30.66 9.15
C ALA C 652 21.42 29.59 8.33
N GLU C 653 20.12 29.40 8.61
CA GLU C 653 19.22 28.47 7.90
C GLU C 653 19.15 28.80 6.41
N GLU C 654 19.02 30.10 6.10
CA GLU C 654 19.06 30.66 4.74
C GLU C 654 20.33 30.26 4.00
N ARG C 655 21.51 30.45 4.63
CA ARG C 655 22.86 30.05 4.15
C ARG C 655 22.91 28.57 3.79
N ALA C 656 22.43 27.72 4.74
CA ALA C 656 22.31 26.27 4.61
C ALA C 656 21.47 25.90 3.37
N LYS C 657 20.30 26.57 3.24
CA LYS C 657 19.35 26.44 2.12
C LYS C 657 20.04 26.74 0.79
N MET C 658 20.83 27.86 0.75
CA MET C 658 21.64 28.28 -0.42
C MET C 658 22.58 27.17 -0.88
N GLN C 659 23.37 26.61 0.08
CA GLN C 659 24.29 25.49 -0.17
C GLN C 659 23.58 24.27 -0.75
N HIS C 660 22.44 23.89 -0.11
CA HIS C 660 21.53 22.80 -0.55
C HIS C 660 21.04 22.98 -1.99
N ASN C 661 20.50 24.19 -2.28
CA ASN C 661 20.02 24.60 -3.60
C ASN C 661 21.12 24.57 -4.66
N ALA C 662 22.34 25.05 -4.29
CA ALA C 662 23.54 25.04 -5.12
C ALA C 662 23.85 23.62 -5.60
N LYS C 663 23.90 22.65 -4.64
CA LYS C 663 24.12 21.22 -4.96
C LYS C 663 23.04 20.67 -5.90
N LYS C 664 21.75 21.01 -5.61
CA LYS C 664 20.60 20.61 -6.43
C LYS C 664 20.71 21.11 -7.89
N PHE C 665 21.05 22.41 -8.07
CA PHE C 665 21.26 23.00 -9.41
C PHE C 665 22.43 22.36 -10.15
N GLU C 666 23.53 22.08 -9.40
CA GLU C 666 24.70 21.35 -9.90
C GLU C 666 24.29 19.97 -10.44
N GLU C 667 23.45 19.25 -9.66
CA GLU C 667 22.85 17.95 -10.01
C GLU C 667 22.04 18.04 -11.31
N LEU C 668 21.21 19.10 -11.43
CA LEU C 668 20.43 19.42 -12.65
C LEU C 668 21.34 19.57 -13.88
N ALA C 669 22.44 20.35 -13.74
CA ALA C 669 23.45 20.60 -14.81
C ALA C 669 24.10 19.31 -15.30
N VAL C 670 24.36 18.39 -14.33
CA VAL C 670 24.89 17.04 -14.57
C VAL C 670 23.86 16.21 -15.31
N GLY C 671 22.60 16.26 -14.84
CA GLY C 671 21.49 15.45 -15.34
C GLY C 671 21.14 15.72 -16.81
N VAL C 672 20.93 17.01 -17.14
CA VAL C 672 20.68 17.52 -18.52
C VAL C 672 21.84 17.11 -19.45
N LEU C 673 23.11 17.31 -18.96
CA LEU C 673 24.38 16.92 -19.63
C LEU C 673 24.39 15.42 -19.97
N GLY C 674 24.04 14.59 -18.96
CA GLY C 674 23.90 13.14 -19.09
C GLY C 674 22.90 12.73 -20.15
N GLU C 675 21.72 13.39 -20.17
CA GLU C 675 20.67 13.18 -21.17
C GLU C 675 21.17 13.47 -22.59
N CYS C 676 21.92 14.61 -22.74
CA CYS C 676 22.57 15.01 -24.00
C CYS C 676 23.54 13.94 -24.48
N HIS C 677 24.39 13.44 -23.57
CA HIS C 677 25.35 12.37 -23.88
C HIS C 677 24.65 11.05 -24.20
N GLY C 678 23.48 10.81 -23.59
CA GLY C 678 22.69 9.64 -23.92
C GLY C 678 22.08 9.71 -25.30
N SER C 679 21.69 10.91 -25.75
CA SER C 679 20.97 11.01 -27.01
C SER C 679 21.94 11.01 -28.19
N ASP C 680 22.93 11.90 -28.17
CA ASP C 680 23.91 12.01 -29.25
C ASP C 680 25.17 12.61 -28.61
N SER C 681 26.20 11.76 -28.41
CA SER C 681 27.46 12.15 -27.77
C SER C 681 28.25 13.19 -28.54
N HIS C 682 28.30 13.08 -29.88
CA HIS C 682 29.00 14.02 -30.75
C HIS C 682 28.38 15.42 -30.71
N MET C 683 27.03 15.47 -30.74
CA MET C 683 26.28 16.72 -30.66
C MET C 683 26.42 17.34 -29.27
N ALA C 684 26.51 16.49 -28.23
CA ALA C 684 26.79 16.91 -26.85
C ALA C 684 28.17 17.50 -26.72
N SER C 685 29.17 16.91 -27.41
CA SER C 685 30.54 17.41 -27.48
C SER C 685 30.59 18.77 -28.16
N GLU C 686 29.81 18.92 -29.26
CA GLU C 686 29.65 20.18 -29.98
C GLU C 686 29.02 21.26 -29.09
N MET C 687 28.04 20.86 -28.27
CA MET C 687 27.39 21.72 -27.28
C MET C 687 28.38 22.18 -26.21
N LEU C 688 29.21 21.25 -25.71
CA LEU C 688 30.23 21.59 -24.70
C LEU C 688 31.36 22.44 -25.26
N HIS C 689 31.62 22.36 -26.57
CA HIS C 689 32.65 23.16 -27.21
C HIS C 689 32.16 24.51 -27.69
N SER C 690 30.84 24.75 -27.63
CA SER C 690 30.23 25.97 -28.15
C SER C 690 30.57 27.19 -27.28
N LYS C 691 31.01 28.25 -27.93
CA LYS C 691 31.30 29.49 -27.23
C LYS C 691 30.04 30.30 -27.02
N ASN C 692 29.84 30.71 -25.79
CA ASN C 692 28.65 31.45 -25.35
C ASN C 692 29.04 32.91 -25.11
N ASP C 693 28.20 33.83 -25.62
CA ASP C 693 28.43 35.27 -25.52
C ASP C 693 28.40 35.81 -24.09
N MET C 694 27.67 35.17 -23.17
CA MET C 694 27.50 35.64 -21.78
C MET C 694 28.78 35.61 -20.94
N PHE C 695 29.79 34.82 -21.34
CA PHE C 695 31.09 34.72 -20.67
C PHE C 695 32.32 35.01 -21.54
N ASN C 696 32.27 36.10 -22.34
CA ASN C 696 33.35 36.69 -23.17
C ASN C 696 33.97 35.65 -24.12
N LYS C 697 33.09 34.86 -24.78
CA LYS C 697 33.36 33.92 -25.90
C LYS C 697 34.35 32.80 -25.52
N LYS C 698 33.90 31.93 -24.59
CA LYS C 698 34.58 30.70 -24.20
C LYS C 698 33.57 29.66 -23.72
N ASN C 699 34.00 28.39 -23.72
CA ASN C 699 33.08 27.25 -23.71
C ASN C 699 32.56 26.91 -22.31
N ALA C 700 31.71 25.87 -22.25
CA ALA C 700 30.98 25.48 -21.03
C ALA C 700 31.83 24.81 -19.95
N ILE C 701 32.89 24.08 -20.35
CA ILE C 701 33.79 23.42 -19.40
C ILE C 701 34.60 24.46 -18.62
N ASN C 702 35.01 25.54 -19.30
CA ASN C 702 35.68 26.70 -18.70
C ASN C 702 34.79 27.39 -17.66
N ILE C 703 33.49 27.50 -17.99
CA ILE C 703 32.44 28.05 -17.12
C ILE C 703 32.27 27.19 -15.87
N ALA C 704 32.21 25.85 -16.07
CA ALA C 704 32.06 24.85 -15.00
C ALA C 704 33.25 24.83 -14.05
N TYR C 705 34.46 24.95 -14.60
CA TYR C 705 35.69 25.05 -13.82
C TYR C 705 35.72 26.35 -13.02
N ASP C 706 35.30 27.45 -13.66
CA ASP C 706 35.21 28.76 -12.98
C ASP C 706 34.13 28.76 -11.90
N ALA C 707 33.06 27.96 -12.08
CA ALA C 707 32.02 27.81 -11.07
C ALA C 707 32.35 26.79 -9.98
N LYS C 708 33.52 26.11 -10.09
CA LYS C 708 34.07 25.07 -9.20
C LYS C 708 33.11 23.90 -9.02
N SER C 709 32.46 23.51 -10.12
CA SER C 709 31.53 22.40 -10.15
C SER C 709 32.30 21.11 -10.40
N LEU C 710 32.68 20.45 -9.29
CA LEU C 710 33.45 19.19 -9.32
C LEU C 710 32.66 18.04 -9.93
N ALA C 711 31.34 18.00 -9.66
CA ALA C 711 30.42 16.98 -10.17
C ALA C 711 30.28 17.01 -11.69
N PHE C 712 30.21 18.23 -12.27
CA PHE C 712 30.12 18.39 -13.72
C PHE C 712 31.42 17.96 -14.39
N LEU C 713 32.56 18.34 -13.79
CA LEU C 713 33.88 18.01 -14.32
C LEU C 713 34.19 16.53 -14.19
N SER C 714 33.66 15.86 -13.17
CA SER C 714 33.89 14.44 -12.98
C SER C 714 32.97 13.54 -13.81
N HIS C 715 31.99 14.11 -14.52
CA HIS C 715 31.05 13.36 -15.34
C HIS C 715 31.76 12.74 -16.55
N PRO C 716 31.36 11.52 -16.98
CA PRO C 716 32.00 10.84 -18.14
C PRO C 716 31.95 11.56 -19.49
N ALA C 717 30.86 12.32 -19.76
CA ALA C 717 30.72 13.08 -21.00
C ALA C 717 31.75 14.20 -21.10
N THR C 718 31.90 14.97 -20.00
CA THR C 718 32.88 16.06 -19.88
C THR C 718 34.30 15.54 -19.99
N GLN C 719 34.57 14.39 -19.34
CA GLN C 719 35.87 13.72 -19.35
C GLN C 719 36.21 13.18 -20.73
N SER C 720 35.20 12.68 -21.47
CA SER C 720 35.35 12.22 -22.85
C SER C 720 35.74 13.37 -23.78
N VAL C 721 35.10 14.56 -23.61
CA VAL C 721 35.45 15.77 -24.38
C VAL C 721 36.88 16.24 -24.05
N ILE C 722 37.27 16.20 -22.76
CA ILE C 722 38.62 16.58 -22.27
C ILE C 722 39.70 15.63 -22.80
N ASN C 723 39.40 14.31 -22.84
CA ASN C 723 40.32 13.31 -23.41
C ASN C 723 40.48 13.47 -24.92
N ALA C 724 39.36 13.77 -25.62
CA ALA C 724 39.40 14.10 -27.05
C ALA C 724 40.24 15.36 -27.32
N ASP C 725 40.12 16.35 -26.44
CA ASP C 725 40.98 17.54 -26.48
C ASP C 725 42.44 17.22 -26.18
N TRP C 726 42.70 16.30 -25.23
CA TRP C 726 44.05 15.82 -24.91
C TRP C 726 44.73 15.22 -26.12
N TYR C 727 44.04 14.32 -26.83
CA TYR C 727 44.69 13.67 -27.95
C TYR C 727 44.66 14.50 -29.21
N GLY C 728 43.88 15.61 -29.24
CA GLY C 728 43.79 16.49 -30.39
C GLY C 728 43.22 15.77 -31.59
N HIS C 729 43.87 15.93 -32.74
CA HIS C 729 43.46 15.25 -33.97
C HIS C 729 44.14 13.88 -34.11
N LEU C 730 44.16 13.09 -33.04
CA LEU C 730 44.71 11.70 -33.11
C LEU C 730 43.70 10.70 -32.52
N LYS C 731 43.76 9.44 -32.93
CA LYS C 731 42.89 8.36 -32.42
C LYS C 731 43.11 8.14 -30.93
N SER C 732 42.00 7.88 -30.21
CA SER C 732 42.02 7.66 -28.76
C SER C 732 42.69 6.36 -28.31
N VAL C 733 42.92 5.39 -29.20
CA VAL C 733 43.53 4.12 -28.81
C VAL C 733 45.05 4.15 -28.68
N THR C 734 45.70 5.30 -28.95
CA THR C 734 47.15 5.45 -28.83
C THR C 734 47.62 5.37 -27.39
N SER C 735 48.68 4.59 -27.17
CA SER C 735 49.25 4.37 -25.85
C SER C 735 50.45 5.30 -25.68
N PHE C 736 50.98 5.31 -24.45
CA PHE C 736 52.16 6.10 -24.06
C PHE C 736 53.41 5.75 -24.86
N TRP C 737 53.67 4.43 -25.03
CA TRP C 737 54.84 3.92 -25.72
C TRP C 737 54.81 4.21 -27.23
N ALA C 738 53.62 4.11 -27.85
CA ALA C 738 53.45 4.39 -29.30
C ALA C 738 53.74 5.84 -29.65
N VAL C 739 53.19 6.78 -28.87
CA VAL C 739 53.41 8.23 -29.05
C VAL C 739 54.85 8.59 -28.72
N LEU C 740 55.44 7.93 -27.69
CA LEU C 740 56.84 8.12 -27.29
C LEU C 740 57.81 7.61 -28.37
N PHE C 741 57.51 6.46 -28.99
CA PHE C 741 58.28 5.88 -30.08
C PHE C 741 58.20 6.74 -31.34
N ALA C 742 56.99 7.23 -31.65
CA ALA C 742 56.75 8.15 -32.76
C ALA C 742 57.46 9.49 -32.56
N PHE C 743 57.53 9.95 -31.30
CA PHE C 743 58.32 11.13 -30.94
C PHE C 743 59.80 10.88 -31.18
N PHE C 744 60.28 9.66 -30.88
CA PHE C 744 61.70 9.37 -31.04
C PHE C 744 62.04 9.07 -32.49
N PHE C 745 61.08 8.50 -33.23
CA PHE C 745 61.27 8.14 -34.64
C PHE C 745 60.18 8.84 -35.45
N PRO C 746 60.37 10.13 -35.81
CA PRO C 746 59.32 10.85 -36.55
C PRO C 746 59.11 10.38 -37.97
N PHE C 747 60.17 10.11 -38.72
CA PHE C 747 60.04 9.72 -40.11
C PHE C 747 59.85 8.22 -40.31
N PHE C 748 59.84 7.43 -39.23
CA PHE C 748 59.72 5.99 -39.33
C PHE C 748 58.48 5.40 -38.65
N VAL C 749 57.71 6.17 -37.86
CA VAL C 749 56.58 5.58 -37.16
C VAL C 749 55.28 6.29 -37.50
N LEU C 750 55.37 7.58 -37.85
CA LEU C 750 54.22 8.40 -38.23
C LEU C 750 53.50 7.96 -39.54
N PRO C 751 54.13 7.56 -40.67
CA PRO C 751 53.35 7.13 -41.83
C PRO C 751 52.52 5.88 -41.51
N PHE C 752 53.09 4.93 -40.76
CA PHE C 752 52.40 3.67 -40.53
C PHE C 752 51.41 3.71 -39.37
N ILE C 753 50.84 4.87 -39.08
CA ILE C 753 49.86 5.06 -38.01
C ILE C 753 48.68 5.79 -38.65
N ASN C 754 47.47 5.25 -38.49
CA ASN C 754 46.29 5.86 -39.07
C ASN C 754 45.44 6.56 -38.02
N PHE C 755 45.11 7.82 -38.30
CA PHE C 755 44.37 8.72 -37.44
C PHE C 755 43.82 9.89 -38.24
N SER C 756 42.82 10.57 -37.65
CA SER C 756 42.06 11.74 -38.15
C SER C 756 41.43 11.59 -39.54
N GLY C 787 54.68 13.93 -51.40
CA GLY C 787 53.51 14.40 -50.69
C GLY C 787 53.82 15.36 -49.56
N ALA C 788 54.21 16.59 -49.89
CA ALA C 788 54.39 17.61 -48.85
C ALA C 788 52.97 17.95 -48.40
N HIS C 789 52.00 17.58 -49.24
CA HIS C 789 50.58 17.84 -48.92
C HIS C 789 50.14 17.04 -47.69
N ARG C 790 50.60 15.79 -47.58
CA ARG C 790 50.12 14.91 -46.47
C ARG C 790 51.16 14.80 -45.36
N LEU C 791 52.45 14.73 -45.71
CA LEU C 791 53.46 14.48 -44.66
C LEU C 791 53.50 15.67 -43.71
N ARG C 792 53.43 16.90 -44.28
CA ARG C 792 53.41 18.16 -43.54
C ARG C 792 52.14 18.25 -42.68
N ARG C 793 50.98 17.79 -43.24
CA ARG C 793 49.71 17.73 -42.51
C ARG C 793 49.79 16.77 -41.32
N LYS C 794 50.42 15.59 -41.52
CA LYS C 794 50.62 14.57 -40.46
C LYS C 794 51.52 15.10 -39.35
N PHE C 795 52.57 15.84 -39.70
CA PHE C 795 53.43 16.43 -38.65
C PHE C 795 52.63 17.48 -37.90
N ALA C 796 52.00 18.41 -38.63
CA ALA C 796 51.29 19.50 -37.96
C ALA C 796 50.16 19.00 -37.07
N LYS C 797 49.59 17.83 -37.38
CA LYS C 797 48.50 17.30 -36.56
C LYS C 797 49.06 16.58 -35.36
N PHE C 798 50.11 15.76 -35.56
CA PHE C 798 50.71 14.99 -34.46
C PHE C 798 51.39 15.94 -33.46
N TYR C 799 52.12 16.94 -33.95
CA TYR C 799 52.86 17.82 -33.07
C TYR C 799 52.06 19.02 -32.58
N SER C 800 50.80 19.20 -33.02
CA SER C 800 49.97 20.23 -32.41
C SER C 800 49.14 19.73 -31.22
N ALA C 801 49.11 18.42 -31.00
CA ALA C 801 48.37 17.78 -29.91
C ALA C 801 48.95 18.12 -28.53
N PRO C 802 48.09 18.43 -27.53
CA PRO C 802 48.56 18.68 -26.13
C PRO C 802 49.28 17.51 -25.46
N TYR C 803 48.92 16.27 -25.82
CA TYR C 803 49.52 15.04 -25.31
C TYR C 803 50.99 14.93 -25.68
N THR C 804 51.31 15.28 -26.94
CA THR C 804 52.68 15.27 -27.46
C THR C 804 53.54 16.32 -26.75
N ARG C 805 52.96 17.51 -26.49
CA ARG C 805 53.62 18.58 -25.74
C ARG C 805 53.87 18.21 -24.28
N PHE C 806 52.91 17.49 -23.64
CA PHE C 806 53.06 16.97 -22.29
C PHE C 806 54.20 15.94 -22.21
N ILE C 807 54.27 15.05 -23.22
CA ILE C 807 55.29 14.02 -23.31
C ILE C 807 56.67 14.63 -23.54
N SER C 808 56.74 15.70 -24.38
CA SER C 808 57.98 16.46 -24.65
C SER C 808 58.49 17.18 -23.40
N ASP C 809 57.58 17.79 -22.63
CA ASP C 809 57.91 18.42 -21.34
C ASP C 809 58.39 17.42 -20.30
N LEU C 810 57.76 16.24 -20.24
CA LEU C 810 58.17 15.17 -19.30
C LEU C 810 59.60 14.75 -19.66
N LEU C 811 59.83 14.37 -20.90
CA LEU C 811 61.15 13.92 -21.33
C LEU C 811 62.22 14.97 -21.09
N SER C 812 61.88 16.25 -21.36
CA SER C 812 62.76 17.40 -21.14
C SER C 812 63.12 17.58 -19.67
N HIS C 813 62.11 17.46 -18.78
CA HIS C 813 62.33 17.58 -17.35
C HIS C 813 63.12 16.39 -16.81
N PHE C 814 62.90 15.18 -17.38
CA PHE C 814 63.66 13.98 -17.01
C PHE C 814 65.13 14.11 -17.39
N VAL C 815 65.41 14.68 -18.55
CA VAL C 815 66.83 14.90 -18.96
C VAL C 815 67.40 15.96 -18.04
N LEU C 816 66.66 17.02 -17.79
CA LEU C 816 67.11 18.08 -16.87
C LEU C 816 67.51 17.53 -15.50
N CYS C 817 66.69 16.62 -14.94
CA CYS C 817 66.95 15.93 -13.67
C CYS C 817 68.22 15.07 -13.73
N VAL C 818 68.37 14.26 -14.80
CA VAL C 818 69.52 13.36 -14.99
C VAL C 818 70.84 14.15 -15.19
N VAL C 819 70.80 15.18 -16.06
CA VAL C 819 71.97 16.03 -16.40
C VAL C 819 72.40 16.88 -15.20
N THR C 820 71.42 17.48 -14.48
CA THR C 820 71.69 18.28 -13.29
C THR C 820 72.19 17.41 -12.12
N SER C 821 71.66 16.18 -12.00
CA SER C 821 72.10 15.17 -11.03
C SER C 821 73.54 14.74 -11.27
N TYR C 822 73.89 14.53 -12.55
CA TYR C 822 75.26 14.23 -12.99
C TYR C 822 76.20 15.39 -12.67
N PHE C 823 75.74 16.63 -12.92
CA PHE C 823 76.50 17.87 -12.69
C PHE C 823 76.83 18.05 -11.20
N VAL C 824 75.85 17.77 -10.33
CA VAL C 824 76.06 17.90 -8.88
C VAL C 824 76.97 16.78 -8.36
N LEU C 825 76.84 15.55 -8.90
CA LEU C 825 77.70 14.42 -8.46
C LEU C 825 79.16 14.54 -8.92
N ASP C 826 79.39 14.92 -10.18
CA ASP C 826 80.73 15.11 -10.73
C ASP C 826 81.35 16.38 -10.15
N LYS C 827 82.69 16.38 -10.04
CA LYS C 827 83.45 17.48 -9.45
C LYS C 827 83.39 18.74 -10.30
N LEU C 828 83.41 19.88 -9.61
CA LEU C 828 83.44 21.16 -10.28
C LEU C 828 84.85 21.45 -10.77
N GLU C 829 84.93 22.11 -11.91
CA GLU C 829 86.21 22.51 -12.47
C GLU C 829 86.58 23.88 -11.94
N ASP C 830 87.82 24.31 -12.22
CA ASP C 830 88.33 25.61 -11.80
C ASP C 830 87.75 26.80 -12.57
N THR C 831 87.01 26.56 -13.67
CA THR C 831 86.29 27.56 -14.44
C THR C 831 84.87 27.03 -14.62
N ILE C 832 84.02 27.85 -15.23
CA ILE C 832 82.64 27.46 -15.52
C ILE C 832 82.63 26.47 -16.67
N SER C 833 82.13 25.26 -16.41
CA SER C 833 82.16 24.18 -17.39
C SER C 833 81.04 24.34 -18.41
N ALA C 834 81.13 23.52 -19.47
CA ALA C 834 80.16 23.51 -20.59
C ALA C 834 78.76 23.09 -20.16
N ILE C 835 78.66 22.07 -19.28
CA ILE C 835 77.40 21.56 -18.73
C ILE C 835 76.70 22.62 -17.86
N GLU C 836 77.50 23.43 -17.14
CA GLU C 836 77.03 24.57 -16.35
C GLU C 836 76.40 25.66 -17.22
N TRP C 837 77.03 25.94 -18.38
CA TRP C 837 76.49 26.89 -19.36
C TRP C 837 75.18 26.41 -19.98
N ILE C 838 75.09 25.10 -20.29
CA ILE C 838 73.88 24.45 -20.84
C ILE C 838 72.72 24.53 -19.85
N LEU C 839 73.01 24.25 -18.56
CA LEU C 839 72.03 24.36 -17.47
C LEU C 839 71.62 25.81 -17.20
N LEU C 840 72.55 26.77 -17.36
CA LEU C 840 72.26 28.21 -17.25
C LEU C 840 71.26 28.68 -18.30
N VAL C 841 71.47 28.27 -19.58
CA VAL C 841 70.58 28.57 -20.71
C VAL C 841 69.20 27.92 -20.50
N TRP C 842 69.22 26.71 -19.94
CA TRP C 842 67.99 25.91 -19.68
C TRP C 842 67.15 26.52 -18.58
N PHE C 843 67.78 26.99 -17.51
CA PHE C 843 67.02 27.64 -16.43
C PHE C 843 66.59 29.07 -16.72
N VAL C 844 67.30 29.79 -17.60
CA VAL C 844 66.82 31.14 -18.02
C VAL C 844 65.57 30.88 -18.87
N ALA C 845 65.64 29.90 -19.78
CA ALA C 845 64.49 29.51 -20.60
C ALA C 845 63.29 29.08 -19.76
N LEU C 846 63.53 28.32 -18.67
CA LEU C 846 62.50 27.92 -17.71
C LEU C 846 61.91 29.14 -17.00
N LEU C 847 62.77 30.11 -16.62
CA LEU C 847 62.35 31.36 -15.98
C LEU C 847 61.48 32.21 -16.91
N LEU C 848 61.86 32.29 -18.20
CA LEU C 848 61.07 32.99 -19.23
C LEU C 848 59.73 32.30 -19.47
N GLU C 849 59.72 30.96 -19.42
CA GLU C 849 58.49 30.16 -19.52
C GLU C 849 57.56 30.44 -18.34
N GLU C 850 58.14 30.57 -17.12
CA GLU C 850 57.39 30.92 -15.91
C GLU C 850 56.79 32.33 -16.01
N LEU C 851 57.55 33.30 -16.56
CA LEU C 851 57.07 34.66 -16.81
C LEU C 851 55.94 34.69 -17.86
N ARG C 852 56.10 33.86 -18.93
CA ARG C 852 55.08 33.72 -19.98
C ARG C 852 53.77 33.14 -19.45
N GLN C 853 53.85 32.21 -18.51
CA GLN C 853 52.61 31.61 -17.94
C GLN C 853 52.03 32.56 -16.89
N MET C 854 52.86 33.33 -16.20
CA MET C 854 52.35 34.38 -15.29
C MET C 854 51.58 35.49 -16.01
N ILE C 855 52.10 35.97 -17.15
CA ILE C 855 51.45 37.06 -17.90
C ILE C 855 50.12 36.61 -18.55
N PHE C 856 50.05 35.40 -19.12
CA PHE C 856 48.87 35.02 -19.91
C PHE C 856 47.82 34.25 -19.12
N CYS C 857 48.00 34.07 -17.81
CA CYS C 857 46.99 33.39 -17.00
C CYS C 857 45.91 34.36 -16.53
N ASP C 858 44.98 33.81 -15.72
CA ASP C 858 43.90 34.58 -15.08
C ASP C 858 44.32 35.14 -13.72
N GLY C 859 45.45 35.84 -13.69
CA GLY C 859 45.98 36.51 -12.51
C GLY C 859 47.10 35.77 -11.79
N ILE C 860 47.82 36.53 -10.95
CA ILE C 860 48.95 36.10 -10.13
C ILE C 860 48.51 35.06 -9.08
N ALA C 861 47.30 35.24 -8.54
CA ALA C 861 46.67 34.35 -7.54
C ALA C 861 46.43 32.93 -8.05
N GLU C 862 45.95 32.79 -9.31
CA GLU C 862 45.73 31.50 -9.95
C GLU C 862 47.05 30.75 -10.15
N TYR C 863 48.12 31.48 -10.54
CA TYR C 863 49.46 30.93 -10.72
C TYR C 863 50.03 30.47 -9.37
N ILE C 864 49.95 31.33 -8.35
CA ILE C 864 50.55 31.03 -7.04
C ILE C 864 49.72 30.00 -6.24
N SER C 865 48.45 29.73 -6.64
CA SER C 865 47.63 28.68 -6.04
C SER C 865 48.21 27.29 -6.29
N ASP C 866 48.73 27.06 -7.51
CA ASP C 866 49.32 25.79 -7.93
C ASP C 866 50.60 25.52 -7.15
N THR C 867 50.75 24.29 -6.65
CA THR C 867 51.93 23.91 -5.88
C THR C 867 53.17 23.73 -6.78
N TRP C 868 52.94 23.31 -8.03
CA TRP C 868 54.00 23.09 -9.02
C TRP C 868 54.69 24.37 -9.51
N ASN C 869 53.93 25.49 -9.61
CA ASN C 869 54.50 26.80 -9.92
C ASN C 869 55.40 27.31 -8.80
N ARG C 870 55.00 27.07 -7.53
CA ARG C 870 55.80 27.39 -6.34
C ARG C 870 57.09 26.59 -6.32
N LEU C 871 57.00 25.29 -6.68
CA LEU C 871 58.15 24.39 -6.83
C LEU C 871 59.10 24.86 -7.92
N ASP C 872 58.54 25.38 -9.04
CA ASP C 872 59.29 25.95 -10.18
C ASP C 872 60.10 27.18 -9.75
N LEU C 873 59.48 28.05 -8.93
CA LEU C 873 60.12 29.25 -8.39
C LEU C 873 61.28 28.88 -7.45
N ILE C 874 61.07 27.85 -6.60
CA ILE C 874 62.10 27.31 -5.71
C ILE C 874 63.29 26.73 -6.50
N MET C 875 63.00 25.98 -7.61
CA MET C 875 64.00 25.42 -8.57
C MET C 875 64.91 26.47 -9.20
N ILE C 876 64.28 27.52 -9.77
CA ILE C 876 64.99 28.62 -10.44
C ILE C 876 65.84 29.42 -9.44
N THR C 877 65.25 29.73 -8.25
CA THR C 877 65.90 30.47 -7.16
C THR C 877 67.14 29.75 -6.58
N LEU C 878 67.00 28.43 -6.30
CA LEU C 878 68.09 27.59 -5.78
C LEU C 878 69.25 27.45 -6.75
N PHE C 879 68.95 27.21 -8.06
CA PHE C 879 69.97 27.07 -9.10
C PHE C 879 70.76 28.37 -9.27
N PHE C 880 70.05 29.54 -9.30
CA PHE C 880 70.75 30.82 -9.52
C PHE C 880 71.61 31.23 -8.32
N VAL C 881 71.15 30.90 -7.12
CA VAL C 881 71.95 31.21 -5.92
C VAL C 881 73.21 30.34 -6.01
N GLY C 882 73.06 29.04 -6.17
CA GLY C 882 74.20 28.13 -6.27
C GLY C 882 75.18 28.48 -7.39
N PHE C 883 74.64 28.84 -8.58
CA PHE C 883 75.45 29.21 -9.76
C PHE C 883 76.25 30.49 -9.51
N PHE C 884 75.61 31.53 -8.92
CA PHE C 884 76.33 32.77 -8.63
C PHE C 884 77.34 32.58 -7.50
N THR C 885 77.02 31.71 -6.53
CA THR C 885 77.95 31.32 -5.47
C THR C 885 79.21 30.67 -6.04
N HIS C 886 79.04 29.78 -7.03
CA HIS C 886 80.18 29.17 -7.71
C HIS C 886 80.90 30.17 -8.63
N ALA C 887 80.15 31.01 -9.35
CA ALA C 887 80.69 31.90 -10.36
C ALA C 887 81.37 33.12 -9.78
N SER C 888 81.10 33.45 -8.51
CA SER C 888 81.76 34.55 -7.80
C SER C 888 83.26 34.31 -7.65
N ASP C 889 83.65 33.07 -7.34
CA ASP C 889 85.05 32.69 -7.22
C ASP C 889 85.20 31.25 -7.70
N PRO C 890 85.33 31.02 -9.04
CA PRO C 890 85.38 29.64 -9.59
C PRO C 890 86.57 28.78 -9.17
N SER C 891 87.70 29.38 -8.82
CA SER C 891 88.87 28.61 -8.40
C SER C 891 88.87 28.34 -6.90
N ASN C 892 87.95 28.92 -6.15
CA ASN C 892 87.89 28.73 -4.71
C ASN C 892 87.22 27.40 -4.42
N GLN C 893 87.91 26.56 -3.63
CA GLN C 893 87.43 25.22 -3.23
C GLN C 893 86.21 25.31 -2.33
N ASP C 894 86.22 26.27 -1.39
CA ASP C 894 85.15 26.53 -0.43
C ASP C 894 83.87 26.96 -1.13
N SER C 895 84.00 27.79 -2.18
CA SER C 895 82.88 28.25 -3.03
C SER C 895 82.20 27.08 -3.75
N LYS C 896 83.01 26.12 -4.25
CA LYS C 896 82.53 24.90 -4.89
C LYS C 896 81.75 24.03 -3.90
N VAL C 897 82.27 23.91 -2.66
CA VAL C 897 81.64 23.12 -1.59
C VAL C 897 80.28 23.73 -1.17
N VAL C 898 80.22 25.07 -1.00
CA VAL C 898 79.00 25.81 -0.65
C VAL C 898 77.97 25.74 -1.80
N SER C 899 78.45 25.85 -3.06
CA SER C 899 77.63 25.74 -4.28
C SER C 899 76.98 24.37 -4.44
N LYS C 900 77.75 23.30 -4.17
CA LYS C 900 77.21 21.93 -4.19
C LYS C 900 76.23 21.71 -3.04
N GLY C 901 76.49 22.37 -1.89
CA GLY C 901 75.56 22.36 -0.75
C GLY C 901 74.20 22.99 -1.06
N ILE C 902 74.21 24.10 -1.80
CA ILE C 902 72.97 24.74 -2.24
C ILE C 902 72.28 23.87 -3.31
N HIS C 903 73.07 23.30 -4.24
CA HIS C 903 72.57 22.46 -5.34
C HIS C 903 72.06 21.08 -4.91
N ALA C 904 72.40 20.64 -3.68
CA ALA C 904 71.81 19.47 -3.04
C ALA C 904 70.31 19.62 -2.83
N PHE C 905 69.88 20.77 -2.30
CA PHE C 905 68.46 21.12 -2.23
C PHE C 905 67.79 21.17 -3.61
N LEU C 906 68.50 21.72 -4.63
CA LEU C 906 68.04 21.84 -6.04
C LEU C 906 67.67 20.50 -6.68
N VAL C 907 68.52 19.46 -6.50
CA VAL C 907 68.27 18.12 -7.10
C VAL C 907 67.03 17.46 -6.45
N VAL C 908 66.86 17.62 -5.12
CA VAL C 908 65.70 17.13 -4.37
C VAL C 908 64.40 17.77 -4.88
N VAL C 909 64.40 19.10 -5.03
CA VAL C 909 63.19 19.81 -5.55
C VAL C 909 62.91 19.37 -7.00
N LEU C 910 63.95 19.20 -7.81
CA LEU C 910 63.81 18.79 -9.22
C LEU C 910 63.15 17.43 -9.34
N TRP C 911 63.56 16.45 -8.54
CA TRP C 911 62.94 15.12 -8.56
C TRP C 911 61.52 15.16 -7.98
N LEU C 912 61.28 16.03 -6.97
CA LEU C 912 59.91 16.28 -6.45
C LEU C 912 59.00 16.89 -7.51
N ARG C 913 59.54 17.88 -8.28
CA ARG C 913 58.82 18.51 -9.39
C ARG C 913 58.50 17.53 -10.52
N PHE C 914 59.34 16.47 -10.72
CA PHE C 914 59.10 15.39 -11.69
C PHE C 914 57.82 14.55 -11.40
N MET C 915 57.28 14.56 -10.16
CA MET C 915 56.03 13.85 -9.83
C MET C 915 54.77 14.46 -10.46
N ARG C 916 54.83 15.70 -10.98
CA ARG C 916 53.73 16.37 -11.71
C ARG C 916 53.24 15.57 -12.93
N TYR C 917 54.14 14.86 -13.60
CA TYR C 917 53.86 14.08 -14.79
C TYR C 917 53.33 12.70 -14.48
N TYR C 918 53.29 12.31 -13.19
CA TYR C 918 52.61 11.10 -12.75
C TYR C 918 51.09 11.23 -12.78
N ALA C 919 50.56 12.47 -12.75
CA ALA C 919 49.13 12.79 -12.70
C ALA C 919 48.32 12.35 -13.93
N LEU C 920 48.98 12.13 -15.08
CA LEU C 920 48.32 11.63 -16.29
C LEU C 920 47.82 10.20 -16.09
N SER C 921 48.61 9.40 -15.38
CA SER C 921 48.34 8.00 -15.11
C SER C 921 47.12 7.84 -14.20
N LYS C 922 46.28 6.84 -14.52
CA LYS C 922 45.10 6.54 -13.71
C LYS C 922 45.42 5.90 -12.36
N ASN C 923 46.65 5.44 -12.16
CA ASN C 923 47.05 4.83 -10.87
C ASN C 923 47.81 5.84 -10.03
N LEU C 924 48.83 6.48 -10.59
CA LEU C 924 49.69 7.35 -9.77
C LEU C 924 49.05 8.70 -9.46
N GLY C 925 48.29 9.30 -10.36
CA GLY C 925 47.76 10.66 -10.08
C GLY C 925 46.82 10.72 -8.89
N PRO C 926 45.84 9.82 -8.78
CA PRO C 926 45.00 9.81 -7.60
C PRO C 926 45.82 9.53 -6.33
N LYS C 927 46.85 8.69 -6.42
CA LYS C 927 47.69 8.36 -5.24
C LYS C 927 48.49 9.59 -4.84
N LEU C 928 48.94 10.37 -5.83
CA LEU C 928 49.63 11.65 -5.54
C LEU C 928 48.65 12.50 -4.73
N ILE C 929 47.43 12.64 -5.24
CA ILE C 929 46.43 13.49 -4.53
C ILE C 929 46.20 12.98 -3.10
N MET C 930 46.13 11.66 -2.90
CA MET C 930 45.97 11.09 -1.55
C MET C 930 47.17 11.42 -0.67
N MET C 931 48.38 11.37 -1.21
CA MET C 931 49.61 11.68 -0.45
C MET C 931 49.50 13.10 0.14
N MET C 932 49.12 14.08 -0.68
CA MET C 932 48.97 15.49 -0.20
C MET C 932 47.91 15.54 0.91
N GLU C 933 46.84 14.74 0.80
CA GLU C 933 45.82 14.70 1.84
C GLU C 933 46.36 14.08 3.13
N MET C 934 47.15 12.98 3.04
CA MET C 934 47.77 12.30 4.20
C MET C 934 48.87 13.14 4.90
N MET C 935 49.39 14.20 4.23
CA MET C 935 50.36 15.15 4.82
C MET C 935 49.85 15.84 6.11
N LYS C 936 48.53 16.07 6.21
CA LYS C 936 47.90 16.64 7.41
C LYS C 936 47.97 15.67 8.58
N ASP C 937 47.72 14.37 8.32
CA ASP C 937 47.88 13.30 9.31
C ASP C 937 49.33 13.14 9.75
N VAL C 938 50.27 13.31 8.79
CA VAL C 938 51.72 13.29 9.06
C VAL C 938 52.11 14.45 9.99
N SER C 939 51.52 15.65 9.73
CA SER C 939 51.72 16.86 10.54
C SER C 939 51.15 16.71 11.95
N THR C 940 49.97 16.06 12.07
CA THR C 940 49.32 15.72 13.34
C THR C 940 50.20 14.79 14.18
N PHE C 941 50.79 13.77 13.50
CA PHE C 941 51.75 12.81 14.10
C PHE C 941 53.01 13.52 14.58
N VAL C 942 53.51 14.50 13.80
CA VAL C 942 54.70 15.30 14.12
C VAL C 942 54.45 16.15 15.37
N PHE C 943 53.25 16.79 15.46
CA PHE C 943 52.85 17.59 16.63
C PHE C 943 52.71 16.75 17.90
N LEU C 944 52.10 15.54 17.78
CA LEU C 944 52.03 14.62 18.91
C LEU C 944 53.39 14.05 19.29
N LEU C 945 54.24 13.79 18.30
CA LEU C 945 55.55 13.16 18.49
C LEU C 945 56.56 14.11 19.10
N LEU C 946 56.38 15.42 18.82
CA LEU C 946 57.25 16.52 19.27
C LEU C 946 57.31 16.63 20.78
N ILE C 947 56.16 16.37 21.45
CA ILE C 947 55.99 16.36 22.91
C ILE C 947 56.90 15.32 23.57
N PHE C 948 56.81 14.09 23.07
CA PHE C 948 57.60 12.99 23.64
C PHE C 948 59.07 13.18 23.26
N LEU C 949 59.38 13.58 22.04
CA LEU C 949 60.75 13.75 21.55
C LEU C 949 61.54 14.80 22.34
N ILE C 950 60.94 16.00 22.54
CA ILE C 950 61.57 17.10 23.29
C ILE C 950 61.69 16.74 24.78
N GLY C 951 60.62 16.16 25.39
CA GLY C 951 60.61 15.76 26.80
C GLY C 951 61.65 14.70 27.14
N TYR C 952 61.66 13.58 26.37
CA TYR C 952 62.63 12.50 26.51
C TYR C 952 64.05 12.97 26.18
N GLY C 953 64.19 13.82 25.14
CA GLY C 953 65.51 14.33 24.72
C GLY C 953 66.20 15.21 25.72
N VAL C 954 65.46 16.16 26.34
CA VAL C 954 65.97 17.03 27.40
C VAL C 954 66.33 16.21 28.64
N ALA C 955 65.42 15.27 29.03
CA ALA C 955 65.60 14.39 30.20
C ALA C 955 66.79 13.43 30.03
N ALA C 956 66.89 12.79 28.85
CA ALA C 956 67.93 11.82 28.53
C ALA C 956 69.30 12.47 28.37
N GLN C 957 69.35 13.64 27.70
CA GLN C 957 70.59 14.40 27.50
C GLN C 957 71.13 14.93 28.84
N SER C 958 70.23 15.37 29.73
CA SER C 958 70.62 15.80 31.08
C SER C 958 71.15 14.64 31.92
N LEU C 959 70.50 13.46 31.82
CA LEU C 959 70.95 12.28 32.58
C LEU C 959 72.28 11.73 32.07
N LEU C 960 72.52 11.76 30.74
CA LEU C 960 73.75 11.19 30.18
C LEU C 960 74.96 12.07 30.45
N SER C 961 74.82 13.39 30.34
CA SER C 961 75.96 14.27 30.56
C SER C 961 75.64 15.38 31.56
N PRO C 962 75.70 15.11 32.89
CA PRO C 962 75.38 16.15 33.85
C PRO C 962 76.64 16.96 34.11
N ASP C 963 76.44 18.07 34.84
CA ASP C 963 77.43 19.09 35.24
C ASP C 963 78.21 19.65 34.03
N GLU C 964 77.47 19.98 32.96
CA GLU C 964 78.05 20.44 31.71
C GLU C 964 77.37 21.74 31.30
N ASP C 965 78.15 22.71 30.81
CA ASP C 965 77.62 23.94 30.24
C ASP C 965 76.82 23.70 28.97
N PHE C 966 75.74 24.48 28.83
CA PHE C 966 74.86 24.43 27.67
C PHE C 966 75.62 24.95 26.45
N SER C 967 75.47 24.25 25.33
CA SER C 967 76.11 24.62 24.08
C SER C 967 75.22 24.13 22.96
N SER C 968 75.69 24.32 21.72
CA SER C 968 75.00 23.82 20.53
C SER C 968 74.96 22.30 20.47
N ARG C 969 76.01 21.63 21.00
CA ARG C 969 76.13 20.17 21.08
C ARG C 969 75.06 19.54 21.98
N THR C 970 74.66 20.27 23.04
CA THR C 970 73.56 19.88 23.93
C THR C 970 72.23 19.83 23.17
N PHE C 971 71.98 20.83 22.33
CA PHE C 971 70.78 20.92 21.49
C PHE C 971 70.74 19.81 20.43
N ILE C 972 71.90 19.54 19.79
CA ILE C 972 72.07 18.45 18.82
C ILE C 972 71.88 17.09 19.50
N GLY C 973 72.36 16.95 20.75
CA GLY C 973 72.14 15.75 21.55
C GLY C 973 70.69 15.53 21.94
N VAL C 974 69.96 16.63 22.20
CA VAL C 974 68.51 16.59 22.45
C VAL C 974 67.76 16.12 21.20
N LEU C 975 68.20 16.58 20.01
CA LEU C 975 67.43 16.29 18.81
C LEU C 975 67.83 15.02 18.06
N PHE C 976 69.10 14.59 18.12
CA PHE C 976 69.65 13.61 17.17
C PHE C 976 69.17 12.20 17.44
N ARG C 977 69.56 11.60 18.56
CA ARG C 977 69.19 10.19 18.82
C ARG C 977 67.68 10.05 19.03
N PRO C 978 66.97 10.85 19.86
CA PRO C 978 65.54 10.66 20.04
C PRO C 978 64.70 10.49 18.76
N TYR C 979 64.93 11.29 17.74
CA TYR C 979 64.24 11.25 16.45
C TYR C 979 64.58 9.95 15.71
N PHE C 980 65.87 9.56 15.66
CA PHE C 980 66.21 8.37 14.91
C PHE C 980 65.92 7.06 15.67
N GLN C 981 65.61 7.12 16.97
CA GLN C 981 65.24 5.90 17.71
C GLN C 981 63.83 5.42 17.43
N ILE C 982 62.94 6.27 16.89
CA ILE C 982 61.60 5.80 16.54
C ILE C 982 61.54 4.99 15.24
N TYR C 983 62.62 4.93 14.47
CA TYR C 983 62.69 4.15 13.25
C TYR C 983 63.38 2.82 13.48
N GLY C 984 63.56 2.44 14.74
CA GLY C 984 64.13 1.16 15.10
C GLY C 984 65.62 1.13 15.29
N GLU C 985 66.34 2.18 14.91
CA GLU C 985 67.77 2.22 15.13
C GLU C 985 68.08 2.68 16.56
N LEU C 986 68.40 1.73 17.41
CA LEU C 986 68.59 2.03 18.82
C LEU C 986 70.08 2.30 18.96
N PHE C 987 70.41 3.39 19.64
CA PHE C 987 71.78 3.81 19.94
C PHE C 987 72.29 3.29 21.29
N LEU C 988 71.81 2.11 21.72
CA LEU C 988 72.09 1.51 23.05
C LEU C 988 73.56 1.20 23.29
N ASP C 989 74.30 0.73 22.27
CA ASP C 989 75.76 0.59 22.39
C ASP C 989 76.43 1.95 22.57
N ASP C 990 76.00 2.95 21.76
CA ASP C 990 76.50 4.32 21.83
C ASP C 990 76.08 5.00 23.15
N LEU C 991 74.87 4.73 23.63
CA LEU C 991 74.36 5.35 24.89
C LEU C 991 75.07 4.67 26.05
N ASN C 992 75.35 3.40 25.93
CA ASN C 992 76.11 2.65 26.93
C ASN C 992 77.53 3.17 27.04
N SER C 993 78.16 3.49 25.88
CA SER C 993 79.49 4.09 25.85
C SER C 993 79.52 5.48 26.47
N GLU C 994 78.50 6.32 26.16
CA GLU C 994 78.41 7.67 26.74
C GLU C 994 78.11 7.66 28.24
N ALA C 995 77.38 6.65 28.73
CA ALA C 995 77.05 6.55 30.15
C ALA C 995 78.20 6.18 31.09
N ASN C 996 79.38 5.75 30.56
CA ASN C 996 80.60 5.31 31.26
C ASN C 996 80.34 4.14 32.20
N CYS C 997 79.52 3.18 31.75
CA CYS C 997 79.23 1.97 32.48
C CYS C 997 80.12 0.84 31.96
N LEU C 998 80.92 0.24 32.85
CA LEU C 998 81.95 -0.71 32.48
C LEU C 998 81.58 -2.18 32.67
N GLY C 999 80.36 -2.47 33.14
CA GLY C 999 79.95 -3.84 33.38
C GLY C 999 79.64 -4.62 32.10
N ASP C 1000 79.71 -5.95 32.22
CA ASP C 1000 79.32 -6.87 31.14
C ASP C 1000 77.84 -6.71 30.81
N THR C 1001 77.01 -6.62 31.85
CA THR C 1001 75.62 -6.24 31.69
C THR C 1001 75.71 -4.74 31.38
N PRO C 1002 75.01 -4.21 30.31
CA PRO C 1002 75.19 -2.80 29.89
C PRO C 1002 74.95 -1.60 30.82
N PHE C 1003 73.78 -1.34 31.37
CA PHE C 1003 73.58 -0.18 32.26
C PHE C 1003 73.75 -0.53 33.74
N THR C 1004 74.81 -1.29 34.05
CA THR C 1004 75.23 -1.62 35.41
C THR C 1004 76.70 -1.28 35.55
N GLU C 1005 77.09 -1.08 36.83
CA GLU C 1005 78.42 -0.67 37.34
C GLU C 1005 78.88 0.66 36.75
N CYS C 1006 78.01 1.65 36.87
CA CYS C 1006 78.22 3.01 36.40
C CYS C 1006 78.72 3.90 37.54
N SER C 1007 79.36 5.01 37.14
CA SER C 1007 79.88 6.00 38.09
C SER C 1007 78.77 6.69 38.87
N ARG C 1008 77.67 7.03 38.19
CA ARG C 1008 76.51 7.67 38.80
C ARG C 1008 75.31 6.75 38.68
N GLU C 1009 74.50 6.68 39.73
CA GLU C 1009 73.33 5.81 39.72
C GLU C 1009 72.16 6.39 38.92
N THR C 1010 72.15 7.70 38.67
CA THR C 1010 71.07 8.36 37.93
C THR C 1010 71.03 7.99 36.45
N VAL C 1011 72.20 7.75 35.82
CA VAL C 1011 72.29 7.44 34.39
C VAL C 1011 71.71 6.06 34.02
N ARG C 1012 71.56 5.14 35.02
CA ARG C 1012 70.92 3.82 34.87
C ARG C 1012 69.41 3.90 34.55
N MET C 1013 68.75 5.05 34.76
CA MET C 1013 67.38 5.34 34.36
C MET C 1013 67.26 5.66 32.87
N VAL C 1014 68.36 5.83 32.14
CA VAL C 1014 68.26 6.09 30.67
C VAL C 1014 67.51 4.97 29.96
N PRO C 1015 67.85 3.66 30.07
CA PRO C 1015 67.09 2.63 29.34
C PRO C 1015 65.60 2.56 29.66
N PHE C 1016 65.17 2.99 30.84
CA PHE C 1016 63.79 3.06 31.36
C PHE C 1016 62.95 4.15 30.71
N PHE C 1017 63.48 5.41 30.70
CA PHE C 1017 62.94 6.58 29.97
C PHE C 1017 62.72 6.25 28.52
N LEU C 1018 63.76 5.63 27.90
CA LEU C 1018 63.77 5.13 26.52
C LEU C 1018 62.68 4.09 26.34
N ALA C 1019 62.54 3.19 27.34
CA ALA C 1019 61.53 2.13 27.42
C ALA C 1019 60.11 2.70 27.40
N VAL C 1020 59.92 3.84 28.07
CA VAL C 1020 58.61 4.50 28.01
C VAL C 1020 58.42 5.14 26.64
N TYR C 1021 59.48 5.82 26.15
CA TYR C 1021 59.50 6.71 24.97
C TYR C 1021 59.14 5.99 23.67
N ILE C 1022 59.83 4.87 23.36
CA ILE C 1022 59.55 4.10 22.15
C ILE C 1022 58.20 3.36 22.24
N LEU C 1023 57.72 3.11 23.49
CA LEU C 1023 56.36 2.63 23.78
C LEU C 1023 55.37 3.71 23.42
N GLY C 1024 55.75 4.95 23.74
CA GLY C 1024 54.93 6.08 23.33
C GLY C 1024 55.01 6.28 21.83
N SER C 1025 56.20 6.14 21.23
CA SER C 1025 56.30 6.52 19.81
C SER C 1025 55.97 5.42 18.82
N ASN C 1026 56.52 4.22 18.98
CA ASN C 1026 56.36 3.15 18.01
C ASN C 1026 55.10 2.34 18.25
N VAL C 1027 54.88 1.94 19.52
CA VAL C 1027 53.72 1.13 19.88
C VAL C 1027 52.44 1.95 19.79
N LEU C 1028 52.47 3.19 20.29
CA LEU C 1028 51.23 3.96 20.38
C LEU C 1028 51.02 4.89 19.18
N LEU C 1029 51.97 5.78 18.89
CA LEU C 1029 51.75 6.85 17.90
C LEU C 1029 51.78 6.37 16.44
N VAL C 1030 52.71 5.46 16.11
CA VAL C 1030 52.87 4.91 14.74
C VAL C 1030 51.65 4.09 14.33
N ASN C 1031 51.13 3.27 15.25
CA ASN C 1031 49.94 2.43 15.02
C ASN C 1031 48.67 3.28 14.90
N LEU C 1032 48.61 4.37 15.70
CA LEU C 1032 47.55 5.39 15.61
C LEU C 1032 47.57 6.09 14.27
N LEU C 1033 48.78 6.38 13.75
CA LEU C 1033 48.99 6.98 12.43
C LEU C 1033 48.50 6.06 11.31
N ILE C 1034 48.73 4.72 11.46
CA ILE C 1034 48.23 3.69 10.54
C ILE C 1034 46.70 3.69 10.50
N ALA C 1035 46.07 3.81 11.69
CA ALA C 1035 44.61 3.91 11.82
C ALA C 1035 44.03 5.18 11.17
N MET C 1036 44.70 6.33 11.38
CA MET C 1036 44.33 7.61 10.76
C MET C 1036 44.47 7.58 9.24
N PHE C 1037 45.53 6.94 8.74
CA PHE C 1037 45.78 6.76 7.31
C PHE C 1037 44.71 5.90 6.64
N ASN C 1038 44.31 4.78 7.29
CA ASN C 1038 43.28 3.88 6.77
C ASN C 1038 41.90 4.53 6.71
N ASP C 1039 41.55 5.27 7.79
CA ASP C 1039 40.29 6.01 7.89
C ASP C 1039 40.22 7.15 6.88
N THR C 1040 41.33 7.91 6.77
CA THR C 1040 41.48 9.04 5.87
C THR C 1040 41.37 8.61 4.41
N TYR C 1041 42.01 7.46 4.07
CA TYR C 1041 42.02 6.82 2.73
C TYR C 1041 40.60 6.46 2.29
N MET C 1042 39.86 5.73 3.18
CA MET C 1042 38.46 5.36 2.95
C MET C 1042 37.54 6.59 2.81
N LYS C 1043 37.86 7.67 3.53
CA LYS C 1043 37.02 8.88 3.48
C LYS C 1043 37.22 9.65 2.17
N VAL C 1044 38.46 9.78 1.67
CA VAL C 1044 38.73 10.79 0.63
C VAL C 1044 39.17 10.17 -0.70
N GLN C 1045 39.02 8.83 -0.89
CA GLN C 1045 39.35 8.14 -2.15
C GLN C 1045 38.50 8.61 -3.36
N GLU C 1046 37.18 8.77 -3.17
CA GLU C 1046 36.27 9.22 -4.23
C GLU C 1046 36.51 10.69 -4.58
N ALA C 1047 36.78 11.51 -3.55
CA ALA C 1047 37.14 12.92 -3.68
C ALA C 1047 38.47 13.09 -4.41
N ALA C 1048 39.43 12.18 -4.15
CA ALA C 1048 40.71 12.15 -4.87
C ALA C 1048 40.53 11.83 -6.35
N GLU C 1049 39.62 10.89 -6.68
CA GLU C 1049 39.28 10.57 -8.07
C GLU C 1049 38.64 11.77 -8.79
N ASP C 1050 37.72 12.47 -8.09
CA ASP C 1050 37.06 13.69 -8.59
C ASP C 1050 38.06 14.82 -8.81
N LEU C 1051 38.99 14.99 -7.85
CA LEU C 1051 40.05 15.99 -7.91
C LEU C 1051 41.03 15.69 -9.04
N TRP C 1052 41.30 14.40 -9.29
CA TRP C 1052 42.13 13.95 -10.41
C TRP C 1052 41.47 14.26 -11.75
N ARG C 1053 40.15 14.08 -11.82
CA ARG C 1053 39.38 14.43 -13.02
C ARG C 1053 39.35 15.94 -13.27
N LYS C 1054 39.36 16.76 -12.20
CA LYS C 1054 39.48 18.22 -12.40
C LYS C 1054 40.90 18.61 -12.84
N GLN C 1055 41.95 18.01 -12.22
CA GLN C 1055 43.35 18.23 -12.60
C GLN C 1055 43.73 17.72 -13.99
N ASN C 1056 42.96 16.74 -14.51
CA ASN C 1056 43.06 16.27 -15.89
C ASN C 1056 42.77 17.40 -16.87
N TYR C 1057 41.66 18.13 -16.60
CA TYR C 1057 41.29 19.33 -17.35
C TYR C 1057 42.33 20.44 -17.21
N GLU C 1058 42.85 20.64 -15.97
CA GLU C 1058 43.86 21.69 -15.66
C GLU C 1058 45.15 21.48 -16.45
N LEU C 1059 45.61 20.21 -16.50
CA LEU C 1059 46.78 19.85 -17.27
C LEU C 1059 46.53 19.98 -18.77
N CYS C 1060 45.32 19.57 -19.24
CA CYS C 1060 44.91 19.70 -20.64
C CYS C 1060 44.82 21.15 -21.12
N ALA C 1061 44.22 22.03 -20.30
CA ALA C 1061 44.11 23.47 -20.56
C ALA C 1061 45.47 24.17 -20.56
N GLU C 1062 46.35 23.81 -19.61
CA GLU C 1062 47.69 24.39 -19.53
C GLU C 1062 48.54 24.00 -20.75
N TYR C 1063 48.49 22.72 -21.15
CA TYR C 1063 49.33 22.27 -22.27
C TYR C 1063 48.69 22.52 -23.64
N LYS C 1064 47.43 22.97 -23.73
CA LYS C 1064 46.95 23.53 -24.99
C LYS C 1064 47.68 24.81 -25.39
N ASP C 1065 47.92 25.73 -24.44
CA ASP C 1065 48.49 27.03 -24.76
C ASP C 1065 50.02 27.08 -24.74
N ARG C 1066 50.66 26.06 -24.19
CA ARG C 1066 52.12 26.01 -24.07
C ARG C 1066 52.73 25.72 -25.45
N PRO C 1067 53.86 26.39 -25.82
CA PRO C 1067 54.59 26.04 -27.06
C PRO C 1067 55.13 24.61 -27.03
N PHE C 1068 55.20 24.02 -28.23
CA PHE C 1068 55.59 22.61 -28.42
C PHE C 1068 57.03 22.31 -28.02
N LEU C 1069 57.98 23.22 -28.34
CA LEU C 1069 59.42 23.01 -28.20
C LEU C 1069 59.85 22.81 -26.73
N PRO C 1070 60.67 21.78 -26.43
CA PRO C 1070 61.13 21.53 -25.05
C PRO C 1070 62.04 22.62 -24.50
N ALA C 1071 62.37 22.48 -23.20
CA ALA C 1071 63.03 23.50 -22.37
C ALA C 1071 64.40 24.04 -22.84
N PRO C 1072 65.42 23.24 -23.28
CA PRO C 1072 66.64 23.90 -23.83
C PRO C 1072 66.38 24.71 -25.10
N PHE C 1073 65.43 24.27 -25.93
CA PHE C 1073 65.05 24.88 -27.19
C PHE C 1073 63.79 25.75 -27.15
N ILE C 1074 63.14 25.92 -25.99
CA ILE C 1074 61.93 26.78 -25.86
C ILE C 1074 62.23 28.31 -26.00
N LEU C 1075 63.52 28.72 -25.95
CA LEU C 1075 63.98 30.09 -26.18
C LEU C 1075 63.67 30.56 -27.59
N LEU C 1076 63.79 29.66 -28.58
CA LEU C 1076 63.43 29.92 -29.98
C LEU C 1076 61.94 30.22 -30.13
N ALA C 1077 61.10 29.45 -29.42
CA ALA C 1077 59.66 29.66 -29.37
C ALA C 1077 59.30 30.99 -28.69
N HIS C 1078 60.04 31.32 -27.62
CA HIS C 1078 59.86 32.58 -26.87
C HIS C 1078 60.20 33.81 -27.71
N VAL C 1079 61.34 33.77 -28.42
CA VAL C 1079 61.74 34.88 -29.30
C VAL C 1079 60.84 34.95 -30.53
N HIS C 1080 60.31 33.79 -31.00
CA HIS C 1080 59.35 33.77 -32.11
C HIS C 1080 58.03 34.44 -31.72
N MET C 1081 57.51 34.16 -30.51
CA MET C 1081 56.30 34.82 -29.99
C MET C 1081 56.51 36.30 -29.72
N LEU C 1082 57.70 36.66 -29.19
CA LEU C 1082 58.10 38.05 -28.97
C LEU C 1082 58.20 38.80 -30.29
N PHE C 1083 58.73 38.12 -31.33
CA PHE C 1083 58.81 38.66 -32.69
C PHE C 1083 57.42 38.91 -33.28
N MET C 1084 56.48 37.95 -33.07
CA MET C 1084 55.07 38.12 -33.50
C MET C 1084 54.38 39.26 -32.78
N ARG C 1085 54.63 39.39 -31.47
CA ARG C 1085 54.09 40.49 -30.64
C ARG C 1085 54.63 41.84 -31.10
N LEU C 1086 55.94 41.90 -31.44
CA LEU C 1086 56.56 43.10 -31.98
C LEU C 1086 56.00 43.47 -33.36
N LEU C 1087 55.77 42.47 -34.22
CA LEU C 1087 55.17 42.72 -35.53
C LEU C 1087 53.70 43.13 -35.44
N ARG C 1088 52.98 42.70 -34.39
CA ARG C 1088 51.57 43.08 -34.24
C ARG C 1088 51.38 44.42 -33.55
N LEU C 1089 52.19 44.74 -32.54
CA LEU C 1089 51.98 45.98 -31.78
C LEU C 1089 52.52 47.22 -32.50
N CYS C 1090 53.77 47.22 -32.95
CA CYS C 1090 54.32 48.40 -33.58
C CYS C 1090 54.11 48.43 -35.10
N GLY C 1091 54.57 47.41 -35.81
CA GLY C 1091 54.42 47.34 -37.26
C GLY C 1091 53.00 47.19 -37.78
N VAL C 1092 52.19 46.35 -37.10
CA VAL C 1092 50.80 45.94 -37.34
C VAL C 1092 50.67 45.38 -38.76
N HIS C 1093 51.63 44.54 -39.15
CA HIS C 1093 51.69 43.90 -40.46
C HIS C 1093 51.20 42.46 -40.42
N THR C 1094 50.74 41.97 -39.27
CA THR C 1094 50.26 40.61 -39.16
C THR C 1094 48.74 40.56 -39.04
N GLN C 1095 48.12 39.78 -39.92
CA GLN C 1095 46.67 39.63 -39.91
C GLN C 1095 46.31 38.34 -39.19
N GLU C 1096 45.23 38.37 -38.41
CA GLU C 1096 44.79 37.21 -37.66
C GLU C 1096 43.49 36.70 -38.22
N HIS C 1097 43.38 35.38 -38.31
CA HIS C 1097 42.20 34.72 -38.84
C HIS C 1097 41.64 33.73 -37.82
N GLU C 1098 40.31 33.66 -37.76
CA GLU C 1098 39.62 32.77 -36.85
C GLU C 1098 38.35 32.30 -37.52
N LYS C 1099 37.61 31.44 -36.83
CA LYS C 1099 36.37 30.89 -37.36
C LYS C 1099 35.20 31.20 -36.43
N ILE C 1100 34.08 31.61 -37.00
CA ILE C 1100 32.88 31.95 -36.26
C ILE C 1100 31.81 30.94 -36.63
N GLN C 1101 31.16 30.37 -35.60
CA GLN C 1101 30.09 29.39 -35.78
C GLN C 1101 28.86 30.00 -36.44
N ASP C 1102 28.24 29.25 -37.35
CA ASP C 1102 27.01 29.69 -38.02
C ASP C 1102 25.81 29.69 -37.08
N ASP C 1103 24.80 30.52 -37.43
CA ASP C 1103 23.56 30.61 -36.67
C ASP C 1103 22.72 29.33 -36.72
N GLU C 1104 22.82 28.59 -37.84
CA GLU C 1104 22.11 27.32 -38.05
C GLU C 1104 22.54 26.23 -37.08
N THR C 1105 23.86 26.03 -36.94
CA THR C 1105 24.41 25.04 -36.03
C THR C 1105 24.19 25.44 -34.56
N LYS C 1106 24.18 26.77 -34.29
CA LYS C 1106 23.88 27.36 -32.98
C LYS C 1106 22.43 27.09 -32.55
N ARG C 1107 21.48 27.30 -33.48
CA ARG C 1107 20.07 27.04 -33.24
C ARG C 1107 19.79 25.53 -33.13
N LYS C 1108 20.58 24.71 -33.87
CA LYS C 1108 20.56 23.24 -33.76
C LYS C 1108 20.98 22.73 -32.37
N ILE C 1109 22.09 23.29 -31.83
CA ILE C 1109 22.59 23.00 -30.48
C ILE C 1109 21.60 23.45 -29.40
N THR C 1110 20.99 24.65 -29.60
CA THR C 1110 19.97 25.23 -28.72
C THR C 1110 18.70 24.36 -28.65
N THR C 1111 18.23 23.89 -29.82
CA THR C 1111 17.07 23.00 -29.97
C THR C 1111 17.32 21.64 -29.31
N PHE C 1112 18.54 21.09 -29.52
CA PHE C 1112 19.04 19.84 -28.93
C PHE C 1112 19.06 19.90 -27.41
N GLU C 1113 19.58 21.02 -26.86
CA GLU C 1113 19.71 21.25 -25.43
C GLU C 1113 18.35 21.39 -24.75
N GLU C 1114 17.40 22.11 -25.40
CA GLU C 1114 16.03 22.25 -24.88
C GLU C 1114 15.25 20.94 -24.87
N LEU C 1115 15.38 20.16 -25.98
CA LEU C 1115 14.76 18.85 -26.12
C LEU C 1115 15.28 17.87 -25.06
N ASN C 1116 16.60 17.87 -24.83
CA ASN C 1116 17.21 17.03 -23.81
C ASN C 1116 16.90 17.49 -22.38
N THR C 1117 16.69 18.80 -22.17
CA THR C 1117 16.24 19.36 -20.89
C THR C 1117 14.85 18.84 -20.53
N ASP C 1118 13.92 18.88 -21.52
CA ASP C 1118 12.56 18.34 -21.37
C ASP C 1118 12.57 16.82 -21.15
N LYS C 1119 13.43 16.09 -21.89
CA LYS C 1119 13.59 14.64 -21.75
C LYS C 1119 14.12 14.23 -20.37
N PHE C 1120 15.15 14.94 -19.84
CA PHE C 1120 15.69 14.63 -18.51
C PHE C 1120 14.68 14.93 -17.41
N LEU C 1121 13.96 16.08 -17.51
CA LEU C 1121 12.93 16.43 -16.52
C LEU C 1121 11.73 15.49 -16.54
N ARG C 1122 11.28 15.07 -17.74
CA ARG C 1122 10.21 14.08 -17.91
C ARG C 1122 10.65 12.72 -17.34
N ARG C 1123 11.91 12.30 -17.63
CA ARG C 1123 12.49 11.06 -17.14
C ARG C 1123 12.65 11.09 -15.61
N TRP C 1124 13.07 12.26 -15.08
CA TRP C 1124 13.27 12.52 -13.64
C TRP C 1124 11.97 12.44 -12.86
N GLU C 1125 10.89 13.05 -13.41
CA GLU C 1125 9.55 12.96 -12.83
C GLU C 1125 9.03 11.53 -12.84
N ARG C 1126 9.24 10.82 -13.97
CA ARG C 1126 8.82 9.42 -14.14
C ARG C 1126 9.56 8.50 -13.16
N GLU C 1127 10.89 8.72 -12.99
CA GLU C 1127 11.74 7.98 -12.05
C GLU C 1127 11.35 8.26 -10.60
N ARG C 1128 11.00 9.52 -10.29
CA ARG C 1128 10.60 9.87 -8.93
C ARG C 1128 9.23 9.29 -8.60
N GLN C 1129 8.35 9.13 -9.60
CA GLN C 1129 7.06 8.45 -9.37
C GLN C 1129 7.20 6.93 -9.23
N GLU C 1130 8.33 6.33 -9.63
CA GLU C 1130 8.51 4.89 -9.48
C GLU C 1130 9.20 4.54 -8.17
N MET C 1131 9.54 5.54 -7.36
CA MET C 1131 10.11 5.34 -6.03
C MET C 1131 9.03 4.77 -5.11
N LEU C 1132 9.50 4.00 -4.11
CA LEU C 1132 8.64 3.32 -3.14
C LEU C 1132 7.82 4.27 -2.26
N GLU C 1133 8.46 5.35 -1.76
CA GLU C 1133 7.83 6.37 -0.90
C GLU C 1133 6.69 7.13 -1.62
N ALA C 1134 6.96 7.55 -2.87
CA ALA C 1134 6.00 8.27 -3.71
C ALA C 1134 4.81 7.41 -4.07
N ARG C 1135 5.07 6.13 -4.41
CA ARG C 1135 4.00 5.17 -4.76
C ARG C 1135 3.11 4.85 -3.57
N VAL C 1136 3.71 4.70 -2.37
CA VAL C 1136 2.96 4.45 -1.13
C VAL C 1136 2.10 5.66 -0.76
N LYS C 1137 2.68 6.89 -0.88
CA LYS C 1137 1.96 8.16 -0.66
C LYS C 1137 0.80 8.40 -1.63
N MET C 1138 1.05 8.15 -2.93
CA MET C 1138 0.04 8.28 -3.99
C MET C 1138 -1.10 7.27 -3.81
N THR C 1139 -0.73 6.02 -3.42
CA THR C 1139 -1.66 4.92 -3.12
C THR C 1139 -2.56 5.28 -1.93
N ASN C 1140 -1.95 5.91 -0.91
CA ASN C 1140 -2.60 6.38 0.32
C ASN C 1140 -3.64 7.46 0.01
N ASP C 1141 -3.26 8.48 -0.80
CA ASP C 1141 -4.16 9.57 -1.23
C ASP C 1141 -5.33 9.04 -2.07
N ASN C 1142 -5.04 8.05 -2.94
CA ASN C 1142 -6.07 7.40 -3.77
C ASN C 1142 -7.08 6.64 -2.92
N VAL C 1143 -6.61 5.95 -1.86
CA VAL C 1143 -7.48 5.21 -0.94
C VAL C 1143 -8.35 6.17 -0.10
N VAL C 1144 -7.78 7.34 0.29
CA VAL C 1144 -8.52 8.42 0.99
C VAL C 1144 -9.64 9.02 0.12
N GLN C 1145 -9.32 9.33 -1.16
CA GLN C 1145 -10.28 9.81 -2.16
C GLN C 1145 -11.36 8.77 -2.48
N ALA C 1146 -10.97 7.48 -2.46
CA ALA C 1146 -11.88 6.34 -2.62
C ALA C 1146 -12.89 6.25 -1.49
N MET C 1147 -12.43 6.44 -0.22
CA MET C 1147 -13.31 6.50 0.97
C MET C 1147 -14.31 7.67 0.92
N GLY C 1148 -13.85 8.85 0.44
CA GLY C 1148 -14.74 10.00 0.24
C GLY C 1148 -15.87 9.71 -0.75
N MET C 1149 -15.51 9.03 -1.86
CA MET C 1149 -16.48 8.59 -2.86
C MET C 1149 -17.43 7.52 -2.30
N MET C 1150 -16.93 6.69 -1.38
CA MET C 1150 -17.79 5.66 -0.73
C MET C 1150 -18.80 6.37 0.18
N ASP C 1151 -18.37 7.42 0.88
CA ASP C 1151 -19.28 8.23 1.71
C ASP C 1151 -20.44 8.76 0.88
N GLN C 1152 -20.12 9.25 -0.34
CA GLN C 1152 -21.13 9.68 -1.32
C GLN C 1152 -22.06 8.54 -1.75
N LEU C 1153 -21.48 7.34 -1.99
CA LEU C 1153 -22.22 6.11 -2.36
C LEU C 1153 -23.18 5.67 -1.25
N LEU C 1154 -22.72 5.73 0.01
CA LEU C 1154 -23.50 5.34 1.19
C LEU C 1154 -24.66 6.32 1.42
N GLU C 1155 -24.40 7.62 1.13
CA GLU C 1155 -25.42 8.67 1.15
C GLU C 1155 -26.53 8.38 0.13
N HIS C 1156 -26.11 7.88 -1.03
CA HIS C 1156 -27.07 7.58 -2.12
C HIS C 1156 -27.87 6.34 -1.75
N MET C 1157 -27.30 5.39 -1.02
CA MET C 1157 -28.15 4.23 -0.67
C MET C 1157 -29.15 4.62 0.43
N ILE C 1158 -28.73 5.45 1.39
CA ILE C 1158 -29.68 5.92 2.42
C ILE C 1158 -30.83 6.70 1.77
N SER C 1159 -30.49 7.49 0.70
CA SER C 1159 -31.45 8.23 -0.12
C SER C 1159 -32.44 7.32 -0.86
N PHE C 1160 -31.97 6.21 -1.42
CA PHE C 1160 -32.88 5.30 -2.17
C PHE C 1160 -33.75 4.58 -1.16
N ARG C 1161 -33.14 4.12 -0.06
CA ARG C 1161 -33.89 3.39 0.96
C ARG C 1161 -35.06 4.22 1.49
N PHE C 1162 -34.80 5.52 1.78
CA PHE C 1162 -35.84 6.47 2.22
C PHE C 1162 -36.88 6.71 1.12
N SER C 1163 -36.42 6.88 -0.14
CA SER C 1163 -37.29 7.12 -1.30
C SER C 1163 -38.20 5.93 -1.60
N LEU C 1164 -37.65 4.70 -1.58
CA LEU C 1164 -38.43 3.48 -1.80
C LEU C 1164 -39.40 3.21 -0.65
N ASP C 1165 -38.95 3.52 0.59
CA ASP C 1165 -39.74 3.40 1.81
C ASP C 1165 -40.94 4.36 1.81
N GLN C 1166 -40.71 5.63 1.38
CA GLN C 1166 -41.85 6.54 1.28
C GLN C 1166 -42.66 6.27 0.00
N GLN C 1167 -42.10 5.54 -1.00
CA GLN C 1167 -42.90 5.17 -2.15
C GLN C 1167 -43.84 4.02 -1.84
N ALA C 1168 -43.63 3.40 -0.68
CA ALA C 1168 -44.47 2.25 -0.28
C ALA C 1168 -45.63 2.68 0.62
N THR C 1169 -45.36 2.99 1.89
CA THR C 1169 -46.46 3.32 2.85
C THR C 1169 -46.84 4.80 2.71
N LYS C 1170 -47.09 5.24 1.47
CA LYS C 1170 -47.48 6.66 1.21
C LYS C 1170 -48.84 6.95 1.84
N ILE C 1171 -49.77 6.00 1.74
CA ILE C 1171 -51.15 6.22 2.27
C ILE C 1171 -51.83 4.85 2.46
N PRO C 1196 -64.09 12.24 3.96
CA PRO C 1196 -65.03 12.69 4.99
C PRO C 1196 -65.75 11.53 5.66
N ILE C 1197 -65.73 10.36 5.03
CA ILE C 1197 -66.33 9.16 5.59
C ILE C 1197 -65.21 8.31 6.18
N ASN C 1198 -65.50 7.68 7.33
CA ASN C 1198 -64.56 7.12 8.32
C ASN C 1198 -63.44 8.08 8.68
N ARG C 1199 -63.81 9.21 9.28
CA ARG C 1199 -62.87 10.26 9.67
C ARG C 1199 -63.33 10.88 10.98
N LEU C 1200 -62.43 10.92 11.95
CA LEU C 1200 -62.80 11.36 13.30
C LEU C 1200 -61.76 12.38 13.74
N ASN C 1201 -62.25 13.45 14.37
CA ASN C 1201 -61.42 14.54 14.86
C ASN C 1201 -61.49 14.57 16.38
N SER C 1202 -60.34 14.29 17.00
CA SER C 1202 -60.22 14.22 18.46
C SER C 1202 -59.49 15.43 19.03
N ALA C 1203 -59.40 16.52 18.25
CA ALA C 1203 -58.77 17.76 18.68
C ALA C 1203 -59.55 18.50 19.79
N VAL C 1204 -60.86 18.23 19.92
CA VAL C 1204 -61.74 18.80 20.95
C VAL C 1204 -61.29 18.39 22.37
N ALA C 1205 -60.68 17.18 22.52
CA ALA C 1205 -60.10 16.70 23.78
C ALA C 1205 -58.87 17.51 24.21
N VAL C 1206 -58.18 18.13 23.24
CA VAL C 1206 -56.96 18.84 23.48
C VAL C 1206 -57.27 20.33 23.72
N HIS C 1207 -58.00 20.95 22.79
CA HIS C 1207 -58.27 22.39 22.90
C HIS C 1207 -59.43 22.67 23.86
N GLY C 1208 -60.60 22.13 23.57
CA GLY C 1208 -61.77 22.37 24.40
C GLY C 1208 -62.85 23.22 23.78
N HIS C 1209 -63.16 24.38 24.36
CA HIS C 1209 -64.10 25.28 23.71
C HIS C 1209 -63.43 26.15 22.66
N THR C 1210 -62.11 26.19 22.61
CA THR C 1210 -61.38 26.94 21.58
C THR C 1210 -60.88 25.97 20.50
N ALA C 1211 -61.82 25.21 19.94
CA ALA C 1211 -61.50 24.31 18.84
C ALA C 1211 -61.43 25.07 17.52
N GLU C 1212 -62.54 25.67 17.10
CA GLU C 1212 -62.56 26.47 15.90
C GLU C 1212 -63.30 27.78 16.14
N ALA C 1213 -62.83 28.83 15.46
CA ALA C 1213 -63.40 30.16 15.55
C ALA C 1213 -63.48 30.69 14.12
N ALA C 1214 -64.35 31.67 13.91
CA ALA C 1214 -64.51 32.26 12.59
C ALA C 1214 -63.41 33.32 12.46
N GLU C 1215 -62.21 32.92 12.01
CA GLU C 1215 -61.01 33.77 11.88
C GLU C 1215 -60.98 34.54 10.55
N TRP C 1216 -62.00 35.37 10.27
CA TRP C 1216 -62.19 36.09 9.01
C TRP C 1216 -61.13 37.18 8.79
N TYR C 1217 -61.22 37.84 7.63
CA TYR C 1217 -60.21 38.83 7.28
C TYR C 1217 -60.71 40.23 7.62
N VAL C 1218 -59.86 40.98 8.31
CA VAL C 1218 -60.10 42.38 8.61
C VAL C 1218 -58.91 43.16 8.05
N PRO C 1219 -59.12 44.09 7.11
CA PRO C 1219 -57.98 44.88 6.54
C PRO C 1219 -57.36 45.84 7.55
N PRO C 1220 -56.08 46.23 7.38
CA PRO C 1220 -55.44 47.22 8.27
C PRO C 1220 -56.08 48.61 8.21
N GLU C 1221 -55.95 49.34 9.34
CA GLU C 1221 -56.62 50.62 9.60
C GLU C 1221 -56.24 51.71 8.61
N GLU C 1222 -54.96 51.82 8.28
CA GLU C 1222 -54.52 52.85 7.35
C GLU C 1222 -54.62 52.26 5.95
N TYR C 1223 -55.42 52.89 5.09
CA TYR C 1223 -55.52 52.50 3.68
C TYR C 1223 -54.19 52.78 2.98
N PRO C 1224 -53.65 51.82 2.20
CA PRO C 1224 -52.36 52.05 1.50
C PRO C 1224 -52.45 53.16 0.46
N LYS C 1225 -51.37 53.96 0.38
CA LYS C 1225 -51.13 55.08 -0.59
C LYS C 1225 -52.21 56.19 -0.57
N SER C 1226 -52.92 56.34 0.57
CA SER C 1226 -54.01 57.28 0.73
C SER C 1226 -53.66 58.54 1.51
N GLY C 1227 -52.42 58.69 1.95
CA GLY C 1227 -52.04 59.83 2.78
C GLY C 1227 -52.63 59.88 4.17
N GLY C 1228 -52.67 58.75 4.88
CA GLY C 1228 -53.10 58.75 6.27
C GLY C 1228 -54.59 58.66 6.53
N VAL C 1229 -55.40 58.35 5.52
CA VAL C 1229 -56.86 58.20 5.68
C VAL C 1229 -57.13 56.89 6.44
N LYS C 1230 -57.93 56.96 7.50
CA LYS C 1230 -58.16 55.81 8.36
C LYS C 1230 -59.60 55.30 8.20
N ARG C 1231 -59.75 53.97 8.21
CA ARG C 1231 -61.05 53.31 8.15
C ARG C 1231 -61.82 53.39 9.47
N TYR C 1232 -63.00 52.77 9.48
CA TYR C 1232 -63.77 52.62 10.70
C TYR C 1232 -63.53 51.22 11.25
N LEU C 1233 -62.77 51.14 12.38
CA LEU C 1233 -62.30 49.89 12.97
C LEU C 1233 -63.44 48.98 13.46
N ILE C 1234 -63.39 47.70 13.06
CA ILE C 1234 -64.36 46.69 13.47
C ILE C 1234 -63.63 45.40 13.85
N ASP C 1235 -64.19 44.69 14.82
CA ASP C 1235 -63.68 43.40 15.26
C ASP C 1235 -63.95 42.32 14.22
N ALA C 1236 -63.08 41.28 14.22
CA ALA C 1236 -63.21 40.13 13.29
C ALA C 1236 -64.43 39.24 13.55
N SER C 1237 -65.06 39.32 14.72
CA SER C 1237 -66.26 38.55 15.04
C SER C 1237 -67.54 39.30 14.71
N MET C 1238 -67.45 40.48 14.10
CA MET C 1238 -68.64 41.24 13.77
C MET C 1238 -68.80 41.45 12.27
N VAL C 1239 -67.90 40.86 11.47
CA VAL C 1239 -67.85 41.09 9.99
C VAL C 1239 -68.96 40.51 9.11
N PRO C 1240 -69.51 39.28 9.21
CA PRO C 1240 -70.42 38.74 8.15
C PRO C 1240 -71.76 39.47 7.97
N LEU C 1241 -72.26 39.47 6.73
CA LEU C 1241 -73.48 40.20 6.34
C LEU C 1241 -74.77 39.61 6.91
N SER C 1242 -74.75 38.35 7.41
CA SER C 1242 -75.92 37.75 8.06
C SER C 1242 -76.18 38.44 9.39
N ILE C 1243 -75.11 38.86 10.07
CA ILE C 1243 -75.18 39.54 11.36
C ILE C 1243 -75.62 40.98 11.07
N MET C 1244 -76.45 41.54 11.98
CA MET C 1244 -77.10 42.84 11.78
C MET C 1244 -76.13 44.01 11.81
N CYS C 1245 -75.43 44.22 12.96
CA CYS C 1245 -74.50 45.29 13.30
C CYS C 1245 -74.98 46.73 13.09
N PRO C 1246 -75.92 47.26 13.92
CA PRO C 1246 -76.46 48.64 13.67
C PRO C 1246 -75.45 49.78 13.84
N SER C 1247 -74.34 49.57 14.56
CA SER C 1247 -73.34 50.60 14.81
C SER C 1247 -72.29 50.51 13.70
N TYR C 1248 -72.64 50.96 12.51
CA TYR C 1248 -71.74 50.84 11.36
C TYR C 1248 -71.72 52.18 10.65
N ASP C 1249 -70.59 52.88 10.70
CA ASP C 1249 -70.45 54.19 10.05
C ASP C 1249 -69.16 54.15 9.20
N PRO C 1250 -69.19 53.55 8.00
CA PRO C 1250 -67.98 53.50 7.17
C PRO C 1250 -67.64 54.85 6.55
N VAL C 1251 -66.39 54.98 6.13
CA VAL C 1251 -65.89 56.20 5.52
C VAL C 1251 -65.89 56.07 4.00
N GLU C 1252 -66.31 57.14 3.32
CA GLU C 1252 -66.36 57.16 1.87
C GLU C 1252 -65.06 57.75 1.35
N TYR C 1253 -64.26 56.93 0.67
CA TYR C 1253 -62.99 57.40 0.13
C TYR C 1253 -62.75 56.87 -1.27
N THR C 1254 -62.38 57.77 -2.17
CA THR C 1254 -61.96 57.41 -3.51
C THR C 1254 -60.62 58.07 -3.78
N HIS C 1255 -59.65 57.29 -4.27
CA HIS C 1255 -58.30 57.75 -4.59
C HIS C 1255 -58.32 58.78 -5.73
N PRO C 1256 -57.43 59.80 -5.70
CA PRO C 1256 -57.34 60.80 -6.81
C PRO C 1256 -57.01 60.23 -8.19
N SER C 1257 -56.19 59.17 -8.24
CA SER C 1257 -55.87 58.48 -9.50
C SER C 1257 -57.10 57.85 -10.13
N VAL C 1258 -57.94 57.20 -9.31
CA VAL C 1258 -59.19 56.60 -9.75
C VAL C 1258 -60.20 57.68 -10.14
N ALA C 1259 -60.26 58.78 -9.35
CA ALA C 1259 -61.18 59.90 -9.60
C ALA C 1259 -60.82 60.76 -10.81
N ALA C 1260 -59.62 60.61 -11.40
CA ALA C 1260 -59.19 61.33 -12.60
C ALA C 1260 -59.73 60.72 -13.90
N GLN C 1261 -60.46 59.59 -13.82
CA GLN C 1261 -61.11 58.79 -14.86
C GLN C 1261 -60.21 58.22 -15.96
N PRO C 1262 -59.28 57.22 -15.70
CA PRO C 1262 -58.60 56.56 -16.83
C PRO C 1262 -59.44 55.55 -17.62
N VAL C 1263 -58.79 54.86 -18.56
CA VAL C 1263 -59.46 53.89 -19.43
C VAL C 1263 -59.92 52.65 -18.67
N TRP C 1264 -59.20 52.27 -17.61
CA TRP C 1264 -59.55 51.05 -16.91
C TRP C 1264 -60.46 51.29 -15.72
N ALA C 1265 -60.97 52.50 -15.55
CA ALA C 1265 -61.82 52.83 -14.42
C ALA C 1265 -63.27 53.01 -14.83
N ASP C 1266 -64.19 52.39 -14.07
CA ASP C 1266 -65.61 52.57 -14.30
C ASP C 1266 -66.09 53.98 -13.89
N PRO C 1267 -67.21 54.48 -14.46
CA PRO C 1267 -67.79 55.77 -14.02
C PRO C 1267 -68.25 55.82 -12.57
N ALA C 1268 -68.15 57.03 -11.98
CA ALA C 1268 -68.45 57.32 -10.56
C ALA C 1268 -69.92 57.09 -10.16
N ASP C 1269 -70.84 57.12 -11.12
CA ASP C 1269 -72.25 56.88 -10.97
C ASP C 1269 -72.43 55.46 -11.48
N PRO C 1270 -72.70 54.46 -10.63
CA PRO C 1270 -72.75 53.08 -11.14
C PRO C 1270 -74.06 52.63 -11.79
N ARG C 1271 -74.99 53.55 -12.10
CA ARG C 1271 -76.26 53.22 -12.74
C ARG C 1271 -75.99 52.82 -14.19
N LYS C 1272 -76.88 51.94 -14.72
CA LYS C 1272 -76.99 51.30 -16.05
C LYS C 1272 -75.98 50.16 -16.22
N ILE C 1273 -75.19 49.83 -15.19
CA ILE C 1273 -74.18 48.80 -15.22
C ILE C 1273 -74.87 47.54 -14.72
N LYS C 1274 -74.71 46.44 -15.43
CA LYS C 1274 -75.28 45.15 -15.05
C LYS C 1274 -74.24 44.28 -14.39
N PHE C 1275 -74.53 43.83 -13.17
CA PHE C 1275 -73.60 42.99 -12.44
C PHE C 1275 -74.06 41.55 -12.60
N ASN C 1276 -73.20 40.62 -12.17
CA ASN C 1276 -73.29 39.13 -12.18
C ASN C 1276 -73.30 38.48 -13.58
N VAL C 1277 -73.17 39.25 -14.67
CA VAL C 1277 -73.14 38.79 -16.05
C VAL C 1277 -72.05 39.59 -16.76
N LYS C 1278 -71.64 39.08 -17.93
CA LYS C 1278 -70.67 39.75 -18.78
C LYS C 1278 -71.23 41.04 -19.37
N ASP C 1279 -70.61 42.16 -19.00
CA ASP C 1279 -71.10 43.48 -19.39
C ASP C 1279 -70.13 44.10 -20.38
N GLU C 1280 -70.69 44.78 -21.38
CA GLU C 1280 -69.90 45.39 -22.43
C GLU C 1280 -69.72 46.88 -22.14
N VAL C 1281 -68.47 47.28 -21.89
CA VAL C 1281 -68.11 48.68 -21.75
C VAL C 1281 -67.22 49.03 -22.92
N ASN C 1282 -67.66 50.01 -23.75
CA ASN C 1282 -67.05 50.48 -25.02
C ASN C 1282 -66.79 49.36 -26.02
N GLY C 1283 -67.70 48.39 -26.06
CA GLY C 1283 -67.61 47.22 -26.91
C GLY C 1283 -66.66 46.14 -26.39
N LYS C 1284 -66.11 46.30 -25.19
CA LYS C 1284 -65.17 45.38 -24.57
C LYS C 1284 -65.88 44.60 -23.46
N VAL C 1285 -65.62 43.30 -23.39
CA VAL C 1285 -66.30 42.43 -22.44
C VAL C 1285 -65.59 42.55 -21.09
N VAL C 1286 -66.38 42.65 -20.00
CA VAL C 1286 -65.90 42.66 -18.61
C VAL C 1286 -66.71 41.58 -17.91
N ASP C 1287 -66.05 40.79 -17.06
CA ASP C 1287 -66.62 39.60 -16.39
C ASP C 1287 -67.79 39.93 -15.46
N ARG C 1288 -67.52 40.70 -14.39
CA ARG C 1288 -68.47 41.19 -13.34
C ARG C 1288 -69.18 40.11 -12.52
N THR C 1289 -68.75 38.85 -12.57
CA THR C 1289 -69.37 37.76 -11.84
C THR C 1289 -68.46 37.35 -10.68
N SER C 1290 -69.06 37.23 -9.49
CA SER C 1290 -68.34 36.86 -8.28
C SER C 1290 -68.43 35.36 -8.04
N CYS C 1291 -67.37 34.82 -7.43
CA CYS C 1291 -67.31 33.40 -7.05
C CYS C 1291 -68.11 33.05 -5.80
N HIS C 1292 -68.67 34.04 -5.09
CA HIS C 1292 -69.55 33.83 -3.93
C HIS C 1292 -70.83 33.14 -4.37
N PRO C 1293 -71.27 32.05 -3.68
CA PRO C 1293 -72.51 31.34 -4.06
C PRO C 1293 -73.81 32.15 -4.02
N SER C 1294 -73.93 33.10 -3.10
CA SER C 1294 -75.13 33.95 -3.00
C SER C 1294 -75.21 34.95 -4.13
N GLY C 1295 -74.07 35.47 -4.60
CA GLY C 1295 -74.05 36.49 -5.62
C GLY C 1295 -73.91 37.89 -5.04
N ILE C 1296 -73.91 38.86 -5.93
CA ILE C 1296 -73.76 40.27 -5.56
C ILE C 1296 -75.15 40.88 -5.46
N SER C 1297 -75.42 41.56 -4.35
CA SER C 1297 -76.69 42.25 -4.15
C SER C 1297 -76.51 43.74 -4.42
N ILE C 1298 -77.51 44.35 -5.04
CA ILE C 1298 -77.46 45.74 -5.47
C ILE C 1298 -78.26 46.58 -4.47
N ASP C 1299 -77.64 47.62 -3.92
CA ASP C 1299 -78.29 48.57 -3.03
C ASP C 1299 -79.32 49.40 -3.80
N SER C 1300 -80.52 49.55 -3.22
CA SER C 1300 -81.58 50.25 -3.92
C SER C 1300 -81.39 51.77 -3.93
N ASN C 1301 -80.77 52.32 -2.89
CA ASN C 1301 -80.63 53.78 -2.73
C ASN C 1301 -79.66 54.40 -3.74
N THR C 1302 -78.45 53.83 -3.87
CA THR C 1302 -77.41 54.42 -4.70
C THR C 1302 -77.04 53.62 -5.93
N GLY C 1303 -77.46 52.36 -6.02
CA GLY C 1303 -77.13 51.45 -7.10
C GLY C 1303 -75.79 50.76 -6.99
N ARG C 1304 -74.99 51.06 -5.97
CA ARG C 1304 -73.68 50.49 -5.72
C ARG C 1304 -73.77 49.05 -5.20
N PRO C 1305 -72.84 48.17 -5.58
CA PRO C 1305 -72.79 46.81 -5.01
C PRO C 1305 -72.31 46.74 -3.56
N ILE C 1306 -72.75 45.68 -2.87
CA ILE C 1306 -72.37 45.39 -1.49
C ILE C 1306 -71.57 44.09 -1.52
N ASN C 1307 -70.37 44.11 -0.90
CA ASN C 1307 -69.47 42.95 -0.83
C ASN C 1307 -70.05 41.78 -0.03
N PRO C 1308 -70.20 40.59 -0.63
CA PRO C 1308 -70.78 39.46 0.12
C PRO C 1308 -69.83 38.81 1.12
N TRP C 1309 -68.52 39.11 1.06
CA TRP C 1309 -67.51 38.47 1.90
C TRP C 1309 -67.32 39.12 3.26
N GLY C 1310 -68.13 40.12 3.61
CA GLY C 1310 -68.14 40.72 4.92
C GLY C 1310 -67.99 42.22 4.85
N ARG C 1311 -67.98 42.87 6.01
CA ARG C 1311 -67.82 44.32 6.10
C ARG C 1311 -66.34 44.66 6.13
N THR C 1312 -65.97 45.80 5.53
CA THR C 1312 -64.58 46.26 5.57
C THR C 1312 -64.38 47.65 6.15
N GLY C 1313 -65.42 48.31 6.65
CA GLY C 1313 -65.31 49.64 7.24
C GLY C 1313 -65.02 50.80 6.32
N MET C 1314 -65.35 50.69 5.02
CA MET C 1314 -65.02 51.70 4.01
C MET C 1314 -65.89 51.50 2.79
N THR C 1315 -66.62 52.53 2.37
CA THR C 1315 -67.36 52.55 1.12
C THR C 1315 -66.55 53.27 0.04
N GLY C 1316 -67.11 53.32 -1.16
CA GLY C 1316 -66.41 53.91 -2.29
C GLY C 1316 -65.48 52.91 -2.96
N ARG C 1317 -64.80 53.37 -4.02
CA ARG C 1317 -63.97 52.47 -4.79
C ARG C 1317 -62.54 52.37 -4.27
N GLY C 1318 -62.05 53.44 -3.62
CA GLY C 1318 -60.67 53.49 -3.12
C GLY C 1318 -59.65 53.47 -4.26
N LEU C 1319 -58.67 52.58 -4.15
CA LEU C 1319 -57.64 52.44 -5.18
C LEU C 1319 -58.06 51.54 -6.34
N LEU C 1320 -59.20 50.88 -6.22
CA LEU C 1320 -59.66 49.94 -7.24
C LEU C 1320 -60.49 50.68 -8.27
N GLY C 1321 -60.27 50.37 -9.54
CA GLY C 1321 -60.88 51.14 -10.59
C GLY C 1321 -62.28 50.71 -10.96
N LYS C 1322 -62.65 49.48 -10.65
CA LYS C 1322 -63.93 48.94 -11.08
C LYS C 1322 -64.84 48.71 -9.88
N TRP C 1323 -66.10 49.13 -10.01
CA TRP C 1323 -67.15 48.84 -9.04
C TRP C 1323 -67.41 47.35 -8.94
N GLY C 1324 -67.48 46.86 -7.72
CA GLY C 1324 -67.77 45.45 -7.51
C GLY C 1324 -66.53 44.62 -7.59
N VAL C 1325 -66.60 43.57 -8.40
CA VAL C 1325 -65.53 42.59 -8.45
C VAL C 1325 -64.44 43.09 -9.39
N ASN C 1326 -63.24 43.27 -8.86
CA ASN C 1326 -62.06 43.49 -9.67
C ASN C 1326 -61.41 42.13 -9.90
N GLN C 1327 -61.45 41.67 -11.14
CA GLN C 1327 -60.92 40.36 -11.49
C GLN C 1327 -59.41 40.45 -11.60
N ALA C 1328 -58.73 39.65 -10.81
CA ALA C 1328 -57.29 39.57 -10.89
C ALA C 1328 -56.92 38.19 -11.38
N ALA C 1329 -55.81 38.12 -12.10
CA ALA C 1329 -55.26 36.86 -12.55
C ALA C 1329 -53.87 36.75 -11.95
N ASP C 1330 -53.62 35.62 -11.31
CA ASP C 1330 -52.31 35.32 -10.75
C ASP C 1330 -51.67 34.16 -11.50
N THR C 1331 -50.37 34.28 -11.72
CA THR C 1331 -49.60 33.32 -12.47
C THR C 1331 -48.60 32.66 -11.54
N VAL C 1332 -48.80 31.40 -11.21
CA VAL C 1332 -47.86 30.68 -10.36
C VAL C 1332 -47.08 29.76 -11.29
N VAL C 1333 -45.88 30.19 -11.67
CA VAL C 1333 -45.00 29.38 -12.49
C VAL C 1333 -44.10 28.59 -11.55
N THR C 1334 -44.23 27.27 -11.58
CA THR C 1334 -43.58 26.40 -10.62
C THR C 1334 -42.63 25.43 -11.29
N ARG C 1335 -41.66 25.01 -10.50
CA ARG C 1335 -40.73 23.97 -10.89
C ARG C 1335 -40.35 23.26 -9.60
N TRP C 1336 -39.90 22.03 -9.74
CA TRP C 1336 -39.44 21.27 -8.60
C TRP C 1336 -38.10 21.83 -8.14
N LYS C 1337 -37.93 21.99 -6.82
CA LYS C 1337 -36.67 22.49 -6.27
C LYS C 1337 -35.63 21.39 -6.37
N ARG C 1338 -34.61 21.63 -7.20
CA ARG C 1338 -33.61 20.64 -7.50
C ARG C 1338 -32.23 21.07 -7.04
N SER C 1339 -31.47 20.08 -6.57
CA SER C 1339 -30.05 20.16 -6.26
C SER C 1339 -29.20 20.17 -7.56
N PRO C 1340 -27.89 20.61 -7.49
CA PRO C 1340 -26.96 20.52 -8.66
C PRO C 1340 -26.81 19.14 -9.33
N ASP C 1341 -26.90 18.05 -8.53
CA ASP C 1341 -26.90 16.67 -9.05
C ASP C 1341 -28.21 16.32 -9.82
N GLY C 1342 -29.27 17.12 -9.68
CA GLY C 1342 -30.54 16.94 -10.37
C GLY C 1342 -31.67 16.33 -9.56
N SER C 1343 -31.36 15.80 -8.37
CA SER C 1343 -32.39 15.20 -7.53
C SER C 1343 -33.25 16.27 -6.86
N ILE C 1344 -34.56 16.01 -6.82
CA ILE C 1344 -35.54 16.92 -6.22
C ILE C 1344 -35.42 16.86 -4.70
N LEU C 1345 -35.40 18.03 -4.05
CA LEU C 1345 -35.35 18.16 -2.60
C LEU C 1345 -36.66 17.68 -1.98
N GLU C 1346 -36.55 16.96 -0.86
CA GLU C 1346 -37.70 16.32 -0.24
C GLU C 1346 -37.81 16.71 1.23
N ARG C 1347 -38.96 17.25 1.62
CA ARG C 1347 -39.23 17.60 3.02
C ARG C 1347 -40.60 17.09 3.41
N ASP C 1348 -40.68 16.49 4.61
CA ASP C 1348 -41.89 15.91 5.27
C ASP C 1348 -42.55 14.81 4.39
N GLY C 1349 -41.72 14.05 3.66
CA GLY C 1349 -42.22 12.99 2.78
C GLY C 1349 -42.87 13.44 1.49
N LYS C 1350 -42.77 14.72 1.13
CA LYS C 1350 -43.37 15.29 -0.06
C LYS C 1350 -42.30 16.06 -0.82
N LYS C 1351 -42.48 16.15 -2.14
CA LYS C 1351 -41.57 16.88 -2.99
C LYS C 1351 -41.75 18.39 -2.80
N VAL C 1352 -40.65 19.13 -2.87
CA VAL C 1352 -40.61 20.56 -2.55
C VAL C 1352 -40.75 21.35 -3.86
N LEU C 1353 -41.67 22.32 -3.87
CA LEU C 1353 -41.90 23.17 -5.03
C LEU C 1353 -41.05 24.43 -4.95
N GLU C 1354 -41.07 25.19 -6.04
CA GLU C 1354 -40.37 26.47 -6.14
C GLU C 1354 -41.11 27.34 -7.13
N PHE C 1355 -41.41 28.58 -6.73
CA PHE C 1355 -42.24 29.47 -7.54
C PHE C 1355 -41.54 30.81 -7.75
N VAL C 1356 -41.90 31.48 -8.83
CA VAL C 1356 -41.37 32.80 -9.15
C VAL C 1356 -42.10 33.84 -8.32
N ALA C 1357 -41.36 34.61 -7.52
CA ALA C 1357 -41.94 35.62 -6.65
C ALA C 1357 -41.34 36.98 -6.96
N ILE C 1358 -42.22 37.99 -6.96
CA ILE C 1358 -41.84 39.36 -7.22
C ILE C 1358 -42.00 40.22 -5.98
N GLN C 1359 -41.13 41.21 -5.87
CA GLN C 1359 -41.19 42.22 -4.82
C GLN C 1359 -41.97 43.39 -5.37
N ARG C 1360 -43.14 43.66 -4.79
CA ARG C 1360 -44.05 44.71 -5.25
C ARG C 1360 -43.45 46.10 -5.07
N GLN C 1361 -43.75 47.00 -6.02
CA GLN C 1361 -43.23 48.36 -5.96
C GLN C 1361 -43.88 49.20 -4.87
N ASP C 1362 -45.18 48.98 -4.62
CA ASP C 1362 -45.92 49.87 -3.73
C ASP C 1362 -45.67 49.59 -2.24
N ASN C 1363 -45.66 48.33 -1.82
CA ASN C 1363 -45.56 48.03 -0.40
C ASN C 1363 -44.38 47.16 0.03
N LYS C 1364 -43.48 46.78 -0.91
CA LYS C 1364 -42.24 45.99 -0.75
C LYS C 1364 -42.44 44.65 -0.03
N MET C 1365 -43.55 43.96 -0.32
CA MET C 1365 -43.79 42.60 0.14
C MET C 1365 -43.77 41.67 -1.07
N TRP C 1366 -43.17 40.49 -0.87
CA TRP C 1366 -43.08 39.48 -1.91
C TRP C 1366 -44.47 38.91 -2.22
N ALA C 1367 -44.68 38.56 -3.49
CA ALA C 1367 -46.00 38.19 -3.98
C ALA C 1367 -45.89 37.38 -5.25
N ILE C 1368 -47.01 36.77 -5.61
CA ILE C 1368 -47.19 36.06 -6.88
C ILE C 1368 -47.41 37.10 -7.98
N PRO C 1369 -46.74 37.01 -9.15
CA PRO C 1369 -47.01 37.91 -10.28
C PRO C 1369 -48.46 37.81 -10.76
N GLY C 1370 -49.02 38.95 -11.10
CA GLY C 1370 -50.40 38.96 -11.53
C GLY C 1370 -50.91 40.39 -11.55
N GLY C 1371 -52.12 40.53 -12.05
CA GLY C 1371 -52.67 41.86 -12.17
C GLY C 1371 -54.12 41.81 -12.55
N PHE C 1372 -54.73 43.00 -12.57
CA PHE C 1372 -56.14 43.16 -12.86
C PHE C 1372 -56.46 42.83 -14.31
N VAL C 1373 -57.61 42.19 -14.52
CA VAL C 1373 -58.07 41.84 -15.86
C VAL C 1373 -58.55 43.06 -16.62
N ASP C 1374 -57.93 43.35 -17.75
CA ASP C 1374 -58.27 44.47 -18.61
C ASP C 1374 -59.60 44.22 -19.34
N ASN C 1375 -60.18 45.31 -19.87
CA ASN C 1375 -61.44 45.25 -20.60
C ASN C 1375 -61.26 44.53 -21.93
N GLY C 1376 -62.17 43.61 -22.26
CA GLY C 1376 -62.03 42.95 -23.55
C GLY C 1376 -61.02 41.82 -23.60
N GLU C 1377 -60.47 41.39 -22.47
CA GLU C 1377 -59.48 40.34 -22.43
C GLU C 1377 -59.88 39.21 -21.49
N ASP C 1378 -59.28 38.04 -21.71
CA ASP C 1378 -59.61 36.83 -20.97
C ASP C 1378 -58.52 36.60 -19.93
N VAL C 1379 -58.66 35.54 -19.12
CA VAL C 1379 -57.71 35.21 -18.05
C VAL C 1379 -56.36 34.72 -18.61
N ALA C 1380 -56.40 34.03 -19.78
CA ALA C 1380 -55.24 33.48 -20.50
C ALA C 1380 -54.22 34.54 -20.92
N LEU C 1381 -54.72 35.58 -21.60
CA LEU C 1381 -53.94 36.72 -22.07
C LEU C 1381 -53.43 37.54 -20.89
N THR C 1382 -54.29 37.74 -19.86
CA THR C 1382 -53.98 38.59 -18.71
C THR C 1382 -52.86 37.97 -17.89
N SER C 1383 -52.95 36.64 -17.65
CA SER C 1383 -51.99 35.83 -16.90
C SER C 1383 -50.62 35.83 -17.56
N GLY C 1384 -50.62 35.54 -18.88
CA GLY C 1384 -49.39 35.54 -19.68
C GLY C 1384 -48.75 36.93 -19.79
N ARG C 1385 -49.58 37.96 -20.07
CA ARG C 1385 -49.14 39.35 -20.23
C ARG C 1385 -48.56 39.94 -18.94
N GLU C 1386 -49.22 39.70 -17.79
CA GLU C 1386 -48.72 40.17 -16.49
C GLU C 1386 -47.45 39.45 -16.06
N PHE C 1387 -47.33 38.13 -16.35
CA PHE C 1387 -46.10 37.40 -16.03
C PHE C 1387 -44.94 37.92 -16.89
N MET C 1388 -45.20 38.18 -18.19
CA MET C 1388 -44.17 38.75 -19.07
C MET C 1388 -43.77 40.17 -18.67
N GLU C 1389 -44.75 41.01 -18.29
CA GLU C 1389 -44.48 42.39 -17.86
C GLU C 1389 -43.76 42.47 -16.51
N GLU C 1390 -44.18 41.67 -15.54
CA GLU C 1390 -43.67 41.81 -14.18
C GLU C 1390 -42.44 40.95 -13.89
N ALA C 1391 -42.52 39.64 -14.10
CA ALA C 1391 -41.43 38.73 -13.78
C ALA C 1391 -40.28 38.81 -14.77
N LEU C 1392 -40.56 38.99 -16.06
CA LEU C 1392 -39.52 39.01 -17.09
C LEU C 1392 -39.13 40.41 -17.53
N GLY C 1393 -40.00 41.40 -17.32
CA GLY C 1393 -39.83 42.77 -17.75
C GLY C 1393 -39.87 43.08 -19.24
N MET C 1394 -40.48 42.20 -20.03
CA MET C 1394 -40.55 42.32 -21.49
C MET C 1394 -41.53 43.36 -22.04
N GLY C 1395 -42.23 44.10 -21.19
CA GLY C 1395 -43.21 45.07 -21.63
C GLY C 1395 -42.69 46.41 -22.12
N THR C 1396 -42.09 46.38 -23.34
CA THR C 1396 -41.49 47.51 -24.08
C THR C 1396 -40.34 48.22 -23.34
N SER C 1397 -39.62 47.50 -22.49
CA SER C 1397 -38.61 48.14 -21.67
C SER C 1397 -37.28 47.41 -21.59
N ALA C 1398 -37.21 46.09 -21.83
CA ALA C 1398 -35.91 45.42 -21.75
C ALA C 1398 -35.17 45.22 -23.06
N ASP C 1399 -35.68 44.33 -23.93
CA ASP C 1399 -35.19 43.96 -25.28
C ASP C 1399 -36.13 42.87 -25.80
N LEU C 1400 -35.90 42.50 -27.06
CA LEU C 1400 -36.64 41.47 -27.79
C LEU C 1400 -35.94 40.15 -27.47
N MET C 1401 -36.77 39.11 -27.29
CA MET C 1401 -36.24 37.75 -26.95
C MET C 1401 -35.73 37.05 -28.20
N SER C 1402 -34.71 36.22 -28.05
CA SER C 1402 -34.02 35.58 -29.20
C SER C 1402 -34.84 34.81 -30.25
N ALA C 1403 -36.11 34.46 -29.96
CA ALA C 1403 -37.02 33.77 -30.92
C ALA C 1403 -36.82 32.25 -31.03
N GLU C 1404 -36.06 31.61 -30.13
CA GLU C 1404 -35.92 30.16 -30.12
C GLU C 1404 -36.34 29.86 -28.70
N SER C 1405 -36.03 30.80 -27.82
CA SER C 1405 -36.40 30.94 -26.43
C SER C 1405 -37.90 31.21 -26.30
N LYS C 1406 -38.47 31.96 -27.26
CA LYS C 1406 -39.90 32.25 -27.39
C LYS C 1406 -40.76 31.00 -27.57
N ASP C 1407 -40.27 30.02 -28.34
CA ASP C 1407 -40.93 28.74 -28.55
C ASP C 1407 -41.00 27.93 -27.24
N SER C 1408 -39.91 27.99 -26.43
CA SER C 1408 -39.85 27.36 -25.11
C SER C 1408 -40.86 27.97 -24.13
N LEU C 1409 -40.97 29.31 -24.14
CA LEU C 1409 -41.92 30.04 -23.28
C LEU C 1409 -43.36 29.75 -23.69
N ALA C 1410 -43.60 29.62 -25.01
CA ALA C 1410 -44.90 29.24 -25.55
C ALA C 1410 -45.27 27.80 -25.17
N ALA C 1411 -44.27 26.91 -25.20
CA ALA C 1411 -44.42 25.51 -24.76
C ALA C 1411 -44.76 25.41 -23.27
N LEU C 1412 -44.11 26.25 -22.44
CA LEU C 1412 -44.39 26.34 -21.00
C LEU C 1412 -45.82 26.81 -20.72
N PHE C 1413 -46.30 27.77 -21.49
CA PHE C 1413 -47.60 28.41 -21.28
C PHE C 1413 -48.76 27.65 -21.90
N SER C 1414 -48.50 26.57 -22.63
CA SER C 1414 -49.57 25.83 -23.29
C SER C 1414 -50.28 24.85 -22.36
N SER C 1415 -49.72 24.55 -21.18
CA SER C 1415 -50.32 23.61 -20.26
C SER C 1415 -50.50 24.26 -18.90
N GLY C 1416 -51.65 24.91 -18.71
CA GLY C 1416 -51.95 25.56 -17.45
C GLY C 1416 -53.27 25.06 -16.88
N THR C 1417 -53.30 24.92 -15.56
CA THR C 1417 -54.48 24.44 -14.86
C THR C 1417 -54.94 25.52 -13.90
N ILE C 1418 -56.23 25.89 -13.98
CA ILE C 1418 -56.83 26.85 -13.05
C ILE C 1418 -57.05 26.12 -11.73
N VAL C 1419 -56.26 26.47 -10.71
CA VAL C 1419 -56.32 25.74 -9.44
C VAL C 1419 -57.35 26.31 -8.46
N ALA C 1420 -57.61 27.61 -8.48
CA ALA C 1420 -58.52 28.24 -7.54
C ALA C 1420 -59.09 29.52 -8.12
N ARG C 1421 -60.27 29.89 -7.64
CA ARG C 1421 -60.90 31.17 -7.92
C ARG C 1421 -61.49 31.67 -6.61
N ILE C 1422 -60.73 32.48 -5.87
CA ILE C 1422 -61.05 32.78 -4.49
C ILE C 1422 -61.14 34.29 -4.29
N TYR C 1423 -61.53 34.66 -3.09
CA TYR C 1423 -61.59 36.05 -2.68
C TYR C 1423 -60.27 36.47 -2.04
N CYS C 1424 -59.72 37.58 -2.50
CA CYS C 1424 -58.44 38.08 -2.02
C CYS C 1424 -58.60 38.76 -0.69
N GLU C 1425 -57.65 38.51 0.23
CA GLU C 1425 -57.49 39.29 1.46
C GLU C 1425 -56.58 40.52 1.26
N ASP C 1426 -56.90 41.32 0.25
CA ASP C 1426 -56.17 42.48 -0.21
C ASP C 1426 -56.53 43.69 0.66
N PRO C 1427 -55.53 44.39 1.24
CA PRO C 1427 -55.82 45.59 2.07
C PRO C 1427 -56.51 46.78 1.37
N ARG C 1428 -56.52 46.86 0.02
CA ARG C 1428 -57.20 47.92 -0.73
C ARG C 1428 -58.69 47.66 -0.92
N ASN C 1429 -59.21 46.52 -0.46
CA ASN C 1429 -60.62 46.16 -0.62
C ASN C 1429 -61.53 47.09 0.17
N THR C 1430 -62.67 47.45 -0.43
CA THR C 1430 -63.70 48.24 0.23
C THR C 1430 -65.05 47.54 0.15
N ASP C 1431 -66.11 48.22 0.56
CA ASP C 1431 -67.46 47.68 0.48
C ASP C 1431 -68.05 47.72 -0.91
N ASN C 1432 -67.50 48.53 -1.81
CA ASN C 1432 -68.03 48.66 -3.15
C ASN C 1432 -67.06 48.23 -4.22
N ALA C 1433 -65.88 47.77 -3.84
CA ALA C 1433 -64.86 47.29 -4.77
C ALA C 1433 -63.94 46.33 -4.04
N TRP C 1434 -63.87 45.09 -4.52
CA TRP C 1434 -63.04 44.08 -3.89
C TRP C 1434 -62.36 43.26 -4.97
N VAL C 1435 -61.18 42.73 -4.65
CA VAL C 1435 -60.39 41.96 -5.59
C VAL C 1435 -60.72 40.48 -5.43
N GLU C 1436 -61.03 39.80 -6.53
CA GLU C 1436 -61.20 38.35 -6.54
C GLU C 1436 -60.28 37.75 -7.59
N THR C 1437 -59.55 36.69 -7.23
CA THR C 1437 -58.48 36.20 -8.09
C THR C 1437 -58.82 34.84 -8.69
N THR C 1438 -58.38 34.68 -9.92
CA THR C 1438 -58.31 33.40 -10.59
C THR C 1438 -56.82 33.06 -10.67
N CYS C 1439 -56.46 31.89 -10.17
CA CYS C 1439 -55.07 31.47 -10.10
C CYS C 1439 -54.79 30.44 -11.18
N VAL C 1440 -53.77 30.68 -11.99
CA VAL C 1440 -53.36 29.78 -13.06
C VAL C 1440 -51.97 29.28 -12.75
N ASN C 1441 -51.82 27.96 -12.70
CA ASN C 1441 -50.55 27.32 -12.36
C ASN C 1441 -49.92 26.78 -13.65
N PHE C 1442 -48.68 27.19 -13.91
CA PHE C 1442 -47.88 26.66 -15.01
C PHE C 1442 -46.75 25.87 -14.40
N HIS C 1443 -46.85 24.55 -14.45
CA HIS C 1443 -45.90 23.68 -13.79
C HIS C 1443 -44.93 23.12 -14.82
N ASP C 1444 -43.64 23.18 -14.49
CA ASP C 1444 -42.58 22.64 -15.34
C ASP C 1444 -42.09 21.34 -14.71
N GLU C 1445 -42.58 20.21 -15.25
CA GLU C 1445 -42.23 18.88 -14.74
C GLU C 1445 -40.75 18.56 -14.95
N SER C 1446 -40.24 18.79 -16.16
CA SER C 1446 -38.82 18.53 -16.43
C SER C 1446 -37.90 19.62 -15.89
N GLY C 1447 -38.34 20.87 -15.88
CA GLY C 1447 -37.52 21.98 -15.45
C GLY C 1447 -36.68 22.64 -16.52
N ARG C 1448 -36.79 22.18 -17.78
CA ARG C 1448 -36.00 22.73 -18.88
C ARG C 1448 -36.42 24.15 -19.28
N HIS C 1449 -37.73 24.38 -19.46
CA HIS C 1449 -38.25 25.70 -19.88
C HIS C 1449 -38.08 26.76 -18.80
N ALA C 1450 -38.24 26.39 -17.51
CA ALA C 1450 -38.10 27.32 -16.40
C ALA C 1450 -36.67 27.82 -16.24
N ALA C 1451 -35.69 26.94 -16.50
CA ALA C 1451 -34.26 27.29 -16.40
C ALA C 1451 -33.78 28.28 -17.47
N ARG C 1452 -34.51 28.43 -18.58
CA ARG C 1452 -34.15 29.36 -19.64
C ARG C 1452 -34.74 30.76 -19.42
N LEU C 1453 -35.47 30.96 -18.32
CA LEU C 1453 -36.07 32.26 -18.04
C LEU C 1453 -35.04 33.17 -17.39
N LYS C 1454 -34.92 34.39 -17.91
CA LYS C 1454 -34.01 35.38 -17.34
C LYS C 1454 -34.85 36.35 -16.51
N LEU C 1455 -34.94 36.07 -15.21
CA LEU C 1455 -35.79 36.84 -14.29
C LEU C 1455 -35.20 38.21 -14.01
N GLN C 1456 -36.00 39.26 -14.25
CA GLN C 1456 -35.62 40.65 -14.07
C GLN C 1456 -36.92 41.45 -13.90
N GLY C 1457 -37.08 42.02 -12.69
CA GLY C 1457 -38.25 42.80 -12.36
C GLY C 1457 -38.48 44.03 -13.22
N GLY C 1458 -39.71 44.12 -13.72
CA GLY C 1458 -40.13 45.22 -14.57
C GLY C 1458 -41.53 45.61 -14.19
N ASP C 1459 -42.01 46.70 -14.83
CA ASP C 1459 -43.33 47.36 -14.68
C ASP C 1459 -43.56 47.67 -13.20
N ASP C 1460 -44.56 47.09 -12.56
CA ASP C 1460 -44.86 47.37 -11.16
C ASP C 1460 -44.26 46.32 -10.22
N ALA C 1461 -43.10 45.76 -10.58
CA ALA C 1461 -42.36 44.81 -9.76
C ALA C 1461 -40.92 45.28 -9.67
N GLU C 1462 -40.34 45.17 -8.47
CA GLU C 1462 -38.96 45.61 -8.29
C GLU C 1462 -37.93 44.52 -8.56
N HIS C 1463 -38.07 43.35 -7.93
CA HIS C 1463 -37.12 42.26 -8.10
C HIS C 1463 -37.91 40.96 -8.24
N ALA C 1464 -37.37 40.02 -9.02
CA ALA C 1464 -38.02 38.73 -9.18
C ALA C 1464 -37.02 37.61 -8.94
N ARG C 1465 -37.45 36.56 -8.24
CA ARG C 1465 -36.54 35.47 -7.88
C ARG C 1465 -37.33 34.18 -7.67
N TRP C 1466 -36.62 33.07 -7.77
CA TRP C 1466 -37.13 31.75 -7.42
C TRP C 1466 -37.13 31.54 -5.91
N MET C 1467 -38.29 31.20 -5.35
CA MET C 1467 -38.53 31.16 -3.92
C MET C 1467 -39.21 29.85 -3.54
N MET C 1468 -38.73 29.24 -2.45
CA MET C 1468 -39.18 27.92 -2.02
C MET C 1468 -40.59 28.02 -1.44
N VAL C 1469 -41.44 27.03 -1.74
CA VAL C 1469 -42.82 27.06 -1.29
C VAL C 1469 -42.89 26.30 0.03
N HIS C 1470 -43.35 26.96 1.08
CA HIS C 1470 -43.60 26.34 2.38
C HIS C 1470 -44.68 27.14 3.10
N GLY C 1471 -45.16 26.57 4.20
CA GLY C 1471 -46.27 27.15 4.94
C GLY C 1471 -45.93 28.38 5.77
N GLY C 1472 -44.64 28.67 5.99
CA GLY C 1472 -44.26 29.81 6.79
C GLY C 1472 -43.94 31.07 6.00
N LEU C 1473 -44.39 31.12 4.75
CA LEU C 1473 -44.11 32.24 3.87
C LEU C 1473 -44.95 33.45 4.25
N ASN C 1474 -44.33 34.63 4.19
CA ASN C 1474 -45.02 35.88 4.48
C ASN C 1474 -45.21 36.64 3.18
N LEU C 1475 -46.37 36.44 2.56
CA LEU C 1475 -46.63 37.05 1.28
C LEU C 1475 -47.81 38.03 1.36
N PHE C 1476 -47.93 38.84 0.31
CA PHE C 1476 -48.97 39.86 0.20
C PHE C 1476 -50.31 39.17 -0.03
N ALA C 1477 -51.36 39.69 0.62
CA ALA C 1477 -52.80 39.35 0.52
C ALA C 1477 -53.02 37.88 0.86
N SER C 1478 -53.81 37.13 0.09
CA SER C 1478 -54.10 35.73 0.37
C SER C 1478 -53.33 34.80 -0.57
N HIS C 1479 -52.10 35.16 -0.92
CA HIS C 1479 -51.27 34.35 -1.82
C HIS C 1479 -50.78 33.05 -1.21
N ARG C 1480 -50.71 32.97 0.13
CA ARG C 1480 -50.39 31.73 0.84
C ARG C 1480 -51.46 30.65 0.63
N THR C 1481 -52.73 31.07 0.59
CA THR C 1481 -53.88 30.21 0.27
C THR C 1481 -53.79 29.68 -1.17
N LEU C 1482 -53.37 30.56 -2.09
CA LEU C 1482 -53.15 30.21 -3.51
C LEU C 1482 -52.03 29.18 -3.67
N LEU C 1483 -50.92 29.37 -2.93
CA LEU C 1483 -49.80 28.43 -2.94
C LEU C 1483 -50.17 27.10 -2.30
N GLN C 1484 -51.04 27.14 -1.28
CA GLN C 1484 -51.62 25.95 -0.64
C GLN C 1484 -52.45 25.15 -1.65
N HIS C 1485 -53.26 25.85 -2.46
CA HIS C 1485 -54.06 25.23 -3.54
C HIS C 1485 -53.18 24.61 -4.64
N VAL C 1486 -52.06 25.28 -5.00
CA VAL C 1486 -51.08 24.77 -5.99
C VAL C 1486 -50.41 23.49 -5.48
N THR C 1487 -49.98 23.49 -4.20
CA THR C 1487 -49.34 22.32 -3.59
C THR C 1487 -50.34 21.20 -3.34
N SER C 1488 -51.60 21.54 -3.05
CA SER C 1488 -52.65 20.55 -2.91
C SER C 1488 -52.92 19.83 -4.22
N ALA C 1489 -52.95 20.59 -5.32
CA ALA C 1489 -53.16 20.03 -6.66
C ALA C 1489 -51.97 19.18 -7.14
N LEU C 1490 -50.76 19.58 -6.79
CA LEU C 1490 -49.56 18.88 -7.26
C LEU C 1490 -48.98 17.85 -6.28
N ASN C 1491 -49.62 17.69 -5.10
CA ASN C 1491 -49.24 16.81 -3.97
C ASN C 1491 -47.81 17.13 -3.48
N ALA C 1492 -47.55 18.42 -3.34
CA ALA C 1492 -46.27 18.96 -2.90
C ALA C 1492 -46.30 19.35 -1.43
N TYR C 1493 -45.11 19.65 -0.90
CA TYR C 1493 -44.93 20.05 0.48
C TYR C 1493 -45.50 21.44 0.75
N PHE C 1494 -46.17 21.58 1.90
CA PHE C 1494 -46.72 22.84 2.40
C PHE C 1494 -46.98 22.70 3.89
N SER D 51 -8.33 -20.92 64.11
CA SER D 51 -8.47 -19.48 64.26
C SER D 51 -9.55 -19.13 65.27
N VAL D 52 -9.41 -17.97 65.90
CA VAL D 52 -10.37 -17.49 66.90
C VAL D 52 -11.60 -16.94 66.18
N ALA D 53 -12.77 -17.44 66.59
CA ALA D 53 -14.06 -17.03 66.02
C ALA D 53 -14.39 -15.58 66.36
N ALA D 54 -14.92 -14.87 65.36
CA ALA D 54 -15.35 -13.48 65.47
C ALA D 54 -16.56 -13.38 66.38
N LYS D 55 -16.58 -12.34 67.23
CA LYS D 55 -17.71 -12.12 68.12
C LYS D 55 -18.49 -10.86 67.75
N THR D 56 -17.85 -9.91 67.08
CA THR D 56 -18.44 -8.64 66.66
C THR D 56 -18.05 -8.41 65.20
N LEU D 57 -18.91 -7.73 64.44
CA LEU D 57 -18.70 -7.48 63.02
C LEU D 57 -19.00 -6.02 62.70
N LEU D 58 -18.34 -5.50 61.65
CA LEU D 58 -18.49 -4.07 61.26
C LEU D 58 -19.41 -3.96 60.03
N ILE D 59 -20.67 -3.55 60.22
CA ILE D 59 -21.61 -3.33 59.09
C ILE D 59 -21.68 -1.85 58.72
N GLU D 60 -21.53 -1.59 57.41
CA GLU D 60 -21.61 -0.23 56.90
C GLU D 60 -23.05 0.27 57.08
N ASN D 61 -23.18 1.53 57.53
CA ASN D 61 -24.48 2.15 57.77
C ASN D 61 -25.25 2.42 56.47
N GLU D 62 -26.59 2.52 56.61
CA GLU D 62 -27.50 2.84 55.50
C GLU D 62 -27.28 4.24 54.91
N ASP D 63 -26.73 5.18 55.70
CA ASP D 63 -26.36 6.52 55.26
C ASP D 63 -25.17 6.54 54.29
N GLY D 64 -24.34 5.48 54.31
CA GLY D 64 -23.15 5.35 53.51
C GLY D 64 -21.98 6.19 53.99
N LYS D 65 -22.02 6.64 55.24
CA LYS D 65 -20.98 7.45 55.84
C LYS D 65 -20.42 6.72 57.06
N GLY D 66 -19.48 5.81 56.83
CA GLY D 66 -18.88 5.05 57.91
C GLY D 66 -19.56 3.73 58.19
N SER D 67 -18.88 2.92 59.01
CA SER D 67 -19.34 1.60 59.41
C SER D 67 -19.35 1.48 60.93
N THR D 68 -20.43 0.93 61.48
CA THR D 68 -20.54 0.75 62.92
C THR D 68 -20.35 -0.74 63.28
N ARG D 69 -19.66 -1.01 64.39
CA ARG D 69 -19.39 -2.34 64.94
C ARG D 69 -20.50 -2.81 65.88
N MET D 70 -21.07 -4.00 65.63
CA MET D 70 -22.11 -4.61 66.48
C MET D 70 -21.92 -6.12 66.49
N GLU D 71 -22.49 -6.78 67.51
CA GLU D 71 -22.39 -8.23 67.71
C GLU D 71 -23.04 -9.00 66.53
N VAL D 72 -22.43 -10.14 66.18
CA VAL D 72 -22.79 -10.99 65.03
C VAL D 72 -24.21 -11.57 65.14
N GLN D 73 -24.62 -12.03 66.34
CA GLN D 73 -25.95 -12.59 66.56
C GLN D 73 -27.08 -11.56 66.44
N ASP D 74 -26.77 -10.29 66.77
CA ASP D 74 -27.71 -9.17 66.65
C ASP D 74 -27.96 -8.82 65.18
N PHE D 75 -26.88 -8.74 64.40
CA PHE D 75 -26.99 -8.49 62.96
C PHE D 75 -27.63 -9.67 62.27
N MET D 76 -27.19 -10.88 62.61
CA MET D 76 -27.56 -12.15 61.97
C MET D 76 -29.00 -12.63 62.33
N LYS D 77 -29.71 -11.93 63.26
CA LYS D 77 -31.10 -12.24 63.64
C LYS D 77 -32.10 -12.03 62.49
N ARG D 78 -31.81 -11.12 61.55
CA ARG D 78 -32.67 -10.73 60.43
C ARG D 78 -32.80 -11.80 59.32
N PHE D 79 -32.08 -12.91 59.39
CA PHE D 79 -32.12 -13.97 58.39
C PHE D 79 -32.97 -15.10 58.93
N HIS D 80 -33.87 -15.60 58.08
CA HIS D 80 -34.87 -16.60 58.41
C HIS D 80 -34.74 -17.91 57.65
N MET D 81 -35.35 -18.93 58.24
CA MET D 81 -35.43 -20.23 57.54
C MET D 81 -36.85 -20.76 57.74
N HIS D 82 -37.28 -21.71 56.94
CA HIS D 82 -38.59 -22.32 56.88
C HIS D 82 -38.41 -23.78 57.27
N ALA D 83 -39.17 -24.24 58.27
CA ALA D 83 -39.08 -25.64 58.67
C ALA D 83 -39.81 -26.52 57.66
N SER D 84 -40.83 -25.96 57.03
CA SER D 84 -41.69 -26.57 56.03
C SER D 84 -42.17 -25.44 55.13
N GLU D 85 -42.78 -25.83 53.99
CA GLU D 85 -43.29 -24.90 52.96
C GLU D 85 -44.40 -23.99 53.51
N ASP D 86 -45.26 -24.55 54.38
CA ASP D 86 -46.40 -23.89 55.02
C ASP D 86 -46.02 -22.65 55.84
N ASP D 87 -44.87 -22.71 56.54
CA ASP D 87 -44.33 -21.64 57.38
C ASP D 87 -44.02 -20.37 56.56
N LYS D 88 -44.43 -19.22 57.10
CA LYS D 88 -44.24 -17.90 56.49
C LYS D 88 -43.41 -16.95 57.34
N THR D 89 -43.73 -16.83 58.64
CA THR D 89 -43.02 -15.99 59.60
C THR D 89 -41.58 -16.48 59.81
N GLY D 90 -41.42 -17.79 59.90
CA GLY D 90 -40.11 -18.39 60.08
C GLY D 90 -39.54 -18.44 61.48
N SER D 91 -38.32 -18.97 61.53
CA SER D 91 -37.45 -19.23 62.65
C SER D 91 -36.05 -18.66 62.39
N PRO D 92 -35.24 -18.40 63.46
CA PRO D 92 -33.83 -17.95 63.31
C PRO D 92 -33.00 -18.93 62.47
N SER D 93 -32.16 -18.37 61.59
CA SER D 93 -31.42 -19.19 60.58
C SER D 93 -30.49 -20.23 61.20
N THR D 94 -29.37 -19.84 61.83
CA THR D 94 -28.45 -20.79 62.54
C THR D 94 -27.55 -21.59 61.59
N ALA D 95 -27.51 -21.24 60.32
CA ALA D 95 -26.70 -21.90 59.30
C ALA D 95 -25.84 -20.84 58.64
N TRP D 96 -24.70 -20.53 59.24
CA TRP D 96 -23.75 -19.62 58.64
C TRP D 96 -22.35 -19.90 59.16
N GLY D 97 -21.36 -19.65 58.31
CA GLY D 97 -20.00 -19.91 58.73
C GLY D 97 -19.01 -20.00 57.60
N THR D 98 -18.05 -20.91 57.69
CA THR D 98 -17.08 -21.12 56.64
C THR D 98 -16.98 -22.61 56.32
N LEU D 99 -16.82 -22.91 55.04
CA LEU D 99 -16.62 -24.25 54.54
C LEU D 99 -15.20 -24.44 54.06
N ARG D 100 -14.63 -25.58 54.43
CA ARG D 100 -13.32 -26.00 53.99
C ARG D 100 -13.53 -27.11 52.97
N PHE D 101 -13.00 -26.93 51.77
CA PHE D 101 -13.02 -27.83 50.64
C PHE D 101 -11.67 -28.51 50.50
N PRO D 102 -11.63 -29.78 50.03
CA PRO D 102 -10.34 -30.44 49.74
C PRO D 102 -9.59 -29.71 48.62
N THR D 103 -8.25 -29.66 48.76
CA THR D 103 -7.22 -29.01 47.91
C THR D 103 -7.38 -27.48 47.78
N LYS D 104 -8.15 -26.82 48.65
CA LYS D 104 -8.32 -25.37 48.68
C LYS D 104 -7.82 -24.85 50.02
N GLU D 105 -6.91 -23.88 49.96
CA GLU D 105 -6.31 -23.30 51.16
C GLU D 105 -7.28 -22.43 51.94
N ALA D 106 -8.04 -21.58 51.24
CA ALA D 106 -8.92 -20.66 51.93
C ALA D 106 -10.31 -21.26 52.15
N THR D 107 -11.01 -20.77 53.16
CA THR D 107 -12.36 -21.22 53.44
C THR D 107 -13.37 -20.23 52.87
N ALA D 108 -14.55 -20.76 52.50
CA ALA D 108 -15.60 -19.95 51.90
C ALA D 108 -16.80 -19.76 52.83
N PRO D 109 -17.17 -18.52 53.19
CA PRO D 109 -18.40 -18.29 54.01
C PRO D 109 -19.69 -18.72 53.34
N TYR D 110 -20.63 -19.16 54.16
CA TYR D 110 -21.97 -19.55 53.71
C TYR D 110 -23.04 -19.00 54.63
N LEU D 111 -24.17 -18.57 54.03
CA LEU D 111 -25.32 -18.10 54.79
C LEU D 111 -26.59 -18.63 54.14
N ARG D 112 -27.41 -19.33 54.92
CA ARG D 112 -28.73 -19.80 54.48
C ARG D 112 -29.80 -18.81 54.91
N LEU D 113 -30.48 -18.26 53.92
CA LEU D 113 -31.47 -17.21 54.20
C LEU D 113 -32.76 -17.53 53.49
N SER D 114 -33.82 -16.79 53.83
CA SER D 114 -35.14 -17.09 53.26
C SER D 114 -35.44 -16.22 52.05
N VAL D 115 -36.46 -16.61 51.31
CA VAL D 115 -36.88 -15.87 50.11
C VAL D 115 -37.41 -14.46 50.41
N ASN D 116 -38.02 -14.24 51.58
CA ASN D 116 -38.61 -12.94 51.91
C ASN D 116 -37.59 -11.94 52.48
N ASP D 117 -36.36 -12.37 52.72
CA ASP D 117 -35.31 -11.53 53.28
C ASP D 117 -34.87 -10.43 52.32
N ASP D 118 -34.46 -9.30 52.90
CA ASP D 118 -34.01 -8.13 52.14
C ASP D 118 -32.64 -8.42 51.50
N PRO D 119 -32.50 -8.28 50.17
CA PRO D 119 -31.17 -8.43 49.51
C PRO D 119 -30.07 -7.44 49.94
N GLU D 120 -30.47 -6.24 50.42
CA GLU D 120 -29.54 -5.26 50.99
C GLU D 120 -28.83 -5.79 52.25
N ASP D 121 -29.54 -6.59 53.06
CA ASP D 121 -28.99 -7.22 54.25
C ASP D 121 -27.93 -8.26 53.92
N ALA D 122 -28.19 -9.06 52.87
CA ALA D 122 -27.23 -10.04 52.35
C ALA D 122 -26.02 -9.36 51.74
N LEU D 123 -26.25 -8.22 51.08
CA LEU D 123 -25.19 -7.37 50.54
C LEU D 123 -24.31 -6.81 51.64
N LEU D 124 -24.94 -6.39 52.77
CA LEU D 124 -24.26 -5.94 53.98
C LEU D 124 -23.43 -7.04 54.62
N PHE D 125 -23.94 -8.28 54.60
CA PHE D 125 -23.22 -9.47 55.07
C PHE D 125 -21.93 -9.72 54.29
N VAL D 126 -22.01 -9.65 52.93
CA VAL D 126 -20.84 -9.84 52.04
C VAL D 126 -19.81 -8.74 52.25
N LYS D 127 -20.28 -7.47 52.32
CA LYS D 127 -19.46 -6.28 52.58
C LYS D 127 -18.80 -6.33 53.96
N ALA D 128 -19.55 -6.81 54.97
CA ALA D 128 -19.04 -6.93 56.34
C ALA D 128 -17.92 -7.97 56.46
N MET D 129 -18.07 -9.16 55.81
CA MET D 129 -16.98 -10.15 55.77
C MET D 129 -15.73 -9.67 55.03
N LEU D 130 -15.90 -9.07 53.83
CA LEU D 130 -14.76 -8.54 53.07
C LEU D 130 -14.07 -7.39 53.83
N ALA D 131 -14.88 -6.52 54.47
CA ALA D 131 -14.40 -5.42 55.28
C ALA D 131 -13.65 -5.93 56.52
N GLN D 132 -14.14 -7.03 57.10
CA GLN D 132 -13.46 -7.67 58.22
C GLN D 132 -12.11 -8.29 57.81
N LYS D 133 -12.09 -9.00 56.67
CA LYS D 133 -10.89 -9.72 56.24
C LYS D 133 -9.81 -8.81 55.67
N TYR D 134 -10.18 -7.82 54.84
CA TYR D 134 -9.19 -7.01 54.13
C TYR D 134 -9.11 -5.57 54.62
N GLY D 135 -9.76 -5.24 55.73
CA GLY D 135 -9.77 -3.87 56.21
C GLY D 135 -10.89 -3.09 55.56
N GLU D 136 -11.11 -1.87 56.09
CA GLU D 136 -12.17 -0.95 55.63
C GLU D 136 -11.97 -0.47 54.19
N THR D 137 -10.73 -0.18 53.78
CA THR D 137 -10.45 0.31 52.44
C THR D 137 -10.13 -0.83 51.46
N TYR D 138 -10.99 -1.84 51.38
CA TYR D 138 -10.83 -2.89 50.38
C TYR D 138 -11.27 -2.39 49.00
N ASP D 139 -10.72 -3.05 47.96
CA ASP D 139 -10.96 -2.70 46.56
C ASP D 139 -12.41 -2.99 46.17
N ARG D 140 -13.20 -1.94 46.00
CA ARG D 140 -14.60 -1.96 45.57
C ARG D 140 -14.73 -2.40 44.12
N PRO D 141 -15.79 -3.17 43.77
CA PRO D 141 -15.96 -3.60 42.38
C PRO D 141 -16.47 -2.51 41.46
N SER D 142 -15.86 -2.43 40.28
CA SER D 142 -16.45 -1.56 39.26
C SER D 142 -17.28 -2.29 38.23
N LEU D 143 -17.50 -3.60 38.40
CA LEU D 143 -18.29 -4.41 37.46
C LEU D 143 -18.75 -5.66 38.21
N ILE D 144 -20.03 -6.01 38.06
CA ILE D 144 -20.59 -7.25 38.60
C ILE D 144 -20.97 -8.10 37.40
N LEU D 145 -20.30 -9.22 37.23
CA LEU D 145 -20.51 -10.12 36.10
C LEU D 145 -21.26 -11.35 36.56
N SER D 146 -22.54 -11.46 36.19
CA SER D 146 -23.34 -12.63 36.52
C SER D 146 -23.32 -13.66 35.41
N VAL D 147 -22.84 -14.86 35.70
CA VAL D 147 -22.79 -15.91 34.68
C VAL D 147 -23.87 -16.93 35.00
N THR D 148 -24.86 -17.07 34.11
CA THR D 148 -25.93 -18.03 34.29
C THR D 148 -26.07 -18.94 33.07
N GLY D 149 -26.74 -20.07 33.27
CA GLY D 149 -27.00 -20.96 32.16
C GLY D 149 -27.18 -22.41 32.55
N GLY D 150 -26.78 -23.27 31.60
CA GLY D 150 -27.00 -24.71 31.69
C GLY D 150 -26.15 -25.37 32.76
N ALA D 151 -26.78 -26.18 33.63
CA ALA D 151 -25.95 -26.92 34.57
C ALA D 151 -25.87 -28.42 34.34
N ARG D 152 -26.98 -29.13 34.14
CA ARG D 152 -26.89 -30.56 33.88
C ARG D 152 -26.48 -30.89 32.46
N ASN D 153 -27.40 -30.64 31.51
CA ASN D 153 -27.32 -30.84 30.06
C ASN D 153 -26.60 -29.57 29.53
N PHE D 154 -25.35 -29.37 29.98
CA PHE D 154 -24.51 -28.28 29.45
C PHE D 154 -23.35 -28.98 28.75
N THR D 155 -23.55 -29.32 27.49
CA THR D 155 -22.56 -30.04 26.71
C THR D 155 -22.21 -29.03 25.64
N LEU D 156 -20.93 -28.77 25.43
CA LEU D 156 -20.57 -27.84 24.39
C LEU D 156 -19.25 -28.24 23.73
N PRO D 157 -19.05 -27.86 22.46
CA PRO D 157 -17.73 -28.03 21.84
C PRO D 157 -16.67 -27.24 22.56
N PRO D 158 -15.41 -27.78 22.70
CA PRO D 158 -14.28 -27.14 23.44
C PRO D 158 -13.84 -25.73 23.03
N ARG D 159 -13.87 -25.45 21.72
CA ARG D 159 -13.51 -24.16 21.14
C ARG D 159 -14.43 -23.02 21.63
N LEU D 160 -15.76 -23.27 21.72
CA LEU D 160 -16.73 -22.28 22.22
C LEU D 160 -16.49 -21.92 23.69
N GLU D 161 -16.14 -22.94 24.47
CA GLU D 161 -15.85 -22.70 25.90
C GLU D 161 -14.62 -21.81 25.97
N THR D 162 -13.53 -22.27 25.37
CA THR D 162 -12.26 -21.53 25.43
C THR D 162 -12.41 -20.08 24.99
N ALA D 163 -13.19 -19.81 23.91
CA ALA D 163 -13.42 -18.43 23.43
C ALA D 163 -14.18 -17.57 24.45
N ILE D 164 -15.28 -18.12 25.04
CA ILE D 164 -16.08 -17.44 26.09
C ILE D 164 -15.21 -17.25 27.34
N ALA D 165 -14.40 -18.28 27.69
CA ALA D 165 -13.48 -18.31 28.82
C ALA D 165 -12.43 -17.22 28.70
N LYS D 166 -11.86 -17.06 27.49
CA LYS D 166 -10.85 -16.05 27.17
C LYS D 166 -11.42 -14.65 27.36
N GLY D 167 -12.64 -14.42 26.81
CA GLY D 167 -13.32 -13.14 26.93
C GLY D 167 -13.72 -12.80 28.37
N LEU D 168 -14.23 -13.82 29.09
CA LEU D 168 -14.65 -13.71 30.50
C LEU D 168 -13.46 -13.46 31.43
N ARG D 169 -12.35 -14.18 31.18
CA ARG D 169 -11.09 -14.03 31.91
C ARG D 169 -10.48 -12.65 31.73
N LEU D 170 -10.55 -12.14 30.50
CA LEU D 170 -9.94 -10.83 30.22
C LEU D 170 -10.78 -9.76 30.90
N ALA D 171 -12.08 -9.81 30.67
CA ALA D 171 -13.00 -8.84 31.27
C ALA D 171 -12.88 -8.80 32.78
N ALA D 172 -12.83 -9.99 33.40
CA ALA D 172 -12.73 -10.16 34.85
C ALA D 172 -11.39 -9.65 35.39
N GLN D 173 -10.30 -9.92 34.67
CA GLN D 173 -8.98 -9.50 35.12
C GLN D 173 -8.78 -8.01 34.91
N ARG D 174 -9.40 -7.44 33.88
CA ARG D 174 -9.24 -6.01 33.67
C ARG D 174 -10.14 -5.15 34.55
N THR D 175 -11.35 -5.61 34.89
CA THR D 175 -12.25 -4.76 35.66
C THR D 175 -12.34 -5.06 37.16
N ASN D 176 -11.61 -6.06 37.68
CA ASN D 176 -11.69 -6.62 39.05
C ASN D 176 -13.11 -7.02 39.48
N ALA D 177 -13.86 -7.59 38.54
CA ALA D 177 -15.29 -7.86 38.61
C ALA D 177 -15.67 -8.89 39.66
N TRP D 178 -16.85 -8.72 40.25
CA TRP D 178 -17.40 -9.76 41.11
C TRP D 178 -18.26 -10.65 40.23
N VAL D 179 -17.89 -11.92 40.12
CA VAL D 179 -18.62 -12.86 39.29
C VAL D 179 -19.59 -13.64 40.15
N VAL D 180 -20.88 -13.50 39.85
CA VAL D 180 -21.92 -14.17 40.61
C VAL D 180 -22.52 -15.22 39.69
N THR D 181 -22.38 -16.49 40.08
CA THR D 181 -22.96 -17.64 39.39
C THR D 181 -23.72 -18.41 40.43
N GLY D 182 -24.20 -19.60 40.07
CA GLY D 182 -24.83 -20.46 41.03
C GLY D 182 -23.77 -21.09 41.92
N GLY D 183 -24.18 -21.61 43.05
CA GLY D 183 -23.31 -22.33 43.94
C GLY D 183 -22.99 -23.76 43.65
N THR D 184 -23.56 -24.38 42.62
CA THR D 184 -23.30 -25.80 42.38
C THR D 184 -22.16 -26.12 41.42
N ASN D 185 -21.72 -27.39 41.51
CA ASN D 185 -20.55 -27.97 40.81
C ASN D 185 -20.97 -28.60 39.49
N THR D 186 -21.68 -27.85 38.66
CA THR D 186 -22.14 -28.33 37.37
C THR D 186 -22.13 -27.21 36.34
N GLY D 187 -21.86 -27.60 35.08
CA GLY D 187 -22.00 -26.84 33.85
C GLY D 187 -21.13 -25.59 33.76
N VAL D 188 -21.78 -24.50 33.29
CA VAL D 188 -21.14 -23.22 32.98
C VAL D 188 -20.63 -22.53 34.26
N MET D 189 -21.33 -22.74 35.39
CA MET D 189 -20.92 -22.25 36.71
C MET D 189 -19.62 -22.89 37.17
N LYS D 190 -19.51 -24.22 36.98
CA LYS D 190 -18.30 -24.98 37.28
C LYS D 190 -17.14 -24.54 36.38
N LEU D 191 -17.45 -24.27 35.09
CA LEU D 191 -16.50 -23.77 34.09
C LEU D 191 -15.97 -22.38 34.48
N THR D 192 -16.89 -21.51 34.93
CA THR D 192 -16.63 -20.15 35.40
C THR D 192 -15.78 -20.19 36.68
N GLY D 193 -16.08 -21.18 37.55
CA GLY D 193 -15.30 -21.47 38.75
C GLY D 193 -13.86 -21.82 38.45
N GLN D 194 -13.64 -22.64 37.39
CA GLN D 194 -12.29 -22.99 36.91
C GLN D 194 -11.54 -21.75 36.38
N ILE D 195 -12.28 -20.85 35.69
CA ILE D 195 -11.76 -19.57 35.15
C ILE D 195 -11.31 -18.67 36.30
N MET D 196 -12.14 -18.56 37.36
CA MET D 196 -11.77 -17.70 38.48
C MET D 196 -10.76 -18.38 39.39
N GLU D 197 -10.65 -19.73 39.31
CA GLU D 197 -9.63 -20.48 40.04
C GLU D 197 -8.26 -20.13 39.48
N ALA D 198 -8.15 -20.09 38.15
CA ALA D 198 -6.91 -19.69 37.48
C ALA D 198 -6.60 -18.20 37.71
N LEU D 199 -7.67 -17.39 37.83
CA LEU D 199 -7.58 -15.95 38.09
C LEU D 199 -7.07 -15.64 39.50
N SER D 200 -7.47 -16.48 40.48
CA SER D 200 -7.13 -16.46 41.90
C SER D 200 -5.65 -16.73 42.23
N LYS D 201 -4.87 -17.23 41.29
CA LYS D 201 -3.46 -17.52 41.51
C LYS D 201 -2.58 -16.31 41.20
N THR D 202 -2.83 -15.55 40.12
CA THR D 202 -1.95 -14.42 39.79
C THR D 202 -2.19 -13.18 40.66
N GLN D 203 -3.29 -13.14 41.43
CA GLN D 203 -3.64 -12.01 42.29
C GLN D 203 -2.78 -12.10 43.55
N SER D 204 -2.37 -10.94 44.09
CA SER D 204 -1.54 -10.99 45.28
C SER D 204 -2.28 -10.65 46.57
N HIS D 205 -2.90 -9.46 46.66
CA HIS D 205 -3.62 -9.15 47.90
C HIS D 205 -5.12 -9.36 47.93
N PHE D 206 -5.86 -8.74 47.01
CA PHE D 206 -7.32 -8.66 47.03
C PHE D 206 -7.74 -9.83 46.14
N ILE D 207 -8.65 -10.67 46.62
CA ILE D 207 -9.19 -11.69 45.72
C ILE D 207 -10.68 -11.40 45.52
N PRO D 208 -11.13 -11.14 44.28
CA PRO D 208 -12.56 -10.91 43.98
C PRO D 208 -13.44 -12.11 44.33
N PRO D 209 -14.55 -11.91 45.07
CA PRO D 209 -15.41 -13.03 45.46
C PRO D 209 -16.13 -13.67 44.28
N THR D 210 -16.28 -14.97 44.34
CA THR D 210 -17.06 -15.73 43.37
C THR D 210 -18.26 -16.22 44.17
N ILE D 211 -19.29 -15.37 44.20
CA ILE D 211 -20.46 -15.62 45.02
C ILE D 211 -21.34 -16.63 44.30
N GLY D 212 -21.70 -17.69 45.00
CA GLY D 212 -22.61 -18.67 44.48
C GLY D 212 -23.94 -18.64 45.19
N ILE D 213 -24.98 -18.28 44.46
CA ILE D 213 -26.33 -18.22 44.99
C ILE D 213 -27.10 -19.45 44.52
N ALA D 214 -27.44 -20.34 45.45
CA ALA D 214 -28.07 -21.60 45.08
C ALA D 214 -29.28 -21.80 45.97
N THR D 215 -30.29 -22.51 45.45
CA THR D 215 -31.43 -22.89 46.28
C THR D 215 -31.03 -23.95 47.30
N TYR D 216 -31.35 -23.70 48.58
CA TYR D 216 -31.03 -24.66 49.62
C TYR D 216 -32.07 -25.78 49.44
N GLY D 217 -31.71 -27.01 49.78
CA GLY D 217 -32.59 -28.13 49.55
C GLY D 217 -32.14 -29.07 48.49
N VAL D 218 -31.10 -28.71 47.74
CA VAL D 218 -30.58 -29.58 46.70
C VAL D 218 -29.16 -29.97 47.05
N ILE D 219 -28.64 -29.45 48.16
CA ILE D 219 -27.24 -29.57 48.52
C ILE D 219 -27.08 -30.82 49.38
N ILE D 220 -26.16 -31.71 49.00
CA ILE D 220 -25.85 -32.92 49.78
C ILE D 220 -25.18 -32.65 51.13
N GLY D 221 -24.59 -31.47 51.35
CA GLY D 221 -24.01 -31.23 52.66
C GLY D 221 -24.84 -30.23 53.44
N GLY D 222 -26.07 -30.03 52.96
CA GLY D 222 -27.01 -29.12 53.60
C GLY D 222 -27.47 -29.50 55.00
N ASP D 223 -27.72 -30.79 55.23
CA ASP D 223 -28.16 -31.27 56.54
C ASP D 223 -27.12 -31.11 57.65
N ASP D 224 -25.85 -31.29 57.30
CA ASP D 224 -24.75 -31.25 58.29
C ASP D 224 -24.52 -29.82 58.76
N MET D 225 -24.53 -28.87 57.82
CA MET D 225 -24.26 -27.47 58.15
C MET D 225 -25.30 -26.75 59.02
N THR D 226 -26.60 -27.01 58.89
CA THR D 226 -27.60 -26.28 59.68
C THR D 226 -27.68 -26.61 61.18
N ARG D 227 -27.65 -27.88 61.59
CA ARG D 227 -27.76 -28.28 62.99
C ARG D 227 -26.50 -27.93 63.77
N GLY D 228 -26.65 -27.32 64.94
CA GLY D 228 -25.44 -27.06 65.72
C GLY D 228 -25.24 -25.62 66.18
N GLU D 229 -24.04 -25.42 66.73
CA GLU D 229 -23.49 -24.16 67.20
C GLU D 229 -23.37 -23.20 66.00
N PRO D 230 -24.08 -22.03 66.07
CA PRO D 230 -24.13 -21.10 64.96
C PRO D 230 -22.77 -20.67 64.43
N PRO D 231 -21.78 -20.15 65.20
CA PRO D 231 -20.49 -19.87 64.53
C PRO D 231 -19.68 -21.09 64.12
N LYS D 232 -19.94 -21.71 62.95
CA LYS D 232 -19.13 -22.84 62.49
C LYS D 232 -17.94 -22.42 61.66
N ILE D 233 -16.78 -22.39 62.30
CA ILE D 233 -15.52 -21.98 61.66
C ILE D 233 -14.90 -23.19 60.99
N GLY D 234 -14.66 -23.11 59.68
CA GLY D 234 -14.01 -24.17 58.93
C GLY D 234 -14.61 -25.55 58.82
N LEU D 235 -15.93 -25.65 58.66
CA LEU D 235 -16.64 -26.93 58.54
C LEU D 235 -16.25 -27.63 57.23
N GLU D 236 -15.89 -28.92 57.33
CA GLU D 236 -15.48 -29.71 56.18
C GLU D 236 -16.67 -30.08 55.29
N TYR D 237 -16.53 -29.83 53.99
CA TYR D 237 -17.57 -30.17 53.01
C TYR D 237 -17.15 -31.42 52.25
N GLU D 238 -18.04 -32.42 52.25
CA GLU D 238 -17.80 -33.72 51.63
C GLU D 238 -18.66 -33.87 50.38
N MET D 239 -18.06 -33.57 49.21
CA MET D 239 -18.76 -33.70 47.93
C MET D 239 -19.06 -35.14 47.53
N HIS D 240 -18.29 -36.11 48.00
CA HIS D 240 -18.54 -37.50 47.64
C HIS D 240 -19.49 -38.26 48.57
N LYS D 241 -19.91 -37.67 49.71
CA LYS D 241 -20.81 -38.35 50.65
C LYS D 241 -22.24 -38.53 50.12
N LYS D 242 -22.78 -39.73 50.34
CA LYS D 242 -24.07 -40.13 49.79
C LYS D 242 -25.30 -39.75 50.62
N ASP D 243 -25.91 -38.61 50.34
CA ASP D 243 -27.22 -38.26 50.85
C ASP D 243 -28.28 -38.78 49.89
N PRO D 244 -29.23 -39.62 50.36
CA PRO D 244 -30.24 -40.30 49.43
C PRO D 244 -31.15 -39.34 48.66
N PRO D 245 -31.80 -38.28 49.20
CA PRO D 245 -32.80 -37.49 48.44
C PRO D 245 -32.25 -36.41 47.50
N LYS D 246 -31.13 -35.81 47.86
CA LYS D 246 -30.51 -34.70 47.15
C LYS D 246 -29.27 -35.24 46.45
N THR D 247 -28.92 -34.66 45.29
CA THR D 247 -27.80 -35.19 44.53
C THR D 247 -26.90 -34.12 43.92
N THR D 248 -27.07 -32.85 44.27
CA THR D 248 -26.29 -31.78 43.65
C THR D 248 -25.27 -31.16 44.61
N PRO D 249 -23.96 -31.32 44.39
CA PRO D 249 -22.96 -30.73 45.29
C PRO D 249 -22.55 -29.31 44.95
N LEU D 250 -21.96 -28.64 45.96
CA LEU D 250 -21.43 -27.29 45.80
C LEU D 250 -20.09 -27.28 45.06
N ASP D 251 -19.88 -26.20 44.30
CA ASP D 251 -18.62 -25.98 43.60
C ASP D 251 -17.52 -25.56 44.57
N ASP D 252 -16.37 -26.23 44.49
CA ASP D 252 -15.28 -25.96 45.42
C ASP D 252 -14.49 -24.70 45.10
N ASN D 253 -14.67 -24.09 43.94
CA ASN D 253 -13.93 -22.90 43.55
C ASN D 253 -14.65 -21.59 43.85
N HIS D 254 -15.85 -21.64 44.42
CA HIS D 254 -16.58 -20.42 44.76
C HIS D 254 -16.18 -19.91 46.14
N ASN D 255 -16.01 -18.60 46.24
CA ASN D 255 -15.49 -17.97 47.45
C ASN D 255 -16.53 -17.63 48.51
N LEU D 256 -17.84 -17.68 48.20
CA LEU D 256 -18.90 -17.34 49.15
C LEU D 256 -20.19 -17.97 48.65
N PHE D 257 -21.08 -18.33 49.58
CA PHE D 257 -22.30 -19.08 49.27
C PHE D 257 -23.52 -18.45 49.94
N LEU D 258 -24.56 -18.21 49.14
CA LEU D 258 -25.87 -17.78 49.63
C LEU D 258 -26.89 -18.87 49.30
N LEU D 259 -27.34 -19.59 50.32
CA LEU D 259 -28.32 -20.67 50.16
C LEU D 259 -29.71 -20.12 50.44
N VAL D 260 -30.48 -19.90 49.38
CA VAL D 260 -31.84 -19.38 49.44
C VAL D 260 -32.83 -20.49 49.74
N ASP D 261 -33.63 -20.31 50.79
CA ASP D 261 -34.54 -21.34 51.30
C ASP D 261 -35.99 -20.90 51.24
N ASP D 262 -36.84 -21.88 50.91
CA ASP D 262 -38.29 -21.61 50.77
C ASP D 262 -39.09 -22.79 51.34
N GLY D 263 -38.48 -23.67 52.13
CA GLY D 263 -39.20 -24.77 52.74
C GLY D 263 -39.50 -25.89 51.77
N SER D 264 -38.66 -26.07 50.76
CA SER D 264 -38.89 -27.14 49.80
C SER D 264 -37.63 -27.98 49.70
N THR D 265 -37.78 -29.17 49.11
CA THR D 265 -36.69 -30.11 48.90
C THR D 265 -36.75 -30.55 47.45
N ASN D 266 -35.56 -30.56 46.80
CA ASN D 266 -35.29 -30.97 45.40
C ASN D 266 -36.11 -30.16 44.39
N LYS D 267 -36.28 -28.87 44.65
CA LYS D 267 -36.92 -27.96 43.71
C LYS D 267 -35.94 -26.86 43.34
N PHE D 268 -35.81 -26.61 42.05
CA PHE D 268 -34.87 -25.64 41.50
C PHE D 268 -35.58 -24.37 41.10
N GLY D 269 -34.78 -23.34 40.84
CA GLY D 269 -35.26 -22.07 40.37
C GLY D 269 -35.88 -21.15 41.38
N LYS D 270 -35.75 -21.46 42.66
CA LYS D 270 -36.31 -20.66 43.75
C LYS D 270 -35.44 -19.46 44.13
N GLU D 271 -34.21 -19.39 43.63
CA GLU D 271 -33.26 -18.36 44.01
C GLU D 271 -33.12 -17.25 42.97
N ILE D 272 -33.88 -17.33 41.87
CA ILE D 272 -33.80 -16.46 40.68
C ILE D 272 -34.12 -14.98 40.98
N LYS D 273 -35.26 -14.73 41.66
CA LYS D 273 -35.73 -13.40 42.04
C LYS D 273 -34.78 -12.70 43.00
N PHE D 274 -34.29 -13.45 44.01
CA PHE D 274 -33.30 -12.94 44.96
C PHE D 274 -31.96 -12.64 44.29
N ARG D 275 -31.53 -13.49 43.33
CA ARG D 275 -30.26 -13.30 42.60
C ARG D 275 -30.28 -12.03 41.77
N ALA D 276 -31.38 -11.78 41.03
CA ALA D 276 -31.57 -10.56 40.25
C ALA D 276 -31.65 -9.31 41.14
N ALA D 277 -32.42 -9.42 42.24
CA ALA D 277 -32.59 -8.35 43.22
C ALA D 277 -31.29 -8.03 43.97
N PHE D 278 -30.50 -9.08 44.34
CA PHE D 278 -29.23 -8.92 45.04
C PHE D 278 -28.18 -8.26 44.15
N GLU D 279 -28.11 -8.67 42.87
CA GLU D 279 -27.21 -8.04 41.89
C GLU D 279 -27.58 -6.59 41.65
N ASN D 280 -28.90 -6.30 41.53
CA ASN D 280 -29.41 -4.93 41.36
C ASN D 280 -29.11 -4.05 42.58
N ALA D 281 -29.26 -4.61 43.80
CA ALA D 281 -28.98 -3.94 45.06
C ALA D 281 -27.49 -3.62 45.20
N ALA D 282 -26.65 -4.60 44.82
CA ALA D 282 -25.19 -4.49 44.80
C ALA D 282 -24.75 -3.43 43.79
N GLY D 283 -25.41 -3.44 42.61
CA GLY D 283 -25.17 -2.47 41.55
C GLY D 283 -25.49 -1.04 41.97
N GLN D 284 -26.60 -0.85 42.70
CA GLN D 284 -26.92 0.48 43.24
C GLN D 284 -25.94 0.91 44.34
N ALA D 285 -25.54 -0.03 45.21
CA ALA D 285 -24.64 0.27 46.34
C ALA D 285 -23.23 0.66 45.90
N PHE D 286 -22.64 -0.07 44.95
CA PHE D 286 -21.27 0.27 44.55
C PHE D 286 -21.20 1.19 43.34
N ALA D 287 -22.37 1.62 42.82
CA ALA D 287 -22.59 2.44 41.62
C ALA D 287 -21.92 1.86 40.37
N ALA D 288 -21.94 0.52 40.23
CA ALA D 288 -21.30 -0.29 39.20
C ALA D 288 -22.32 -0.99 38.34
N PRO D 289 -22.13 -1.03 36.99
CA PRO D 289 -23.07 -1.77 36.14
C PRO D 289 -23.00 -3.27 36.37
N VAL D 290 -24.16 -3.91 36.28
CA VAL D 290 -24.31 -5.36 36.39
C VAL D 290 -24.53 -5.96 35.01
N VAL D 291 -23.68 -6.91 34.60
CA VAL D 291 -23.84 -7.50 33.27
C VAL D 291 -24.08 -9.00 33.44
N THR D 292 -25.24 -9.46 33.00
CA THR D 292 -25.59 -10.88 33.01
C THR D 292 -25.11 -11.48 31.68
N ILE D 293 -24.56 -12.70 31.72
CA ILE D 293 -24.10 -13.43 30.54
C ILE D 293 -24.87 -14.74 30.48
N VAL D 294 -25.49 -15.03 29.33
CA VAL D 294 -26.34 -16.20 29.15
C VAL D 294 -25.68 -17.15 28.15
N VAL D 295 -25.24 -18.31 28.64
CA VAL D 295 -24.65 -19.39 27.81
C VAL D 295 -25.49 -20.65 28.00
N GLN D 296 -26.04 -21.19 26.90
CA GLN D 296 -26.99 -22.34 26.74
C GLN D 296 -28.22 -22.08 27.63
N GLY D 297 -28.46 -22.93 28.62
CA GLY D 297 -29.52 -22.72 29.57
C GLY D 297 -30.82 -23.46 29.28
N GLY D 298 -31.52 -23.71 30.38
CA GLY D 298 -32.82 -24.34 30.43
C GLY D 298 -33.90 -23.30 30.75
N PRO D 299 -35.09 -23.77 31.24
CA PRO D 299 -36.19 -22.84 31.62
C PRO D 299 -35.90 -21.82 32.73
N GLY D 300 -35.07 -22.21 33.72
CA GLY D 300 -34.74 -21.28 34.79
C GLY D 300 -33.78 -20.17 34.35
N THR D 301 -32.97 -20.44 33.33
CA THR D 301 -32.10 -19.42 32.73
C THR D 301 -32.92 -18.34 32.04
N LEU D 302 -34.05 -18.76 31.41
CA LEU D 302 -35.05 -17.89 30.80
C LEU D 302 -35.70 -17.02 31.86
N GLY D 303 -36.02 -17.64 33.01
CA GLY D 303 -36.56 -16.90 34.15
C GLY D 303 -35.55 -15.94 34.78
N THR D 304 -34.26 -16.33 34.80
CA THR D 304 -33.15 -15.51 35.26
C THR D 304 -32.97 -14.26 34.40
N ALA D 305 -33.01 -14.45 33.08
CA ALA D 305 -32.96 -13.36 32.10
C ALA D 305 -34.19 -12.46 32.19
N LEU D 306 -35.38 -13.05 32.42
CA LEU D 306 -36.63 -12.30 32.61
C LEU D 306 -36.61 -11.39 33.83
N GLN D 307 -36.15 -11.92 34.98
CA GLN D 307 -35.97 -11.15 36.22
C GLN D 307 -34.92 -10.06 36.06
N ALA D 308 -33.82 -10.41 35.37
CA ALA D 308 -32.73 -9.48 35.10
C ALA D 308 -33.20 -8.29 34.25
N VAL D 309 -34.01 -8.55 33.22
CA VAL D 309 -34.51 -7.48 32.35
C VAL D 309 -35.61 -6.67 33.06
N ARG D 310 -36.35 -7.32 33.98
CA ARG D 310 -37.36 -6.62 34.80
C ARG D 310 -36.73 -5.72 35.85
N GLN D 311 -35.59 -6.11 36.43
CA GLN D 311 -34.88 -5.29 37.41
C GLN D 311 -33.95 -4.25 36.80
N GLY D 312 -33.96 -4.06 35.47
CA GLY D 312 -33.14 -3.08 34.79
C GLY D 312 -31.73 -3.52 34.45
N THR D 313 -31.36 -4.74 34.79
CA THR D 313 -30.02 -5.25 34.52
C THR D 313 -29.88 -5.70 33.07
N PRO D 314 -28.90 -5.18 32.30
CA PRO D 314 -28.68 -5.66 30.94
C PRO D 314 -28.15 -7.09 30.88
N ILE D 315 -28.46 -7.79 29.78
CA ILE D 315 -28.03 -9.17 29.56
C ILE D 315 -27.25 -9.27 28.25
N VAL D 316 -26.28 -10.18 28.21
CA VAL D 316 -25.48 -10.48 27.02
C VAL D 316 -25.73 -11.94 26.68
N VAL D 317 -26.41 -12.18 25.57
CA VAL D 317 -26.79 -13.52 25.15
C VAL D 317 -25.78 -14.02 24.12
N VAL D 318 -25.13 -15.16 24.41
CA VAL D 318 -24.13 -15.75 23.51
C VAL D 318 -24.87 -16.63 22.50
N ASP D 319 -25.07 -16.10 21.29
CA ASP D 319 -25.66 -16.80 20.16
C ASP D 319 -24.72 -17.87 19.62
N GLY D 320 -25.29 -18.97 19.12
CA GLY D 320 -24.55 -20.09 18.59
C GLY D 320 -24.15 -21.14 19.59
N SER D 321 -24.44 -20.91 20.87
CA SER D 321 -24.15 -21.92 21.89
C SER D 321 -25.29 -22.91 22.05
N GLY D 322 -26.42 -22.66 21.40
CA GLY D 322 -27.51 -23.62 21.43
C GLY D 322 -28.45 -23.33 22.59
N LEU D 323 -29.59 -24.03 22.54
CA LEU D 323 -30.68 -24.14 23.55
C LEU D 323 -31.31 -22.77 23.78
N ALA D 324 -31.45 -22.30 25.04
CA ALA D 324 -32.23 -21.09 25.40
C ALA D 324 -31.61 -19.81 24.85
N ALA D 325 -30.28 -19.79 24.74
CA ALA D 325 -29.53 -18.67 24.18
C ALA D 325 -29.88 -18.44 22.71
N ASP D 326 -30.03 -19.53 21.93
CA ASP D 326 -30.45 -19.47 20.52
C ASP D 326 -31.88 -18.94 20.40
N VAL D 327 -32.75 -19.33 21.35
CA VAL D 327 -34.15 -18.90 21.41
C VAL D 327 -34.24 -17.39 21.69
N LEU D 328 -33.45 -16.92 22.69
CA LEU D 328 -33.37 -15.49 23.06
C LEU D 328 -32.77 -14.62 21.95
N ALA D 329 -31.70 -15.12 21.32
CA ALA D 329 -31.04 -14.44 20.19
C ALA D 329 -31.95 -14.35 18.97
N TYR D 330 -32.69 -15.44 18.68
CA TYR D 330 -33.66 -15.51 17.57
C TYR D 330 -34.80 -14.52 17.80
N ALA D 331 -35.29 -14.45 19.05
CA ALA D 331 -36.37 -13.53 19.44
C ALA D 331 -35.94 -12.07 19.32
N TYR D 332 -34.70 -11.75 19.80
CA TYR D 332 -34.15 -10.38 19.69
C TYR D 332 -33.93 -9.97 18.24
N ASN D 333 -33.39 -10.90 17.42
CA ASN D 333 -33.14 -10.64 16.00
C ASN D 333 -34.43 -10.47 15.23
N PHE D 334 -35.47 -11.24 15.61
CA PHE D 334 -36.79 -11.09 15.00
C PHE D 334 -37.42 -9.75 15.35
N MET D 335 -37.30 -9.32 16.62
CA MET D 335 -37.99 -8.09 17.02
C MET D 335 -37.23 -6.81 16.73
N HIS D 336 -35.89 -6.82 16.63
CA HIS D 336 -35.20 -5.53 16.61
C HIS D 336 -34.20 -5.32 15.49
N ASN D 337 -33.58 -6.41 15.03
CA ASN D 337 -32.46 -6.34 14.08
C ASN D 337 -32.89 -5.97 12.67
N PRO D 338 -32.47 -4.83 12.06
CA PRO D 338 -32.97 -4.52 10.72
C PRO D 338 -32.17 -5.12 9.58
N LEU D 339 -31.12 -5.86 9.91
CA LEU D 339 -30.25 -6.46 8.87
C LEU D 339 -31.11 -7.40 8.05
N THR D 340 -30.68 -7.67 6.82
CA THR D 340 -31.54 -8.52 5.94
C THR D 340 -31.75 -10.00 6.24
N ARG D 341 -30.77 -10.69 6.81
CA ARG D 341 -30.94 -12.15 7.01
C ARG D 341 -32.18 -12.41 7.86
N PHE D 342 -32.60 -11.45 8.67
CA PHE D 342 -33.71 -11.68 9.63
C PHE D 342 -35.09 -11.19 9.17
N LYS D 343 -35.41 -11.16 7.88
CA LYS D 343 -36.74 -10.80 7.39
C LYS D 343 -37.67 -12.00 7.27
N SER D 344 -37.13 -13.22 7.19
CA SER D 344 -37.90 -14.46 7.17
C SER D 344 -38.20 -15.02 8.55
N TYR D 345 -37.79 -14.30 9.58
CA TYR D 345 -38.04 -14.76 10.97
C TYR D 345 -39.52 -14.61 11.26
N THR D 346 -40.12 -15.58 11.95
CA THR D 346 -41.53 -15.60 12.29
C THR D 346 -41.74 -16.09 13.72
N ILE D 347 -42.91 -15.73 14.26
CA ILE D 347 -43.38 -16.16 15.58
C ILE D 347 -43.59 -17.67 15.65
N ASP D 348 -44.04 -18.28 14.53
CA ASP D 348 -44.25 -19.73 14.39
C ASP D 348 -42.97 -20.55 14.51
N ASP D 349 -41.89 -20.11 13.84
CA ASP D 349 -40.58 -20.75 13.93
C ASP D 349 -39.95 -20.58 15.32
N LEU D 350 -40.21 -19.43 15.95
CA LEU D 350 -39.80 -19.15 17.33
C LEU D 350 -40.51 -20.07 18.31
N ARG D 351 -41.82 -20.29 18.09
CA ARG D 351 -42.67 -21.19 18.88
C ARG D 351 -42.20 -22.63 18.74
N GLN D 352 -41.80 -23.00 17.50
CA GLN D 352 -41.21 -24.31 17.17
C GLN D 352 -39.90 -24.52 17.91
N LYS D 353 -39.06 -23.47 17.96
CA LYS D 353 -37.79 -23.48 18.70
C LYS D 353 -37.98 -23.65 20.20
N VAL D 354 -38.97 -22.93 20.78
CA VAL D 354 -39.31 -23.02 22.22
C VAL D 354 -39.81 -24.43 22.57
N ALA D 355 -40.67 -24.99 21.69
CA ALA D 355 -41.22 -26.34 21.84
C ALA D 355 -40.16 -27.42 21.71
N GLN D 356 -39.22 -27.24 20.78
CA GLN D 356 -38.16 -28.22 20.56
C GLN D 356 -37.10 -28.14 21.66
N THR D 357 -36.88 -26.96 22.24
CA THR D 357 -35.85 -26.81 23.26
C THR D 357 -36.34 -27.15 24.68
N PHE D 358 -37.36 -26.43 25.15
CA PHE D 358 -37.84 -26.54 26.52
C PHE D 358 -38.77 -27.70 26.83
N ASN D 359 -39.51 -28.17 25.82
CA ASN D 359 -40.46 -29.30 25.97
C ASN D 359 -41.61 -28.86 26.89
N PRO D 360 -42.46 -27.85 26.58
CA PRO D 360 -43.50 -27.41 27.54
C PRO D 360 -44.66 -28.35 27.83
N LYS D 361 -44.89 -29.37 26.97
CA LYS D 361 -45.93 -30.44 26.98
C LYS D 361 -47.40 -29.97 26.95
N SER D 362 -47.70 -28.67 26.82
CA SER D 362 -49.07 -28.14 26.83
C SER D 362 -49.03 -26.80 26.10
N SER D 363 -50.17 -26.41 25.52
CA SER D 363 -50.26 -25.13 24.81
C SER D 363 -50.15 -23.88 25.70
N GLN D 364 -50.77 -23.93 26.90
CA GLN D 364 -50.72 -22.81 27.85
C GLN D 364 -49.33 -22.56 28.42
N GLN D 365 -48.59 -23.65 28.69
CA GLN D 365 -47.20 -23.60 29.15
C GLN D 365 -46.29 -23.01 28.06
N LEU D 366 -46.52 -23.43 26.80
CA LEU D 366 -45.81 -22.96 25.60
C LEU D 366 -46.05 -21.48 25.39
N THR D 367 -47.31 -21.05 25.61
CA THR D 367 -47.72 -19.65 25.53
C THR D 367 -47.01 -18.80 26.60
N ASN D 368 -46.92 -19.32 27.85
CA ASN D 368 -46.23 -18.62 28.94
C ASN D 368 -44.72 -18.49 28.73
N LEU D 369 -44.08 -19.55 28.23
CA LEU D 369 -42.62 -19.52 27.94
C LEU D 369 -42.35 -18.59 26.75
N LEU D 370 -43.11 -18.74 25.69
CA LEU D 370 -42.97 -17.90 24.48
C LEU D 370 -43.17 -16.42 24.82
N ASP D 371 -44.19 -16.14 25.66
CA ASP D 371 -44.53 -14.79 26.12
C ASP D 371 -43.40 -14.22 26.98
N SER D 372 -42.82 -15.07 27.85
CA SER D 372 -41.69 -14.69 28.70
C SER D 372 -40.44 -14.38 27.88
N ALA D 373 -40.17 -15.21 26.84
CA ALA D 373 -39.05 -15.03 25.90
C ALA D 373 -39.18 -13.73 25.11
N LEU D 374 -40.41 -13.43 24.67
CA LEU D 374 -40.69 -12.17 23.97
C LEU D 374 -40.65 -10.98 24.92
N GLU D 375 -40.97 -11.22 26.21
CA GLU D 375 -40.93 -10.16 27.22
C GLU D 375 -39.47 -9.80 27.57
N CYS D 376 -38.54 -10.79 27.45
CA CYS D 376 -37.10 -10.55 27.71
C CYS D 376 -36.49 -9.57 26.72
N VAL D 377 -36.85 -9.69 25.44
CA VAL D 377 -36.21 -8.90 24.41
C VAL D 377 -37.08 -7.73 23.95
N GLN D 378 -38.03 -7.32 24.80
CA GLN D 378 -38.91 -6.17 24.56
C GLN D 378 -38.16 -4.85 24.48
N ASP D 379 -37.20 -4.66 25.39
CA ASP D 379 -36.41 -3.44 25.45
C ASP D 379 -35.12 -3.78 24.73
N PRO D 380 -34.85 -3.17 23.55
CA PRO D 380 -33.62 -3.51 22.78
C PRO D 380 -32.30 -3.11 23.46
N ASN D 381 -32.31 -2.16 24.39
CA ASN D 381 -31.10 -1.70 25.06
C ASN D 381 -30.61 -2.76 26.05
N LEU D 382 -31.53 -3.45 26.71
CA LEU D 382 -31.19 -4.37 27.78
C LEU D 382 -30.71 -5.74 27.31
N VAL D 383 -30.73 -6.03 26.00
CA VAL D 383 -30.27 -7.31 25.48
C VAL D 383 -29.18 -6.97 24.47
N VAL D 384 -28.03 -7.62 24.60
CA VAL D 384 -26.91 -7.50 23.68
C VAL D 384 -26.55 -8.90 23.21
N VAL D 385 -26.61 -9.15 21.91
CA VAL D 385 -26.36 -10.47 21.37
C VAL D 385 -24.95 -10.54 20.80
N TYR D 386 -24.17 -11.47 21.35
CA TYR D 386 -22.81 -11.81 20.97
C TYR D 386 -22.88 -13.05 20.08
N SER D 387 -22.20 -13.05 18.94
CA SER D 387 -22.15 -14.27 18.07
C SER D 387 -20.77 -14.92 18.06
N LEU D 388 -20.63 -16.20 18.49
CA LEU D 388 -19.30 -16.87 18.58
C LEU D 388 -18.95 -17.58 17.27
N GLN D 389 -19.76 -17.42 16.23
CA GLN D 389 -19.61 -18.07 14.93
C GLN D 389 -19.80 -17.13 13.74
N GLU D 390 -20.23 -15.88 13.95
CA GLU D 390 -20.39 -14.96 12.83
C GLU D 390 -19.39 -13.81 12.95
N SER D 391 -19.36 -13.14 14.10
CA SER D 391 -18.50 -11.98 14.32
C SER D 391 -17.09 -12.42 14.72
N GLY D 392 -16.28 -11.43 15.11
CA GLY D 392 -14.90 -11.69 15.44
C GLY D 392 -14.69 -12.24 16.85
N ILE D 393 -13.47 -12.74 17.03
CA ILE D 393 -13.01 -13.39 18.27
C ILE D 393 -12.84 -12.43 19.43
N ASP D 394 -12.40 -11.20 19.17
CA ASP D 394 -12.08 -10.22 20.20
C ASP D 394 -13.12 -9.11 20.35
N GLU D 395 -14.41 -9.44 20.23
CA GLU D 395 -15.47 -8.44 20.28
C GLU D 395 -16.48 -8.74 21.39
N PHE D 396 -16.16 -9.69 22.27
CA PHE D 396 -17.02 -10.07 23.39
C PHE D 396 -17.01 -8.97 24.45
N ASP D 397 -15.81 -8.41 24.70
CA ASP D 397 -15.63 -7.25 25.59
C ASP D 397 -16.36 -6.01 25.09
N ASP D 398 -16.46 -5.84 23.76
CA ASP D 398 -17.24 -4.78 23.14
C ASP D 398 -18.73 -4.95 23.42
N CYS D 399 -19.21 -6.20 23.39
CA CYS D 399 -20.60 -6.54 23.76
C CYS D 399 -20.90 -6.26 25.23
N ILE D 400 -19.94 -6.60 26.13
CA ILE D 400 -20.04 -6.32 27.56
C ILE D 400 -20.04 -4.81 27.84
N LEU D 401 -19.18 -4.07 27.13
CA LEU D 401 -19.08 -2.60 27.23
C LEU D 401 -20.34 -1.91 26.67
N LYS D 402 -20.92 -2.48 25.59
CA LYS D 402 -22.18 -2.00 25.00
C LYS D 402 -23.33 -2.19 25.98
N ALA D 403 -23.34 -3.33 26.69
CA ALA D 403 -24.31 -3.59 27.76
C ALA D 403 -24.16 -2.60 28.92
N ILE D 404 -22.89 -2.25 29.28
CA ILE D 404 -22.58 -1.26 30.33
C ILE D 404 -23.07 0.12 29.93
N PHE D 405 -22.80 0.51 28.68
CA PHE D 405 -23.16 1.76 28.03
C PHE D 405 -24.66 1.91 27.80
N SER D 406 -25.39 0.80 27.69
CA SER D 406 -26.83 0.78 27.52
C SER D 406 -27.63 1.18 28.77
N SER D 407 -27.02 1.27 29.96
CA SER D 407 -27.75 1.63 31.17
C SER D 407 -28.04 3.14 31.20
N GLN D 408 -28.77 3.59 32.22
CA GLN D 408 -29.13 5.01 32.29
C GLN D 408 -28.12 5.86 33.05
N GLY D 409 -27.96 5.62 34.35
CA GLY D 409 -27.01 6.42 35.12
C GLY D 409 -25.61 5.85 35.19
N LYS D 410 -24.90 6.23 36.28
CA LYS D 410 -23.52 5.88 36.65
C LYS D 410 -22.52 6.24 35.54
N LEU D 411 -22.63 7.49 35.03
CA LEU D 411 -21.85 8.01 33.89
C LEU D 411 -20.34 8.07 34.12
N GLY D 412 -19.91 8.46 35.34
CA GLY D 412 -18.49 8.46 35.70
C GLY D 412 -17.91 7.06 35.68
N ASN D 413 -18.69 6.11 36.23
CA ASN D 413 -18.39 4.67 36.23
C ASN D 413 -18.38 4.10 34.82
N LYS D 414 -19.29 4.57 33.96
CA LYS D 414 -19.36 4.14 32.56
C LYS D 414 -18.12 4.59 31.78
N LEU D 415 -17.65 5.83 32.05
CA LEU D 415 -16.38 6.33 31.51
C LEU D 415 -15.18 5.56 32.05
N LYS D 416 -15.22 5.20 33.36
CA LYS D 416 -14.21 4.35 34.00
C LYS D 416 -14.16 2.95 33.39
N GLN D 417 -15.34 2.38 33.12
CA GLN D 417 -15.51 1.07 32.48
C GLN D 417 -14.95 1.06 31.06
N ALA D 418 -15.22 2.15 30.32
CA ALA D 418 -14.64 2.35 28.98
C ALA D 418 -13.12 2.48 29.05
N MET D 419 -12.61 3.11 30.11
CA MET D 419 -11.17 3.24 30.33
C MET D 419 -10.51 1.90 30.68
N TYR D 420 -11.20 1.03 31.45
CA TYR D 420 -10.68 -0.31 31.77
C TYR D 420 -10.54 -1.23 30.55
N PHE D 421 -11.53 -1.22 29.65
CA PHE D 421 -11.49 -2.09 28.48
C PHE D 421 -10.61 -1.58 27.32
N ASP D 422 -10.01 -0.38 27.45
CA ASP D 422 -9.12 0.30 26.48
C ASP D 422 -9.81 0.54 25.14
N GLN D 423 -10.96 1.18 25.21
CA GLN D 423 -11.79 1.55 24.06
C GLN D 423 -11.94 3.07 24.07
N LEU D 424 -11.01 3.75 23.44
CA LEU D 424 -11.08 5.23 23.50
C LEU D 424 -12.25 5.69 22.66
N ASP D 425 -12.42 5.13 21.46
CA ASP D 425 -13.48 5.58 20.55
C ASP D 425 -14.86 5.65 21.21
N VAL D 426 -15.19 4.66 22.07
CA VAL D 426 -16.46 4.59 22.80
C VAL D 426 -16.61 5.77 23.77
N ALA D 427 -15.52 6.07 24.51
CA ALA D 427 -15.43 7.19 25.45
C ALA D 427 -15.52 8.54 24.74
N LYS D 428 -14.83 8.62 23.58
CA LYS D 428 -14.83 9.80 22.69
C LYS D 428 -16.23 10.09 22.14
N ARG D 429 -16.94 9.05 21.68
CA ARG D 429 -18.32 9.16 21.18
C ARG D 429 -19.30 9.59 22.26
N ALA D 430 -19.16 9.02 23.48
CA ALA D 430 -20.01 9.38 24.64
C ALA D 430 -19.81 10.84 25.04
N LEU D 431 -18.54 11.29 25.08
CA LEU D 431 -18.18 12.68 25.37
C LEU D 431 -18.68 13.65 24.29
N SER D 432 -18.55 13.25 23.01
CA SER D 432 -19.03 14.04 21.86
C SER D 432 -20.55 14.21 21.89
N GLU D 433 -21.27 13.12 22.21
CA GLU D 433 -22.73 13.15 22.34
C GLU D 433 -23.17 14.04 23.50
N ALA D 434 -22.43 13.96 24.63
CA ALA D 434 -22.66 14.81 25.81
C ALA D 434 -22.37 16.28 25.48
N SER D 435 -21.32 16.53 24.69
CA SER D 435 -20.95 17.85 24.20
C SER D 435 -22.02 18.45 23.28
N LYS D 436 -22.61 17.62 22.41
CA LYS D 436 -23.66 18.08 21.51
C LYS D 436 -24.96 18.33 22.27
N ASN D 437 -25.23 17.52 23.29
CA ASN D 437 -26.46 17.55 24.10
C ASN D 437 -26.40 18.53 25.28
N GLY D 438 -25.47 19.49 25.27
CA GLY D 438 -25.26 20.52 26.28
C GLY D 438 -24.60 19.81 27.43
N GLN D 439 -25.41 19.23 28.36
CA GLN D 439 -25.07 18.40 29.56
C GLN D 439 -23.84 18.83 30.39
N HIS D 440 -23.64 20.16 30.53
CA HIS D 440 -22.44 20.70 31.17
C HIS D 440 -22.29 20.37 32.65
N ASN D 441 -23.42 20.28 33.39
CA ASN D 441 -23.40 19.97 34.82
C ASN D 441 -22.93 18.55 35.12
N GLU D 442 -23.45 17.55 34.39
CA GLU D 442 -23.04 16.15 34.62
C GLU D 442 -21.59 15.88 34.19
N ILE D 443 -21.14 16.51 33.09
CA ILE D 443 -19.77 16.38 32.60
C ILE D 443 -18.75 16.99 33.57
N ALA D 444 -18.98 18.22 34.08
CA ALA D 444 -18.06 18.88 35.01
C ALA D 444 -17.93 18.19 36.36
N ALA D 445 -18.99 17.59 36.87
CA ALA D 445 -18.93 16.88 38.14
C ALA D 445 -18.11 15.59 38.10
N CYS D 446 -18.04 14.88 36.96
CA CYS D 446 -17.34 13.60 36.92
C CYS D 446 -16.01 13.56 36.18
N ILE D 447 -15.60 14.61 35.45
CA ILE D 447 -14.36 14.65 34.65
C ILE D 447 -13.07 14.55 35.49
N ASN D 448 -13.04 15.15 36.69
CA ASN D 448 -11.90 15.18 37.60
C ASN D 448 -11.54 13.81 38.15
N ASP D 449 -12.56 13.09 38.66
CA ASP D 449 -12.38 11.75 39.22
C ASP D 449 -11.98 10.73 38.14
N ASN D 450 -12.50 10.91 36.92
CA ASN D 450 -12.18 10.06 35.79
C ASN D 450 -10.74 10.20 35.32
N LEU D 451 -10.24 11.45 35.30
CA LEU D 451 -8.85 11.77 34.99
C LEU D 451 -7.89 11.18 36.02
N MET D 452 -8.30 11.29 37.31
CA MET D 452 -7.61 10.73 38.47
C MET D 452 -7.51 9.22 38.38
N ALA D 453 -8.64 8.57 38.02
CA ALA D 453 -8.77 7.12 37.84
C ALA D 453 -7.93 6.62 36.68
N ALA D 454 -7.88 7.42 35.59
CA ALA D 454 -7.06 7.13 34.42
C ALA D 454 -5.57 7.16 34.77
N MET D 455 -5.16 8.11 35.63
CA MET D 455 -3.78 8.13 36.13
C MET D 455 -3.46 6.92 37.01
N MET D 456 -4.42 6.46 37.81
CA MET D 456 -4.14 5.36 38.78
C MET D 456 -4.03 4.02 38.05
N HIS D 457 -4.80 3.84 36.97
CA HIS D 457 -4.82 2.57 36.25
C HIS D 457 -3.88 2.54 35.04
N ASN D 458 -3.05 3.58 34.86
CA ASN D 458 -1.99 3.76 33.83
C ASN D 458 -2.55 3.70 32.40
N LYS D 459 -3.39 4.68 32.07
CA LYS D 459 -3.96 4.84 30.73
C LYS D 459 -3.73 6.25 30.21
N PRO D 460 -2.51 6.55 29.66
CA PRO D 460 -2.14 7.92 29.22
C PRO D 460 -2.99 8.54 28.11
N HIS D 461 -3.49 7.71 27.17
CA HIS D 461 -4.37 8.13 26.09
C HIS D 461 -5.68 8.66 26.65
N PHE D 462 -6.20 7.96 27.65
CA PHE D 462 -7.38 8.42 28.37
C PHE D 462 -7.11 9.69 29.17
N VAL D 463 -5.89 9.85 29.73
CA VAL D 463 -5.46 11.06 30.44
C VAL D 463 -5.46 12.30 29.53
N GLU D 464 -4.86 12.17 28.32
CA GLU D 464 -4.86 13.24 27.29
C GLU D 464 -6.27 13.54 26.80
N LEU D 465 -7.10 12.49 26.68
CA LEU D 465 -8.49 12.65 26.20
C LEU D 465 -9.27 13.43 27.25
N TYR D 466 -9.17 12.99 28.50
CA TYR D 466 -9.94 13.67 29.54
C TYR D 466 -9.46 15.09 29.76
N LEU D 467 -8.14 15.35 29.64
CA LEU D 467 -7.59 16.71 29.73
C LEU D 467 -8.03 17.58 28.57
N GLY D 468 -8.26 16.99 27.39
CA GLY D 468 -8.77 17.75 26.25
C GLY D 468 -10.23 18.18 26.42
N PHE D 469 -11.01 17.43 27.21
CA PHE D 469 -12.42 17.70 27.47
C PHE D 469 -12.66 18.48 28.76
N ASP D 470 -12.00 19.64 28.80
CA ASP D 470 -12.14 20.74 29.77
C ASP D 470 -11.99 20.37 31.25
N ALA D 471 -11.04 19.50 31.53
CA ALA D 471 -10.73 19.11 32.90
C ALA D 471 -9.51 19.88 33.38
N LYS D 472 -9.73 20.83 34.30
CA LYS D 472 -8.64 21.63 34.86
C LYS D 472 -7.79 20.71 35.74
N ILE D 473 -6.47 20.75 35.52
CA ILE D 473 -5.52 19.88 36.20
C ILE D 473 -5.43 20.16 37.70
N TYR D 474 -5.52 21.42 38.12
CA TYR D 474 -5.40 21.72 39.53
C TYR D 474 -6.71 21.67 40.31
N GLU D 475 -7.82 21.19 39.73
CA GLU D 475 -9.04 21.08 40.51
C GLU D 475 -9.47 19.65 40.78
N LEU D 476 -8.41 18.81 40.75
CA LEU D 476 -8.51 17.36 40.99
C LEU D 476 -8.61 17.15 42.49
N LYS D 477 -9.47 16.21 42.89
CA LYS D 477 -9.74 15.98 44.32
C LYS D 477 -9.44 14.52 44.73
N PRO D 478 -8.87 14.22 45.92
CA PRO D 478 -8.67 12.85 46.40
C PRO D 478 -9.95 12.23 46.94
N SER D 479 -10.02 10.90 46.82
CA SER D 479 -11.18 10.11 47.30
C SER D 479 -11.37 10.15 48.81
N GLU D 480 -10.30 10.01 49.60
CA GLU D 480 -10.45 10.04 51.05
C GLU D 480 -10.12 11.42 51.62
N GLU D 481 -10.36 11.57 52.93
CA GLU D 481 -10.08 12.82 53.61
C GLU D 481 -8.86 12.69 54.52
N VAL D 482 -7.92 13.61 54.39
CA VAL D 482 -6.69 13.60 55.18
C VAL D 482 -7.00 14.22 56.55
N ALA D 483 -6.47 13.63 57.61
CA ALA D 483 -6.57 14.18 58.96
C ALA D 483 -5.70 15.41 59.11
N LYS D 484 -6.10 16.31 60.03
CA LYS D 484 -5.38 17.54 60.32
C LYS D 484 -4.01 17.27 60.97
N THR D 485 -3.03 18.07 60.59
CA THR D 485 -1.65 17.94 61.02
C THR D 485 -1.14 19.25 61.65
N ASN D 486 -0.33 19.09 62.72
CA ASN D 486 0.29 20.19 63.45
C ASN D 486 1.32 20.98 62.64
N ILE D 487 1.93 20.38 61.60
CA ILE D 487 2.91 21.06 60.75
C ILE D 487 2.18 22.08 59.89
N THR D 488 2.69 23.31 59.87
CA THR D 488 2.05 24.38 59.10
C THR D 488 2.32 24.22 57.59
N ALA D 489 3.48 23.65 57.24
CA ALA D 489 3.84 23.39 55.83
C ALA D 489 2.97 22.31 55.17
N LEU D 490 2.70 21.21 55.90
CA LEU D 490 1.86 20.13 55.39
C LEU D 490 0.39 20.53 55.31
N ASP D 491 -0.08 21.35 56.25
CA ASP D 491 -1.47 21.79 56.29
C ASP D 491 -1.78 22.83 55.22
N GLU D 492 -0.76 23.56 54.72
CA GLU D 492 -0.91 24.56 53.66
C GLU D 492 -1.15 23.93 52.28
N LEU D 493 -0.88 22.61 52.12
CA LEU D 493 -0.91 21.87 50.86
C LEU D 493 -2.32 21.74 50.29
N PRO D 494 -2.51 21.96 48.98
CA PRO D 494 -3.84 21.78 48.37
C PRO D 494 -4.24 20.30 48.22
N SER D 495 -5.45 20.13 47.69
CA SER D 495 -6.08 18.80 47.52
C SER D 495 -5.39 17.91 46.49
N PHE D 496 -4.94 18.49 45.36
CA PHE D 496 -4.31 17.72 44.29
C PHE D 496 -2.94 17.15 44.69
N ALA D 497 -2.22 17.81 45.61
CA ALA D 497 -0.98 17.27 46.21
C ALA D 497 -1.25 15.99 47.01
N LEU D 498 -2.36 15.98 47.77
CA LEU D 498 -2.83 14.80 48.50
C LEU D 498 -3.26 13.69 47.54
N ALA D 499 -3.83 14.07 46.39
CA ALA D 499 -4.17 13.11 45.34
C ALA D 499 -2.94 12.46 44.71
N ILE D 500 -1.86 13.24 44.44
CA ILE D 500 -0.57 12.72 43.93
C ILE D 500 0.07 11.79 44.98
N GLU D 501 -0.08 12.14 46.28
CA GLU D 501 0.33 11.29 47.41
C GLU D 501 -0.43 9.96 47.42
N GLU D 502 -1.75 10.00 47.08
CA GLU D 502 -2.59 8.80 46.92
C GLU D 502 -2.14 7.93 45.74
N LEU D 503 -1.63 8.56 44.68
CA LEU D 503 -1.13 7.83 43.47
C LEU D 503 0.16 7.12 43.84
N TYR D 504 1.03 7.80 44.57
CA TYR D 504 2.27 7.21 45.10
C TYR D 504 1.99 6.04 46.05
N LYS D 505 0.98 6.21 46.94
CA LYS D 505 0.56 5.16 47.88
C LYS D 505 0.03 3.91 47.20
N ARG D 506 -0.86 4.07 46.17
CA ARG D 506 -1.44 2.94 45.43
C ARG D 506 -0.37 2.15 44.67
N GLU D 507 0.58 2.87 44.04
CA GLU D 507 1.70 2.21 43.35
C GLU D 507 2.66 1.59 44.38
N ALA D 508 2.80 2.21 45.57
CA ALA D 508 3.74 1.75 46.59
C ALA D 508 3.27 0.48 47.26
N LYS D 509 1.94 0.28 47.43
CA LYS D 509 1.41 -0.93 48.09
C LYS D 509 1.57 -2.23 47.26
N LYS D 510 1.88 -2.11 45.96
CA LYS D 510 2.15 -3.23 45.06
C LYS D 510 3.44 -3.94 45.47
N PRO D 511 3.55 -5.28 45.31
CA PRO D 511 4.78 -6.00 45.66
C PRO D 511 6.00 -5.64 44.80
N HIS D 512 7.15 -5.56 45.49
CA HIS D 512 8.51 -5.28 44.98
C HIS D 512 8.58 -3.94 44.22
N SER D 513 7.86 -2.94 44.73
CA SER D 513 7.85 -1.61 44.11
C SER D 513 9.07 -0.82 44.52
N HIS D 514 9.77 -0.28 43.52
CA HIS D 514 11.00 0.49 43.71
C HIS D 514 10.83 1.85 44.38
N VAL D 515 9.62 2.42 44.35
CA VAL D 515 9.29 3.70 44.99
C VAL D 515 9.40 3.62 46.51
N GLN D 516 8.83 2.56 47.13
CA GLN D 516 8.87 2.30 48.57
C GLN D 516 10.30 2.07 49.06
N ARG D 517 11.08 1.33 48.26
CA ARG D 517 12.51 1.07 48.51
C ARG D 517 13.32 2.36 48.46
N LEU D 518 13.01 3.23 47.48
CA LEU D 518 13.64 4.55 47.31
C LEU D 518 13.37 5.47 48.50
N VAL D 519 12.10 5.51 48.97
CA VAL D 519 11.67 6.30 50.12
C VAL D 519 12.34 5.81 51.41
N SER D 520 12.42 4.47 51.60
CA SER D 520 13.07 3.87 52.78
C SER D 520 14.58 4.09 52.79
N LEU D 521 15.25 3.95 51.64
CA LEU D 521 16.69 4.15 51.54
C LEU D 521 17.10 5.62 51.46
N SER D 522 16.13 6.54 51.25
CA SER D 522 16.38 7.98 51.20
C SER D 522 16.92 8.56 52.52
N ASN D 523 16.48 8.00 53.67
CA ASN D 523 16.83 8.40 55.06
C ASN D 523 16.49 9.86 55.35
N THR D 524 15.21 10.20 55.18
CA THR D 524 14.70 11.57 55.38
C THR D 524 13.50 11.56 56.31
N ASP D 525 13.17 12.77 56.80
CA ASP D 525 12.01 13.00 57.66
C ASP D 525 10.74 13.22 56.82
N VAL D 526 9.67 13.67 57.51
CA VAL D 526 8.35 13.92 56.90
C VAL D 526 8.39 15.07 55.89
N LEU D 527 9.29 16.04 56.09
CA LEU D 527 9.45 17.20 55.23
C LEU D 527 10.57 16.98 54.23
N GLY D 528 11.15 15.79 54.20
CA GLY D 528 12.18 15.42 53.26
C GLY D 528 13.59 15.83 53.65
N ARG D 529 13.77 16.52 54.77
CA ARG D 529 15.09 16.92 55.25
C ARG D 529 15.91 15.71 55.69
N HIS D 530 17.20 15.71 55.34
CA HIS D 530 18.14 14.61 55.58
C HIS D 530 18.59 14.58 57.06
N TYR D 531 17.68 14.12 57.92
CA TYR D 531 17.97 14.03 59.34
C TYR D 531 17.73 12.65 59.94
N ARG D 532 17.13 11.72 59.17
CA ARG D 532 16.79 10.32 59.53
C ARG D 532 15.94 10.07 60.78
N GLY D 546 5.25 12.10 65.07
CA GLY D 546 6.25 11.10 65.37
C GLY D 546 6.36 10.03 64.30
N ARG D 547 6.40 8.77 64.74
CA ARG D 547 6.48 7.60 63.87
C ARG D 547 5.25 7.39 63.00
N ASP D 548 4.05 7.63 63.58
CA ASP D 548 2.76 7.49 62.89
C ASP D 548 2.64 8.46 61.72
N LEU D 549 3.04 9.72 61.93
CA LEU D 549 3.07 10.75 60.91
C LEU D 549 4.11 10.45 59.83
N ALA D 550 5.23 9.82 60.22
CA ALA D 550 6.30 9.49 59.28
C ALA D 550 5.98 8.30 58.38
N ASN D 551 4.96 7.51 58.71
CA ASN D 551 4.53 6.38 57.90
C ASN D 551 3.22 6.63 57.18
N THR D 552 2.28 7.31 57.84
CA THR D 552 0.98 7.63 57.27
C THR D 552 1.09 8.66 56.14
N ARG D 553 2.08 9.55 56.23
CA ARG D 553 2.29 10.59 55.22
C ARG D 553 3.72 10.50 54.67
N ALA D 554 4.19 9.28 54.43
CA ALA D 554 5.53 9.04 53.92
C ALA D 554 5.72 9.37 52.43
N TYR D 555 4.65 9.60 51.67
CA TYR D 555 4.74 9.86 50.25
C TYR D 555 4.22 11.23 49.85
N ASN D 556 4.39 12.22 50.72
CA ASN D 556 4.05 13.61 50.41
C ASN D 556 5.00 14.17 49.35
N VAL D 557 4.50 15.19 48.62
CA VAL D 557 5.15 15.75 47.41
C VAL D 557 6.44 16.49 47.74
N LEU D 558 6.52 17.10 48.94
CA LEU D 558 7.70 17.84 49.39
C LEU D 558 8.88 16.91 49.63
N ARG D 559 8.59 15.77 50.30
CA ARG D 559 9.60 14.73 50.58
C ARG D 559 10.14 14.10 49.30
N MET D 560 9.24 13.82 48.32
CA MET D 560 9.60 13.30 47.00
C MET D 560 10.42 14.28 46.20
N ASP D 561 10.09 15.60 46.33
CA ASP D 561 10.82 16.72 45.74
C ASP D 561 12.26 16.78 46.26
N GLN D 562 12.44 16.57 47.58
CA GLN D 562 13.76 16.50 48.21
C GLN D 562 14.59 15.30 47.70
N ILE D 563 13.94 14.12 47.54
CA ILE D 563 14.58 12.90 47.02
C ILE D 563 15.06 13.11 45.58
N PHE D 564 14.18 13.71 44.75
CA PHE D 564 14.49 14.07 43.36
C PHE D 564 15.58 15.14 43.30
N ALA D 565 15.55 16.08 44.28
CA ALA D 565 16.55 17.14 44.41
C ALA D 565 17.95 16.61 44.64
N ARG D 566 18.11 15.65 45.55
CA ARG D 566 19.40 14.96 45.69
C ARG D 566 19.75 14.10 44.46
N LEU D 567 18.74 13.54 43.78
CA LEU D 567 18.97 12.78 42.56
C LEU D 567 19.50 13.59 41.37
N VAL D 568 19.05 14.85 41.17
CA VAL D 568 19.51 15.63 40.00
C VAL D 568 20.96 16.09 40.12
N SER D 569 21.25 16.94 41.11
CA SER D 569 22.55 17.56 41.33
C SER D 569 22.60 18.07 42.75
N LYS D 570 23.65 18.82 43.05
CA LYS D 570 23.83 19.34 44.40
C LYS D 570 23.06 20.64 44.64
N ASP D 571 22.47 21.25 43.59
CA ASP D 571 21.78 22.53 43.70
C ASP D 571 20.37 22.57 43.11
N PHE D 572 19.67 21.44 43.02
CA PHE D 572 18.25 21.45 42.68
C PHE D 572 17.42 21.94 43.85
N SER D 573 16.59 22.96 43.60
CA SER D 573 15.67 23.44 44.63
C SER D 573 14.41 24.03 43.99
N VAL D 574 13.35 23.23 43.83
CA VAL D 574 12.11 23.77 43.26
C VAL D 574 11.36 24.61 44.29
N ASN D 575 11.01 25.80 43.86
CA ASN D 575 10.35 26.78 44.71
C ASN D 575 8.87 26.56 44.46
N ARG D 576 8.13 26.17 45.50
CA ARG D 576 6.70 25.94 45.36
C ARG D 576 5.98 27.11 46.01
N ASP D 577 4.85 27.48 45.44
CA ASP D 577 4.02 28.56 45.95
C ASP D 577 2.58 28.06 45.86
N PHE D 578 2.10 27.45 46.93
CA PHE D 578 0.73 26.94 46.95
C PHE D 578 -0.30 27.99 47.34
N THR D 579 0.15 29.21 47.70
CA THR D 579 -0.69 30.35 48.07
C THR D 579 -1.45 30.93 46.89
N ILE D 580 -0.95 30.70 45.66
CA ILE D 580 -1.59 31.16 44.44
C ILE D 580 -2.86 30.37 44.10
N TYR D 581 -3.14 29.22 44.77
CA TYR D 581 -4.35 28.45 44.46
C TYR D 581 -5.57 28.94 45.24
N ASP D 582 -5.41 29.95 46.09
CA ASP D 582 -6.51 30.60 46.80
C ASP D 582 -7.31 31.46 45.81
N SER D 583 -8.59 31.67 46.15
CA SER D 583 -9.51 32.43 45.29
C SER D 583 -9.19 33.93 45.17
N LYS D 584 -8.39 34.51 46.07
CA LYS D 584 -8.01 35.92 46.05
C LYS D 584 -7.05 36.31 44.90
N TYR D 585 -6.42 35.35 44.22
CA TYR D 585 -5.47 35.61 43.13
C TYR D 585 -6.09 35.40 41.76
N ASP D 586 -7.42 35.27 41.69
CA ASP D 586 -8.17 35.01 40.45
C ASP D 586 -8.08 36.19 39.46
N LYS D 587 -7.94 37.43 39.97
CA LYS D 587 -7.87 38.62 39.13
C LYS D 587 -6.56 38.78 38.35
N VAL D 588 -5.50 38.07 38.75
CA VAL D 588 -4.18 38.07 38.10
C VAL D 588 -4.32 37.45 36.71
N PRO D 589 -3.77 38.08 35.64
CA PRO D 589 -3.96 37.57 34.26
C PRO D 589 -3.37 36.20 33.94
N GLY D 590 -2.08 36.02 34.19
CA GLY D 590 -1.35 34.82 33.80
C GLY D 590 -1.38 33.65 34.77
N ILE D 591 -2.14 33.77 35.86
CA ILE D 591 -2.20 32.81 36.98
C ILE D 591 -2.65 31.39 36.55
N GLN D 592 -3.57 31.28 35.58
CA GLN D 592 -4.12 30.01 35.05
C GLN D 592 -3.05 29.12 34.41
N PHE D 593 -2.07 29.78 33.77
CA PHE D 593 -0.87 29.15 33.22
C PHE D 593 0.05 28.65 34.32
N ARG D 594 0.33 29.51 35.33
CA ARG D 594 1.24 29.18 36.45
C ARG D 594 0.73 27.99 37.28
N ARG D 595 -0.55 28.04 37.70
CA ARG D 595 -1.26 26.95 38.40
C ARG D 595 -1.23 25.63 37.62
N THR D 596 -1.40 25.73 36.27
CA THR D 596 -1.31 24.62 35.31
C THR D 596 0.11 24.04 35.32
N ALA D 597 1.11 24.94 35.13
CA ALA D 597 2.52 24.64 34.93
C ALA D 597 3.10 23.91 36.15
N GLN D 598 2.91 24.50 37.34
CA GLN D 598 3.27 23.93 38.65
C GLN D 598 2.66 22.53 38.87
N ALA D 599 1.31 22.41 38.66
CA ALA D 599 0.57 21.14 38.79
C ALA D 599 1.10 20.03 37.88
N SER D 600 1.26 20.37 36.58
CA SER D 600 1.81 19.53 35.52
C SER D 600 3.21 19.06 35.88
N HIS D 601 4.06 20.01 36.34
CA HIS D 601 5.44 19.75 36.78
C HIS D 601 5.50 18.68 37.87
N MET D 602 4.63 18.82 38.89
CA MET D 602 4.58 17.88 40.02
C MET D 602 4.16 16.47 39.55
N LEU D 603 3.10 16.43 38.70
CA LEU D 603 2.64 15.20 38.05
C LEU D 603 3.69 14.60 37.10
N PHE D 604 4.39 15.48 36.33
CA PHE D 604 5.53 15.14 35.48
C PHE D 604 6.61 14.38 36.24
N LEU D 605 7.02 14.91 37.42
CA LEU D 605 8.04 14.28 38.28
C LEU D 605 7.58 12.92 38.79
N TRP D 606 6.28 12.81 39.14
CA TRP D 606 5.66 11.54 39.55
C TRP D 606 5.72 10.50 38.41
N ALA D 607 5.38 10.94 37.19
CA ALA D 607 5.43 10.08 35.99
C ALA D 607 6.87 9.69 35.61
N ILE D 608 7.85 10.53 35.93
CA ILE D 608 9.26 10.17 35.73
C ILE D 608 9.69 9.11 36.74
N CYS D 609 9.19 9.24 37.99
CA CYS D 609 9.48 8.31 39.09
C CYS D 609 8.90 6.92 38.81
N LEU D 610 7.74 6.83 38.19
CA LEU D 610 7.12 5.49 37.97
C LEU D 610 7.59 4.95 36.62
N ASP D 611 8.30 5.75 35.82
CA ASP D 611 8.86 5.41 34.49
C ASP D 611 7.75 5.16 33.45
N ARG D 612 6.74 6.01 33.48
CA ARG D 612 5.64 6.01 32.52
C ARG D 612 5.89 7.15 31.52
N PHE D 613 6.52 6.82 30.36
CA PHE D 613 7.05 7.80 29.40
C PHE D 613 5.96 8.65 28.71
N ARG D 614 4.82 8.03 28.39
CA ARG D 614 3.74 8.66 27.63
C ARG D 614 3.04 9.74 28.47
N MET D 615 2.76 9.39 29.72
CA MET D 615 2.19 10.29 30.71
C MET D 615 3.14 11.43 31.04
N ALA D 616 4.45 11.11 31.11
CA ALA D 616 5.55 12.07 31.29
C ALA D 616 5.64 13.09 30.17
N ARG D 617 5.56 12.61 28.91
CA ARG D 617 5.61 13.44 27.72
C ARG D 617 4.40 14.38 27.63
N HIS D 618 3.21 13.88 27.99
CA HIS D 618 1.99 14.70 27.99
C HIS D 618 2.03 15.81 29.05
N PHE D 619 2.46 15.47 30.29
CA PHE D 619 2.59 16.48 31.34
C PHE D 619 3.75 17.44 31.08
N TRP D 620 4.81 16.96 30.41
CA TRP D 620 5.91 17.78 29.94
C TRP D 620 5.45 18.79 28.89
N LEU D 621 4.56 18.35 27.96
CA LEU D 621 4.03 19.24 26.93
C LEU D 621 3.07 20.33 27.44
N ILE D 622 2.18 20.01 28.40
CA ILE D 622 1.26 21.04 28.95
C ILE D 622 1.96 22.15 29.75
N GLY D 623 2.92 21.80 30.61
CA GLY D 623 3.62 22.75 31.44
C GLY D 623 4.70 23.54 30.70
N ASP D 624 5.53 24.23 31.48
CA ASP D 624 6.57 25.01 30.88
C ASP D 624 7.96 24.50 31.25
N GLN D 625 8.97 25.27 30.78
CA GLN D 625 10.42 25.02 30.91
C GLN D 625 10.79 23.65 30.35
N SER D 626 10.43 23.45 29.06
CA SER D 626 10.41 22.16 28.35
C SER D 626 11.80 21.52 28.23
N ILE D 627 12.80 22.34 27.86
CA ILE D 627 14.18 21.91 27.61
C ILE D 627 14.82 21.43 28.92
N ILE D 628 14.63 22.26 29.96
CA ILE D 628 15.17 22.06 31.30
C ILE D 628 14.56 20.84 31.96
N ASN D 629 13.24 20.64 31.78
CA ASN D 629 12.48 19.49 32.30
C ASN D 629 12.88 18.19 31.62
N ALA D 630 13.16 18.26 30.30
CA ALA D 630 13.64 17.09 29.55
C ALA D 630 15.03 16.65 30.05
N LEU D 631 15.91 17.64 30.33
CA LEU D 631 17.24 17.38 30.93
C LEU D 631 17.11 16.76 32.33
N VAL D 632 16.14 17.27 33.12
CA VAL D 632 15.83 16.80 34.48
C VAL D 632 15.33 15.36 34.44
N ALA D 633 14.46 15.06 33.45
CA ALA D 633 13.90 13.73 33.19
C ALA D 633 14.97 12.71 32.82
N SER D 634 15.91 13.11 31.94
CA SER D 634 17.06 12.30 31.52
C SER D 634 18.00 12.01 32.69
N ARG D 635 18.31 13.05 33.50
CA ARG D 635 19.18 12.92 34.68
C ARG D 635 18.60 12.01 35.76
N ILE D 636 17.29 12.16 36.08
CA ILE D 636 16.60 11.36 37.12
C ILE D 636 16.52 9.89 36.71
N LEU D 637 16.16 9.60 35.43
CA LEU D 637 16.12 8.22 34.91
C LEU D 637 17.50 7.56 34.85
N GLU D 638 18.54 8.31 34.43
CA GLU D 638 19.91 7.80 34.41
C GLU D 638 20.45 7.51 35.83
N ARG D 639 20.16 8.40 36.80
CA ARG D 639 20.61 8.17 38.17
C ARG D 639 19.82 7.07 38.87
N LEU D 640 18.52 6.98 38.59
CA LEU D 640 17.66 5.95 39.17
C LEU D 640 18.00 4.56 38.65
N SER D 641 18.34 4.45 37.35
CA SER D 641 18.71 3.18 36.71
C SER D 641 19.98 2.52 37.30
N THR D 642 20.89 3.28 37.91
CA THR D 642 22.08 2.74 38.56
C THR D 642 22.02 2.90 40.07
N HIS D 643 20.84 3.26 40.61
CA HIS D 643 20.65 3.48 42.04
C HIS D 643 20.51 2.13 42.74
N ARG D 644 20.72 2.13 44.07
CA ARG D 644 20.58 0.94 44.92
C ARG D 644 19.14 0.42 45.03
N ALA D 645 18.14 1.28 44.84
CA ALA D 645 16.74 0.90 44.96
C ALA D 645 16.20 0.13 43.76
N LEU D 646 16.90 0.17 42.63
CA LEU D 646 16.47 -0.48 41.39
C LEU D 646 17.22 -1.77 41.14
N GLN D 647 18.12 -2.16 42.03
CA GLN D 647 18.83 -3.43 41.86
C GLN D 647 17.88 -4.49 42.39
N GLY D 648 17.75 -5.59 41.65
CA GLY D 648 16.83 -6.64 41.99
C GLY D 648 16.52 -7.44 40.75
N PRO D 649 16.17 -8.77 40.89
CA PRO D 649 15.88 -9.64 39.73
C PRO D 649 14.71 -9.20 38.85
N HIS D 650 13.70 -8.60 39.46
CA HIS D 650 12.47 -8.23 38.77
C HIS D 650 12.53 -6.85 38.14
N LEU D 651 13.56 -6.05 38.46
CA LEU D 651 13.60 -4.66 38.00
C LEU D 651 14.44 -4.43 36.75
N ALA D 652 15.03 -5.51 36.17
CA ALA D 652 15.99 -5.44 35.06
C ALA D 652 15.42 -4.74 33.82
N GLU D 653 14.25 -5.22 33.36
CA GLU D 653 13.48 -4.67 32.23
C GLU D 653 13.10 -3.21 32.48
N GLU D 654 12.65 -2.93 33.72
CA GLU D 654 12.35 -1.58 34.22
C GLU D 654 13.55 -0.64 34.07
N ARG D 655 14.74 -1.08 34.54
CA ARG D 655 16.04 -0.38 34.43
C ARG D 655 16.37 -0.02 32.98
N ALA D 656 16.23 -1.04 32.09
CA ALA D 656 16.42 -0.93 30.63
C ALA D 656 15.50 0.16 30.05
N LYS D 657 14.20 0.10 30.44
CA LYS D 657 13.14 1.05 30.07
C LYS D 657 13.54 2.47 30.47
N MET D 658 14.04 2.65 31.73
CA MET D 658 14.55 3.93 32.27
C MET D 658 15.62 4.53 31.38
N GLN D 659 16.65 3.71 31.04
CA GLN D 659 17.76 4.10 30.13
C GLN D 659 17.24 4.56 28.76
N HIS D 660 16.33 3.75 28.17
CA HIS D 660 15.62 4.02 26.89
C HIS D 660 14.89 5.37 26.91
N ASN D 661 14.06 5.57 27.96
CA ASN D 661 13.29 6.80 28.21
C ASN D 661 14.19 8.02 28.39
N ALA D 662 15.32 7.84 29.13
CA ALA D 662 16.36 8.87 29.35
C ALA D 662 16.89 9.40 28.01
N LYS D 663 17.30 8.46 27.11
CA LYS D 663 17.77 8.80 25.75
C LYS D 663 16.71 9.55 24.95
N LYS D 664 15.44 9.06 25.01
CA LYS D 664 14.28 9.69 24.34
C LYS D 664 14.06 11.14 24.80
N PHE D 665 14.08 11.38 26.14
CA PHE D 665 13.93 12.73 26.71
C PHE D 665 15.08 13.65 26.31
N GLU D 666 16.32 13.09 26.31
CA GLU D 666 17.53 13.76 25.82
C GLU D 666 17.35 14.24 24.37
N GLU D 667 16.82 13.33 23.51
CA GLU D 667 16.48 13.58 22.10
C GLU D 667 15.47 14.73 21.97
N LEU D 668 14.42 14.71 22.82
CA LEU D 668 13.41 15.79 22.92
C LEU D 668 14.06 17.16 23.21
N ALA D 669 14.97 17.19 24.22
CA ALA D 669 15.72 18.40 24.65
C ALA D 669 16.55 19.00 23.51
N VAL D 670 17.15 18.09 22.70
CA VAL D 670 17.93 18.41 21.50
C VAL D 670 17.00 18.97 20.44
N GLY D 671 15.85 18.29 20.22
CA GLY D 671 14.88 18.62 19.18
C GLY D 671 14.25 20.01 19.30
N VAL D 672 13.71 20.31 20.52
CA VAL D 672 13.15 21.62 20.90
C VAL D 672 14.21 22.72 20.72
N LEU D 673 15.47 22.45 21.21
CA LEU D 673 16.66 23.32 21.08
C LEU D 673 16.96 23.66 19.61
N GLY D 674 16.96 22.60 18.77
CA GLY D 674 17.12 22.70 17.31
C GLY D 674 16.08 23.59 16.65
N GLU D 675 14.80 23.41 17.03
CA GLU D 675 13.67 24.24 16.58
C GLU D 675 13.87 25.71 16.93
N CYS D 676 14.32 25.99 18.18
CA CYS D 676 14.65 27.33 18.66
C CYS D 676 15.75 27.97 17.82
N HIS D 677 16.82 27.20 17.54
CA HIS D 677 17.93 27.66 16.70
C HIS D 677 17.50 27.87 15.25
N GLY D 678 16.52 27.08 14.78
CA GLY D 678 15.97 27.28 13.46
C GLY D 678 15.14 28.54 13.34
N SER D 679 14.44 28.92 14.42
CA SER D 679 13.53 30.05 14.30
C SER D 679 14.28 31.36 14.47
N ASP D 680 15.04 31.50 15.56
CA ASP D 680 15.79 32.72 15.84
C ASP D 680 16.96 32.30 16.72
N SER D 681 18.17 32.27 16.13
CA SER D 681 19.41 31.84 16.80
C SER D 681 19.82 32.73 17.96
N HIS D 682 19.67 34.06 17.81
CA HIS D 682 20.01 35.04 18.85
C HIS D 682 19.10 34.90 20.08
N MET D 683 17.79 34.71 19.84
CA MET D 683 16.80 34.51 20.90
C MET D 683 17.03 33.16 21.59
N ALA D 684 17.46 32.15 20.81
CA ALA D 684 17.84 30.83 21.33
C ALA D 684 19.08 30.92 22.22
N SER D 685 20.05 31.77 21.82
CA SER D 685 21.25 32.05 22.62
C SER D 685 20.90 32.74 23.93
N GLU D 686 19.94 33.69 23.87
CA GLU D 686 19.40 34.38 25.04
C GLU D 686 18.70 33.40 25.98
N MET D 687 17.97 32.43 25.40
CA MET D 687 17.31 31.36 26.14
C MET D 687 18.33 30.46 26.84
N LEU D 688 19.41 30.09 26.13
CA LEU D 688 20.48 29.26 26.72
C LEU D 688 21.29 30.00 27.78
N HIS D 689 21.35 31.34 27.71
CA HIS D 689 22.07 32.13 28.69
C HIS D 689 21.20 32.53 29.88
N SER D 690 19.90 32.27 29.83
CA SER D 690 18.97 32.68 30.88
C SER D 690 19.16 31.87 32.16
N LYS D 691 19.25 32.59 33.27
CA LYS D 691 19.37 31.95 34.57
C LYS D 691 18.00 31.54 35.10
N ASN D 692 17.91 30.27 35.51
CA ASN D 692 16.68 29.67 35.97
C ASN D 692 16.77 29.49 37.49
N ASP D 693 15.68 29.86 38.19
CA ASP D 693 15.60 29.80 39.65
C ASP D 693 15.67 28.39 40.22
N MET D 694 15.26 27.36 39.47
CA MET D 694 15.21 25.96 39.94
C MET D 694 16.58 25.32 40.21
N PHE D 695 17.67 25.89 39.66
CA PHE D 695 19.05 25.44 39.86
C PHE D 695 20.03 26.49 40.38
N ASN D 696 19.61 27.27 41.40
CA ASN D 696 20.40 28.26 42.19
C ASN D 696 21.07 29.32 41.27
N LYS D 697 20.29 29.82 40.28
CA LYS D 697 20.58 30.97 39.39
C LYS D 697 21.85 30.75 38.53
N LYS D 698 21.75 29.76 37.62
CA LYS D 698 22.73 29.48 36.58
C LYS D 698 22.07 28.85 35.35
N ASN D 699 22.76 28.92 34.21
CA ASN D 699 22.12 28.76 32.90
C ASN D 699 21.92 27.29 32.51
N ALA D 700 21.34 27.09 31.31
CA ALA D 700 20.92 25.77 30.82
C ALA D 700 22.05 24.84 30.39
N ILE D 701 23.17 25.40 29.89
CA ILE D 701 24.33 24.62 29.47
C ILE D 701 25.01 23.98 30.69
N ASN D 702 25.05 24.72 31.81
CA ASN D 702 25.54 24.22 33.11
C ASN D 702 24.69 23.06 33.63
N ILE D 703 23.37 23.18 33.44
CA ILE D 703 22.37 22.15 33.78
C ILE D 703 22.60 20.88 32.95
N ALA D 704 22.80 21.07 31.63
CA ALA D 704 23.05 19.99 30.66
C ALA D 704 24.34 19.24 30.93
N TYR D 705 25.39 19.99 31.29
CA TYR D 705 26.68 19.42 31.68
C TYR D 705 26.55 18.63 32.98
N ASP D 706 25.80 19.19 33.94
CA ASP D 706 25.53 18.51 35.22
C ASP D 706 24.66 17.27 35.02
N ALA D 707 23.78 17.28 34.01
CA ALA D 707 22.97 16.11 33.69
C ALA D 707 23.68 15.09 32.79
N LYS D 708 24.94 15.38 32.38
CA LYS D 708 25.84 14.59 31.52
C LYS D 708 25.19 14.26 30.18
N SER D 709 24.49 15.24 29.62
CA SER D 709 23.83 15.11 28.32
C SER D 709 24.82 15.48 27.23
N LEU D 710 25.50 14.46 26.70
CA LEU D 710 26.51 14.60 25.65
C LEU D 710 25.91 15.08 24.33
N ALA D 711 24.69 14.60 24.01
CA ALA D 711 23.95 14.95 22.79
C ALA D 711 23.58 16.43 22.74
N PHE D 712 23.15 16.99 23.89
CA PHE D 712 22.80 18.41 23.98
C PHE D 712 24.04 19.28 23.82
N LEU D 713 25.14 18.88 24.46
CA LEU D 713 26.41 19.61 24.40
C LEU D 713 27.05 19.53 23.03
N SER D 714 26.84 18.44 22.29
CA SER D 714 27.41 18.28 20.97
C SER D 714 26.60 18.95 19.86
N HIS D 715 25.41 19.50 20.19
CA HIS D 715 24.54 20.16 19.22
C HIS D 715 25.18 21.46 18.72
N PRO D 716 24.99 21.81 17.42
CA PRO D 716 25.58 23.07 16.86
C PRO D 716 25.15 24.39 17.51
N ALA D 717 23.90 24.49 18.00
CA ALA D 717 23.40 25.68 18.68
C ALA D 717 24.13 25.96 19.98
N THR D 718 24.27 24.89 20.80
CA THR D 718 24.99 24.93 22.08
C THR D 718 26.46 25.27 21.88
N GLN D 719 27.08 24.67 20.84
CA GLN D 719 28.48 24.89 20.46
C GLN D 719 28.71 26.31 19.96
N SER D 720 27.73 26.86 19.23
CA SER D 720 27.76 28.26 18.77
C SER D 720 27.74 29.25 19.94
N VAL D 721 26.89 28.97 20.96
CA VAL D 721 26.83 29.79 22.19
C VAL D 721 28.16 29.70 22.97
N ILE D 722 28.74 28.49 23.06
CA ILE D 722 30.03 28.22 23.75
C ILE D 722 31.20 28.91 23.04
N ASN D 723 31.20 28.91 21.68
CA ASN D 723 32.21 29.60 20.88
C ASN D 723 32.09 31.13 21.02
N ALA D 724 30.84 31.65 21.05
CA ALA D 724 30.58 33.06 21.32
C ALA D 724 31.06 33.46 22.72
N ASP D 725 30.88 32.57 23.70
CA ASP D 725 31.44 32.75 25.04
C ASP D 725 32.96 32.70 25.06
N TRP D 726 33.56 31.80 24.25
CA TRP D 726 35.01 31.70 24.09
C TRP D 726 35.62 32.99 23.60
N TYR D 727 35.02 33.59 22.55
CA TYR D 727 35.63 34.79 22.02
C TYR D 727 35.22 36.04 22.78
N GLY D 728 34.22 35.95 23.69
CA GLY D 728 33.76 37.07 24.49
C GLY D 728 33.17 38.16 23.62
N HIS D 729 33.59 39.39 23.87
CA HIS D 729 33.15 40.54 23.07
C HIS D 729 34.08 40.79 21.88
N LEU D 730 34.45 39.74 21.15
CA LEU D 730 35.27 39.89 19.91
C LEU D 730 34.61 39.15 18.75
N LYS D 731 34.88 39.55 17.51
CA LYS D 731 34.36 38.92 16.29
C LYS D 731 34.85 37.47 16.17
N SER D 732 33.96 36.59 15.71
CA SER D 732 34.25 35.16 15.55
C SER D 732 35.25 34.82 14.44
N VAL D 733 35.55 35.74 13.51
CA VAL D 733 36.48 35.45 12.42
C VAL D 733 37.96 35.57 12.79
N THR D 734 38.29 35.94 14.04
CA THR D 734 39.67 36.06 14.51
C THR D 734 40.37 34.71 14.58
N SER D 735 41.59 34.66 14.06
CA SER D 735 42.40 33.46 14.01
C SER D 735 43.37 33.48 15.18
N PHE D 736 44.08 32.35 15.36
CA PHE D 736 45.09 32.16 16.40
C PHE D 736 46.25 33.15 16.30
N TRP D 737 46.76 33.35 15.07
CA TRP D 737 47.89 34.23 14.79
C TRP D 737 47.57 35.71 15.02
N ALA D 738 46.34 36.14 14.64
CA ALA D 738 45.89 37.53 14.82
C ALA D 738 45.80 37.93 16.29
N VAL D 739 45.19 37.07 17.11
CA VAL D 739 45.04 37.29 18.56
C VAL D 739 46.41 37.19 19.24
N LEU D 740 47.27 36.27 18.76
CA LEU D 740 48.64 36.11 19.26
C LEU D 740 49.53 37.34 18.95
N PHE D 741 49.39 37.88 17.73
CA PHE D 741 50.09 39.08 17.30
C PHE D 741 49.62 40.32 18.07
N ALA D 742 48.30 40.43 18.28
CA ALA D 742 47.70 41.49 19.08
C ALA D 742 48.12 41.41 20.55
N PHE D 743 48.28 40.18 21.06
CA PHE D 743 48.83 39.95 22.39
C PHE D 743 50.28 40.42 22.46
N PHE D 744 51.06 40.20 21.38
CA PHE D 744 52.47 40.59 21.41
C PHE D 744 52.63 42.08 21.13
N PHE D 745 51.72 42.66 20.34
CA PHE D 745 51.75 44.06 19.98
C PHE D 745 50.43 44.69 20.40
N PRO D 746 50.27 45.09 21.69
CA PRO D 746 48.98 45.64 22.14
C PRO D 746 48.65 47.01 21.57
N PHE D 747 49.63 47.92 21.52
CA PHE D 747 49.37 49.27 21.06
C PHE D 747 49.48 49.43 19.55
N PHE D 748 49.81 48.37 18.81
CA PHE D 748 49.99 48.44 17.37
C PHE D 748 49.05 47.57 16.56
N VAL D 749 48.26 46.67 17.17
CA VAL D 749 47.41 45.80 16.37
C VAL D 749 45.95 45.92 16.77
N LEU D 750 45.70 46.29 18.03
CA LEU D 750 44.34 46.48 18.57
C LEU D 750 43.55 47.65 17.94
N PRO D 751 44.07 48.87 17.65
CA PRO D 751 43.22 49.89 17.02
C PRO D 751 42.76 49.43 15.63
N PHE D 752 43.62 48.79 14.85
CA PHE D 752 43.28 48.45 13.48
C PHE D 752 42.50 47.14 13.35
N ILE D 753 41.73 46.76 14.37
CA ILE D 753 40.92 45.56 14.38
C ILE D 753 39.53 46.00 14.81
N ASN D 754 38.51 45.65 14.02
CA ASN D 754 37.14 46.03 14.35
C ASN D 754 36.34 44.85 14.88
N PHE D 755 35.70 45.08 16.02
CA PHE D 755 34.92 44.11 16.78
C PHE D 755 34.00 44.82 17.77
N SER D 756 32.98 44.07 18.23
CA SER D 756 31.92 44.44 19.20
C SER D 756 31.13 45.71 18.86
N GLY D 787 41.51 59.55 23.59
CA GLY D 787 40.38 58.66 23.81
C GLY D 787 40.65 57.60 24.87
N ALA D 788 40.71 57.99 26.14
CA ALA D 788 40.82 56.99 27.21
C ALA D 788 39.45 56.32 27.24
N HIS D 789 38.46 56.99 26.65
CA HIS D 789 37.08 56.45 26.60
C HIS D 789 37.04 55.17 25.78
N ARG D 790 37.77 55.13 24.66
CA ARG D 790 37.68 53.96 23.74
C ARG D 790 38.88 53.03 23.89
N LEU D 791 40.08 53.57 24.09
CA LEU D 791 41.27 52.71 24.10
C LEU D 791 41.19 51.78 25.31
N ARG D 792 40.77 52.33 26.47
CA ARG D 792 40.58 51.59 27.73
C ARG D 792 39.47 50.54 27.57
N ARG D 793 38.38 50.90 26.85
CA ARG D 793 37.28 49.98 26.54
C ARG D 793 37.75 48.82 25.66
N LYS D 794 38.59 49.12 24.64
CA LYS D 794 39.16 48.11 23.73
C LYS D 794 40.10 47.15 24.48
N PHE D 795 40.88 47.67 25.42
CA PHE D 795 41.75 46.78 26.22
C PHE D 795 40.87 45.91 27.10
N ALA D 796 39.95 46.52 27.84
CA ALA D 796 39.12 45.75 28.78
C ALA D 796 38.29 44.68 28.08
N LYS D 797 37.94 44.90 26.80
CA LYS D 797 37.14 43.92 26.08
C LYS D 797 38.03 42.81 25.53
N PHE D 798 39.19 43.19 24.95
CA PHE D 798 40.11 42.20 24.38
C PHE D 798 40.70 41.32 25.48
N TYR D 799 41.12 41.92 26.60
CA TYR D 799 41.78 41.17 27.65
C TYR D 799 40.82 40.57 28.67
N SER D 800 39.49 40.79 28.55
CA SER D 800 38.57 40.06 29.41
C SER D 800 38.07 38.75 28.78
N ALA D 801 38.36 38.53 27.50
CA ALA D 801 37.96 37.33 26.76
C ALA D 801 38.66 36.06 27.27
N PRO D 802 37.92 34.94 27.42
CA PRO D 802 38.54 33.63 27.81
C PRO D 802 39.60 33.08 26.85
N TYR D 803 39.45 33.38 25.55
CA TYR D 803 40.39 32.97 24.50
C TYR D 803 41.77 33.57 24.70
N THR D 804 41.81 34.87 25.06
CA THR D 804 43.04 35.60 25.33
C THR D 804 43.75 35.04 26.57
N ARG D 805 42.97 34.69 27.61
CA ARG D 805 43.49 34.06 28.83
C ARG D 805 44.05 32.66 28.57
N PHE D 806 43.37 31.88 27.68
CA PHE D 806 43.85 30.56 27.26
C PHE D 806 45.18 30.67 26.51
N ILE D 807 45.28 31.68 25.62
CA ILE D 807 46.48 31.93 24.83
C ILE D 807 47.64 32.38 25.72
N SER D 808 47.34 33.22 26.75
CA SER D 808 48.33 33.68 27.75
C SER D 808 48.86 32.54 28.61
N ASP D 809 47.96 31.63 29.03
CA ASP D 809 48.34 30.42 29.77
C ASP D 809 49.19 29.46 28.93
N LEU D 810 48.85 29.30 27.64
CA LEU D 810 49.64 28.45 26.72
C LEU D 810 51.04 29.02 26.61
N LEU D 811 51.15 30.28 26.24
CA LEU D 811 52.46 30.93 26.08
C LEU D 811 53.29 30.85 27.34
N SER D 812 52.64 31.07 28.51
CA SER D 812 53.27 31.00 29.83
C SER D 812 53.81 29.60 30.14
N HIS D 813 53.00 28.56 29.83
CA HIS D 813 53.42 27.18 30.05
C HIS D 813 54.52 26.78 29.08
N PHE D 814 54.48 27.30 27.83
CA PHE D 814 55.54 27.07 26.84
C PHE D 814 56.87 27.67 27.27
N VAL D 815 56.83 28.87 27.85
CA VAL D 815 58.08 29.50 28.35
C VAL D 815 58.55 28.68 29.54
N LEU D 816 57.64 28.32 30.42
CA LEU D 816 57.98 27.48 31.59
C LEU D 816 58.70 26.19 31.19
N CYS D 817 58.20 25.51 30.14
CA CYS D 817 58.80 24.30 29.58
C CYS D 817 60.21 24.56 29.01
N VAL D 818 60.36 25.64 28.22
CA VAL D 818 61.64 26.02 27.58
C VAL D 818 62.70 26.43 28.63
N VAL D 819 62.30 27.29 29.60
CA VAL D 819 63.18 27.80 30.66
C VAL D 819 63.60 26.69 31.63
N THR D 820 62.64 25.82 32.03
CA THR D 820 62.91 24.68 32.91
C THR D 820 63.76 23.63 32.22
N SER D 821 63.54 23.41 30.90
CA SER D 821 64.34 22.52 30.05
C SER D 821 65.79 22.99 29.94
N TYR D 822 65.97 24.31 29.75
CA TYR D 822 67.29 24.96 29.75
C TYR D 822 67.98 24.80 31.09
N PHE D 823 67.23 24.98 32.20
CA PHE D 823 67.72 24.87 33.58
C PHE D 823 68.23 23.46 33.89
N VAL D 824 67.50 22.44 33.43
CA VAL D 824 67.89 21.04 33.65
C VAL D 824 69.10 20.67 32.78
N LEU D 825 69.16 21.18 31.52
CA LEU D 825 70.31 20.88 30.63
C LEU D 825 71.61 21.58 31.05
N ASP D 826 71.55 22.86 31.42
CA ASP D 826 72.72 23.63 31.88
C ASP D 826 73.12 23.14 33.27
N LYS D 827 74.42 23.25 33.56
CA LYS D 827 75.01 22.79 34.82
C LYS D 827 74.54 23.62 36.01
N LEU D 828 74.42 22.95 37.15
CA LEU D 828 74.06 23.61 38.38
C LEU D 828 75.28 24.32 38.95
N GLU D 829 75.03 25.47 39.57
CA GLU D 829 76.09 26.22 40.21
C GLU D 829 76.22 25.76 41.65
N ASP D 830 77.28 26.24 42.33
CA ASP D 830 77.55 25.91 43.73
C ASP D 830 76.61 26.58 44.74
N THR D 831 75.78 27.54 44.31
CA THR D 831 74.74 28.18 45.09
C THR D 831 73.46 28.13 44.26
N ILE D 832 72.37 28.60 44.85
CA ILE D 832 71.08 28.66 44.16
C ILE D 832 71.11 29.80 43.15
N SER D 833 70.93 29.46 41.87
CA SER D 833 71.05 30.42 40.79
C SER D 833 69.77 31.26 40.67
N ALA D 834 69.87 32.32 39.85
CA ALA D 834 68.77 33.26 39.59
C ALA D 834 67.57 32.61 38.89
N ILE D 835 67.85 31.73 37.91
CA ILE D 835 66.83 30.98 37.15
C ILE D 835 66.06 30.01 38.06
N GLU D 836 66.77 29.43 39.06
CA GLU D 836 66.18 28.57 40.10
C GLU D 836 65.20 29.33 40.99
N TRP D 837 65.55 30.58 41.35
CA TRP D 837 64.68 31.46 42.13
C TRP D 837 63.42 31.86 41.36
N ILE D 838 63.58 32.16 40.05
CA ILE D 838 62.48 32.50 39.13
C ILE D 838 61.50 31.33 38.99
N LEU D 839 62.04 30.10 38.83
CA LEU D 839 61.25 28.88 38.76
C LEU D 839 60.57 28.54 40.09
N LEU D 840 61.23 28.84 41.23
CA LEU D 840 60.65 28.69 42.57
C LEU D 840 59.42 29.57 42.78
N VAL D 841 59.51 30.86 42.38
CA VAL D 841 58.41 31.84 42.44
C VAL D 841 57.26 31.42 41.51
N TRP D 842 57.63 30.86 40.36
CA TRP D 842 56.67 30.40 39.32
C TRP D 842 55.89 29.18 39.77
N PHE D 843 56.56 28.24 40.41
CA PHE D 843 55.86 27.04 40.91
C PHE D 843 55.08 27.26 42.21
N VAL D 844 55.47 28.25 43.03
CA VAL D 844 54.65 28.58 44.23
C VAL D 844 53.37 29.23 43.68
N ALA D 845 53.51 30.13 42.70
CA ALA D 845 52.36 30.75 42.03
C ALA D 845 51.42 29.73 41.39
N LEU D 846 52.00 28.69 40.74
CA LEU D 846 51.24 27.58 40.16
C LEU D 846 50.52 26.78 41.24
N LEU D 847 51.19 26.54 42.39
CA LEU D 847 50.61 25.84 43.55
C LEU D 847 49.44 26.62 44.15
N LEU D 848 49.58 27.96 44.26
CA LEU D 848 48.52 28.86 44.73
C LEU D 848 47.34 28.87 43.77
N GLU D 849 47.63 28.82 42.46
CA GLU D 849 46.61 28.72 41.41
C GLU D 849 45.84 27.40 41.52
N GLU D 850 46.56 26.29 41.82
CA GLU D 850 45.94 24.98 42.04
C GLU D 850 45.04 24.98 43.28
N LEU D 851 45.48 25.65 44.37
CA LEU D 851 44.67 25.82 45.58
C LEU D 851 43.42 26.67 45.33
N ARG D 852 43.58 27.75 44.52
CA ARG D 852 42.47 28.63 44.13
C ARG D 852 41.42 27.89 43.29
N GLN D 853 41.84 26.97 42.44
CA GLN D 853 40.88 26.21 41.61
C GLN D 853 40.28 25.09 42.44
N MET D 854 41.01 24.54 43.40
CA MET D 854 40.43 23.56 44.34
C MET D 854 39.34 24.15 45.23
N ILE D 855 39.55 25.35 45.78
CA ILE D 855 38.57 25.99 46.66
C ILE D 855 37.29 26.42 45.92
N PHE D 856 37.38 26.97 44.70
CA PHE D 856 36.22 27.55 44.04
C PHE D 856 35.50 26.61 43.10
N CYS D 857 35.91 25.34 43.01
CA CYS D 857 35.22 24.39 42.15
C CYS D 857 34.04 23.74 42.88
N ASP D 858 33.40 22.80 42.17
CA ASP D 858 32.29 21.99 42.71
C ASP D 858 32.78 20.71 43.40
N GLY D 859 33.72 20.86 44.33
CA GLY D 859 34.27 19.79 45.14
C GLY D 859 35.62 19.26 44.69
N ILE D 860 36.28 18.55 45.62
CA ILE D 860 37.59 17.92 45.47
C ILE D 860 37.56 16.81 44.40
N ALA D 861 36.44 16.08 44.33
CA ALA D 861 36.19 14.99 43.36
C ALA D 861 36.19 15.46 41.91
N GLU D 862 35.56 16.62 41.62
CA GLU D 862 35.53 17.22 40.29
C GLU D 862 36.94 17.63 39.84
N TYR D 863 37.74 18.19 40.77
CA TYR D 863 39.12 18.58 40.52
C TYR D 863 39.99 17.35 40.25
N ILE D 864 39.88 16.32 41.10
CA ILE D 864 40.73 15.13 40.98
C ILE D 864 40.29 14.20 39.83
N SER D 865 39.06 14.39 39.27
CA SER D 865 38.60 13.66 38.10
C SER D 865 39.42 14.01 36.86
N ASP D 866 39.78 15.29 36.70
CA ASP D 866 40.56 15.79 35.57
C ASP D 866 41.97 15.23 35.62
N THR D 867 42.47 14.77 34.46
CA THR D 867 43.81 14.20 34.38
C THR D 867 44.90 15.28 34.45
N TRP D 868 44.58 16.48 33.94
CA TRP D 868 45.49 17.63 33.92
C TRP D 868 45.79 18.22 35.30
N ASN D 869 44.80 18.20 36.22
CA ASN D 869 45.01 18.60 37.61
C ASN D 869 45.95 17.64 38.35
N ARG D 870 45.81 16.32 38.07
CA ARG D 870 46.69 15.27 38.60
C ARG D 870 48.12 15.46 38.10
N LEU D 871 48.26 15.80 36.80
CA LEU D 871 49.55 16.13 36.17
C LEU D 871 50.19 17.38 36.80
N ASP D 872 49.36 18.38 37.13
CA ASP D 872 49.77 19.62 37.81
C ASP D 872 50.35 19.33 39.20
N LEU D 873 49.69 18.42 39.95
CA LEU D 873 50.13 18.00 41.28
C LEU D 873 51.47 17.26 41.20
N ILE D 874 51.63 16.39 40.18
CA ILE D 874 52.88 15.67 39.91
C ILE D 874 54.03 16.64 39.57
N MET D 875 53.74 17.69 38.75
CA MET D 875 54.67 18.79 38.38
C MET D 875 55.23 19.56 39.58
N ILE D 876 54.30 20.04 40.44
CA ILE D 876 54.63 20.81 41.65
C ILE D 876 55.43 19.95 42.65
N THR D 877 54.98 18.68 42.86
CA THR D 877 55.62 17.72 43.77
C THR D 877 57.05 17.34 43.35
N LEU D 878 57.26 17.04 42.05
CA LEU D 878 58.57 16.70 41.48
C LEU D 878 59.57 17.85 41.56
N PHE D 879 59.12 19.09 41.22
CA PHE D 879 59.98 20.28 41.27
C PHE D 879 60.42 20.58 42.70
N PHE D 880 59.48 20.50 43.68
CA PHE D 880 59.83 20.82 45.07
C PHE D 880 60.76 19.78 45.71
N VAL D 881 60.58 18.52 45.33
CA VAL D 881 61.48 17.47 45.85
C VAL D 881 62.86 17.77 45.28
N GLY D 882 62.98 17.89 43.97
CA GLY D 882 64.26 18.18 43.32
C GLY D 882 64.95 19.43 43.83
N PHE D 883 64.17 20.52 44.02
CA PHE D 883 64.68 21.82 44.51
C PHE D 883 65.20 21.71 45.95
N PHE D 884 64.46 21.02 46.84
CA PHE D 884 64.92 20.85 48.22
C PHE D 884 66.11 19.90 48.30
N THR D 885 66.15 18.88 47.41
CA THR D 885 67.30 17.99 47.28
C THR D 885 68.56 18.76 46.89
N HIS D 886 68.43 19.71 45.95
CA HIS D 886 69.56 20.57 45.58
C HIS D 886 69.89 21.58 46.68
N ALA D 887 68.87 22.17 47.30
CA ALA D 887 69.03 23.26 48.26
C ALA D 887 69.52 22.80 49.62
N SER D 888 69.38 21.50 49.93
CA SER D 888 69.88 20.91 51.17
C SER D 888 71.41 21.00 51.27
N ASP D 889 72.10 20.76 50.15
CA ASP D 889 73.56 20.87 50.09
C ASP D 889 73.94 21.36 48.70
N PRO D 890 73.91 22.70 48.46
CA PRO D 890 74.17 23.25 47.09
C PRO D 890 75.57 23.03 46.53
N SER D 891 76.58 22.87 47.38
CA SER D 891 77.94 22.65 46.90
C SER D 891 78.24 21.17 46.69
N ASN D 892 77.34 20.27 47.08
CA ASN D 892 77.55 18.85 46.93
C ASN D 892 77.25 18.44 45.50
N GLN D 893 78.22 17.78 44.86
CA GLN D 893 78.12 17.31 43.46
C GLN D 893 77.06 16.22 43.32
N ASP D 894 77.01 15.31 44.29
CA ASP D 894 76.07 14.18 44.35
C ASP D 894 74.63 14.66 44.47
N SER D 895 74.41 15.72 45.27
CA SER D 895 73.10 16.37 45.44
C SER D 895 72.59 16.97 44.12
N LYS D 896 73.50 17.60 43.35
CA LYS D 896 73.21 18.15 42.02
C LYS D 896 72.80 17.05 41.04
N VAL D 897 73.52 15.91 41.09
CA VAL D 897 73.26 14.74 40.22
C VAL D 897 71.88 14.11 40.53
N VAL D 898 71.55 13.94 41.83
CA VAL D 898 70.27 13.40 42.30
C VAL D 898 69.12 14.36 41.97
N SER D 899 69.36 15.68 42.13
CA SER D 899 68.40 16.76 41.81
C SER D 899 68.05 16.81 40.33
N LYS D 900 69.07 16.67 39.45
CA LYS D 900 68.85 16.60 38.00
C LYS D 900 68.14 15.30 37.61
N GLY D 901 68.42 14.21 38.36
CA GLY D 901 67.71 12.94 38.19
C GLY D 901 66.21 13.03 38.49
N ILE D 902 65.86 13.76 39.55
CA ILE D 902 64.45 14.01 39.90
C ILE D 902 63.82 14.94 38.86
N HIS D 903 64.55 15.98 38.44
CA HIS D 903 64.09 16.98 37.47
C HIS D 903 63.97 16.47 36.02
N ALA D 904 64.58 15.32 35.72
CA ALA D 904 64.37 14.59 34.47
C ALA D 904 62.92 14.15 34.30
N PHE D 905 62.35 13.55 35.34
CA PHE D 905 60.91 13.25 35.38
C PHE D 905 60.03 14.51 35.24
N LEU D 906 60.44 15.63 35.89
CA LEU D 906 59.75 16.95 35.85
C LEU D 906 59.59 17.52 34.44
N VAL D 907 60.66 17.48 33.62
CA VAL D 907 60.62 18.02 32.24
C VAL D 907 59.68 17.19 31.35
N VAL D 908 59.69 15.85 31.51
CA VAL D 908 58.79 14.91 30.82
C VAL D 908 57.32 15.21 31.14
N VAL D 909 57.01 15.37 32.42
CA VAL D 909 55.60 15.68 32.84
C VAL D 909 55.21 17.06 32.29
N LEU D 910 56.12 18.03 32.32
CA LEU D 910 55.85 19.40 31.85
C LEU D 910 55.49 19.41 30.37
N TRP D 911 56.23 18.69 29.53
CA TRP D 911 55.92 18.61 28.10
C TRP D 911 54.64 17.81 27.85
N LEU D 912 54.37 16.77 28.69
CA LEU D 912 53.08 16.04 28.65
C LEU D 912 51.91 16.95 29.01
N ARG D 913 52.09 17.78 30.06
CA ARG D 913 51.08 18.76 30.48
C ARG D 913 50.81 19.83 29.42
N PHE D 914 51.82 20.15 28.56
CA PHE D 914 51.67 21.08 27.42
C PHE D 914 50.68 20.59 26.33
N MET D 915 50.34 19.27 26.27
CA MET D 915 49.35 18.75 25.32
C MET D 915 47.91 19.16 25.62
N ARG D 916 47.61 19.69 26.82
CA ARG D 916 46.29 20.23 27.20
C ARG D 916 45.80 21.35 26.28
N TYR D 917 46.72 22.16 25.75
CA TYR D 917 46.43 23.29 24.89
C TYR D 917 46.28 22.89 23.43
N TYR D 918 46.53 21.62 23.10
CA TYR D 918 46.21 21.07 21.78
C TYR D 918 44.71 20.86 21.58
N ALA D 919 43.93 20.75 22.68
CA ALA D 919 42.49 20.47 22.68
C ALA D 919 41.62 21.55 22.03
N LEU D 920 42.11 22.79 21.91
CA LEU D 920 41.40 23.87 21.24
C LEU D 920 41.27 23.60 19.75
N SER D 921 42.32 23.02 19.17
CA SER D 921 42.40 22.71 17.75
C SER D 921 41.41 21.62 17.36
N LYS D 922 40.77 21.80 16.19
CA LYS D 922 39.83 20.80 15.67
C LYS D 922 40.49 19.52 15.16
N ASN D 923 41.81 19.53 14.99
CA ASN D 923 42.53 18.32 14.52
C ASN D 923 43.17 17.61 15.71
N LEU D 924 43.92 18.32 16.54
CA LEU D 924 44.69 17.67 17.60
C LEU D 924 43.83 17.25 18.79
N GLY D 925 42.82 18.02 19.18
CA GLY D 925 42.06 17.65 20.40
C GLY D 925 41.32 16.33 20.30
N PRO D 926 40.59 16.06 19.21
CA PRO D 926 39.97 14.77 19.06
C PRO D 926 41.02 13.64 19.02
N LYS D 927 42.19 13.89 18.41
CA LYS D 927 43.25 12.86 18.31
C LYS D 927 43.81 12.60 19.71
N LEU D 928 43.92 13.65 20.52
CA LEU D 928 44.35 13.47 21.94
C LEU D 928 43.34 12.52 22.59
N ILE D 929 42.06 12.83 22.43
CA ILE D 929 41.02 11.96 23.07
C ILE D 929 41.13 10.52 22.57
N MET D 930 41.39 10.31 21.28
CA MET D 930 41.57 8.95 20.74
C MET D 930 42.80 8.28 21.36
N MET D 931 43.88 9.01 21.54
CA MET D 931 45.12 8.45 22.15
C MET D 931 44.80 7.86 23.53
N MET D 932 44.09 8.60 24.38
CA MET D 932 43.71 8.10 25.73
C MET D 932 42.85 6.84 25.59
N GLU D 933 41.97 6.78 24.58
CA GLU D 933 41.16 5.58 24.36
C GLU D 933 42.03 4.39 23.92
N MET D 934 43.02 4.62 23.01
CA MET D 934 43.95 3.57 22.52
C MET D 934 44.92 3.05 23.60
N MET D 935 45.09 3.80 24.73
CA MET D 935 45.90 3.37 25.89
C MET D 935 45.47 2.02 26.49
N LYS D 936 44.16 1.71 26.43
CA LYS D 936 43.62 0.43 26.89
C LYS D 936 44.08 -0.73 26.01
N ASP D 937 44.08 -0.51 24.68
CA ASP D 937 44.63 -1.46 23.71
C ASP D 937 46.13 -1.66 23.88
N VAL D 938 46.85 -0.56 24.22
CA VAL D 938 48.29 -0.60 24.52
C VAL D 938 48.55 -1.45 25.77
N SER D 939 47.68 -1.28 26.80
CA SER D 939 47.73 -2.05 28.05
C SER D 939 47.44 -3.53 27.84
N THR D 940 46.47 -3.84 26.95
CA THR D 940 46.12 -5.20 26.53
C THR D 940 47.31 -5.89 25.84
N PHE D 941 47.99 -5.13 24.94
CA PHE D 941 49.21 -5.56 24.24
C PHE D 941 50.35 -5.84 25.22
N VAL D 942 50.49 -4.98 26.26
CA VAL D 942 51.51 -5.10 27.31
C VAL D 942 51.28 -6.38 28.13
N PHE D 943 50.00 -6.65 28.50
CA PHE D 943 49.63 -7.87 29.24
C PHE D 943 49.87 -9.15 28.43
N LEU D 944 49.53 -9.13 27.12
CA LEU D 944 49.84 -10.27 26.25
C LEU D 944 51.34 -10.42 26.00
N LEU D 945 52.06 -9.29 25.90
CA LEU D 945 53.49 -9.28 25.57
C LEU D 945 54.35 -9.72 26.73
N LEU D 946 53.84 -9.47 27.97
CA LEU D 946 54.50 -9.77 29.24
C LEU D 946 54.78 -11.26 29.42
N ILE D 947 53.84 -12.09 28.94
CA ILE D 947 53.90 -13.57 28.95
C ILE D 947 55.11 -14.08 28.15
N PHE D 948 55.21 -13.60 26.92
CA PHE D 948 56.31 -14.03 26.03
C PHE D 948 57.62 -13.42 26.52
N LEU D 949 57.65 -12.17 26.94
CA LEU D 949 58.86 -11.46 27.38
C LEU D 949 59.50 -12.12 28.61
N ILE D 950 58.69 -12.41 29.66
CA ILE D 950 59.17 -13.05 30.89
C ILE D 950 59.61 -14.49 30.62
N GLY D 951 58.79 -15.27 29.84
CA GLY D 951 59.09 -16.67 29.49
C GLY D 951 60.39 -16.83 28.70
N TYR D 952 60.51 -16.07 27.59
CA TYR D 952 61.70 -16.05 26.75
C TYR D 952 62.92 -15.50 27.50
N GLY D 953 62.71 -14.45 28.33
CA GLY D 953 63.79 -13.82 29.09
C GLY D 953 64.43 -14.70 30.14
N VAL D 954 63.60 -15.42 30.93
CA VAL D 954 64.07 -16.40 31.93
C VAL D 954 64.80 -17.56 31.25
N ALA D 955 64.18 -18.10 30.15
CA ALA D 955 64.74 -19.22 29.36
C ALA D 955 66.06 -18.86 28.69
N ALA D 956 66.12 -17.69 28.05
CA ALA D 956 67.28 -17.20 27.31
C ALA D 956 68.43 -16.82 28.24
N GLN D 957 68.12 -16.14 29.37
CA GLN D 957 69.11 -15.75 30.37
C GLN D 957 69.73 -16.97 31.05
N SER D 958 68.90 -18.01 31.32
CA SER D 958 69.40 -19.27 31.86
C SER D 958 70.29 -20.02 30.88
N LEU D 959 69.91 -20.03 29.59
CA LEU D 959 70.73 -20.71 28.56
C LEU D 959 72.05 -19.99 28.30
N LEU D 960 72.06 -18.64 28.32
CA LEU D 960 73.28 -17.89 28.03
C LEU D 960 74.30 -17.95 29.15
N SER D 961 73.85 -17.87 30.40
CA SER D 961 74.78 -17.91 31.52
C SER D 961 74.41 -18.95 32.57
N PRO D 962 74.72 -20.24 32.36
CA PRO D 962 74.34 -21.24 33.35
C PRO D 962 75.41 -21.30 34.42
N ASP D 963 75.09 -22.05 35.49
CA ASP D 963 75.87 -22.28 36.71
C ASP D 963 76.31 -20.96 37.38
N GLU D 964 75.37 -20.03 37.50
CA GLU D 964 75.63 -18.70 38.03
C GLU D 964 74.61 -18.40 39.14
N ASP D 965 75.08 -17.79 40.24
CA ASP D 965 74.22 -17.31 41.31
C ASP D 965 73.29 -16.19 40.84
N PHE D 966 72.06 -16.22 41.37
CA PHE D 966 71.04 -15.22 41.09
C PHE D 966 71.47 -13.90 41.72
N SER D 967 71.30 -12.81 40.96
CA SER D 967 71.64 -11.48 41.42
C SER D 967 70.71 -10.51 40.69
N SER D 968 70.93 -9.21 40.95
CA SER D 968 70.19 -8.16 40.26
C SER D 968 70.48 -8.10 38.77
N ARG D 969 71.72 -8.45 38.36
CA ARG D 969 72.17 -8.52 36.97
C ARG D 969 71.43 -9.58 36.16
N THR D 970 71.03 -10.69 36.82
CA THR D 970 70.20 -11.75 36.23
C THR D 970 68.82 -11.21 35.86
N PHE D 971 68.22 -10.40 36.76
CA PHE D 971 66.91 -9.77 36.55
C PHE D 971 66.95 -8.75 35.42
N ILE D 972 68.03 -7.93 35.39
CA ILE D 972 68.28 -6.94 34.33
C ILE D 972 68.51 -7.64 32.98
N GLY D 973 69.20 -8.80 33.00
CA GLY D 973 69.37 -9.62 31.80
C GLY D 973 68.08 -10.25 31.29
N VAL D 974 67.18 -10.62 32.22
CA VAL D 974 65.83 -11.10 31.87
C VAL D 974 65.02 -9.98 31.20
N LEU D 975 65.15 -8.74 31.71
CA LEU D 975 64.28 -7.69 31.21
C LEU D 975 64.83 -6.87 30.03
N PHE D 976 66.17 -6.73 29.89
CA PHE D 976 66.76 -5.71 29.02
C PHE D 976 66.64 -6.06 27.55
N ARG D 977 67.33 -7.10 27.09
CA ARG D 977 67.33 -7.41 25.65
C ARG D 977 65.94 -7.86 25.18
N PRO D 978 65.21 -8.80 25.84
CA PRO D 978 63.90 -9.20 25.35
C PRO D 978 62.94 -8.08 24.96
N TYR D 979 62.82 -7.03 25.76
CA TYR D 979 61.96 -5.87 25.52
C TYR D 979 62.45 -5.09 24.30
N PHE D 980 63.77 -4.83 24.19
CA PHE D 980 64.24 -4.03 23.07
C PHE D 980 64.37 -4.84 21.77
N GLN D 981 64.26 -6.17 21.80
CA GLN D 981 64.31 -6.96 20.56
C GLN D 981 63.00 -6.91 19.78
N ILE D 982 61.88 -6.52 20.39
CA ILE D 982 60.62 -6.39 19.63
C ILE D 982 60.55 -5.12 18.78
N TYR D 983 61.48 -4.18 18.93
CA TYR D 983 61.53 -2.97 18.14
C TYR D 983 62.52 -3.09 17.00
N GLY D 984 62.97 -4.31 16.71
CA GLY D 984 63.85 -4.57 15.60
C GLY D 984 65.33 -4.52 15.90
N GLU D 985 65.73 -4.02 17.07
CA GLU D 985 67.15 -4.01 17.43
C GLU D 985 67.55 -5.36 18.00
N LEU D 986 68.21 -6.16 17.17
CA LEU D 986 68.54 -7.52 17.55
C LEU D 986 69.94 -7.41 18.15
N PHE D 987 70.12 -8.03 19.31
CA PHE D 987 71.40 -8.11 20.03
C PHE D 987 72.21 -9.35 19.67
N LEU D 988 72.08 -9.86 18.43
CA LEU D 988 72.70 -11.12 17.95
C LEU D 988 74.22 -11.13 17.99
N ASP D 989 74.87 -10.01 17.65
CA ASP D 989 76.32 -9.89 17.83
C ASP D 989 76.70 -9.96 19.31
N ASP D 990 75.95 -9.22 20.16
CA ASP D 990 76.13 -9.21 21.61
C ASP D 990 75.78 -10.58 22.24
N LEU D 991 74.76 -11.25 21.73
CA LEU D 991 74.32 -12.57 22.26
C LEU D 991 75.35 -13.60 21.81
N ASN D 992 75.87 -13.44 20.61
CA ASN D 992 76.92 -14.31 20.08
C ASN D 992 78.20 -14.18 20.91
N SER D 993 78.54 -12.94 21.31
CA SER D 993 79.69 -12.69 22.19
C SER D 993 79.51 -13.30 23.57
N GLU D 994 78.30 -13.16 24.16
CA GLU D 994 78.00 -13.73 25.47
C GLU D 994 77.95 -15.26 25.45
N ALA D 995 77.55 -15.88 24.33
CA ALA D 995 77.48 -17.33 24.21
C ALA D 995 78.82 -18.07 24.12
N ASN D 996 79.95 -17.35 23.96
CA ASN D 996 81.34 -17.85 23.82
C ASN D 996 81.49 -18.83 22.65
N CYS D 997 80.86 -18.52 21.53
CA CYS D 997 80.96 -19.29 20.30
C CYS D 997 81.97 -18.63 19.37
N LEU D 998 83.01 -19.38 19.00
CA LEU D 998 84.17 -18.85 18.28
C LEU D 998 84.15 -19.09 16.77
N GLY D 999 83.13 -19.75 16.24
CA GLY D 999 83.06 -20.06 14.82
C GLY D 999 82.73 -18.85 13.95
N ASP D 1000 83.11 -18.96 12.67
CA ASP D 1000 82.77 -17.95 11.65
C ASP D 1000 81.26 -17.86 11.47
N THR D 1001 80.60 -19.02 11.41
CA THR D 1001 79.15 -19.08 11.48
C THR D 1001 78.87 -18.77 12.95
N PRO D 1002 77.90 -17.83 13.28
CA PRO D 1002 77.70 -17.39 14.68
C PRO D 1002 77.35 -18.33 15.83
N PHE D 1003 76.25 -19.06 15.85
CA PHE D 1003 75.95 -19.97 16.97
C PHE D 1003 76.42 -21.42 16.72
N THR D 1004 77.66 -21.54 16.22
CA THR D 1004 78.35 -22.81 16.04
C THR D 1004 79.72 -22.73 16.70
N GLU D 1005 80.24 -23.93 17.02
CA GLU D 1005 81.51 -24.22 17.73
C GLU D 1005 81.57 -23.55 19.10
N CYS D 1006 80.53 -23.81 19.89
CA CYS D 1006 80.36 -23.31 21.24
C CYS D 1006 80.83 -24.36 22.25
N SER D 1007 81.13 -23.86 23.46
CA SER D 1007 81.57 -24.71 24.58
C SER D 1007 80.46 -25.65 25.04
N ARG D 1008 79.23 -25.17 25.11
CA ARG D 1008 78.06 -25.95 25.50
C ARG D 1008 77.09 -26.03 24.33
N GLU D 1009 76.51 -27.20 24.12
CA GLU D 1009 75.56 -27.38 23.03
C GLU D 1009 74.18 -26.78 23.31
N THR D 1010 73.84 -26.52 24.58
CA THR D 1010 72.54 -25.97 24.96
C THR D 1010 72.35 -24.52 24.53
N VAL D 1011 73.43 -23.71 24.53
CA VAL D 1011 73.37 -22.28 24.20
C VAL D 1011 73.05 -22.02 22.71
N ARG D 1012 73.26 -23.02 21.82
CA ARG D 1012 72.91 -22.98 20.39
C ARG D 1012 71.39 -22.91 20.13
N MET D 1013 70.54 -23.22 21.12
CA MET D 1013 69.10 -23.05 21.09
C MET D 1013 68.67 -21.59 21.32
N VAL D 1014 69.58 -20.69 21.70
CA VAL D 1014 69.20 -19.26 21.87
C VAL D 1014 68.61 -18.68 20.59
N PRO D 1015 69.24 -18.74 19.39
CA PRO D 1015 68.62 -18.14 18.19
C PRO D 1015 67.25 -18.70 17.82
N PHE D 1016 66.93 -19.92 18.19
CA PHE D 1016 65.66 -20.66 17.97
C PHE D 1016 64.51 -20.15 18.83
N PHE D 1017 64.76 -20.06 20.17
CA PHE D 1017 63.86 -19.43 21.17
C PHE D 1017 63.48 -18.03 20.75
N LEU D 1018 64.53 -17.25 20.35
CA LEU D 1018 64.43 -15.89 19.81
C LEU D 1018 63.58 -15.89 18.56
N ALA D 1019 63.81 -16.90 17.68
CA ALA D 1019 63.07 -17.15 16.43
C ALA D 1019 61.58 -17.35 16.68
N VAL D 1020 61.25 -18.04 17.77
CA VAL D 1020 59.85 -18.19 18.13
C VAL D 1020 59.30 -16.87 18.66
N TYR D 1021 60.09 -16.21 19.54
CA TYR D 1021 59.72 -15.05 20.37
C TYR D 1021 59.33 -13.82 19.54
N ILE D 1022 60.20 -13.41 18.59
CA ILE D 1022 59.90 -12.26 17.73
C ILE D 1022 58.80 -12.57 16.72
N LEU D 1023 58.57 -13.88 16.41
CA LEU D 1023 57.42 -14.38 15.66
C LEU D 1023 56.17 -14.18 16.49
N GLY D 1024 56.31 -14.44 17.79
CA GLY D 1024 55.21 -14.17 18.70
C GLY D 1024 55.00 -12.67 18.86
N SER D 1025 56.09 -11.89 18.96
CA SER D 1025 55.89 -10.47 19.31
C SER D 1025 55.65 -9.55 18.12
N ASN D 1026 56.47 -9.62 17.08
CA ASN D 1026 56.39 -8.68 15.96
C ASN D 1026 55.40 -9.13 14.90
N VAL D 1027 55.48 -10.40 14.52
CA VAL D 1027 54.59 -10.95 13.49
C VAL D 1027 53.17 -11.08 14.01
N LEU D 1028 53.01 -11.56 15.24
CA LEU D 1028 51.66 -11.85 15.72
C LEU D 1028 51.05 -10.70 16.53
N LEU D 1029 51.72 -10.26 17.61
CA LEU D 1029 51.13 -9.32 18.57
C LEU D 1029 51.03 -7.87 18.05
N VAL D 1030 52.08 -7.39 17.35
CA VAL D 1030 52.14 -6.03 16.81
C VAL D 1030 51.07 -5.82 15.72
N ASN D 1031 50.90 -6.81 14.84
CA ASN D 1031 49.91 -6.77 13.76
C ASN D 1031 48.47 -6.86 14.31
N LEU D 1032 48.30 -7.65 15.38
CA LEU D 1032 47.05 -7.74 16.15
C LEU D 1032 46.70 -6.41 16.79
N LEU D 1033 47.72 -5.70 17.31
CA LEU D 1033 47.59 -4.36 17.90
C LEU D 1033 47.14 -3.33 16.85
N ILE D 1034 47.67 -3.45 15.60
CA ILE D 1034 47.29 -2.62 14.45
C ILE D 1034 45.80 -2.83 14.12
N ALA D 1035 45.35 -4.11 14.14
CA ALA D 1035 43.95 -4.47 13.91
C ALA D 1035 43.00 -3.92 15.01
N MET D 1036 43.44 -4.02 16.29
CA MET D 1036 42.69 -3.47 17.43
C MET D 1036 42.59 -1.95 17.38
N PHE D 1037 43.68 -1.28 16.97
CA PHE D 1037 43.73 0.17 16.80
C PHE D 1037 42.79 0.66 15.70
N ASN D 1038 42.76 -0.05 14.54
CA ASN D 1038 41.87 0.30 13.43
C ASN D 1038 40.40 0.13 13.76
N ASP D 1039 40.07 -0.99 14.44
CA ASP D 1039 38.70 -1.29 14.90
C ASP D 1039 38.22 -0.30 15.95
N THR D 1040 39.11 -0.01 16.93
CA THR D 1040 38.86 0.90 18.04
C THR D 1040 38.63 2.33 17.54
N TYR D 1041 39.45 2.76 16.55
CA TYR D 1041 39.38 4.08 15.87
C TYR D 1041 38.02 4.29 15.19
N MET D 1042 37.61 3.29 14.36
CA MET D 1042 36.31 3.29 13.68
C MET D 1042 35.14 3.28 14.68
N LYS D 1043 35.31 2.63 15.83
CA LYS D 1043 34.24 2.54 16.83
C LYS D 1043 34.05 3.87 17.58
N VAL D 1044 35.14 4.55 17.95
CA VAL D 1044 35.01 5.62 18.95
C VAL D 1044 35.36 7.02 18.40
N GLN D 1045 35.49 7.17 17.05
CA GLN D 1045 35.75 8.47 16.41
C GLN D 1045 34.64 9.53 16.63
N GLU D 1046 33.37 9.12 16.51
CA GLU D 1046 32.23 10.03 16.72
C GLU D 1046 32.07 10.41 18.19
N ALA D 1047 32.32 9.44 19.08
CA ALA D 1047 32.34 9.63 20.53
C ALA D 1047 33.47 10.56 20.96
N ALA D 1048 34.63 10.47 20.29
CA ALA D 1048 35.76 11.38 20.51
C ALA D 1048 35.42 12.80 20.11
N GLU D 1049 34.70 12.98 18.98
CA GLU D 1049 34.22 14.30 18.54
C GLU D 1049 33.23 14.91 19.55
N ASP D 1050 32.30 14.08 20.06
CA ASP D 1050 31.32 14.46 21.08
C ASP D 1050 31.99 14.84 22.40
N LEU D 1051 33.00 14.04 22.80
CA LEU D 1051 33.80 14.27 24.01
C LEU D 1051 34.63 15.55 23.88
N TRP D 1052 35.13 15.84 22.67
CA TRP D 1052 35.86 17.08 22.37
C TRP D 1052 34.95 18.30 22.49
N ARG D 1053 33.70 18.15 22.02
CA ARG D 1053 32.69 19.21 22.15
C ARG D 1053 32.30 19.45 23.61
N LYS D 1054 32.28 18.40 24.45
CA LYS D 1054 32.05 18.61 25.89
C LYS D 1054 33.27 19.29 26.57
N GLN D 1055 34.50 18.84 26.23
CA GLN D 1055 35.75 19.44 26.73
C GLN D 1055 36.00 20.87 26.27
N ASN D 1056 35.40 21.26 25.13
CA ASN D 1056 35.38 22.64 24.64
C ASN D 1056 34.70 23.55 25.64
N TYR D 1057 33.51 23.11 26.13
CA TYR D 1057 32.77 23.79 27.19
C TYR D 1057 33.55 23.83 28.50
N GLU D 1058 34.20 22.68 28.85
CA GLU D 1058 34.99 22.54 30.10
C GLU D 1058 36.15 23.53 30.15
N LEU D 1059 36.87 23.65 29.02
CA LEU D 1059 37.96 24.60 28.89
C LEU D 1059 37.45 26.04 28.90
N CYS D 1060 36.31 26.31 28.23
CA CYS D 1060 35.66 27.63 28.22
C CYS D 1060 35.18 28.09 29.59
N ALA D 1061 34.54 27.18 30.35
CA ALA D 1061 34.07 27.43 31.72
C ALA D 1061 35.23 27.64 32.69
N GLU D 1062 36.31 26.85 32.57
CA GLU D 1062 37.48 26.99 33.44
C GLU D 1062 38.20 28.32 33.19
N TYR D 1063 38.36 28.71 31.92
CA TYR D 1063 39.09 29.95 31.62
C TYR D 1063 38.21 31.20 31.68
N LYS D 1064 36.88 31.08 31.84
CA LYS D 1064 36.10 32.25 32.23
C LYS D 1064 36.45 32.76 33.63
N ASP D 1065 36.63 31.87 34.61
CA ASP D 1065 36.85 32.28 36.00
C ASP D 1065 38.31 32.51 36.37
N ARG D 1066 39.24 32.06 35.54
CA ARG D 1066 40.67 32.18 35.81
C ARG D 1066 41.11 33.64 35.61
N PRO D 1067 42.00 34.19 36.49
CA PRO D 1067 42.58 35.52 36.27
C PRO D 1067 43.41 35.59 34.99
N PHE D 1068 43.42 36.78 34.38
CA PHE D 1068 44.08 37.03 33.09
C PHE D 1068 45.60 36.87 33.13
N LEU D 1069 46.26 37.34 34.20
CA LEU D 1069 47.71 37.43 34.32
C LEU D 1069 48.40 36.06 34.27
N PRO D 1070 49.47 35.89 33.46
CA PRO D 1070 50.18 34.59 33.36
C PRO D 1070 50.91 34.21 34.65
N ALA D 1071 51.45 32.97 34.62
CA ALA D 1071 52.00 32.26 35.80
C ALA D 1071 53.13 32.94 36.60
N PRO D 1072 54.21 33.54 36.03
CA PRO D 1072 55.16 34.28 36.91
C PRO D 1072 54.53 35.50 37.61
N PHE D 1073 53.58 36.16 36.93
CA PHE D 1073 52.88 37.35 37.40
C PHE D 1073 51.49 37.10 37.98
N ILE D 1074 51.00 35.85 38.05
CA ILE D 1074 49.66 35.53 38.62
C ILE D 1074 49.59 35.72 40.17
N LEU D 1075 50.76 35.88 40.86
CA LEU D 1075 50.86 36.18 42.29
C LEU D 1075 50.24 37.52 42.63
N LEU D 1076 50.39 38.52 41.74
CA LEU D 1076 49.78 39.84 41.86
C LEU D 1076 48.25 39.75 41.83
N ALA D 1077 47.72 38.91 40.92
CA ALA D 1077 46.30 38.62 40.81
C ALA D 1077 45.77 37.91 42.06
N HIS D 1078 46.57 36.96 42.59
CA HIS D 1078 46.23 36.20 43.80
C HIS D 1078 46.16 37.08 45.04
N VAL D 1079 47.16 37.97 45.22
CA VAL D 1079 47.16 38.90 46.36
C VAL D 1079 46.09 39.97 46.19
N HIS D 1080 45.75 40.34 44.93
CA HIS D 1080 44.66 41.28 44.66
C HIS D 1080 43.31 40.69 45.04
N MET D 1081 43.05 39.41 44.69
CA MET D 1081 41.83 38.70 45.10
C MET D 1081 41.75 38.47 46.60
N LEU D 1082 42.89 38.14 47.22
CA LEU D 1082 43.01 37.99 48.68
C LEU D 1082 42.74 39.31 49.38
N PHE D 1083 43.23 40.42 48.80
CA PHE D 1083 42.97 41.77 49.29
C PHE D 1083 41.49 42.14 49.21
N MET D 1084 40.82 41.77 48.08
CA MET D 1084 39.37 41.97 47.92
C MET D 1084 38.55 41.16 48.91
N ARG D 1085 38.98 39.90 49.14
CA ARG D 1085 38.35 38.99 50.12
C ARG D 1085 38.50 39.53 51.54
N LEU D 1086 39.69 40.08 51.87
CA LEU D 1086 39.95 40.71 53.16
C LEU D 1086 39.11 41.99 53.34
N LEU D 1087 38.98 42.80 52.29
CA LEU D 1087 38.13 44.00 52.36
C LEU D 1087 36.64 43.67 52.44
N ARG D 1088 36.21 42.52 51.90
CA ARG D 1088 34.79 42.15 51.97
C ARG D 1088 34.41 41.43 53.26
N LEU D 1089 35.29 40.56 53.79
CA LEU D 1089 34.93 39.79 54.98
C LEU D 1089 35.06 40.58 56.28
N CYS D 1090 36.20 41.22 56.53
CA CYS D 1090 36.37 41.94 57.79
C CYS D 1090 35.92 43.41 57.72
N GLY D 1091 36.48 44.18 56.79
CA GLY D 1091 36.13 45.59 56.64
C GLY D 1091 34.71 45.87 56.16
N VAL D 1092 34.22 45.07 55.20
CA VAL D 1092 32.93 45.08 54.48
C VAL D 1092 32.71 46.46 53.86
N HIS D 1093 33.75 47.00 53.23
CA HIS D 1093 33.75 48.30 52.57
C HIS D 1093 33.60 48.17 51.06
N THR D 1094 33.44 46.97 50.53
CA THR D 1094 33.30 46.78 49.10
C THR D 1094 31.86 46.42 48.72
N GLN D 1095 31.30 47.19 47.79
CA GLN D 1095 29.94 46.95 47.34
C GLN D 1095 29.99 46.17 46.03
N GLU D 1096 29.07 45.23 45.85
CA GLU D 1096 29.02 44.42 44.66
C GLU D 1096 27.79 44.76 43.85
N HIS D 1097 27.96 44.84 42.53
CA HIS D 1097 26.88 45.16 41.62
C HIS D 1097 26.73 44.07 40.57
N GLU D 1098 25.47 43.79 40.21
CA GLU D 1098 25.14 42.77 39.23
C GLU D 1098 23.91 43.23 38.46
N LYS D 1099 23.51 42.44 37.49
CA LYS D 1099 22.34 42.76 36.66
C LYS D 1099 21.30 41.65 36.75
N ILE D 1100 20.03 42.04 36.88
CA ILE D 1100 18.93 41.10 36.98
C ILE D 1100 18.06 41.30 35.75
N GLN D 1101 17.72 40.19 35.09
CA GLN D 1101 16.89 40.19 33.90
C GLN D 1101 15.45 40.64 34.20
N ASP D 1102 14.87 41.44 33.30
CA ASP D 1102 13.50 41.91 33.44
C ASP D 1102 12.48 40.78 33.21
N ASP D 1103 11.29 40.96 33.79
CA ASP D 1103 10.19 40.02 33.64
C ASP D 1103 9.66 39.93 32.21
N GLU D 1104 9.73 41.04 31.46
CA GLU D 1104 9.29 41.14 30.07
C GLU D 1104 10.09 40.25 29.12
N THR D 1105 11.43 40.33 29.22
CA THR D 1105 12.34 39.50 28.41
C THR D 1105 12.26 38.03 28.82
N LYS D 1106 12.00 37.77 30.12
CA LYS D 1106 11.78 36.43 30.67
C LYS D 1106 10.52 35.77 30.11
N ARG D 1107 9.42 36.53 30.08
CA ARG D 1107 8.15 36.07 29.52
C ARG D 1107 8.23 35.91 28.00
N LYS D 1108 9.06 36.75 27.33
CA LYS D 1108 9.37 36.64 25.90
C LYS D 1108 10.12 35.35 25.55
N ILE D 1109 11.14 34.99 26.36
CA ILE D 1109 11.90 33.74 26.23
C ILE D 1109 11.02 32.52 26.50
N THR D 1110 10.14 32.62 27.52
CA THR D 1110 9.16 31.59 27.90
C THR D 1110 8.14 31.31 26.79
N THR D 1111 7.61 32.40 26.17
CA THR D 1111 6.67 32.35 25.05
C THR D 1111 7.31 31.74 23.80
N PHE D 1112 8.57 32.14 23.53
CA PHE D 1112 9.42 31.64 22.43
C PHE D 1112 9.66 30.13 22.55
N GLU D 1113 10.00 29.69 23.78
CA GLU D 1113 10.31 28.29 24.08
C GLU D 1113 9.07 27.40 23.95
N GLU D 1114 7.90 27.89 24.42
CA GLU D 1114 6.63 27.15 24.29
C GLU D 1114 6.17 27.03 22.84
N LEU D 1115 6.29 28.14 22.06
CA LEU D 1115 5.96 28.16 20.64
C LEU D 1115 6.84 27.21 19.84
N ASN D 1116 8.15 27.19 20.13
CA ASN D 1116 9.08 26.28 19.48
C ASN D 1116 8.90 24.82 19.91
N THR D 1117 8.45 24.59 21.16
CA THR D 1117 8.09 23.25 21.65
C THR D 1117 6.92 22.68 20.85
N ASP D 1118 5.86 23.50 20.65
CA ASP D 1118 4.70 23.13 19.84
C ASP D 1118 5.08 22.91 18.37
N LYS D 1119 5.96 23.78 17.82
CA LYS D 1119 6.44 23.66 16.44
C LYS D 1119 7.27 22.39 16.20
N PHE D 1120 8.18 22.04 17.14
CA PHE D 1120 8.98 20.81 17.01
C PHE D 1120 8.11 19.56 17.12
N LEU D 1121 7.15 19.54 18.08
CA LEU D 1121 6.24 18.41 18.24
C LEU D 1121 5.29 18.22 17.05
N ARG D 1122 4.76 19.34 16.50
CA ARG D 1122 3.92 19.33 15.30
C ARG D 1122 4.73 18.83 14.09
N ARG D 1123 5.99 19.33 13.95
CA ARG D 1123 6.90 18.93 12.87
C ARG D 1123 7.29 17.46 13.00
N TRP D 1124 7.52 17.00 14.25
CA TRP D 1124 7.88 15.62 14.59
C TRP D 1124 6.76 14.63 14.27
N GLU D 1125 5.50 15.00 14.61
CA GLU D 1125 4.33 14.21 14.26
C GLU D 1125 4.14 14.13 12.74
N ARG D 1126 4.32 15.29 12.05
CA ARG D 1126 4.20 15.38 10.59
C ARG D 1126 5.27 14.54 9.88
N GLU D 1127 6.52 14.58 10.41
CA GLU D 1127 7.66 13.79 9.91
C GLU D 1127 7.44 12.30 10.13
N ARG D 1128 6.88 11.94 11.30
CA ARG D 1128 6.63 10.53 11.61
C ARG D 1128 5.49 9.98 10.75
N GLN D 1129 4.52 10.83 10.37
CA GLN D 1129 3.47 10.39 9.43
C GLN D 1129 3.96 10.28 7.98
N GLU D 1130 5.11 10.85 7.63
CA GLU D 1130 5.63 10.72 6.27
C GLU D 1130 6.58 9.55 6.12
N MET D 1131 6.81 8.81 7.21
CA MET D 1131 7.61 7.58 7.18
C MET D 1131 6.85 6.50 6.42
N LEU D 1132 7.62 5.59 5.81
CA LEU D 1132 7.09 4.49 5.00
C LEU D 1132 6.25 3.48 5.78
N GLU D 1133 6.69 3.10 6.99
CA GLU D 1133 5.99 2.16 7.88
C GLU D 1133 4.63 2.68 8.34
N ALA D 1134 4.60 3.96 8.77
CA ALA D 1134 3.38 4.63 9.23
C ALA D 1134 2.36 4.80 8.12
N ARG D 1135 2.84 5.17 6.91
CA ARG D 1135 1.97 5.35 5.75
C ARG D 1135 1.37 4.03 5.27
N VAL D 1136 2.16 2.94 5.30
CA VAL D 1136 1.69 1.59 4.95
C VAL D 1136 0.66 1.09 5.95
N LYS D 1137 0.93 1.30 7.28
CA LYS D 1137 0.00 0.96 8.36
C LYS D 1137 -1.32 1.74 8.31
N MET D 1138 -1.24 3.06 8.07
CA MET D 1138 -2.41 3.95 7.94
C MET D 1138 -3.26 3.59 6.71
N THR D 1139 -2.57 3.26 5.59
CA THR D 1139 -3.17 2.82 4.33
C THR D 1139 -3.92 1.50 4.52
N ASN D 1140 -3.32 0.58 5.31
CA ASN D 1140 -3.86 -0.73 5.67
C ASN D 1140 -5.15 -0.59 6.49
N ASP D 1141 -5.13 0.27 7.54
CA ASP D 1141 -6.31 0.54 8.39
C ASP D 1141 -7.44 1.18 7.58
N ASN D 1142 -7.08 2.10 6.65
CA ASN D 1142 -8.05 2.74 5.76
C ASN D 1142 -8.74 1.73 4.83
N VAL D 1143 -7.96 0.77 4.30
CA VAL D 1143 -8.49 -0.28 3.42
C VAL D 1143 -9.41 -1.25 4.20
N VAL D 1144 -9.07 -1.53 5.48
CA VAL D 1144 -9.90 -2.35 6.40
C VAL D 1144 -11.24 -1.67 6.71
N GLN D 1145 -11.20 -0.35 7.04
CA GLN D 1145 -12.40 0.48 7.25
C GLN D 1145 -13.26 0.62 6.00
N ALA D 1146 -12.59 0.66 4.82
CA ALA D 1146 -13.24 0.68 3.52
C ALA D 1146 -14.01 -0.60 3.24
N MET D 1147 -13.42 -1.78 3.57
CA MET D 1147 -14.10 -3.10 3.50
C MET D 1147 -15.32 -3.21 4.41
N GLY D 1148 -15.22 -2.66 5.64
CA GLY D 1148 -16.35 -2.60 6.56
C GLY D 1148 -17.53 -1.81 5.99
N MET D 1149 -17.20 -0.67 5.37
CA MET D 1149 -18.21 0.17 4.70
C MET D 1149 -18.79 -0.54 3.46
N MET D 1150 -17.99 -1.37 2.80
CA MET D 1150 -18.49 -2.15 1.63
C MET D 1150 -19.47 -3.20 2.14
N ASP D 1151 -19.19 -3.82 3.28
CA ASP D 1151 -20.10 -4.79 3.90
C ASP D 1151 -21.47 -4.16 4.14
N GLN D 1152 -21.46 -2.90 4.64
CA GLN D 1152 -22.68 -2.09 4.81
C GLN D 1152 -23.39 -1.83 3.47
N LEU D 1153 -22.61 -1.49 2.42
CA LEU D 1153 -23.11 -1.26 1.05
C LEU D 1153 -23.76 -2.50 0.45
N LEU D 1154 -23.13 -3.67 0.65
CA LEU D 1154 -23.62 -4.96 0.16
C LEU D 1154 -24.91 -5.37 0.86
N GLU D 1155 -24.99 -5.05 2.17
CA GLU D 1155 -26.20 -5.23 2.98
C GLU D 1155 -27.36 -4.40 2.43
N HIS D 1156 -27.03 -3.19 1.99
CA HIS D 1156 -28.06 -2.28 1.44
C HIS D 1156 -28.51 -2.76 0.07
N MET D 1157 -27.63 -3.39 -0.70
CA MET D 1157 -28.14 -3.88 -2.02
C MET D 1157 -29.01 -5.13 -1.81
N ILE D 1158 -28.64 -6.01 -0.88
CA ILE D 1158 -29.49 -7.17 -0.59
C ILE D 1158 -30.88 -6.70 -0.10
N SER D 1159 -30.89 -5.61 0.71
CA SER D 1159 -32.11 -4.95 1.19
C SER D 1159 -32.98 -4.37 0.07
N PHE D 1160 -32.37 -3.75 -0.94
CA PHE D 1160 -33.16 -3.16 -2.04
C PHE D 1160 -33.68 -4.30 -2.91
N ARG D 1161 -32.82 -5.28 -3.18
CA ARG D 1161 -33.23 -6.42 -4.01
C ARG D 1161 -34.44 -7.13 -3.43
N PHE D 1162 -34.44 -7.36 -2.10
CA PHE D 1162 -35.57 -7.97 -1.38
C PHE D 1162 -36.80 -7.04 -1.42
N SER D 1163 -36.59 -5.72 -1.20
CA SER D 1163 -37.67 -4.73 -1.21
C SER D 1163 -38.33 -4.57 -2.57
N LEU D 1164 -37.53 -4.51 -3.65
CA LEU D 1164 -38.05 -4.42 -5.02
C LEU D 1164 -38.74 -5.71 -5.44
N ASP D 1165 -38.18 -6.86 -5.00
CA ASP D 1165 -38.72 -8.19 -5.24
C ASP D 1165 -40.09 -8.38 -4.57
N GLN D 1166 -40.22 -7.92 -3.30
CA GLN D 1166 -41.53 -8.00 -2.66
C GLN D 1166 -42.45 -6.88 -3.14
N GLN D 1167 -41.90 -5.81 -3.77
CA GLN D 1167 -42.77 -4.79 -4.34
C GLN D 1167 -43.38 -5.25 -5.67
N ALA D 1168 -42.86 -6.37 -6.18
CA ALA D 1168 -43.35 -6.90 -7.48
C ALA D 1168 -44.42 -7.98 -7.27
N THR D 1169 -44.03 -9.19 -6.87
CA THR D 1169 -45.00 -10.30 -6.75
C THR D 1169 -45.72 -10.22 -5.39
N LYS D 1170 -46.26 -9.05 -5.05
CA LYS D 1170 -46.98 -8.85 -3.77
C LYS D 1170 -48.26 -9.69 -3.76
N ILE D 1171 -48.97 -9.74 -4.89
CA ILE D 1171 -50.26 -10.49 -4.96
C ILE D 1171 -50.58 -10.79 -6.42
N PRO D 1196 -63.77 -14.23 -1.83
CA PRO D 1196 -64.61 -15.40 -1.56
C PRO D 1196 -64.95 -16.19 -2.82
N ILE D 1197 -64.77 -15.56 -3.98
CA ILE D 1197 -64.99 -16.21 -5.27
C ILE D 1197 -63.64 -16.61 -5.83
N ASN D 1198 -63.59 -17.80 -6.47
CA ASN D 1198 -62.42 -18.62 -6.78
C ASN D 1198 -61.49 -18.79 -5.57
N ARG D 1199 -62.00 -19.44 -4.53
CA ARG D 1199 -61.27 -19.68 -3.30
C ARG D 1199 -61.64 -21.04 -2.74
N LEU D 1200 -60.63 -21.86 -2.47
CA LEU D 1200 -60.87 -23.23 -2.07
C LEU D 1200 -60.03 -23.51 -0.84
N ASN D 1201 -60.63 -24.20 0.13
CA ASN D 1201 -60.01 -24.56 1.39
C ASN D 1201 -59.83 -26.07 1.46
N SER D 1202 -58.57 -26.49 1.45
CA SER D 1202 -58.21 -27.91 1.47
C SER D 1202 -57.68 -28.35 2.82
N ALA D 1203 -57.96 -27.57 3.88
CA ALA D 1203 -57.55 -27.90 5.24
C ALA D 1203 -58.29 -29.11 5.84
N VAL D 1204 -59.48 -29.45 5.29
CA VAL D 1204 -60.28 -30.61 5.70
C VAL D 1204 -59.54 -31.95 5.44
N ALA D 1205 -58.67 -31.99 4.41
CA ALA D 1205 -57.80 -33.15 4.12
C ALA D 1205 -56.73 -33.37 5.18
N VAL D 1206 -56.36 -32.30 5.89
CA VAL D 1206 -55.28 -32.34 6.87
C VAL D 1206 -55.88 -32.63 8.26
N HIS D 1207 -56.87 -31.83 8.67
CA HIS D 1207 -57.42 -31.98 10.02
C HIS D 1207 -58.45 -33.10 10.08
N GLY D 1208 -59.52 -33.01 9.29
CA GLY D 1208 -60.55 -34.03 9.30
C GLY D 1208 -61.89 -33.58 9.86
N HIS D 1209 -62.35 -34.21 10.95
CA HIS D 1209 -63.54 -33.72 11.61
C HIS D 1209 -63.27 -32.56 12.57
N THR D 1210 -62.01 -32.30 12.89
CA THR D 1210 -61.64 -31.17 13.73
C THR D 1210 -61.11 -30.03 12.86
N ALA D 1211 -61.94 -29.63 11.89
CA ALA D 1211 -61.60 -28.49 11.04
C ALA D 1211 -61.90 -27.17 11.75
N GLU D 1212 -63.17 -26.95 12.09
CA GLU D 1212 -63.56 -25.75 12.82
C GLU D 1212 -64.52 -26.11 13.94
N ALA D 1213 -64.39 -25.37 15.04
CA ALA D 1213 -65.24 -25.53 16.21
C ALA D 1213 -65.65 -24.15 16.67
N ALA D 1214 -66.74 -24.08 17.42
CA ALA D 1214 -67.23 -22.80 17.92
C ALA D 1214 -66.43 -22.49 19.18
N GLU D 1215 -65.26 -21.85 19.04
CA GLU D 1215 -64.31 -21.54 20.13
C GLU D 1215 -64.66 -20.21 20.83
N TRP D 1216 -65.86 -20.11 21.43
CA TRP D 1216 -66.40 -18.89 22.03
C TRP D 1216 -65.66 -18.49 23.32
N TYR D 1217 -66.07 -17.37 23.90
CA TYR D 1217 -65.37 -16.86 25.06
C TYR D 1217 -66.10 -17.28 26.33
N VAL D 1218 -65.34 -17.82 27.28
CA VAL D 1218 -65.84 -18.15 28.60
C VAL D 1218 -64.95 -17.41 29.60
N PRO D 1219 -65.49 -16.51 30.43
CA PRO D 1219 -64.68 -15.76 31.43
C PRO D 1219 -64.13 -16.65 32.54
N PRO D 1220 -63.00 -16.28 33.19
CA PRO D 1220 -62.46 -17.05 34.33
C PRO D 1220 -63.40 -17.11 35.53
N GLU D 1221 -63.25 -18.20 36.32
CA GLU D 1221 -64.14 -18.56 37.43
C GLU D 1221 -64.17 -17.52 38.54
N GLU D 1222 -63.01 -16.99 38.92
CA GLU D 1222 -62.97 -16.00 39.98
C GLU D 1222 -63.15 -14.63 39.34
N TYR D 1223 -64.19 -13.91 39.75
CA TYR D 1223 -64.43 -12.55 39.29
C TYR D 1223 -63.33 -11.64 39.83
N PRO D 1224 -62.71 -10.77 38.98
CA PRO D 1224 -61.63 -9.89 39.46
C PRO D 1224 -62.13 -8.87 40.48
N LYS D 1225 -61.28 -8.60 41.50
CA LYS D 1225 -61.44 -7.62 42.60
C LYS D 1225 -62.72 -7.81 43.45
N SER D 1226 -63.25 -9.04 43.49
CA SER D 1226 -64.49 -9.37 44.18
C SER D 1226 -64.31 -10.09 45.50
N GLY D 1227 -63.08 -10.33 45.94
CA GLY D 1227 -62.83 -11.08 47.16
C GLY D 1227 -63.19 -12.56 47.13
N GLY D 1228 -62.86 -13.26 46.05
CA GLY D 1228 -63.07 -14.69 46.01
C GLY D 1228 -64.45 -15.19 45.60
N VAL D 1229 -65.32 -14.33 45.08
CA VAL D 1229 -66.66 -14.72 44.63
C VAL D 1229 -66.51 -15.52 43.33
N LYS D 1230 -67.13 -16.70 43.25
CA LYS D 1230 -66.97 -17.58 42.11
C LYS D 1230 -68.26 -17.66 41.30
N ARG D 1231 -68.12 -17.68 39.97
CA ARG D 1231 -69.24 -17.84 39.04
C ARG D 1231 -69.78 -19.27 39.00
N TYR D 1232 -70.78 -19.46 38.15
CA TYR D 1232 -71.30 -20.80 37.86
C TYR D 1232 -70.66 -21.31 36.58
N LEU D 1233 -69.74 -22.29 36.71
CA LEU D 1233 -68.92 -22.81 35.61
C LEU D 1233 -69.74 -23.46 34.50
N ILE D 1234 -69.48 -23.07 33.24
CA ILE D 1234 -70.12 -23.64 32.05
C ILE D 1234 -69.08 -23.89 30.97
N ASP D 1235 -69.31 -24.94 30.20
CA ASP D 1235 -68.45 -25.29 29.06
C ASP D 1235 -68.64 -24.30 27.91
N ALA D 1236 -67.57 -24.17 27.08
CA ALA D 1236 -67.61 -23.28 25.91
C ALA D 1236 -68.54 -23.73 24.78
N SER D 1237 -68.98 -24.99 24.77
CA SER D 1237 -69.92 -25.50 23.78
C SER D 1237 -71.36 -25.38 24.20
N MET D 1238 -71.63 -24.76 25.35
CA MET D 1238 -73.00 -24.63 25.82
C MET D 1238 -73.44 -23.17 25.94
N VAL D 1239 -72.57 -22.24 25.54
CA VAL D 1239 -72.80 -20.77 25.72
C VAL D 1239 -73.88 -20.07 24.88
N PRO D 1240 -74.12 -20.25 23.56
CA PRO D 1240 -75.04 -19.36 22.80
C PRO D 1240 -76.52 -19.40 23.21
N LEU D 1241 -77.20 -18.26 23.05
CA LEU D 1241 -78.59 -18.07 23.49
C LEU D 1241 -79.61 -18.84 22.65
N SER D 1242 -79.24 -19.34 21.45
CA SER D 1242 -80.13 -20.16 20.64
C SER D 1242 -80.33 -21.52 21.30
N ILE D 1243 -79.28 -22.02 21.97
CA ILE D 1243 -79.29 -23.29 22.67
C ILE D 1243 -80.08 -23.09 23.95
N MET D 1244 -80.86 -24.11 24.35
CA MET D 1244 -81.81 -24.02 25.47
C MET D 1244 -81.12 -23.89 26.83
N CYS D 1245 -80.32 -24.91 27.23
CA CYS D 1245 -79.60 -25.10 28.50
C CYS D 1245 -80.42 -24.97 29.78
N PRO D 1246 -81.31 -25.93 30.13
CA PRO D 1246 -82.16 -25.78 31.34
C PRO D 1246 -81.42 -25.78 32.68
N SER D 1247 -80.19 -26.30 32.74
CA SER D 1247 -79.42 -26.40 33.97
C SER D 1247 -78.56 -25.14 34.08
N TYR D 1248 -79.19 -24.01 34.39
CA TYR D 1248 -78.48 -22.74 34.43
C TYR D 1248 -78.87 -22.02 35.71
N ASP D 1249 -77.92 -21.89 36.65
CA ASP D 1249 -78.17 -21.22 37.93
C ASP D 1249 -77.06 -20.19 38.14
N PRO D 1250 -77.15 -19.00 37.51
CA PRO D 1250 -76.10 -17.99 37.69
C PRO D 1250 -76.16 -17.33 39.05
N VAL D 1251 -75.06 -16.71 39.44
CA VAL D 1251 -74.94 -16.02 40.71
C VAL D 1251 -75.15 -14.52 40.53
N GLU D 1252 -75.89 -13.93 41.47
CA GLU D 1252 -76.18 -12.50 41.42
C GLU D 1252 -75.13 -11.78 42.25
N TYR D 1253 -74.29 -10.97 41.60
CA TYR D 1253 -73.26 -10.24 42.32
C TYR D 1253 -73.13 -8.82 41.80
N THR D 1254 -73.11 -7.86 42.73
CA THR D 1254 -72.85 -6.48 42.42
C THR D 1254 -71.74 -6.00 43.34
N HIS D 1255 -70.71 -5.34 42.78
CA HIS D 1255 -69.55 -4.82 43.52
C HIS D 1255 -69.99 -3.70 44.48
N PRO D 1256 -69.34 -3.58 45.66
CA PRO D 1256 -69.65 -2.47 46.61
C PRO D 1256 -69.43 -1.05 46.08
N SER D 1257 -68.42 -0.87 45.22
CA SER D 1257 -68.14 0.42 44.57
C SER D 1257 -69.30 0.84 43.66
N VAL D 1258 -69.83 -0.11 42.89
CA VAL D 1258 -70.97 0.13 42.01
C VAL D 1258 -72.25 0.35 42.83
N ALA D 1259 -72.42 -0.44 43.91
CA ALA D 1259 -73.59 -0.34 44.80
C ALA D 1259 -73.63 0.93 45.68
N ALA D 1260 -72.53 1.69 45.77
CA ALA D 1260 -72.46 2.95 46.51
C ALA D 1260 -73.06 4.14 45.75
N GLN D 1261 -73.49 3.94 44.49
CA GLN D 1261 -74.11 4.86 43.53
C GLN D 1261 -73.29 6.10 43.13
N PRO D 1262 -72.13 5.98 42.37
CA PRO D 1262 -71.51 7.21 41.83
C PRO D 1262 -72.23 7.85 40.65
N VAL D 1263 -71.59 8.89 40.07
CA VAL D 1263 -72.16 9.65 38.96
C VAL D 1263 -72.20 8.82 37.67
N TRP D 1264 -71.27 7.88 37.50
CA TRP D 1264 -71.22 7.13 36.25
C TRP D 1264 -71.97 5.81 36.33
N ALA D 1265 -72.70 5.56 37.41
CA ALA D 1265 -73.41 4.31 37.59
C ALA D 1265 -74.92 4.48 37.44
N ASP D 1266 -75.54 3.59 36.66
CA ASP D 1266 -76.98 3.58 36.51
C ASP D 1266 -77.69 3.10 37.80
N PRO D 1267 -78.97 3.49 38.03
CA PRO D 1267 -79.74 2.96 39.18
C PRO D 1267 -79.97 1.45 39.17
N ALA D 1268 -80.03 0.88 40.40
CA ALA D 1268 -80.17 -0.57 40.66
C ALA D 1268 -81.47 -1.20 40.14
N ASP D 1269 -82.52 -0.40 39.93
CA ASP D 1269 -83.80 -0.78 39.40
C ASP D 1269 -83.74 -0.30 37.96
N PRO D 1270 -83.65 -1.18 36.95
CA PRO D 1270 -83.48 -0.70 35.57
C PRO D 1270 -84.74 -0.26 34.83
N ARG D 1271 -85.88 -0.11 35.51
CA ARG D 1271 -87.13 0.33 34.90
C ARG D 1271 -87.01 1.80 34.51
N LYS D 1272 -87.75 2.17 33.44
CA LYS D 1272 -87.94 3.46 32.74
C LYS D 1272 -86.74 3.80 31.83
N ILE D 1273 -85.75 2.92 31.74
CA ILE D 1273 -84.55 3.11 30.94
C ILE D 1273 -84.86 2.49 29.59
N LYS D 1274 -84.57 3.22 28.51
CA LYS D 1274 -84.78 2.75 27.15
C LYS D 1274 -83.48 2.26 26.56
N PHE D 1275 -83.47 1.02 26.09
CA PHE D 1275 -82.27 0.44 25.51
C PHE D 1275 -82.42 0.53 24.00
N ASN D 1276 -81.31 0.24 23.28
CA ASN D 1276 -81.08 0.24 21.82
C ASN D 1276 -81.16 1.62 21.13
N VAL D 1277 -81.39 2.71 21.87
CA VAL D 1277 -81.48 4.08 21.38
C VAL D 1277 -80.71 4.96 22.36
N LYS D 1278 -80.39 6.17 21.92
CA LYS D 1278 -79.74 7.17 22.75
C LYS D 1278 -80.65 7.67 23.86
N ASP D 1279 -80.25 7.40 25.10
CA ASP D 1279 -81.07 7.71 26.27
C ASP D 1279 -80.43 8.85 27.05
N GLU D 1280 -81.27 9.74 27.55
CA GLU D 1280 -80.81 10.91 28.30
C GLU D 1280 -80.91 10.65 29.78
N VAL D 1281 -79.76 10.61 30.46
CA VAL D 1281 -79.70 10.52 31.91
C VAL D 1281 -79.10 11.82 32.39
N ASN D 1282 -79.87 12.57 33.22
CA ASN D 1282 -79.59 13.92 33.78
C ASN D 1282 -79.25 14.95 32.70
N GLY D 1283 -79.93 14.85 31.55
CA GLY D 1283 -79.71 15.70 30.40
C GLY D 1283 -78.48 15.34 29.58
N LYS D 1284 -77.80 14.23 29.90
CA LYS D 1284 -76.59 13.78 29.22
C LYS D 1284 -76.93 12.57 28.35
N VAL D 1285 -76.38 12.55 27.15
CA VAL D 1285 -76.68 11.49 26.18
C VAL D 1285 -75.82 10.27 26.50
N VAL D 1286 -76.43 9.07 26.46
CA VAL D 1286 -75.76 7.78 26.63
C VAL D 1286 -76.19 6.96 25.42
N ASP D 1287 -75.24 6.22 24.82
CA ASP D 1287 -75.43 5.47 23.57
C ASP D 1287 -76.48 4.36 23.66
N ARG D 1288 -76.22 3.34 24.52
CA ARG D 1288 -77.07 2.17 24.83
C ARG D 1288 -77.39 1.23 23.65
N THR D 1289 -76.72 1.35 22.51
CA THR D 1289 -76.95 0.53 21.34
C THR D 1289 -75.81 -0.47 21.17
N SER D 1290 -76.17 -1.73 20.98
CA SER D 1290 -75.21 -2.82 20.82
C SER D 1290 -74.92 -3.07 19.35
N CYS D 1291 -73.69 -3.50 19.06
CA CYS D 1291 -73.27 -3.87 17.72
C CYS D 1291 -73.76 -5.24 17.24
N HIS D 1292 -74.41 -6.02 18.12
CA HIS D 1292 -75.02 -7.30 17.76
C HIS D 1292 -76.17 -7.07 16.79
N PRO D 1293 -76.25 -7.83 15.66
CA PRO D 1293 -77.35 -7.66 14.67
C PRO D 1293 -78.77 -7.90 15.19
N SER D 1294 -78.95 -8.83 16.13
CA SER D 1294 -80.26 -9.13 16.69
C SER D 1294 -80.75 -8.02 17.61
N GLY D 1295 -79.84 -7.38 18.35
CA GLY D 1295 -80.21 -6.36 19.31
C GLY D 1295 -80.29 -6.91 20.72
N ILE D 1296 -80.64 -6.03 21.64
CA ILE D 1296 -80.74 -6.37 23.06
C ILE D 1296 -82.20 -6.69 23.36
N SER D 1297 -82.45 -7.82 24.00
CA SER D 1297 -83.78 -8.24 24.41
C SER D 1297 -83.98 -7.93 25.89
N ILE D 1298 -85.17 -7.49 26.24
CA ILE D 1298 -85.51 -7.06 27.60
C ILE D 1298 -86.30 -8.17 28.28
N ASP D 1299 -85.83 -8.61 29.45
CA ASP D 1299 -86.54 -9.59 30.28
C ASP D 1299 -87.83 -9.00 30.82
N SER D 1300 -88.93 -9.76 30.73
CA SER D 1300 -90.22 -9.24 31.17
C SER D 1300 -90.37 -9.20 32.68
N ASN D 1301 -89.73 -10.13 33.40
CA ASN D 1301 -89.90 -10.26 34.85
C ASN D 1301 -89.25 -9.11 35.63
N THR D 1302 -87.99 -8.78 35.33
CA THR D 1302 -87.24 -7.80 36.11
C THR D 1302 -86.89 -6.52 35.36
N GLY D 1303 -87.04 -6.50 34.03
CA GLY D 1303 -86.69 -5.39 33.18
C GLY D 1303 -85.23 -5.27 32.81
N ARG D 1304 -84.38 -6.16 33.31
CA ARG D 1304 -82.95 -6.18 33.05
C ARG D 1304 -82.62 -6.72 31.65
N PRO D 1305 -81.60 -6.19 30.97
CA PRO D 1305 -81.16 -6.75 29.69
C PRO D 1305 -80.46 -8.10 29.76
N ILE D 1306 -80.55 -8.86 28.65
CA ILE D 1306 -79.90 -10.16 28.51
C ILE D 1306 -78.84 -10.00 27.42
N ASN D 1307 -77.60 -10.43 27.71
CA ASN D 1307 -76.46 -10.35 26.78
C ASN D 1307 -76.64 -11.23 25.55
N PRO D 1308 -76.61 -10.67 24.34
CA PRO D 1308 -76.80 -11.50 23.13
C PRO D 1308 -75.58 -12.33 22.74
N TRP D 1309 -74.41 -12.06 23.31
CA TRP D 1309 -73.16 -12.72 22.93
C TRP D 1309 -72.91 -14.04 23.66
N GLY D 1310 -73.85 -14.51 24.47
CA GLY D 1310 -73.79 -15.81 25.10
C GLY D 1310 -73.99 -15.71 26.59
N ARG D 1311 -73.94 -16.85 27.27
CA ARG D 1311 -74.09 -16.92 28.72
C ARG D 1311 -72.74 -16.71 29.38
N THR D 1312 -72.73 -16.05 30.55
CA THR D 1312 -71.48 -15.87 31.31
C THR D 1312 -71.50 -16.41 32.74
N GLY D 1313 -72.57 -17.07 33.16
CA GLY D 1313 -72.67 -17.64 34.50
C GLY D 1313 -72.79 -16.68 35.67
N MET D 1314 -73.28 -15.45 35.44
CA MET D 1314 -73.34 -14.40 36.46
C MET D 1314 -74.32 -13.33 36.03
N THR D 1315 -75.32 -13.04 36.87
CA THR D 1315 -76.24 -11.92 36.67
C THR D 1315 -75.79 -10.73 37.51
N GLY D 1316 -76.53 -9.62 37.41
CA GLY D 1316 -76.16 -8.41 38.08
C GLY D 1316 -75.15 -7.60 37.29
N ARG D 1317 -74.77 -6.44 37.85
CA ARG D 1317 -73.89 -5.54 37.12
C ARG D 1317 -72.41 -5.83 37.36
N GLY D 1318 -72.08 -6.39 38.53
CA GLY D 1318 -70.68 -6.65 38.89
C GLY D 1318 -69.87 -5.38 39.06
N LEU D 1319 -68.70 -5.32 38.40
CA LEU D 1319 -67.84 -4.14 38.45
C LEU D 1319 -68.24 -3.07 37.44
N LEU D 1320 -69.17 -3.36 36.55
CA LEU D 1320 -69.56 -2.44 35.50
C LEU D 1320 -70.69 -1.56 36.00
N GLY D 1321 -70.60 -0.26 35.70
CA GLY D 1321 -71.54 0.69 36.28
C GLY D 1321 -72.85 0.82 35.54
N LYS D 1322 -72.89 0.46 34.28
CA LYS D 1322 -74.06 0.67 33.45
C LYS D 1322 -74.69 -0.67 33.07
N TRP D 1323 -76.03 -0.73 33.21
CA TRP D 1323 -76.81 -1.87 32.74
C TRP D 1323 -76.72 -2.01 31.22
N GLY D 1324 -76.50 -3.22 30.77
CA GLY D 1324 -76.43 -3.47 29.35
C GLY D 1324 -75.06 -3.19 28.80
N VAL D 1325 -75.03 -2.41 27.74
CA VAL D 1325 -73.79 -2.19 27.01
C VAL D 1325 -73.00 -1.08 27.69
N ASN D 1326 -71.80 -1.41 28.16
CA ASN D 1326 -70.84 -0.43 28.59
C ASN D 1326 -69.95 -0.10 27.40
N GLN D 1327 -70.09 1.12 26.90
CA GLN D 1327 -69.34 1.55 25.72
C GLN D 1327 -67.93 1.90 26.13
N ALA D 1328 -66.96 1.23 25.53
CA ALA D 1328 -65.57 1.55 25.77
C ALA D 1328 -64.99 2.08 24.48
N ALA D 1329 -64.02 2.97 24.63
CA ALA D 1329 -63.29 3.50 23.50
C ALA D 1329 -61.83 3.14 23.71
N ASP D 1330 -61.23 2.55 22.69
CA ASP D 1330 -59.82 2.20 22.70
C ASP D 1330 -59.07 3.04 21.69
N THR D 1331 -57.88 3.47 22.08
CA THR D 1331 -57.04 4.34 21.28
C THR D 1331 -55.79 3.58 20.90
N VAL D 1332 -55.66 3.22 19.62
CA VAL D 1332 -54.45 2.54 19.16
C VAL D 1332 -53.64 3.58 18.40
N VAL D 1333 -52.64 4.14 19.06
CA VAL D 1333 -51.75 5.10 18.43
C VAL D 1333 -50.57 4.31 17.89
N THR D 1334 -50.40 4.31 16.58
CA THR D 1334 -49.43 3.48 15.91
C THR D 1334 -48.41 4.29 15.14
N ARG D 1335 -47.27 3.66 14.96
CA ARG D 1335 -46.20 4.19 14.14
C ARG D 1335 -45.48 2.98 13.58
N TRP D 1336 -44.79 3.20 12.47
CA TRP D 1336 -44.00 2.14 11.87
C TRP D 1336 -42.76 1.91 12.74
N LYS D 1337 -42.43 0.64 12.97
CA LYS D 1337 -41.24 0.30 13.75
C LYS D 1337 -40.01 0.56 12.89
N ARG D 1338 -39.21 1.54 13.32
CA ARG D 1338 -38.07 2.01 12.56
C ARG D 1338 -36.77 1.77 13.30
N SER D 1339 -35.75 1.42 12.51
CA SER D 1339 -34.35 1.36 12.92
C SER D 1339 -33.73 2.76 13.06
N PRO D 1340 -32.56 2.90 13.77
CA PRO D 1340 -31.84 4.22 13.85
C PRO D 1340 -31.49 4.89 12.51
N ASP D 1341 -31.21 4.10 11.45
CA ASP D 1341 -30.99 4.61 10.09
C ASP D 1341 -32.30 5.16 9.44
N GLY D 1342 -33.47 4.85 9.99
CA GLY D 1342 -34.76 5.32 9.52
C GLY D 1342 -35.58 4.34 8.70
N SER D 1343 -34.99 3.22 8.30
CA SER D 1343 -35.71 2.23 7.52
C SER D 1343 -36.67 1.41 8.39
N ILE D 1344 -37.87 1.16 7.86
CA ILE D 1344 -38.92 0.42 8.57
C ILE D 1344 -38.55 -1.06 8.58
N LEU D 1345 -38.68 -1.69 9.76
CA LEU D 1345 -38.44 -3.12 9.95
C LEU D 1345 -39.49 -3.94 9.21
N GLU D 1346 -39.05 -5.02 8.57
CA GLU D 1346 -39.92 -5.83 7.72
C GLU D 1346 -39.88 -7.29 8.14
N ARG D 1347 -41.05 -7.87 8.42
CA ARG D 1347 -41.17 -9.28 8.76
C ARG D 1347 -42.32 -9.90 7.98
N ASP D 1348 -42.07 -11.10 7.43
CA ASP D 1348 -43.00 -11.95 6.61
C ASP D 1348 -43.52 -11.18 5.37
N GLY D 1349 -42.69 -10.33 4.77
CA GLY D 1349 -43.06 -9.55 3.61
C GLY D 1349 -44.00 -8.38 3.85
N LYS D 1350 -44.24 -8.00 5.11
CA LYS D 1350 -45.13 -6.91 5.50
C LYS D 1350 -44.38 -6.00 6.45
N LYS D 1351 -44.79 -4.73 6.45
CA LYS D 1351 -44.21 -3.74 7.33
C LYS D 1351 -44.68 -3.95 8.78
N VAL D 1352 -43.79 -3.71 9.73
CA VAL D 1352 -44.03 -4.02 11.14
C VAL D 1352 -44.54 -2.75 11.83
N LEU D 1353 -45.64 -2.88 12.58
CA LEU D 1353 -46.22 -1.77 13.31
C LEU D 1353 -45.67 -1.71 14.74
N GLU D 1354 -46.03 -0.65 15.44
CA GLU D 1354 -45.64 -0.43 16.83
C GLU D 1354 -46.71 0.43 17.48
N PHE D 1355 -47.22 -0.01 18.64
CA PHE D 1355 -48.32 0.66 19.31
C PHE D 1355 -47.98 0.98 20.75
N VAL D 1356 -48.66 1.98 21.29
CA VAL D 1356 -48.49 2.39 22.68
C VAL D 1356 -49.28 1.44 23.56
N ALA D 1357 -48.62 0.78 24.51
CA ALA D 1357 -49.25 -0.17 25.39
C ALA D 1357 -49.04 0.23 26.84
N ILE D 1358 -50.10 0.09 27.63
CA ILE D 1358 -50.08 0.42 29.05
C ILE D 1358 -50.22 -0.84 29.90
N GLN D 1359 -49.58 -0.81 31.06
CA GLN D 1359 -49.70 -1.86 32.06
C GLN D 1359 -50.80 -1.43 33.02
N ARG D 1360 -51.90 -2.20 33.05
CA ARG D 1360 -53.07 -1.88 33.85
C ARG D 1360 -52.78 -1.97 35.35
N GLN D 1361 -53.41 -1.08 36.12
CA GLN D 1361 -53.20 -1.05 37.57
C GLN D 1361 -53.84 -2.23 38.28
N ASP D 1362 -55.01 -2.68 37.80
CA ASP D 1362 -55.77 -3.68 38.55
C ASP D 1362 -55.23 -5.11 38.38
N ASN D 1363 -54.88 -5.52 37.16
CA ASN D 1363 -54.50 -6.92 36.94
C ASN D 1363 -53.10 -7.14 36.36
N LYS D 1364 -52.30 -6.06 36.16
CA LYS D 1364 -50.91 -6.04 35.66
C LYS D 1364 -50.70 -6.77 34.34
N MET D 1365 -51.66 -6.67 33.42
CA MET D 1365 -51.51 -7.15 32.06
C MET D 1365 -51.47 -5.97 31.11
N TRP D 1366 -50.62 -6.07 30.10
CA TRP D 1366 -50.47 -5.02 29.09
C TRP D 1366 -51.73 -4.94 28.22
N ALA D 1367 -52.05 -3.73 27.79
CA ALA D 1367 -53.32 -3.47 27.12
C ALA D 1367 -53.23 -2.18 26.31
N ILE D 1368 -54.24 -2.01 25.45
CA ILE D 1368 -54.44 -0.78 24.68
C ILE D 1368 -55.06 0.26 25.61
N PRO D 1369 -54.58 1.53 25.61
CA PRO D 1369 -55.22 2.60 26.39
C PRO D 1369 -56.66 2.84 25.97
N GLY D 1370 -57.51 3.08 26.94
CA GLY D 1370 -58.91 3.28 26.65
C GLY D 1370 -59.70 3.24 27.93
N GLY D 1371 -60.99 3.53 27.78
CA GLY D 1371 -61.83 3.55 28.95
C GLY D 1371 -63.28 3.69 28.57
N PHE D 1372 -64.13 3.62 29.61
CA PHE D 1372 -65.57 3.67 29.44
C PHE D 1372 -66.03 5.06 29.00
N VAL D 1373 -67.04 5.08 28.13
CA VAL D 1373 -67.60 6.33 27.63
C VAL D 1373 -68.46 6.99 28.70
N ASP D 1374 -68.10 8.22 29.06
CA ASP D 1374 -68.81 9.01 30.06
C ASP D 1374 -70.15 9.51 29.50
N ASN D 1375 -71.03 9.94 30.41
CA ASN D 1375 -72.35 10.46 30.05
C ASN D 1375 -72.22 11.81 29.34
N GLY D 1376 -72.95 11.98 28.23
CA GLY D 1376 -72.87 13.28 27.57
C GLY D 1376 -71.65 13.49 26.69
N GLU D 1377 -70.86 12.45 26.42
CA GLU D 1377 -69.66 12.57 25.62
C GLU D 1377 -69.66 11.60 24.46
N ASP D 1378 -68.84 11.89 23.45
CA ASP D 1378 -68.79 11.12 22.22
C ASP D 1378 -67.52 10.26 22.27
N VAL D 1379 -67.30 9.44 21.23
CA VAL D 1379 -66.15 8.54 21.16
C VAL D 1379 -64.83 9.31 20.96
N ALA D 1380 -64.90 10.46 20.24
CA ALA D 1380 -63.77 11.36 19.92
C ALA D 1380 -63.08 11.93 21.15
N LEU D 1381 -63.90 12.52 22.04
CA LEU D 1381 -63.48 13.11 23.30
C LEU D 1381 -62.98 12.04 24.26
N THR D 1382 -63.69 10.89 24.30
CA THR D 1382 -63.40 9.79 25.24
C THR D 1382 -62.06 9.17 24.92
N SER D 1383 -61.82 8.92 23.60
CA SER D 1383 -60.60 8.32 23.05
C SER D 1383 -59.38 9.20 23.33
N GLY D 1384 -59.52 10.50 22.99
CA GLY D 1384 -58.47 11.49 23.24
C GLY D 1384 -58.17 11.71 24.72
N ARG D 1385 -59.24 11.84 25.53
CA ARG D 1385 -59.15 12.07 26.98
C ARG D 1385 -58.51 10.91 27.73
N GLU D 1386 -58.91 9.66 27.39
CA GLU D 1386 -58.34 8.45 28.00
C GLU D 1386 -56.89 8.24 27.61
N PHE D 1387 -56.53 8.54 26.33
CA PHE D 1387 -55.13 8.42 25.89
C PHE D 1387 -54.26 9.46 26.62
N MET D 1388 -54.77 10.69 26.77
CA MET D 1388 -54.05 11.74 27.51
C MET D 1388 -53.91 11.39 29.00
N GLU D 1389 -54.98 10.87 29.62
CA GLU D 1389 -54.96 10.49 31.04
C GLU D 1389 -54.07 9.28 31.33
N GLU D 1390 -54.15 8.24 30.49
CA GLU D 1390 -53.47 6.98 30.79
C GLU D 1390 -52.06 6.90 30.24
N ALA D 1391 -51.88 7.09 28.92
CA ALA D 1391 -50.58 6.96 28.28
C ALA D 1391 -49.64 8.12 28.58
N LEU D 1392 -50.15 9.35 28.64
CA LEU D 1392 -49.31 10.52 28.85
C LEU D 1392 -49.32 11.02 30.28
N GLY D 1393 -50.34 10.68 31.07
CA GLY D 1393 -50.55 11.14 32.43
C GLY D 1393 -50.89 12.60 32.66
N MET D 1394 -51.40 13.28 31.64
CA MET D 1394 -51.73 14.70 31.70
C MET D 1394 -52.99 15.09 32.48
N GLY D 1395 -53.70 14.13 33.08
CA GLY D 1395 -54.92 14.42 33.80
C GLY D 1395 -54.79 14.99 35.20
N THR D 1396 -54.40 16.28 35.26
CA THR D 1396 -54.18 17.12 36.46
C THR D 1396 -53.12 16.58 37.43
N SER D 1397 -52.13 15.85 36.91
CA SER D 1397 -51.17 15.20 37.78
C SER D 1397 -49.71 15.33 37.37
N ALA D 1398 -49.40 15.58 36.09
CA ALA D 1398 -47.99 15.71 35.72
C ALA D 1398 -47.43 17.12 35.63
N ASP D 1399 -47.87 17.91 34.62
CA ASP D 1399 -47.52 19.30 34.32
C ASP D 1399 -48.27 19.67 33.04
N LEU D 1400 -48.17 20.95 32.68
CA LEU D 1400 -48.77 21.55 31.48
C LEU D 1400 -47.75 21.36 30.36
N MET D 1401 -48.29 21.04 29.17
CA MET D 1401 -47.44 20.78 27.99
C MET D 1401 -46.98 22.10 27.37
N SER D 1402 -45.79 22.12 26.77
CA SER D 1402 -45.17 23.36 26.26
C SER D 1402 -45.95 24.27 25.29
N ALA D 1403 -47.05 23.77 24.68
CA ALA D 1403 -47.93 24.58 23.78
C ALA D 1403 -47.42 24.71 22.33
N GLU D 1404 -46.41 23.95 21.92
CA GLU D 1404 -45.95 23.96 20.53
C GLU D 1404 -46.07 22.48 20.20
N SER D 1405 -45.84 21.68 21.21
CA SER D 1405 -46.01 20.24 21.32
C SER D 1405 -47.48 19.86 21.27
N LYS D 1406 -48.35 20.72 21.82
CA LYS D 1406 -49.82 20.62 21.80
C LYS D 1406 -50.40 20.66 20.38
N ASP D 1407 -49.83 21.51 19.52
CA ASP D 1407 -50.21 21.59 18.11
C ASP D 1407 -49.90 20.30 17.35
N SER D 1408 -48.74 19.68 17.68
CA SER D 1408 -48.34 18.37 17.12
C SER D 1408 -49.29 17.24 17.54
N LEU D 1409 -49.69 17.24 18.82
CA LEU D 1409 -50.63 16.25 19.36
C LEU D 1409 -52.01 16.42 18.75
N ALA D 1410 -52.42 17.67 18.52
CA ALA D 1410 -53.67 18.00 17.84
C ALA D 1410 -53.66 17.56 16.37
N ALA D 1411 -52.50 17.75 15.71
CA ALA D 1411 -52.27 17.29 14.34
C ALA D 1411 -52.34 15.77 14.22
N LEU D 1412 -51.76 15.06 15.21
CA LEU D 1412 -51.84 13.60 15.29
C LEU D 1412 -53.27 13.08 15.45
N PHE D 1413 -54.07 13.77 16.26
CA PHE D 1413 -55.42 13.35 16.60
C PHE D 1413 -56.47 13.77 15.58
N SER D 1414 -56.10 14.53 14.56
CA SER D 1414 -57.07 15.01 13.58
C SER D 1414 -57.39 13.97 12.51
N SER D 1415 -56.60 12.91 12.38
CA SER D 1415 -56.82 11.90 11.36
C SER D 1415 -56.93 10.53 12.01
N GLY D 1416 -58.14 10.16 12.41
CA GLY D 1416 -58.38 8.86 13.01
C GLY D 1416 -59.45 8.10 12.27
N THR D 1417 -59.24 6.78 12.16
CA THR D 1417 -60.16 5.90 11.47
C THR D 1417 -60.69 4.88 12.46
N ILE D 1418 -62.03 4.75 12.53
CA ILE D 1418 -62.67 3.74 13.38
C ILE D 1418 -62.51 2.40 12.66
N VAL D 1419 -61.67 1.52 13.22
CA VAL D 1419 -61.37 0.26 12.54
C VAL D 1419 -62.33 -0.87 12.90
N ALA D 1420 -62.86 -0.89 14.12
CA ALA D 1420 -63.74 -1.97 14.56
C ALA D 1420 -64.66 -1.48 15.67
N ARG D 1421 -65.80 -2.16 15.79
CA ARG D 1421 -66.74 -1.97 16.90
C ARG D 1421 -67.21 -3.37 17.30
N ILE D 1422 -66.53 -3.96 18.29
CA ILE D 1422 -66.70 -5.39 18.55
C ILE D 1422 -67.08 -5.60 20.01
N TYR D 1423 -67.35 -6.85 20.34
CA TYR D 1423 -67.65 -7.26 21.70
C TYR D 1423 -66.38 -7.68 22.41
N CYS D 1424 -66.16 -7.13 23.60
CA CYS D 1424 -64.97 -7.40 24.38
C CYS D 1424 -65.06 -8.74 25.06
N GLU D 1425 -63.95 -9.48 25.05
CA GLU D 1425 -63.77 -10.68 25.89
C GLU D 1425 -63.20 -10.34 27.29
N ASP D 1426 -63.84 -9.39 27.96
CA ASP D 1426 -63.47 -8.82 29.24
C ASP D 1426 -63.94 -9.73 30.36
N PRO D 1427 -63.04 -10.13 31.29
CA PRO D 1427 -63.45 -11.00 32.43
C PRO D 1427 -64.49 -10.42 33.42
N ARG D 1428 -64.73 -9.10 33.43
CA ARG D 1428 -65.72 -8.47 34.29
C ARG D 1428 -67.14 -8.51 33.73
N ASN D 1429 -67.32 -9.05 32.51
CA ASN D 1429 -68.62 -9.12 31.84
C ASN D 1429 -69.57 -10.06 32.58
N THR D 1430 -70.84 -9.64 32.66
CA THR D 1430 -71.91 -10.45 33.23
C THR D 1430 -73.06 -10.58 32.25
N ASP D 1431 -74.17 -11.17 32.71
CA ASP D 1431 -75.37 -11.32 31.88
C ASP D 1431 -76.16 -10.03 31.74
N ASN D 1432 -75.95 -9.06 32.61
CA ASN D 1432 -76.70 -7.82 32.58
C ASN D 1432 -75.84 -6.61 32.33
N ALA D 1433 -74.54 -6.78 32.15
CA ALA D 1433 -73.61 -5.71 31.87
C ALA D 1433 -72.39 -6.28 31.16
N TRP D 1434 -72.12 -5.79 29.95
CA TRP D 1434 -71.01 -6.29 29.17
C TRP D 1434 -70.34 -5.12 28.47
N VAL D 1435 -69.04 -5.24 28.23
CA VAL D 1435 -68.26 -4.18 27.62
C VAL D 1435 -68.22 -4.40 26.10
N GLU D 1436 -68.54 -3.37 25.34
CA GLU D 1436 -68.38 -3.38 23.88
C GLU D 1436 -67.53 -2.20 23.46
N THR D 1437 -66.54 -2.43 22.60
CA THR D 1437 -65.54 -1.41 22.32
C THR D 1437 -65.66 -0.89 20.91
N THR D 1438 -65.40 0.42 20.80
CA THR D 1438 -65.15 1.08 19.54
C THR D 1438 -63.66 1.39 19.52
N CYS D 1439 -62.97 0.95 18.48
CA CYS D 1439 -61.53 1.11 18.37
C CYS D 1439 -61.20 2.22 17.39
N VAL D 1440 -60.39 3.19 17.83
CA VAL D 1440 -59.98 4.32 16.99
C VAL D 1440 -58.47 4.23 16.81
N ASN D 1441 -58.04 4.20 15.56
CA ASN D 1441 -56.62 4.08 15.23
C ASN D 1441 -56.09 5.44 14.78
N PHE D 1442 -55.04 5.91 15.45
CA PHE D 1442 -54.32 7.13 15.07
C PHE D 1442 -52.96 6.70 14.56
N HIS D 1443 -52.78 6.72 13.25
CA HIS D 1443 -51.56 6.22 12.63
C HIS D 1443 -50.67 7.40 12.25
N ASP D 1444 -49.39 7.29 12.61
CA ASP D 1444 -48.39 8.29 12.29
C ASP D 1444 -47.53 7.75 11.14
N GLU D 1445 -47.84 8.19 9.92
CA GLU D 1445 -47.13 7.75 8.71
C GLU D 1445 -45.67 8.20 8.71
N SER D 1446 -45.41 9.48 9.01
CA SER D 1446 -44.04 9.98 9.05
C SER D 1446 -43.30 9.58 10.32
N GLY D 1447 -44.00 9.50 11.45
CA GLY D 1447 -43.38 9.21 12.73
C GLY D 1447 -42.90 10.41 13.52
N ARG D 1448 -43.09 11.63 13.00
CA ARG D 1448 -42.62 12.84 13.68
C ARG D 1448 -43.40 13.18 14.95
N HIS D 1449 -44.75 13.15 14.88
CA HIS D 1449 -45.60 13.47 16.04
C HIS D 1449 -45.51 12.43 17.16
N ALA D 1450 -45.38 11.15 16.80
CA ALA D 1450 -45.27 10.06 17.79
C ALA D 1450 -43.98 10.14 18.58
N ALA D 1451 -42.87 10.56 17.94
CA ALA D 1451 -41.57 10.69 18.58
C ALA D 1451 -41.49 11.81 19.62
N ARG D 1452 -42.39 12.80 19.57
CA ARG D 1452 -42.43 13.91 20.51
C ARG D 1452 -43.26 13.58 21.75
N LEU D 1453 -43.84 12.39 21.83
CA LEU D 1453 -44.65 12.01 22.97
C LEU D 1453 -43.77 11.53 24.11
N LYS D 1454 -43.99 12.07 25.31
CA LYS D 1454 -43.26 11.67 26.50
C LYS D 1454 -44.14 10.70 27.29
N LEU D 1455 -43.96 9.41 27.05
CA LEU D 1455 -44.81 8.37 27.65
C LEU D 1455 -44.50 8.19 29.13
N GLN D 1456 -45.53 8.29 29.96
CA GLN D 1456 -45.45 8.18 31.41
C GLN D 1456 -46.85 7.80 31.90
N GLY D 1457 -46.94 6.59 32.48
CA GLY D 1457 -48.19 6.07 33.00
C GLY D 1457 -48.82 6.89 34.12
N GLY D 1458 -50.10 7.18 33.92
CA GLY D 1458 -50.87 7.95 34.86
C GLY D 1458 -52.25 7.35 34.96
N ASP D 1459 -53.05 7.91 35.90
CA ASP D 1459 -54.45 7.55 36.27
C ASP D 1459 -54.50 6.05 36.57
N ASP D 1460 -55.24 5.24 35.80
CA ASP D 1460 -55.37 3.82 36.06
C ASP D 1460 -54.41 2.98 35.20
N ALA D 1461 -53.23 3.53 34.89
CA ALA D 1461 -52.18 2.84 34.16
C ALA D 1461 -50.88 2.98 34.93
N GLU D 1462 -50.11 1.90 34.99
CA GLU D 1462 -48.85 1.93 35.73
C GLU D 1462 -47.66 2.37 34.88
N HIS D 1463 -47.44 1.73 33.74
CA HIS D 1463 -46.31 2.04 32.87
C HIS D 1463 -46.80 2.06 31.43
N ALA D 1464 -46.20 2.90 30.60
CA ALA D 1464 -46.58 2.96 29.19
C ALA D 1464 -45.32 2.88 28.33
N ARG D 1465 -45.40 2.12 27.23
CA ARG D 1465 -44.23 1.91 26.37
C ARG D 1465 -44.66 1.57 24.96
N TRP D 1466 -43.74 1.79 24.02
CA TRP D 1466 -43.89 1.35 22.64
C TRP D 1466 -43.61 -0.13 22.49
N MET D 1467 -44.57 -0.87 21.92
CA MET D 1467 -44.56 -2.32 21.89
C MET D 1467 -44.88 -2.80 20.48
N MET D 1468 -44.11 -3.80 20.02
CA MET D 1468 -44.18 -4.30 18.66
C MET D 1468 -45.47 -5.09 18.47
N VAL D 1469 -46.12 -4.94 17.32
CA VAL D 1469 -47.38 -5.62 17.05
C VAL D 1469 -47.07 -6.92 16.34
N HIS D 1470 -47.50 -8.04 16.93
CA HIS D 1470 -47.40 -9.35 16.32
C HIS D 1470 -48.50 -10.23 16.88
N GLY D 1471 -48.66 -11.41 16.27
CA GLY D 1471 -49.74 -12.31 16.62
C GLY D 1471 -49.55 -13.07 17.92
N GLY D 1472 -48.35 -13.08 18.49
CA GLY D 1472 -48.10 -13.81 19.72
C GLY D 1472 -48.20 -12.99 20.98
N LEU D 1473 -48.84 -11.82 20.89
CA LEU D 1473 -48.96 -10.90 22.01
C LEU D 1473 -49.98 -11.42 23.03
N ASN D 1474 -49.64 -11.25 24.30
CA ASN D 1474 -50.53 -11.65 25.38
C ASN D 1474 -51.09 -10.40 26.04
N LEU D 1475 -52.25 -9.97 25.58
CA LEU D 1475 -52.85 -8.75 26.07
C LEU D 1475 -54.19 -9.02 26.76
N PHE D 1476 -54.64 -8.00 27.49
CA PHE D 1476 -55.88 -8.06 28.26
C PHE D 1476 -57.06 -8.05 27.28
N ALA D 1477 -58.08 -8.86 27.60
CA ALA D 1477 -59.42 -8.99 26.94
C ALA D 1477 -59.24 -9.36 25.47
N SER D 1478 -59.96 -8.74 24.54
CA SER D 1478 -59.89 -9.06 23.11
C SER D 1478 -59.09 -8.01 22.34
N HIS D 1479 -58.04 -7.46 22.95
CA HIS D 1479 -57.21 -6.45 22.31
C HIS D 1479 -56.34 -6.97 21.17
N ARG D 1480 -56.06 -8.28 21.15
CA ARG D 1480 -55.36 -8.93 20.03
C ARG D 1480 -56.18 -8.90 18.75
N THR D 1481 -57.52 -9.06 18.88
CA THR D 1481 -58.48 -8.93 17.78
C THR D 1481 -58.50 -7.50 17.23
N LEU D 1482 -58.43 -6.51 18.14
CA LEU D 1482 -58.37 -5.08 17.80
C LEU D 1482 -57.09 -4.73 17.04
N LEU D 1483 -55.95 -5.29 17.49
CA LEU D 1483 -54.66 -5.11 16.81
C LEU D 1483 -54.62 -5.79 15.46
N GLN D 1484 -55.31 -6.95 15.35
CA GLN D 1484 -55.51 -7.67 14.08
C GLN D 1484 -56.29 -6.81 13.08
N HIS D 1485 -57.35 -6.13 13.57
CA HIS D 1485 -58.14 -5.20 12.75
C HIS D 1485 -57.33 -3.98 12.29
N VAL D 1486 -56.47 -3.44 13.17
CA VAL D 1486 -55.57 -2.31 12.85
C VAL D 1486 -54.56 -2.70 11.76
N THR D 1487 -53.95 -3.90 11.91
CA THR D 1487 -52.98 -4.39 10.93
C THR D 1487 -53.65 -4.80 9.62
N SER D 1488 -54.89 -5.28 9.70
CA SER D 1488 -55.67 -5.61 8.50
C SER D 1488 -55.97 -4.34 7.70
N ALA D 1489 -56.33 -3.26 8.40
CA ALA D 1489 -56.64 -1.99 7.75
C ALA D 1489 -55.38 -1.33 7.16
N LEU D 1490 -54.23 -1.47 7.83
CA LEU D 1490 -53.00 -0.81 7.39
C LEU D 1490 -52.07 -1.69 6.56
N ASN D 1491 -52.47 -2.96 6.30
CA ASN D 1491 -51.73 -4.01 5.56
C ASN D 1491 -50.35 -4.25 6.20
N ALA D 1492 -50.36 -4.36 7.52
CA ALA D 1492 -49.18 -4.58 8.35
C ALA D 1492 -49.06 -6.03 8.77
N TYR D 1493 -47.90 -6.37 9.33
CA TYR D 1493 -47.59 -7.71 9.82
C TYR D 1493 -48.41 -8.06 11.06
N PHE D 1494 -48.89 -9.30 11.10
CA PHE D 1494 -49.64 -9.88 12.23
C PHE D 1494 -49.61 -11.40 12.08
#